data_8BR4
#
_entry.id   8BR4
#
_cell.length_a   140.886
_cell.length_b   139.166
_cell.length_c   141.478
_cell.angle_alpha   90.000
_cell.angle_beta   108.520
_cell.angle_gamma   90.000
#
_symmetry.space_group_name_H-M   'P 1 21 1'
#
loop_
_entity.id
_entity.type
_entity.pdbx_description
1 polymer 'Glyceraldehyde-3-phosphate dehydrogenase'
2 non-polymer NICOTINAMIDE-ADENINE-DINUCLEOTIDE
3 non-polymer 1,2-ETHANEDIOL
#
_entity_poly.entity_id   1
_entity_poly.type   'polypeptide(L)'
_entity_poly.pdbx_seq_one_letter_code
;MTVRVGINGFGRIGRNFYRALLAQQEQGTADVEVVAANDITDNSTLAHLLKFDSILGRLPCDVGLEGDDTIVVGRAKIKA
LAVREGPAALPWGDLGVDVVVESTGLFTNAAKAKGHLDAGAKKVIISAPATDEDITIVLGVNDDKYDGSQNIISNASCTT
NCLAPLAKVLDDEFGIVKGLMTTIHAYTQDQNLQDGPHKDLRRARAAALNIVPTSTGAAKAIGLVMPQLKGKLDGYALRV
PIPTGSVTDLTVDLSTRASVDEINAAFKAAAEGRLKGILKYYDAPIVSSDIVTDPHSSIFDSGLTKVIDDQAKVVSWYDN
EWGYSNRLVDLVTLVGKSLLVPRGSGGGGHHHHHHHH
;
_entity_poly.pdbx_strand_id   A,B,C,D,E,F,G,H,I,J,K,L,M,N,O,P
#
loop_
_chem_comp.id
_chem_comp.type
_chem_comp.name
_chem_comp.formula
EDO non-polymer 1,2-ETHANEDIOL 'C2 H6 O2'
NAD non-polymer NICOTINAMIDE-ADENINE-DINUCLEOTIDE 'C21 H27 N7 O14 P2'
#
# COMPACT_ATOMS: atom_id res chain seq x y z
N MET A 1 -35.09 14.29 -1.23
CA MET A 1 -35.99 14.49 -2.36
C MET A 1 -35.57 13.63 -3.56
N THR A 2 -34.40 13.00 -3.44
CA THR A 2 -33.88 12.14 -4.49
C THR A 2 -34.18 10.69 -4.15
N VAL A 3 -34.80 9.98 -5.09
CA VAL A 3 -35.14 8.57 -4.87
C VAL A 3 -33.86 7.74 -4.91
N ARG A 4 -33.61 6.99 -3.85
CA ARG A 4 -32.40 6.16 -3.74
C ARG A 4 -32.63 4.82 -4.41
N VAL A 5 -31.71 4.44 -5.30
CA VAL A 5 -31.81 3.22 -6.08
C VAL A 5 -30.57 2.37 -5.82
N GLY A 6 -30.77 1.05 -5.81
CA GLY A 6 -29.68 0.11 -5.69
C GLY A 6 -29.74 -0.98 -6.75
N ILE A 7 -28.63 -1.21 -7.44
CA ILE A 7 -28.59 -2.16 -8.55
C ILE A 7 -28.05 -3.49 -8.06
N ASN A 8 -28.80 -4.56 -8.32
CA ASN A 8 -28.37 -5.92 -8.04
C ASN A 8 -28.02 -6.57 -9.38
N GLY A 9 -26.72 -6.73 -9.63
CA GLY A 9 -26.28 -7.25 -10.91
C GLY A 9 -25.73 -6.17 -11.80
N PHE A 10 -24.47 -5.78 -11.58
CA PHE A 10 -23.86 -4.70 -12.33
C PHE A 10 -23.29 -5.21 -13.64
N GLY A 11 -24.07 -5.99 -14.38
CA GLY A 11 -23.63 -6.52 -15.66
C GLY A 11 -23.92 -5.58 -16.82
N ARG A 12 -24.29 -6.13 -17.97
CA ARG A 12 -24.56 -5.30 -19.13
C ARG A 12 -25.76 -4.39 -18.90
N ILE A 13 -26.88 -4.97 -18.46
CA ILE A 13 -28.06 -4.15 -18.18
C ILE A 13 -27.81 -3.23 -16.99
N GLY A 14 -27.08 -3.72 -15.99
CA GLY A 14 -26.81 -2.91 -14.81
C GLY A 14 -25.99 -1.67 -15.13
N ARG A 15 -24.95 -1.82 -15.95
CA ARG A 15 -24.14 -0.66 -16.33
C ARG A 15 -24.86 0.19 -17.36
N ASN A 16 -25.61 -0.42 -18.27
CA ASN A 16 -26.40 0.35 -19.23
C ASN A 16 -27.48 1.16 -18.53
N PHE A 17 -28.07 0.60 -17.47
CA PHE A 17 -29.05 1.36 -16.69
C PHE A 17 -28.41 2.54 -15.99
N TYR A 18 -27.19 2.36 -15.46
CA TYR A 18 -26.52 3.44 -14.78
C TYR A 18 -26.04 4.51 -15.75
N ARG A 19 -25.58 4.10 -16.94
CA ARG A 19 -25.16 5.08 -17.94
C ARG A 19 -26.35 5.85 -18.51
N ALA A 20 -27.48 5.15 -18.70
CA ALA A 20 -28.68 5.84 -19.17
C ALA A 20 -29.23 6.80 -18.11
N LEU A 21 -29.06 6.45 -16.83
CA LEU A 21 -29.47 7.36 -15.77
C LEU A 21 -28.59 8.61 -15.76
N LEU A 22 -27.28 8.44 -15.92
CA LEU A 22 -26.37 9.57 -15.93
C LEU A 22 -26.62 10.47 -17.13
N ALA A 23 -26.90 9.88 -18.30
CA ALA A 23 -27.21 10.69 -19.47
C ALA A 23 -28.52 11.42 -19.31
N GLN A 24 -29.50 10.78 -18.66
CA GLN A 24 -30.78 11.45 -18.43
C GLN A 24 -30.67 12.51 -17.34
N GLN A 25 -29.74 12.33 -16.40
CA GLN A 25 -29.50 13.37 -15.39
C GLN A 25 -28.84 14.59 -16.01
N GLU A 26 -27.90 14.38 -16.94
CA GLU A 26 -27.29 15.49 -17.65
C GLU A 26 -28.32 16.22 -18.51
N GLN A 27 -29.36 15.52 -18.95
CA GLN A 27 -30.45 16.16 -19.68
C GLN A 27 -31.50 16.75 -18.74
N GLY A 28 -31.50 16.36 -17.47
CA GLY A 28 -32.41 16.92 -16.49
C GLY A 28 -33.70 16.17 -16.29
N THR A 29 -33.95 15.11 -17.07
CA THR A 29 -35.20 14.36 -16.99
C THR A 29 -35.10 13.16 -16.05
N ALA A 30 -34.24 13.23 -15.03
CA ALA A 30 -34.07 12.11 -14.11
C ALA A 30 -33.72 12.66 -12.73
N ASP A 31 -34.27 12.02 -11.70
CA ASP A 31 -34.01 12.41 -10.32
C ASP A 31 -33.48 11.28 -9.45
N VAL A 32 -33.69 10.02 -9.84
CA VAL A 32 -33.22 8.90 -9.04
C VAL A 32 -31.70 8.84 -9.07
N GLU A 33 -31.12 8.32 -7.99
CA GLU A 33 -29.67 8.18 -7.86
C GLU A 33 -29.33 6.77 -7.39
N VAL A 34 -28.32 6.16 -8.00
CA VAL A 34 -27.87 4.84 -7.63
C VAL A 34 -26.81 4.97 -6.54
N VAL A 35 -27.05 4.33 -5.41
CA VAL A 35 -26.16 4.42 -4.26
C VAL A 35 -25.44 3.11 -3.96
N ALA A 36 -25.88 2.00 -4.51
CA ALA A 36 -25.28 0.71 -4.22
C ALA A 36 -25.35 -0.19 -5.44
N ALA A 37 -24.36 -1.07 -5.58
CA ALA A 37 -24.30 -2.03 -6.67
C ALA A 37 -23.76 -3.34 -6.13
N ASN A 38 -24.42 -4.44 -6.47
CA ASN A 38 -24.04 -5.78 -6.00
C ASN A 38 -23.71 -6.65 -7.20
N ASP A 39 -22.52 -7.23 -7.19
CA ASP A 39 -22.09 -8.14 -8.25
C ASP A 39 -21.15 -9.19 -7.66
N ILE A 40 -20.83 -10.20 -8.46
CA ILE A 40 -19.97 -11.27 -8.00
C ILE A 40 -18.51 -10.95 -8.34
N THR A 41 -18.10 -9.72 -8.04
CA THR A 41 -16.73 -9.29 -8.26
C THR A 41 -16.45 -8.07 -7.39
N ASP A 42 -15.16 -7.76 -7.23
CA ASP A 42 -14.75 -6.66 -6.38
C ASP A 42 -15.08 -5.32 -7.04
N ASN A 43 -14.84 -4.24 -6.28
CA ASN A 43 -15.15 -2.91 -6.78
C ASN A 43 -14.18 -2.48 -7.88
N SER A 44 -12.96 -3.04 -7.88
CA SER A 44 -11.99 -2.69 -8.92
C SER A 44 -12.48 -3.14 -10.29
N THR A 45 -12.95 -4.39 -10.39
CA THR A 45 -13.49 -4.88 -11.64
C THR A 45 -14.78 -4.16 -12.02
N LEU A 46 -15.60 -3.79 -11.03
CA LEU A 46 -16.81 -3.04 -11.31
C LEU A 46 -16.48 -1.66 -11.86
N ALA A 47 -15.49 -0.98 -11.27
CA ALA A 47 -15.10 0.34 -11.76
C ALA A 47 -14.46 0.24 -13.14
N HIS A 48 -13.70 -0.82 -13.40
CA HIS A 48 -13.08 -1.00 -14.70
C HIS A 48 -14.12 -1.32 -15.77
N LEU A 49 -15.10 -2.17 -15.44
CA LEU A 49 -16.15 -2.49 -16.39
C LEU A 49 -17.07 -1.29 -16.65
N LEU A 50 -17.21 -0.41 -15.65
CA LEU A 50 -18.04 0.78 -15.83
C LEU A 50 -17.31 1.83 -16.66
N LYS A 51 -16.00 2.02 -16.40
CA LYS A 51 -15.25 3.06 -17.10
C LYS A 51 -15.02 2.69 -18.56
N PHE A 52 -14.60 1.46 -18.81
CA PHE A 52 -14.28 0.99 -20.16
C PHE A 52 -15.36 0.02 -20.62
N ASP A 53 -16.09 0.40 -21.66
CA ASP A 53 -17.14 -0.42 -22.24
C ASP A 53 -16.84 -0.66 -23.71
N SER A 54 -17.03 -1.91 -24.15
CA SER A 54 -16.72 -2.28 -25.53
C SER A 54 -17.76 -1.76 -26.52
N ILE A 55 -18.98 -1.52 -26.08
CA ILE A 55 -20.05 -1.01 -26.94
C ILE A 55 -20.26 0.48 -26.76
N LEU A 56 -20.34 0.94 -25.51
CA LEU A 56 -20.63 2.33 -25.19
C LEU A 56 -19.38 3.19 -25.08
N GLY A 57 -18.20 2.61 -25.29
CA GLY A 57 -16.97 3.39 -25.19
C GLY A 57 -16.62 3.71 -23.75
N ARG A 58 -15.87 4.81 -23.59
CA ARG A 58 -15.43 5.26 -22.28
C ARG A 58 -16.46 6.20 -21.65
N LEU A 59 -16.46 6.23 -20.32
CA LEU A 59 -17.36 7.10 -19.59
C LEU A 59 -16.78 8.51 -19.53
N PRO A 60 -17.57 9.55 -19.82
CA PRO A 60 -17.04 10.92 -19.75
C PRO A 60 -16.62 11.33 -18.34
N CYS A 61 -17.17 10.70 -17.31
CA CYS A 61 -16.81 11.01 -15.94
C CYS A 61 -15.59 10.20 -15.52
N ASP A 62 -14.83 10.76 -14.58
CA ASP A 62 -13.69 10.05 -13.99
C ASP A 62 -14.19 9.05 -12.95
N VAL A 63 -13.57 7.88 -12.92
CA VAL A 63 -13.97 6.80 -12.01
C VAL A 63 -12.79 6.45 -11.12
N GLY A 64 -13.01 6.45 -9.81
CA GLY A 64 -12.02 6.06 -8.84
C GLY A 64 -12.51 4.93 -7.95
N LEU A 65 -11.64 4.52 -7.03
CA LEU A 65 -11.93 3.42 -6.13
C LEU A 65 -11.42 3.76 -4.73
N GLU A 66 -11.80 2.93 -3.77
CA GLU A 66 -11.34 3.07 -2.39
C GLU A 66 -11.02 1.71 -1.80
N GLY A 67 -11.88 1.22 -0.90
CA GLY A 67 -11.73 -0.10 -0.34
C GLY A 67 -13.02 -0.89 -0.44
N ASP A 68 -14.14 -0.18 -0.29
CA ASP A 68 -15.46 -0.77 -0.46
C ASP A 68 -16.41 0.09 -1.28
N ASP A 69 -15.94 1.25 -1.77
CA ASP A 69 -16.78 2.18 -2.51
C ASP A 69 -16.08 2.57 -3.80
N THR A 70 -16.86 2.63 -4.89
CA THR A 70 -16.38 3.14 -6.17
C THR A 70 -16.89 4.55 -6.36
N ILE A 71 -15.97 5.47 -6.61
CA ILE A 71 -16.30 6.88 -6.78
C ILE A 71 -16.40 7.18 -8.27
N VAL A 72 -17.56 7.64 -8.71
CA VAL A 72 -17.70 8.21 -10.04
C VAL A 72 -17.05 9.59 -10.01
N VAL A 73 -17.79 10.61 -10.43
CA VAL A 73 -17.30 11.99 -10.41
C VAL A 73 -18.00 12.70 -9.26
N GLY A 74 -17.29 12.86 -8.14
CA GLY A 74 -17.85 13.50 -6.97
C GLY A 74 -18.78 12.62 -6.16
N ARG A 75 -19.50 11.73 -6.85
CA ARG A 75 -20.44 10.83 -6.22
C ARG A 75 -19.78 9.52 -5.84
N ALA A 76 -20.33 8.86 -4.83
CA ALA A 76 -19.83 7.58 -4.34
C ALA A 76 -20.97 6.56 -4.34
N LYS A 77 -20.67 5.36 -4.82
CA LYS A 77 -21.63 4.27 -4.88
C LYS A 77 -21.05 3.09 -4.11
N ILE A 78 -21.68 2.73 -3.00
CA ILE A 78 -21.22 1.64 -2.15
C ILE A 78 -21.29 0.33 -2.92
N LYS A 79 -20.13 -0.24 -3.24
CA LYS A 79 -20.06 -1.48 -4.01
C LYS A 79 -20.29 -2.70 -3.12
N ALA A 80 -21.48 -2.75 -2.52
CA ALA A 80 -21.87 -3.87 -1.68
C ALA A 80 -21.99 -5.13 -2.52
N LEU A 81 -20.86 -5.69 -2.94
CA LEU A 81 -20.83 -6.80 -3.88
C LEU A 81 -20.55 -8.15 -3.23
N ALA A 82 -20.07 -8.18 -1.99
CA ALA A 82 -19.75 -9.44 -1.34
C ALA A 82 -20.97 -10.35 -1.18
N VAL A 83 -22.18 -9.80 -1.30
CA VAL A 83 -23.40 -10.58 -1.17
C VAL A 83 -23.55 -11.50 -2.37
N ARG A 84 -22.85 -12.63 -2.34
CA ARG A 84 -22.92 -13.60 -3.42
C ARG A 84 -24.10 -14.56 -3.27
N GLU A 85 -24.82 -14.50 -2.15
CA GLU A 85 -25.95 -15.40 -1.93
C GLU A 85 -27.21 -14.87 -2.61
N GLY A 86 -28.37 -15.12 -2.02
CA GLY A 86 -29.62 -14.67 -2.56
C GLY A 86 -29.80 -13.17 -2.40
N PRO A 87 -30.82 -12.62 -3.05
CA PRO A 87 -31.07 -11.16 -2.95
C PRO A 87 -31.51 -10.72 -1.57
N ALA A 88 -31.91 -11.64 -0.69
CA ALA A 88 -32.29 -11.25 0.67
C ALA A 88 -31.09 -10.91 1.53
N ALA A 89 -29.88 -11.33 1.13
CA ALA A 89 -28.69 -11.07 1.91
C ALA A 89 -28.15 -9.66 1.73
N LEU A 90 -28.51 -8.97 0.67
CA LEU A 90 -28.00 -7.63 0.42
C LEU A 90 -28.61 -6.65 1.42
N PRO A 91 -27.80 -5.79 2.05
CA PRO A 91 -28.32 -4.84 3.05
C PRO A 91 -28.89 -3.57 2.41
N TRP A 92 -30.06 -3.70 1.80
CA TRP A 92 -30.70 -2.56 1.17
C TRP A 92 -31.22 -1.57 2.22
N GLY A 93 -31.85 -2.07 3.28
CA GLY A 93 -32.35 -1.19 4.31
C GLY A 93 -31.24 -0.47 5.05
N ASP A 94 -30.13 -1.17 5.31
CA ASP A 94 -29.00 -0.53 5.95
C ASP A 94 -28.36 0.52 5.06
N LEU A 95 -28.37 0.31 3.75
CA LEU A 95 -27.86 1.29 2.81
C LEU A 95 -28.90 2.35 2.44
N GLY A 96 -30.15 2.19 2.88
CA GLY A 96 -31.18 3.16 2.59
C GLY A 96 -31.70 3.12 1.17
N VAL A 97 -31.71 1.95 0.54
CA VAL A 97 -32.14 1.84 -0.85
C VAL A 97 -33.66 1.75 -0.90
N ASP A 98 -34.27 2.62 -1.71
CA ASP A 98 -35.73 2.62 -1.86
C ASP A 98 -36.18 1.64 -2.95
N VAL A 99 -35.68 1.81 -4.17
CA VAL A 99 -36.03 0.97 -5.30
C VAL A 99 -34.81 0.14 -5.70
N VAL A 100 -35.01 -1.15 -5.91
CA VAL A 100 -33.95 -2.08 -6.29
C VAL A 100 -34.20 -2.53 -7.73
N VAL A 101 -33.19 -2.38 -8.58
CA VAL A 101 -33.25 -2.80 -9.97
C VAL A 101 -32.59 -4.17 -10.04
N GLU A 102 -33.39 -5.22 -10.08
CA GLU A 102 -32.88 -6.59 -10.17
C GLU A 102 -32.44 -6.86 -11.61
N SER A 103 -31.14 -7.13 -11.78
CA SER A 103 -30.60 -7.34 -13.13
C SER A 103 -29.55 -8.45 -13.17
N THR A 104 -29.56 -9.37 -12.20
CA THR A 104 -28.62 -10.49 -12.23
C THR A 104 -29.06 -11.56 -13.22
N GLY A 105 -30.37 -11.73 -13.42
CA GLY A 105 -30.90 -12.76 -14.26
C GLY A 105 -31.20 -14.07 -13.55
N LEU A 106 -30.60 -14.30 -12.39
CA LEU A 106 -30.84 -15.51 -11.61
C LEU A 106 -31.97 -15.34 -10.61
N PHE A 107 -32.46 -14.12 -10.40
CA PHE A 107 -33.53 -13.88 -9.44
C PHE A 107 -34.76 -13.32 -10.13
N THR A 108 -35.18 -13.99 -11.22
CA THR A 108 -36.37 -13.54 -11.94
C THR A 108 -37.65 -14.00 -11.26
N ASN A 109 -37.61 -15.11 -10.53
CA ASN A 109 -38.77 -15.59 -9.81
C ASN A 109 -39.08 -14.66 -8.64
N ALA A 110 -40.37 -14.35 -8.46
CA ALA A 110 -40.76 -13.44 -7.39
C ALA A 110 -40.46 -14.03 -6.02
N ALA A 111 -40.39 -15.36 -5.92
CA ALA A 111 -40.02 -15.99 -4.65
C ALA A 111 -38.63 -15.58 -4.22
N LYS A 112 -37.72 -15.37 -5.18
CA LYS A 112 -36.40 -14.82 -4.88
C LYS A 112 -36.42 -13.30 -4.85
N ALA A 113 -37.09 -12.66 -5.81
CA ALA A 113 -37.10 -11.20 -5.90
C ALA A 113 -37.68 -10.56 -4.64
N LYS A 114 -38.55 -11.27 -3.93
CA LYS A 114 -39.10 -10.74 -2.68
C LYS A 114 -38.01 -10.54 -1.63
N GLY A 115 -36.85 -11.18 -1.80
CA GLY A 115 -35.76 -10.98 -0.85
C GLY A 115 -35.30 -9.55 -0.76
N HIS A 116 -35.41 -8.78 -1.85
CA HIS A 116 -35.09 -7.36 -1.80
C HIS A 116 -36.04 -6.64 -0.86
N LEU A 117 -37.34 -6.93 -0.95
CA LEU A 117 -38.32 -6.28 -0.08
C LEU A 117 -38.07 -6.62 1.39
N ASP A 118 -37.78 -7.90 1.66
CA ASP A 118 -37.49 -8.29 3.04
C ASP A 118 -36.19 -7.67 3.53
N ALA A 119 -35.28 -7.32 2.62
CA ALA A 119 -34.01 -6.72 3.00
C ALA A 119 -34.11 -5.22 3.28
N GLY A 120 -35.26 -4.61 3.04
CA GLY A 120 -35.46 -3.20 3.30
C GLY A 120 -35.85 -2.38 2.08
N ALA A 121 -35.98 -2.97 0.90
CA ALA A 121 -36.36 -2.21 -0.28
C ALA A 121 -37.87 -2.01 -0.33
N LYS A 122 -38.28 -0.85 -0.84
CA LYS A 122 -39.70 -0.56 -0.95
C LYS A 122 -40.31 -1.11 -2.23
N LYS A 123 -39.54 -1.15 -3.32
CA LYS A 123 -40.04 -1.65 -4.59
C LYS A 123 -38.91 -2.33 -5.35
N VAL A 124 -39.26 -3.33 -6.14
CA VAL A 124 -38.31 -4.12 -6.91
C VAL A 124 -38.71 -4.08 -8.37
N ILE A 125 -37.74 -3.86 -9.25
CA ILE A 125 -37.96 -3.84 -10.69
C ILE A 125 -37.06 -4.90 -11.30
N ILE A 126 -37.67 -5.97 -11.83
CA ILE A 126 -36.94 -7.03 -12.49
C ILE A 126 -36.78 -6.67 -13.96
N SER A 127 -35.53 -6.64 -14.42
CA SER A 127 -35.22 -6.32 -15.82
C SER A 127 -35.42 -7.51 -16.75
N ALA A 128 -36.44 -8.32 -16.51
CA ALA A 128 -36.69 -9.52 -17.29
C ALA A 128 -38.10 -10.02 -16.96
N PRO A 129 -38.65 -10.91 -17.79
CA PRO A 129 -39.94 -11.53 -17.42
C PRO A 129 -39.81 -12.29 -16.11
N ALA A 130 -40.78 -12.08 -15.23
CA ALA A 130 -40.79 -12.67 -13.90
C ALA A 130 -41.88 -13.72 -13.79
N THR A 131 -41.88 -14.42 -12.65
CA THR A 131 -42.86 -15.44 -12.34
C THR A 131 -43.59 -15.05 -11.06
N ASP A 132 -44.92 -15.03 -11.12
CA ASP A 132 -45.77 -14.69 -9.97
C ASP A 132 -45.46 -13.28 -9.46
N GLU A 133 -45.15 -12.37 -10.38
CA GLU A 133 -44.86 -11.00 -10.00
C GLU A 133 -46.16 -10.23 -9.75
N ASP A 134 -46.01 -9.06 -9.11
CA ASP A 134 -47.18 -8.23 -8.82
C ASP A 134 -47.77 -7.65 -10.11
N ILE A 135 -46.92 -7.16 -11.00
CA ILE A 135 -47.39 -6.55 -12.25
C ILE A 135 -46.25 -6.58 -13.25
N THR A 136 -46.60 -6.77 -14.52
CA THR A 136 -45.66 -6.66 -15.63
C THR A 136 -46.04 -5.44 -16.45
N ILE A 137 -45.12 -4.48 -16.53
CA ILE A 137 -45.39 -3.17 -17.10
C ILE A 137 -44.51 -2.96 -18.33
N VAL A 138 -45.12 -2.51 -19.42
CA VAL A 138 -44.42 -2.03 -20.59
C VAL A 138 -44.78 -0.56 -20.75
N LEU A 139 -43.79 0.32 -20.61
CA LEU A 139 -44.05 1.76 -20.62
C LEU A 139 -44.63 2.17 -21.97
N GLY A 140 -45.73 2.93 -21.91
CA GLY A 140 -46.45 3.33 -23.10
C GLY A 140 -47.57 2.39 -23.50
N VAL A 141 -47.75 1.27 -22.81
CA VAL A 141 -48.78 0.30 -23.14
C VAL A 141 -49.73 0.15 -21.97
N ASN A 142 -49.25 -0.44 -20.88
CA ASN A 142 -50.05 -0.65 -19.67
C ASN A 142 -49.43 0.03 -18.46
N ASP A 143 -48.75 1.16 -18.68
CA ASP A 143 -48.15 1.89 -17.57
C ASP A 143 -49.19 2.51 -16.66
N ASP A 144 -50.41 2.74 -17.15
CA ASP A 144 -51.47 3.29 -16.32
C ASP A 144 -52.00 2.28 -15.31
N LYS A 145 -51.79 0.99 -15.54
CA LYS A 145 -52.29 -0.06 -14.65
C LYS A 145 -51.47 -0.20 -13.38
N TYR A 146 -50.55 0.71 -13.10
CA TYR A 146 -49.73 0.67 -11.90
C TYR A 146 -50.28 1.65 -10.88
N ASP A 147 -50.75 1.13 -9.75
CA ASP A 147 -51.12 1.95 -8.62
C ASP A 147 -50.04 1.87 -7.55
N GLY A 148 -50.34 2.33 -6.35
CA GLY A 148 -49.38 2.24 -5.27
C GLY A 148 -49.27 0.90 -4.60
N SER A 149 -50.05 -0.10 -5.04
CA SER A 149 -50.09 -1.39 -4.37
C SER A 149 -49.39 -2.47 -5.18
N GLN A 150 -48.17 -2.20 -5.64
CA GLN A 150 -47.35 -3.19 -6.31
C GLN A 150 -45.91 -3.03 -5.88
N ASN A 151 -45.26 -4.15 -5.58
CA ASN A 151 -43.87 -4.17 -5.15
C ASN A 151 -42.99 -5.07 -6.02
N ILE A 152 -43.52 -6.18 -6.50
CA ILE A 152 -42.77 -7.08 -7.40
C ILE A 152 -43.12 -6.66 -8.82
N ILE A 153 -42.53 -5.54 -9.24
CA ILE A 153 -42.75 -5.00 -10.57
C ILE A 153 -41.71 -5.58 -11.52
N SER A 154 -42.16 -5.97 -12.71
CA SER A 154 -41.29 -6.58 -13.70
C SER A 154 -41.45 -5.87 -15.03
N ASN A 155 -40.35 -5.31 -15.54
CA ASN A 155 -40.32 -4.83 -16.91
C ASN A 155 -40.11 -6.02 -17.84
N ALA A 156 -40.90 -6.08 -18.91
CA ALA A 156 -40.92 -7.24 -19.79
C ALA A 156 -39.61 -7.34 -20.57
N SER A 157 -39.58 -8.21 -21.56
CA SER A 157 -38.38 -8.41 -22.36
C SER A 157 -38.07 -7.16 -23.18
N CYS A 158 -36.80 -7.05 -23.58
CA CYS A 158 -36.43 -6.03 -24.56
C CYS A 158 -37.19 -6.22 -25.86
N THR A 159 -37.42 -7.48 -26.25
CA THR A 159 -38.24 -7.76 -27.41
C THR A 159 -39.71 -7.39 -27.16
N THR A 160 -40.19 -7.58 -25.92
CA THR A 160 -41.56 -7.21 -25.61
C THR A 160 -41.75 -5.69 -25.62
N ASN A 161 -40.74 -4.94 -25.14
CA ASN A 161 -40.83 -3.50 -25.15
C ASN A 161 -40.82 -2.92 -26.56
N CYS A 162 -40.43 -3.72 -27.56
CA CYS A 162 -40.53 -3.33 -28.96
C CYS A 162 -41.78 -3.89 -29.64
N LEU A 163 -42.17 -5.11 -29.29
CA LEU A 163 -43.33 -5.74 -29.90
C LEU A 163 -44.64 -5.16 -29.37
N ALA A 164 -44.67 -4.73 -28.10
CA ALA A 164 -45.89 -4.17 -27.54
C ALA A 164 -46.33 -2.88 -28.21
N PRO A 165 -45.46 -1.90 -28.50
CA PRO A 165 -45.93 -0.72 -29.23
C PRO A 165 -46.42 -1.03 -30.63
N LEU A 166 -45.83 -2.03 -31.30
CA LEU A 166 -46.34 -2.43 -32.61
C LEU A 166 -47.73 -3.04 -32.50
N ALA A 167 -47.91 -3.98 -31.58
CA ALA A 167 -49.21 -4.63 -31.42
C ALA A 167 -50.26 -3.66 -30.90
N LYS A 168 -49.85 -2.66 -30.11
CA LYS A 168 -50.80 -1.69 -29.58
C LYS A 168 -51.35 -0.80 -30.69
N VAL A 169 -50.47 -0.29 -31.55
CA VAL A 169 -50.92 0.58 -32.64
C VAL A 169 -51.74 -0.21 -33.64
N LEU A 170 -51.32 -1.44 -33.96
CA LEU A 170 -52.03 -2.24 -34.96
C LEU A 170 -53.40 -2.66 -34.46
N ASP A 171 -53.52 -2.98 -33.17
CA ASP A 171 -54.80 -3.41 -32.62
C ASP A 171 -55.75 -2.25 -32.40
N ASP A 172 -55.24 -1.10 -31.94
CA ASP A 172 -56.08 0.04 -31.67
C ASP A 172 -56.55 0.75 -32.94
N GLU A 173 -55.78 0.64 -34.02
CA GLU A 173 -56.10 1.30 -35.28
C GLU A 173 -56.77 0.38 -36.30
N PHE A 174 -56.36 -0.88 -36.35
CA PHE A 174 -56.91 -1.82 -37.33
C PHE A 174 -57.43 -3.12 -36.73
N GLY A 175 -57.09 -3.45 -35.49
CA GLY A 175 -57.52 -4.70 -34.92
C GLY A 175 -56.62 -5.87 -35.31
N ILE A 176 -56.21 -6.66 -34.34
CA ILE A 176 -55.31 -7.79 -34.56
C ILE A 176 -56.09 -9.08 -34.34
N VAL A 177 -56.14 -9.92 -35.37
CA VAL A 177 -56.77 -11.24 -35.25
C VAL A 177 -55.78 -12.28 -34.77
N LYS A 178 -54.61 -12.35 -35.42
CA LYS A 178 -53.58 -13.31 -35.07
C LYS A 178 -52.27 -12.84 -35.70
N GLY A 179 -51.17 -13.23 -35.07
CA GLY A 179 -49.86 -12.81 -35.55
C GLY A 179 -48.79 -13.80 -35.17
N LEU A 180 -47.74 -13.86 -36.00
CA LEU A 180 -46.56 -14.65 -35.74
C LEU A 180 -45.34 -13.78 -36.00
N MET A 181 -44.43 -13.74 -35.03
CA MET A 181 -43.29 -12.84 -35.08
C MET A 181 -41.98 -13.62 -35.08
N THR A 182 -40.92 -12.95 -35.53
CA THR A 182 -39.57 -13.49 -35.50
C THR A 182 -38.61 -12.33 -35.22
N THR A 183 -38.09 -12.26 -34.02
CA THR A 183 -37.15 -11.22 -33.64
C THR A 183 -35.73 -11.67 -33.95
N ILE A 184 -35.00 -10.82 -34.67
CA ILE A 184 -33.61 -11.05 -35.01
C ILE A 184 -32.78 -10.31 -33.98
N HIS A 185 -32.24 -11.04 -33.02
CA HIS A 185 -31.66 -10.46 -31.82
C HIS A 185 -30.14 -10.53 -31.86
N ALA A 186 -29.51 -9.61 -31.16
CA ALA A 186 -28.07 -9.65 -30.95
C ALA A 186 -27.72 -10.70 -29.90
N TYR A 187 -26.51 -11.22 -29.96
CA TYR A 187 -26.09 -12.22 -28.99
C TYR A 187 -25.89 -11.58 -27.62
N THR A 188 -26.21 -12.34 -26.58
CA THR A 188 -26.15 -11.86 -25.20
C THR A 188 -25.20 -12.73 -24.39
N GLN A 189 -24.95 -12.31 -23.15
CA GLN A 189 -23.93 -12.95 -22.33
C GLN A 189 -24.28 -14.39 -22.00
N ASP A 190 -25.57 -14.75 -21.99
CA ASP A 190 -25.96 -16.10 -21.62
C ASP A 190 -25.58 -17.13 -22.67
N GLN A 191 -25.11 -16.72 -23.83
CA GLN A 191 -24.66 -17.66 -24.85
C GLN A 191 -23.19 -17.99 -24.66
N ASN A 192 -22.74 -19.04 -25.33
CA ASN A 192 -21.37 -19.51 -25.24
C ASN A 192 -20.54 -18.94 -26.39
N LEU A 193 -19.26 -18.66 -26.10
CA LEU A 193 -18.36 -18.15 -27.12
C LEU A 193 -17.95 -19.25 -28.10
N GLN A 194 -17.75 -20.46 -27.59
CA GLN A 194 -17.48 -21.64 -28.39
C GLN A 194 -18.53 -22.70 -28.10
N ASP A 195 -18.41 -23.86 -28.76
CA ASP A 195 -19.34 -24.95 -28.53
C ASP A 195 -19.10 -25.56 -27.16
N GLY A 196 -20.02 -25.34 -26.24
CA GLY A 196 -19.93 -25.88 -24.90
C GLY A 196 -21.27 -26.30 -24.37
N PRO A 197 -21.29 -26.96 -23.20
CA PRO A 197 -22.56 -27.38 -22.61
C PRO A 197 -23.43 -26.18 -22.25
N HIS A 198 -24.74 -26.39 -22.38
CA HIS A 198 -25.72 -25.34 -22.11
C HIS A 198 -27.10 -25.99 -22.00
N LYS A 199 -27.96 -25.38 -21.18
CA LYS A 199 -29.33 -25.86 -21.08
C LYS A 199 -30.05 -25.76 -22.42
N ASP A 200 -29.69 -24.80 -23.25
CA ASP A 200 -30.24 -24.66 -24.59
C ASP A 200 -29.17 -25.12 -25.58
N LEU A 201 -29.41 -26.24 -26.26
CA LEU A 201 -28.46 -26.76 -27.22
C LEU A 201 -28.27 -25.81 -28.42
N ARG A 202 -29.27 -24.98 -28.71
CA ARG A 202 -29.10 -23.97 -29.76
C ARG A 202 -28.14 -22.88 -29.29
N ARG A 203 -28.38 -22.31 -28.11
CA ARG A 203 -27.49 -21.31 -27.55
C ARG A 203 -26.20 -21.92 -27.01
N ALA A 204 -26.02 -23.23 -27.15
CA ALA A 204 -24.77 -23.88 -26.75
C ALA A 204 -23.65 -23.65 -27.75
N ARG A 205 -23.99 -23.31 -28.99
CA ARG A 205 -22.98 -23.13 -30.02
C ARG A 205 -22.35 -21.74 -29.93
N ALA A 206 -21.30 -21.56 -30.72
CA ALA A 206 -20.59 -20.28 -30.76
C ALA A 206 -21.52 -19.17 -31.22
N ALA A 207 -21.67 -18.14 -30.39
CA ALA A 207 -22.63 -17.09 -30.67
C ALA A 207 -22.22 -16.25 -31.88
N ALA A 208 -20.93 -15.95 -32.01
CA ALA A 208 -20.44 -15.09 -33.07
C ALA A 208 -20.12 -15.84 -34.36
N LEU A 209 -20.08 -17.18 -34.33
CA LEU A 209 -19.73 -17.96 -35.50
C LEU A 209 -20.94 -18.40 -36.31
N ASN A 210 -22.15 -18.22 -35.79
CA ASN A 210 -23.36 -18.71 -36.45
C ASN A 210 -24.55 -17.95 -35.89
N ILE A 211 -25.75 -18.33 -36.36
CA ILE A 211 -27.00 -17.77 -35.85
C ILE A 211 -27.73 -18.87 -35.09
N VAL A 212 -28.06 -18.60 -33.83
CA VAL A 212 -28.63 -19.58 -32.93
C VAL A 212 -30.13 -19.28 -32.79
N PRO A 213 -31.01 -20.15 -33.30
CA PRO A 213 -32.45 -19.95 -33.10
C PRO A 213 -32.88 -20.40 -31.71
N THR A 214 -33.33 -19.47 -30.89
CA THR A 214 -33.79 -19.75 -29.55
C THR A 214 -35.25 -19.34 -29.39
N SER A 215 -35.88 -19.86 -28.34
CA SER A 215 -37.27 -19.53 -28.05
C SER A 215 -37.33 -18.28 -27.18
N THR A 216 -38.51 -17.65 -27.18
CA THR A 216 -38.75 -16.47 -26.36
C THR A 216 -40.21 -16.42 -25.97
N GLY A 217 -40.47 -15.88 -24.78
CA GLY A 217 -41.83 -15.71 -24.30
C GLY A 217 -42.31 -14.28 -24.48
N ALA A 218 -41.61 -13.53 -25.35
CA ALA A 218 -41.98 -12.14 -25.57
C ALA A 218 -43.37 -12.02 -26.18
N ALA A 219 -43.64 -12.77 -27.25
CA ALA A 219 -44.92 -12.70 -27.92
C ALA A 219 -45.99 -13.54 -27.22
N LYS A 220 -45.59 -14.68 -26.63
CA LYS A 220 -46.56 -15.55 -25.98
C LYS A 220 -47.13 -14.92 -24.72
N ALA A 221 -46.37 -14.05 -24.06
CA ALA A 221 -46.80 -13.39 -22.83
C ALA A 221 -47.17 -11.93 -23.05
N ILE A 222 -47.56 -11.57 -24.28
CA ILE A 222 -48.02 -10.21 -24.54
C ILE A 222 -49.29 -9.91 -23.76
N GLY A 223 -50.13 -10.93 -23.53
CA GLY A 223 -51.36 -10.75 -22.80
C GLY A 223 -51.19 -10.19 -21.40
N LEU A 224 -49.97 -10.26 -20.85
CA LEU A 224 -49.70 -9.68 -19.55
C LEU A 224 -49.81 -8.16 -19.57
N VAL A 225 -49.62 -7.52 -20.72
CA VAL A 225 -49.75 -6.08 -20.84
C VAL A 225 -50.90 -5.67 -21.74
N MET A 226 -51.39 -6.55 -22.62
CA MET A 226 -52.57 -6.29 -23.45
C MET A 226 -53.44 -7.52 -23.40
N PRO A 227 -54.42 -7.56 -22.50
CA PRO A 227 -55.24 -8.78 -22.35
C PRO A 227 -56.01 -9.16 -23.59
N GLN A 228 -56.38 -8.20 -24.43
CA GLN A 228 -57.12 -8.49 -25.65
C GLN A 228 -56.28 -9.25 -26.67
N LEU A 229 -54.97 -9.35 -26.47
CA LEU A 229 -54.08 -10.07 -27.37
C LEU A 229 -53.50 -11.32 -26.72
N LYS A 230 -54.09 -11.78 -25.61
CA LYS A 230 -53.58 -12.94 -24.91
C LYS A 230 -53.82 -14.20 -25.76
N GLY A 231 -52.72 -14.92 -26.05
CA GLY A 231 -52.80 -16.12 -26.85
C GLY A 231 -52.86 -15.89 -28.34
N LYS A 232 -53.04 -14.65 -28.79
CA LYS A 232 -53.16 -14.35 -30.21
C LYS A 232 -51.82 -14.15 -30.90
N LEU A 233 -50.72 -14.03 -30.14
CA LEU A 233 -49.40 -13.82 -30.69
C LEU A 233 -48.44 -14.88 -30.21
N ASP A 234 -47.43 -15.17 -31.04
CA ASP A 234 -46.40 -16.15 -30.70
C ASP A 234 -45.22 -15.92 -31.64
N GLY A 235 -44.05 -16.36 -31.19
CA GLY A 235 -42.86 -16.19 -32.00
C GLY A 235 -41.64 -16.75 -31.31
N TYR A 236 -40.51 -16.64 -31.99
CA TYR A 236 -39.23 -17.12 -31.49
C TYR A 236 -38.16 -16.06 -31.78
N ALA A 237 -36.91 -16.39 -31.45
CA ALA A 237 -35.81 -15.46 -31.61
C ALA A 237 -34.71 -16.10 -32.45
N LEU A 238 -33.87 -15.24 -33.02
CA LEU A 238 -32.74 -15.69 -33.85
C LEU A 238 -31.55 -14.79 -33.55
N ARG A 239 -30.62 -15.31 -32.75
CA ARG A 239 -29.44 -14.56 -32.33
C ARG A 239 -28.44 -14.50 -33.46
N VAL A 240 -27.98 -13.30 -33.79
CA VAL A 240 -27.07 -13.09 -34.91
C VAL A 240 -25.78 -12.51 -34.37
N PRO A 241 -24.65 -12.69 -35.09
CA PRO A 241 -23.38 -12.11 -34.66
C PRO A 241 -23.41 -10.59 -34.61
N ILE A 242 -24.06 -10.02 -33.59
CA ILE A 242 -24.12 -8.59 -33.39
C ILE A 242 -23.97 -8.32 -31.90
N PRO A 243 -23.16 -7.33 -31.49
CA PRO A 243 -23.02 -7.06 -30.05
C PRO A 243 -24.29 -6.52 -29.42
N THR A 244 -24.79 -5.39 -29.91
CA THR A 244 -26.01 -4.79 -29.41
C THR A 244 -26.87 -4.32 -30.58
N GLY A 245 -28.19 -4.39 -30.39
CA GLY A 245 -29.11 -4.00 -31.44
C GLY A 245 -29.89 -5.17 -32.00
N SER A 246 -31.21 -5.06 -32.00
CA SER A 246 -32.08 -6.13 -32.46
C SER A 246 -33.24 -5.54 -33.25
N VAL A 247 -34.01 -6.41 -33.88
CA VAL A 247 -35.14 -5.99 -34.72
C VAL A 247 -36.25 -7.02 -34.61
N THR A 248 -37.49 -6.55 -34.65
CA THR A 248 -38.67 -7.41 -34.59
C THR A 248 -39.36 -7.42 -35.95
N ASP A 249 -39.76 -8.62 -36.37
CA ASP A 249 -40.46 -8.84 -37.64
C ASP A 249 -41.78 -9.52 -37.31
N LEU A 250 -42.85 -8.75 -37.24
CA LEU A 250 -44.17 -9.25 -36.86
C LEU A 250 -45.04 -9.41 -38.09
N THR A 251 -45.44 -10.65 -38.38
CA THR A 251 -46.41 -10.94 -39.43
C THR A 251 -47.76 -11.17 -38.75
N VAL A 252 -48.71 -10.28 -39.01
CA VAL A 252 -49.97 -10.25 -38.28
C VAL A 252 -51.13 -10.15 -39.27
N ASP A 253 -52.20 -10.90 -39.00
CA ASP A 253 -53.44 -10.80 -39.75
C ASP A 253 -54.33 -9.75 -39.10
N LEU A 254 -54.77 -8.77 -39.90
CA LEU A 254 -55.54 -7.65 -39.40
C LEU A 254 -57.03 -7.91 -39.55
N SER A 255 -57.81 -7.33 -38.63
CA SER A 255 -59.26 -7.48 -38.67
C SER A 255 -59.87 -6.66 -39.81
N THR A 256 -59.37 -5.44 -40.00
CA THR A 256 -59.82 -4.58 -41.09
C THR A 256 -58.70 -4.43 -42.10
N ARG A 257 -59.06 -4.44 -43.39
CA ARG A 257 -58.07 -4.34 -44.46
C ARG A 257 -57.44 -2.95 -44.45
N ALA A 258 -56.11 -2.89 -44.33
CA ALA A 258 -55.38 -1.64 -44.30
C ALA A 258 -54.26 -1.68 -45.32
N SER A 259 -53.90 -0.50 -45.82
CA SER A 259 -52.84 -0.36 -46.80
C SER A 259 -51.50 -0.10 -46.13
N VAL A 260 -50.43 -0.19 -46.92
CA VAL A 260 -49.09 0.07 -46.41
C VAL A 260 -48.96 1.53 -45.99
N ASP A 261 -49.49 2.45 -46.81
CA ASP A 261 -49.43 3.87 -46.47
C ASP A 261 -50.27 4.17 -45.23
N GLU A 262 -51.37 3.44 -45.03
CA GLU A 262 -52.20 3.67 -43.85
C GLU A 262 -51.50 3.19 -42.59
N ILE A 263 -50.78 2.07 -42.67
CA ILE A 263 -50.05 1.57 -41.50
C ILE A 263 -48.90 2.51 -41.16
N ASN A 264 -48.17 2.97 -42.17
CA ASN A 264 -47.07 3.89 -41.93
C ASN A 264 -47.56 5.23 -41.38
N ALA A 265 -48.72 5.70 -41.86
CA ALA A 265 -49.26 6.96 -41.37
C ALA A 265 -49.75 6.84 -39.93
N ALA A 266 -50.32 5.68 -39.58
CA ALA A 266 -50.76 5.48 -38.21
C ALA A 266 -49.58 5.37 -37.25
N PHE A 267 -48.51 4.69 -37.68
CA PHE A 267 -47.31 4.60 -36.85
C PHE A 267 -46.58 5.93 -36.77
N LYS A 268 -46.60 6.71 -37.85
CA LYS A 268 -45.98 8.03 -37.81
C LYS A 268 -46.73 8.97 -36.87
N ALA A 269 -48.07 8.90 -36.87
CA ALA A 269 -48.85 9.72 -35.94
C ALA A 269 -48.65 9.25 -34.50
N ALA A 270 -48.53 7.93 -34.29
CA ALA A 270 -48.31 7.41 -32.95
C ALA A 270 -46.93 7.82 -32.42
N ALA A 271 -45.91 7.75 -33.27
CA ALA A 271 -44.57 8.13 -32.83
C ALA A 271 -44.50 9.62 -32.54
N GLU A 272 -45.22 10.44 -33.31
CA GLU A 272 -45.25 11.88 -33.12
C GLU A 272 -46.33 12.35 -32.16
N GLY A 273 -47.11 11.42 -31.59
CA GLY A 273 -48.19 11.81 -30.71
C GLY A 273 -48.26 11.01 -29.42
N ARG A 274 -49.09 9.97 -29.40
CA ARG A 274 -49.35 9.24 -28.17
C ARG A 274 -48.14 8.43 -27.70
N LEU A 275 -47.23 8.06 -28.59
CA LEU A 275 -46.06 7.27 -28.23
C LEU A 275 -44.76 8.04 -28.44
N LYS A 276 -44.80 9.36 -28.23
CA LYS A 276 -43.59 10.17 -28.33
C LYS A 276 -42.64 9.81 -27.20
N GLY A 277 -41.45 9.31 -27.56
CA GLY A 277 -40.45 8.89 -26.61
C GLY A 277 -40.28 7.39 -26.53
N ILE A 278 -41.33 6.64 -26.85
CA ILE A 278 -41.28 5.18 -26.84
C ILE A 278 -41.16 4.61 -28.25
N LEU A 279 -41.97 5.12 -29.18
CA LEU A 279 -41.94 4.67 -30.57
C LEU A 279 -41.29 5.74 -31.44
N LYS A 280 -40.42 5.30 -32.35
CA LYS A 280 -39.75 6.19 -33.29
C LYS A 280 -40.12 5.81 -34.71
N TYR A 281 -40.33 6.81 -35.55
CA TYR A 281 -40.65 6.62 -36.95
C TYR A 281 -39.43 6.94 -37.81
N TYR A 282 -39.04 5.99 -38.66
CA TYR A 282 -37.88 6.13 -39.53
C TYR A 282 -38.32 6.00 -40.98
N ASP A 283 -37.97 7.00 -41.79
CA ASP A 283 -38.21 6.98 -43.22
C ASP A 283 -36.92 6.89 -44.02
N ALA A 284 -35.77 6.73 -43.34
CA ALA A 284 -34.43 6.66 -43.91
C ALA A 284 -33.93 5.22 -43.94
N PRO A 285 -33.13 4.87 -44.94
CA PRO A 285 -32.60 3.50 -45.02
C PRO A 285 -31.61 3.20 -43.91
N ILE A 286 -32.13 2.89 -42.73
CA ILE A 286 -31.29 2.69 -41.55
C ILE A 286 -30.98 1.21 -41.39
N VAL A 287 -29.92 0.93 -40.63
CA VAL A 287 -29.53 -0.43 -40.26
C VAL A 287 -29.38 -0.49 -38.75
N SER A 288 -29.03 -1.66 -38.24
CA SER A 288 -28.96 -1.85 -36.79
C SER A 288 -27.86 -1.00 -36.17
N SER A 289 -26.78 -0.74 -36.91
CA SER A 289 -25.72 0.12 -36.39
C SER A 289 -26.22 1.54 -36.16
N ASP A 290 -27.32 1.93 -36.82
CA ASP A 290 -27.97 3.20 -36.54
C ASP A 290 -28.91 3.12 -35.34
N ILE A 291 -29.11 1.92 -34.78
CA ILE A 291 -30.01 1.74 -33.66
C ILE A 291 -29.26 1.64 -32.33
N VAL A 292 -27.96 1.34 -32.36
CA VAL A 292 -27.19 1.26 -31.12
C VAL A 292 -27.22 2.60 -30.40
N THR A 293 -27.33 2.53 -29.07
CA THR A 293 -27.40 3.72 -28.21
C THR A 293 -28.56 4.63 -28.61
N ASP A 294 -29.72 4.03 -28.87
CA ASP A 294 -30.95 4.77 -29.11
C ASP A 294 -31.94 4.45 -28.00
N PRO A 295 -32.47 5.45 -27.29
CA PRO A 295 -33.29 5.17 -26.11
C PRO A 295 -34.71 4.74 -26.41
N HIS A 296 -35.12 4.69 -27.67
CA HIS A 296 -36.51 4.35 -27.99
C HIS A 296 -36.75 2.85 -27.79
N SER A 297 -37.98 2.52 -27.40
CA SER A 297 -38.35 1.12 -27.19
C SER A 297 -38.56 0.39 -28.51
N SER A 298 -39.15 1.06 -29.49
CA SER A 298 -39.42 0.47 -30.79
C SER A 298 -39.21 1.51 -31.87
N ILE A 299 -38.36 1.19 -32.84
CA ILE A 299 -38.02 2.09 -33.93
C ILE A 299 -38.65 1.52 -35.19
N PHE A 300 -39.84 2.02 -35.54
CA PHE A 300 -40.59 1.49 -36.67
C PHE A 300 -39.91 1.87 -37.98
N ASP A 301 -39.59 0.85 -38.80
CA ASP A 301 -38.99 1.04 -40.11
C ASP A 301 -40.11 1.01 -41.15
N SER A 302 -40.46 2.17 -41.67
CA SER A 302 -41.57 2.26 -42.62
C SER A 302 -41.23 1.67 -43.98
N GLY A 303 -39.94 1.58 -44.33
CA GLY A 303 -39.57 1.05 -45.63
C GLY A 303 -39.79 -0.44 -45.77
N LEU A 304 -39.62 -1.18 -44.67
CA LEU A 304 -39.75 -2.64 -44.68
C LEU A 304 -41.18 -3.11 -44.43
N THR A 305 -42.17 -2.23 -44.52
CA THR A 305 -43.56 -2.61 -44.30
C THR A 305 -44.15 -3.18 -45.58
N LYS A 306 -44.81 -4.34 -45.44
CA LYS A 306 -45.44 -5.00 -46.58
C LYS A 306 -46.75 -5.62 -46.13
N VAL A 307 -47.70 -5.70 -47.06
CA VAL A 307 -49.02 -6.28 -46.78
C VAL A 307 -49.50 -7.03 -48.01
N ILE A 308 -50.27 -8.09 -47.77
CA ILE A 308 -50.96 -8.84 -48.81
C ILE A 308 -52.37 -9.09 -48.30
N ASP A 309 -53.35 -8.43 -48.90
CA ASP A 309 -54.74 -8.46 -48.45
C ASP A 309 -54.83 -8.01 -47.00
N ASP A 310 -54.92 -8.97 -46.06
CA ASP A 310 -55.02 -8.66 -44.64
C ASP A 310 -53.83 -9.19 -43.85
N GLN A 311 -52.82 -9.74 -44.51
CA GLN A 311 -51.61 -10.21 -43.84
C GLN A 311 -50.51 -9.16 -44.03
N ALA A 312 -50.05 -8.59 -42.92
CA ALA A 312 -49.07 -7.51 -42.95
C ALA A 312 -47.83 -7.91 -42.15
N LYS A 313 -46.67 -7.50 -42.65
CA LYS A 313 -45.39 -7.71 -41.98
C LYS A 313 -44.82 -6.36 -41.57
N VAL A 314 -44.69 -6.15 -40.26
CA VAL A 314 -44.21 -4.89 -39.71
C VAL A 314 -42.83 -5.13 -39.11
N VAL A 315 -41.88 -4.26 -39.44
CA VAL A 315 -40.50 -4.37 -39.00
C VAL A 315 -40.17 -3.16 -38.14
N SER A 316 -39.62 -3.40 -36.96
CA SER A 316 -39.26 -2.32 -36.04
C SER A 316 -37.96 -2.67 -35.32
N TRP A 317 -37.06 -1.69 -35.25
CA TRP A 317 -35.77 -1.87 -34.60
C TRP A 317 -35.85 -1.50 -33.12
N TYR A 318 -34.88 -1.99 -32.36
CA TYR A 318 -34.77 -1.67 -30.94
C TYR A 318 -33.40 -2.09 -30.42
N ASP A 319 -32.79 -1.22 -29.62
CA ASP A 319 -31.51 -1.53 -28.98
C ASP A 319 -31.81 -2.28 -27.68
N ASN A 320 -31.49 -3.57 -27.65
CA ASN A 320 -31.83 -4.43 -26.51
C ASN A 320 -31.06 -4.08 -25.25
N GLU A 321 -30.00 -3.28 -25.35
CA GLU A 321 -29.19 -2.91 -24.18
C GLU A 321 -29.48 -1.48 -23.72
N TRP A 322 -29.33 -0.51 -24.64
CA TRP A 322 -29.46 0.90 -24.24
C TRP A 322 -30.92 1.32 -24.18
N GLY A 323 -31.70 0.98 -25.20
CA GLY A 323 -33.10 1.38 -25.22
C GLY A 323 -33.89 0.77 -24.09
N TYR A 324 -33.63 -0.50 -23.78
CA TYR A 324 -34.32 -1.16 -22.69
C TYR A 324 -33.93 -0.56 -21.35
N SER A 325 -32.64 -0.21 -21.18
CA SER A 325 -32.19 0.33 -19.92
C SER A 325 -32.77 1.72 -19.65
N ASN A 326 -33.02 2.50 -20.70
CA ASN A 326 -33.69 3.78 -20.52
C ASN A 326 -35.13 3.60 -20.03
N ARG A 327 -35.79 2.52 -20.47
CA ARG A 327 -37.12 2.24 -19.97
C ARG A 327 -37.08 1.78 -18.52
N LEU A 328 -36.00 1.12 -18.11
CA LEU A 328 -35.82 0.81 -16.69
C LEU A 328 -35.56 2.07 -15.87
N VAL A 329 -34.91 3.07 -16.47
CA VAL A 329 -34.73 4.35 -15.79
C VAL A 329 -36.07 5.06 -15.62
N ASP A 330 -36.85 5.11 -16.69
CA ASP A 330 -38.16 5.77 -16.62
C ASP A 330 -39.11 5.02 -15.69
N LEU A 331 -39.02 3.69 -15.64
CA LEU A 331 -39.87 2.94 -14.72
C LEU A 331 -39.44 3.15 -13.28
N VAL A 332 -38.14 3.23 -13.02
CA VAL A 332 -37.66 3.51 -11.67
C VAL A 332 -38.03 4.92 -11.24
N THR A 333 -38.09 5.86 -12.18
CA THR A 333 -38.51 7.21 -11.84
C THR A 333 -40.01 7.29 -11.59
N LEU A 334 -40.80 6.48 -12.31
CA LEU A 334 -42.23 6.46 -12.07
C LEU A 334 -42.57 5.83 -10.73
N VAL A 335 -41.91 4.70 -10.40
CA VAL A 335 -42.15 4.06 -9.12
C VAL A 335 -41.61 4.92 -7.98
N GLY A 336 -40.48 5.60 -8.21
CA GLY A 336 -39.97 6.52 -7.22
C GLY A 336 -40.90 7.69 -6.97
N LYS A 337 -41.67 8.09 -7.99
CA LYS A 337 -42.67 9.13 -7.80
C LYS A 337 -43.85 8.65 -6.99
N SER A 338 -44.09 7.35 -6.93
CA SER A 338 -45.17 6.78 -6.13
C SER A 338 -44.80 6.64 -4.65
N LEU A 339 -43.66 7.18 -4.24
CA LEU A 339 -43.23 7.10 -2.84
C LEU A 339 -43.28 8.48 -2.19
N THR B 2 -11.05 32.04 -40.97
CA THR B 2 -11.45 30.65 -41.13
C THR B 2 -10.82 30.03 -42.36
N VAL B 3 -10.05 28.97 -42.16
CA VAL B 3 -9.40 28.28 -43.28
C VAL B 3 -10.44 27.47 -44.03
N ARG B 4 -10.54 27.69 -45.34
CA ARG B 4 -11.50 27.00 -46.18
C ARG B 4 -10.87 25.69 -46.68
N VAL B 5 -11.52 24.57 -46.37
CA VAL B 5 -11.00 23.24 -46.68
C VAL B 5 -11.97 22.54 -47.63
N GLY B 6 -11.41 21.82 -48.60
CA GLY B 6 -12.21 21.02 -49.52
C GLY B 6 -11.70 19.59 -49.57
N ILE B 7 -12.60 18.63 -49.43
CA ILE B 7 -12.24 17.21 -49.33
C ILE B 7 -12.41 16.56 -50.69
N ASN B 8 -11.40 15.82 -51.13
CA ASN B 8 -11.46 15.01 -52.33
C ASN B 8 -11.47 13.54 -51.90
N GLY B 9 -12.62 12.90 -52.04
CA GLY B 9 -12.78 11.54 -51.55
C GLY B 9 -13.45 11.50 -50.20
N PHE B 10 -14.77 11.69 -50.17
CA PHE B 10 -15.52 11.77 -48.92
C PHE B 10 -15.88 10.37 -48.42
N GLY B 11 -14.88 9.50 -48.31
CA GLY B 11 -15.11 8.14 -47.85
C GLY B 11 -14.97 8.01 -46.35
N ARG B 12 -14.28 6.95 -45.89
CA ARG B 12 -14.11 6.75 -44.46
C ARG B 12 -13.24 7.84 -43.86
N ILE B 13 -12.10 8.14 -44.48
CA ILE B 13 -11.21 9.16 -43.96
C ILE B 13 -11.82 10.54 -44.16
N GLY B 14 -12.48 10.76 -45.30
CA GLY B 14 -13.10 12.05 -45.55
C GLY B 14 -14.18 12.41 -44.55
N ARG B 15 -15.03 11.44 -44.21
CA ARG B 15 -16.07 11.68 -43.21
C ARG B 15 -15.53 11.66 -41.79
N ASN B 16 -14.45 10.91 -41.55
CA ASN B 16 -13.81 10.96 -40.25
C ASN B 16 -13.10 12.29 -40.03
N PHE B 17 -12.51 12.85 -41.08
CA PHE B 17 -11.90 14.17 -40.99
C PHE B 17 -12.95 15.24 -40.73
N TYR B 18 -14.13 15.10 -41.33
CA TYR B 18 -15.19 16.09 -41.14
C TYR B 18 -15.78 15.99 -39.73
N ARG B 19 -15.92 14.77 -39.21
CA ARG B 19 -16.44 14.61 -37.86
C ARG B 19 -15.42 15.05 -36.81
N ALA B 20 -14.14 14.73 -37.04
CA ALA B 20 -13.10 15.18 -36.12
C ALA B 20 -12.96 16.70 -36.15
N LEU B 21 -13.18 17.32 -37.31
CA LEU B 21 -13.15 18.77 -37.39
C LEU B 21 -14.31 19.38 -36.62
N LEU B 22 -15.50 18.75 -36.69
CA LEU B 22 -16.64 19.24 -35.93
C LEU B 22 -16.42 19.08 -34.43
N ALA B 23 -15.86 17.94 -34.02
CA ALA B 23 -15.60 17.73 -32.59
C ALA B 23 -14.51 18.66 -32.08
N GLN B 24 -13.50 18.94 -32.91
CA GLN B 24 -12.43 19.84 -32.49
C GLN B 24 -12.91 21.29 -32.47
N GLN B 25 -13.89 21.64 -33.30
CA GLN B 25 -14.49 22.97 -33.21
C GLN B 25 -15.31 23.10 -31.94
N GLU B 26 -15.98 22.01 -31.53
CA GLU B 26 -16.70 22.03 -30.25
C GLU B 26 -15.74 22.12 -29.07
N GLN B 27 -14.54 21.55 -29.20
CA GLN B 27 -13.53 21.66 -28.16
C GLN B 27 -12.78 22.98 -28.23
N GLY B 28 -12.84 23.68 -29.36
CA GLY B 28 -12.21 24.98 -29.50
C GLY B 28 -10.83 24.98 -30.09
N THR B 29 -10.28 23.81 -30.44
CA THR B 29 -8.93 23.70 -30.97
C THR B 29 -8.91 23.62 -32.49
N ALA B 30 -9.92 24.18 -33.15
CA ALA B 30 -9.99 24.13 -34.61
C ALA B 30 -10.71 25.38 -35.11
N ASP B 31 -10.27 25.87 -36.27
CA ASP B 31 -10.87 27.04 -36.90
C ASP B 31 -11.24 26.82 -38.36
N VAL B 32 -10.71 25.79 -39.02
CA VAL B 32 -11.00 25.56 -40.43
C VAL B 32 -12.42 25.04 -40.57
N GLU B 33 -13.03 25.33 -41.73
CA GLU B 33 -14.37 24.86 -42.05
C GLU B 33 -14.36 24.24 -43.45
N VAL B 34 -15.07 23.13 -43.60
CA VAL B 34 -15.15 22.43 -44.87
C VAL B 34 -16.28 23.01 -45.71
N VAL B 35 -15.96 23.41 -46.94
CA VAL B 35 -16.94 24.04 -47.82
C VAL B 35 -17.26 23.19 -49.04
N ALA B 36 -16.46 22.17 -49.35
CA ALA B 36 -16.69 21.38 -50.54
C ALA B 36 -16.21 19.95 -50.30
N ALA B 37 -16.91 19.00 -50.93
CA ALA B 37 -16.55 17.59 -50.87
C ALA B 37 -16.77 16.96 -52.23
N ASN B 38 -15.82 16.13 -52.67
CA ASN B 38 -15.85 15.53 -53.98
C ASN B 38 -15.75 14.02 -53.86
N ASP B 39 -16.63 13.30 -54.55
CA ASP B 39 -16.64 11.86 -54.52
C ASP B 39 -17.41 11.36 -55.73
N ILE B 40 -17.26 10.08 -56.05
CA ILE B 40 -17.91 9.51 -57.23
C ILE B 40 -19.32 9.03 -56.90
N THR B 41 -20.15 9.93 -56.36
CA THR B 41 -21.54 9.62 -56.05
C THR B 41 -22.28 10.93 -55.79
N ASP B 42 -23.60 10.83 -55.72
CA ASP B 42 -24.46 12.00 -55.58
C ASP B 42 -24.45 12.52 -54.14
N ASN B 43 -25.14 13.64 -53.92
CA ASN B 43 -25.16 14.26 -52.60
C ASN B 43 -26.05 13.49 -51.62
N SER B 44 -27.06 12.80 -52.14
CA SER B 44 -27.95 12.03 -51.26
C SER B 44 -27.19 10.88 -50.59
N THR B 45 -26.34 10.19 -51.36
CA THR B 45 -25.55 9.11 -50.78
C THR B 45 -24.50 9.64 -49.80
N LEU B 46 -23.86 10.76 -50.15
CA LEU B 46 -22.85 11.34 -49.26
C LEU B 46 -23.48 11.86 -47.97
N ALA B 47 -24.68 12.44 -48.06
CA ALA B 47 -25.34 12.94 -46.86
C ALA B 47 -25.81 11.80 -45.97
N HIS B 48 -26.24 10.70 -46.56
CA HIS B 48 -26.70 9.56 -45.76
C HIS B 48 -25.53 8.86 -45.08
N LEU B 49 -24.40 8.74 -45.78
CA LEU B 49 -23.20 8.15 -45.18
C LEU B 49 -22.59 9.05 -44.12
N LEU B 50 -22.83 10.37 -44.20
CA LEU B 50 -22.29 11.29 -43.20
C LEU B 50 -23.16 11.32 -41.95
N LYS B 51 -24.48 11.23 -42.12
CA LYS B 51 -25.38 11.26 -40.97
C LYS B 51 -25.31 9.96 -40.19
N PHE B 52 -25.43 8.83 -40.88
CA PHE B 52 -25.44 7.51 -40.26
C PHE B 52 -24.12 6.82 -40.50
N ASP B 53 -23.38 6.53 -39.42
CA ASP B 53 -22.10 5.86 -39.48
C ASP B 53 -22.18 4.58 -38.68
N SER B 54 -21.72 3.47 -39.26
CA SER B 54 -21.76 2.19 -38.56
C SER B 54 -20.76 2.12 -37.41
N ILE B 55 -19.73 2.96 -37.43
CA ILE B 55 -18.68 2.94 -36.43
C ILE B 55 -18.77 4.12 -35.49
N LEU B 56 -18.96 5.33 -36.03
CA LEU B 56 -19.02 6.54 -35.23
C LEU B 56 -20.45 6.89 -34.80
N GLY B 57 -21.42 6.03 -35.09
CA GLY B 57 -22.79 6.32 -34.71
C GLY B 57 -23.42 7.40 -35.58
N ARG B 58 -24.50 7.98 -35.07
CA ARG B 58 -25.21 9.03 -35.76
C ARG B 58 -24.58 10.39 -35.47
N LEU B 59 -24.68 11.29 -36.44
CA LEU B 59 -24.19 12.65 -36.24
C LEU B 59 -25.18 13.43 -35.37
N PRO B 60 -24.70 14.15 -34.35
CA PRO B 60 -25.64 14.91 -33.51
C PRO B 60 -26.36 16.02 -34.26
N CYS B 61 -25.76 16.57 -35.32
CA CYS B 61 -26.41 17.59 -36.11
C CYS B 61 -27.33 16.97 -37.16
N ASP B 62 -28.31 17.75 -37.60
CA ASP B 62 -29.22 17.31 -38.63
C ASP B 62 -28.61 17.54 -40.01
N VAL B 63 -28.82 16.58 -40.91
CA VAL B 63 -28.23 16.61 -42.25
C VAL B 63 -29.35 16.67 -43.27
N GLY B 64 -29.27 17.66 -44.18
CA GLY B 64 -30.23 17.79 -45.25
C GLY B 64 -29.54 17.90 -46.59
N LEU B 65 -30.36 17.86 -47.65
CA LEU B 65 -29.86 17.91 -49.01
C LEU B 65 -30.60 18.98 -49.79
N GLU B 66 -30.09 19.26 -51.00
CA GLU B 66 -30.71 20.24 -51.89
C GLU B 66 -30.71 19.72 -53.32
N GLY B 67 -29.77 20.17 -54.13
CA GLY B 67 -29.62 19.68 -55.48
C GLY B 67 -28.15 19.47 -55.82
N ASP B 68 -27.29 20.21 -55.14
CA ASP B 68 -25.84 20.05 -55.33
C ASP B 68 -25.06 20.32 -54.06
N ASP B 69 -25.70 20.66 -52.95
CA ASP B 69 -25.02 20.94 -51.69
C ASP B 69 -25.69 20.19 -50.56
N THR B 70 -24.89 19.83 -49.55
CA THR B 70 -25.38 19.18 -48.35
C THR B 70 -25.33 20.16 -47.19
N ILE B 71 -26.43 20.24 -46.45
CA ILE B 71 -26.57 21.19 -45.34
C ILE B 71 -26.51 20.41 -44.03
N VAL B 72 -25.58 20.80 -43.16
CA VAL B 72 -25.46 20.18 -41.85
C VAL B 72 -26.09 21.09 -40.82
N VAL B 73 -25.27 21.75 -39.99
CA VAL B 73 -25.78 22.58 -38.90
C VAL B 73 -26.05 23.99 -39.41
N GLY B 74 -26.94 24.10 -40.40
CA GLY B 74 -27.15 25.37 -41.07
C GLY B 74 -26.02 25.68 -42.03
N ARG B 75 -24.82 25.22 -41.70
CA ARG B 75 -23.69 25.29 -42.62
C ARG B 75 -23.98 24.47 -43.86
N ALA B 76 -23.39 24.88 -44.97
CA ALA B 76 -23.57 24.21 -46.26
C ALA B 76 -22.21 23.80 -46.81
N LYS B 77 -22.16 22.64 -47.43
CA LYS B 77 -20.96 22.12 -48.07
C LYS B 77 -21.30 21.80 -49.52
N ILE B 78 -20.66 22.50 -50.45
CA ILE B 78 -20.93 22.31 -51.88
C ILE B 78 -20.48 20.89 -52.25
N LYS B 79 -21.43 20.01 -52.51
CA LYS B 79 -21.14 18.63 -52.88
C LYS B 79 -20.72 18.54 -54.34
N ALA B 80 -19.60 19.22 -54.65
CA ALA B 80 -19.03 19.20 -55.99
C ALA B 80 -18.45 17.82 -56.26
N LEU B 81 -19.36 16.87 -56.53
CA LEU B 81 -19.00 15.47 -56.65
C LEU B 81 -19.00 14.96 -58.09
N ALA B 82 -19.58 15.70 -59.03
CA ALA B 82 -19.61 15.24 -60.41
C ALA B 82 -18.23 15.18 -61.05
N VAL B 83 -17.24 15.84 -60.46
CA VAL B 83 -15.88 15.84 -60.99
C VAL B 83 -15.27 14.46 -60.86
N ARG B 84 -15.58 13.57 -61.81
CA ARG B 84 -15.04 12.22 -61.80
C ARG B 84 -13.67 12.11 -62.45
N GLU B 85 -13.16 13.19 -63.05
CA GLU B 85 -11.86 13.17 -63.70
C GLU B 85 -10.75 13.33 -62.68
N GLY B 86 -9.62 13.92 -63.10
CA GLY B 86 -8.51 14.15 -62.22
C GLY B 86 -8.79 15.25 -61.22
N PRO B 87 -7.89 15.43 -60.26
CA PRO B 87 -8.08 16.50 -59.26
C PRO B 87 -8.02 17.90 -59.85
N ALA B 88 -7.40 18.07 -61.02
CA ALA B 88 -7.36 19.39 -61.67
C ALA B 88 -8.71 19.80 -62.23
N ALA B 89 -9.69 18.88 -62.29
CA ALA B 89 -11.02 19.20 -62.79
C ALA B 89 -11.94 19.77 -61.74
N LEU B 90 -11.58 19.70 -60.46
CA LEU B 90 -12.44 20.24 -59.42
C LEU B 90 -12.28 21.75 -59.34
N PRO B 91 -13.39 22.49 -59.17
CA PRO B 91 -13.32 23.97 -59.11
C PRO B 91 -13.01 24.49 -57.71
N TRP B 92 -11.77 24.30 -57.28
CA TRP B 92 -11.35 24.79 -55.97
C TRP B 92 -11.23 26.30 -55.96
N GLY B 93 -10.76 26.89 -57.06
CA GLY B 93 -10.62 28.34 -57.11
C GLY B 93 -11.95 29.06 -57.05
N ASP B 94 -12.98 28.51 -57.69
CA ASP B 94 -14.30 29.12 -57.64
C ASP B 94 -14.89 29.07 -56.25
N LEU B 95 -14.67 27.96 -55.53
CA LEU B 95 -15.15 27.82 -54.16
C LEU B 95 -14.22 28.48 -53.14
N GLY B 96 -13.07 29.00 -53.56
CA GLY B 96 -12.15 29.63 -52.64
C GLY B 96 -11.53 28.70 -51.63
N VAL B 97 -11.31 27.44 -51.99
CA VAL B 97 -10.78 26.45 -51.06
C VAL B 97 -9.29 26.70 -50.85
N ASP B 98 -8.88 26.81 -49.59
CA ASP B 98 -7.47 27.05 -49.29
C ASP B 98 -6.68 25.74 -49.26
N VAL B 99 -7.03 24.84 -48.35
CA VAL B 99 -6.34 23.55 -48.20
C VAL B 99 -7.27 22.46 -48.71
N VAL B 100 -6.71 21.53 -49.48
CA VAL B 100 -7.46 20.39 -50.02
C VAL B 100 -6.93 19.11 -49.38
N VAL B 101 -7.83 18.34 -48.79
CA VAL B 101 -7.49 17.06 -48.18
C VAL B 101 -7.74 15.98 -49.23
N GLU B 102 -6.68 15.51 -49.88
CA GLU B 102 -6.78 14.46 -50.88
C GLU B 102 -6.90 13.11 -50.16
N SER B 103 -8.07 12.47 -50.28
CA SER B 103 -8.31 11.22 -49.56
C SER B 103 -9.04 10.20 -50.44
N THR B 104 -8.79 10.22 -51.74
CA THR B 104 -9.39 9.21 -52.62
C THR B 104 -8.58 7.93 -52.66
N GLY B 105 -7.27 8.01 -52.43
CA GLY B 105 -6.39 6.88 -52.56
C GLY B 105 -5.84 6.66 -53.95
N LEU B 106 -6.32 7.41 -54.95
CA LEU B 106 -5.86 7.27 -56.31
C LEU B 106 -4.86 8.35 -56.72
N PHE B 107 -4.75 9.43 -55.94
CA PHE B 107 -3.91 10.57 -56.28
C PHE B 107 -2.79 10.74 -55.26
N THR B 108 -2.21 9.63 -54.81
CA THR B 108 -1.11 9.70 -53.86
C THR B 108 0.16 10.26 -54.47
N ASN B 109 0.30 10.20 -55.80
CA ASN B 109 1.46 10.79 -56.46
C ASN B 109 1.34 12.31 -56.48
N ALA B 110 2.41 12.99 -56.08
CA ALA B 110 2.39 14.45 -56.06
C ALA B 110 2.27 15.03 -57.47
N ALA B 111 2.72 14.29 -58.49
CA ALA B 111 2.52 14.73 -59.86
C ALA B 111 1.03 14.82 -60.18
N LYS B 112 0.24 13.87 -59.70
CA LYS B 112 -1.20 13.94 -59.87
C LYS B 112 -1.84 14.81 -58.80
N ALA B 113 -1.32 14.75 -57.56
CA ALA B 113 -1.89 15.54 -56.48
C ALA B 113 -1.75 17.04 -56.70
N LYS B 114 -0.85 17.46 -57.59
CA LYS B 114 -0.71 18.87 -57.92
C LYS B 114 -1.91 19.42 -58.67
N GLY B 115 -2.83 18.56 -59.11
CA GLY B 115 -4.01 19.04 -59.81
C GLY B 115 -4.88 19.95 -58.95
N HIS B 116 -4.91 19.68 -57.63
CA HIS B 116 -5.64 20.55 -56.72
C HIS B 116 -5.04 21.95 -56.72
N LEU B 117 -3.70 22.02 -56.59
CA LEU B 117 -3.01 23.31 -56.60
C LEU B 117 -3.26 24.05 -57.91
N ASP B 118 -3.21 23.33 -59.03
CA ASP B 118 -3.45 23.96 -60.33
C ASP B 118 -4.89 24.41 -60.47
N ALA B 119 -5.82 23.75 -59.79
CA ALA B 119 -7.23 24.10 -59.88
C ALA B 119 -7.61 25.29 -59.00
N GLY B 120 -6.71 25.77 -58.16
CA GLY B 120 -6.99 26.94 -57.34
C GLY B 120 -6.62 26.77 -55.88
N ALA B 121 -6.32 25.55 -55.46
CA ALA B 121 -5.99 25.30 -54.07
C ALA B 121 -4.61 25.83 -53.71
N LYS B 122 -4.46 26.24 -52.46
CA LYS B 122 -3.19 26.77 -51.97
C LYS B 122 -2.26 25.67 -51.45
N LYS B 123 -2.81 24.61 -50.87
CA LYS B 123 -2.00 23.52 -50.34
C LYS B 123 -2.80 22.23 -50.38
N VAL B 124 -2.09 21.12 -50.52
CA VAL B 124 -2.69 19.79 -50.60
C VAL B 124 -2.12 18.93 -49.48
N ILE B 125 -3.00 18.22 -48.78
CA ILE B 125 -2.60 17.29 -47.73
C ILE B 125 -3.04 15.90 -48.16
N ILE B 126 -2.06 15.04 -48.49
CA ILE B 126 -2.35 13.68 -48.90
C ILE B 126 -2.50 12.81 -47.67
N SER B 127 -3.60 12.09 -47.58
CA SER B 127 -3.91 11.32 -46.38
C SER B 127 -3.30 9.93 -46.45
N ALA B 128 -2.17 9.80 -47.13
CA ALA B 128 -1.51 8.51 -47.30
C ALA B 128 -0.05 8.77 -47.66
N PRO B 129 0.81 7.77 -47.54
CA PRO B 129 2.19 7.92 -48.01
C PRO B 129 2.22 8.30 -49.49
N ALA B 130 2.93 9.38 -49.80
CA ALA B 130 2.95 9.96 -51.13
C ALA B 130 4.29 9.67 -51.81
N THR B 131 4.35 10.03 -53.09
CA THR B 131 5.57 9.93 -53.88
C THR B 131 5.87 11.30 -54.48
N ASP B 132 7.15 11.67 -54.47
CA ASP B 132 7.61 12.98 -54.96
C ASP B 132 6.94 14.14 -54.22
N GLU B 133 6.54 13.90 -52.97
CA GLU B 133 5.88 14.94 -52.20
C GLU B 133 6.91 15.96 -51.69
N ASP B 134 6.40 17.14 -51.33
CA ASP B 134 7.28 18.19 -50.81
C ASP B 134 7.83 17.82 -49.44
N ILE B 135 7.00 17.24 -48.57
CA ILE B 135 7.42 16.84 -47.24
C ILE B 135 6.40 15.86 -46.69
N THR B 136 6.89 14.87 -45.95
CA THR B 136 6.04 13.93 -45.22
C THR B 136 6.12 14.28 -43.74
N ILE B 137 5.00 14.73 -43.19
CA ILE B 137 4.96 15.30 -41.84
C ILE B 137 4.15 14.37 -40.94
N VAL B 138 4.70 14.08 -39.76
CA VAL B 138 3.96 13.46 -38.67
C VAL B 138 3.90 14.49 -37.55
N LEU B 139 2.69 14.97 -37.26
CA LEU B 139 2.52 16.01 -36.25
C LEU B 139 3.09 15.57 -34.91
N GLY B 140 4.08 16.31 -34.41
CA GLY B 140 4.75 15.99 -33.18
C GLY B 140 6.12 15.37 -33.35
N VAL B 141 6.53 15.06 -34.59
CA VAL B 141 7.82 14.44 -34.84
C VAL B 141 8.67 15.39 -35.67
N ASN B 142 8.23 15.68 -36.90
CA ASN B 142 8.97 16.55 -37.81
C ASN B 142 8.10 17.69 -38.31
N ASP B 143 7.15 18.13 -37.49
CA ASP B 143 6.31 19.26 -37.88
C ASP B 143 7.07 20.58 -37.87
N ASP B 144 8.19 20.65 -37.16
CA ASP B 144 8.99 21.87 -37.16
C ASP B 144 9.76 22.06 -38.46
N LYS B 145 10.00 20.99 -39.21
CA LYS B 145 10.70 21.06 -40.48
C LYS B 145 9.83 21.57 -41.62
N TYR B 146 8.64 22.09 -41.31
CA TYR B 146 7.73 22.62 -42.32
C TYR B 146 7.83 24.14 -42.32
N ASP B 147 8.34 24.71 -43.40
CA ASP B 147 8.31 26.13 -43.61
C ASP B 147 7.15 26.46 -44.56
N GLY B 148 7.15 27.66 -45.13
CA GLY B 148 6.13 28.03 -46.06
C GLY B 148 6.31 27.52 -47.48
N SER B 149 7.41 26.83 -47.75
CA SER B 149 7.75 26.38 -49.10
C SER B 149 7.39 24.92 -49.33
N GLN B 150 6.21 24.50 -48.90
CA GLN B 150 5.73 23.15 -49.16
C GLN B 150 4.26 23.21 -49.54
N ASN B 151 3.89 22.49 -50.60
CA ASN B 151 2.52 22.43 -51.08
C ASN B 151 1.97 21.01 -51.14
N ILE B 152 2.75 20.06 -51.64
CA ILE B 152 2.34 18.66 -51.68
C ILE B 152 2.83 18.03 -50.36
N ILE B 153 1.98 18.13 -49.34
CA ILE B 153 2.31 17.64 -48.00
C ILE B 153 1.62 16.31 -47.78
N SER B 154 2.34 15.37 -47.17
CA SER B 154 1.83 14.04 -46.88
C SER B 154 1.79 13.82 -45.37
N ASN B 155 0.63 13.40 -44.87
CA ASN B 155 0.47 13.03 -43.48
C ASN B 155 0.88 11.58 -43.21
N ALA B 156 1.55 10.94 -44.18
CA ALA B 156 1.97 9.55 -44.08
C ALA B 156 0.78 8.64 -43.80
N SER B 157 1.05 7.42 -43.34
CA SER B 157 0.00 6.47 -43.04
C SER B 157 -0.39 6.55 -41.57
N CYS B 158 -1.54 5.97 -41.25
CA CYS B 158 -1.97 5.87 -39.86
C CYS B 158 -0.96 5.07 -39.04
N THR B 159 -0.39 4.01 -39.62
CA THR B 159 0.63 3.24 -38.93
C THR B 159 1.89 4.05 -38.70
N THR B 160 2.25 4.90 -39.67
CA THR B 160 3.42 5.76 -39.50
C THR B 160 3.20 6.78 -38.39
N ASN B 161 1.97 7.28 -38.25
CA ASN B 161 1.68 8.26 -37.20
C ASN B 161 1.73 7.64 -35.80
N CYS B 162 1.67 6.31 -35.70
CA CYS B 162 1.81 5.62 -34.42
C CYS B 162 3.23 5.13 -34.18
N LEU B 163 3.91 4.66 -35.22
CA LEU B 163 5.27 4.16 -35.05
C LEU B 163 6.27 5.29 -34.84
N ALA B 164 6.06 6.44 -35.48
CA ALA B 164 7.02 7.53 -35.38
C ALA B 164 7.20 8.04 -33.94
N PRO B 165 6.14 8.29 -33.15
CA PRO B 165 6.39 8.72 -31.77
C PRO B 165 7.10 7.67 -30.93
N LEU B 166 6.74 6.39 -31.09
CA LEU B 166 7.40 5.34 -30.33
C LEU B 166 8.88 5.23 -30.71
N ALA B 167 9.19 5.33 -32.01
CA ALA B 167 10.58 5.26 -32.44
C ALA B 167 11.32 6.54 -32.12
N LYS B 168 10.63 7.67 -32.04
CA LYS B 168 11.30 8.93 -31.70
C LYS B 168 11.73 8.94 -30.25
N VAL B 169 10.87 8.45 -29.34
CA VAL B 169 11.23 8.43 -27.93
C VAL B 169 12.38 7.45 -27.68
N LEU B 170 12.33 6.27 -28.32
CA LEU B 170 13.36 5.27 -28.09
C LEU B 170 14.69 5.70 -28.66
N ASP B 171 14.69 6.39 -29.80
CA ASP B 171 15.95 6.80 -30.42
C ASP B 171 16.54 8.03 -29.73
N ASP B 172 15.70 8.97 -29.32
CA ASP B 172 16.21 10.19 -28.69
C ASP B 172 16.67 9.93 -27.25
N GLU B 173 16.08 8.94 -26.58
CA GLU B 173 16.41 8.64 -25.20
C GLU B 173 17.43 7.52 -25.05
N PHE B 174 17.35 6.49 -25.88
CA PHE B 174 18.24 5.34 -25.77
C PHE B 174 19.00 5.02 -27.06
N GLY B 175 18.51 5.47 -28.22
CA GLY B 175 19.16 5.15 -29.47
C GLY B 175 18.66 3.87 -30.07
N ILE B 176 18.38 3.87 -31.36
CA ILE B 176 17.84 2.71 -32.08
C ILE B 176 18.91 2.21 -33.04
N VAL B 177 19.32 0.96 -32.87
CA VAL B 177 20.24 0.31 -33.80
C VAL B 177 19.49 -0.30 -34.98
N LYS B 178 18.44 -1.06 -34.69
CA LYS B 178 17.61 -1.70 -35.70
C LYS B 178 16.34 -2.18 -35.02
N GLY B 179 15.28 -2.31 -35.82
CA GLY B 179 14.00 -2.73 -35.28
C GLY B 179 13.14 -3.37 -36.35
N LEU B 180 12.28 -4.28 -35.91
CA LEU B 180 11.29 -4.92 -36.77
C LEU B 180 9.93 -4.84 -36.09
N MET B 181 8.95 -4.29 -36.79
CA MET B 181 7.63 -4.04 -36.24
C MET B 181 6.58 -4.92 -36.90
N THR B 182 5.44 -5.03 -36.21
CA THR B 182 4.28 -5.74 -36.76
C THR B 182 3.04 -5.02 -36.25
N THR B 183 2.37 -4.30 -37.14
CA THR B 183 1.14 -3.59 -36.78
C THR B 183 -0.05 -4.53 -36.99
N ILE B 184 -0.84 -4.70 -35.94
CA ILE B 184 -2.03 -5.53 -35.99
C ILE B 184 -3.20 -4.59 -36.28
N HIS B 185 -3.63 -4.58 -37.54
CA HIS B 185 -4.46 -3.50 -38.08
C HIS B 185 -5.90 -3.96 -38.27
N ALA B 186 -6.81 -2.99 -38.25
CA ALA B 186 -8.19 -3.22 -38.60
C ALA B 186 -8.35 -3.31 -40.11
N TYR B 187 -9.40 -4.00 -40.55
CA TYR B 187 -9.62 -4.13 -41.98
C TYR B 187 -10.16 -2.83 -42.55
N THR B 188 -9.80 -2.57 -43.80
CA THR B 188 -10.15 -1.32 -44.48
C THR B 188 -10.96 -1.62 -45.73
N GLN B 189 -11.47 -0.55 -46.35
CA GLN B 189 -12.34 -0.70 -47.50
C GLN B 189 -11.62 -1.34 -48.68
N ASP B 190 -10.29 -1.22 -48.75
CA ASP B 190 -9.55 -1.77 -49.88
C ASP B 190 -9.51 -3.29 -49.88
N GLN B 191 -10.03 -3.94 -48.84
CA GLN B 191 -10.10 -5.40 -48.82
C GLN B 191 -11.44 -5.88 -49.38
N ASN B 192 -11.52 -7.18 -49.62
CA ASN B 192 -12.72 -7.80 -50.16
C ASN B 192 -13.56 -8.41 -49.04
N LEU B 193 -14.87 -8.19 -49.11
CA LEU B 193 -15.76 -8.81 -48.14
C LEU B 193 -15.78 -10.32 -48.28
N GLN B 194 -15.72 -10.82 -49.51
CA GLN B 194 -15.69 -12.25 -49.79
C GLN B 194 -14.45 -12.56 -50.63
N ASP B 195 -14.22 -13.85 -50.87
CA ASP B 195 -13.06 -14.29 -51.64
C ASP B 195 -13.23 -13.85 -53.09
N GLY B 196 -12.51 -12.79 -53.48
CA GLY B 196 -12.57 -12.30 -54.83
C GLY B 196 -11.21 -11.85 -55.33
N PRO B 197 -11.15 -11.44 -56.60
CA PRO B 197 -9.88 -10.97 -57.16
C PRO B 197 -9.39 -9.70 -56.47
N HIS B 198 -8.07 -9.56 -56.44
CA HIS B 198 -7.42 -8.43 -55.78
C HIS B 198 -5.95 -8.44 -56.18
N LYS B 199 -5.35 -7.25 -56.24
CA LYS B 199 -3.92 -7.16 -56.53
C LYS B 199 -3.10 -7.82 -55.44
N ASP B 200 -3.61 -7.86 -54.22
CA ASP B 200 -2.96 -8.52 -53.09
C ASP B 200 -3.73 -9.82 -52.82
N LEU B 201 -3.07 -10.96 -53.08
CA LEU B 201 -3.71 -12.25 -52.84
C LEU B 201 -3.99 -12.49 -51.37
N ARG B 202 -3.29 -11.80 -50.47
CA ARG B 202 -3.60 -11.90 -49.05
C ARG B 202 -4.88 -11.16 -48.72
N ARG B 203 -5.00 -9.92 -49.18
CA ARG B 203 -6.23 -9.14 -48.99
C ARG B 203 -7.32 -9.55 -49.97
N ALA B 204 -7.05 -10.48 -50.88
CA ALA B 204 -8.10 -11.02 -51.74
C ALA B 204 -9.09 -11.86 -50.96
N ARG B 205 -8.64 -12.45 -49.85
CA ARG B 205 -9.50 -13.31 -49.05
C ARG B 205 -10.51 -12.46 -48.27
N ALA B 206 -11.48 -13.15 -47.66
CA ALA B 206 -12.52 -12.47 -46.90
C ALA B 206 -11.89 -11.72 -45.73
N ALA B 207 -12.16 -10.41 -45.66
CA ALA B 207 -11.52 -9.58 -44.65
C ALA B 207 -12.03 -9.90 -43.24
N ALA B 208 -13.32 -10.13 -43.10
CA ALA B 208 -13.92 -10.35 -41.78
C ALA B 208 -13.85 -11.80 -41.33
N LEU B 209 -13.42 -12.72 -42.19
CA LEU B 209 -13.40 -14.14 -41.84
C LEU B 209 -12.07 -14.61 -41.28
N ASN B 210 -11.00 -13.86 -41.49
CA ASN B 210 -9.66 -14.32 -41.10
C ASN B 210 -8.74 -13.11 -40.96
N ILE B 211 -7.47 -13.39 -40.68
CA ILE B 211 -6.45 -12.36 -40.54
C ILE B 211 -5.54 -12.43 -41.76
N VAL B 212 -5.44 -11.33 -42.49
CA VAL B 212 -4.72 -11.27 -43.76
C VAL B 212 -3.42 -10.51 -43.52
N PRO B 213 -2.25 -11.16 -43.62
CA PRO B 213 -0.97 -10.45 -43.51
C PRO B 213 -0.68 -9.67 -44.78
N THR B 214 -0.59 -8.34 -44.65
CA THR B 214 -0.30 -7.46 -45.76
C THR B 214 0.94 -6.64 -45.45
N SER B 215 1.45 -5.96 -46.48
CA SER B 215 2.66 -5.18 -46.34
C SER B 215 2.33 -3.73 -45.95
N THR B 216 3.34 -3.04 -45.45
CA THR B 216 3.20 -1.63 -45.09
C THR B 216 4.56 -0.96 -45.21
N GLY B 217 4.56 0.32 -45.56
CA GLY B 217 5.78 1.08 -45.69
C GLY B 217 5.98 2.07 -44.56
N ALA B 218 5.29 1.83 -43.44
CA ALA B 218 5.40 2.74 -42.30
C ALA B 218 6.80 2.72 -41.69
N ALA B 219 7.37 1.53 -41.54
CA ALA B 219 8.70 1.37 -40.94
C ALA B 219 9.82 1.58 -41.96
N LYS B 220 9.64 1.08 -43.18
CA LYS B 220 10.69 1.22 -44.20
C LYS B 220 10.88 2.69 -44.60
N ALA B 221 9.81 3.48 -44.55
CA ALA B 221 9.89 4.90 -44.87
C ALA B 221 9.92 5.78 -43.62
N ILE B 222 10.48 5.26 -42.52
CA ILE B 222 10.60 6.06 -41.31
C ILE B 222 11.60 7.18 -41.48
N GLY B 223 12.50 7.08 -42.46
CA GLY B 223 13.45 8.15 -42.74
C GLY B 223 12.80 9.42 -43.26
N LEU B 224 11.57 9.32 -43.78
CA LEU B 224 10.88 10.50 -44.27
C LEU B 224 10.55 11.47 -43.15
N VAL B 225 10.38 10.97 -41.93
CA VAL B 225 10.16 11.83 -40.78
C VAL B 225 11.29 11.77 -39.76
N MET B 226 12.09 10.71 -39.75
CA MET B 226 13.24 10.57 -38.85
C MET B 226 14.40 10.07 -39.69
N PRO B 227 15.18 10.98 -40.27
CA PRO B 227 16.25 10.55 -41.20
C PRO B 227 17.29 9.66 -40.54
N GLN B 228 17.49 9.77 -39.23
CA GLN B 228 18.49 8.96 -38.55
C GLN B 228 18.09 7.48 -38.49
N LEU B 229 16.81 7.17 -38.67
CA LEU B 229 16.32 5.80 -38.63
C LEU B 229 16.03 5.24 -40.01
N LYS B 230 16.49 5.90 -41.07
CA LYS B 230 16.26 5.42 -42.43
C LYS B 230 17.00 4.12 -42.67
N GLY B 231 16.26 3.09 -43.09
CA GLY B 231 16.83 1.78 -43.32
C GLY B 231 17.04 0.93 -42.08
N LYS B 232 16.75 1.46 -40.90
CA LYS B 232 16.91 0.72 -39.66
C LYS B 232 15.62 0.02 -39.21
N LEU B 233 14.49 0.31 -39.85
CA LEU B 233 13.21 -0.26 -39.46
C LEU B 233 12.54 -0.90 -40.67
N ASP B 234 11.78 -1.96 -40.40
CA ASP B 234 11.01 -2.65 -41.41
C ASP B 234 9.93 -3.47 -40.71
N GLY B 235 8.84 -3.73 -41.42
CA GLY B 235 7.75 -4.50 -40.85
C GLY B 235 6.64 -4.69 -41.85
N TYR B 236 5.57 -5.32 -41.37
CA TYR B 236 4.40 -5.62 -42.18
C TYR B 236 3.15 -5.38 -41.33
N ALA B 237 2.00 -5.78 -41.85
CA ALA B 237 0.72 -5.57 -41.18
C ALA B 237 -0.08 -6.86 -41.17
N LEU B 238 -1.06 -6.92 -40.27
CA LEU B 238 -1.93 -8.08 -40.10
C LEU B 238 -3.35 -7.58 -39.87
N ARG B 239 -4.17 -7.62 -40.92
CA ARG B 239 -5.53 -7.12 -40.86
C ARG B 239 -6.42 -8.11 -40.13
N VAL B 240 -7.01 -7.69 -39.02
CA VAL B 240 -7.82 -8.57 -38.19
C VAL B 240 -9.30 -8.21 -38.36
N PRO B 241 -10.23 -9.15 -38.11
CA PRO B 241 -11.66 -8.81 -38.20
C PRO B 241 -12.10 -7.81 -37.14
N ILE B 242 -11.71 -6.55 -37.30
CA ILE B 242 -12.11 -5.47 -36.41
C ILE B 242 -12.36 -4.23 -37.27
N PRO B 243 -13.44 -3.47 -37.01
CA PRO B 243 -13.74 -2.30 -37.85
C PRO B 243 -12.69 -1.20 -37.75
N THR B 244 -12.47 -0.66 -36.55
CA THR B 244 -11.51 0.40 -36.33
C THR B 244 -10.69 0.11 -35.10
N GLY B 245 -9.47 0.63 -35.07
CA GLY B 245 -8.58 0.39 -33.96
C GLY B 245 -7.47 -0.58 -34.32
N SER B 246 -6.22 -0.17 -34.16
CA SER B 246 -5.08 -0.99 -34.50
C SER B 246 -4.01 -0.81 -33.44
N VAL B 247 -2.97 -1.63 -33.52
CA VAL B 247 -1.89 -1.62 -32.55
C VAL B 247 -0.59 -1.98 -33.24
N THR B 248 0.51 -1.36 -32.79
CA THR B 248 1.82 -1.58 -33.35
C THR B 248 2.69 -2.31 -32.34
N ASP B 249 3.41 -3.32 -32.81
CA ASP B 249 4.29 -4.14 -31.97
C ASP B 249 5.71 -3.99 -32.52
N LEU B 250 6.45 -3.03 -31.97
CA LEU B 250 7.80 -2.71 -32.42
C LEU B 250 8.82 -3.43 -31.53
N THR B 251 9.60 -4.31 -32.14
CA THR B 251 10.71 -4.98 -31.46
C THR B 251 12.01 -4.36 -31.99
N VAL B 252 12.75 -3.71 -31.11
CA VAL B 252 13.87 -2.86 -31.50
C VAL B 252 15.07 -3.16 -30.62
N ASP B 253 16.26 -3.15 -31.23
CA ASP B 253 17.52 -3.21 -30.50
C ASP B 253 17.95 -1.79 -30.14
N LEU B 254 18.29 -1.57 -28.88
CA LEU B 254 18.66 -0.26 -28.39
C LEU B 254 20.17 -0.10 -28.33
N SER B 255 20.64 1.13 -28.56
CA SER B 255 22.06 1.40 -28.47
C SER B 255 22.56 1.25 -27.04
N THR B 256 21.77 1.70 -26.06
CA THR B 256 22.07 1.55 -24.65
C THR B 256 21.02 0.65 -24.00
N ARG B 257 21.47 -0.25 -23.13
CA ARG B 257 20.56 -1.16 -22.46
C ARG B 257 19.61 -0.38 -21.55
N ALA B 258 18.31 -0.58 -21.75
CA ALA B 258 17.29 0.09 -20.95
C ALA B 258 16.33 -0.95 -20.39
N SER B 259 15.89 -0.75 -19.16
CA SER B 259 14.97 -1.66 -18.51
C SER B 259 13.53 -1.36 -18.92
N VAL B 260 12.62 -2.25 -18.51
CA VAL B 260 11.20 -2.03 -18.77
C VAL B 260 10.71 -0.79 -18.04
N ASP B 261 11.17 -0.61 -16.80
CA ASP B 261 10.81 0.59 -16.04
C ASP B 261 11.38 1.86 -16.67
N GLU B 262 12.57 1.76 -17.26
CA GLU B 262 13.18 2.93 -17.91
C GLU B 262 12.39 3.32 -19.15
N ILE B 263 11.98 2.34 -19.95
CA ILE B 263 11.22 2.63 -21.17
C ILE B 263 9.84 3.17 -20.83
N ASN B 264 9.18 2.57 -19.83
CA ASN B 264 7.84 3.03 -19.45
C ASN B 264 7.89 4.42 -18.83
N ALA B 265 8.92 4.72 -18.04
CA ALA B 265 9.04 6.05 -17.47
C ALA B 265 9.38 7.10 -18.51
N ALA B 266 10.16 6.72 -19.53
CA ALA B 266 10.49 7.66 -20.59
C ALA B 266 9.28 7.96 -21.47
N PHE B 267 8.43 6.94 -21.70
CA PHE B 267 7.22 7.16 -22.47
C PHE B 267 6.18 7.96 -21.69
N LYS B 268 6.13 7.77 -20.37
CA LYS B 268 5.18 8.53 -19.56
C LYS B 268 5.56 10.00 -19.50
N ALA B 269 6.86 10.30 -19.39
CA ALA B 269 7.30 11.69 -19.37
C ALA B 269 7.17 12.34 -20.74
N ALA B 270 7.35 11.57 -21.81
CA ALA B 270 7.21 12.13 -23.15
C ALA B 270 5.74 12.38 -23.49
N ALA B 271 4.85 11.50 -23.04
CA ALA B 271 3.43 11.67 -23.35
C ALA B 271 2.86 12.90 -22.67
N GLU B 272 3.30 13.19 -21.44
CA GLU B 272 2.81 14.32 -20.67
C GLU B 272 3.62 15.59 -20.91
N GLY B 273 4.57 15.57 -21.84
CA GLY B 273 5.42 16.72 -22.06
C GLY B 273 5.52 17.16 -23.51
N ARG B 274 6.61 16.76 -24.17
CA ARG B 274 6.84 17.20 -25.54
C ARG B 274 5.81 16.62 -26.51
N LEU B 275 5.25 15.46 -26.19
CA LEU B 275 4.25 14.81 -27.03
C LEU B 275 2.86 14.84 -26.41
N LYS B 276 2.54 15.92 -25.70
CA LYS B 276 1.21 16.08 -25.11
C LYS B 276 0.19 16.33 -26.21
N GLY B 277 -0.80 15.45 -26.32
CA GLY B 277 -1.82 15.53 -27.34
C GLY B 277 -1.63 14.58 -28.49
N ILE B 278 -0.42 14.07 -28.70
CA ILE B 278 -0.11 13.13 -29.77
C ILE B 278 0.09 11.73 -29.23
N LEU B 279 0.91 11.58 -28.19
CA LEU B 279 1.17 10.30 -27.53
C LEU B 279 0.49 10.29 -26.18
N LYS B 280 -0.12 9.16 -25.82
CA LYS B 280 -0.83 9.02 -24.57
C LYS B 280 -0.35 7.77 -23.86
N TYR B 281 -0.17 7.87 -22.54
CA TYR B 281 0.40 6.81 -21.72
C TYR B 281 -0.72 6.05 -21.01
N TYR B 282 -0.68 4.72 -21.10
CA TYR B 282 -1.66 3.86 -20.48
C TYR B 282 -0.97 2.94 -19.47
N ASP B 283 -1.50 2.91 -18.25
CA ASP B 283 -1.08 1.96 -17.24
C ASP B 283 -2.21 1.02 -16.83
N ALA B 284 -3.35 1.08 -17.51
CA ALA B 284 -4.60 0.36 -17.32
C ALA B 284 -4.76 -0.75 -18.35
N PRO B 285 -5.32 -1.89 -17.96
CA PRO B 285 -5.51 -2.99 -18.92
C PRO B 285 -6.60 -2.70 -19.94
N ILE B 286 -6.25 -2.03 -21.03
CA ILE B 286 -7.21 -1.61 -22.02
C ILE B 286 -7.18 -2.58 -23.20
N VAL B 287 -8.21 -2.51 -24.03
CA VAL B 287 -8.31 -3.25 -25.28
C VAL B 287 -8.59 -2.25 -26.40
N SER B 288 -8.73 -2.77 -27.62
CA SER B 288 -8.95 -1.89 -28.77
C SER B 288 -10.30 -1.20 -28.71
N SER B 289 -11.28 -1.76 -28.00
CA SER B 289 -12.54 -1.06 -27.81
C SER B 289 -12.35 0.24 -27.05
N ASP B 290 -11.33 0.30 -26.20
CA ASP B 290 -10.99 1.53 -25.50
C ASP B 290 -10.18 2.49 -26.35
N ILE B 291 -9.78 2.06 -27.56
CA ILE B 291 -9.00 2.91 -28.46
C ILE B 291 -9.88 3.52 -29.55
N VAL B 292 -11.06 2.95 -29.81
CA VAL B 292 -11.96 3.52 -30.81
C VAL B 292 -12.35 4.93 -30.40
N THR B 293 -12.33 5.84 -31.37
CA THR B 293 -12.60 7.27 -31.15
C THR B 293 -11.66 7.82 -30.06
N ASP B 294 -10.38 7.82 -30.39
CA ASP B 294 -9.34 8.39 -29.53
C ASP B 294 -8.40 9.19 -30.42
N PRO B 295 -8.27 10.50 -30.21
CA PRO B 295 -7.55 11.34 -31.18
C PRO B 295 -6.03 11.19 -31.13
N HIS B 296 -5.49 10.46 -30.17
CA HIS B 296 -4.05 10.36 -30.04
C HIS B 296 -3.44 9.53 -31.16
N SER B 297 -2.23 9.91 -31.57
CA SER B 297 -1.56 9.20 -32.66
C SER B 297 -1.02 7.86 -32.21
N SER B 298 -0.56 7.76 -30.97
CA SER B 298 0.02 6.53 -30.43
C SER B 298 -0.38 6.41 -28.96
N ILE B 299 -0.96 5.25 -28.61
CA ILE B 299 -1.39 5.01 -27.24
C ILE B 299 -0.52 3.91 -26.64
N PHE B 300 0.55 4.32 -25.96
CA PHE B 300 1.54 3.39 -25.45
C PHE B 300 0.94 2.53 -24.34
N ASP B 301 1.02 1.21 -24.51
CA ASP B 301 0.50 0.25 -23.54
C ASP B 301 1.67 -0.23 -22.70
N SER B 302 1.79 0.32 -21.49
CA SER B 302 2.95 0.02 -20.63
C SER B 302 2.93 -1.41 -20.11
N GLY B 303 1.76 -2.07 -20.11
CA GLY B 303 1.68 -3.43 -19.60
C GLY B 303 2.27 -4.49 -20.50
N LEU B 304 2.35 -4.22 -21.81
CA LEU B 304 2.83 -5.20 -22.78
C LEU B 304 4.30 -4.99 -23.13
N THR B 305 5.05 -4.28 -22.29
CA THR B 305 6.46 -4.02 -22.55
C THR B 305 7.31 -5.17 -22.04
N LYS B 306 8.26 -5.62 -22.86
CA LYS B 306 9.14 -6.73 -22.50
C LYS B 306 10.56 -6.42 -22.96
N VAL B 307 11.53 -6.75 -22.11
CA VAL B 307 12.94 -6.51 -22.37
C VAL B 307 13.74 -7.70 -21.91
N ILE B 308 14.72 -8.13 -22.71
CA ILE B 308 15.63 -9.20 -22.32
C ILE B 308 16.97 -8.59 -21.94
N ASP B 309 17.86 -8.43 -22.92
CA ASP B 309 19.17 -7.83 -22.70
C ASP B 309 19.29 -6.51 -23.47
N ASP B 310 19.35 -6.56 -24.79
CA ASP B 310 19.41 -5.37 -25.62
C ASP B 310 18.21 -5.23 -26.53
N GLN B 311 17.28 -6.17 -26.48
CA GLN B 311 16.12 -6.21 -27.37
C GLN B 311 14.86 -5.88 -26.56
N ALA B 312 14.09 -4.90 -27.04
CA ALA B 312 12.91 -4.42 -26.34
C ALA B 312 11.71 -4.44 -27.28
N LYS B 313 10.58 -4.90 -26.77
CA LYS B 313 9.32 -4.91 -27.51
C LYS B 313 8.39 -3.86 -26.91
N VAL B 314 7.97 -2.91 -27.73
CA VAL B 314 7.07 -1.83 -27.32
C VAL B 314 5.75 -1.98 -28.06
N VAL B 315 4.65 -1.86 -27.34
CA VAL B 315 3.31 -2.04 -27.88
C VAL B 315 2.53 -0.74 -27.69
N SER B 316 1.93 -0.24 -28.77
CA SER B 316 1.22 1.04 -28.74
C SER B 316 -0.01 0.96 -29.63
N TRP B 317 -1.15 1.38 -29.10
CA TRP B 317 -2.41 1.38 -29.82
C TRP B 317 -2.56 2.66 -30.63
N TYR B 318 -3.49 2.61 -31.60
CA TYR B 318 -3.83 3.77 -32.41
C TYR B 318 -5.09 3.46 -33.20
N ASP B 319 -6.01 4.43 -33.25
CA ASP B 319 -7.22 4.33 -34.04
C ASP B 319 -6.91 4.77 -35.47
N ASN B 320 -6.97 3.83 -36.41
CA ASN B 320 -6.57 4.11 -37.78
C ASN B 320 -7.49 5.09 -38.49
N GLU B 321 -8.71 5.32 -37.96
CA GLU B 321 -9.64 6.26 -38.57
C GLU B 321 -9.72 7.57 -37.80
N TRP B 322 -10.13 7.51 -36.53
CA TRP B 322 -10.39 8.74 -35.78
C TRP B 322 -9.08 9.44 -35.40
N GLY B 323 -8.09 8.67 -34.95
CA GLY B 323 -6.83 9.29 -34.54
C GLY B 323 -6.08 9.92 -35.70
N TYR B 324 -6.06 9.24 -36.85
CA TYR B 324 -5.36 9.77 -38.02
C TYR B 324 -6.10 10.98 -38.59
N SER B 325 -7.42 10.98 -38.54
CA SER B 325 -8.18 12.12 -39.05
C SER B 325 -8.03 13.34 -38.16
N ASN B 326 -7.87 13.15 -36.85
CA ASN B 326 -7.59 14.28 -35.98
C ASN B 326 -6.22 14.88 -36.27
N ARG B 327 -5.26 14.05 -36.71
CA ARG B 327 -3.98 14.59 -37.14
C ARG B 327 -4.11 15.32 -38.48
N LEU B 328 -5.02 14.87 -39.34
CA LEU B 328 -5.29 15.61 -40.57
C LEU B 328 -5.95 16.95 -40.27
N VAL B 329 -6.74 17.02 -39.20
CA VAL B 329 -7.32 18.30 -38.79
C VAL B 329 -6.24 19.22 -38.22
N ASP B 330 -5.37 18.68 -37.37
CA ASP B 330 -4.29 19.48 -36.81
C ASP B 330 -3.30 19.91 -37.89
N LEU B 331 -3.07 19.08 -38.90
CA LEU B 331 -2.17 19.45 -39.98
C LEU B 331 -2.80 20.51 -40.88
N VAL B 332 -4.11 20.42 -41.09
CA VAL B 332 -4.79 21.44 -41.90
C VAL B 332 -4.81 22.78 -41.16
N THR B 333 -4.79 22.76 -39.83
CA THR B 333 -4.72 24.00 -39.07
C THR B 333 -3.32 24.60 -39.11
N LEU B 334 -2.29 23.75 -39.08
CA LEU B 334 -0.92 24.24 -39.18
C LEU B 334 -0.66 24.84 -40.56
N VAL B 335 -1.15 24.19 -41.62
CA VAL B 335 -0.98 24.72 -42.97
C VAL B 335 -1.83 25.97 -43.15
N GLY B 336 -3.04 25.97 -42.58
CA GLY B 336 -3.88 27.15 -42.66
C GLY B 336 -3.30 28.35 -41.95
N LYS B 337 -2.48 28.13 -40.93
CA LYS B 337 -1.78 29.23 -40.28
C LYS B 337 -0.72 29.85 -41.17
N SER B 338 -0.26 29.13 -42.19
CA SER B 338 0.71 29.65 -43.14
C SER B 338 0.06 30.34 -44.33
N LEU B 339 -1.26 30.25 -44.46
CA LEU B 339 -1.96 30.87 -45.58
C LEU B 339 -2.63 32.18 -45.16
N MET C 1 -3.25 -54.64 -28.58
CA MET C 1 -2.22 -53.64 -28.35
C MET C 1 -2.81 -52.23 -28.44
N THR C 2 -4.13 -52.15 -28.51
CA THR C 2 -4.81 -50.86 -28.60
C THR C 2 -4.76 -50.15 -27.24
N VAL C 3 -4.24 -48.94 -27.24
CA VAL C 3 -4.14 -48.16 -26.01
C VAL C 3 -5.52 -47.61 -25.66
N ARG C 4 -5.94 -47.84 -24.41
CA ARG C 4 -7.24 -47.40 -23.94
C ARG C 4 -7.11 -46.01 -23.35
N VAL C 5 -7.88 -45.06 -23.88
CA VAL C 5 -7.76 -43.64 -23.53
C VAL C 5 -9.06 -43.19 -22.88
N GLY C 6 -8.94 -42.35 -21.85
CA GLY C 6 -10.08 -41.74 -21.21
C GLY C 6 -9.92 -40.23 -21.13
N ILE C 7 -10.94 -39.50 -21.57
CA ILE C 7 -10.88 -38.05 -21.66
C ILE C 7 -11.55 -37.45 -20.42
N ASN C 8 -10.88 -36.49 -19.79
CA ASN C 8 -11.44 -35.72 -18.69
C ASN C 8 -11.61 -34.29 -19.17
N GLY C 9 -12.86 -33.91 -19.45
CA GLY C 9 -13.14 -32.59 -20.01
C GLY C 9 -13.38 -32.66 -21.51
N PHE C 10 -14.60 -33.02 -21.88
CA PHE C 10 -14.97 -33.20 -23.29
C PHE C 10 -15.37 -31.88 -23.94
N GLY C 11 -14.56 -30.85 -23.74
CA GLY C 11 -14.82 -29.54 -24.30
C GLY C 11 -14.29 -29.39 -25.71
N ARG C 12 -13.76 -28.21 -26.04
CA ARG C 12 -13.23 -27.99 -27.38
C ARG C 12 -12.02 -28.88 -27.64
N ILE C 13 -11.06 -28.87 -26.72
CA ILE C 13 -9.86 -29.69 -26.89
C ILE C 13 -10.21 -31.17 -26.79
N GLY C 14 -11.12 -31.51 -25.88
CA GLY C 14 -11.50 -32.91 -25.73
C GLY C 14 -12.15 -33.48 -26.98
N ARG C 15 -13.10 -32.74 -27.56
CA ARG C 15 -13.75 -33.22 -28.78
C ARG C 15 -12.83 -33.12 -29.99
N ASN C 16 -11.95 -32.12 -30.03
CA ASN C 16 -10.96 -32.06 -31.10
C ASN C 16 -9.98 -33.22 -31.01
N PHE C 17 -9.64 -33.65 -29.79
CA PHE C 17 -8.78 -34.82 -29.62
C PHE C 17 -9.47 -36.09 -30.11
N TYR C 18 -10.76 -36.23 -29.84
CA TYR C 18 -11.50 -37.39 -30.31
C TYR C 18 -11.67 -37.36 -31.82
N ARG C 19 -11.85 -36.17 -32.38
CA ARG C 19 -11.99 -36.05 -33.83
C ARG C 19 -10.66 -36.29 -34.54
N ALA C 20 -9.58 -35.76 -33.98
CA ALA C 20 -8.26 -36.01 -34.56
C ALA C 20 -7.88 -37.48 -34.45
N LEU C 21 -8.30 -38.15 -33.38
CA LEU C 21 -8.06 -39.58 -33.24
C LEU C 21 -8.86 -40.36 -34.28
N LEU C 22 -10.12 -39.97 -34.51
CA LEU C 22 -10.93 -40.65 -35.51
C LEU C 22 -10.39 -40.42 -36.92
N ALA C 23 -9.97 -39.19 -37.22
CA ALA C 23 -9.41 -38.91 -38.54
C ALA C 23 -8.07 -39.60 -38.74
N GLN C 24 -7.27 -39.74 -37.67
CA GLN C 24 -6.00 -40.44 -37.80
C GLN C 24 -6.20 -41.95 -37.91
N GLN C 25 -7.30 -42.47 -37.34
CA GLN C 25 -7.64 -43.87 -37.55
C GLN C 25 -8.06 -44.13 -38.99
N GLU C 26 -8.85 -43.22 -39.57
CA GLU C 26 -9.23 -43.35 -40.96
C GLU C 26 -8.02 -43.24 -41.88
N GLN C 27 -6.99 -42.49 -41.46
CA GLN C 27 -5.74 -42.43 -42.21
C GLN C 27 -4.83 -43.60 -41.89
N GLY C 28 -5.05 -44.29 -40.77
CA GLY C 28 -4.27 -45.45 -40.41
C GLY C 28 -3.08 -45.19 -39.52
N THR C 29 -2.84 -43.94 -39.12
CA THR C 29 -1.69 -43.58 -38.28
C THR C 29 -2.07 -43.44 -36.82
N ALA C 30 -3.04 -44.22 -36.34
CA ALA C 30 -3.47 -44.15 -34.96
C ALA C 30 -3.88 -45.54 -34.48
N ASP C 31 -3.56 -45.84 -33.23
CA ASP C 31 -3.92 -47.12 -32.62
C ASP C 31 -4.67 -46.98 -31.29
N VAL C 32 -4.61 -45.82 -30.63
CA VAL C 32 -5.30 -45.65 -29.36
C VAL C 32 -6.80 -45.56 -29.60
N GLU C 33 -7.58 -45.94 -28.60
CA GLU C 33 -9.03 -45.91 -28.66
C GLU C 33 -9.58 -45.29 -27.38
N VAL C 34 -10.46 -44.30 -27.54
CA VAL C 34 -11.08 -43.63 -26.39
C VAL C 34 -12.26 -44.46 -25.92
N VAL C 35 -12.33 -44.71 -24.62
CA VAL C 35 -13.39 -45.52 -24.05
C VAL C 35 -14.26 -44.77 -23.05
N ALA C 36 -13.83 -43.61 -22.55
CA ALA C 36 -14.61 -42.90 -21.55
C ALA C 36 -14.39 -41.39 -21.71
N ALA C 37 -15.39 -40.62 -21.30
CA ALA C 37 -15.33 -39.17 -21.34
C ALA C 37 -16.14 -38.61 -20.17
N ASN C 38 -15.57 -37.62 -19.49
CA ASN C 38 -16.18 -37.03 -18.30
C ASN C 38 -16.29 -35.53 -18.47
N ASP C 39 -17.45 -34.98 -18.09
CA ASP C 39 -17.70 -33.56 -18.19
C ASP C 39 -18.58 -33.15 -17.01
N ILE C 40 -19.25 -32.00 -17.13
CA ILE C 40 -20.18 -31.53 -16.12
C ILE C 40 -21.58 -31.46 -16.73
N THR C 41 -21.88 -32.42 -17.60
CA THR C 41 -23.15 -32.43 -18.31
C THR C 41 -23.54 -33.86 -18.62
N ASP C 42 -24.80 -34.05 -19.01
CA ASP C 42 -25.30 -35.37 -19.37
C ASP C 42 -24.68 -35.84 -20.68
N ASN C 43 -24.95 -37.10 -21.03
CA ASN C 43 -24.41 -37.67 -22.26
C ASN C 43 -25.11 -37.16 -23.51
N SER C 44 -26.36 -36.69 -23.40
CA SER C 44 -27.05 -36.18 -24.57
C SER C 44 -26.43 -34.88 -25.07
N THR C 45 -26.04 -34.00 -24.14
CA THR C 45 -25.39 -32.75 -24.54
C THR C 45 -23.99 -33.02 -25.10
N LEU C 46 -23.27 -33.97 -24.52
CA LEU C 46 -21.96 -34.33 -25.04
C LEU C 46 -22.06 -34.95 -26.42
N ALA C 47 -23.06 -35.79 -26.65
CA ALA C 47 -23.24 -36.40 -27.96
C ALA C 47 -23.66 -35.37 -29.00
N HIS C 48 -24.44 -34.36 -28.59
CA HIS C 48 -24.85 -33.32 -29.53
C HIS C 48 -23.68 -32.40 -29.88
N LEU C 49 -22.88 -32.02 -28.90
CA LEU C 49 -21.72 -31.17 -29.15
C LEU C 49 -20.64 -31.88 -29.95
N LEU C 50 -20.60 -33.22 -29.90
CA LEU C 50 -19.64 -33.97 -30.70
C LEU C 50 -20.09 -34.10 -32.14
N LYS C 51 -21.39 -34.34 -32.35
CA LYS C 51 -21.90 -34.50 -33.72
C LYS C 51 -21.86 -33.19 -34.48
N PHE C 52 -22.37 -32.11 -33.87
CA PHE C 52 -22.48 -30.81 -34.52
C PHE C 52 -21.41 -29.88 -33.97
N ASP C 53 -20.52 -29.43 -34.84
CA ASP C 53 -19.44 -28.53 -34.47
C ASP C 53 -19.50 -27.29 -35.36
N SER C 54 -19.27 -26.12 -34.77
CA SER C 54 -19.34 -24.88 -35.52
C SER C 54 -18.14 -24.69 -36.43
N ILE C 55 -17.00 -25.28 -36.09
CA ILE C 55 -15.76 -25.11 -36.85
C ILE C 55 -15.52 -26.28 -37.79
N LEU C 56 -15.63 -27.51 -37.27
CA LEU C 56 -15.35 -28.70 -38.06
C LEU C 56 -16.59 -29.30 -38.69
N GLY C 57 -17.75 -28.66 -38.54
CA GLY C 57 -18.95 -29.18 -39.18
C GLY C 57 -19.50 -30.42 -38.48
N ARG C 58 -20.22 -31.21 -39.24
CA ARG C 58 -20.86 -32.42 -38.72
C ARG C 58 -19.91 -33.61 -38.82
N LEU C 59 -20.12 -34.57 -37.93
CA LEU C 59 -19.29 -35.77 -37.91
C LEU C 59 -19.76 -36.74 -39.00
N PRO C 60 -18.85 -37.31 -39.80
CA PRO C 60 -19.29 -38.24 -40.84
C PRO C 60 -19.91 -39.52 -40.31
N CYS C 61 -19.62 -39.89 -39.07
CA CYS C 61 -20.20 -41.06 -38.45
C CYS C 61 -21.52 -40.71 -37.77
N ASP C 62 -22.41 -41.69 -37.68
CA ASP C 62 -23.65 -41.50 -36.96
C ASP C 62 -23.37 -41.45 -35.46
N VAL C 63 -24.13 -40.63 -34.74
CA VAL C 63 -23.96 -40.49 -33.29
C VAL C 63 -25.29 -40.78 -32.62
N GLY C 64 -25.27 -41.67 -31.62
CA GLY C 64 -26.46 -42.02 -30.87
C GLY C 64 -26.22 -41.94 -29.38
N LEU C 65 -27.29 -42.13 -28.62
CA LEU C 65 -27.23 -42.06 -27.17
C LEU C 65 -28.08 -43.17 -26.57
N GLU C 66 -27.86 -43.41 -25.28
CA GLU C 66 -28.62 -44.42 -24.54
C GLU C 66 -29.09 -43.85 -23.21
N GLY C 67 -28.42 -44.23 -22.12
CA GLY C 67 -28.72 -43.71 -20.81
C GLY C 67 -27.46 -43.40 -20.04
N ASP C 68 -26.37 -44.07 -20.39
CA ASP C 68 -25.07 -43.86 -19.77
C ASP C 68 -23.90 -43.97 -20.73
N ASP C 69 -24.11 -44.33 -21.99
CA ASP C 69 -23.04 -44.46 -22.97
C ASP C 69 -23.46 -43.79 -24.27
N THR C 70 -22.50 -43.12 -24.90
CA THR C 70 -22.71 -42.51 -26.21
C THR C 70 -22.11 -43.41 -27.27
N ILE C 71 -22.88 -43.69 -28.31
CA ILE C 71 -22.45 -44.55 -29.41
C ILE C 71 -22.17 -43.66 -30.61
N VAL C 72 -20.91 -43.62 -31.06
CA VAL C 72 -20.59 -43.00 -32.33
C VAL C 72 -21.04 -44.01 -33.38
N VAL C 73 -20.10 -44.55 -34.17
CA VAL C 73 -20.44 -45.50 -35.23
C VAL C 73 -19.62 -46.77 -34.99
N GLY C 74 -20.33 -47.87 -34.73
CA GLY C 74 -19.69 -49.13 -34.41
C GLY C 74 -18.73 -49.01 -33.24
N ARG C 75 -18.89 -47.95 -32.46
CA ARG C 75 -18.00 -47.63 -31.35
C ARG C 75 -18.84 -47.16 -30.17
N ALA C 76 -18.45 -47.58 -28.97
CA ALA C 76 -19.15 -47.24 -27.74
C ALA C 76 -18.18 -46.54 -26.81
N LYS C 77 -18.59 -45.39 -26.29
CA LYS C 77 -17.80 -44.62 -25.34
C LYS C 77 -18.62 -44.46 -24.07
N ILE C 78 -18.11 -44.99 -22.96
CA ILE C 78 -18.80 -44.90 -21.68
C ILE C 78 -18.80 -43.43 -21.26
N LYS C 79 -20.00 -42.83 -21.21
CA LYS C 79 -20.14 -41.41 -20.87
C LYS C 79 -20.16 -41.22 -19.35
N ALA C 80 -19.09 -41.67 -18.70
CA ALA C 80 -18.93 -41.48 -17.27
C ALA C 80 -18.72 -40.00 -16.95
N LEU C 81 -19.79 -39.21 -17.06
CA LEU C 81 -19.70 -37.77 -16.92
C LEU C 81 -20.21 -37.26 -15.57
N ALA C 82 -20.93 -38.07 -14.81
CA ALA C 82 -21.49 -37.61 -13.54
C ALA C 82 -20.40 -37.24 -12.54
N VAL C 83 -19.17 -37.72 -12.72
CA VAL C 83 -18.07 -37.45 -11.80
C VAL C 83 -17.68 -35.98 -11.90
N ARG C 84 -18.37 -35.14 -11.13
CA ARG C 84 -18.09 -33.71 -11.09
C ARG C 84 -17.13 -33.33 -9.97
N GLU C 85 -16.63 -34.30 -9.20
CA GLU C 85 -15.71 -34.02 -8.11
C GLU C 85 -14.27 -33.97 -8.61
N GLY C 86 -13.34 -34.40 -7.77
CA GLY C 86 -11.94 -34.43 -8.16
C GLY C 86 -11.66 -35.49 -9.19
N PRO C 87 -10.47 -35.44 -9.81
CA PRO C 87 -10.12 -36.45 -10.82
C PRO C 87 -9.96 -37.84 -10.25
N ALA C 88 -9.70 -37.98 -8.95
CA ALA C 88 -9.57 -39.31 -8.34
C ALA C 88 -10.91 -40.03 -8.25
N ALA C 89 -12.03 -39.29 -8.30
CA ALA C 89 -13.33 -39.93 -8.19
C ALA C 89 -13.74 -40.67 -9.45
N LEU C 90 -13.10 -40.37 -10.58
CA LEU C 90 -13.45 -41.05 -11.83
C LEU C 90 -12.95 -42.49 -11.79
N PRO C 91 -13.72 -43.44 -12.31
CA PRO C 91 -13.30 -44.86 -12.30
C PRO C 91 -12.44 -45.23 -13.49
N TRP C 92 -11.22 -44.69 -13.52
CA TRP C 92 -10.30 -45.02 -14.60
C TRP C 92 -9.80 -46.46 -14.48
N GLY C 93 -9.49 -46.91 -13.26
CA GLY C 93 -9.04 -48.28 -13.08
C GLY C 93 -10.15 -49.29 -13.27
N ASP C 94 -11.38 -48.93 -12.86
CA ASP C 94 -12.50 -49.82 -13.06
C ASP C 94 -12.85 -49.97 -14.54
N LEU C 95 -12.71 -48.88 -15.31
CA LEU C 95 -12.96 -48.93 -16.74
C LEU C 95 -11.76 -49.43 -17.54
N GLY C 96 -10.62 -49.67 -16.89
CA GLY C 96 -9.44 -50.14 -17.59
C GLY C 96 -8.80 -49.11 -18.49
N VAL C 97 -8.79 -47.85 -18.07
CA VAL C 97 -8.23 -46.77 -18.89
C VAL C 97 -6.72 -46.73 -18.69
N ASP C 98 -5.97 -46.74 -19.80
CA ASP C 98 -4.52 -46.69 -19.73
C ASP C 98 -4.02 -45.26 -19.60
N VAL C 99 -4.32 -44.42 -20.58
CA VAL C 99 -3.88 -43.03 -20.61
C VAL C 99 -5.10 -42.13 -20.43
N VAL C 100 -4.94 -41.10 -19.59
CA VAL C 100 -6.01 -40.15 -19.31
C VAL C 100 -5.58 -38.78 -19.85
N VAL C 101 -6.42 -38.21 -20.70
CA VAL C 101 -6.17 -36.90 -21.30
C VAL C 101 -6.91 -35.86 -20.48
N GLU C 102 -6.17 -35.10 -19.68
CA GLU C 102 -6.76 -34.05 -18.84
C GLU C 102 -6.99 -32.80 -19.70
N SER C 103 -8.26 -32.48 -19.93
CA SER C 103 -8.59 -31.32 -20.77
C SER C 103 -9.69 -30.45 -20.16
N THR C 104 -9.85 -30.47 -18.83
CA THR C 104 -10.82 -29.61 -18.19
C THR C 104 -10.31 -28.18 -18.03
N GLY C 105 -9.00 -28.02 -17.80
CA GLY C 105 -8.42 -26.72 -17.55
C GLY C 105 -8.32 -26.35 -16.08
N LEU C 106 -8.99 -27.08 -15.20
CA LEU C 106 -8.92 -26.83 -13.77
C LEU C 106 -7.98 -27.77 -13.02
N PHE C 107 -7.47 -28.81 -13.70
CA PHE C 107 -6.57 -29.76 -13.06
C PHE C 107 -5.20 -29.73 -13.73
N THR C 108 -4.64 -28.54 -13.90
CA THR C 108 -3.32 -28.42 -14.52
C THR C 108 -2.19 -28.75 -13.55
N ASN C 109 -2.42 -28.54 -12.25
CA ASN C 109 -1.40 -28.86 -11.26
C ASN C 109 -1.27 -30.37 -11.12
N ALA C 110 -0.02 -30.86 -11.18
CA ALA C 110 0.22 -32.29 -11.08
C ALA C 110 -0.15 -32.85 -9.72
N ALA C 111 -0.18 -32.00 -8.68
CA ALA C 111 -0.63 -32.46 -7.36
C ALA C 111 -2.08 -32.93 -7.43
N LYS C 112 -2.94 -32.16 -8.09
CA LYS C 112 -4.33 -32.58 -8.26
C LYS C 112 -4.47 -33.57 -9.42
N ALA C 113 -3.68 -33.39 -10.48
CA ALA C 113 -3.74 -34.28 -11.63
C ALA C 113 -3.32 -35.70 -11.30
N LYS C 114 -2.60 -35.89 -10.18
CA LYS C 114 -2.22 -37.23 -9.75
C LYS C 114 -3.41 -38.09 -9.33
N GLY C 115 -4.60 -37.48 -9.17
CA GLY C 115 -5.78 -38.25 -8.83
C GLY C 115 -6.16 -39.25 -9.90
N HIS C 116 -5.86 -38.94 -11.16
CA HIS C 116 -6.09 -39.91 -12.23
C HIS C 116 -5.28 -41.18 -12.00
N LEU C 117 -3.99 -41.03 -11.67
CA LEU C 117 -3.16 -42.19 -11.39
C LEU C 117 -3.67 -42.95 -10.18
N ASP C 118 -4.08 -42.23 -9.12
CA ASP C 118 -4.67 -42.88 -7.96
C ASP C 118 -5.98 -43.58 -8.31
N ALA C 119 -6.70 -43.06 -9.30
CA ALA C 119 -7.96 -43.66 -9.72
C ALA C 119 -7.77 -44.89 -10.61
N GLY C 120 -6.54 -45.20 -11.01
CA GLY C 120 -6.29 -46.40 -11.78
C GLY C 120 -5.72 -46.16 -13.15
N ALA C 121 -5.27 -44.94 -13.43
CA ALA C 121 -4.70 -44.61 -14.72
C ALA C 121 -3.21 -44.88 -14.72
N LYS C 122 -2.68 -45.28 -15.88
CA LYS C 122 -1.26 -45.57 -15.98
C LYS C 122 -0.45 -44.31 -16.30
N LYS C 123 -0.96 -43.47 -17.19
CA LYS C 123 -0.29 -42.24 -17.58
C LYS C 123 -1.30 -41.13 -17.76
N VAL C 124 -0.91 -39.92 -17.41
CA VAL C 124 -1.76 -38.74 -17.48
C VAL C 124 -1.09 -37.73 -18.41
N ILE C 125 -1.85 -37.23 -19.38
CA ILE C 125 -1.38 -36.22 -20.32
C ILE C 125 -2.22 -34.98 -20.12
N ILE C 126 -1.59 -33.91 -19.63
CA ILE C 126 -2.26 -32.64 -19.42
C ILE C 126 -2.19 -31.82 -20.70
N SER C 127 -3.34 -31.38 -21.19
CA SER C 127 -3.44 -30.59 -22.42
C SER C 127 -3.17 -29.10 -22.20
N ALA C 128 -2.30 -28.76 -21.26
CA ALA C 128 -1.98 -27.38 -20.94
C ALA C 128 -0.68 -27.34 -20.16
N PRO C 129 0.00 -26.19 -20.11
CA PRO C 129 1.17 -26.08 -19.24
C PRO C 129 0.81 -26.41 -17.80
N ALA C 130 1.61 -27.30 -17.19
CA ALA C 130 1.32 -27.86 -15.88
C ALA C 130 2.27 -27.28 -14.84
N THR C 131 2.07 -27.70 -13.59
CA THR C 131 2.93 -27.34 -12.47
C THR C 131 3.36 -28.61 -11.77
N ASP C 132 4.66 -28.72 -11.49
CA ASP C 132 5.24 -29.89 -10.81
C ASP C 132 5.00 -31.18 -11.59
N GLU C 133 4.88 -31.07 -12.91
CA GLU C 133 4.67 -32.25 -13.74
C GLU C 133 5.96 -33.04 -13.90
N ASP C 134 5.82 -34.29 -14.35
CA ASP C 134 6.99 -35.15 -14.54
C ASP C 134 7.85 -34.68 -15.69
N ILE C 135 7.22 -34.22 -16.78
CA ILE C 135 7.96 -33.78 -17.96
C ILE C 135 7.02 -32.94 -18.80
N THR C 136 7.58 -31.93 -19.48
CA THR C 136 6.87 -31.12 -20.45
C THR C 136 7.44 -31.43 -21.83
N ILE C 137 6.58 -31.93 -22.73
CA ILE C 137 7.01 -32.48 -24.01
C ILE C 137 6.37 -31.69 -25.13
N VAL C 138 7.16 -31.34 -26.13
CA VAL C 138 6.68 -30.81 -27.40
C VAL C 138 7.13 -31.77 -28.49
N LEU C 139 6.17 -32.40 -29.15
CA LEU C 139 6.48 -33.41 -30.16
C LEU C 139 7.32 -32.81 -31.29
N GLY C 140 8.44 -33.46 -31.60
CA GLY C 140 9.37 -32.98 -32.59
C GLY C 140 10.50 -32.13 -32.04
N VAL C 141 10.49 -31.83 -30.75
CA VAL C 141 11.54 -31.02 -30.14
C VAL C 141 12.28 -31.84 -29.09
N ASN C 142 11.60 -32.17 -27.99
CA ASN C 142 12.20 -32.96 -26.91
C ASN C 142 11.40 -34.23 -26.65
N ASP C 143 10.78 -34.79 -27.70
CA ASP C 143 10.01 -36.02 -27.54
C ASP C 143 10.88 -37.21 -27.15
N ASP C 144 12.18 -37.16 -27.47
CA ASP C 144 13.09 -38.25 -27.10
C ASP C 144 13.39 -38.27 -25.60
N LYS C 145 13.17 -37.15 -24.90
CA LYS C 145 13.45 -37.08 -23.47
C LYS C 145 12.43 -37.84 -22.63
N TYR C 146 11.46 -38.51 -23.25
CA TYR C 146 10.46 -39.28 -22.54
C TYR C 146 10.88 -40.75 -22.51
N ASP C 147 11.14 -41.28 -21.32
CA ASP C 147 11.38 -42.69 -21.12
C ASP C 147 10.14 -43.32 -20.48
N GLY C 148 10.30 -44.49 -19.88
CA GLY C 148 9.21 -45.13 -19.18
C GLY C 148 8.95 -44.63 -17.78
N SER C 149 9.75 -43.69 -17.29
CA SER C 149 9.67 -43.22 -15.91
C SER C 149 8.96 -41.88 -15.80
N GLN C 150 7.82 -41.74 -16.48
CA GLN C 150 7.00 -40.55 -16.37
C GLN C 150 5.53 -40.94 -16.39
N ASN C 151 4.76 -40.40 -15.45
CA ASN C 151 3.33 -40.66 -15.34
C ASN C 151 2.49 -39.40 -15.45
N ILE C 152 2.95 -38.28 -14.91
CA ILE C 152 2.22 -37.01 -14.98
C ILE C 152 2.89 -36.21 -16.11
N ILE C 153 2.40 -36.45 -17.33
CA ILE C 153 2.99 -35.88 -18.53
C ILE C 153 2.18 -34.67 -18.95
N SER C 154 2.85 -33.70 -19.57
CA SER C 154 2.21 -32.50 -20.08
C SER C 154 2.65 -32.25 -21.52
N ASN C 155 1.82 -31.53 -22.26
CA ASN C 155 2.04 -31.32 -23.69
C ASN C 155 2.14 -29.85 -24.07
N ALA C 156 2.27 -28.95 -23.08
CA ALA C 156 2.46 -27.52 -23.31
C ALA C 156 1.26 -26.87 -23.99
N SER C 157 1.39 -25.60 -24.36
CA SER C 157 0.29 -24.82 -24.92
C SER C 157 0.24 -24.94 -26.43
N CYS C 158 -0.88 -24.49 -27.00
CA CYS C 158 -1.01 -24.43 -28.46
C CYS C 158 0.05 -23.52 -29.06
N THR C 159 0.34 -22.39 -28.40
CA THR C 159 1.37 -21.49 -28.89
C THR C 159 2.76 -22.11 -28.77
N THR C 160 3.00 -22.91 -27.74
CA THR C 160 4.32 -23.51 -27.55
C THR C 160 4.63 -24.52 -28.66
N ASN C 161 3.64 -25.30 -29.08
CA ASN C 161 3.85 -26.28 -30.14
C ASN C 161 4.15 -25.62 -31.49
N CYS C 162 3.96 -24.31 -31.60
CA CYS C 162 4.33 -23.57 -32.81
C CYS C 162 5.64 -22.81 -32.64
N LEU C 163 5.88 -22.23 -31.46
CA LEU C 163 7.11 -21.48 -31.24
C LEU C 163 8.32 -22.41 -31.16
N ALA C 164 8.16 -23.57 -30.54
CA ALA C 164 9.29 -24.46 -30.31
C ALA C 164 9.94 -24.94 -31.60
N PRO C 165 9.21 -25.38 -32.63
CA PRO C 165 9.91 -25.75 -33.88
C PRO C 165 10.58 -24.57 -34.57
N LEU C 166 9.98 -23.39 -34.50
CA LEU C 166 10.58 -22.22 -35.13
C LEU C 166 11.89 -21.83 -34.44
N ALA C 167 11.89 -21.81 -33.11
CA ALA C 167 13.10 -21.45 -32.38
C ALA C 167 14.15 -22.55 -32.46
N LYS C 168 13.73 -23.81 -32.61
CA LYS C 168 14.69 -24.89 -32.73
C LYS C 168 15.45 -24.83 -34.04
N VAL C 169 14.76 -24.53 -35.14
CA VAL C 169 15.42 -24.41 -36.43
C VAL C 169 16.33 -23.20 -36.46
N LEU C 170 15.88 -22.08 -35.89
CA LEU C 170 16.70 -20.87 -35.88
C LEU C 170 17.95 -21.04 -35.03
N ASP C 171 17.86 -21.80 -33.95
CA ASP C 171 19.01 -21.98 -33.07
C ASP C 171 19.98 -23.03 -33.62
N ASP C 172 19.44 -24.12 -34.19
CA ASP C 172 20.31 -25.17 -34.71
C ASP C 172 21.03 -24.73 -35.97
N GLU C 173 20.48 -23.78 -36.72
CA GLU C 173 21.07 -23.34 -37.98
C GLU C 173 21.81 -22.02 -37.86
N PHE C 174 21.30 -21.08 -37.08
CA PHE C 174 21.91 -19.76 -36.96
C PHE C 174 22.27 -19.35 -35.54
N GLY C 175 21.70 -20.00 -34.53
CA GLY C 175 21.96 -19.63 -33.16
C GLY C 175 21.08 -18.48 -32.69
N ILE C 176 20.45 -18.65 -31.53
CA ILE C 176 19.54 -17.65 -30.97
C ILE C 176 20.19 -17.04 -29.73
N VAL C 177 20.40 -15.74 -29.76
CA VAL C 177 20.86 -15.01 -28.59
C VAL C 177 19.70 -14.60 -27.69
N LYS C 178 18.69 -13.95 -28.26
CA LYS C 178 17.51 -13.55 -27.52
C LYS C 178 16.40 -13.25 -28.52
N GLY C 179 15.17 -13.32 -28.05
CA GLY C 179 14.02 -13.05 -28.91
C GLY C 179 12.81 -12.67 -28.12
N LEU C 180 11.89 -11.97 -28.80
CA LEU C 180 10.62 -11.56 -28.22
C LEU C 180 9.49 -11.94 -29.15
N MET C 181 8.34 -12.27 -28.56
CA MET C 181 7.25 -12.91 -29.28
C MET C 181 5.95 -12.11 -29.14
N THR C 182 5.15 -12.15 -30.21
CA THR C 182 3.75 -11.71 -30.16
C THR C 182 2.94 -12.73 -30.95
N THR C 183 2.18 -13.56 -30.24
CA THR C 183 1.32 -14.55 -30.89
C THR C 183 -0.09 -13.99 -31.03
N ILE C 184 -0.54 -13.87 -32.28
CA ILE C 184 -1.90 -13.42 -32.57
C ILE C 184 -2.80 -14.65 -32.54
N HIS C 185 -3.61 -14.75 -31.50
CA HIS C 185 -4.33 -15.98 -31.18
C HIS C 185 -5.82 -15.80 -31.42
N ALA C 186 -6.48 -16.92 -31.68
CA ALA C 186 -7.94 -16.98 -31.72
C ALA C 186 -8.50 -16.92 -30.30
N TYR C 187 -9.73 -16.44 -30.19
CA TYR C 187 -10.34 -16.37 -28.87
C TYR C 187 -10.71 -17.77 -28.39
N THR C 188 -10.67 -17.95 -27.07
CA THR C 188 -10.94 -19.24 -26.45
C THR C 188 -12.10 -19.11 -25.48
N GLN C 189 -12.54 -20.25 -24.96
CA GLN C 189 -13.77 -20.29 -24.15
C GLN C 189 -13.61 -19.53 -22.85
N ASP C 190 -12.39 -19.41 -22.33
CA ASP C 190 -12.18 -18.72 -21.05
C ASP C 190 -12.42 -17.22 -21.14
N GLN C 191 -12.74 -16.69 -22.31
CA GLN C 191 -13.05 -15.27 -22.48
C GLN C 191 -14.56 -15.04 -22.43
N ASN C 192 -14.93 -13.81 -22.10
CA ASN C 192 -16.33 -13.44 -21.98
C ASN C 192 -16.87 -12.96 -23.32
N LEU C 193 -18.14 -13.25 -23.58
CA LEU C 193 -18.75 -12.81 -24.83
C LEU C 193 -19.06 -11.31 -24.78
N GLN C 194 -19.53 -10.82 -23.64
CA GLN C 194 -19.71 -9.40 -23.40
C GLN C 194 -18.83 -8.96 -22.24
N ASP C 195 -18.83 -7.66 -21.96
CA ASP C 195 -18.02 -7.11 -20.88
C ASP C 195 -18.56 -7.60 -19.54
N GLY C 196 -17.82 -8.50 -18.90
CA GLY C 196 -18.20 -9.05 -17.63
C GLY C 196 -17.02 -9.25 -16.70
N PRO C 197 -17.30 -9.65 -15.46
CA PRO C 197 -16.21 -9.88 -14.51
C PRO C 197 -15.31 -11.02 -14.95
N HIS C 198 -14.02 -10.90 -14.63
CA HIS C 198 -13.02 -11.88 -15.01
C HIS C 198 -11.75 -11.59 -14.21
N LYS C 199 -11.01 -12.66 -13.90
CA LYS C 199 -9.73 -12.50 -13.21
C LYS C 199 -8.74 -11.72 -14.06
N ASP C 200 -8.87 -11.80 -15.39
CA ASP C 200 -8.07 -11.02 -16.32
C ASP C 200 -8.94 -9.88 -16.85
N LEU C 201 -8.58 -8.65 -16.49
CA LEU C 201 -9.36 -7.50 -16.95
C LEU C 201 -9.24 -7.30 -18.45
N ARG C 202 -8.21 -7.85 -19.09
CA ARG C 202 -8.12 -7.80 -20.54
C ARG C 202 -9.09 -8.78 -21.20
N ARG C 203 -9.06 -10.04 -20.76
CA ARG C 203 -9.99 -11.04 -21.27
C ARG C 203 -11.41 -10.83 -20.74
N ALA C 204 -11.61 -9.87 -19.84
CA ALA C 204 -12.95 -9.58 -19.34
C ALA C 204 -13.83 -8.94 -20.41
N ARG C 205 -13.21 -8.29 -21.39
CA ARG C 205 -13.94 -7.56 -22.41
C ARG C 205 -14.56 -8.53 -23.42
N ALA C 206 -15.36 -7.97 -24.33
CA ALA C 206 -16.01 -8.78 -25.36
C ALA C 206 -14.97 -9.36 -26.29
N ALA C 207 -14.97 -10.70 -26.42
CA ALA C 207 -13.91 -11.37 -27.17
C ALA C 207 -14.04 -11.12 -28.67
N ALA C 208 -15.27 -11.10 -29.18
CA ALA C 208 -15.50 -10.94 -30.61
C ALA C 208 -15.55 -9.48 -31.06
N LEU C 209 -15.59 -8.53 -30.12
CA LEU C 209 -15.75 -7.12 -30.45
C LEU C 209 -14.43 -6.33 -30.44
N ASN C 210 -13.35 -6.91 -29.91
CA ASN C 210 -12.07 -6.21 -29.86
C ASN C 210 -10.96 -7.24 -29.79
N ILE C 211 -9.72 -6.75 -29.67
CA ILE C 211 -8.54 -7.60 -29.49
C ILE C 211 -8.06 -7.43 -28.06
N VAL C 212 -7.95 -8.55 -27.34
CA VAL C 212 -7.59 -8.55 -25.93
C VAL C 212 -6.13 -8.99 -25.83
N PRO C 213 -5.21 -8.13 -25.39
CA PRO C 213 -3.83 -8.55 -25.14
C PRO C 213 -3.74 -9.28 -23.81
N THR C 214 -3.31 -10.54 -23.85
CA THR C 214 -3.14 -11.35 -22.66
C THR C 214 -1.72 -11.89 -22.60
N SER C 215 -1.36 -12.44 -21.44
CA SER C 215 -0.02 -12.97 -21.23
C SER C 215 0.05 -14.44 -21.60
N THR C 216 1.26 -14.92 -21.84
CA THR C 216 1.51 -16.32 -22.14
C THR C 216 2.90 -16.69 -21.68
N GLY C 217 3.08 -17.97 -21.35
CA GLY C 217 4.36 -18.47 -20.91
C GLY C 217 5.01 -19.39 -21.92
N ALA C 218 4.55 -19.33 -23.17
CA ALA C 218 5.12 -20.18 -24.21
C ALA C 218 6.59 -19.88 -24.43
N ALA C 219 6.94 -18.59 -24.54
CA ALA C 219 8.33 -18.21 -24.73
C ALA C 219 9.10 -18.18 -23.42
N LYS C 220 8.44 -17.76 -22.33
CA LYS C 220 9.11 -17.69 -21.05
C LYS C 220 9.50 -19.07 -20.52
N ALA C 221 8.72 -20.10 -20.87
CA ALA C 221 9.00 -21.46 -20.46
C ALA C 221 9.50 -22.31 -21.63
N ILE C 222 10.16 -21.69 -22.60
CA ILE C 222 10.72 -22.43 -23.72
C ILE C 222 11.87 -23.32 -23.29
N GLY C 223 12.49 -23.03 -22.14
CA GLY C 223 13.56 -23.86 -21.63
C GLY C 223 13.11 -25.23 -21.15
N LEU C 224 11.81 -25.41 -20.93
CA LEU C 224 11.29 -26.72 -20.53
C LEU C 224 11.46 -27.75 -21.63
N VAL C 225 11.47 -27.30 -22.89
CA VAL C 225 11.68 -28.20 -24.02
C VAL C 225 12.96 -27.90 -24.79
N MET C 226 13.51 -26.68 -24.68
CA MET C 226 14.79 -26.33 -25.29
C MET C 226 15.63 -25.64 -24.22
N PRO C 227 16.39 -26.40 -23.44
CA PRO C 227 17.18 -25.80 -22.35
C PRO C 227 18.22 -24.81 -22.83
N GLN C 228 18.70 -24.92 -24.08
CA GLN C 228 19.68 -23.97 -24.59
C GLN C 228 19.06 -22.60 -24.84
N LEU C 229 17.73 -22.50 -24.89
CA LEU C 229 17.04 -21.24 -25.09
C LEU C 229 16.31 -20.77 -23.82
N LYS C 230 16.66 -21.34 -22.67
CA LYS C 230 16.02 -20.96 -21.42
C LYS C 230 16.37 -19.53 -21.06
N GLY C 231 15.35 -18.73 -20.74
CA GLY C 231 15.54 -17.33 -20.42
C GLY C 231 15.90 -16.45 -21.59
N LYS C 232 16.00 -17.01 -22.81
CA LYS C 232 16.32 -16.23 -23.99
C LYS C 232 15.09 -15.68 -24.70
N LEU C 233 13.90 -16.15 -24.35
CA LEU C 233 12.68 -15.76 -25.04
C LEU C 233 11.64 -15.25 -24.04
N ASP C 234 10.73 -14.41 -24.53
CA ASP C 234 9.63 -13.87 -23.76
C ASP C 234 8.64 -13.26 -24.74
N GLY C 235 7.39 -13.16 -24.31
CA GLY C 235 6.37 -12.60 -25.17
C GLY C 235 5.01 -12.64 -24.52
N TYR C 236 4.01 -12.23 -25.30
CA TYR C 236 2.63 -12.16 -24.85
C TYR C 236 1.73 -12.59 -26.01
N ALA C 237 0.41 -12.46 -25.81
CA ALA C 237 -0.56 -12.88 -26.80
C ALA C 237 -1.57 -11.76 -27.06
N LEU C 238 -2.24 -11.85 -28.21
CA LEU C 238 -3.26 -10.88 -28.60
C LEU C 238 -4.41 -11.64 -29.26
N ARG C 239 -5.50 -11.82 -28.52
CA ARG C 239 -6.65 -12.57 -29.00
C ARG C 239 -7.44 -11.73 -30.00
N VAL C 240 -7.81 -12.33 -31.13
CA VAL C 240 -8.50 -11.60 -32.19
C VAL C 240 -9.82 -12.30 -32.52
N PRO C 241 -10.78 -11.58 -33.13
CA PRO C 241 -12.06 -12.19 -33.47
C PRO C 241 -11.97 -13.31 -34.50
N ILE C 242 -11.40 -14.44 -34.11
CA ILE C 242 -11.34 -15.63 -34.95
C ILE C 242 -11.65 -16.84 -34.08
N PRO C 243 -12.50 -17.76 -34.52
CA PRO C 243 -12.85 -18.93 -33.67
C PRO C 243 -11.66 -19.84 -33.41
N THR C 244 -11.03 -20.34 -34.47
CA THR C 244 -9.86 -21.20 -34.35
C THR C 244 -8.82 -20.77 -35.37
N GLY C 245 -7.55 -20.90 -35.00
CA GLY C 245 -6.46 -20.50 -35.86
C GLY C 245 -5.68 -19.34 -35.30
N SER C 246 -4.36 -19.50 -35.18
CA SER C 246 -3.51 -18.49 -34.58
C SER C 246 -2.20 -18.41 -35.37
N VAL C 247 -1.38 -17.42 -35.02
CA VAL C 247 -0.11 -17.19 -35.70
C VAL C 247 0.89 -16.63 -34.70
N THR C 248 2.14 -17.02 -34.85
CA THR C 248 3.23 -16.55 -33.99
C THR C 248 4.17 -15.66 -34.78
N ASP C 249 4.59 -14.55 -34.17
CA ASP C 249 5.49 -13.59 -34.80
C ASP C 249 6.69 -13.41 -33.86
N LEU C 250 7.78 -14.10 -34.16
CA LEU C 250 8.98 -14.08 -33.33
C LEU C 250 10.04 -13.19 -33.95
N THR C 251 10.39 -12.11 -33.25
CA THR C 251 11.51 -11.26 -33.63
C THR C 251 12.69 -11.64 -32.73
N VAL C 252 13.74 -12.18 -33.33
CA VAL C 252 14.83 -12.80 -32.59
C VAL C 252 16.17 -12.30 -33.13
N ASP C 253 17.09 -12.01 -32.21
CA ASP C 253 18.46 -11.68 -32.59
C ASP C 253 19.26 -12.97 -32.76
N LEU C 254 19.93 -13.11 -33.89
CA LEU C 254 20.64 -14.32 -34.24
C LEU C 254 22.13 -14.21 -33.89
N SER C 255 22.73 -15.35 -33.59
CA SER C 255 24.17 -15.37 -33.30
C SER C 255 24.99 -15.10 -34.56
N THR C 256 24.51 -15.53 -35.71
CA THR C 256 25.17 -15.30 -37.00
C THR C 256 24.23 -14.56 -37.92
N ARG C 257 24.77 -13.59 -38.64
CA ARG C 257 23.96 -12.80 -39.58
C ARG C 257 23.51 -13.68 -40.73
N ALA C 258 22.20 -13.82 -40.90
CA ALA C 258 21.62 -14.67 -41.92
C ALA C 258 20.76 -13.85 -42.87
N SER C 259 20.59 -14.36 -44.07
CA SER C 259 19.76 -13.72 -45.08
C SER C 259 18.34 -14.29 -45.03
N VAL C 260 17.43 -13.63 -45.76
CA VAL C 260 16.06 -14.11 -45.84
C VAL C 260 16.00 -15.48 -46.50
N ASP C 261 16.74 -15.65 -47.61
CA ASP C 261 16.76 -16.94 -48.30
C ASP C 261 17.39 -18.02 -47.44
N GLU C 262 18.39 -17.67 -46.62
CA GLU C 262 19.01 -18.66 -45.74
C GLU C 262 18.01 -19.18 -44.71
N ILE C 263 17.21 -18.27 -44.12
CA ILE C 263 16.24 -18.69 -43.12
C ILE C 263 15.12 -19.50 -43.75
N ASN C 264 14.68 -19.09 -44.94
CA ASN C 264 13.61 -19.83 -45.62
C ASN C 264 14.08 -21.22 -46.04
N ALA C 265 15.30 -21.31 -46.55
CA ALA C 265 15.83 -22.61 -46.97
C ALA C 265 16.10 -23.52 -45.78
N ALA C 266 16.47 -22.95 -44.64
CA ALA C 266 16.68 -23.77 -43.44
C ALA C 266 15.37 -24.30 -42.91
N PHE C 267 14.31 -23.48 -42.91
CA PHE C 267 13.01 -23.95 -42.48
C PHE C 267 12.41 -24.93 -43.48
N LYS C 268 12.66 -24.72 -44.77
CA LYS C 268 12.18 -25.64 -45.79
C LYS C 268 12.84 -27.01 -45.64
N ALA C 269 14.15 -27.03 -45.36
CA ALA C 269 14.84 -28.30 -45.17
C ALA C 269 14.33 -29.03 -43.94
N ALA C 270 14.02 -28.29 -42.86
CA ALA C 270 13.49 -28.92 -41.67
C ALA C 270 12.09 -29.46 -41.90
N ALA C 271 11.25 -28.71 -42.63
CA ALA C 271 9.89 -29.16 -42.89
C ALA C 271 9.86 -30.38 -43.78
N GLU C 272 10.85 -30.54 -44.67
CA GLU C 272 10.94 -31.69 -45.54
C GLU C 272 11.82 -32.80 -44.97
N GLY C 273 12.32 -32.64 -43.75
CA GLY C 273 13.23 -33.61 -43.19
C GLY C 273 12.93 -34.01 -41.76
N ARG C 274 13.69 -33.47 -40.80
CA ARG C 274 13.56 -33.89 -39.41
C ARG C 274 12.25 -33.47 -38.77
N LEU C 275 11.54 -32.52 -39.37
CA LEU C 275 10.28 -32.04 -38.82
C LEU C 275 9.12 -32.28 -39.79
N LYS C 276 9.22 -33.33 -40.60
CA LYS C 276 8.15 -33.66 -41.53
C LYS C 276 6.92 -34.14 -40.76
N GLY C 277 5.83 -33.40 -40.87
CA GLY C 277 4.62 -33.67 -40.13
C GLY C 277 4.37 -32.74 -38.96
N ILE C 278 5.41 -32.08 -38.46
CA ILE C 278 5.28 -31.11 -37.37
C ILE C 278 5.41 -29.68 -37.88
N LEU C 279 6.37 -29.44 -38.78
CA LEU C 279 6.56 -28.14 -39.40
C LEU C 279 6.22 -28.25 -40.88
N LYS C 280 5.49 -27.25 -41.40
CA LYS C 280 5.09 -27.22 -42.79
C LYS C 280 5.57 -25.92 -43.43
N TYR C 281 6.04 -26.01 -44.66
CA TYR C 281 6.61 -24.88 -45.39
C TYR C 281 5.61 -24.37 -46.41
N TYR C 282 5.41 -23.05 -46.43
CA TYR C 282 4.46 -22.42 -47.34
C TYR C 282 5.17 -21.30 -48.10
N ASP C 283 5.20 -21.41 -49.42
CA ASP C 283 5.70 -20.35 -50.29
C ASP C 283 4.57 -19.59 -50.98
N ALA C 284 3.33 -19.79 -50.53
CA ALA C 284 2.16 -19.17 -51.12
C ALA C 284 1.58 -18.11 -50.19
N PRO C 285 0.93 -17.07 -50.73
CA PRO C 285 0.30 -16.06 -49.88
C PRO C 285 -0.92 -16.59 -49.15
N ILE C 286 -0.70 -17.36 -48.09
CA ILE C 286 -1.79 -18.02 -47.37
C ILE C 286 -2.34 -17.09 -46.29
N VAL C 287 -3.49 -17.45 -45.73
CA VAL C 287 -4.13 -16.74 -44.64
C VAL C 287 -4.57 -17.75 -43.59
N SER C 288 -5.13 -17.25 -42.49
CA SER C 288 -5.50 -18.14 -41.39
C SER C 288 -6.68 -19.04 -41.75
N SER C 289 -7.53 -18.62 -42.70
CA SER C 289 -8.58 -19.50 -43.17
C SER C 289 -8.02 -20.81 -43.72
N ASP C 290 -6.85 -20.74 -44.35
CA ASP C 290 -6.17 -21.93 -44.85
C ASP C 290 -5.53 -22.75 -43.74
N ILE C 291 -5.45 -22.21 -42.52
CA ILE C 291 -4.85 -22.91 -41.40
C ILE C 291 -5.90 -23.64 -40.55
N VAL C 292 -7.18 -23.29 -40.69
CA VAL C 292 -8.22 -23.97 -39.94
C VAL C 292 -8.23 -25.45 -40.30
N THR C 293 -8.32 -26.30 -39.28
CA THR C 293 -8.31 -27.75 -39.44
C THR C 293 -7.07 -28.23 -40.18
N ASP C 294 -5.92 -27.71 -39.78
CA ASP C 294 -4.62 -28.15 -40.29
C ASP C 294 -3.87 -28.86 -39.18
N PRO C 295 -3.45 -30.11 -39.37
CA PRO C 295 -2.88 -30.88 -38.26
C PRO C 295 -1.47 -30.48 -37.86
N HIS C 296 -0.83 -29.58 -38.60
CA HIS C 296 0.55 -29.22 -38.29
C HIS C 296 0.60 -28.32 -37.06
N SER C 297 1.68 -28.48 -36.28
CA SER C 297 1.83 -27.71 -35.06
C SER C 297 2.48 -26.35 -35.30
N SER C 298 3.27 -26.23 -36.37
CA SER C 298 3.91 -24.97 -36.74
C SER C 298 3.92 -24.86 -38.25
N ILE C 299 3.27 -23.83 -38.78
CA ILE C 299 3.16 -23.64 -40.22
C ILE C 299 3.96 -22.41 -40.63
N PHE C 300 5.22 -22.61 -41.03
CA PHE C 300 6.11 -21.51 -41.32
C PHE C 300 5.72 -20.83 -42.63
N ASP C 301 5.50 -19.52 -42.57
CA ASP C 301 5.18 -18.70 -43.73
C ASP C 301 6.47 -18.05 -44.21
N SER C 302 7.03 -18.57 -45.30
CA SER C 302 8.28 -18.05 -45.81
C SER C 302 8.15 -16.66 -46.43
N GLY C 303 6.94 -16.27 -46.82
CA GLY C 303 6.76 -14.97 -47.46
C GLY C 303 6.81 -13.81 -46.48
N LEU C 304 6.52 -14.06 -45.21
CA LEU C 304 6.51 -13.03 -44.19
C LEU C 304 7.84 -12.90 -43.46
N THR C 305 8.90 -13.51 -43.99
CA THR C 305 10.20 -13.46 -43.34
C THR C 305 10.93 -12.16 -43.67
N LYS C 306 11.51 -11.55 -42.64
CA LYS C 306 12.29 -10.33 -42.79
C LYS C 306 13.51 -10.42 -41.90
N VAL C 307 14.59 -9.76 -42.30
CA VAL C 307 15.82 -9.75 -41.52
C VAL C 307 16.51 -8.40 -41.70
N ILE C 308 17.13 -7.94 -40.62
CA ILE C 308 17.94 -6.72 -40.63
C ILE C 308 19.21 -7.04 -39.85
N ASP C 309 20.34 -7.10 -40.54
CA ASP C 309 21.60 -7.58 -39.96
C ASP C 309 21.40 -8.98 -39.39
N ASP C 310 21.39 -9.09 -38.06
CA ASP C 310 21.16 -10.36 -37.39
C ASP C 310 19.76 -10.49 -36.80
N GLN C 311 18.98 -9.41 -36.81
CA GLN C 311 17.64 -9.43 -36.25
C GLN C 311 16.65 -9.89 -37.32
N ALA C 312 15.98 -11.01 -37.06
CA ALA C 312 15.05 -11.61 -38.02
C ALA C 312 13.67 -11.75 -37.39
N LYS C 313 12.65 -11.57 -38.22
CA LYS C 313 11.26 -11.75 -37.82
C LYS C 313 10.69 -12.95 -38.57
N VAL C 314 10.24 -13.95 -37.81
CA VAL C 314 9.72 -15.19 -38.37
C VAL C 314 8.25 -15.30 -38.01
N VAL C 315 7.42 -15.64 -39.00
CA VAL C 315 5.98 -15.75 -38.84
C VAL C 315 5.55 -17.17 -39.15
N SER C 316 4.83 -17.79 -38.23
CA SER C 316 4.41 -19.18 -38.39
C SER C 316 2.99 -19.35 -37.88
N TRP C 317 2.15 -19.99 -38.69
CA TRP C 317 0.74 -20.23 -38.37
C TRP C 317 0.58 -21.56 -37.64
N TYR C 318 -0.59 -21.73 -37.02
CA TYR C 318 -0.94 -22.96 -36.33
C TYR C 318 -2.39 -22.89 -35.90
N ASP C 319 -3.10 -24.01 -36.04
CA ASP C 319 -4.47 -24.12 -35.55
C ASP C 319 -4.42 -24.53 -34.08
N ASN C 320 -4.83 -23.62 -33.20
CA ASN C 320 -4.72 -23.85 -31.76
C ASN C 320 -5.63 -24.99 -31.29
N GLU C 321 -6.62 -25.38 -32.09
CA GLU C 321 -7.54 -26.45 -31.72
C GLU C 321 -7.20 -27.76 -32.40
N TRP C 322 -7.21 -27.80 -33.73
CA TRP C 322 -7.03 -29.05 -34.46
C TRP C 322 -5.58 -29.51 -34.47
N GLY C 323 -4.65 -28.59 -34.75
CA GLY C 323 -3.25 -28.97 -34.80
C GLY C 323 -2.72 -29.42 -33.45
N TYR C 324 -3.13 -28.76 -32.38
CA TYR C 324 -2.69 -29.14 -31.04
C TYR C 324 -3.26 -30.50 -30.64
N SER C 325 -4.50 -30.79 -31.04
CA SER C 325 -5.11 -32.07 -30.67
C SER C 325 -4.46 -33.22 -31.42
N ASN C 326 -4.07 -32.99 -32.68
CA ASN C 326 -3.34 -34.02 -33.41
C ASN C 326 -2.00 -34.32 -32.74
N ARG C 327 -1.37 -33.31 -32.15
CA ARG C 327 -0.16 -33.55 -31.37
C ARG C 327 -0.46 -34.32 -30.09
N LEU C 328 -1.64 -34.10 -29.50
CA LEU C 328 -2.03 -34.87 -28.33
C LEU C 328 -2.29 -36.33 -28.69
N VAL C 329 -2.81 -36.58 -29.89
CA VAL C 329 -3.00 -37.96 -30.33
C VAL C 329 -1.65 -38.64 -30.56
N ASP C 330 -0.72 -37.93 -31.21
CA ASP C 330 0.61 -38.50 -31.43
C ASP C 330 1.33 -38.72 -30.10
N LEU C 331 1.11 -37.85 -29.12
CA LEU C 331 1.74 -38.02 -27.82
C LEU C 331 1.14 -39.22 -27.09
N VAL C 332 -0.16 -39.45 -27.24
CA VAL C 332 -0.79 -40.61 -26.61
C VAL C 332 -0.28 -41.89 -27.23
N THR C 333 -0.05 -41.88 -28.54
CA THR C 333 0.51 -43.06 -29.20
C THR C 333 1.96 -43.29 -28.80
N LEU C 334 2.71 -42.21 -28.53
CA LEU C 334 4.09 -42.36 -28.08
C LEU C 334 4.14 -42.92 -26.66
N VAL C 335 3.25 -42.44 -25.78
CA VAL C 335 3.19 -42.97 -24.42
C VAL C 335 2.74 -44.42 -24.44
N GLY C 336 1.80 -44.76 -25.32
CA GLY C 336 1.36 -46.14 -25.44
C GLY C 336 2.43 -47.07 -25.94
N LYS C 337 3.38 -46.56 -26.72
CA LYS C 337 4.47 -47.37 -27.23
C LYS C 337 5.44 -47.80 -26.13
N SER C 338 5.44 -47.10 -25.00
CA SER C 338 6.29 -47.46 -23.87
C SER C 338 5.64 -48.51 -22.99
N LEU C 339 4.42 -48.27 -22.53
CA LEU C 339 3.71 -49.23 -21.69
C LEU C 339 2.64 -49.97 -22.50
N THR D 2 -19.03 -36.61 -71.45
CA THR D 2 -18.75 -35.49 -70.56
C THR D 2 -19.24 -34.17 -71.15
N VAL D 3 -20.12 -33.50 -70.42
CA VAL D 3 -20.67 -32.23 -70.87
C VAL D 3 -19.63 -31.13 -70.69
N ARG D 4 -19.35 -30.41 -71.76
CA ARG D 4 -18.37 -29.32 -71.73
C ARG D 4 -19.03 -28.08 -71.14
N VAL D 5 -18.45 -27.54 -70.07
CA VAL D 5 -19.00 -26.41 -69.35
C VAL D 5 -17.97 -25.28 -69.32
N GLY D 6 -18.43 -24.06 -69.59
CA GLY D 6 -17.60 -22.88 -69.47
C GLY D 6 -18.18 -21.88 -68.50
N ILE D 7 -17.37 -21.41 -67.55
CA ILE D 7 -17.83 -20.52 -66.50
C ILE D 7 -17.53 -19.09 -66.89
N ASN D 8 -18.53 -18.22 -66.78
CA ASN D 8 -18.37 -16.78 -66.95
C ASN D 8 -18.61 -16.15 -65.59
N GLY D 9 -17.53 -15.80 -64.90
CA GLY D 9 -17.63 -15.31 -63.54
C GLY D 9 -17.19 -16.33 -62.53
N PHE D 10 -15.87 -16.50 -62.38
CA PHE D 10 -15.30 -17.49 -61.48
C PHE D 10 -15.18 -16.95 -60.05
N GLY D 11 -16.25 -16.33 -59.56
CA GLY D 11 -16.26 -15.75 -58.23
C GLY D 11 -16.64 -16.76 -57.16
N ARG D 12 -17.42 -16.32 -56.18
CA ARG D 12 -17.84 -17.23 -55.12
C ARG D 12 -18.74 -18.32 -55.66
N ILE D 13 -19.77 -17.93 -56.43
CA ILE D 13 -20.70 -18.92 -56.99
C ILE D 13 -19.98 -19.79 -58.02
N GLY D 14 -19.12 -19.19 -58.84
CA GLY D 14 -18.42 -19.96 -59.85
C GLY D 14 -17.51 -21.02 -59.23
N ARG D 15 -16.70 -20.61 -58.25
CA ARG D 15 -15.81 -21.57 -57.59
C ARG D 15 -16.58 -22.55 -56.73
N ASN D 16 -17.72 -22.14 -56.17
CA ASN D 16 -18.57 -23.09 -55.47
C ASN D 16 -19.18 -24.11 -56.43
N PHE D 17 -19.51 -23.67 -57.65
CA PHE D 17 -20.00 -24.60 -58.65
C PHE D 17 -18.93 -25.61 -59.04
N TYR D 18 -17.69 -25.15 -59.18
CA TYR D 18 -16.60 -26.05 -59.57
C TYR D 18 -16.30 -27.04 -58.46
N ARG D 19 -16.29 -26.59 -57.20
CA ARG D 19 -16.01 -27.50 -56.10
C ARG D 19 -17.17 -28.47 -55.90
N ALA D 20 -18.41 -28.01 -56.07
CA ALA D 20 -19.54 -28.93 -56.00
C ALA D 20 -19.53 -29.93 -57.15
N LEU D 21 -19.06 -29.51 -58.32
CA LEU D 21 -18.91 -30.44 -59.44
C LEU D 21 -17.82 -31.47 -59.15
N LEU D 22 -16.72 -31.05 -58.53
CA LEU D 22 -15.65 -31.98 -58.20
C LEU D 22 -16.09 -32.97 -57.12
N ALA D 23 -16.80 -32.48 -56.10
CA ALA D 23 -17.28 -33.37 -55.05
C ALA D 23 -18.34 -34.32 -55.58
N GLN D 24 -19.17 -33.85 -56.52
CA GLN D 24 -20.20 -34.72 -57.08
C GLN D 24 -19.60 -35.74 -58.05
N GLN D 25 -18.48 -35.40 -58.69
CA GLN D 25 -17.77 -36.37 -59.50
C GLN D 25 -17.12 -37.45 -58.64
N GLU D 26 -16.65 -37.07 -57.45
CA GLU D 26 -16.12 -38.06 -56.52
C GLU D 26 -17.22 -38.98 -55.99
N GLN D 27 -18.44 -38.45 -55.87
CA GLN D 27 -19.57 -39.29 -55.45
C GLN D 27 -20.07 -40.19 -56.57
N GLY D 28 -19.77 -39.86 -57.82
CA GLY D 28 -20.13 -40.68 -58.95
C GLY D 28 -21.37 -40.24 -59.70
N THR D 29 -22.08 -39.22 -59.21
CA THR D 29 -23.31 -38.75 -59.83
C THR D 29 -23.10 -37.45 -60.60
N ALA D 30 -22.03 -37.37 -61.38
CA ALA D 30 -21.73 -36.18 -62.16
C ALA D 30 -20.90 -36.56 -63.38
N ASP D 31 -21.12 -35.87 -64.49
CA ASP D 31 -20.40 -36.13 -65.73
C ASP D 31 -19.85 -34.87 -66.40
N VAL D 32 -20.35 -33.68 -66.05
CA VAL D 32 -19.89 -32.47 -66.72
C VAL D 32 -18.43 -32.17 -66.35
N GLU D 33 -17.76 -31.44 -67.23
CA GLU D 33 -16.37 -31.06 -67.02
C GLU D 33 -16.20 -29.61 -67.43
N VAL D 34 -15.56 -28.82 -66.57
CA VAL D 34 -15.33 -27.41 -66.83
C VAL D 34 -14.07 -27.26 -67.68
N VAL D 35 -14.18 -26.51 -68.76
CA VAL D 35 -13.06 -26.31 -69.67
C VAL D 35 -12.58 -24.87 -69.74
N ALA D 36 -13.37 -23.89 -69.29
CA ALA D 36 -12.98 -22.50 -69.38
C ALA D 36 -13.54 -21.72 -68.20
N ALA D 37 -12.94 -20.56 -67.94
CA ALA D 37 -13.38 -19.68 -66.86
C ALA D 37 -12.99 -18.25 -67.20
N ASN D 38 -13.92 -17.32 -67.00
CA ASN D 38 -13.75 -15.91 -67.35
C ASN D 38 -14.01 -15.07 -66.10
N ASP D 39 -13.08 -14.14 -65.77
CA ASP D 39 -13.21 -13.50 -64.46
C ASP D 39 -12.49 -12.17 -64.31
N ILE D 40 -12.07 -11.50 -65.39
CA ILE D 40 -11.51 -10.15 -65.30
C ILE D 40 -10.32 -10.10 -64.35
N THR D 41 -9.57 -11.20 -64.28
CA THR D 41 -8.33 -11.26 -63.52
C THR D 41 -7.49 -12.39 -64.11
N ASP D 42 -6.18 -12.35 -63.82
CA ASP D 42 -5.29 -13.31 -64.43
C ASP D 42 -5.57 -14.72 -63.92
N ASN D 43 -4.95 -15.70 -64.58
CA ASN D 43 -5.12 -17.09 -64.17
C ASN D 43 -4.46 -17.39 -62.83
N SER D 44 -3.47 -16.60 -62.43
CA SER D 44 -2.81 -16.83 -61.14
C SER D 44 -3.75 -16.53 -59.98
N THR D 45 -4.49 -15.42 -60.06
CA THR D 45 -5.43 -15.08 -59.00
C THR D 45 -6.59 -16.07 -58.97
N LEU D 46 -7.05 -16.52 -60.15
CA LEU D 46 -8.13 -17.50 -60.19
C LEU D 46 -7.69 -18.83 -59.62
N ALA D 47 -6.44 -19.25 -59.90
CA ALA D 47 -5.95 -20.51 -59.38
C ALA D 47 -5.76 -20.44 -57.86
N HIS D 48 -5.30 -19.29 -57.35
CA HIS D 48 -5.12 -19.16 -55.92
C HIS D 48 -6.45 -19.07 -55.19
N LEU D 49 -7.41 -18.32 -55.75
CA LEU D 49 -8.73 -18.22 -55.15
C LEU D 49 -9.48 -19.56 -55.20
N LEU D 50 -9.14 -20.42 -56.15
CA LEU D 50 -9.77 -21.74 -56.23
C LEU D 50 -9.11 -22.74 -55.28
N LYS D 51 -7.80 -22.63 -55.08
CA LYS D 51 -7.11 -23.55 -54.19
C LYS D 51 -7.41 -23.24 -52.73
N PHE D 52 -7.43 -21.96 -52.37
CA PHE D 52 -7.63 -21.52 -50.99
C PHE D 52 -8.95 -20.77 -50.88
N ASP D 53 -9.87 -21.31 -50.08
CA ASP D 53 -11.18 -20.71 -49.87
C ASP D 53 -11.37 -20.45 -48.38
N SER D 54 -11.92 -19.28 -48.05
CA SER D 54 -12.14 -18.94 -46.65
C SER D 54 -13.28 -19.73 -46.03
N ILE D 55 -14.21 -20.23 -46.84
CA ILE D 55 -15.35 -21.00 -46.36
C ILE D 55 -15.16 -22.48 -46.61
N LEU D 56 -14.77 -22.85 -47.83
CA LEU D 56 -14.62 -24.25 -48.22
C LEU D 56 -13.23 -24.81 -47.92
N GLY D 57 -12.35 -24.00 -47.33
CA GLY D 57 -11.02 -24.49 -46.99
C GLY D 57 -10.15 -24.68 -48.21
N ARG D 58 -9.14 -25.53 -48.04
CA ARG D 58 -8.20 -25.84 -49.11
C ARG D 58 -8.80 -26.86 -50.07
N LEU D 59 -8.35 -26.81 -51.32
CA LEU D 59 -8.78 -27.80 -52.28
C LEU D 59 -7.95 -29.06 -52.14
N PRO D 60 -8.57 -30.24 -52.08
CA PRO D 60 -7.77 -31.48 -51.92
C PRO D 60 -6.84 -31.75 -53.09
N CYS D 61 -7.18 -31.27 -54.28
CA CYS D 61 -6.32 -31.45 -55.44
C CYS D 61 -5.28 -30.34 -55.48
N ASP D 62 -4.14 -30.66 -56.09
CA ASP D 62 -3.09 -29.66 -56.28
C ASP D 62 -3.49 -28.72 -57.40
N VAL D 63 -3.12 -27.44 -57.26
CA VAL D 63 -3.49 -26.41 -58.22
C VAL D 63 -2.21 -25.74 -58.71
N GLY D 64 -2.01 -25.75 -60.04
CA GLY D 64 -0.88 -25.09 -60.66
C GLY D 64 -1.33 -24.16 -61.76
N LEU D 65 -0.38 -23.42 -62.31
CA LEU D 65 -0.64 -22.45 -63.36
C LEU D 65 0.41 -22.59 -64.46
N GLU D 66 0.15 -21.92 -65.58
CA GLU D 66 1.05 -21.95 -66.72
C GLU D 66 1.22 -20.55 -67.30
N GLY D 67 0.50 -20.25 -68.38
CA GLY D 67 0.54 -18.94 -68.98
C GLY D 67 -0.84 -18.38 -69.25
N ASP D 68 -1.78 -19.28 -69.57
CA ASP D 68 -3.17 -18.90 -69.78
C ASP D 68 -4.15 -19.95 -69.26
N ASP D 69 -3.67 -21.07 -68.73
CA ASP D 69 -4.52 -22.12 -68.21
C ASP D 69 -4.09 -22.46 -66.80
N THR D 70 -5.06 -22.88 -65.98
CA THR D 70 -4.81 -23.34 -64.63
C THR D 70 -5.00 -24.84 -64.56
N ILE D 71 -4.07 -25.52 -63.90
CA ILE D 71 -4.07 -26.97 -63.80
C ILE D 71 -4.66 -27.37 -62.46
N VAL D 72 -5.69 -28.23 -62.50
CA VAL D 72 -6.10 -28.96 -61.31
C VAL D 72 -5.08 -30.07 -61.09
N VAL D 73 -5.54 -31.32 -61.04
CA VAL D 73 -4.65 -32.48 -60.94
C VAL D 73 -5.02 -33.39 -62.09
N GLY D 74 -4.12 -33.51 -63.07
CA GLY D 74 -4.43 -34.18 -64.30
C GLY D 74 -5.44 -33.46 -65.18
N ARG D 75 -6.07 -32.41 -64.69
CA ARG D 75 -7.03 -31.64 -65.47
C ARG D 75 -6.51 -30.23 -65.69
N ALA D 76 -6.58 -29.76 -66.93
CA ALA D 76 -6.17 -28.40 -67.26
C ALA D 76 -7.39 -27.62 -67.74
N LYS D 77 -7.60 -26.45 -67.15
CA LYS D 77 -8.74 -25.59 -67.48
C LYS D 77 -8.20 -24.30 -68.08
N ILE D 78 -8.58 -24.03 -69.33
CA ILE D 78 -8.14 -22.81 -70.01
C ILE D 78 -8.81 -21.62 -69.32
N LYS D 79 -8.01 -20.78 -68.66
CA LYS D 79 -8.54 -19.62 -67.94
C LYS D 79 -8.81 -18.50 -68.94
N ALA D 80 -9.84 -18.70 -69.75
CA ALA D 80 -10.25 -17.70 -70.73
C ALA D 80 -10.88 -16.50 -70.04
N LEU D 81 -10.10 -15.79 -69.23
CA LEU D 81 -10.59 -14.68 -68.42
C LEU D 81 -10.35 -13.33 -69.07
N ALA D 82 -9.56 -13.27 -70.14
CA ALA D 82 -9.24 -11.99 -70.77
C ALA D 82 -10.46 -11.34 -71.42
N VAL D 83 -11.52 -12.09 -71.71
CA VAL D 83 -12.71 -11.56 -72.34
C VAL D 83 -13.41 -10.59 -71.38
N ARG D 84 -12.96 -9.34 -71.38
CA ARG D 84 -13.55 -8.31 -70.53
C ARG D 84 -14.72 -7.60 -71.18
N GLU D 85 -15.03 -7.91 -72.44
CA GLU D 85 -16.16 -7.30 -73.13
C GLU D 85 -17.43 -8.08 -72.84
N GLY D 86 -18.37 -8.06 -73.78
CA GLY D 86 -19.61 -8.80 -73.64
C GLY D 86 -19.39 -10.29 -73.74
N PRO D 87 -20.42 -11.07 -73.39
CA PRO D 87 -20.29 -12.53 -73.49
C PRO D 87 -20.18 -13.04 -74.92
N ALA D 88 -20.56 -12.24 -75.91
CA ALA D 88 -20.43 -12.67 -77.30
C ALA D 88 -18.98 -12.65 -77.77
N ALA D 89 -18.09 -11.98 -77.03
CA ALA D 89 -16.68 -11.94 -77.39
C ALA D 89 -15.89 -13.13 -76.85
N LEU D 90 -16.45 -13.87 -75.90
CA LEU D 90 -15.76 -15.02 -75.36
C LEU D 90 -15.74 -16.15 -76.39
N PRO D 91 -14.62 -16.86 -76.54
CA PRO D 91 -14.53 -17.93 -77.55
C PRO D 91 -15.02 -19.28 -77.03
N TRP D 92 -16.33 -19.40 -76.85
CA TRP D 92 -16.90 -20.66 -76.41
C TRP D 92 -16.89 -21.69 -77.53
N GLY D 93 -17.07 -21.26 -78.78
CA GLY D 93 -17.08 -22.20 -79.89
C GLY D 93 -15.70 -22.78 -80.18
N ASP D 94 -14.66 -21.96 -80.05
CA ASP D 94 -13.31 -22.46 -80.27
C ASP D 94 -12.92 -23.50 -79.24
N LEU D 95 -13.29 -23.28 -77.98
CA LEU D 95 -12.99 -24.21 -76.91
C LEU D 95 -13.94 -25.40 -76.88
N GLY D 96 -15.03 -25.36 -77.63
CA GLY D 96 -15.97 -26.46 -77.63
C GLY D 96 -16.84 -26.56 -76.40
N VAL D 97 -17.21 -25.42 -75.81
CA VAL D 97 -18.05 -25.42 -74.61
C VAL D 97 -19.51 -25.54 -75.02
N ASP D 98 -20.22 -26.48 -74.40
CA ASP D 98 -21.63 -26.71 -74.70
C ASP D 98 -22.53 -25.82 -73.85
N VAL D 99 -22.43 -25.95 -72.53
CA VAL D 99 -23.24 -25.18 -71.58
C VAL D 99 -22.35 -24.15 -70.91
N VAL D 100 -22.86 -22.93 -70.79
CA VAL D 100 -22.13 -21.83 -70.15
C VAL D 100 -22.87 -21.43 -68.88
N VAL D 101 -22.14 -21.39 -67.77
CA VAL D 101 -22.69 -21.00 -66.48
C VAL D 101 -22.36 -19.52 -66.28
N GLU D 102 -23.36 -18.67 -66.48
CA GLU D 102 -23.18 -17.23 -66.29
C GLU D 102 -23.21 -16.90 -64.81
N SER D 103 -22.07 -16.43 -64.28
CA SER D 103 -21.97 -16.17 -62.84
C SER D 103 -21.33 -14.82 -62.53
N THR D 104 -21.34 -13.88 -63.48
CA THR D 104 -20.79 -12.56 -63.21
C THR D 104 -21.79 -11.69 -62.46
N GLY D 105 -23.08 -11.88 -62.70
CA GLY D 105 -24.11 -11.06 -62.11
C GLY D 105 -24.50 -9.84 -62.92
N LEU D 106 -23.75 -9.51 -63.97
CA LEU D 106 -24.04 -8.35 -64.81
C LEU D 106 -24.72 -8.71 -66.11
N PHE D 107 -24.88 -9.99 -66.42
CA PHE D 107 -25.51 -10.44 -67.65
C PHE D 107 -26.74 -11.30 -67.36
N THR D 108 -27.54 -10.87 -66.37
CA THR D 108 -28.74 -11.62 -66.04
C THR D 108 -29.85 -11.41 -67.08
N ASN D 109 -29.83 -10.28 -67.78
CA ASN D 109 -30.82 -10.04 -68.82
C ASN D 109 -30.50 -10.91 -70.04
N ALA D 110 -31.54 -11.56 -70.58
CA ALA D 110 -31.33 -12.45 -71.73
C ALA D 110 -30.89 -11.70 -72.98
N ALA D 111 -31.11 -10.39 -73.05
CA ALA D 111 -30.64 -9.63 -74.20
C ALA D 111 -29.12 -9.65 -74.28
N LYS D 112 -28.45 -9.49 -73.13
CA LYS D 112 -27.00 -9.61 -73.10
C LYS D 112 -26.56 -11.06 -72.95
N ALA D 113 -27.33 -11.86 -72.20
CA ALA D 113 -26.97 -13.25 -71.98
C ALA D 113 -26.99 -14.07 -73.26
N LYS D 114 -27.68 -13.59 -74.30
CA LYS D 114 -27.70 -14.28 -75.58
C LYS D 114 -26.33 -14.28 -76.27
N GLY D 115 -25.38 -13.46 -75.80
CA GLY D 115 -24.06 -13.45 -76.38
C GLY D 115 -23.35 -14.78 -76.27
N HIS D 116 -23.60 -15.52 -75.19
CA HIS D 116 -23.04 -16.86 -75.05
C HIS D 116 -23.53 -17.77 -76.17
N LEU D 117 -24.83 -17.74 -76.45
CA LEU D 117 -25.38 -18.55 -77.53
C LEU D 117 -24.82 -18.12 -78.88
N ASP D 118 -24.65 -16.80 -79.08
CA ASP D 118 -24.04 -16.32 -80.31
C ASP D 118 -22.58 -16.73 -80.41
N ALA D 119 -21.89 -16.85 -79.27
CA ALA D 119 -20.48 -17.22 -79.27
C ALA D 119 -20.25 -18.70 -79.55
N GLY D 120 -21.30 -19.51 -79.60
CA GLY D 120 -21.17 -20.93 -79.89
C GLY D 120 -21.66 -21.84 -78.78
N ALA D 121 -22.18 -21.32 -77.68
CA ALA D 121 -22.66 -22.17 -76.59
C ALA D 121 -24.03 -22.73 -76.92
N LYS D 122 -24.24 -24.00 -76.56
CA LYS D 122 -25.53 -24.63 -76.82
C LYS D 122 -26.59 -24.14 -75.84
N LYS D 123 -26.26 -24.11 -74.55
CA LYS D 123 -27.19 -23.70 -73.50
C LYS D 123 -26.50 -22.73 -72.56
N VAL D 124 -27.32 -21.91 -71.90
CA VAL D 124 -26.84 -20.94 -70.92
C VAL D 124 -27.62 -21.13 -69.64
N ILE D 125 -26.91 -21.15 -68.51
CA ILE D 125 -27.50 -21.28 -67.18
C ILE D 125 -27.05 -20.08 -66.37
N ILE D 126 -27.98 -19.17 -66.09
CA ILE D 126 -27.71 -17.98 -65.29
C ILE D 126 -27.87 -18.34 -63.81
N SER D 127 -26.85 -18.01 -63.01
CA SER D 127 -26.85 -18.28 -61.57
C SER D 127 -27.62 -17.24 -60.77
N ALA D 128 -28.66 -16.65 -61.34
CA ALA D 128 -29.41 -15.59 -60.67
C ALA D 128 -30.75 -15.44 -61.38
N PRO D 129 -31.71 -14.75 -60.76
CA PRO D 129 -32.95 -14.42 -61.49
C PRO D 129 -32.66 -13.63 -62.75
N ALA D 130 -33.27 -14.04 -63.85
CA ALA D 130 -33.04 -13.44 -65.16
C ALA D 130 -34.25 -12.65 -65.62
N THR D 131 -34.07 -11.94 -66.72
CA THR D 131 -35.14 -11.17 -67.36
C THR D 131 -35.26 -11.61 -68.81
N ASP D 132 -36.49 -11.78 -69.28
CA ASP D 132 -36.78 -12.28 -70.62
C ASP D 132 -36.13 -13.64 -70.87
N GLU D 133 -35.99 -14.44 -69.81
CA GLU D 133 -35.41 -15.76 -69.95
C GLU D 133 -36.39 -16.71 -70.62
N ASP D 134 -35.85 -17.84 -71.11
CA ASP D 134 -36.70 -18.84 -71.73
C ASP D 134 -37.54 -19.57 -70.69
N ILE D 135 -36.94 -19.90 -69.54
CA ILE D 135 -37.64 -20.59 -68.47
C ILE D 135 -36.84 -20.42 -67.19
N THR D 136 -37.56 -20.25 -66.08
CA THR D 136 -36.97 -20.17 -64.74
C THR D 136 -37.28 -21.48 -64.03
N ILE D 137 -36.23 -22.25 -63.73
CA ILE D 137 -36.36 -23.60 -63.21
C ILE D 137 -35.81 -23.68 -61.80
N VAL D 138 -36.57 -24.29 -60.90
CA VAL D 138 -36.11 -24.69 -59.58
C VAL D 138 -36.18 -26.20 -59.52
N LEU D 139 -35.02 -26.85 -59.38
CA LEU D 139 -34.96 -28.30 -59.43
C LEU D 139 -35.76 -28.92 -58.29
N GLY D 140 -36.66 -29.83 -58.63
CA GLY D 140 -37.56 -30.43 -57.68
C GLY D 140 -38.94 -29.81 -57.65
N VAL D 141 -39.17 -28.74 -58.42
CA VAL D 141 -40.47 -28.07 -58.45
C VAL D 141 -41.04 -28.12 -59.86
N ASN D 142 -40.42 -27.38 -60.78
CA ASN D 142 -40.88 -27.31 -62.17
C ASN D 142 -39.80 -27.75 -63.15
N ASP D 143 -38.91 -28.64 -62.70
CA ASP D 143 -37.85 -29.13 -63.59
C ASP D 143 -38.40 -29.97 -64.74
N ASP D 144 -39.59 -30.55 -64.57
CA ASP D 144 -40.20 -31.34 -65.64
C ASP D 144 -40.69 -30.48 -66.79
N LYS D 145 -40.91 -29.19 -66.56
CA LYS D 145 -41.41 -28.28 -67.59
C LYS D 145 -40.33 -27.86 -68.58
N TYR D 146 -39.15 -28.50 -68.54
CA TYR D 146 -38.07 -28.19 -69.46
C TYR D 146 -38.01 -29.27 -70.53
N ASP D 147 -38.32 -28.89 -71.77
CA ASP D 147 -38.13 -29.78 -72.91
C ASP D 147 -36.83 -29.38 -73.61
N GLY D 148 -36.64 -29.85 -74.84
CA GLY D 148 -35.48 -29.46 -75.61
C GLY D 148 -35.56 -28.09 -76.25
N SER D 149 -36.67 -27.38 -76.07
CA SER D 149 -36.91 -26.09 -76.72
C SER D 149 -36.59 -24.92 -75.80
N GLN D 150 -35.52 -25.00 -75.02
CA GLN D 150 -35.09 -23.90 -74.17
C GLN D 150 -33.57 -23.81 -74.20
N ASN D 151 -33.05 -22.61 -74.44
CA ASN D 151 -31.61 -22.39 -74.53
C ASN D 151 -31.06 -21.52 -73.42
N ILE D 152 -31.75 -20.45 -73.06
CA ILE D 152 -31.32 -19.53 -72.01
C ILE D 152 -32.16 -19.84 -70.78
N ILE D 153 -31.59 -20.60 -69.84
CA ILE D 153 -32.28 -21.04 -68.65
C ILE D 153 -31.64 -20.39 -67.42
N SER D 154 -32.44 -20.24 -66.37
CA SER D 154 -32.00 -19.68 -65.10
C SER D 154 -32.44 -20.57 -63.95
N ASN D 155 -31.69 -20.51 -62.85
CA ASN D 155 -31.96 -21.33 -61.68
C ASN D 155 -32.49 -20.51 -60.50
N ALA D 156 -33.05 -19.33 -60.78
CA ALA D 156 -33.58 -18.43 -59.76
C ALA D 156 -32.52 -18.08 -58.72
N SER D 157 -32.94 -17.67 -57.53
CA SER D 157 -32.01 -17.23 -56.50
C SER D 157 -31.71 -18.35 -55.51
N CYS D 158 -30.74 -18.07 -54.63
CA CYS D 158 -30.45 -18.98 -53.53
C CYS D 158 -31.63 -19.07 -52.57
N THR D 159 -32.33 -17.96 -52.35
CA THR D 159 -33.48 -17.97 -51.48
C THR D 159 -34.67 -18.68 -52.12
N THR D 160 -34.85 -18.48 -53.44
CA THR D 160 -35.97 -19.12 -54.13
C THR D 160 -35.86 -20.63 -54.10
N ASN D 161 -34.64 -21.16 -54.25
CA ASN D 161 -34.44 -22.61 -54.20
C ASN D 161 -34.77 -23.20 -52.85
N CYS D 162 -34.89 -22.38 -51.80
CA CYS D 162 -35.33 -22.83 -50.49
C CYS D 162 -36.80 -22.57 -50.23
N LEU D 163 -37.33 -21.45 -50.71
CA LEU D 163 -38.74 -21.14 -50.47
C LEU D 163 -39.65 -21.99 -51.36
N ALA D 164 -39.20 -22.32 -52.57
CA ALA D 164 -40.03 -23.11 -53.47
C ALA D 164 -40.39 -24.49 -52.92
N PRO D 165 -39.46 -25.27 -52.36
CA PRO D 165 -39.88 -26.55 -51.76
C PRO D 165 -40.80 -26.37 -50.56
N LEU D 166 -40.54 -25.36 -49.74
CA LEU D 166 -41.39 -25.13 -48.58
C LEU D 166 -42.80 -24.69 -49.00
N ALA D 167 -42.89 -23.80 -49.99
CA ALA D 167 -44.20 -23.36 -50.46
C ALA D 167 -44.92 -24.45 -51.24
N LYS D 168 -44.17 -25.36 -51.87
CA LYS D 168 -44.81 -26.44 -52.61
C LYS D 168 -45.44 -27.46 -51.67
N VAL D 169 -44.73 -27.80 -50.59
CA VAL D 169 -45.28 -28.76 -49.62
C VAL D 169 -46.49 -28.18 -48.91
N LEU D 170 -46.44 -26.89 -48.57
CA LEU D 170 -47.55 -26.26 -47.87
C LEU D 170 -48.77 -26.12 -48.77
N ASP D 171 -48.57 -25.89 -50.06
CA ASP D 171 -49.69 -25.69 -50.98
C ASP D 171 -50.29 -27.03 -51.42
N ASP D 172 -49.45 -28.05 -51.63
CA ASP D 172 -49.94 -29.34 -52.07
C ASP D 172 -50.66 -30.11 -50.97
N GLU D 173 -50.34 -29.82 -49.71
CA GLU D 173 -50.93 -30.54 -48.58
C GLU D 173 -52.03 -29.77 -47.87
N PHE D 174 -51.89 -28.45 -47.74
CA PHE D 174 -52.88 -27.64 -47.03
C PHE D 174 -53.38 -26.44 -47.82
N GLY D 175 -52.71 -26.04 -48.90
CA GLY D 175 -53.13 -24.88 -49.65
C GLY D 175 -52.60 -23.58 -49.07
N ILE D 176 -52.21 -22.66 -49.94
CA ILE D 176 -51.63 -21.38 -49.53
C ILE D 176 -52.54 -20.26 -50.02
N VAL D 177 -53.13 -19.53 -49.08
CA VAL D 177 -53.90 -18.34 -49.44
C VAL D 177 -52.96 -17.19 -49.73
N LYS D 178 -52.08 -16.88 -48.78
CA LYS D 178 -51.07 -15.84 -48.94
C LYS D 178 -50.04 -16.01 -47.85
N GLY D 179 -48.86 -15.46 -48.09
CA GLY D 179 -47.76 -15.60 -47.13
C GLY D 179 -46.77 -14.46 -47.25
N LEU D 180 -46.13 -14.16 -46.12
CA LEU D 180 -45.06 -13.17 -46.07
C LEU D 180 -43.84 -13.82 -45.43
N MET D 181 -42.69 -13.65 -46.05
CA MET D 181 -41.46 -14.32 -45.66
C MET D 181 -40.39 -13.31 -45.29
N THR D 182 -39.38 -13.80 -44.57
CA THR D 182 -38.21 -12.99 -44.22
C THR D 182 -37.01 -13.92 -44.21
N THR D 183 -36.18 -13.84 -45.25
CA THR D 183 -34.97 -14.64 -45.33
C THR D 183 -33.83 -13.92 -44.62
N ILE D 184 -33.21 -14.62 -43.67
CA ILE D 184 -32.07 -14.11 -42.93
C ILE D 184 -30.83 -14.62 -43.63
N HIS D 185 -30.18 -13.75 -44.40
CA HIS D 185 -29.22 -14.16 -45.41
C HIS D 185 -27.79 -13.83 -45.01
N ALA D 186 -26.86 -14.62 -45.52
CA ALA D 186 -25.44 -14.31 -45.41
C ALA D 186 -25.10 -13.11 -46.28
N TYR D 187 -24.08 -12.36 -45.86
CA TYR D 187 -23.65 -11.24 -46.69
C TYR D 187 -22.93 -11.75 -47.93
N THR D 188 -23.08 -11.01 -49.02
CA THR D 188 -22.52 -11.38 -50.30
C THR D 188 -21.58 -10.27 -50.79
N GLN D 189 -20.93 -10.52 -51.92
CA GLN D 189 -19.88 -9.63 -52.40
C GLN D 189 -20.43 -8.25 -52.77
N ASP D 190 -21.71 -8.17 -53.14
CA ASP D 190 -22.28 -6.90 -53.58
C ASP D 190 -22.39 -5.87 -52.47
N GLN D 191 -22.12 -6.24 -51.22
CA GLN D 191 -22.19 -5.30 -50.11
C GLN D 191 -20.81 -4.69 -49.86
N ASN D 192 -20.81 -3.56 -49.15
CA ASN D 192 -19.58 -2.86 -48.82
C ASN D 192 -19.03 -3.35 -47.48
N LEU D 193 -17.70 -3.33 -47.37
CA LEU D 193 -17.07 -3.71 -46.11
C LEU D 193 -17.16 -2.59 -45.08
N GLN D 194 -16.83 -1.37 -45.49
CA GLN D 194 -17.04 -0.17 -44.69
C GLN D 194 -18.19 0.65 -45.27
N ASP D 195 -18.49 1.75 -44.60
CA ASP D 195 -19.54 2.66 -45.07
C ASP D 195 -19.05 3.37 -46.33
N GLY D 196 -19.59 2.97 -47.48
CA GLY D 196 -19.21 3.57 -48.73
C GLY D 196 -20.40 3.71 -49.67
N PRO D 197 -20.21 4.44 -50.78
CA PRO D 197 -21.31 4.61 -51.73
C PRO D 197 -21.74 3.28 -52.33
N HIS D 198 -23.04 3.19 -52.64
CA HIS D 198 -23.65 1.98 -53.17
C HIS D 198 -25.02 2.33 -53.73
N LYS D 199 -25.44 1.56 -54.74
CA LYS D 199 -26.77 1.76 -55.31
C LYS D 199 -27.86 1.57 -54.25
N ASP D 200 -27.64 0.63 -53.33
CA ASP D 200 -28.55 0.39 -52.22
C ASP D 200 -27.96 1.03 -50.97
N LEU D 201 -28.63 2.05 -50.44
CA LEU D 201 -28.15 2.71 -49.23
C LEU D 201 -28.18 1.79 -48.02
N ARG D 202 -29.03 0.76 -48.03
CA ARG D 202 -29.00 -0.23 -46.95
C ARG D 202 -27.75 -1.09 -47.04
N ARG D 203 -27.46 -1.63 -48.23
CA ARG D 203 -26.25 -2.40 -48.45
C ARG D 203 -25.01 -1.52 -48.58
N ALA D 204 -25.16 -0.19 -48.50
CA ALA D 204 -24.01 0.69 -48.47
C ALA D 204 -23.29 0.67 -47.14
N ARG D 205 -23.98 0.25 -46.08
CA ARG D 205 -23.39 0.23 -44.75
C ARG D 205 -22.46 -0.97 -44.60
N ALA D 206 -21.71 -0.98 -43.50
CA ALA D 206 -20.76 -2.06 -43.23
C ALA D 206 -21.50 -3.38 -43.08
N ALA D 207 -21.16 -4.35 -43.93
CA ALA D 207 -21.91 -5.60 -43.96
C ALA D 207 -21.63 -6.45 -42.73
N ALA D 208 -20.39 -6.45 -42.25
CA ALA D 208 -20.01 -7.28 -41.11
C ALA D 208 -20.26 -6.63 -39.76
N LEU D 209 -20.66 -5.35 -39.74
CA LEU D 209 -20.84 -4.62 -38.49
C LEU D 209 -22.30 -4.44 -38.10
N ASN D 210 -23.24 -4.77 -38.98
CA ASN D 210 -24.66 -4.61 -38.69
C ASN D 210 -25.44 -5.52 -39.64
N ILE D 211 -26.77 -5.43 -39.54
CA ILE D 211 -27.68 -6.18 -40.41
C ILE D 211 -28.31 -5.21 -41.40
N VAL D 212 -28.22 -5.54 -42.68
CA VAL D 212 -28.70 -4.68 -43.77
C VAL D 212 -30.00 -5.26 -44.30
N PRO D 213 -31.14 -4.60 -44.09
CA PRO D 213 -32.40 -5.06 -44.70
C PRO D 213 -32.45 -4.69 -46.17
N THR D 214 -32.56 -5.71 -47.03
CA THR D 214 -32.65 -5.50 -48.47
C THR D 214 -33.86 -6.23 -49.01
N SER D 215 -34.22 -5.90 -50.25
CA SER D 215 -35.37 -6.49 -50.91
C SER D 215 -34.97 -7.77 -51.65
N THR D 216 -35.96 -8.59 -51.95
CA THR D 216 -35.74 -9.81 -52.71
C THR D 216 -37.01 -10.16 -53.48
N GLY D 217 -36.81 -10.76 -54.65
CA GLY D 217 -37.94 -11.18 -55.47
C GLY D 217 -38.16 -12.68 -55.40
N ALA D 218 -37.63 -13.32 -54.37
CA ALA D 218 -37.77 -14.76 -54.23
C ALA D 218 -39.24 -15.16 -54.08
N ALA D 219 -39.96 -14.48 -53.18
CA ALA D 219 -41.37 -14.79 -52.96
C ALA D 219 -42.26 -14.11 -53.98
N LYS D 220 -41.90 -12.91 -54.44
CA LYS D 220 -42.73 -12.19 -55.40
C LYS D 220 -42.73 -12.86 -56.76
N ALA D 221 -41.63 -13.52 -57.13
CA ALA D 221 -41.53 -14.21 -58.41
C ALA D 221 -41.69 -15.72 -58.26
N ILE D 222 -42.44 -16.17 -57.25
CA ILE D 222 -42.70 -17.59 -57.09
C ILE D 222 -43.60 -18.14 -58.20
N GLY D 223 -44.31 -17.26 -58.90
CA GLY D 223 -45.15 -17.68 -60.00
C GLY D 223 -44.39 -18.21 -61.20
N LEU D 224 -43.10 -17.87 -61.31
CA LEU D 224 -42.30 -18.38 -62.41
C LEU D 224 -42.14 -19.89 -62.34
N VAL D 225 -42.16 -20.45 -61.13
CA VAL D 225 -42.09 -21.90 -60.95
C VAL D 225 -43.38 -22.49 -60.38
N MET D 226 -44.22 -21.68 -59.74
CA MET D 226 -45.51 -22.13 -59.23
C MET D 226 -46.54 -21.05 -59.55
N PRO D 227 -47.17 -21.13 -60.73
CA PRO D 227 -48.06 -20.03 -61.17
C PRO D 227 -49.24 -19.78 -60.24
N GLN D 228 -49.71 -20.81 -59.52
CA GLN D 228 -50.83 -20.63 -58.63
C GLN D 228 -50.50 -19.72 -57.45
N LEU D 229 -49.22 -19.52 -57.15
CA LEU D 229 -48.79 -18.67 -56.05
C LEU D 229 -48.30 -17.30 -56.53
N LYS D 230 -48.54 -16.95 -57.79
CA LYS D 230 -48.11 -15.67 -58.32
C LYS D 230 -48.91 -14.55 -57.66
N GLY D 231 -48.21 -13.61 -57.03
CA GLY D 231 -48.84 -12.53 -56.32
C GLY D 231 -49.33 -12.85 -54.92
N LYS D 232 -49.28 -14.12 -54.52
CA LYS D 232 -49.74 -14.51 -53.19
C LYS D 232 -48.62 -14.47 -52.15
N LEU D 233 -47.36 -14.44 -52.57
CA LEU D 233 -46.23 -14.42 -51.67
C LEU D 233 -45.41 -13.17 -51.85
N ASP D 234 -44.81 -12.69 -50.76
CA ASP D 234 -43.95 -11.52 -50.79
C ASP D 234 -43.04 -11.57 -49.57
N GLY D 235 -41.96 -10.81 -49.64
CA GLY D 235 -41.02 -10.78 -48.52
C GLY D 235 -39.82 -9.93 -48.86
N TYR D 236 -38.90 -9.87 -47.91
CA TYR D 236 -37.65 -9.11 -48.05
C TYR D 236 -36.53 -9.95 -47.46
N ALA D 237 -35.35 -9.34 -47.30
CA ALA D 237 -34.17 -10.02 -46.82
C ALA D 237 -33.47 -9.17 -45.76
N LEU D 238 -32.73 -9.86 -44.89
CA LEU D 238 -31.93 -9.20 -43.85
C LEU D 238 -30.56 -9.87 -43.81
N ARG D 239 -29.54 -9.16 -44.28
CA ARG D 239 -28.19 -9.70 -44.36
C ARG D 239 -27.52 -9.61 -43.00
N VAL D 240 -27.08 -10.74 -42.47
CA VAL D 240 -26.47 -10.80 -41.14
C VAL D 240 -24.98 -11.08 -41.27
N PRO D 241 -24.16 -10.71 -40.27
CA PRO D 241 -22.72 -11.00 -40.36
C PRO D 241 -22.42 -12.49 -40.32
N ILE D 242 -22.64 -13.18 -41.43
CA ILE D 242 -22.31 -14.60 -41.54
C ILE D 242 -21.80 -14.86 -42.95
N PRO D 243 -20.73 -15.67 -43.11
CA PRO D 243 -20.12 -15.80 -44.43
C PRO D 243 -20.99 -16.52 -45.45
N THR D 244 -21.48 -17.70 -45.08
CA THR D 244 -22.37 -18.47 -45.93
C THR D 244 -23.42 -19.15 -45.06
N GLY D 245 -24.53 -19.53 -45.67
CA GLY D 245 -25.62 -20.11 -44.94
C GLY D 245 -26.70 -19.10 -44.59
N SER D 246 -27.94 -19.41 -44.95
CA SER D 246 -29.06 -18.51 -44.72
C SER D 246 -30.26 -19.32 -44.28
N VAL D 247 -31.33 -18.63 -43.91
CA VAL D 247 -32.54 -19.29 -43.44
C VAL D 247 -33.74 -18.46 -43.87
N THR D 248 -34.82 -19.14 -44.24
CA THR D 248 -36.07 -18.50 -44.63
C THR D 248 -37.11 -18.70 -43.54
N ASP D 249 -37.87 -17.64 -43.24
CA ASP D 249 -38.91 -17.66 -42.23
C ASP D 249 -40.20 -17.22 -42.92
N LEU D 250 -41.01 -18.19 -43.35
CA LEU D 250 -42.24 -17.92 -44.09
C LEU D 250 -43.43 -18.05 -43.15
N THR D 251 -44.15 -16.93 -42.96
CA THR D 251 -45.41 -16.92 -42.24
C THR D 251 -46.53 -16.83 -43.26
N VAL D 252 -47.32 -17.91 -43.38
CA VAL D 252 -48.25 -18.08 -44.47
C VAL D 252 -49.62 -18.47 -43.93
N ASP D 253 -50.67 -17.90 -44.52
CA ASP D 253 -52.03 -18.30 -44.20
C ASP D 253 -52.41 -19.54 -45.03
N LEU D 254 -52.91 -20.56 -44.35
CA LEU D 254 -53.26 -21.82 -44.99
C LEU D 254 -54.75 -21.86 -45.31
N SER D 255 -55.09 -22.57 -46.39
CA SER D 255 -56.49 -22.72 -46.77
C SER D 255 -57.24 -23.59 -45.76
N THR D 256 -56.57 -24.59 -45.21
CA THR D 256 -57.13 -25.45 -44.17
C THR D 256 -56.30 -25.32 -42.91
N ARG D 257 -56.96 -25.16 -41.77
CA ARG D 257 -56.27 -25.01 -40.49
C ARG D 257 -55.59 -26.31 -40.11
N ALA D 258 -54.26 -26.29 -40.08
CA ALA D 258 -53.46 -27.47 -39.77
C ALA D 258 -52.67 -27.24 -38.50
N SER D 259 -52.28 -28.34 -37.85
CA SER D 259 -51.53 -28.28 -36.62
C SER D 259 -50.02 -28.32 -36.89
N VAL D 260 -49.24 -28.06 -35.85
CA VAL D 260 -47.79 -28.08 -35.97
C VAL D 260 -47.31 -29.50 -36.29
N ASP D 261 -47.89 -30.50 -35.62
CA ASP D 261 -47.53 -31.89 -35.91
C ASP D 261 -47.91 -32.28 -37.34
N GLU D 262 -49.02 -31.75 -37.84
CA GLU D 262 -49.46 -32.06 -39.20
C GLU D 262 -48.49 -31.49 -40.23
N ILE D 263 -48.03 -30.26 -40.02
CA ILE D 263 -47.11 -29.63 -40.97
C ILE D 263 -45.75 -30.30 -40.92
N ASN D 264 -45.28 -30.64 -39.71
CA ASN D 264 -43.98 -31.31 -39.59
C ASN D 264 -44.02 -32.69 -40.21
N ALA D 265 -45.15 -33.40 -40.09
CA ALA D 265 -45.26 -34.72 -40.68
C ALA D 265 -45.31 -34.65 -42.20
N ALA D 266 -45.97 -33.62 -42.74
CA ALA D 266 -46.01 -33.45 -44.18
C ALA D 266 -44.65 -33.08 -44.74
N PHE D 267 -43.87 -32.28 -44.01
CA PHE D 267 -42.54 -31.93 -44.46
C PHE D 267 -41.58 -33.11 -44.34
N LYS D 268 -41.78 -33.98 -43.35
CA LYS D 268 -40.92 -35.15 -43.20
C LYS D 268 -41.19 -36.16 -44.30
N ALA D 269 -42.45 -36.32 -44.70
CA ALA D 269 -42.77 -37.24 -45.78
C ALA D 269 -42.32 -36.70 -47.12
N ALA D 270 -42.33 -35.37 -47.30
CA ALA D 270 -41.89 -34.78 -48.56
C ALA D 270 -40.38 -34.88 -48.70
N ALA D 271 -39.63 -34.66 -47.62
CA ALA D 271 -38.19 -34.80 -47.67
C ALA D 271 -37.77 -36.25 -47.89
N GLU D 272 -38.59 -37.19 -47.45
CA GLU D 272 -38.33 -38.61 -47.64
C GLU D 272 -38.99 -39.17 -48.89
N GLY D 273 -39.70 -38.34 -49.65
CA GLY D 273 -40.39 -38.82 -50.83
C GLY D 273 -40.13 -38.02 -52.08
N ARG D 274 -41.04 -37.10 -52.42
CA ARG D 274 -40.94 -36.37 -53.68
C ARG D 274 -39.77 -35.40 -53.71
N LEU D 275 -39.26 -34.96 -52.56
CA LEU D 275 -38.19 -33.99 -52.50
C LEU D 275 -36.92 -34.58 -51.86
N LYS D 276 -36.70 -35.87 -52.07
CA LYS D 276 -35.49 -36.53 -51.55
C LYS D 276 -34.27 -36.01 -52.31
N GLY D 277 -33.39 -35.30 -51.60
CA GLY D 277 -32.24 -34.68 -52.21
C GLY D 277 -32.35 -33.18 -52.37
N ILE D 278 -33.56 -32.63 -52.33
CA ILE D 278 -33.78 -31.20 -52.40
C ILE D 278 -34.17 -30.62 -51.04
N LEU D 279 -35.07 -31.28 -50.33
CA LEU D 279 -35.51 -30.85 -49.01
C LEU D 279 -34.92 -31.76 -47.95
N LYS D 280 -34.46 -31.17 -46.85
CA LYS D 280 -33.91 -31.90 -45.72
C LYS D 280 -34.77 -31.68 -44.49
N TYR D 281 -35.03 -32.76 -43.77
CA TYR D 281 -35.79 -32.72 -42.52
C TYR D 281 -34.83 -32.89 -41.35
N TYR D 282 -34.97 -32.04 -40.34
CA TYR D 282 -34.09 -32.03 -39.19
C TYR D 282 -34.92 -31.95 -37.91
N ASP D 283 -34.67 -32.87 -36.99
CA ASP D 283 -35.34 -32.87 -35.69
C ASP D 283 -34.40 -32.49 -34.56
N ALA D 284 -33.16 -32.10 -34.87
CA ALA D 284 -32.10 -31.74 -33.95
C ALA D 284 -31.95 -30.24 -33.84
N PRO D 285 -31.55 -29.73 -32.67
CA PRO D 285 -31.34 -28.28 -32.52
C PRO D 285 -30.13 -27.78 -33.29
N ILE D 286 -30.28 -27.61 -34.60
CA ILE D 286 -29.17 -27.24 -35.46
C ILE D 286 -29.11 -25.72 -35.59
N VAL D 287 -27.91 -25.23 -35.90
CA VAL D 287 -27.71 -23.81 -36.19
C VAL D 287 -27.13 -23.69 -37.60
N SER D 288 -26.82 -22.46 -38.02
CA SER D 288 -26.35 -22.26 -39.39
C SER D 288 -24.99 -22.89 -39.63
N SER D 289 -24.16 -23.01 -38.60
CA SER D 289 -22.86 -23.66 -38.79
C SER D 289 -23.03 -25.14 -39.14
N ASP D 290 -24.15 -25.74 -38.76
CA ASP D 290 -24.50 -27.07 -39.22
C ASP D 290 -25.09 -27.07 -40.62
N ILE D 291 -25.37 -25.90 -41.17
CA ILE D 291 -25.93 -25.79 -42.52
C ILE D 291 -24.87 -25.42 -43.55
N VAL D 292 -23.72 -24.88 -43.14
CA VAL D 292 -22.67 -24.53 -44.08
C VAL D 292 -22.18 -25.78 -44.80
N THR D 293 -21.96 -25.65 -46.11
CA THR D 293 -21.52 -26.74 -46.97
C THR D 293 -22.48 -27.93 -46.90
N ASP D 294 -23.77 -27.64 -47.04
CA ASP D 294 -24.81 -28.66 -47.12
C ASP D 294 -25.47 -28.55 -48.48
N PRO D 295 -25.50 -29.62 -49.29
CA PRO D 295 -25.97 -29.49 -50.67
C PRO D 295 -27.48 -29.39 -50.82
N HIS D 296 -28.24 -29.54 -49.74
CA HIS D 296 -29.69 -29.52 -49.85
C HIS D 296 -30.20 -28.13 -50.21
N SER D 297 -31.34 -28.10 -50.90
CA SER D 297 -31.92 -26.84 -51.35
C SER D 297 -32.74 -26.17 -50.26
N SER D 298 -33.33 -26.97 -49.36
CA SER D 298 -34.12 -26.42 -48.26
C SER D 298 -34.02 -27.38 -47.07
N ILE D 299 -33.52 -26.89 -45.95
CA ILE D 299 -33.33 -27.70 -44.75
C ILE D 299 -34.42 -27.28 -43.77
N PHE D 300 -35.54 -28.01 -43.80
CA PHE D 300 -36.67 -27.70 -42.95
C PHE D 300 -36.35 -27.98 -41.48
N ASP D 301 -36.51 -26.97 -40.64
CA ASP D 301 -36.29 -27.09 -39.20
C ASP D 301 -37.65 -27.25 -38.53
N SER D 302 -37.97 -28.49 -38.14
CA SER D 302 -39.28 -28.78 -37.56
C SER D 302 -39.46 -28.18 -36.18
N GLY D 303 -38.37 -27.85 -35.48
CA GLY D 303 -38.49 -27.32 -34.13
C GLY D 303 -38.98 -25.90 -34.04
N LEU D 304 -38.81 -25.12 -35.11
CA LEU D 304 -39.17 -23.70 -35.11
C LEU D 304 -40.54 -23.44 -35.72
N THR D 305 -41.38 -24.47 -35.83
CA THR D 305 -42.71 -24.31 -36.42
C THR D 305 -43.72 -23.93 -35.36
N LYS D 306 -44.58 -22.97 -35.71
CA LYS D 306 -45.62 -22.49 -34.82
C LYS D 306 -46.88 -22.22 -35.62
N VAL D 307 -48.04 -22.38 -34.97
CA VAL D 307 -49.33 -22.17 -35.60
C VAL D 307 -50.30 -21.62 -34.56
N ILE D 308 -51.32 -20.91 -35.04
CA ILE D 308 -52.33 -20.33 -34.17
C ILE D 308 -53.71 -20.77 -34.65
N ASP D 309 -54.13 -20.28 -35.81
CA ASP D 309 -55.42 -20.66 -36.38
C ASP D 309 -55.20 -21.31 -37.75
N ASP D 310 -55.09 -20.50 -38.79
CA ASP D 310 -54.65 -20.96 -40.10
C ASP D 310 -53.33 -20.33 -40.53
N GLN D 311 -52.76 -19.46 -39.72
CA GLN D 311 -51.48 -18.83 -40.01
C GLN D 311 -50.36 -19.65 -39.38
N ALA D 312 -49.41 -20.09 -40.19
CA ALA D 312 -48.32 -20.94 -39.74
C ALA D 312 -46.99 -20.33 -40.14
N LYS D 313 -45.99 -20.50 -39.27
CA LYS D 313 -44.63 -20.01 -39.51
C LYS D 313 -43.72 -21.21 -39.73
N VAL D 314 -43.18 -21.33 -40.94
CA VAL D 314 -42.29 -22.43 -41.31
C VAL D 314 -40.88 -21.87 -41.49
N VAL D 315 -39.90 -22.51 -40.86
CA VAL D 315 -38.51 -22.09 -40.91
C VAL D 315 -37.70 -23.18 -41.60
N SER D 316 -36.90 -22.79 -42.59
CA SER D 316 -36.09 -23.73 -43.34
C SER D 316 -34.72 -23.11 -43.64
N TRP D 317 -33.67 -23.85 -43.35
CA TRP D 317 -32.31 -23.43 -43.61
C TRP D 317 -31.92 -23.77 -45.05
N TYR D 318 -30.85 -23.12 -45.52
CA TYR D 318 -30.29 -23.38 -46.84
C TYR D 318 -28.96 -22.67 -46.96
N ASP D 319 -28.00 -23.34 -47.59
CA ASP D 319 -26.69 -22.75 -47.84
C ASP D 319 -26.75 -22.01 -49.17
N ASN D 320 -26.69 -20.68 -49.10
CA ASN D 320 -26.84 -19.86 -50.31
C ASN D 320 -25.70 -20.07 -51.30
N GLU D 321 -24.57 -20.60 -50.85
CA GLU D 321 -23.41 -20.82 -51.72
C GLU D 321 -23.30 -22.27 -52.17
N TRP D 322 -23.13 -23.20 -51.22
CA TRP D 322 -22.89 -24.60 -51.57
C TRP D 322 -24.15 -25.28 -52.08
N GLY D 323 -25.27 -25.08 -51.39
CA GLY D 323 -26.51 -25.73 -51.80
C GLY D 323 -27.00 -25.25 -53.15
N TYR D 324 -26.90 -23.96 -53.42
CA TYR D 324 -27.32 -23.43 -54.71
C TYR D 324 -26.42 -23.92 -55.84
N SER D 325 -25.12 -24.08 -55.56
CA SER D 325 -24.20 -24.53 -56.60
C SER D 325 -24.41 -26.00 -56.94
N ASN D 326 -24.75 -26.82 -55.94
CA ASN D 326 -25.08 -28.21 -56.23
C ASN D 326 -26.35 -28.31 -57.06
N ARG D 327 -27.29 -27.37 -56.87
CA ARG D 327 -28.46 -27.32 -57.74
C ARG D 327 -28.08 -26.88 -59.15
N LEU D 328 -27.03 -26.06 -59.29
CA LEU D 328 -26.55 -25.68 -60.61
C LEU D 328 -25.85 -26.86 -61.29
N VAL D 329 -25.11 -27.67 -60.52
CA VAL D 329 -24.46 -28.83 -61.09
C VAL D 329 -25.50 -29.84 -61.56
N ASP D 330 -26.52 -30.10 -60.73
CA ASP D 330 -27.58 -31.02 -61.13
C ASP D 330 -28.37 -30.50 -62.32
N LEU D 331 -28.53 -29.18 -62.42
CA LEU D 331 -29.22 -28.61 -63.58
C LEU D 331 -28.38 -28.76 -64.84
N VAL D 332 -27.06 -28.57 -64.73
CA VAL D 332 -26.19 -28.73 -65.88
C VAL D 332 -26.18 -30.18 -66.36
N THR D 333 -26.35 -31.13 -65.44
CA THR D 333 -26.44 -32.53 -65.85
C THR D 333 -27.78 -32.83 -66.50
N LEU D 334 -28.86 -32.19 -66.02
CA LEU D 334 -30.16 -32.40 -66.63
C LEU D 334 -30.23 -31.75 -68.00
N VAL D 335 -29.69 -30.54 -68.15
CA VAL D 335 -29.68 -29.87 -69.44
C VAL D 335 -28.78 -30.61 -70.42
N GLY D 336 -27.63 -31.10 -69.95
CA GLY D 336 -26.75 -31.86 -70.82
C GLY D 336 -27.35 -33.17 -71.29
N LYS D 337 -28.28 -33.73 -70.52
CA LYS D 337 -28.95 -34.96 -70.92
C LYS D 337 -29.83 -34.77 -72.15
N SER D 338 -30.20 -33.52 -72.47
CA SER D 338 -30.98 -33.22 -73.66
C SER D 338 -30.10 -33.03 -74.90
N LEU D 339 -28.78 -33.03 -74.75
CA LEU D 339 -27.87 -32.85 -75.88
C LEU D 339 -27.31 -34.19 -76.34
N MET E 1 -11.64 -65.70 13.72
CA MET E 1 -11.00 -64.54 13.10
C MET E 1 -11.77 -63.26 13.42
N THR E 2 -11.59 -62.75 14.64
CA THR E 2 -12.24 -61.52 15.07
C THR E 2 -11.48 -60.97 16.26
N VAL E 3 -11.17 -59.68 16.21
CA VAL E 3 -10.42 -59.03 17.30
C VAL E 3 -11.37 -58.81 18.47
N ARG E 4 -11.03 -59.38 19.62
CA ARG E 4 -11.86 -59.30 20.82
C ARG E 4 -11.51 -58.03 21.59
N VAL E 5 -12.50 -57.19 21.84
CA VAL E 5 -12.30 -55.89 22.45
C VAL E 5 -13.04 -55.84 23.78
N GLY E 6 -12.45 -55.16 24.76
CA GLY E 6 -13.09 -54.91 26.03
C GLY E 6 -13.06 -53.44 26.39
N ILE E 7 -14.19 -52.91 26.86
CA ILE E 7 -14.33 -51.48 27.14
C ILE E 7 -14.21 -51.26 28.64
N ASN E 8 -13.28 -50.40 29.04
CA ASN E 8 -13.15 -49.95 30.42
C ASN E 8 -13.65 -48.51 30.47
N GLY E 9 -14.87 -48.33 30.97
CA GLY E 9 -15.49 -47.02 30.97
C GLY E 9 -16.62 -46.92 29.97
N PHE E 10 -17.77 -47.51 30.30
CA PHE E 10 -18.91 -47.53 29.40
C PHE E 10 -19.73 -46.26 29.51
N GLY E 11 -19.07 -45.10 29.40
CA GLY E 11 -19.75 -43.82 29.50
C GLY E 11 -20.13 -43.25 28.16
N ARG E 12 -20.03 -41.93 28.01
CA ARG E 12 -20.39 -41.28 26.76
C ARG E 12 -19.51 -41.78 25.61
N ILE E 13 -18.19 -41.79 25.80
CA ILE E 13 -17.29 -42.25 24.75
C ILE E 13 -17.38 -43.77 24.60
N GLY E 14 -17.52 -44.49 25.71
CA GLY E 14 -17.62 -45.94 25.63
C GLY E 14 -18.84 -46.41 24.86
N ARG E 15 -20.00 -45.83 25.16
CA ARG E 15 -21.21 -46.21 24.45
C ARG E 15 -21.21 -45.67 23.02
N ASN E 16 -20.64 -44.48 22.81
CA ASN E 16 -20.49 -43.97 21.44
C ASN E 16 -19.54 -44.85 20.64
N PHE E 17 -18.52 -45.41 21.29
CA PHE E 17 -17.60 -46.31 20.61
C PHE E 17 -18.28 -47.62 20.24
N TYR E 18 -19.13 -48.15 21.12
CA TYR E 18 -19.84 -49.39 20.83
C TYR E 18 -20.88 -49.17 19.74
N ARG E 19 -21.58 -48.03 19.77
CA ARG E 19 -22.57 -47.75 18.74
C ARG E 19 -21.91 -47.50 17.39
N ALA E 20 -20.76 -46.82 17.39
CA ALA E 20 -20.05 -46.60 16.13
C ALA E 20 -19.50 -47.90 15.57
N LEU E 21 -19.08 -48.82 16.44
CA LEU E 21 -18.63 -50.12 15.97
C LEU E 21 -19.77 -50.90 15.34
N LEU E 22 -20.96 -50.85 15.95
CA LEU E 22 -22.10 -51.59 15.40
C LEU E 22 -22.51 -51.02 14.05
N ALA E 23 -22.47 -49.70 13.89
CA ALA E 23 -22.80 -49.08 12.61
C ALA E 23 -21.72 -49.37 11.57
N GLN E 24 -20.46 -49.41 11.98
CA GLN E 24 -19.39 -49.72 11.05
C GLN E 24 -19.36 -51.20 10.71
N GLN E 25 -19.80 -52.07 11.63
CA GLN E 25 -19.93 -53.48 11.31
C GLN E 25 -21.06 -53.72 10.32
N GLU E 26 -22.18 -53.04 10.51
CA GLU E 26 -23.28 -53.15 9.56
C GLU E 26 -22.88 -52.62 8.18
N GLN E 27 -22.00 -51.61 8.14
CA GLN E 27 -21.47 -51.12 6.87
C GLN E 27 -20.40 -52.03 6.30
N GLY E 28 -19.75 -52.85 7.12
CA GLY E 28 -18.74 -53.77 6.67
C GLY E 28 -17.31 -53.29 6.84
N THR E 29 -17.10 -52.08 7.38
CA THR E 29 -15.78 -51.50 7.54
C THR E 29 -15.22 -51.71 8.95
N ALA E 30 -15.57 -52.82 9.59
CA ALA E 30 -15.10 -53.09 10.95
C ALA E 30 -15.11 -54.59 11.19
N ASP E 31 -14.08 -55.07 11.89
CA ASP E 31 -13.96 -56.48 12.25
C ASP E 31 -13.84 -56.71 13.75
N VAL E 32 -13.47 -55.69 14.53
CA VAL E 32 -13.37 -55.86 15.97
C VAL E 32 -14.74 -56.10 16.57
N GLU E 33 -14.76 -56.77 17.72
CA GLU E 33 -16.00 -57.10 18.41
C GLU E 33 -15.80 -56.90 19.90
N VAL E 34 -16.72 -56.16 20.53
CA VAL E 34 -16.67 -55.89 21.96
C VAL E 34 -17.33 -57.03 22.70
N VAL E 35 -16.60 -57.60 23.66
CA VAL E 35 -17.09 -58.75 24.43
C VAL E 35 -17.26 -58.45 25.91
N ALA E 36 -16.81 -57.29 26.39
CA ALA E 36 -16.92 -56.97 27.80
C ALA E 36 -16.93 -55.46 27.98
N ALA E 37 -17.58 -55.02 29.05
CA ALA E 37 -17.63 -53.61 29.41
C ALA E 37 -17.59 -53.49 30.93
N ASN E 38 -16.80 -52.54 31.42
CA ASN E 38 -16.63 -52.33 32.85
C ASN E 38 -17.02 -50.90 33.20
N ASP E 39 -17.94 -50.76 34.15
CA ASP E 39 -18.35 -49.46 34.68
C ASP E 39 -18.58 -49.62 36.18
N ILE E 40 -18.94 -48.53 36.84
CA ILE E 40 -19.18 -48.58 38.28
C ILE E 40 -20.68 -48.70 38.55
N THR E 41 -21.37 -49.52 37.76
CA THR E 41 -22.80 -49.70 37.93
C THR E 41 -23.19 -51.07 37.38
N ASP E 42 -24.34 -51.56 37.82
CA ASP E 42 -24.77 -52.91 37.45
C ASP E 42 -25.06 -53.00 35.96
N ASN E 43 -25.32 -54.23 35.50
CA ASN E 43 -25.59 -54.45 34.08
C ASN E 43 -26.94 -53.86 33.66
N SER E 44 -27.88 -53.76 34.59
CA SER E 44 -29.19 -53.20 34.26
C SER E 44 -29.08 -51.74 33.86
N THR E 45 -28.26 -50.97 34.58
CA THR E 45 -28.08 -49.56 34.23
C THR E 45 -27.28 -49.41 32.95
N LEU E 46 -26.26 -50.26 32.75
CA LEU E 46 -25.49 -50.22 31.52
C LEU E 46 -26.35 -50.55 30.31
N ALA E 47 -27.28 -51.50 30.45
CA ALA E 47 -28.15 -51.84 29.35
C ALA E 47 -29.13 -50.73 29.06
N HIS E 48 -29.60 -50.02 30.09
CA HIS E 48 -30.54 -48.92 29.88
C HIS E 48 -29.84 -47.72 29.23
N LEU E 49 -28.61 -47.43 29.65
CA LEU E 49 -27.87 -46.34 29.02
C LEU E 49 -27.43 -46.69 27.61
N LEU E 50 -27.29 -47.99 27.31
CA LEU E 50 -26.93 -48.41 25.96
C LEU E 50 -28.13 -48.36 25.02
N LYS E 51 -29.31 -48.76 25.52
CA LYS E 51 -30.50 -48.77 24.67
C LYS E 51 -31.00 -47.35 24.39
N PHE E 52 -31.12 -46.54 25.44
CA PHE E 52 -31.66 -45.20 25.33
C PHE E 52 -30.53 -44.18 25.45
N ASP E 53 -30.43 -43.30 24.46
CA ASP E 53 -29.44 -42.23 24.44
C ASP E 53 -30.15 -40.92 24.12
N SER E 54 -29.82 -39.88 24.87
CA SER E 54 -30.44 -38.57 24.63
C SER E 54 -29.98 -37.97 23.31
N ILE E 55 -28.73 -38.21 22.92
CA ILE E 55 -28.18 -37.64 21.70
C ILE E 55 -28.34 -38.59 20.53
N LEU E 56 -27.84 -39.82 20.67
CA LEU E 56 -27.87 -40.81 19.60
C LEU E 56 -29.22 -41.52 19.48
N GLY E 57 -30.23 -41.10 20.22
CA GLY E 57 -31.53 -41.73 20.12
C GLY E 57 -31.53 -43.15 20.64
N ARG E 58 -32.53 -43.90 20.21
CA ARG E 58 -32.70 -45.29 20.62
C ARG E 58 -31.88 -46.22 19.76
N LEU E 59 -31.50 -47.35 20.34
CA LEU E 59 -30.75 -48.36 19.60
C LEU E 59 -31.70 -49.25 18.80
N PRO E 60 -31.45 -49.45 17.50
CA PRO E 60 -32.32 -50.34 16.74
C PRO E 60 -32.27 -51.79 17.18
N CYS E 61 -31.18 -52.22 17.81
CA CYS E 61 -31.06 -53.59 18.27
C CYS E 61 -31.78 -53.78 19.59
N ASP E 62 -32.25 -55.00 19.82
CA ASP E 62 -32.86 -55.36 21.09
C ASP E 62 -31.78 -55.49 22.15
N VAL E 63 -32.10 -55.11 23.39
CA VAL E 63 -31.15 -55.16 24.48
C VAL E 63 -31.78 -55.93 25.64
N GLY E 64 -31.07 -56.95 26.12
CA GLY E 64 -31.52 -57.73 27.25
C GLY E 64 -30.44 -57.82 28.31
N LEU E 65 -30.81 -58.38 29.46
CA LEU E 65 -29.92 -58.52 30.59
C LEU E 65 -30.02 -59.94 31.15
N GLU E 66 -29.14 -60.24 32.11
CA GLU E 66 -29.14 -61.53 32.79
C GLU E 66 -28.84 -61.33 34.28
N GLY E 67 -27.62 -61.68 34.68
CA GLY E 67 -27.17 -61.45 36.04
C GLY E 67 -25.80 -60.80 36.05
N ASP E 68 -24.99 -61.14 35.05
CA ASP E 68 -23.68 -60.54 34.87
C ASP E 68 -23.37 -60.24 33.41
N ASP E 69 -24.27 -60.57 32.49
CA ASP E 69 -24.04 -60.38 31.06
C ASP E 69 -25.19 -59.57 30.48
N THR E 70 -24.86 -58.62 29.61
CA THR E 70 -25.85 -57.85 28.88
C THR E 70 -25.86 -58.35 27.43
N ILE E 71 -27.02 -58.82 26.99
CA ILE E 71 -27.21 -59.32 25.64
C ILE E 71 -27.77 -58.18 24.79
N VAL E 72 -27.02 -57.79 23.75
CA VAL E 72 -27.57 -56.95 22.71
C VAL E 72 -28.54 -57.80 21.90
N VAL E 73 -28.32 -57.90 20.60
CA VAL E 73 -29.09 -58.78 19.73
C VAL E 73 -28.21 -59.95 19.34
N GLY E 74 -28.60 -61.15 19.74
CA GLY E 74 -27.85 -62.36 19.44
C GLY E 74 -26.45 -62.44 20.06
N ARG E 75 -25.85 -61.28 20.31
CA ARG E 75 -24.52 -61.19 20.89
C ARG E 75 -24.61 -60.89 22.38
N ALA E 76 -23.71 -61.49 23.16
CA ALA E 76 -23.65 -61.29 24.59
C ALA E 76 -22.34 -60.63 24.96
N LYS E 77 -22.40 -59.65 25.85
CA LYS E 77 -21.23 -58.93 26.34
C LYS E 77 -21.18 -59.04 27.85
N ILE E 78 -20.13 -59.67 28.36
CA ILE E 78 -19.97 -59.86 29.80
C ILE E 78 -19.84 -58.50 30.47
N LYS E 79 -20.85 -58.12 31.24
CA LYS E 79 -20.86 -56.81 31.90
C LYS E 79 -20.12 -56.88 33.24
N ALA E 80 -18.83 -57.20 33.14
CA ALA E 80 -17.97 -57.22 34.31
C ALA E 80 -17.79 -55.82 34.86
N LEU E 81 -18.70 -55.38 35.72
CA LEU E 81 -18.71 -54.03 36.26
C LEU E 81 -18.39 -53.95 37.74
N ALA E 82 -18.37 -55.08 38.46
CA ALA E 82 -17.99 -55.06 39.88
C ALA E 82 -16.56 -54.62 40.09
N VAL E 83 -15.71 -54.69 39.05
CA VAL E 83 -14.32 -54.27 39.15
C VAL E 83 -14.24 -52.76 39.20
N ARG E 84 -14.46 -52.19 40.39
CA ARG E 84 -14.39 -50.75 40.59
C ARG E 84 -12.99 -50.26 40.89
N GLU E 85 -12.02 -51.16 41.03
CA GLU E 85 -10.65 -50.78 41.37
C GLU E 85 -9.87 -50.35 40.13
N GLY E 86 -8.56 -50.52 40.16
CA GLY E 86 -7.71 -50.15 39.05
C GLY E 86 -7.87 -51.07 37.86
N PRO E 87 -7.29 -50.70 36.73
CA PRO E 87 -7.42 -51.53 35.52
C PRO E 87 -6.72 -52.87 35.63
N ALA E 88 -5.77 -53.02 36.54
CA ALA E 88 -5.12 -54.31 36.73
C ALA E 88 -6.04 -55.35 37.35
N ALA E 89 -7.13 -54.90 37.99
CA ALA E 89 -8.06 -55.82 38.63
C ALA E 89 -9.05 -56.44 37.64
N LEU E 90 -9.22 -55.85 36.46
CA LEU E 90 -10.16 -56.39 35.50
C LEU E 90 -9.59 -57.66 34.87
N PRO E 91 -10.41 -58.71 34.73
CA PRO E 91 -9.92 -59.98 34.13
C PRO E 91 -10.02 -59.98 32.60
N TRP E 92 -9.11 -59.25 31.96
CA TRP E 92 -9.09 -59.21 30.50
C TRP E 92 -8.55 -60.52 29.93
N GLY E 93 -7.50 -61.07 30.54
CA GLY E 93 -6.99 -62.36 30.10
C GLY E 93 -7.95 -63.49 30.36
N ASP E 94 -8.70 -63.43 31.46
CA ASP E 94 -9.71 -64.45 31.73
C ASP E 94 -10.89 -64.36 30.77
N LEU E 95 -11.25 -63.14 30.36
CA LEU E 95 -12.32 -62.94 29.40
C LEU E 95 -11.84 -63.05 27.95
N GLY E 96 -10.54 -63.24 27.74
CA GLY E 96 -10.02 -63.36 26.39
C GLY E 96 -10.04 -62.07 25.60
N VAL E 97 -9.87 -60.92 26.26
CA VAL E 97 -9.91 -59.64 25.58
C VAL E 97 -8.54 -59.33 25.01
N ASP E 98 -8.49 -59.02 23.72
CA ASP E 98 -7.23 -58.71 23.04
C ASP E 98 -6.88 -57.23 23.16
N VAL E 99 -7.76 -56.36 22.69
CA VAL E 99 -7.56 -54.91 22.74
C VAL E 99 -8.52 -54.32 23.77
N VAL E 100 -8.01 -53.41 24.60
CA VAL E 100 -8.79 -52.75 25.63
C VAL E 100 -8.93 -51.28 25.28
N VAL E 101 -10.15 -50.77 25.31
CA VAL E 101 -10.43 -49.36 25.08
C VAL E 101 -10.61 -48.72 26.45
N GLU E 102 -9.59 -47.98 26.90
CA GLU E 102 -9.65 -47.29 28.18
C GLU E 102 -10.41 -45.98 28.00
N SER E 103 -11.61 -45.89 28.59
CA SER E 103 -12.47 -44.73 28.44
C SER E 103 -13.08 -44.29 29.76
N THR E 104 -12.45 -44.61 30.89
CA THR E 104 -12.94 -44.13 32.18
C THR E 104 -12.59 -42.66 32.40
N GLY E 105 -11.43 -42.22 31.89
CA GLY E 105 -10.95 -40.88 32.14
C GLY E 105 -10.07 -40.75 33.37
N LEU E 106 -10.06 -41.74 34.26
CA LEU E 106 -9.23 -41.71 35.46
C LEU E 106 -7.93 -42.47 35.31
N PHE E 107 -7.74 -43.18 34.20
CA PHE E 107 -6.54 -43.99 33.96
C PHE E 107 -5.83 -43.54 32.69
N THR E 108 -5.72 -42.23 32.50
CA THR E 108 -4.99 -41.70 31.34
C THR E 108 -3.48 -41.87 31.49
N ASN E 109 -2.98 -42.03 32.71
CA ASN E 109 -1.56 -42.24 32.92
C ASN E 109 -1.17 -43.66 32.50
N ALA E 110 -0.09 -43.78 31.73
CA ALA E 110 0.34 -45.09 31.27
C ALA E 110 0.79 -45.98 32.43
N ALA E 111 1.26 -45.37 33.52
CA ALA E 111 1.61 -46.16 34.70
C ALA E 111 0.40 -46.91 35.23
N LYS E 112 -0.78 -46.29 35.18
CA LYS E 112 -2.00 -46.97 35.56
C LYS E 112 -2.56 -47.80 34.41
N ALA E 113 -2.58 -47.23 33.20
CA ALA E 113 -3.16 -47.92 32.06
C ALA E 113 -2.43 -49.22 31.71
N LYS E 114 -1.20 -49.39 32.19
CA LYS E 114 -0.48 -50.64 31.96
C LYS E 114 -1.14 -51.83 32.66
N GLY E 115 -2.07 -51.58 33.59
CA GLY E 115 -2.74 -52.67 34.26
C GLY E 115 -3.55 -53.54 33.32
N HIS E 116 -4.07 -52.96 32.24
CA HIS E 116 -4.76 -53.77 31.23
C HIS E 116 -3.83 -54.79 30.62
N LEU E 117 -2.61 -54.37 30.24
CA LEU E 117 -1.63 -55.30 29.68
C LEU E 117 -1.25 -56.38 30.68
N ASP E 118 -1.06 -56.00 31.95
CA ASP E 118 -0.75 -56.98 32.98
C ASP E 118 -1.91 -57.94 33.18
N ALA E 119 -3.14 -57.50 32.92
CA ALA E 119 -4.31 -58.34 33.08
C ALA E 119 -4.47 -59.36 31.96
N GLY E 120 -3.77 -59.20 30.84
CA GLY E 120 -3.85 -60.15 29.76
C GLY E 120 -4.19 -59.52 28.42
N ALA E 121 -4.23 -58.20 28.37
CA ALA E 121 -4.53 -57.49 27.14
C ALA E 121 -3.28 -57.35 26.29
N LYS E 122 -3.47 -57.39 24.97
CA LYS E 122 -2.36 -57.25 24.02
C LYS E 122 -2.08 -55.80 23.68
N LYS E 123 -3.12 -54.97 23.59
CA LYS E 123 -2.95 -53.56 23.27
C LYS E 123 -4.00 -52.75 24.02
N VAL E 124 -3.62 -51.53 24.41
CA VAL E 124 -4.48 -50.62 25.14
C VAL E 124 -4.62 -49.33 24.33
N ILE E 125 -5.85 -48.87 24.16
CA ILE E 125 -6.14 -47.64 23.43
C ILE E 125 -6.76 -46.66 24.42
N ILE E 126 -6.06 -45.57 24.68
CA ILE E 126 -6.52 -44.56 25.64
C ILE E 126 -7.32 -43.51 24.88
N SER E 127 -8.54 -43.25 25.35
CA SER E 127 -9.45 -42.35 24.64
C SER E 127 -9.25 -40.91 25.07
N ALA E 128 -8.02 -40.56 25.42
CA ALA E 128 -7.70 -39.21 25.87
C ALA E 128 -6.19 -39.02 25.77
N PRO E 129 -5.72 -37.78 25.76
CA PRO E 129 -4.27 -37.53 25.85
C PRO E 129 -3.70 -38.16 27.11
N ALA E 130 -2.65 -38.96 26.92
CA ALA E 130 -2.10 -39.80 27.97
C ALA E 130 -0.78 -39.23 28.49
N THR E 131 -0.24 -39.90 29.51
CA THR E 131 1.03 -39.54 30.12
C THR E 131 1.96 -40.75 30.05
N ASP E 132 3.18 -40.52 29.57
CA ASP E 132 4.20 -41.58 29.46
C ASP E 132 3.75 -42.72 28.55
N GLU E 133 2.89 -42.42 27.58
CA GLU E 133 2.37 -43.43 26.68
C GLU E 133 3.43 -43.84 25.66
N ASP E 134 3.16 -44.94 24.96
CA ASP E 134 4.08 -45.40 23.92
C ASP E 134 4.04 -44.50 22.70
N ILE E 135 2.83 -44.12 22.27
CA ILE E 135 2.68 -43.26 21.10
C ILE E 135 1.30 -42.61 21.18
N THR E 136 1.22 -41.37 20.72
CA THR E 136 -0.05 -40.64 20.58
C THR E 136 -0.33 -40.50 19.09
N ILE E 137 -1.41 -41.13 18.62
CA ILE E 137 -1.71 -41.24 17.20
C ILE E 137 -2.98 -40.45 16.90
N VAL E 138 -2.92 -39.65 15.84
CA VAL E 138 -4.10 -39.01 15.25
C VAL E 138 -4.33 -39.67 13.90
N LEU E 139 -5.48 -40.32 13.74
CA LEU E 139 -5.75 -41.07 12.52
C LEU E 139 -5.82 -40.15 11.33
N GLY E 140 -5.07 -40.49 10.27
CA GLY E 140 -4.98 -39.68 9.08
C GLY E 140 -3.78 -38.77 9.03
N VAL E 141 -3.05 -38.62 10.12
CA VAL E 141 -1.87 -37.75 10.16
C VAL E 141 -0.63 -38.60 10.34
N ASN E 142 -0.45 -39.17 11.54
CA ASN E 142 0.72 -39.98 11.86
C ASN E 142 0.32 -41.43 12.14
N ASP E 143 -0.74 -41.91 11.50
CA ASP E 143 -1.14 -43.31 11.66
C ASP E 143 -0.13 -44.26 11.04
N ASP E 144 0.69 -43.79 10.10
CA ASP E 144 1.74 -44.63 9.53
C ASP E 144 2.90 -44.85 10.49
N LYS E 145 3.00 -44.03 11.54
CA LYS E 145 4.08 -44.14 12.50
C LYS E 145 3.87 -45.26 13.52
N TYR E 146 2.83 -46.08 13.34
CA TYR E 146 2.56 -47.20 14.25
C TYR E 146 3.12 -48.47 13.65
N ASP E 147 4.13 -49.04 14.31
CA ASP E 147 4.65 -50.35 13.98
C ASP E 147 4.12 -51.36 15.00
N GLY E 148 4.73 -52.54 15.05
CA GLY E 148 4.32 -53.54 16.02
C GLY E 148 4.87 -53.36 17.41
N SER E 149 5.64 -52.30 17.65
CA SER E 149 6.33 -52.09 18.92
C SER E 149 5.61 -51.07 19.80
N GLN E 150 4.29 -51.12 19.85
CA GLN E 150 3.52 -50.24 20.74
C GLN E 150 2.37 -51.00 21.35
N ASN E 151 2.25 -50.93 22.66
CA ASN E 151 1.17 -51.58 23.40
C ASN E 151 0.27 -50.60 24.13
N ILE E 152 0.84 -49.59 24.78
CA ILE E 152 0.07 -48.55 25.45
C ILE E 152 -0.13 -47.43 24.44
N ILE E 153 -1.13 -47.58 23.60
CA ILE E 153 -1.41 -46.62 22.54
C ILE E 153 -2.43 -45.60 23.04
N SER E 154 -2.18 -44.33 22.72
CA SER E 154 -3.04 -43.23 23.15
C SER E 154 -3.60 -42.52 21.93
N ASN E 155 -4.92 -42.44 21.84
CA ASN E 155 -5.58 -41.60 20.87
C ASN E 155 -5.71 -40.19 21.44
N ALA E 156 -5.40 -39.19 20.62
CA ALA E 156 -5.39 -37.82 21.08
C ALA E 156 -6.81 -37.36 21.42
N SER E 157 -6.94 -36.08 21.78
CA SER E 157 -8.24 -35.54 22.15
C SER E 157 -9.09 -35.29 20.90
N CYS E 158 -10.39 -35.11 21.13
CA CYS E 158 -11.30 -34.81 20.03
C CYS E 158 -10.94 -33.49 19.36
N THR E 159 -10.49 -32.51 20.15
CA THR E 159 -10.03 -31.25 19.58
C THR E 159 -8.77 -31.46 18.75
N THR E 160 -7.89 -32.36 19.20
CA THR E 160 -6.67 -32.64 18.44
C THR E 160 -7.00 -33.32 17.11
N ASN E 161 -7.97 -34.24 17.12
CA ASN E 161 -8.35 -34.93 15.89
C ASN E 161 -8.97 -33.99 14.87
N CYS E 162 -9.43 -32.81 15.28
CA CYS E 162 -9.92 -31.81 14.36
C CYS E 162 -8.83 -30.81 13.98
N LEU E 163 -7.97 -30.45 14.94
CA LEU E 163 -6.95 -29.45 14.68
C LEU E 163 -5.79 -30.03 13.87
N ALA E 164 -5.54 -31.33 13.97
CA ALA E 164 -4.41 -31.92 13.24
C ALA E 164 -4.59 -31.86 11.74
N PRO E 165 -5.74 -32.23 11.15
CA PRO E 165 -5.88 -32.10 9.69
C PRO E 165 -5.76 -30.67 9.20
N LEU E 166 -6.23 -29.69 9.97
CA LEU E 166 -6.09 -28.30 9.57
C LEU E 166 -4.63 -27.88 9.53
N ALA E 167 -3.91 -28.09 10.63
CA ALA E 167 -2.51 -27.70 10.70
C ALA E 167 -1.66 -28.49 9.72
N LYS E 168 -2.02 -29.75 9.45
CA LYS E 168 -1.26 -30.55 8.49
C LYS E 168 -1.36 -29.96 7.08
N VAL E 169 -2.57 -29.58 6.67
CA VAL E 169 -2.75 -29.02 5.33
C VAL E 169 -2.09 -27.65 5.25
N LEU E 170 -2.31 -26.80 6.25
CA LEU E 170 -1.75 -25.46 6.22
C LEU E 170 -0.22 -25.48 6.23
N ASP E 171 0.38 -26.45 6.90
CA ASP E 171 1.83 -26.54 6.96
C ASP E 171 2.41 -27.14 5.67
N ASP E 172 1.73 -28.14 5.09
CA ASP E 172 2.25 -28.78 3.89
C ASP E 172 2.11 -27.90 2.66
N GLU E 173 1.11 -27.03 2.63
CA GLU E 173 0.87 -26.17 1.48
C GLU E 173 1.45 -24.77 1.64
N PHE E 174 1.40 -24.21 2.85
CA PHE E 174 1.81 -22.83 3.07
C PHE E 174 2.81 -22.64 4.19
N GLY E 175 3.00 -23.62 5.08
CA GLY E 175 3.92 -23.46 6.18
C GLY E 175 3.31 -22.69 7.34
N ILE E 176 3.54 -23.18 8.55
CA ILE E 176 2.99 -22.57 9.77
C ILE E 176 4.14 -22.05 10.61
N VAL E 177 4.13 -20.75 10.88
CA VAL E 177 5.11 -20.15 11.78
C VAL E 177 4.65 -20.22 13.23
N LYS E 178 3.37 -19.91 13.47
CA LYS E 178 2.79 -19.90 14.80
C LYS E 178 1.29 -19.67 14.66
N GLY E 179 0.54 -20.10 15.67
CA GLY E 179 -0.91 -19.98 15.63
C GLY E 179 -1.51 -20.07 17.01
N LEU E 180 -2.67 -19.42 17.18
CA LEU E 180 -3.44 -19.48 18.41
C LEU E 180 -4.87 -19.86 18.06
N MET E 181 -5.36 -20.92 18.70
CA MET E 181 -6.66 -21.48 18.38
C MET E 181 -7.61 -21.36 19.57
N THR E 182 -8.90 -21.44 19.28
CA THR E 182 -9.95 -21.41 20.29
C THR E 182 -11.06 -22.34 19.83
N THR E 183 -11.19 -23.48 20.50
CA THR E 183 -12.25 -24.44 20.18
C THR E 183 -13.51 -24.10 20.95
N ILE E 184 -14.64 -24.05 20.24
CA ILE E 184 -15.92 -23.70 20.82
C ILE E 184 -16.62 -25.04 21.08
N HIS E 185 -16.41 -25.57 22.28
CA HIS E 185 -16.70 -26.96 22.59
C HIS E 185 -18.07 -27.12 23.25
N ALA E 186 -18.61 -28.33 23.10
CA ALA E 186 -19.80 -28.74 23.83
C ALA E 186 -19.43 -29.11 25.27
N TYR E 187 -20.39 -28.98 26.18
CA TYR E 187 -20.10 -29.34 27.56
C TYR E 187 -20.02 -30.85 27.70
N THR E 188 -19.15 -31.30 28.60
CA THR E 188 -18.89 -32.71 28.82
C THR E 188 -19.25 -33.08 30.26
N GLN E 189 -19.19 -34.40 30.53
CA GLN E 189 -19.58 -34.91 31.84
C GLN E 189 -18.70 -34.38 32.97
N ASP E 190 -17.47 -33.96 32.66
CA ASP E 190 -16.56 -33.46 33.68
C ASP E 190 -17.01 -32.13 34.28
N GLN E 191 -18.02 -31.49 33.70
CA GLN E 191 -18.55 -30.24 34.24
C GLN E 191 -19.71 -30.51 35.19
N ASN E 192 -20.08 -29.49 35.95
CA ASN E 192 -21.16 -29.58 36.92
C ASN E 192 -22.45 -29.04 36.32
N LEU E 193 -23.56 -29.70 36.67
CA LEU E 193 -24.86 -29.23 36.20
C LEU E 193 -25.27 -27.94 36.88
N GLN E 194 -24.95 -27.80 38.17
CA GLN E 194 -25.17 -26.57 38.93
C GLN E 194 -23.83 -26.05 39.43
N ASP E 195 -23.86 -24.86 40.01
CA ASP E 195 -22.65 -24.25 40.57
C ASP E 195 -22.22 -25.04 41.79
N GLY E 196 -21.23 -25.91 41.62
CA GLY E 196 -20.73 -26.73 42.71
C GLY E 196 -19.22 -26.82 42.69
N PRO E 197 -18.64 -27.47 43.71
CA PRO E 197 -17.19 -27.56 43.79
C PRO E 197 -16.60 -28.37 42.64
N HIS E 198 -15.38 -28.01 42.26
CA HIS E 198 -14.67 -28.64 41.15
C HIS E 198 -13.21 -28.22 41.22
N LYS E 199 -12.33 -29.10 40.73
CA LYS E 199 -10.92 -28.73 40.62
C LYS E 199 -10.73 -27.54 39.68
N ASP E 200 -11.61 -27.40 38.70
CA ASP E 200 -11.61 -26.26 37.79
C ASP E 200 -12.72 -25.31 38.20
N LEU E 201 -12.34 -24.10 38.65
CA LEU E 201 -13.34 -23.13 39.05
C LEU E 201 -14.17 -22.63 37.87
N ARG E 202 -13.60 -22.67 36.66
CA ARG E 202 -14.39 -22.33 35.48
C ARG E 202 -15.42 -23.41 35.19
N ARG E 203 -14.99 -24.66 35.11
CA ARG E 203 -15.90 -25.78 34.89
C ARG E 203 -16.74 -26.10 36.10
N ALA E 204 -16.53 -25.40 37.23
CA ALA E 204 -17.34 -25.61 38.42
C ALA E 204 -18.76 -25.08 38.24
N ARG E 205 -18.96 -24.12 37.35
CA ARG E 205 -20.26 -23.51 37.17
C ARG E 205 -21.18 -24.39 36.34
N ALA E 206 -22.45 -24.00 36.28
CA ALA E 206 -23.45 -24.73 35.52
C ALA E 206 -23.09 -24.73 34.04
N ALA E 207 -22.92 -25.92 33.48
CA ALA E 207 -22.46 -26.03 32.09
C ALA E 207 -23.51 -25.50 31.12
N ALA E 208 -24.78 -25.85 31.33
CA ALA E 208 -25.83 -25.46 30.40
C ALA E 208 -26.34 -24.05 30.63
N LEU E 209 -25.90 -23.36 31.68
CA LEU E 209 -26.38 -22.03 31.99
C LEU E 209 -25.47 -20.92 31.48
N ASN E 210 -24.23 -21.22 31.15
CA ASN E 210 -23.28 -20.19 30.72
C ASN E 210 -22.18 -20.85 29.89
N ILE E 211 -21.25 -20.03 29.40
CA ILE E 211 -20.07 -20.51 28.70
C ILE E 211 -18.91 -20.49 29.68
N VAL E 212 -18.25 -21.64 29.85
CA VAL E 212 -17.15 -21.81 30.78
C VAL E 212 -15.86 -21.90 29.96
N PRO E 213 -14.95 -20.93 30.09
CA PRO E 213 -13.65 -21.05 29.43
C PRO E 213 -12.71 -21.98 30.18
N THR E 214 -12.39 -23.11 29.57
CA THR E 214 -11.49 -24.09 30.15
C THR E 214 -10.25 -24.25 29.27
N SER E 215 -9.29 -25.02 29.76
CA SER E 215 -8.03 -25.22 29.06
C SER E 215 -8.09 -26.49 28.22
N THR E 216 -7.13 -26.60 27.30
CA THR E 216 -7.00 -27.79 26.47
C THR E 216 -5.54 -27.97 26.08
N GLY E 217 -5.15 -29.22 25.91
CA GLY E 217 -3.79 -29.54 25.50
C GLY E 217 -3.70 -30.00 24.06
N ALA E 218 -4.70 -29.64 23.26
CA ALA E 218 -4.72 -30.05 21.85
C ALA E 218 -3.65 -29.32 21.06
N ALA E 219 -3.60 -27.99 21.17
CA ALA E 219 -2.63 -27.21 20.42
C ALA E 219 -1.26 -27.18 21.10
N LYS E 220 -1.24 -27.22 22.44
CA LYS E 220 0.04 -27.21 23.15
C LYS E 220 0.81 -28.51 22.92
N ALA E 221 0.11 -29.62 22.73
CA ALA E 221 0.75 -30.91 22.48
C ALA E 221 0.57 -31.36 21.04
N ILE E 222 0.49 -30.40 20.11
CA ILE E 222 0.38 -30.75 18.70
C ILE E 222 1.66 -31.38 18.16
N GLY E 223 2.79 -31.12 18.82
CA GLY E 223 4.05 -31.73 18.42
C GLY E 223 4.13 -33.22 18.66
N LEU E 224 3.20 -33.78 19.44
CA LEU E 224 3.21 -35.23 19.68
C LEU E 224 2.91 -36.01 18.40
N VAL E 225 2.18 -35.40 17.46
CA VAL E 225 1.87 -36.05 16.20
C VAL E 225 2.51 -35.35 15.01
N MET E 226 2.88 -34.08 15.14
CA MET E 226 3.55 -33.32 14.08
C MET E 226 4.71 -32.56 14.71
N PRO E 227 5.92 -33.14 14.70
CA PRO E 227 7.04 -32.48 15.40
C PRO E 227 7.41 -31.13 14.82
N GLN E 228 7.16 -30.90 13.54
CA GLN E 228 7.47 -29.61 12.94
C GLN E 228 6.62 -28.47 13.50
N LEU E 229 5.56 -28.79 14.23
CA LEU E 229 4.69 -27.79 14.83
C LEU E 229 4.81 -27.73 16.34
N LYS E 230 5.80 -28.41 16.92
CA LYS E 230 5.97 -28.45 18.36
C LYS E 230 6.32 -27.06 18.89
N GLY E 231 5.52 -26.57 19.83
CA GLY E 231 5.75 -25.27 20.43
C GLY E 231 5.24 -24.09 19.62
N LYS E 232 4.76 -24.31 18.40
CA LYS E 232 4.27 -23.23 17.55
C LYS E 232 2.78 -22.98 17.71
N LEU E 233 2.04 -23.87 18.36
CA LEU E 233 0.60 -23.72 18.52
C LEU E 233 0.23 -23.74 20.00
N ASP E 234 -0.83 -23.00 20.31
CA ASP E 234 -1.36 -22.92 21.67
C ASP E 234 -2.81 -22.46 21.59
N GLY E 235 -3.59 -22.80 22.61
CA GLY E 235 -4.98 -22.41 22.62
C GLY E 235 -5.67 -22.86 23.88
N TYR E 236 -6.97 -22.57 23.93
CA TYR E 236 -7.82 -22.93 25.05
C TYR E 236 -9.20 -23.32 24.52
N ALA E 237 -10.11 -23.64 25.43
CA ALA E 237 -11.44 -24.12 25.07
C ALA E 237 -12.50 -23.23 25.68
N LEU E 238 -13.69 -23.27 25.08
CA LEU E 238 -14.85 -22.49 25.53
C LEU E 238 -16.10 -23.36 25.42
N ARG E 239 -16.52 -23.90 26.56
CA ARG E 239 -17.66 -24.81 26.60
C ARG E 239 -18.96 -24.04 26.51
N VAL E 240 -19.82 -24.42 25.56
CA VAL E 240 -21.08 -23.73 25.34
C VAL E 240 -22.25 -24.63 25.73
N PRO E 241 -23.41 -24.07 26.11
CA PRO E 241 -24.57 -24.92 26.44
C PRO E 241 -25.05 -25.75 25.26
N ILE E 242 -24.27 -26.74 24.86
CA ILE E 242 -24.59 -27.62 23.74
C ILE E 242 -24.06 -29.01 24.07
N PRO E 243 -24.79 -30.07 23.76
CA PRO E 243 -24.18 -31.41 23.72
C PRO E 243 -23.72 -31.77 22.32
N THR E 244 -22.77 -32.73 22.27
CA THR E 244 -22.22 -33.42 21.09
C THR E 244 -21.38 -32.57 20.15
N GLY E 245 -21.75 -31.30 19.89
CA GLY E 245 -21.12 -30.53 18.83
C GLY E 245 -20.04 -29.56 19.27
N SER E 246 -19.00 -29.44 18.43
CA SER E 246 -17.90 -28.52 18.72
C SER E 246 -17.26 -28.04 17.42
N VAL E 247 -16.52 -26.94 17.50
CA VAL E 247 -15.85 -26.32 16.37
C VAL E 247 -14.54 -25.69 16.84
N THR E 248 -13.53 -25.73 15.97
CA THR E 248 -12.22 -25.15 16.24
C THR E 248 -11.99 -23.93 15.36
N ASP E 249 -11.42 -22.89 15.94
CA ASP E 249 -11.11 -21.63 15.24
C ASP E 249 -9.62 -21.36 15.39
N LEU E 250 -8.85 -21.71 14.37
CA LEU E 250 -7.39 -21.59 14.41
C LEU E 250 -6.96 -20.35 13.64
N THR E 251 -6.35 -19.40 14.34
CA THR E 251 -5.75 -18.22 13.72
C THR E 251 -4.24 -18.43 13.70
N VAL E 252 -3.67 -18.54 12.50
CA VAL E 252 -2.30 -18.98 12.31
C VAL E 252 -1.58 -18.03 11.35
N ASP E 253 -0.32 -17.72 11.67
CA ASP E 253 0.54 -16.98 10.75
C ASP E 253 1.19 -17.96 9.77
N LEU E 254 1.13 -17.64 8.48
CA LEU E 254 1.65 -18.50 7.44
C LEU E 254 3.04 -18.07 7.01
N SER E 255 3.84 -19.04 6.56
CA SER E 255 5.17 -18.73 6.05
C SER E 255 5.08 -18.05 4.68
N THR E 256 4.13 -18.47 3.85
CA THR E 256 3.87 -17.86 2.56
C THR E 256 2.45 -17.32 2.55
N ARG E 257 2.29 -16.08 2.07
CA ARG E 257 0.97 -15.45 2.06
C ARG E 257 0.04 -16.19 1.11
N ALA E 258 -1.12 -16.61 1.63
CA ALA E 258 -2.10 -17.36 0.87
C ALA E 258 -3.46 -16.68 0.95
N SER E 259 -4.25 -16.88 -0.10
CA SER E 259 -5.59 -16.28 -0.18
C SER E 259 -6.63 -17.22 0.41
N VAL E 260 -7.85 -16.70 0.58
CA VAL E 260 -8.95 -17.51 1.08
C VAL E 260 -9.28 -18.60 0.08
N ASP E 261 -9.34 -18.26 -1.21
CA ASP E 261 -9.64 -19.25 -2.24
C ASP E 261 -8.55 -20.30 -2.34
N GLU E 262 -7.29 -19.92 -2.07
CA GLU E 262 -6.21 -20.89 -2.08
C GLU E 262 -6.34 -21.88 -0.92
N ILE E 263 -6.70 -21.39 0.26
CA ILE E 263 -6.85 -22.26 1.42
C ILE E 263 -8.07 -23.16 1.26
N ASN E 264 -9.18 -22.61 0.77
CA ASN E 264 -10.38 -23.43 0.57
C ASN E 264 -10.16 -24.49 -0.50
N ALA E 265 -9.41 -24.17 -1.54
CA ALA E 265 -9.12 -25.15 -2.59
C ALA E 265 -8.18 -26.23 -2.08
N ALA E 266 -7.23 -25.87 -1.21
CA ALA E 266 -6.32 -26.86 -0.66
C ALA E 266 -7.04 -27.81 0.28
N PHE E 267 -8.00 -27.30 1.06
CA PHE E 267 -8.73 -28.16 1.97
C PHE E 267 -9.69 -29.08 1.22
N LYS E 268 -10.29 -28.58 0.13
CA LYS E 268 -11.14 -29.43 -0.68
C LYS E 268 -10.34 -30.52 -1.38
N ALA E 269 -9.13 -30.17 -1.84
CA ALA E 269 -8.25 -31.18 -2.44
C ALA E 269 -7.79 -32.19 -1.41
N ALA E 270 -7.59 -31.77 -0.16
CA ALA E 270 -7.21 -32.71 0.88
C ALA E 270 -8.37 -33.62 1.24
N ALA E 271 -9.59 -33.06 1.33
CA ALA E 271 -10.75 -33.88 1.66
C ALA E 271 -11.07 -34.88 0.56
N GLU E 272 -10.80 -34.53 -0.70
CA GLU E 272 -11.04 -35.41 -1.83
C GLU E 272 -9.89 -36.37 -2.09
N GLY E 273 -8.80 -36.29 -1.32
CA GLY E 273 -7.65 -37.11 -1.60
C GLY E 273 -7.10 -37.86 -0.40
N ARG E 274 -5.99 -37.37 0.18
CA ARG E 274 -5.31 -38.11 1.22
C ARG E 274 -6.11 -38.17 2.51
N LEU E 275 -6.99 -37.20 2.74
CA LEU E 275 -7.82 -37.16 3.95
C LEU E 275 -9.27 -37.48 3.67
N LYS E 276 -9.53 -38.36 2.70
CA LYS E 276 -10.88 -38.80 2.41
C LYS E 276 -11.36 -39.73 3.53
N GLY E 277 -12.37 -39.29 4.26
CA GLY E 277 -12.90 -40.01 5.40
C GLY E 277 -12.55 -39.39 6.74
N ILE E 278 -11.50 -38.59 6.80
CA ILE E 278 -11.12 -37.89 8.03
C ILE E 278 -11.53 -36.43 7.99
N LEU E 279 -11.30 -35.75 6.87
CA LEU E 279 -11.65 -34.35 6.69
C LEU E 279 -12.81 -34.24 5.72
N LYS E 280 -13.77 -33.37 6.07
CA LYS E 280 -14.92 -33.09 5.22
C LYS E 280 -14.90 -31.63 4.81
N TYR E 281 -15.26 -31.36 3.56
CA TYR E 281 -15.32 -30.01 3.02
C TYR E 281 -16.77 -29.58 2.87
N TYR E 282 -17.11 -28.45 3.46
CA TYR E 282 -18.47 -27.92 3.43
C TYR E 282 -18.48 -26.55 2.75
N ASP E 283 -19.30 -26.42 1.72
CA ASP E 283 -19.53 -25.14 1.05
C ASP E 283 -20.91 -24.59 1.34
N ALA E 284 -21.71 -25.26 2.19
CA ALA E 284 -23.06 -24.90 2.58
C ALA E 284 -23.07 -24.22 3.94
N PRO E 285 -24.01 -23.30 4.18
CA PRO E 285 -24.08 -22.63 5.49
C PRO E 285 -24.57 -23.57 6.57
N ILE E 286 -23.65 -24.29 7.20
CA ILE E 286 -23.98 -25.31 8.18
C ILE E 286 -23.78 -24.75 9.58
N VAL E 287 -24.44 -25.39 10.55
CA VAL E 287 -24.27 -25.06 11.97
C VAL E 287 -23.88 -26.34 12.69
N SER E 288 -23.82 -26.29 14.02
CA SER E 288 -23.34 -27.45 14.78
C SER E 288 -24.35 -28.58 14.77
N SER E 289 -25.65 -28.28 14.65
CA SER E 289 -26.66 -29.33 14.58
C SER E 289 -26.47 -30.20 13.35
N ASP E 290 -25.84 -29.68 12.30
CA ASP E 290 -25.46 -30.46 11.13
C ASP E 290 -24.21 -31.29 11.37
N ILE E 291 -23.54 -31.10 12.50
CA ILE E 291 -22.31 -31.82 12.81
C ILE E 291 -22.56 -32.99 13.74
N VAL E 292 -23.67 -33.00 14.47
CA VAL E 292 -23.99 -34.11 15.36
C VAL E 292 -24.07 -35.40 14.55
N THR E 293 -23.49 -36.48 15.12
CA THR E 293 -23.49 -37.80 14.50
C THR E 293 -22.85 -37.77 13.11
N ASP E 294 -21.74 -37.05 12.99
CA ASP E 294 -20.96 -37.01 11.76
C ASP E 294 -19.61 -37.67 12.01
N PRO E 295 -19.23 -38.69 11.25
CA PRO E 295 -18.02 -39.45 11.57
C PRO E 295 -16.71 -38.76 11.20
N HIS E 296 -16.77 -37.62 10.50
CA HIS E 296 -15.55 -36.95 10.10
C HIS E 296 -14.83 -36.34 11.30
N SER E 297 -13.50 -36.38 11.27
CA SER E 297 -12.71 -35.82 12.36
C SER E 297 -12.65 -34.30 12.31
N SER E 298 -12.70 -33.73 11.10
CA SER E 298 -12.62 -32.28 10.94
C SER E 298 -13.49 -31.88 9.76
N ILE E 299 -14.47 -31.01 10.01
CA ILE E 299 -15.38 -30.55 8.98
C ILE E 299 -15.06 -29.10 8.65
N PHE E 300 -14.23 -28.88 7.63
CA PHE E 300 -13.75 -27.55 7.30
C PHE E 300 -14.89 -26.68 6.77
N ASP E 301 -15.11 -25.53 7.40
CA ASP E 301 -16.13 -24.58 6.97
C ASP E 301 -15.46 -23.55 6.08
N SER E 302 -15.61 -23.71 4.77
CA SER E 302 -14.98 -22.81 3.82
C SER E 302 -15.61 -21.42 3.81
N GLY E 303 -16.86 -21.30 4.24
CA GLY E 303 -17.52 -20.01 4.23
C GLY E 303 -16.99 -19.05 5.29
N LEU E 304 -16.50 -19.58 6.41
CA LEU E 304 -16.01 -18.76 7.51
C LEU E 304 -14.50 -18.55 7.45
N THR E 305 -13.91 -18.56 6.25
CA THR E 305 -12.48 -18.39 6.07
C THR E 305 -12.15 -16.93 5.79
N LYS E 306 -11.18 -16.39 6.53
CA LYS E 306 -10.74 -15.02 6.34
C LYS E 306 -9.23 -14.97 6.49
N VAL E 307 -8.59 -14.11 5.70
CA VAL E 307 -7.13 -13.99 5.70
C VAL E 307 -6.73 -12.53 5.55
N ILE E 308 -5.60 -12.18 6.16
CA ILE E 308 -4.99 -10.86 6.03
C ILE E 308 -3.48 -11.05 5.97
N ASP E 309 -2.85 -10.59 4.89
CA ASP E 309 -1.43 -10.77 4.68
C ASP E 309 -1.03 -12.23 4.78
N ASP E 310 -0.49 -12.64 5.93
CA ASP E 310 -0.10 -14.03 6.15
C ASP E 310 -0.79 -14.65 7.36
N GLN E 311 -1.76 -13.97 7.96
CA GLN E 311 -2.52 -14.49 9.09
C GLN E 311 -3.89 -14.93 8.60
N ALA E 312 -4.20 -16.21 8.77
CA ALA E 312 -5.46 -16.78 8.31
C ALA E 312 -6.23 -17.35 9.49
N LYS E 313 -7.57 -17.27 9.40
CA LYS E 313 -8.47 -17.85 10.39
C LYS E 313 -9.20 -19.02 9.75
N VAL E 314 -8.93 -20.22 10.23
CA VAL E 314 -9.53 -21.45 9.70
C VAL E 314 -10.54 -21.95 10.72
N VAL E 315 -11.74 -22.28 10.25
CA VAL E 315 -12.83 -22.75 11.09
C VAL E 315 -13.23 -24.14 10.61
N SER E 316 -13.28 -25.09 11.54
CA SER E 316 -13.60 -26.48 11.21
C SER E 316 -14.42 -27.10 12.34
N TRP E 317 -15.51 -27.76 11.97
CA TRP E 317 -16.41 -28.40 12.91
C TRP E 317 -15.97 -29.84 13.18
N TYR E 318 -16.49 -30.39 14.27
CA TYR E 318 -16.23 -31.78 14.62
C TYR E 318 -17.17 -32.22 15.73
N ASP E 319 -17.71 -33.43 15.61
CA ASP E 319 -18.55 -34.04 16.64
C ASP E 319 -17.63 -34.70 17.67
N ASN E 320 -17.50 -34.06 18.85
CA ASN E 320 -16.58 -34.56 19.86
C ASN E 320 -16.96 -35.93 20.40
N GLU E 321 -18.17 -36.42 20.13
CA GLU E 321 -18.60 -37.73 20.60
C GLU E 321 -18.57 -38.78 19.49
N TRP E 322 -19.39 -38.60 18.46
CA TRP E 322 -19.54 -39.64 17.44
C TRP E 322 -18.31 -39.71 16.54
N GLY E 323 -17.87 -38.55 16.02
CA GLY E 323 -16.72 -38.55 15.14
C GLY E 323 -15.45 -39.02 15.84
N TYR E 324 -15.32 -38.71 17.13
CA TYR E 324 -14.17 -39.19 17.89
C TYR E 324 -14.21 -40.70 18.06
N SER E 325 -15.41 -41.25 18.33
CA SER E 325 -15.52 -42.69 18.56
C SER E 325 -15.29 -43.47 17.28
N ASN E 326 -15.68 -42.94 16.13
CA ASN E 326 -15.39 -43.60 14.87
C ASN E 326 -13.90 -43.70 14.63
N ARG E 327 -13.13 -42.72 15.09
CA ARG E 327 -11.68 -42.82 15.01
C ARG E 327 -11.14 -43.84 16.00
N LEU E 328 -11.79 -44.00 17.16
CA LEU E 328 -11.40 -45.05 18.08
C LEU E 328 -11.75 -46.42 17.53
N VAL E 329 -12.80 -46.53 16.72
CA VAL E 329 -13.13 -47.80 16.08
C VAL E 329 -12.12 -48.11 14.99
N ASP E 330 -11.81 -47.12 14.15
CA ASP E 330 -10.83 -47.34 13.08
C ASP E 330 -9.44 -47.61 13.63
N LEU E 331 -9.09 -47.00 14.77
CA LEU E 331 -7.79 -47.28 15.37
C LEU E 331 -7.76 -48.68 15.98
N VAL E 332 -8.87 -49.11 16.57
CA VAL E 332 -8.92 -50.46 17.14
C VAL E 332 -8.86 -51.51 16.05
N THR E 333 -9.38 -51.20 14.86
CA THR E 333 -9.28 -52.13 13.74
C THR E 333 -7.88 -52.15 13.14
N LEU E 334 -7.17 -51.02 13.17
CA LEU E 334 -5.80 -51.00 12.68
C LEU E 334 -4.85 -51.72 13.61
N VAL E 335 -4.99 -51.47 14.92
CA VAL E 335 -4.12 -52.13 15.89
C VAL E 335 -4.42 -53.62 15.95
N GLY E 336 -5.69 -53.99 15.85
CA GLY E 336 -6.04 -55.40 15.82
C GLY E 336 -5.51 -56.12 14.59
N LYS E 337 -5.36 -55.40 13.48
CA LYS E 337 -4.78 -55.98 12.28
C LYS E 337 -3.32 -56.36 12.47
N SER E 338 -2.63 -55.71 13.40
CA SER E 338 -1.24 -56.05 13.71
C SER E 338 -1.13 -57.26 14.63
N LEU E 339 -2.24 -57.79 15.13
CA LEU E 339 -2.22 -58.94 16.02
C LEU E 339 -2.54 -60.23 15.27
N THR F 2 -51.15 -43.04 -7.48
CA THR F 2 -50.40 -42.25 -6.52
C THR F 2 -51.14 -40.95 -6.19
N VAL F 3 -51.42 -40.74 -4.90
CA VAL F 3 -52.10 -39.53 -4.47
C VAL F 3 -51.14 -38.36 -4.54
N ARG F 4 -51.54 -37.31 -5.26
CA ARG F 4 -50.70 -36.13 -5.45
C ARG F 4 -51.04 -35.11 -4.36
N VAL F 5 -50.03 -34.71 -3.58
CA VAL F 5 -50.20 -33.85 -2.43
C VAL F 5 -49.41 -32.56 -2.62
N GLY F 6 -49.98 -31.45 -2.18
CA GLY F 6 -49.29 -30.18 -2.17
C GLY F 6 -49.31 -29.54 -0.79
N ILE F 7 -48.16 -29.04 -0.35
CA ILE F 7 -48.01 -28.47 0.99
C ILE F 7 -48.08 -26.95 0.90
N ASN F 8 -48.93 -26.35 1.73
CA ASN F 8 -48.97 -24.90 1.90
C ASN F 8 -48.40 -24.59 3.28
N GLY F 9 -47.18 -24.06 3.29
CA GLY F 9 -46.48 -23.82 4.54
C GLY F 9 -45.47 -24.90 4.85
N PHE F 10 -44.33 -24.85 4.15
CA PHE F 10 -43.30 -25.87 4.28
C PHE F 10 -42.42 -25.60 5.50
N GLY F 11 -43.03 -25.41 6.66
CA GLY F 11 -42.30 -25.13 7.88
C GLY F 11 -41.92 -26.38 8.64
N ARG F 12 -41.97 -26.32 9.97
CA ARG F 12 -41.63 -27.48 10.79
C ARG F 12 -42.56 -28.65 10.51
N ILE F 13 -43.87 -28.39 10.52
CA ILE F 13 -44.83 -29.45 10.22
C ILE F 13 -44.76 -29.83 8.75
N GLY F 14 -44.54 -28.86 7.87
CA GLY F 14 -44.47 -29.16 6.45
C GLY F 14 -43.30 -30.06 6.09
N ARG F 15 -42.13 -29.80 6.70
CA ARG F 15 -40.96 -30.63 6.43
C ARG F 15 -41.02 -31.95 7.20
N ASN F 16 -41.59 -31.95 8.41
CA ASN F 16 -41.78 -33.20 9.13
C ASN F 16 -42.76 -34.11 8.40
N PHE F 17 -43.80 -33.52 7.79
CA PHE F 17 -44.74 -34.31 7.01
C PHE F 17 -44.06 -34.92 5.79
N TYR F 18 -43.17 -34.18 5.14
CA TYR F 18 -42.49 -34.71 3.97
C TYR F 18 -41.48 -35.78 4.35
N ARG F 19 -40.76 -35.59 5.46
CA ARG F 19 -39.82 -36.61 5.92
C ARG F 19 -40.55 -37.85 6.40
N ALA F 20 -41.68 -37.67 7.10
CA ALA F 20 -42.46 -38.83 7.55
C ALA F 20 -43.04 -39.59 6.36
N LEU F 21 -43.46 -38.87 5.31
CA LEU F 21 -43.95 -39.53 4.12
C LEU F 21 -42.86 -40.33 3.43
N LEU F 22 -41.64 -39.79 3.40
CA LEU F 22 -40.52 -40.52 2.79
C LEU F 22 -40.17 -41.77 3.60
N ALA F 23 -40.16 -41.65 4.93
CA ALA F 23 -39.85 -42.81 5.76
C ALA F 23 -40.96 -43.85 5.70
N GLN F 24 -42.22 -43.40 5.66
CA GLN F 24 -43.33 -44.33 5.55
C GLN F 24 -43.38 -45.01 4.19
N GLN F 25 -42.87 -44.34 3.15
CA GLN F 25 -42.75 -45.00 1.85
C GLN F 25 -41.62 -46.02 1.85
N GLU F 26 -40.53 -45.73 2.57
CA GLU F 26 -39.46 -46.70 2.70
C GLU F 26 -39.92 -47.94 3.46
N GLN F 27 -40.87 -47.78 4.38
CA GLN F 27 -41.46 -48.92 5.08
C GLN F 27 -42.58 -49.57 4.28
N GLY F 28 -43.12 -48.89 3.28
CA GLY F 28 -44.16 -49.45 2.43
C GLY F 28 -45.58 -49.08 2.82
N THR F 29 -45.77 -48.35 3.92
CA THR F 29 -47.09 -48.01 4.42
C THR F 29 -47.55 -46.63 3.96
N ALA F 30 -47.14 -46.20 2.77
CA ALA F 30 -47.52 -44.89 2.27
C ALA F 30 -47.56 -44.92 0.74
N ASP F 31 -48.48 -44.14 0.18
CA ASP F 31 -48.68 -44.04 -1.25
C ASP F 31 -48.59 -42.60 -1.76
N VAL F 32 -49.15 -41.64 -1.01
CA VAL F 32 -49.17 -40.26 -1.46
C VAL F 32 -47.75 -39.72 -1.62
N GLU F 33 -47.59 -38.79 -2.56
CA GLU F 33 -46.32 -38.12 -2.80
C GLU F 33 -46.55 -36.62 -2.92
N VAL F 34 -45.63 -35.84 -2.37
CA VAL F 34 -45.72 -34.40 -2.40
C VAL F 34 -45.07 -33.89 -3.67
N VAL F 35 -45.80 -33.09 -4.45
CA VAL F 35 -45.32 -32.58 -5.73
C VAL F 35 -45.13 -31.08 -5.74
N ALA F 36 -45.64 -30.35 -4.75
CA ALA F 36 -45.53 -28.90 -4.74
C ALA F 36 -45.47 -28.41 -3.31
N ALA F 37 -44.86 -27.24 -3.13
CA ALA F 37 -44.73 -26.62 -1.82
C ALA F 37 -44.78 -25.10 -1.99
N ASN F 38 -45.48 -24.44 -1.08
CA ASN F 38 -45.66 -22.99 -1.12
C ASN F 38 -45.28 -22.41 0.24
N ASP F 39 -44.38 -21.44 0.24
CA ASP F 39 -43.95 -20.77 1.47
C ASP F 39 -43.82 -19.29 1.18
N ILE F 40 -43.00 -18.60 1.97
CA ILE F 40 -42.74 -17.18 1.75
C ILE F 40 -41.25 -16.98 1.52
N THR F 41 -40.60 -17.97 0.91
CA THR F 41 -39.19 -17.88 0.59
C THR F 41 -38.93 -18.67 -0.70
N ASP F 42 -37.70 -18.59 -1.19
CA ASP F 42 -37.34 -19.22 -2.45
C ASP F 42 -37.11 -20.72 -2.28
N ASN F 43 -36.85 -21.40 -3.39
CA ASN F 43 -36.58 -22.83 -3.35
C ASN F 43 -35.21 -23.15 -2.74
N SER F 44 -34.29 -22.18 -2.73
CA SER F 44 -32.98 -22.41 -2.11
C SER F 44 -33.11 -22.57 -0.61
N THR F 45 -33.87 -21.68 0.03
CA THR F 45 -34.06 -21.78 1.47
C THR F 45 -34.88 -23.02 1.84
N LEU F 46 -35.87 -23.37 1.03
CA LEU F 46 -36.68 -24.55 1.29
C LEU F 46 -35.85 -25.82 1.17
N ALA F 47 -34.96 -25.87 0.18
CA ALA F 47 -34.09 -27.04 0.01
C ALA F 47 -33.04 -27.12 1.11
N HIS F 48 -32.59 -25.97 1.63
CA HIS F 48 -31.61 -25.99 2.70
C HIS F 48 -32.23 -26.44 4.01
N LEU F 49 -33.43 -25.96 4.32
CA LEU F 49 -34.10 -26.38 5.54
C LEU F 49 -34.57 -27.82 5.47
N LEU F 50 -34.80 -28.33 4.26
CA LEU F 50 -35.21 -29.73 4.11
C LEU F 50 -34.02 -30.67 4.22
N LYS F 51 -32.88 -30.30 3.64
CA LYS F 51 -31.70 -31.15 3.71
C LYS F 51 -31.13 -31.19 5.12
N PHE F 52 -30.98 -30.04 5.76
CA PHE F 52 -30.39 -29.93 7.08
C PHE F 52 -31.48 -29.55 8.08
N ASP F 53 -31.67 -30.40 9.09
CA ASP F 53 -32.63 -30.15 10.16
C ASP F 53 -31.92 -30.23 11.50
N SER F 54 -32.19 -29.27 12.38
CA SER F 54 -31.54 -29.26 13.69
C SER F 54 -32.04 -30.39 14.57
N ILE F 55 -33.27 -30.85 14.36
CA ILE F 55 -33.88 -31.88 15.18
C ILE F 55 -33.80 -33.25 14.52
N LEU F 56 -34.15 -33.33 13.25
CA LEU F 56 -34.17 -34.59 12.52
C LEU F 56 -32.84 -34.92 11.87
N GLY F 57 -31.82 -34.09 12.06
CA GLY F 57 -30.54 -34.35 11.43
C GLY F 57 -30.58 -34.07 9.94
N ARG F 58 -29.61 -34.65 9.24
CA ARG F 58 -29.51 -34.50 7.80
C ARG F 58 -30.43 -35.50 7.08
N LEU F 59 -30.82 -35.14 5.87
CA LEU F 59 -31.64 -36.04 5.08
C LEU F 59 -30.75 -37.05 4.36
N PRO F 60 -31.07 -38.35 4.41
CA PRO F 60 -30.23 -39.33 3.70
C PRO F 60 -30.24 -39.14 2.20
N CYS F 61 -31.30 -38.58 1.64
CA CYS F 61 -31.38 -38.33 0.21
C CYS F 61 -30.65 -37.04 -0.15
N ASP F 62 -30.23 -36.96 -1.41
CA ASP F 62 -29.61 -35.75 -1.93
C ASP F 62 -30.69 -34.75 -2.29
N VAL F 63 -30.39 -33.47 -2.11
CA VAL F 63 -31.35 -32.40 -2.37
C VAL F 63 -30.69 -31.36 -3.28
N GLY F 64 -31.36 -31.03 -4.38
CA GLY F 64 -30.88 -30.04 -5.32
C GLY F 64 -31.95 -28.99 -5.62
N LEU F 65 -31.56 -28.02 -6.43
CA LEU F 65 -32.44 -26.91 -6.77
C LEU F 65 -32.25 -26.52 -8.23
N GLU F 66 -33.20 -25.73 -8.73
CA GLU F 66 -33.11 -25.17 -10.08
C GLU F 66 -33.49 -23.69 -10.06
N GLY F 67 -34.68 -23.37 -10.54
CA GLY F 67 -35.17 -22.00 -10.51
C GLY F 67 -36.53 -21.92 -9.87
N ASP F 68 -37.33 -22.98 -10.02
CA ASP F 68 -38.64 -23.05 -9.41
C ASP F 68 -38.96 -24.42 -8.83
N ASP F 69 -38.10 -25.41 -9.00
CA ASP F 69 -38.34 -26.76 -8.52
C ASP F 69 -37.15 -27.21 -7.68
N THR F 70 -37.45 -28.04 -6.69
CA THR F 70 -36.43 -28.67 -5.86
C THR F 70 -36.44 -30.17 -6.10
N ILE F 71 -35.30 -30.70 -6.52
CA ILE F 71 -35.17 -32.14 -6.76
C ILE F 71 -34.60 -32.76 -5.49
N VAL F 72 -35.40 -33.60 -4.83
CA VAL F 72 -34.89 -34.39 -3.72
C VAL F 72 -34.10 -35.53 -4.36
N VAL F 73 -34.51 -36.78 -4.16
CA VAL F 73 -33.81 -37.92 -4.73
C VAL F 73 -34.78 -38.65 -5.65
N GLY F 74 -34.45 -38.71 -6.93
CA GLY F 74 -35.32 -39.31 -7.93
C GLY F 74 -36.67 -38.65 -8.10
N ARG F 75 -37.04 -37.72 -7.22
CA ARG F 75 -38.30 -37.00 -7.31
C ARG F 75 -38.06 -35.51 -7.38
N ALA F 76 -38.96 -34.80 -8.07
CA ALA F 76 -38.89 -33.36 -8.20
C ALA F 76 -40.20 -32.75 -7.69
N LYS F 77 -40.07 -31.69 -6.89
CA LYS F 77 -41.23 -30.97 -6.35
C LYS F 77 -41.15 -29.52 -6.79
N ILE F 78 -42.16 -29.08 -7.53
CA ILE F 78 -42.23 -27.70 -7.99
C ILE F 78 -42.43 -26.81 -6.76
N LYS F 79 -41.44 -25.98 -6.45
CA LYS F 79 -41.50 -25.11 -5.27
C LYS F 79 -42.25 -23.82 -5.60
N ALA F 80 -43.52 -23.99 -5.99
CA ALA F 80 -44.41 -22.86 -6.29
C ALA F 80 -44.67 -22.10 -5.00
N LEU F 81 -43.68 -21.30 -4.61
CA LEU F 81 -43.70 -20.61 -3.32
C LEU F 81 -43.94 -19.10 -3.43
N ALA F 82 -43.76 -18.51 -4.61
CA ALA F 82 -43.92 -17.06 -4.74
C ALA F 82 -45.34 -16.60 -4.45
N VAL F 83 -46.31 -17.50 -4.44
CA VAL F 83 -47.69 -17.15 -4.13
C VAL F 83 -47.83 -16.86 -2.64
N ARG F 84 -47.55 -15.63 -2.25
CA ARG F 84 -47.65 -15.21 -0.85
C ARG F 84 -49.03 -14.66 -0.50
N GLU F 85 -49.96 -14.62 -1.46
CA GLU F 85 -51.29 -14.07 -1.22
C GLU F 85 -52.21 -15.13 -0.62
N GLY F 86 -53.50 -15.06 -0.96
CA GLY F 86 -54.46 -16.00 -0.45
C GLY F 86 -54.27 -17.39 -1.04
N PRO F 87 -54.80 -18.41 -0.36
CA PRO F 87 -54.65 -19.78 -0.85
C PRO F 87 -55.40 -20.07 -2.14
N ALA F 88 -56.32 -19.19 -2.56
CA ALA F 88 -57.02 -19.39 -3.82
C ALA F 88 -56.13 -19.09 -5.02
N ALA F 89 -55.00 -18.42 -4.82
CA ALA F 89 -54.09 -18.08 -5.90
C ALA F 89 -53.11 -19.20 -6.23
N LEU F 90 -52.98 -20.20 -5.38
CA LEU F 90 -52.04 -21.28 -5.65
C LEU F 90 -52.56 -22.16 -6.79
N PRO F 91 -51.69 -22.62 -7.68
CA PRO F 91 -52.13 -23.46 -8.81
C PRO F 91 -52.17 -24.95 -8.46
N TRP F 92 -53.14 -25.34 -7.62
CA TRP F 92 -53.27 -26.74 -7.26
C TRP F 92 -53.83 -27.55 -8.42
N GLY F 93 -54.81 -27.01 -9.14
CA GLY F 93 -55.39 -27.73 -10.26
C GLY F 93 -54.46 -27.77 -11.45
N ASP F 94 -53.74 -26.68 -11.70
CA ASP F 94 -52.79 -26.66 -12.81
C ASP F 94 -51.66 -27.66 -12.60
N LEU F 95 -51.17 -27.76 -11.36
CA LEU F 95 -50.13 -28.73 -11.03
C LEU F 95 -50.68 -30.13 -10.81
N GLY F 96 -52.00 -30.31 -10.83
CA GLY F 96 -52.59 -31.62 -10.63
C GLY F 96 -52.58 -32.11 -9.21
N VAL F 97 -52.72 -31.21 -8.24
CA VAL F 97 -52.67 -31.59 -6.83
C VAL F 97 -54.05 -32.04 -6.39
N ASP F 98 -54.12 -33.22 -5.77
CA ASP F 98 -55.38 -33.79 -5.29
C ASP F 98 -55.68 -33.34 -3.87
N VAL F 99 -54.79 -33.64 -2.93
CA VAL F 99 -54.94 -33.28 -1.53
C VAL F 99 -53.95 -32.18 -1.19
N VAL F 100 -54.41 -31.17 -0.47
CA VAL F 100 -53.57 -30.05 -0.06
C VAL F 100 -53.45 -30.06 1.46
N VAL F 101 -52.21 -30.06 1.94
CA VAL F 101 -51.93 -30.00 3.37
C VAL F 101 -51.68 -28.54 3.73
N GLU F 102 -52.66 -27.93 4.41
CA GLU F 102 -52.54 -26.55 4.86
C GLU F 102 -51.80 -26.54 6.19
N SER F 103 -50.59 -25.99 6.21
CA SER F 103 -49.75 -26.01 7.40
C SER F 103 -49.10 -24.66 7.68
N THR F 104 -49.64 -23.57 7.13
CA THR F 104 -49.11 -22.25 7.44
C THR F 104 -49.47 -21.80 8.84
N GLY F 105 -50.61 -22.25 9.35
CA GLY F 105 -51.11 -21.81 10.64
C GLY F 105 -51.97 -20.57 10.59
N LEU F 106 -51.95 -19.82 9.48
CA LEU F 106 -52.74 -18.61 9.34
C LEU F 106 -54.04 -18.83 8.59
N PHE F 107 -54.23 -20.00 7.97
CA PHE F 107 -55.42 -20.31 7.20
C PHE F 107 -56.21 -21.44 7.86
N THR F 108 -56.36 -21.38 9.19
CA THR F 108 -57.13 -22.40 9.89
C THR F 108 -58.63 -22.25 9.68
N ASN F 109 -59.10 -21.05 9.35
CA ASN F 109 -60.52 -20.84 9.11
C ASN F 109 -60.94 -21.52 7.81
N ALA F 110 -62.10 -22.17 7.85
CA ALA F 110 -62.61 -22.86 6.66
C ALA F 110 -62.92 -21.88 5.53
N ALA F 111 -63.27 -20.64 5.87
CA ALA F 111 -63.52 -19.63 4.84
C ALA F 111 -62.26 -19.40 4.00
N LYS F 112 -61.10 -19.31 4.65
CA LYS F 112 -59.85 -19.17 3.91
C LYS F 112 -59.41 -20.51 3.31
N ALA F 113 -59.57 -21.59 4.06
CA ALA F 113 -59.14 -22.91 3.59
C ALA F 113 -59.89 -23.34 2.34
N LYS F 114 -61.10 -22.82 2.11
CA LYS F 114 -61.85 -23.16 0.91
C LYS F 114 -61.15 -22.65 -0.35
N GLY F 115 -60.19 -21.74 -0.21
CA GLY F 115 -59.45 -21.27 -1.37
C GLY F 115 -58.66 -22.37 -2.06
N HIS F 116 -58.18 -23.35 -1.30
CA HIS F 116 -57.47 -24.47 -1.89
C HIS F 116 -58.41 -25.28 -2.79
N LEU F 117 -59.61 -25.59 -2.30
CA LEU F 117 -60.59 -26.31 -3.10
C LEU F 117 -60.97 -25.50 -4.34
N ASP F 118 -61.11 -24.18 -4.18
CA ASP F 118 -61.42 -23.33 -5.32
C ASP F 118 -60.26 -23.26 -6.31
N ALA F 119 -59.04 -23.50 -5.84
CA ALA F 119 -57.85 -23.44 -6.67
C ALA F 119 -57.56 -24.75 -7.39
N GLY F 120 -58.39 -25.77 -7.22
CA GLY F 120 -58.22 -27.05 -7.89
C GLY F 120 -58.00 -28.23 -6.96
N ALA F 121 -58.05 -28.07 -5.65
CA ALA F 121 -57.80 -29.18 -4.75
C ALA F 121 -59.09 -29.95 -4.49
N LYS F 122 -58.96 -31.26 -4.33
CA LYS F 122 -60.14 -32.07 -4.04
C LYS F 122 -60.41 -32.13 -2.54
N LYS F 123 -59.37 -32.15 -1.72
CA LYS F 123 -59.51 -32.21 -0.27
C LYS F 123 -58.40 -31.39 0.37
N VAL F 124 -58.73 -30.79 1.52
CA VAL F 124 -57.80 -29.96 2.28
C VAL F 124 -57.68 -30.53 3.68
N ILE F 125 -56.44 -30.68 4.14
CA ILE F 125 -56.15 -31.17 5.48
C ILE F 125 -55.46 -30.05 6.25
N ILE F 126 -56.15 -29.50 7.25
CA ILE F 126 -55.60 -28.44 8.10
C ILE F 126 -54.83 -29.10 9.24
N SER F 127 -53.55 -28.74 9.39
CA SER F 127 -52.68 -29.28 10.42
C SER F 127 -52.90 -28.63 11.78
N ALA F 128 -54.11 -28.15 12.05
CA ALA F 128 -54.40 -27.48 13.32
C ALA F 128 -55.91 -27.51 13.54
N PRO F 129 -56.38 -27.30 14.77
CA PRO F 129 -57.83 -27.18 14.99
C PRO F 129 -58.41 -26.04 14.16
N ALA F 130 -59.50 -26.33 13.46
CA ALA F 130 -60.14 -25.39 12.55
C ALA F 130 -61.48 -24.95 13.10
N THR F 131 -62.08 -23.97 12.40
CA THR F 131 -63.41 -23.48 12.71
C THR F 131 -64.31 -23.68 11.51
N ASP F 132 -65.53 -24.14 11.75
CA ASP F 132 -66.51 -24.44 10.71
C ASP F 132 -65.98 -25.44 9.69
N GLU F 133 -65.15 -26.38 10.14
CA GLU F 133 -64.61 -27.39 9.27
C GLU F 133 -65.64 -28.47 8.98
N ASP F 134 -65.35 -29.29 7.97
CA ASP F 134 -66.27 -30.38 7.63
C ASP F 134 -66.23 -31.48 8.68
N ILE F 135 -65.05 -31.80 9.19
CA ILE F 135 -64.89 -32.85 10.20
C ILE F 135 -63.54 -32.68 10.84
N THR F 136 -63.46 -32.99 12.13
CA THR F 136 -62.21 -33.06 12.88
C THR F 136 -61.92 -34.53 13.18
N ILE F 137 -60.81 -35.04 12.64
CA ILE F 137 -60.50 -36.46 12.69
C ILE F 137 -59.24 -36.67 13.51
N VAL F 138 -59.29 -37.63 14.43
CA VAL F 138 -58.12 -38.13 15.14
C VAL F 138 -57.99 -39.60 14.75
N LEU F 139 -56.93 -39.91 14.00
CA LEU F 139 -56.74 -41.26 13.47
C LEU F 139 -56.69 -42.28 14.60
N GLY F 140 -57.58 -43.26 14.56
CA GLY F 140 -57.67 -44.28 15.58
C GLY F 140 -58.79 -44.09 16.57
N VAL F 141 -59.45 -42.92 16.57
CA VAL F 141 -60.54 -42.64 17.50
C VAL F 141 -61.84 -42.52 16.72
N ASN F 142 -61.96 -41.46 15.90
CA ASN F 142 -63.16 -41.22 15.10
C ASN F 142 -62.84 -41.20 13.61
N ASP F 143 -61.83 -41.96 13.19
CA ASP F 143 -61.48 -42.01 11.77
C ASP F 143 -62.55 -42.71 10.95
N ASP F 144 -63.43 -43.49 11.58
CA ASP F 144 -64.52 -44.14 10.86
C ASP F 144 -65.65 -43.18 10.51
N LYS F 145 -65.71 -42.02 11.18
CA LYS F 145 -66.76 -41.04 10.93
C LYS F 145 -66.55 -40.23 9.66
N TYR F 146 -65.56 -40.58 8.85
CA TYR F 146 -65.28 -39.90 7.59
C TYR F 146 -65.84 -40.72 6.44
N ASP F 147 -66.84 -40.19 5.76
CA ASP F 147 -67.34 -40.75 4.52
C ASP F 147 -66.77 -39.92 3.35
N GLY F 148 -67.39 -40.05 2.18
CA GLY F 148 -66.95 -39.25 1.06
C GLY F 148 -67.44 -37.83 1.04
N SER F 149 -68.24 -37.43 2.03
CA SER F 149 -68.89 -36.11 2.05
C SER F 149 -68.17 -35.12 2.96
N GLN F 150 -66.85 -35.09 2.92
CA GLN F 150 -66.07 -34.13 3.70
C GLN F 150 -64.87 -33.68 2.88
N ASN F 151 -64.62 -32.37 2.89
CA ASN F 151 -63.52 -31.78 2.14
C ASN F 151 -62.58 -30.96 3.03
N ILE F 152 -63.12 -30.09 3.88
CA ILE F 152 -62.31 -29.30 4.79
C ILE F 152 -62.11 -30.15 6.05
N ILE F 153 -61.07 -30.97 6.03
CA ILE F 153 -60.77 -31.89 7.12
C ILE F 153 -59.67 -31.28 7.99
N SER F 154 -59.82 -31.41 9.31
CA SER F 154 -58.83 -30.94 10.26
C SER F 154 -58.38 -32.10 11.13
N ASN F 155 -57.07 -32.28 11.25
CA ASN F 155 -56.49 -33.31 12.08
C ASN F 155 -56.28 -32.84 13.53
N ALA F 156 -56.90 -31.71 13.89
CA ALA F 156 -56.81 -31.14 15.24
C ALA F 156 -55.36 -30.85 15.62
N SER F 157 -55.11 -30.66 16.92
CA SER F 157 -53.77 -30.36 17.40
C SER F 157 -53.02 -31.63 17.75
N CYS F 158 -51.70 -31.49 17.89
CA CYS F 158 -50.88 -32.62 18.32
C CYS F 158 -51.29 -33.11 19.70
N THR F 159 -51.64 -32.17 20.59
CA THR F 159 -52.11 -32.55 21.93
C THR F 159 -53.43 -33.31 21.86
N THR F 160 -54.28 -32.95 20.90
CA THR F 160 -55.53 -33.69 20.72
C THR F 160 -55.27 -35.11 20.27
N ASN F 161 -54.27 -35.30 19.39
CA ASN F 161 -53.93 -36.65 18.93
C ASN F 161 -53.34 -37.50 20.04
N CYS F 162 -52.90 -36.89 21.14
CA CYS F 162 -52.41 -37.64 22.29
C CYS F 162 -53.49 -37.85 23.35
N LEU F 163 -54.33 -36.85 23.59
CA LEU F 163 -55.35 -36.97 24.62
C LEU F 163 -56.50 -37.89 24.17
N ALA F 164 -56.78 -37.93 22.86
CA ALA F 164 -57.90 -38.73 22.38
C ALA F 164 -57.71 -40.22 22.64
N PRO F 165 -56.56 -40.85 22.36
CA PRO F 165 -56.43 -42.28 22.69
C PRO F 165 -56.52 -42.56 24.17
N LEU F 166 -55.94 -41.70 25.01
CA LEU F 166 -56.02 -41.91 26.45
C LEU F 166 -57.45 -41.75 26.95
N ALA F 167 -58.17 -40.76 26.44
CA ALA F 167 -59.55 -40.56 26.87
C ALA F 167 -60.48 -41.61 26.29
N LYS F 168 -60.17 -42.13 25.10
CA LYS F 168 -61.03 -43.15 24.50
C LYS F 168 -60.92 -44.47 25.24
N VAL F 169 -59.71 -44.84 25.67
CA VAL F 169 -59.53 -46.07 26.41
C VAL F 169 -60.17 -45.97 27.79
N LEU F 170 -60.00 -44.82 28.45
CA LEU F 170 -60.55 -44.66 29.80
C LEU F 170 -62.08 -44.61 29.79
N ASP F 171 -62.68 -44.05 28.74
CA ASP F 171 -64.13 -43.96 28.69
C ASP F 171 -64.76 -45.28 28.23
N ASP F 172 -64.14 -45.96 27.27
CA ASP F 172 -64.71 -47.23 26.79
C ASP F 172 -64.51 -48.35 27.80
N GLU F 173 -63.49 -48.26 28.65
CA GLU F 173 -63.18 -49.30 29.62
C GLU F 173 -63.73 -48.97 31.01
N PHE F 174 -63.67 -47.71 31.44
CA PHE F 174 -64.09 -47.34 32.78
C PHE F 174 -65.13 -46.22 32.82
N GLY F 175 -65.25 -45.40 31.77
CA GLY F 175 -66.16 -44.28 31.79
C GLY F 175 -65.53 -43.04 32.39
N ILE F 176 -65.75 -41.89 31.76
CA ILE F 176 -65.14 -40.63 32.17
C ILE F 176 -66.24 -39.71 32.68
N VAL F 177 -66.15 -39.32 33.95
CA VAL F 177 -67.10 -38.36 34.50
C VAL F 177 -66.62 -36.93 34.23
N LYS F 178 -65.38 -36.64 34.59
CA LYS F 178 -64.79 -35.32 34.34
C LYS F 178 -63.28 -35.45 34.39
N GLY F 179 -62.60 -34.52 33.74
CA GLY F 179 -61.16 -34.57 33.69
C GLY F 179 -60.49 -33.24 33.38
N LEU F 180 -59.37 -32.99 34.03
CA LEU F 180 -58.56 -31.78 33.80
C LEU F 180 -57.14 -32.22 33.50
N MET F 181 -56.61 -31.80 32.36
CA MET F 181 -55.30 -32.23 31.90
C MET F 181 -54.34 -31.05 31.85
N THR F 182 -53.05 -31.38 31.76
CA THR F 182 -52.00 -30.38 31.63
C THR F 182 -50.89 -30.97 30.77
N THR F 183 -50.74 -30.47 29.55
CA THR F 183 -49.73 -30.97 28.64
C THR F 183 -48.44 -30.19 28.81
N ILE F 184 -47.34 -30.91 28.97
CA ILE F 184 -46.00 -30.33 29.05
C ILE F 184 -45.44 -30.37 27.63
N HIS F 185 -45.54 -29.25 26.92
CA HIS F 185 -45.31 -29.21 25.49
C HIS F 185 -43.97 -28.57 25.16
N ALA F 186 -43.42 -28.97 24.02
CA ALA F 186 -42.23 -28.33 23.48
C ALA F 186 -42.56 -26.94 22.96
N TYR F 187 -41.55 -26.08 22.91
CA TYR F 187 -41.78 -24.75 22.37
C TYR F 187 -41.89 -24.81 20.85
N THR F 188 -42.74 -23.98 20.28
CA THR F 188 -42.99 -23.94 18.85
C THR F 188 -42.61 -22.57 18.29
N GLN F 189 -42.76 -22.43 16.97
CA GLN F 189 -42.26 -21.24 16.29
C GLN F 189 -43.05 -20.00 16.66
N ASP F 190 -44.31 -20.15 17.07
CA ASP F 190 -45.14 -18.99 17.41
C ASP F 190 -44.65 -18.27 18.67
N GLN F 191 -43.72 -18.85 19.41
CA GLN F 191 -43.13 -18.19 20.57
C GLN F 191 -41.95 -17.33 20.16
N ASN F 192 -41.62 -16.37 21.01
CA ASN F 192 -40.53 -15.44 20.74
C ASN F 192 -39.23 -15.97 21.32
N LEU F 193 -38.15 -15.81 20.56
CA LEU F 193 -36.84 -16.22 21.05
C LEU F 193 -36.39 -15.35 22.23
N GLN F 194 -36.59 -14.05 22.12
CA GLN F 194 -36.30 -13.10 23.19
C GLN F 194 -37.61 -12.47 23.65
N ASP F 195 -37.53 -11.64 24.69
CA ASP F 195 -38.71 -10.97 25.20
C ASP F 195 -39.18 -9.92 24.20
N GLY F 196 -40.29 -10.21 23.53
CA GLY F 196 -40.84 -9.30 22.54
C GLY F 196 -42.35 -9.29 22.55
N PRO F 197 -42.95 -8.43 21.73
CA PRO F 197 -44.42 -8.35 21.69
C PRO F 197 -45.03 -9.64 21.15
N HIS F 198 -46.25 -9.92 21.60
CA HIS F 198 -46.98 -11.12 21.20
C HIS F 198 -48.43 -10.96 21.63
N LYS F 199 -49.33 -11.55 20.85
CA LYS F 199 -50.74 -11.55 21.24
C LYS F 199 -50.95 -12.28 22.56
N ASP F 200 -50.11 -13.28 22.84
CA ASP F 200 -50.12 -13.99 24.11
C ASP F 200 -48.98 -13.43 24.96
N LEU F 201 -49.33 -12.78 26.07
CA LEU F 201 -48.31 -12.23 26.95
C LEU F 201 -47.47 -13.32 27.60
N ARG F 202 -48.00 -14.54 27.73
CA ARG F 202 -47.21 -15.65 28.25
C ARG F 202 -46.17 -16.10 27.24
N ARG F 203 -46.61 -16.40 26.02
CA ARG F 203 -45.68 -16.77 24.95
C ARG F 203 -44.87 -15.59 24.44
N ALA F 204 -45.11 -14.37 24.96
CA ALA F 204 -44.28 -13.22 24.62
C ALA F 204 -42.90 -13.30 25.24
N ARG F 205 -42.76 -14.03 26.35
CA ARG F 205 -41.50 -14.13 27.07
C ARG F 205 -40.53 -15.04 26.33
N ALA F 206 -39.30 -15.09 26.83
CA ALA F 206 -38.27 -15.92 26.21
C ALA F 206 -38.63 -17.39 26.31
N ALA F 207 -38.69 -18.05 25.15
CA ALA F 207 -39.16 -19.44 25.11
C ALA F 207 -38.15 -20.38 25.75
N ALA F 208 -36.87 -20.19 25.47
CA ALA F 208 -35.83 -21.10 25.97
C ALA F 208 -35.39 -20.78 27.38
N LEU F 209 -35.84 -19.67 27.96
CA LEU F 209 -35.38 -19.25 29.28
C LEU F 209 -36.31 -19.68 30.41
N ASN F 210 -37.58 -19.95 30.13
CA ASN F 210 -38.56 -20.22 31.17
C ASN F 210 -39.66 -21.10 30.61
N ILE F 211 -40.59 -21.47 31.47
CA ILE F 211 -41.76 -22.26 31.09
C ILE F 211 -42.95 -21.32 30.97
N VAL F 212 -43.56 -21.29 29.81
CA VAL F 212 -44.65 -20.35 29.51
C VAL F 212 -45.97 -21.12 29.55
N PRO F 213 -46.86 -20.84 30.50
CA PRO F 213 -48.18 -21.48 30.50
C PRO F 213 -49.10 -20.83 29.48
N THR F 214 -49.50 -21.58 28.46
CA THR F 214 -50.39 -21.10 27.43
C THR F 214 -51.65 -21.97 27.40
N SER F 215 -52.67 -21.46 26.71
CA SER F 215 -53.94 -22.16 26.60
C SER F 215 -53.92 -23.14 25.43
N THR F 216 -54.86 -24.08 25.47
CA THR F 216 -55.02 -25.05 24.39
C THR F 216 -56.47 -25.52 24.36
N GLY F 217 -56.93 -25.87 23.17
CA GLY F 217 -58.29 -26.35 23.01
C GLY F 217 -58.37 -27.84 22.76
N ALA F 218 -57.28 -28.56 23.06
CA ALA F 218 -57.26 -30.00 22.84
C ALA F 218 -58.27 -30.71 23.73
N ALA F 219 -58.36 -30.29 25.00
CA ALA F 219 -59.31 -30.91 25.93
C ALA F 219 -60.67 -30.23 25.90
N LYS F 220 -60.71 -28.90 25.71
CA LYS F 220 -61.98 -28.20 25.67
C LYS F 220 -62.79 -28.58 24.43
N ALA F 221 -62.12 -28.91 23.34
CA ALA F 221 -62.79 -29.33 22.11
C ALA F 221 -62.63 -30.83 21.86
N ILE F 222 -62.52 -31.62 22.94
CA ILE F 222 -62.44 -33.07 22.79
C ILE F 222 -63.75 -33.65 22.31
N GLY F 223 -64.86 -32.93 22.51
CA GLY F 223 -66.16 -33.37 22.02
C GLY F 223 -66.29 -33.37 20.51
N LEU F 224 -65.39 -32.68 19.80
CA LEU F 224 -65.44 -32.68 18.34
C LEU F 224 -65.15 -34.06 17.77
N VAL F 225 -64.35 -34.86 18.48
CA VAL F 225 -64.06 -36.23 18.06
C VAL F 225 -64.72 -37.27 18.94
N MET F 226 -65.05 -36.94 20.19
CA MET F 226 -65.74 -37.85 21.10
C MET F 226 -66.87 -37.06 21.77
N PRO F 227 -68.06 -37.07 21.15
CA PRO F 227 -69.14 -36.23 21.68
C PRO F 227 -69.55 -36.57 23.11
N GLN F 228 -69.38 -37.81 23.55
CA GLN F 228 -69.72 -38.18 24.92
C GLN F 228 -68.83 -37.49 25.94
N LEU F 229 -67.71 -36.90 25.52
CA LEU F 229 -66.80 -36.19 26.41
C LEU F 229 -66.86 -34.68 26.20
N LYS F 230 -67.90 -34.19 25.52
CA LYS F 230 -68.03 -32.75 25.28
C LYS F 230 -68.36 -32.04 26.59
N GLY F 231 -67.54 -31.07 26.96
CA GLY F 231 -67.72 -30.34 28.20
C GLY F 231 -67.22 -31.06 29.44
N LYS F 232 -66.75 -32.30 29.31
CA LYS F 232 -66.25 -33.06 30.44
C LYS F 232 -64.75 -32.94 30.63
N LEU F 233 -64.04 -32.38 29.65
CA LEU F 233 -62.59 -32.25 29.71
C LEU F 233 -62.19 -30.79 29.48
N ASP F 234 -61.10 -30.39 30.13
CA ASP F 234 -60.53 -29.07 29.96
C ASP F 234 -59.08 -29.12 30.40
N GLY F 235 -58.30 -28.15 29.92
CA GLY F 235 -56.90 -28.11 30.28
C GLY F 235 -56.19 -26.98 29.58
N TYR F 236 -54.91 -26.84 29.93
CA TYR F 236 -54.05 -25.81 29.35
C TYR F 236 -52.72 -26.44 28.93
N ALA F 237 -51.73 -25.61 28.59
CA ALA F 237 -50.44 -26.09 28.14
C ALA F 237 -49.32 -25.37 28.89
N LEU F 238 -48.18 -26.05 28.99
CA LEU F 238 -46.98 -25.48 29.60
C LEU F 238 -45.79 -25.76 28.69
N ARG F 239 -45.33 -24.72 27.99
CA ARG F 239 -44.23 -24.86 27.04
C ARG F 239 -42.91 -24.84 27.81
N VAL F 240 -42.09 -25.86 27.61
CA VAL F 240 -40.83 -26.00 28.33
C VAL F 240 -39.66 -25.84 27.36
N PRO F 241 -38.48 -25.42 27.83
CA PRO F 241 -37.32 -25.30 26.93
C PRO F 241 -36.88 -26.63 26.36
N ILE F 242 -37.58 -27.09 25.33
CA ILE F 242 -37.22 -28.31 24.61
C ILE F 242 -37.71 -28.17 23.17
N PRO F 243 -36.93 -28.65 22.18
CA PRO F 243 -37.35 -28.48 20.78
C PRO F 243 -38.56 -29.32 20.40
N THR F 244 -38.47 -30.64 20.59
CA THR F 244 -39.57 -31.55 20.32
C THR F 244 -39.78 -32.47 21.51
N GLY F 245 -40.89 -33.20 21.46
CA GLY F 245 -41.24 -34.09 22.55
C GLY F 245 -42.12 -33.41 23.58
N SER F 246 -43.30 -33.99 23.82
CA SER F 246 -44.25 -33.44 24.78
C SER F 246 -44.96 -34.57 25.49
N VAL F 247 -45.65 -34.23 26.57
CA VAL F 247 -46.30 -35.23 27.41
C VAL F 247 -47.57 -34.62 27.99
N THR F 248 -48.62 -35.45 28.07
CA THR F 248 -49.92 -35.04 28.60
C THR F 248 -50.16 -35.70 29.95
N ASP F 249 -50.63 -34.91 30.91
CA ASP F 249 -50.89 -35.38 32.28
C ASP F 249 -52.38 -35.19 32.54
N LEU F 250 -53.17 -36.22 32.26
CA LEU F 250 -54.62 -36.16 32.41
C LEU F 250 -55.02 -36.70 33.77
N THR F 251 -55.68 -35.87 34.57
CA THR F 251 -56.25 -36.25 35.85
C THR F 251 -57.76 -36.31 35.70
N VAL F 252 -58.32 -37.51 35.69
CA VAL F 252 -59.69 -37.74 35.29
C VAL F 252 -60.41 -38.56 36.36
N ASP F 253 -61.67 -38.18 36.63
CA ASP F 253 -62.54 -38.97 37.48
C ASP F 253 -63.25 -40.03 36.63
N LEU F 254 -63.20 -41.27 37.08
CA LEU F 254 -63.74 -42.40 36.34
C LEU F 254 -65.16 -42.72 36.80
N SER F 255 -65.91 -43.39 35.93
CA SER F 255 -67.24 -43.83 36.29
C SER F 255 -67.21 -45.05 37.20
N THR F 256 -66.24 -45.95 36.97
CA THR F 256 -66.03 -47.11 37.80
C THR F 256 -64.64 -47.04 38.41
N ARG F 257 -64.54 -47.42 39.69
CA ARG F 257 -63.26 -47.36 40.39
C ARG F 257 -62.32 -48.42 39.84
N ALA F 258 -61.16 -47.98 39.35
CA ALA F 258 -60.16 -48.86 38.77
C ALA F 258 -58.83 -48.69 39.48
N SER F 259 -58.03 -49.76 39.47
CA SER F 259 -56.72 -49.75 40.10
C SER F 259 -55.65 -49.30 39.10
N VAL F 260 -54.45 -49.05 39.63
CA VAL F 260 -53.32 -48.68 38.78
C VAL F 260 -53.00 -49.81 37.81
N ASP F 261 -52.98 -51.05 38.29
CA ASP F 261 -52.71 -52.19 37.43
C ASP F 261 -53.81 -52.39 36.39
N GLU F 262 -55.06 -52.08 36.75
CA GLU F 262 -56.16 -52.26 35.81
C GLU F 262 -56.10 -51.23 34.68
N ILE F 263 -55.76 -49.98 35.01
CA ILE F 263 -55.66 -48.96 33.97
C ILE F 263 -54.47 -49.24 33.07
N ASN F 264 -53.34 -49.65 33.65
CA ASN F 264 -52.15 -49.96 32.85
C ASN F 264 -52.38 -51.18 31.96
N ALA F 265 -53.09 -52.19 32.48
CA ALA F 265 -53.37 -53.38 31.68
C ALA F 265 -54.34 -53.05 30.54
N ALA F 266 -55.29 -52.16 30.79
CA ALA F 266 -56.22 -51.76 29.72
C ALA F 266 -55.50 -50.99 28.63
N PHE F 267 -54.58 -50.10 29.01
CA PHE F 267 -53.81 -49.37 28.01
C PHE F 267 -52.87 -50.29 27.24
N LYS F 268 -52.29 -51.27 27.93
CA LYS F 268 -51.42 -52.22 27.26
C LYS F 268 -52.19 -53.08 26.26
N ALA F 269 -53.42 -53.47 26.62
CA ALA F 269 -54.22 -54.27 25.71
C ALA F 269 -54.70 -53.44 24.52
N ALA F 270 -55.02 -52.17 24.74
CA ALA F 270 -55.49 -51.32 23.65
C ALA F 270 -54.35 -50.96 22.72
N ALA F 271 -53.14 -50.73 23.26
CA ALA F 271 -52.01 -50.36 22.42
C ALA F 271 -51.57 -51.52 21.54
N GLU F 272 -51.72 -52.75 22.00
CA GLU F 272 -51.34 -53.93 21.23
C GLU F 272 -52.51 -54.52 20.44
N GLY F 273 -53.64 -53.82 20.39
CA GLY F 273 -54.80 -54.34 19.70
C GLY F 273 -55.46 -53.35 18.77
N ARG F 274 -56.53 -52.71 19.23
CA ARG F 274 -57.31 -51.82 18.37
C ARG F 274 -56.59 -50.51 18.07
N LEU F 275 -55.58 -50.15 18.86
CA LEU F 275 -54.84 -48.91 18.66
C LEU F 275 -53.39 -49.18 18.25
N LYS F 276 -53.15 -50.30 17.57
CA LYS F 276 -51.81 -50.63 17.10
C LYS F 276 -51.36 -49.62 16.06
N GLY F 277 -50.30 -48.89 16.36
CA GLY F 277 -49.78 -47.85 15.50
C GLY F 277 -50.11 -46.44 15.95
N ILE F 278 -51.10 -46.28 16.83
CA ILE F 278 -51.48 -44.98 17.36
C ILE F 278 -51.10 -44.84 18.82
N LEU F 279 -51.36 -45.87 19.63
CA LEU F 279 -51.02 -45.89 21.04
C LEU F 279 -49.89 -46.88 21.27
N LYS F 280 -48.89 -46.45 22.04
CA LYS F 280 -47.76 -47.31 22.41
C LYS F 280 -47.71 -47.46 23.92
N TYR F 281 -47.49 -48.69 24.38
CA TYR F 281 -47.35 -48.98 25.79
C TYR F 281 -45.88 -49.04 26.16
N TYR F 282 -45.54 -48.46 27.31
CA TYR F 282 -44.16 -48.38 27.79
C TYR F 282 -44.09 -48.82 29.24
N ASP F 283 -43.17 -49.74 29.54
CA ASP F 283 -42.91 -50.16 30.90
C ASP F 283 -41.49 -49.81 31.35
N ALA F 284 -40.74 -49.05 30.51
CA ALA F 284 -39.36 -48.67 30.71
C ALA F 284 -39.26 -47.23 31.23
N PRO F 285 -38.22 -46.92 32.02
CA PRO F 285 -38.03 -45.55 32.49
C PRO F 285 -37.57 -44.62 31.39
N ILE F 286 -38.51 -44.08 30.61
CA ILE F 286 -38.19 -43.28 29.44
C ILE F 286 -38.27 -41.79 29.80
N VAL F 287 -37.57 -40.98 29.01
CA VAL F 287 -37.64 -39.53 29.12
C VAL F 287 -38.06 -38.99 27.76
N SER F 288 -38.17 -37.66 27.65
CA SER F 288 -38.62 -37.05 26.40
C SER F 288 -37.64 -37.25 25.26
N SER F 289 -36.36 -37.49 25.56
CA SER F 289 -35.39 -37.79 24.51
C SER F 289 -35.71 -39.10 23.82
N ASP F 290 -36.34 -40.04 24.52
CA ASP F 290 -36.76 -41.30 23.94
C ASP F 290 -38.04 -41.18 23.12
N ILE F 291 -38.60 -39.97 23.03
CA ILE F 291 -39.83 -39.75 22.28
C ILE F 291 -39.58 -39.00 20.97
N VAL F 292 -38.44 -38.33 20.82
CA VAL F 292 -38.16 -37.61 19.58
C VAL F 292 -38.14 -38.60 18.42
N THR F 293 -38.76 -38.19 17.30
CA THR F 293 -38.86 -39.01 16.09
C THR F 293 -39.55 -40.34 16.37
N ASP F 294 -40.65 -40.28 17.10
CA ASP F 294 -41.49 -41.47 17.34
C ASP F 294 -42.84 -41.25 16.67
N PRO F 295 -43.27 -42.17 15.79
CA PRO F 295 -44.49 -41.91 15.00
C PRO F 295 -45.80 -42.13 15.75
N HIS F 296 -45.76 -42.63 16.99
CA HIS F 296 -46.99 -42.90 17.71
C HIS F 296 -47.65 -41.59 18.15
N SER F 297 -48.99 -41.64 18.27
CA SER F 297 -49.74 -40.47 18.69
C SER F 297 -49.75 -40.29 20.20
N SER F 298 -49.63 -41.39 20.94
CA SER F 298 -49.66 -41.34 22.40
C SER F 298 -48.72 -42.41 22.95
N ILE F 299 -47.82 -42.01 23.83
CA ILE F 299 -46.86 -42.92 24.45
C ILE F 299 -47.19 -43.07 25.92
N PHE F 300 -48.08 -44.02 26.24
CA PHE F 300 -48.53 -44.21 27.60
C PHE F 300 -47.41 -44.73 28.48
N ASP F 301 -47.02 -43.94 29.49
CA ASP F 301 -46.01 -44.36 30.46
C ASP F 301 -46.73 -44.98 31.66
N SER F 302 -46.65 -46.31 31.75
CA SER F 302 -47.36 -47.02 32.81
C SER F 302 -46.76 -46.78 34.19
N GLY F 303 -45.50 -46.37 34.26
CA GLY F 303 -44.86 -46.19 35.56
C GLY F 303 -45.33 -44.96 36.30
N LEU F 304 -45.80 -43.94 35.57
CA LEU F 304 -46.23 -42.69 36.16
C LEU F 304 -47.73 -42.63 36.42
N THR F 305 -48.41 -43.78 36.38
CA THR F 305 -49.85 -43.83 36.58
C THR F 305 -50.16 -43.99 38.07
N LYS F 306 -51.07 -43.16 38.57
CA LYS F 306 -51.44 -43.18 39.98
C LYS F 306 -52.95 -43.02 40.11
N VAL F 307 -53.53 -43.75 41.05
CA VAL F 307 -54.96 -43.67 41.36
C VAL F 307 -55.13 -43.68 42.87
N ILE F 308 -56.25 -43.10 43.31
CA ILE F 308 -56.59 -43.09 44.73
C ILE F 308 -57.94 -43.79 44.91
N ASP F 309 -59.03 -43.04 44.75
CA ASP F 309 -60.36 -43.60 44.83
C ASP F 309 -61.03 -43.58 43.47
N ASP F 310 -61.55 -42.41 43.09
CA ASP F 310 -62.18 -42.22 41.79
C ASP F 310 -61.36 -41.33 40.87
N GLN F 311 -60.25 -40.77 41.35
CA GLN F 311 -59.42 -39.84 40.60
C GLN F 311 -58.14 -40.55 40.18
N ALA F 312 -57.88 -40.58 38.88
CA ALA F 312 -56.71 -41.25 38.33
C ALA F 312 -55.91 -40.28 37.48
N LYS F 313 -54.59 -40.43 37.51
CA LYS F 313 -53.67 -39.62 36.70
C LYS F 313 -53.00 -40.50 35.66
N VAL F 314 -53.14 -40.14 34.39
CA VAL F 314 -52.57 -40.87 33.27
C VAL F 314 -51.56 -39.98 32.57
N VAL F 315 -50.37 -40.51 32.35
CA VAL F 315 -49.27 -39.79 31.71
C VAL F 315 -48.95 -40.45 30.38
N SER F 316 -48.86 -39.65 29.33
CA SER F 316 -48.61 -40.17 27.98
C SER F 316 -47.73 -39.20 27.21
N TRP F 317 -46.63 -39.70 26.67
CA TRP F 317 -45.72 -38.90 25.85
C TRP F 317 -46.20 -38.86 24.40
N TYR F 318 -45.63 -37.92 23.65
CA TYR F 318 -45.93 -37.78 22.23
C TYR F 318 -44.98 -36.76 21.63
N ASP F 319 -44.45 -37.06 20.44
CA ASP F 319 -43.62 -36.13 19.71
C ASP F 319 -44.53 -35.19 18.94
N ASN F 320 -44.55 -33.92 19.34
CA ASN F 320 -45.47 -32.95 18.77
C ASN F 320 -45.21 -32.67 17.29
N GLU F 321 -44.02 -33.00 16.80
CA GLU F 321 -43.69 -32.76 15.39
C GLU F 321 -43.77 -34.04 14.56
N TRP F 322 -43.00 -35.06 14.94
CA TRP F 322 -42.90 -36.27 14.11
C TRP F 322 -44.17 -37.11 14.21
N GLY F 323 -44.70 -37.27 15.41
CA GLY F 323 -45.88 -38.11 15.59
C GLY F 323 -47.12 -37.52 14.91
N TYR F 324 -47.31 -36.21 15.05
CA TYR F 324 -48.45 -35.57 14.40
C TYR F 324 -48.33 -35.60 12.89
N SER F 325 -47.11 -35.44 12.37
CA SER F 325 -46.92 -35.44 10.93
C SER F 325 -47.16 -36.82 10.33
N ASN F 326 -46.81 -37.89 11.06
CA ASN F 326 -47.14 -39.22 10.59
C ASN F 326 -48.64 -39.45 10.54
N ARG F 327 -49.39 -38.82 11.45
CA ARG F 327 -50.85 -38.89 11.39
C ARG F 327 -51.38 -38.11 10.20
N LEU F 328 -50.72 -37.01 9.84
CA LEU F 328 -51.10 -36.29 8.62
C LEU F 328 -50.87 -37.17 7.39
N VAL F 329 -49.81 -37.98 7.41
CA VAL F 329 -49.57 -38.91 6.30
C VAL F 329 -50.64 -39.98 6.27
N ASP F 330 -51.01 -40.53 7.44
CA ASP F 330 -52.05 -41.56 7.47
C ASP F 330 -53.40 -41.00 7.07
N LEU F 331 -53.69 -39.76 7.47
CA LEU F 331 -54.96 -39.14 7.09
C LEU F 331 -54.99 -38.85 5.59
N VAL F 332 -53.86 -38.41 5.02
CA VAL F 332 -53.80 -38.18 3.58
C VAL F 332 -53.91 -39.49 2.80
N THR F 333 -53.37 -40.58 3.36
CA THR F 333 -53.51 -41.87 2.72
C THR F 333 -54.93 -42.40 2.81
N LEU F 334 -55.66 -42.02 3.86
CA LEU F 334 -57.05 -42.44 4.00
C LEU F 334 -57.97 -41.65 3.07
N VAL F 335 -57.73 -40.34 2.95
CA VAL F 335 -58.52 -39.52 2.03
C VAL F 335 -58.23 -39.92 0.59
N GLY F 336 -56.97 -40.24 0.29
CA GLY F 336 -56.64 -40.72 -1.04
C GLY F 336 -57.30 -42.03 -1.39
N LYS F 337 -57.47 -42.91 -0.40
CA LYS F 337 -58.19 -44.15 -0.62
C LYS F 337 -59.68 -43.91 -0.89
N SER F 338 -60.20 -42.75 -0.47
CA SER F 338 -61.59 -42.40 -0.73
C SER F 338 -61.80 -41.76 -2.10
N LEU F 339 -60.72 -41.39 -2.79
CA LEU F 339 -60.84 -40.78 -4.11
C LEU F 339 -60.64 -41.81 -5.21
N MET G 1 -27.16 -12.80 71.61
CA MET G 1 -28.42 -12.37 71.01
C MET G 1 -28.57 -12.93 69.60
N THR G 2 -27.60 -12.64 68.75
CA THR G 2 -27.62 -13.13 67.38
C THR G 2 -27.45 -14.65 67.38
N VAL G 3 -28.41 -15.35 66.78
CA VAL G 3 -28.37 -16.81 66.73
C VAL G 3 -27.22 -17.24 65.84
N ARG G 4 -26.32 -18.06 66.38
CA ARG G 4 -25.14 -18.52 65.67
C ARG G 4 -25.49 -19.79 64.89
N VAL G 5 -25.28 -19.76 63.59
CA VAL G 5 -25.68 -20.83 62.68
C VAL G 5 -24.44 -21.44 62.04
N GLY G 6 -24.43 -22.76 61.89
CA GLY G 6 -23.39 -23.45 61.16
C GLY G 6 -23.98 -24.28 60.04
N ILE G 7 -23.43 -24.16 58.84
CA ILE G 7 -23.95 -24.85 57.67
C ILE G 7 -23.11 -26.10 57.42
N ASN G 8 -23.79 -27.22 57.17
CA ASN G 8 -23.14 -28.46 56.74
C ASN G 8 -23.59 -28.73 55.31
N GLY G 9 -22.69 -28.52 54.35
CA GLY G 9 -23.06 -28.62 52.96
C GLY G 9 -23.32 -27.27 52.33
N PHE G 10 -22.26 -26.57 51.95
CA PHE G 10 -22.33 -25.23 51.39
C PHE G 10 -22.56 -25.26 49.88
N GLY G 11 -23.57 -26.02 49.46
CA GLY G 11 -23.89 -26.15 48.05
C GLY G 11 -24.86 -25.09 47.56
N ARG G 12 -25.81 -25.48 46.72
CA ARG G 12 -26.79 -24.52 46.21
C ARG G 12 -27.69 -24.02 47.34
N ILE G 13 -28.24 -24.94 48.14
CA ILE G 13 -29.11 -24.55 49.25
C ILE G 13 -28.30 -23.85 50.34
N GLY G 14 -27.05 -24.29 50.55
CA GLY G 14 -26.23 -23.66 51.56
C GLY G 14 -25.90 -22.22 51.24
N ARG G 15 -25.54 -21.94 49.98
CA ARG G 15 -25.22 -20.59 49.58
C ARG G 15 -26.47 -19.73 49.38
N ASN G 16 -27.58 -20.34 48.93
CA ASN G 16 -28.84 -19.61 48.86
C ASN G 16 -29.34 -19.24 50.25
N PHE G 17 -29.07 -20.08 51.26
CA PHE G 17 -29.44 -19.76 52.63
C PHE G 17 -28.61 -18.60 53.16
N TYR G 18 -27.32 -18.55 52.80
CA TYR G 18 -26.46 -17.46 53.25
C TYR G 18 -26.84 -16.14 52.57
N ARG G 19 -27.17 -16.19 51.28
CA ARG G 19 -27.55 -14.98 50.56
C ARG G 19 -28.91 -14.48 51.02
N ALA G 20 -29.86 -15.39 51.27
CA ALA G 20 -31.16 -14.97 51.79
C ALA G 20 -31.05 -14.40 53.19
N LEU G 21 -30.14 -14.94 54.01
CA LEU G 21 -29.92 -14.39 55.33
C LEU G 21 -29.29 -13.01 55.27
N LEU G 22 -28.36 -12.80 54.33
CA LEU G 22 -27.76 -11.48 54.17
C LEU G 22 -28.78 -10.47 53.64
N ALA G 23 -29.60 -10.87 52.67
CA ALA G 23 -30.63 -9.97 52.16
C ALA G 23 -31.67 -9.65 53.22
N GLN G 24 -31.97 -10.61 54.10
CA GLN G 24 -32.93 -10.36 55.18
C GLN G 24 -32.31 -9.52 56.30
N GLN G 25 -31.00 -9.62 56.50
CA GLN G 25 -30.33 -8.74 57.44
C GLN G 25 -30.29 -7.31 56.93
N GLU G 26 -30.07 -7.13 55.63
CA GLU G 26 -30.12 -5.80 55.03
C GLU G 26 -31.53 -5.22 55.12
N GLN G 27 -32.55 -6.08 55.04
CA GLN G 27 -33.92 -5.63 55.22
C GLN G 27 -34.29 -5.50 56.70
N GLY G 28 -33.52 -6.11 57.59
CA GLY G 28 -33.75 -6.00 59.02
C GLY G 28 -34.64 -7.07 59.63
N THR G 29 -35.10 -8.04 58.84
CA THR G 29 -35.99 -9.09 59.32
C THR G 29 -35.26 -10.38 59.65
N ALA G 30 -34.01 -10.29 60.12
CA ALA G 30 -33.24 -11.47 60.44
C ALA G 30 -32.27 -11.16 61.58
N ASP G 31 -32.04 -12.16 62.42
CA ASP G 31 -31.10 -12.05 63.53
C ASP G 31 -30.03 -13.11 63.54
N VAL G 32 -30.19 -14.22 62.81
CA VAL G 32 -29.20 -15.28 62.82
C VAL G 32 -27.94 -14.81 62.11
N GLU G 33 -26.82 -15.44 62.45
CA GLU G 33 -25.52 -15.10 61.87
C GLU G 33 -24.74 -16.38 61.64
N VAL G 34 -24.35 -16.64 60.40
CA VAL G 34 -23.60 -17.84 60.05
C VAL G 34 -22.15 -17.65 60.44
N VAL G 35 -21.60 -18.62 61.18
CA VAL G 35 -20.22 -18.55 61.65
C VAL G 35 -19.35 -19.66 61.11
N ALA G 36 -19.92 -20.69 60.49
CA ALA G 36 -19.12 -21.81 60.00
C ALA G 36 -19.84 -22.49 58.83
N ALA G 37 -19.05 -23.16 58.00
CA ALA G 37 -19.56 -23.89 56.85
C ALA G 37 -18.62 -25.04 56.52
N ASN G 38 -19.20 -26.16 56.08
CA ASN G 38 -18.48 -27.41 55.84
C ASN G 38 -18.93 -28.00 54.51
N ASP G 39 -17.97 -28.39 53.65
CA ASP G 39 -18.40 -28.71 52.28
C ASP G 39 -17.42 -29.56 51.48
N ILE G 40 -16.44 -30.23 52.10
CA ILE G 40 -15.60 -31.20 51.39
C ILE G 40 -14.86 -30.55 50.23
N THR G 41 -14.49 -29.28 50.39
CA THR G 41 -13.67 -28.59 49.40
C THR G 41 -12.97 -27.43 50.11
N ASP G 42 -11.82 -27.02 49.57
CA ASP G 42 -11.05 -25.97 50.21
C ASP G 42 -11.83 -24.65 50.24
N ASN G 43 -11.32 -23.70 51.01
CA ASN G 43 -12.03 -22.43 51.18
C ASN G 43 -12.02 -21.58 49.90
N SER G 44 -11.02 -21.78 49.04
CA SER G 44 -10.96 -21.01 47.81
C SER G 44 -12.14 -21.32 46.90
N THR G 45 -12.47 -22.59 46.73
CA THR G 45 -13.60 -22.97 45.88
C THR G 45 -14.92 -22.52 46.50
N LEU G 46 -15.04 -22.60 47.83
CA LEU G 46 -16.26 -22.14 48.48
C LEU G 46 -16.43 -20.63 48.36
N ALA G 47 -15.34 -19.88 48.50
CA ALA G 47 -15.43 -18.42 48.38
C ALA G 47 -15.75 -18.01 46.96
N HIS G 48 -15.21 -18.72 45.97
CA HIS G 48 -15.48 -18.39 44.57
C HIS G 48 -16.91 -18.74 44.20
N LEU G 49 -17.42 -19.88 44.68
CA LEU G 49 -18.80 -20.26 44.42
C LEU G 49 -19.79 -19.39 45.18
N LEU G 50 -19.36 -18.79 46.30
CA LEU G 50 -20.24 -17.89 47.04
C LEU G 50 -20.29 -16.50 46.40
N LYS G 51 -19.14 -16.02 45.92
CA LYS G 51 -19.11 -14.69 45.30
C LYS G 51 -19.82 -14.69 43.96
N PHE G 52 -19.56 -15.68 43.12
CA PHE G 52 -20.11 -15.76 41.77
C PHE G 52 -21.18 -16.83 41.73
N ASP G 53 -22.39 -16.43 41.34
CA ASP G 53 -23.52 -17.34 41.22
C ASP G 53 -24.12 -17.18 39.83
N SER G 54 -24.38 -18.29 39.16
CA SER G 54 -24.97 -18.22 37.82
C SER G 54 -26.42 -17.77 37.85
N ILE G 55 -27.13 -18.05 38.94
CA ILE G 55 -28.53 -17.68 39.07
C ILE G 55 -28.70 -16.38 39.85
N LEU G 56 -28.07 -16.29 41.02
CA LEU G 56 -28.21 -15.12 41.89
C LEU G 56 -27.21 -14.01 41.57
N GLY G 57 -26.43 -14.16 40.49
CA GLY G 57 -25.49 -13.12 40.14
C GLY G 57 -24.31 -13.04 41.10
N ARG G 58 -23.64 -11.90 41.07
CA ARG G 58 -22.48 -11.66 41.91
C ARG G 58 -22.89 -11.08 43.26
N LEU G 59 -22.10 -11.38 44.27
CA LEU G 59 -22.36 -10.87 45.61
C LEU G 59 -21.92 -9.41 45.71
N PRO G 60 -22.75 -8.54 46.28
CA PRO G 60 -22.33 -7.12 46.39
C PRO G 60 -21.16 -6.93 47.32
N CYS G 61 -20.98 -7.83 48.29
CA CYS G 61 -19.90 -7.72 49.26
C CYS G 61 -18.59 -8.25 48.67
N ASP G 62 -17.48 -7.75 49.21
CA ASP G 62 -16.17 -8.25 48.82
C ASP G 62 -15.83 -9.50 49.62
N VAL G 63 -15.19 -10.47 48.96
CA VAL G 63 -14.88 -11.76 49.56
C VAL G 63 -13.38 -11.94 49.56
N GLY G 64 -12.82 -12.29 50.73
CA GLY G 64 -11.41 -12.59 50.85
C GLY G 64 -11.20 -13.95 51.48
N LEU G 65 -9.94 -14.38 51.49
CA LEU G 65 -9.58 -15.69 52.00
C LEU G 65 -8.32 -15.59 52.86
N GLU G 66 -8.09 -16.64 53.64
CA GLU G 66 -6.90 -16.73 54.48
C GLU G 66 -6.24 -18.10 54.32
N GLY G 67 -6.50 -19.00 55.27
CA GLY G 67 -6.00 -20.35 55.19
C GLY G 67 -7.04 -21.34 55.66
N ASP G 68 -7.92 -20.89 56.55
CA ASP G 68 -9.03 -21.71 57.04
C ASP G 68 -10.32 -20.93 57.25
N ASP G 69 -10.32 -19.61 57.06
CA ASP G 69 -11.52 -18.80 57.21
C ASP G 69 -11.65 -17.89 56.00
N THR G 70 -12.90 -17.67 55.57
CA THR G 70 -13.20 -16.77 54.46
C THR G 70 -13.87 -15.52 55.01
N ILE G 71 -13.42 -14.37 54.53
CA ILE G 71 -13.90 -13.07 55.01
C ILE G 71 -14.85 -12.48 53.98
N VAL G 72 -16.09 -12.26 54.39
CA VAL G 72 -17.08 -11.59 53.54
C VAL G 72 -16.96 -10.08 53.72
N VAL G 73 -18.08 -9.43 54.02
CA VAL G 73 -18.12 -7.98 54.20
C VAL G 73 -17.88 -7.72 55.69
N GLY G 74 -16.62 -7.57 56.06
CA GLY G 74 -16.26 -7.36 57.46
C GLY G 74 -16.51 -8.58 58.32
N ARG G 75 -17.54 -9.35 57.98
CA ARG G 75 -17.84 -10.60 58.67
C ARG G 75 -16.84 -11.68 58.25
N ALA G 76 -16.63 -12.64 59.14
CA ALA G 76 -15.74 -13.76 58.91
C ALA G 76 -16.51 -15.05 59.13
N LYS G 77 -16.40 -15.97 58.19
CA LYS G 77 -17.04 -17.28 58.28
C LYS G 77 -15.96 -18.34 58.33
N ILE G 78 -15.97 -19.16 59.38
CA ILE G 78 -15.00 -20.22 59.52
C ILE G 78 -15.27 -21.28 58.46
N LYS G 79 -14.31 -21.47 57.55
CA LYS G 79 -14.45 -22.46 56.47
C LYS G 79 -14.01 -23.84 56.96
N ALA G 80 -14.69 -24.31 58.02
CA ALA G 80 -14.42 -25.62 58.57
C ALA G 80 -14.81 -26.71 57.57
N LEU G 81 -13.99 -26.86 56.53
CA LEU G 81 -14.32 -27.76 55.43
C LEU G 81 -13.51 -29.04 55.43
N ALA G 82 -12.45 -29.13 56.23
CA ALA G 82 -11.66 -30.36 56.28
C ALA G 82 -12.45 -31.52 56.86
N VAL G 83 -13.54 -31.25 57.58
CA VAL G 83 -14.37 -32.30 58.17
C VAL G 83 -15.15 -32.99 57.07
N ARG G 84 -14.52 -33.94 56.38
CA ARG G 84 -15.17 -34.71 55.34
C ARG G 84 -15.86 -35.97 55.88
N GLU G 85 -15.78 -36.22 57.17
CA GLU G 85 -16.37 -37.42 57.76
C GLU G 85 -17.83 -37.20 58.09
N GLY G 86 -18.32 -37.86 59.14
CA GLY G 86 -19.70 -37.75 59.54
C GLY G 86 -20.01 -36.42 60.20
N PRO G 87 -21.30 -36.15 60.41
CA PRO G 87 -21.69 -34.87 61.04
C PRO G 87 -21.26 -34.74 62.49
N ALA G 88 -20.99 -35.85 63.17
CA ALA G 88 -20.57 -35.79 64.57
C ALA G 88 -19.12 -35.35 64.72
N ALA G 89 -18.33 -35.39 63.65
CA ALA G 89 -16.93 -34.98 63.71
C ALA G 89 -16.74 -33.48 63.64
N LEU G 90 -17.76 -32.72 63.22
CA LEU G 90 -17.63 -31.29 63.13
C LEU G 90 -17.59 -30.67 64.52
N PRO G 91 -16.71 -29.70 64.77
CA PRO G 91 -16.63 -29.04 66.10
C PRO G 91 -17.63 -27.90 66.27
N TRP G 92 -18.90 -28.27 66.46
CA TRP G 92 -19.94 -27.26 66.66
C TRP G 92 -19.85 -26.65 68.06
N GLY G 93 -19.53 -27.47 69.06
CA GLY G 93 -19.44 -26.95 70.42
C GLY G 93 -18.31 -25.97 70.61
N ASP G 94 -17.16 -26.24 69.97
CA ASP G 94 -16.03 -25.34 70.10
C ASP G 94 -16.29 -24.01 69.42
N LEU G 95 -17.01 -24.03 68.29
CA LEU G 95 -17.33 -22.81 67.56
C LEU G 95 -18.54 -22.08 68.12
N GLY G 96 -19.21 -22.64 69.13
CA GLY G 96 -20.37 -21.99 69.69
C GLY G 96 -21.58 -21.96 68.79
N VAL G 97 -21.73 -22.95 67.91
CA VAL G 97 -22.83 -22.97 66.95
C VAL G 97 -24.09 -23.41 67.68
N ASP G 98 -25.17 -22.63 67.50
CA ASP G 98 -26.46 -22.94 68.12
C ASP G 98 -27.31 -23.83 67.21
N VAL G 99 -27.62 -23.35 66.00
CA VAL G 99 -28.43 -24.08 65.04
C VAL G 99 -27.52 -24.55 63.91
N VAL G 100 -27.71 -25.80 63.50
CA VAL G 100 -26.95 -26.39 62.40
C VAL G 100 -27.93 -26.67 61.25
N VAL G 101 -27.61 -26.15 60.08
CA VAL G 101 -28.41 -26.36 58.88
C VAL G 101 -27.77 -27.50 58.10
N GLU G 102 -28.41 -28.66 58.11
CA GLU G 102 -27.92 -29.82 57.36
C GLU G 102 -28.34 -29.67 55.90
N SER G 103 -27.36 -29.49 55.00
CA SER G 103 -27.68 -29.27 53.60
C SER G 103 -26.74 -30.06 52.67
N THR G 104 -26.14 -31.14 53.15
CA THR G 104 -25.33 -31.98 52.27
C THR G 104 -26.19 -32.87 51.39
N GLY G 105 -27.37 -33.26 51.87
CA GLY G 105 -28.21 -34.19 51.16
C GLY G 105 -27.94 -35.65 51.46
N LEU G 106 -26.83 -35.96 52.14
CA LEU G 106 -26.50 -37.32 52.52
C LEU G 106 -26.86 -37.65 53.96
N PHE G 107 -27.21 -36.66 54.77
CA PHE G 107 -27.55 -36.89 56.17
C PHE G 107 -29.00 -36.52 56.45
N THR G 108 -29.92 -36.99 55.60
CA THR G 108 -31.34 -36.73 55.81
C THR G 108 -31.93 -37.60 56.91
N ASN G 109 -31.31 -38.74 57.21
CA ASN G 109 -31.80 -39.60 58.28
C ASN G 109 -31.43 -39.00 59.63
N ALA G 110 -32.42 -38.94 60.53
CA ALA G 110 -32.17 -38.35 61.84
C ALA G 110 -31.16 -39.14 62.65
N ALA G 111 -30.99 -40.43 62.36
CA ALA G 111 -29.96 -41.22 63.04
C ALA G 111 -28.58 -40.65 62.77
N LYS G 112 -28.31 -40.24 61.53
CA LYS G 112 -27.06 -39.58 61.21
C LYS G 112 -27.08 -38.10 61.61
N ALA G 113 -28.23 -37.44 61.39
CA ALA G 113 -28.33 -36.01 61.69
C ALA G 113 -28.14 -35.72 63.17
N LYS G 114 -28.32 -36.70 64.05
CA LYS G 114 -28.10 -36.50 65.47
C LYS G 114 -26.63 -36.24 65.81
N GLY G 115 -25.72 -36.49 64.86
CA GLY G 115 -24.31 -36.23 65.12
C GLY G 115 -24.01 -34.76 65.37
N HIS G 116 -24.78 -33.87 64.74
CA HIS G 116 -24.61 -32.44 65.01
C HIS G 116 -24.94 -32.13 66.47
N LEU G 117 -26.03 -32.70 66.98
CA LEU G 117 -26.40 -32.47 68.38
C LEU G 117 -25.34 -33.03 69.32
N ASP G 118 -24.81 -34.22 69.01
CA ASP G 118 -23.77 -34.81 69.83
C ASP G 118 -22.49 -33.96 69.81
N ALA G 119 -22.28 -33.21 68.74
CA ALA G 119 -21.10 -32.38 68.59
C ALA G 119 -21.21 -31.03 69.30
N GLY G 120 -22.38 -30.71 69.87
CA GLY G 120 -22.57 -29.47 70.58
C GLY G 120 -23.68 -28.58 70.05
N ALA G 121 -24.41 -28.99 69.01
CA ALA G 121 -25.46 -28.17 68.46
C ALA G 121 -26.73 -28.28 69.30
N LYS G 122 -27.48 -27.18 69.37
CA LYS G 122 -28.72 -27.18 70.15
C LYS G 122 -29.89 -27.68 69.32
N LYS G 123 -29.92 -27.32 68.03
CA LYS G 123 -30.98 -27.74 67.13
C LYS G 123 -30.40 -27.95 65.75
N VAL G 124 -31.02 -28.86 64.99
CA VAL G 124 -30.60 -29.20 63.64
C VAL G 124 -31.80 -29.09 62.71
N ILE G 125 -31.64 -28.36 61.61
CA ILE G 125 -32.68 -28.20 60.60
C ILE G 125 -32.20 -28.88 59.33
N ILE G 126 -32.90 -29.94 58.93
CA ILE G 126 -32.58 -30.65 57.70
C ILE G 126 -33.30 -29.98 56.54
N SER G 127 -32.55 -29.62 55.50
CA SER G 127 -33.11 -28.89 54.37
C SER G 127 -33.74 -29.84 53.35
N ALA G 128 -34.29 -30.95 53.82
CA ALA G 128 -34.90 -31.96 52.96
C ALA G 128 -35.82 -32.82 53.80
N PRO G 129 -36.74 -33.55 53.17
CA PRO G 129 -37.55 -34.52 53.93
C PRO G 129 -36.66 -35.52 54.64
N ALA G 130 -36.93 -35.73 55.93
CA ALA G 130 -36.10 -36.55 56.78
C ALA G 130 -36.82 -37.86 57.12
N THR G 131 -36.11 -38.73 57.82
CA THR G 131 -36.66 -39.98 58.32
C THR G 131 -36.38 -40.10 59.81
N ASP G 132 -37.39 -40.50 60.57
CA ASP G 132 -37.31 -40.59 62.04
C ASP G 132 -36.94 -39.26 62.68
N GLU G 133 -37.34 -38.15 62.06
CA GLU G 133 -37.07 -36.84 62.60
C GLU G 133 -38.06 -36.50 63.71
N ASP G 134 -37.73 -35.47 64.49
CA ASP G 134 -38.60 -35.07 65.58
C ASP G 134 -39.87 -34.39 65.07
N ILE G 135 -39.73 -33.52 64.07
CA ILE G 135 -40.88 -32.82 63.50
C ILE G 135 -40.51 -32.33 62.11
N THR G 136 -41.49 -32.37 61.20
CA THR G 136 -41.36 -31.82 59.86
C THR G 136 -42.27 -30.60 59.77
N ILE G 137 -41.67 -29.43 59.57
CA ILE G 137 -42.37 -28.16 59.68
C ILE G 137 -42.41 -27.47 58.33
N VAL G 138 -43.59 -26.99 57.94
CA VAL G 138 -43.75 -26.09 56.81
C VAL G 138 -44.29 -24.79 57.37
N LEU G 139 -43.48 -23.73 57.31
CA LEU G 139 -43.85 -22.46 57.93
C LEU G 139 -45.12 -21.90 57.32
N GLY G 140 -46.09 -21.57 58.18
CA GLY G 140 -47.40 -21.13 57.76
C GLY G 140 -48.45 -22.21 57.77
N VAL G 141 -48.08 -23.46 58.04
CA VAL G 141 -49.03 -24.56 58.05
C VAL G 141 -49.08 -25.18 59.44
N ASN G 142 -47.97 -25.82 59.85
CA ASN G 142 -47.89 -26.47 61.16
C ASN G 142 -46.73 -25.95 61.98
N ASP G 143 -46.33 -24.71 61.75
CA ASP G 143 -45.23 -24.12 62.50
C ASP G 143 -45.57 -23.91 63.97
N ASP G 144 -46.87 -23.82 64.30
CA ASP G 144 -47.28 -23.64 65.68
C ASP G 144 -47.07 -24.90 66.52
N LYS G 145 -46.92 -26.05 65.88
CA LYS G 145 -46.73 -27.32 66.58
C LYS G 145 -45.30 -27.50 67.09
N TYR G 146 -44.44 -26.49 66.95
CA TYR G 146 -43.06 -26.57 67.41
C TYR G 146 -42.95 -25.83 68.74
N ASP G 147 -42.65 -26.56 69.81
CA ASP G 147 -42.29 -25.98 71.08
C ASP G 147 -40.78 -26.07 71.27
N GLY G 148 -40.31 -25.93 72.50
CA GLY G 148 -38.89 -26.04 72.76
C GLY G 148 -38.35 -27.44 72.84
N SER G 149 -39.21 -28.45 72.73
CA SER G 149 -38.82 -29.85 72.90
C SER G 149 -38.66 -30.59 71.58
N GLN G 150 -38.00 -29.97 70.60
CA GLN G 150 -37.68 -30.62 69.35
C GLN G 150 -36.26 -30.25 68.93
N ASN G 151 -35.53 -31.23 68.43
CA ASN G 151 -34.12 -31.05 68.08
C ASN G 151 -33.80 -31.41 66.64
N ILE G 152 -34.36 -32.50 66.13
CA ILE G 152 -34.14 -32.92 64.75
C ILE G 152 -35.35 -32.43 63.96
N ILE G 153 -35.26 -31.19 63.46
CA ILE G 153 -36.35 -30.55 62.75
C ILE G 153 -36.11 -30.67 61.25
N SER G 154 -37.14 -31.05 60.51
CA SER G 154 -37.07 -31.18 59.06
C SER G 154 -37.87 -30.05 58.41
N ASN G 155 -37.25 -29.37 57.46
CA ASN G 155 -37.90 -28.30 56.71
C ASN G 155 -38.63 -28.81 55.48
N ALA G 156 -38.74 -30.13 55.31
CA ALA G 156 -39.39 -30.76 54.17
C ALA G 156 -38.74 -30.35 52.86
N SER G 157 -39.40 -30.61 51.74
CA SER G 157 -38.86 -30.27 50.43
C SER G 157 -39.40 -28.92 49.97
N CYS G 158 -38.74 -28.39 48.93
CA CYS G 158 -39.22 -27.15 48.32
C CYS G 158 -40.62 -27.31 47.74
N THR G 159 -40.89 -28.48 47.14
CA THR G 159 -42.23 -28.73 46.62
C THR G 159 -43.25 -28.83 47.75
N THR G 160 -42.86 -29.36 48.91
CA THR G 160 -43.76 -29.40 50.05
C THR G 160 -44.11 -28.00 50.52
N ASN G 161 -43.15 -27.08 50.49
CA ASN G 161 -43.39 -25.71 50.89
C ASN G 161 -44.31 -24.96 49.94
N CYS G 162 -44.57 -25.51 48.75
CA CYS G 162 -45.50 -24.91 47.80
C CYS G 162 -46.85 -25.61 47.78
N LEU G 163 -46.87 -26.95 47.90
CA LEU G 163 -48.13 -27.67 47.91
C LEU G 163 -48.90 -27.43 49.21
N ALA G 164 -48.18 -27.30 50.34
CA ALA G 164 -48.85 -27.15 51.63
C ALA G 164 -49.74 -25.91 51.69
N PRO G 165 -49.29 -24.71 51.30
CA PRO G 165 -50.22 -23.57 51.33
C PRO G 165 -51.40 -23.73 50.39
N LEU G 166 -51.19 -24.31 49.21
CA LEU G 166 -52.28 -24.50 48.27
C LEU G 166 -53.29 -25.52 48.79
N ALA G 167 -52.81 -26.63 49.37
CA ALA G 167 -53.71 -27.64 49.89
C ALA G 167 -54.39 -27.18 51.18
N LYS G 168 -53.69 -26.38 52.00
CA LYS G 168 -54.29 -25.89 53.23
C LYS G 168 -55.46 -24.96 52.96
N VAL G 169 -55.28 -24.02 52.02
CA VAL G 169 -56.35 -23.09 51.69
C VAL G 169 -57.54 -23.83 51.06
N LEU G 170 -57.25 -24.77 50.15
CA LEU G 170 -58.33 -25.52 49.50
C LEU G 170 -59.07 -26.40 50.49
N ASP G 171 -58.38 -26.95 51.49
CA ASP G 171 -59.03 -27.82 52.47
C ASP G 171 -59.77 -27.01 53.52
N ASP G 172 -59.20 -25.87 53.95
CA ASP G 172 -59.83 -25.05 54.97
C ASP G 172 -61.01 -24.25 54.44
N GLU G 173 -61.05 -23.99 53.13
CA GLU G 173 -62.12 -23.19 52.54
C GLU G 173 -63.21 -24.03 51.88
N PHE G 174 -62.86 -25.16 51.28
CA PHE G 174 -63.83 -26.00 50.59
C PHE G 174 -63.76 -27.47 50.96
N GLY G 175 -62.68 -27.93 51.59
CA GLY G 175 -62.56 -29.34 51.91
C GLY G 175 -62.02 -30.16 50.75
N ILE G 176 -61.10 -31.08 51.04
CA ILE G 176 -60.43 -31.87 50.01
C ILE G 176 -60.85 -33.33 50.19
N VAL G 177 -61.41 -33.91 49.12
CA VAL G 177 -61.70 -35.34 49.11
C VAL G 177 -60.47 -36.14 48.71
N LYS G 178 -59.91 -35.82 47.55
CA LYS G 178 -58.68 -36.45 47.08
C LYS G 178 -58.11 -35.59 45.96
N GLY G 179 -56.80 -35.69 45.77
CA GLY G 179 -56.12 -34.88 44.78
C GLY G 179 -54.87 -35.56 44.28
N LEU G 180 -54.47 -35.21 43.06
CA LEU G 180 -53.26 -35.73 42.43
C LEU G 180 -52.41 -34.57 41.93
N MET G 181 -51.12 -34.62 42.22
CA MET G 181 -50.21 -33.52 41.95
C MET G 181 -49.28 -33.86 40.78
N THR G 182 -48.83 -32.81 40.08
CA THR G 182 -47.70 -32.91 39.16
C THR G 182 -46.92 -31.61 39.28
N THR G 183 -45.76 -31.66 39.93
CA THR G 183 -44.89 -30.50 40.03
C THR G 183 -43.87 -30.53 38.90
N ILE G 184 -43.78 -29.42 38.18
CA ILE G 184 -42.84 -29.28 37.07
C ILE G 184 -41.64 -28.52 37.61
N HIS G 185 -40.56 -29.25 37.88
CA HIS G 185 -39.45 -28.76 38.67
C HIS G 185 -38.27 -28.38 37.80
N ALA G 186 -37.44 -27.47 38.32
CA ALA G 186 -36.16 -27.16 37.72
C ALA G 186 -35.15 -28.26 38.05
N TYR G 187 -34.18 -28.46 37.16
CA TYR G 187 -33.20 -29.51 37.38
C TYR G 187 -32.27 -29.11 38.52
N THR G 188 -31.83 -30.11 39.28
CA THR G 188 -30.99 -29.90 40.46
C THR G 188 -29.67 -30.63 40.28
N GLN G 189 -28.73 -30.36 41.20
CA GLN G 189 -27.39 -30.92 41.10
C GLN G 189 -27.39 -32.45 41.20
N ASP G 190 -28.41 -33.04 41.81
CA ASP G 190 -28.46 -34.49 41.95
C ASP G 190 -28.67 -35.23 40.63
N GLN G 191 -28.94 -34.51 39.55
CA GLN G 191 -29.09 -35.13 38.24
C GLN G 191 -27.75 -35.16 37.51
N ASN G 192 -27.74 -35.86 36.38
CA ASN G 192 -26.54 -36.00 35.55
C ASN G 192 -26.57 -34.98 34.42
N LEU G 193 -25.39 -34.45 34.10
CA LEU G 193 -25.30 -33.52 32.97
C LEU G 193 -25.42 -34.25 31.65
N GLN G 194 -24.79 -35.41 31.52
CA GLN G 194 -24.90 -36.27 30.36
C GLN G 194 -25.46 -37.62 30.79
N ASP G 195 -25.65 -38.52 29.82
CA ASP G 195 -26.20 -39.84 30.10
C ASP G 195 -25.17 -40.64 30.88
N GLY G 196 -25.36 -40.74 32.20
CA GLY G 196 -24.46 -41.49 33.05
C GLY G 196 -25.21 -42.34 34.05
N PRO G 197 -24.48 -43.17 34.81
CA PRO G 197 -25.14 -44.01 35.82
C PRO G 197 -25.79 -43.19 36.91
N HIS G 198 -26.91 -43.70 37.42
CA HIS G 198 -27.66 -43.03 38.47
C HIS G 198 -28.62 -44.04 39.09
N LYS G 199 -28.89 -43.86 40.38
CA LYS G 199 -29.88 -44.71 41.04
C LYS G 199 -31.26 -44.54 40.43
N ASP G 200 -31.54 -43.38 39.85
CA ASP G 200 -32.78 -43.12 39.14
C ASP G 200 -32.47 -43.14 37.65
N LEU G 201 -32.93 -44.18 36.95
CA LEU G 201 -32.65 -44.31 35.52
C LEU G 201 -33.31 -43.21 34.71
N ARG G 202 -34.35 -42.56 35.25
CA ARG G 202 -34.95 -41.43 34.55
C ARG G 202 -34.11 -40.16 34.72
N ARG G 203 -33.61 -39.92 35.93
CA ARG G 203 -32.69 -38.81 36.15
C ARG G 203 -31.27 -39.11 35.67
N ALA G 204 -31.00 -40.35 35.23
CA ALA G 204 -29.71 -40.69 34.67
C ALA G 204 -29.46 -40.01 33.33
N ARG G 205 -30.53 -39.59 32.64
CA ARG G 205 -30.42 -38.96 31.34
C ARG G 205 -29.96 -37.51 31.48
N ALA G 206 -29.54 -36.93 30.36
CA ALA G 206 -29.06 -35.54 30.35
C ALA G 206 -30.16 -34.61 30.81
N ALA G 207 -29.90 -33.87 31.89
CA ALA G 207 -30.94 -33.09 32.53
C ALA G 207 -31.39 -31.92 31.65
N ALA G 208 -30.43 -31.19 31.09
CA ALA G 208 -30.76 -30.01 30.29
C ALA G 208 -31.19 -30.35 28.87
N LEU G 209 -31.15 -31.62 28.48
CA LEU G 209 -31.48 -32.01 27.12
C LEU G 209 -32.87 -32.62 26.97
N ASN G 210 -33.54 -32.96 28.07
CA ASN G 210 -34.84 -33.59 27.98
C ASN G 210 -35.63 -33.32 29.27
N ILE G 211 -36.84 -33.85 29.32
CA ILE G 211 -37.69 -33.78 30.50
C ILE G 211 -37.60 -35.11 31.24
N VAL G 212 -37.07 -35.07 32.45
CA VAL G 212 -36.86 -36.27 33.25
C VAL G 212 -37.98 -36.33 34.31
N PRO G 213 -38.93 -37.26 34.20
CA PRO G 213 -39.90 -37.45 35.28
C PRO G 213 -39.25 -38.18 36.45
N THR G 214 -39.43 -37.65 37.65
CA THR G 214 -38.86 -38.25 38.85
C THR G 214 -39.91 -38.28 39.95
N SER G 215 -39.61 -39.04 40.99
CA SER G 215 -40.51 -39.20 42.11
C SER G 215 -40.34 -38.07 43.12
N THR G 216 -41.35 -37.88 43.95
CA THR G 216 -41.31 -36.88 45.01
C THR G 216 -42.21 -37.33 46.15
N GLY G 217 -41.82 -36.96 47.37
CA GLY G 217 -42.59 -37.32 48.54
C GLY G 217 -43.33 -36.14 49.14
N ALA G 218 -43.45 -35.06 48.37
CA ALA G 218 -44.13 -33.87 48.88
C ALA G 218 -45.61 -34.14 49.12
N ALA G 219 -46.28 -34.72 48.12
CA ALA G 219 -47.71 -34.98 48.25
C ALA G 219 -48.01 -36.21 49.10
N LYS G 220 -47.15 -37.23 49.01
CA LYS G 220 -47.40 -38.45 49.77
C LYS G 220 -47.19 -38.25 51.26
N ALA G 221 -46.29 -37.34 51.64
CA ALA G 221 -46.01 -37.05 53.04
C ALA G 221 -46.64 -35.74 53.50
N ILE G 222 -47.75 -35.33 52.88
CA ILE G 222 -48.44 -34.12 53.32
C ILE G 222 -49.05 -34.31 54.70
N GLY G 223 -49.22 -35.54 55.16
CA GLY G 223 -49.71 -35.79 56.50
C GLY G 223 -48.76 -35.38 57.59
N LEU G 224 -47.48 -35.20 57.27
CA LEU G 224 -46.52 -34.74 58.28
C LEU G 224 -46.82 -33.32 58.71
N VAL G 225 -47.42 -32.51 57.84
CA VAL G 225 -47.81 -31.15 58.19
C VAL G 225 -49.32 -30.96 58.17
N MET G 226 -50.06 -31.79 57.44
CA MET G 226 -51.52 -31.74 57.40
C MET G 226 -52.03 -33.17 57.53
N PRO G 227 -52.22 -33.67 58.75
CA PRO G 227 -52.61 -35.08 58.93
C PRO G 227 -53.95 -35.43 58.33
N GLN G 228 -54.86 -34.45 58.15
CA GLN G 228 -56.16 -34.75 57.56
C GLN G 228 -56.06 -35.07 56.08
N LEU G 229 -54.94 -34.72 55.43
CA LEU G 229 -54.74 -35.00 54.02
C LEU G 229 -53.81 -36.18 53.77
N LYS G 230 -53.49 -36.94 54.81
CA LYS G 230 -52.61 -38.10 54.65
C LYS G 230 -53.31 -39.18 53.84
N GLY G 231 -52.68 -39.61 52.74
CA GLY G 231 -53.26 -40.59 51.87
C GLY G 231 -54.22 -40.05 50.83
N LYS G 232 -54.64 -38.79 50.95
CA LYS G 232 -55.55 -38.19 49.99
C LYS G 232 -54.86 -37.53 48.82
N LEU G 233 -53.54 -37.33 48.90
CA LEU G 233 -52.78 -36.69 47.84
C LEU G 233 -51.67 -37.62 47.36
N ASP G 234 -51.30 -37.47 46.09
CA ASP G 234 -50.23 -38.24 45.49
C ASP G 234 -49.80 -37.54 44.22
N GLY G 235 -48.57 -37.81 43.79
CA GLY G 235 -48.07 -37.21 42.58
C GLY G 235 -46.59 -37.49 42.38
N TYR G 236 -46.07 -36.90 41.31
CA TYR G 236 -44.68 -37.08 40.91
C TYR G 236 -44.13 -35.72 40.50
N ALA G 237 -42.92 -35.73 39.94
CA ALA G 237 -42.24 -34.51 39.51
C ALA G 237 -41.76 -34.66 38.07
N LEU G 238 -41.56 -33.52 37.42
CA LEU G 238 -41.08 -33.48 36.04
C LEU G 238 -39.97 -32.44 35.97
N ARG G 239 -38.72 -32.89 35.81
CA ARG G 239 -37.59 -31.99 35.73
C ARG G 239 -37.45 -31.45 34.31
N VAL G 240 -37.36 -30.14 34.17
CA VAL G 240 -37.34 -29.48 32.86
C VAL G 240 -36.08 -28.64 32.78
N PRO G 241 -35.59 -28.38 31.55
CA PRO G 241 -34.37 -27.56 31.39
C PRO G 241 -34.51 -26.14 31.89
N ILE G 242 -34.56 -25.96 33.21
CA ILE G 242 -34.59 -24.63 33.82
C ILE G 242 -33.65 -24.68 35.03
N PRO G 243 -32.81 -23.66 35.24
CA PRO G 243 -31.90 -23.68 36.40
C PRO G 243 -32.62 -23.62 37.73
N THR G 244 -33.42 -22.58 37.94
CA THR G 244 -34.18 -22.41 39.18
C THR G 244 -35.59 -21.96 38.85
N GLY G 245 -36.53 -22.33 39.71
CA GLY G 245 -37.92 -21.99 39.50
C GLY G 245 -38.75 -23.19 39.10
N SER G 246 -39.80 -23.48 39.87
CA SER G 246 -40.64 -24.65 39.63
C SER G 246 -42.09 -24.26 39.85
N VAL G 247 -42.99 -25.21 39.56
CA VAL G 247 -44.43 -24.95 39.63
C VAL G 247 -45.13 -26.25 39.99
N THR G 248 -46.20 -26.14 40.77
CA THR G 248 -47.01 -27.28 41.19
C THR G 248 -48.39 -27.18 40.57
N ASP G 249 -48.85 -28.27 39.97
CA ASP G 249 -50.17 -28.35 39.36
C ASP G 249 -50.98 -29.36 40.16
N LEU G 250 -51.88 -28.86 40.99
CA LEU G 250 -52.68 -29.71 41.88
C LEU G 250 -54.09 -29.82 41.34
N THR G 251 -54.47 -31.03 40.94
CA THR G 251 -55.84 -31.33 40.51
C THR G 251 -56.53 -32.07 41.65
N VAL G 252 -57.47 -31.41 42.31
CA VAL G 252 -58.06 -31.88 43.55
C VAL G 252 -59.58 -31.88 43.44
N ASP G 253 -60.21 -32.93 43.97
CA ASP G 253 -61.66 -32.98 44.10
C ASP G 253 -62.08 -32.30 45.39
N LEU G 254 -63.01 -31.36 45.30
CA LEU G 254 -63.45 -30.57 46.44
C LEU G 254 -64.73 -31.15 47.02
N SER G 255 -64.90 -30.98 48.33
CA SER G 255 -66.12 -31.43 49.00
C SER G 255 -67.31 -30.56 48.59
N THR G 256 -67.09 -29.26 48.43
CA THR G 256 -68.12 -28.33 48.00
C THR G 256 -67.77 -27.76 46.64
N ARG G 257 -68.76 -27.66 45.76
CA ARG G 257 -68.55 -27.13 44.42
C ARG G 257 -68.23 -25.64 44.50
N ALA G 258 -67.02 -25.26 44.10
CA ALA G 258 -66.57 -23.89 44.14
C ALA G 258 -66.25 -23.40 42.74
N SER G 259 -66.47 -22.11 42.52
CA SER G 259 -66.19 -21.47 41.25
C SER G 259 -64.73 -21.01 41.19
N VAL G 260 -64.29 -20.62 39.99
CA VAL G 260 -62.93 -20.12 39.82
C VAL G 260 -62.74 -18.83 40.62
N ASP G 261 -63.73 -17.94 40.59
CA ASP G 261 -63.64 -16.71 41.35
C ASP G 261 -63.59 -16.98 42.84
N GLU G 262 -64.33 -17.99 43.31
CA GLU G 262 -64.31 -18.33 44.73
C GLU G 262 -62.94 -18.85 45.15
N ILE G 263 -62.35 -19.74 44.35
CA ILE G 263 -61.03 -20.26 44.68
C ILE G 263 -59.98 -19.15 44.61
N ASN G 264 -60.09 -18.28 43.61
CA ASN G 264 -59.14 -17.18 43.48
C ASN G 264 -59.29 -16.19 44.62
N ALA G 265 -60.52 -15.94 45.07
CA ALA G 265 -60.74 -15.02 46.18
C ALA G 265 -60.24 -15.61 47.49
N ALA G 266 -60.40 -16.92 47.68
CA ALA G 266 -59.88 -17.55 48.88
C ALA G 266 -58.36 -17.51 48.92
N PHE G 267 -57.71 -17.74 47.77
CA PHE G 267 -56.26 -17.65 47.72
C PHE G 267 -55.79 -16.21 47.86
N LYS G 268 -56.54 -15.26 47.30
CA LYS G 268 -56.18 -13.86 47.42
C LYS G 268 -56.30 -13.37 48.86
N ALA G 269 -57.35 -13.80 49.56
CA ALA G 269 -57.50 -13.42 50.96
C ALA G 269 -56.43 -14.07 51.83
N ALA G 270 -56.04 -15.31 51.50
CA ALA G 270 -55.00 -15.98 52.26
C ALA G 270 -53.65 -15.32 52.04
N ALA G 271 -53.31 -15.00 50.79
CA ALA G 271 -52.03 -14.38 50.50
C ALA G 271 -51.93 -12.99 51.12
N GLU G 272 -53.04 -12.28 51.24
CA GLU G 272 -53.06 -10.95 51.84
C GLU G 272 -53.44 -10.98 53.31
N GLY G 273 -53.59 -12.15 53.91
CA GLY G 273 -53.99 -12.24 55.30
C GLY G 273 -53.17 -13.21 56.12
N ARG G 274 -53.66 -14.44 56.26
CA ARG G 274 -53.01 -15.41 57.13
C ARG G 274 -51.73 -15.97 56.54
N LEU G 275 -51.54 -15.87 55.22
CA LEU G 275 -50.36 -16.39 54.56
C LEU G 275 -49.53 -15.28 53.91
N LYS G 276 -49.49 -14.12 54.56
CA LYS G 276 -48.66 -13.02 54.06
C LYS G 276 -47.20 -13.35 54.27
N GLY G 277 -46.44 -13.38 53.18
CA GLY G 277 -45.05 -13.76 53.20
C GLY G 277 -44.77 -15.18 52.75
N ILE G 278 -45.78 -16.05 52.78
CA ILE G 278 -45.66 -17.42 52.31
C ILE G 278 -46.40 -17.63 51.00
N LEU G 279 -47.62 -17.12 50.89
CA LEU G 279 -48.43 -17.22 49.68
C LEU G 279 -48.44 -15.88 48.96
N LYS G 280 -48.29 -15.93 47.63
CA LYS G 280 -48.32 -14.74 46.80
C LYS G 280 -49.41 -14.90 45.75
N TYR G 281 -50.23 -13.86 45.59
CA TYR G 281 -51.32 -13.87 44.62
C TYR G 281 -50.90 -13.08 43.39
N TYR G 282 -51.09 -13.68 42.21
CA TYR G 282 -50.70 -13.08 40.94
C TYR G 282 -51.89 -13.08 40.00
N ASP G 283 -52.26 -11.90 39.49
CA ASP G 283 -53.31 -11.77 38.50
C ASP G 283 -52.76 -11.39 37.13
N ALA G 284 -51.44 -11.41 36.96
CA ALA G 284 -50.77 -11.05 35.72
C ALA G 284 -50.21 -12.27 35.02
N PRO G 285 -50.21 -12.29 33.69
CA PRO G 285 -49.66 -13.44 32.96
C PRO G 285 -48.15 -13.53 33.06
N ILE G 286 -47.66 -14.11 34.15
CA ILE G 286 -46.24 -14.20 34.40
C ILE G 286 -45.73 -15.59 33.99
N VAL G 287 -44.41 -15.75 33.97
CA VAL G 287 -43.77 -17.02 33.68
C VAL G 287 -42.76 -17.30 34.80
N SER G 288 -42.05 -18.41 34.67
CA SER G 288 -41.14 -18.83 35.75
C SER G 288 -39.94 -17.91 35.87
N SER G 289 -39.54 -17.23 34.78
CA SER G 289 -38.45 -16.27 34.88
C SER G 289 -38.81 -15.12 35.79
N ASP G 290 -40.11 -14.83 35.94
CA ASP G 290 -40.58 -13.84 36.89
C ASP G 290 -40.63 -14.37 38.31
N ILE G 291 -40.46 -15.68 38.50
CA ILE G 291 -40.51 -16.28 39.84
C ILE G 291 -39.13 -16.42 40.45
N VAL G 292 -38.06 -16.34 39.65
CA VAL G 292 -36.72 -16.49 40.18
C VAL G 292 -36.43 -15.40 41.21
N THR G 293 -35.78 -15.79 42.31
CA THR G 293 -35.46 -14.89 43.42
C THR G 293 -36.72 -14.26 44.00
N ASP G 294 -37.69 -15.11 44.36
CA ASP G 294 -38.90 -14.69 45.05
C ASP G 294 -38.98 -15.44 46.37
N PRO G 295 -39.08 -14.74 47.51
CA PRO G 295 -39.03 -15.44 48.80
C PRO G 295 -40.32 -16.18 49.16
N HIS G 296 -41.38 -16.02 48.39
CA HIS G 296 -42.64 -16.68 48.71
C HIS G 296 -42.53 -18.18 48.55
N SER G 297 -43.30 -18.91 49.37
CA SER G 297 -43.27 -20.37 49.34
C SER G 297 -44.17 -20.93 48.25
N SER G 298 -45.24 -20.22 47.91
CA SER G 298 -46.18 -20.69 46.90
C SER G 298 -46.81 -19.47 46.24
N ILE G 299 -46.66 -19.36 44.92
CA ILE G 299 -47.12 -18.21 44.16
C ILE G 299 -48.33 -18.66 43.34
N PHE G 300 -49.53 -18.41 43.86
CA PHE G 300 -50.74 -18.88 43.20
C PHE G 300 -51.01 -18.09 41.93
N ASP G 301 -51.18 -18.81 40.82
CA ASP G 301 -51.48 -18.22 39.52
C ASP G 301 -53.00 -18.26 39.32
N SER G 302 -53.64 -17.10 39.49
CA SER G 302 -55.09 -17.05 39.38
C SER G 302 -55.57 -17.26 37.95
N GLY G 303 -54.72 -17.02 36.95
CA GLY G 303 -55.13 -17.20 35.57
C GLY G 303 -55.20 -18.65 35.13
N LEU G 304 -54.40 -19.51 35.74
CA LEU G 304 -54.33 -20.91 35.36
C LEU G 304 -55.27 -21.81 36.17
N THR G 305 -56.33 -21.24 36.75
CA THR G 305 -57.27 -22.00 37.55
C THR G 305 -58.43 -22.48 36.67
N LYS G 306 -58.78 -23.75 36.80
CA LYS G 306 -59.91 -24.33 36.09
C LYS G 306 -60.70 -25.21 37.05
N VAL G 307 -61.99 -25.36 36.77
CA VAL G 307 -62.86 -26.16 37.62
C VAL G 307 -63.93 -26.81 36.76
N ILE G 308 -64.28 -28.05 37.10
CA ILE G 308 -65.38 -28.77 36.45
C ILE G 308 -66.10 -29.53 37.55
N ASP G 309 -67.22 -28.96 38.01
CA ASP G 309 -68.02 -29.53 39.11
C ASP G 309 -67.12 -29.67 40.34
N ASP G 310 -66.95 -30.85 40.91
CA ASP G 310 -66.20 -31.02 42.14
C ASP G 310 -64.69 -31.05 41.93
N GLN G 311 -64.22 -31.03 40.68
CA GLN G 311 -62.80 -31.19 40.37
C GLN G 311 -62.24 -29.86 39.88
N ALA G 312 -61.19 -29.38 40.55
CA ALA G 312 -60.55 -28.13 40.21
C ALA G 312 -59.05 -28.34 40.05
N LYS G 313 -58.45 -27.56 39.16
CA LYS G 313 -57.01 -27.58 38.92
C LYS G 313 -56.43 -26.25 39.37
N VAL G 314 -55.47 -26.31 40.30
CA VAL G 314 -54.82 -25.13 40.86
C VAL G 314 -53.35 -25.18 40.50
N VAL G 315 -52.81 -24.06 40.03
CA VAL G 315 -51.43 -23.96 39.60
C VAL G 315 -50.74 -22.89 40.46
N SER G 316 -49.60 -23.24 41.05
CA SER G 316 -48.89 -22.34 41.95
C SER G 316 -47.39 -22.46 41.71
N TRP G 317 -46.74 -21.31 41.50
CA TRP G 317 -45.31 -21.24 41.26
C TRP G 317 -44.55 -21.17 42.59
N TYR G 318 -43.25 -21.48 42.51
CA TYR G 318 -42.37 -21.39 43.68
C TYR G 318 -40.92 -21.52 43.21
N ASP G 319 -40.05 -20.71 43.81
CA ASP G 319 -38.62 -20.78 43.52
C ASP G 319 -38.01 -21.83 44.44
N ASN G 320 -37.62 -22.97 43.86
CA ASN G 320 -37.14 -24.11 44.63
C ASN G 320 -35.84 -23.82 45.37
N GLU G 321 -35.12 -22.75 45.02
CA GLU G 321 -33.85 -22.41 45.66
C GLU G 321 -33.99 -21.22 46.59
N TRP G 322 -34.38 -20.06 46.07
CA TRP G 322 -34.41 -18.84 46.87
C TRP G 322 -35.57 -18.84 47.86
N GLY G 323 -36.75 -19.26 47.41
CA GLY G 323 -37.90 -19.26 48.30
C GLY G 323 -37.77 -20.26 49.43
N TYR G 324 -37.20 -21.43 49.15
CA TYR G 324 -37.02 -22.44 50.18
C TYR G 324 -35.96 -22.01 51.19
N SER G 325 -34.92 -21.31 50.73
CA SER G 325 -33.87 -20.87 51.65
C SER G 325 -34.37 -19.75 52.57
N ASN G 326 -35.28 -18.91 52.09
CA ASN G 326 -35.89 -17.93 52.98
C ASN G 326 -36.72 -18.60 54.06
N ARG G 327 -37.34 -19.73 53.74
CA ARG G 327 -38.05 -20.49 54.77
C ARG G 327 -37.08 -21.13 55.76
N LEU G 328 -35.88 -21.48 55.30
CA LEU G 328 -34.87 -21.99 56.22
C LEU G 328 -34.37 -20.88 57.14
N VAL G 329 -34.27 -19.65 56.63
CA VAL G 329 -33.89 -18.53 57.48
C VAL G 329 -34.98 -18.22 58.49
N ASP G 330 -36.24 -18.22 58.05
CA ASP G 330 -37.35 -17.95 58.96
C ASP G 330 -37.52 -19.05 59.98
N LEU G 331 -37.27 -20.30 59.60
CA LEU G 331 -37.37 -21.40 60.57
C LEU G 331 -36.24 -21.33 61.59
N VAL G 332 -35.03 -20.97 61.14
CA VAL G 332 -33.93 -20.79 62.08
C VAL G 332 -34.20 -19.61 63.00
N THR G 333 -34.97 -18.62 62.53
CA THR G 333 -35.35 -17.51 63.40
C THR G 333 -36.42 -17.94 64.39
N LEU G 334 -37.30 -18.87 64.01
CA LEU G 334 -38.31 -19.36 64.94
C LEU G 334 -37.69 -20.25 66.00
N VAL G 335 -36.73 -21.08 65.62
CA VAL G 335 -36.05 -21.94 66.60
C VAL G 335 -35.22 -21.08 67.55
N GLY G 336 -34.59 -20.02 67.04
CA GLY G 336 -33.85 -19.13 67.91
C GLY G 336 -34.73 -18.39 68.90
N LYS G 337 -35.97 -18.09 68.51
CA LYS G 337 -36.91 -17.45 69.42
C LYS G 337 -37.36 -18.39 70.53
N SER G 338 -37.28 -19.70 70.32
CA SER G 338 -37.64 -20.67 71.34
C SER G 338 -36.48 -21.02 72.27
N LEU G 339 -35.28 -20.54 71.97
CA LEU G 339 -34.12 -20.82 72.82
C LEU G 339 -33.76 -19.59 73.66
N THR H 2 -33.49 18.64 32.37
CA THR H 2 -33.65 17.23 32.04
C THR H 2 -33.86 17.04 30.54
N VAL H 3 -32.95 16.29 29.91
CA VAL H 3 -33.04 16.06 28.47
C VAL H 3 -34.15 15.05 28.20
N ARG H 4 -35.11 15.45 27.36
CA ARG H 4 -36.22 14.57 27.02
C ARG H 4 -35.78 13.57 25.95
N VAL H 5 -36.11 12.30 26.17
CA VAL H 5 -35.68 11.21 25.29
C VAL H 5 -36.92 10.48 24.78
N GLY H 6 -36.96 10.23 23.48
CA GLY H 6 -38.00 9.40 22.89
C GLY H 6 -37.39 8.17 22.25
N ILE H 7 -37.97 7.00 22.52
CA ILE H 7 -37.43 5.73 22.03
C ILE H 7 -38.25 5.29 20.82
N ASN H 8 -37.55 4.94 19.74
CA ASN H 8 -38.15 4.34 18.56
C ASN H 8 -37.67 2.89 18.50
N GLY H 9 -38.56 1.97 18.85
CA GLY H 9 -38.19 0.57 18.92
C GLY H 9 -38.02 0.08 20.35
N PHE H 10 -39.13 -0.15 21.04
CA PHE H 10 -39.11 -0.51 22.46
C PHE H 10 -38.91 -2.01 22.64
N GLY H 11 -37.85 -2.56 22.04
CA GLY H 11 -37.57 -3.97 22.14
C GLY H 11 -36.61 -4.30 23.27
N ARG H 12 -35.66 -5.20 22.99
CA ARG H 12 -34.69 -5.59 24.03
C ARG H 12 -33.78 -4.41 24.37
N ILE H 13 -33.24 -3.74 23.36
CA ILE H 13 -32.35 -2.61 23.60
C ILE H 13 -33.13 -1.43 24.17
N GLY H 14 -34.35 -1.20 23.66
CA GLY H 14 -35.14 -0.08 24.14
C GLY H 14 -35.49 -0.20 25.62
N ARG H 15 -35.95 -1.38 26.03
CA ARG H 15 -36.26 -1.59 27.44
C ARG H 15 -35.00 -1.66 28.29
N ASN H 16 -33.92 -2.23 27.75
CA ASN H 16 -32.65 -2.22 28.48
C ASN H 16 -32.12 -0.80 28.64
N PHE H 17 -32.37 0.07 27.65
CA PHE H 17 -31.97 1.47 27.79
C PHE H 17 -32.77 2.15 28.88
N TYR H 18 -34.06 1.82 29.01
CA TYR H 18 -34.88 2.44 30.04
C TYR H 18 -34.51 1.96 31.43
N ARG H 19 -34.23 0.65 31.57
CA ARG H 19 -33.83 0.13 32.88
C ARG H 19 -32.45 0.65 33.28
N ALA H 20 -31.53 0.75 32.32
CA ALA H 20 -30.23 1.33 32.61
C ALA H 20 -30.34 2.81 32.96
N LEU H 21 -31.28 3.52 32.33
CA LEU H 21 -31.53 4.91 32.69
C LEU H 21 -32.07 5.03 34.10
N LEU H 22 -32.99 4.13 34.47
CA LEU H 22 -33.54 4.16 35.83
C LEU H 22 -32.47 3.83 36.87
N ALA H 23 -31.63 2.83 36.58
CA ALA H 23 -30.56 2.48 37.51
C ALA H 23 -29.52 3.59 37.61
N GLN H 24 -29.25 4.27 36.50
CA GLN H 24 -28.30 5.38 36.54
C GLN H 24 -28.90 6.61 37.21
N GLN H 25 -30.22 6.76 37.17
CA GLN H 25 -30.87 7.83 37.93
C GLN H 25 -30.83 7.54 39.43
N GLU H 26 -30.98 6.27 39.80
CA GLU H 26 -30.86 5.90 41.22
C GLU H 26 -29.44 6.11 41.72
N GLN H 27 -28.44 6.04 40.82
CA GLN H 27 -27.07 6.35 41.19
C GLN H 27 -26.80 7.85 41.22
N GLY H 28 -27.65 8.65 40.58
CA GLY H 28 -27.51 10.08 40.57
C GLY H 28 -26.74 10.66 39.40
N THR H 29 -26.06 9.82 38.61
CA THR H 29 -25.25 10.27 37.48
C THR H 29 -26.02 10.20 36.16
N ALA H 30 -27.29 10.58 36.16
CA ALA H 30 -28.09 10.61 34.94
C ALA H 30 -29.20 11.65 35.10
N ASP H 31 -29.53 12.32 34.00
CA ASP H 31 -30.55 13.36 33.99
C ASP H 31 -31.62 13.18 32.93
N VAL H 32 -31.40 12.32 31.93
CA VAL H 32 -32.34 12.20 30.82
C VAL H 32 -33.59 11.47 31.28
N GLU H 33 -34.72 11.82 30.66
CA GLU H 33 -36.02 11.25 30.96
C GLU H 33 -36.65 10.71 29.68
N VAL H 34 -37.07 9.44 29.72
CA VAL H 34 -37.80 8.85 28.61
C VAL H 34 -39.27 9.21 28.75
N VAL H 35 -39.80 9.94 27.77
CA VAL H 35 -41.18 10.41 27.81
C VAL H 35 -42.06 9.76 26.76
N ALA H 36 -41.48 9.05 25.78
CA ALA H 36 -42.27 8.43 24.74
C ALA H 36 -41.57 7.17 24.25
N ALA H 37 -42.36 6.23 23.74
CA ALA H 37 -41.83 4.97 23.22
C ALA H 37 -42.72 4.52 22.07
N ASN H 38 -42.09 4.15 20.96
CA ASN H 38 -42.80 3.72 19.75
C ASN H 38 -42.48 2.27 19.46
N ASP H 39 -43.51 1.45 19.29
CA ASP H 39 -43.38 0.05 18.94
C ASP H 39 -44.58 -0.33 18.07
N ILE H 40 -44.57 -1.56 17.55
CA ILE H 40 -45.66 -2.03 16.69
C ILE H 40 -46.73 -2.76 17.50
N THR H 41 -46.79 -2.51 18.82
CA THR H 41 -47.79 -3.15 19.68
C THR H 41 -48.42 -2.11 20.59
N ASP H 42 -49.56 -2.48 21.17
CA ASP H 42 -50.30 -1.57 22.05
C ASP H 42 -49.51 -1.31 23.35
N ASN H 43 -50.04 -0.41 24.17
CA ASN H 43 -49.39 -0.06 25.42
C ASN H 43 -49.51 -1.14 26.49
N SER H 44 -50.47 -2.06 26.36
CA SER H 44 -50.59 -3.14 27.33
C SER H 44 -49.43 -4.12 27.22
N THR H 45 -49.07 -4.51 26.00
CA THR H 45 -47.95 -5.40 25.80
C THR H 45 -46.63 -4.73 26.15
N LEU H 46 -46.51 -3.42 25.88
CA LEU H 46 -45.30 -2.70 26.25
C LEU H 46 -45.14 -2.61 27.77
N ALA H 47 -46.23 -2.35 28.48
CA ALA H 47 -46.17 -2.28 29.93
C ALA H 47 -45.88 -3.64 30.55
N HIS H 48 -46.38 -4.71 29.94
CA HIS H 48 -46.10 -6.05 30.45
C HIS H 48 -44.66 -6.46 30.17
N LEU H 49 -44.16 -6.16 28.96
CA LEU H 49 -42.78 -6.49 28.63
C LEU H 49 -41.78 -5.65 29.40
N LEU H 50 -42.19 -4.48 29.90
CA LEU H 50 -41.29 -3.65 30.69
C LEU H 50 -41.26 -4.08 32.15
N LYS H 51 -42.41 -4.48 32.69
CA LYS H 51 -42.47 -4.91 34.08
C LYS H 51 -41.77 -6.25 34.28
N PHE H 52 -42.09 -7.22 33.44
CA PHE H 52 -41.57 -8.58 33.56
C PHE H 52 -40.52 -8.80 32.48
N ASP H 53 -39.31 -9.17 32.89
CA ASP H 53 -38.21 -9.43 31.97
C ASP H 53 -37.57 -10.77 32.33
N SER H 54 -37.36 -11.61 31.32
CA SER H 54 -36.78 -12.93 31.57
C SER H 54 -35.30 -12.86 31.93
N ILE H 55 -34.61 -11.80 31.52
CA ILE H 55 -33.18 -11.65 31.78
C ILE H 55 -32.91 -10.72 32.96
N LEU H 56 -33.48 -9.52 32.92
CA LEU H 56 -33.26 -8.53 33.97
C LEU H 56 -34.19 -8.70 35.15
N GLY H 57 -35.08 -9.67 35.12
CA GLY H 57 -35.98 -9.90 36.24
C GLY H 57 -37.14 -8.91 36.26
N ARG H 58 -37.74 -8.79 37.44
CA ARG H 58 -38.86 -7.89 37.63
C ARG H 58 -38.38 -6.46 37.86
N LEU H 59 -39.23 -5.51 37.50
CA LEU H 59 -38.92 -4.11 37.74
C LEU H 59 -39.31 -3.75 39.16
N PRO H 60 -38.43 -3.07 39.91
CA PRO H 60 -38.79 -2.70 41.29
C PRO H 60 -39.95 -1.72 41.38
N CYS H 61 -40.16 -0.92 40.34
CA CYS H 61 -41.28 0.01 40.32
C CYS H 61 -42.54 -0.68 39.83
N ASP H 62 -43.69 -0.16 40.27
CA ASP H 62 -44.96 -0.64 39.74
C ASP H 62 -45.13 -0.16 38.32
N VAL H 63 -45.94 -0.89 37.55
CA VAL H 63 -46.20 -0.56 36.14
C VAL H 63 -47.70 -0.60 35.92
N GLY H 64 -48.27 0.55 35.54
CA GLY H 64 -49.68 0.67 35.25
C GLY H 64 -49.93 1.03 33.79
N LEU H 65 -51.22 1.09 33.46
CA LEU H 65 -51.64 1.38 32.10
C LEU H 65 -52.64 2.53 32.10
N GLU H 66 -52.72 3.21 30.95
CA GLU H 66 -53.79 4.14 30.65
C GLU H 66 -54.25 3.89 29.23
N GLY H 67 -55.24 4.67 28.79
CA GLY H 67 -55.84 4.44 27.48
C GLY H 67 -54.88 4.55 26.31
N ASP H 68 -53.75 5.24 26.51
CA ASP H 68 -52.81 5.41 25.41
C ASP H 68 -51.36 5.55 25.87
N ASP H 69 -51.03 5.29 27.13
CA ASP H 69 -49.67 5.44 27.61
C ASP H 69 -49.39 4.41 28.68
N THR H 70 -48.11 4.24 29.00
CA THR H 70 -47.66 3.32 30.03
C THR H 70 -47.12 4.12 31.20
N ILE H 71 -47.53 3.74 32.41
CA ILE H 71 -47.13 4.43 33.64
C ILE H 71 -46.18 3.53 34.41
N VAL H 72 -45.00 4.06 34.73
CA VAL H 72 -44.09 3.40 35.66
C VAL H 72 -44.66 3.60 37.06
N VAL H 73 -43.83 4.08 37.98
CA VAL H 73 -44.25 4.38 39.34
C VAL H 73 -44.17 5.89 39.49
N GLY H 74 -45.33 6.56 39.38
CA GLY H 74 -45.39 8.00 39.40
C GLY H 74 -45.09 8.66 38.06
N ARG H 75 -44.28 8.03 37.22
CA ARG H 75 -43.94 8.55 35.92
C ARG H 75 -44.89 7.98 34.86
N ALA H 76 -45.14 8.78 33.82
CA ALA H 76 -45.98 8.38 32.70
C ALA H 76 -45.21 8.57 31.40
N LYS H 77 -45.26 7.58 30.53
CA LYS H 77 -44.57 7.62 29.25
C LYS H 77 -45.59 7.47 28.14
N ILE H 78 -45.71 8.49 27.29
CA ILE H 78 -46.69 8.49 26.20
C ILE H 78 -46.32 7.37 25.23
N LYS H 79 -47.15 6.34 25.18
CA LYS H 79 -46.89 5.17 24.32
C LYS H 79 -47.34 5.47 22.90
N ALA H 80 -46.63 6.40 22.27
CA ALA H 80 -46.89 6.74 20.87
C ALA H 80 -46.48 5.58 19.97
N LEU H 81 -47.26 4.50 20.00
CA LEU H 81 -46.89 3.27 19.31
C LEU H 81 -47.58 3.10 17.97
N ALA H 82 -48.77 3.67 17.77
CA ALA H 82 -49.48 3.48 16.52
C ALA H 82 -48.72 3.98 15.31
N VAL H 83 -47.65 4.76 15.50
CA VAL H 83 -46.86 5.30 14.40
C VAL H 83 -45.99 4.19 13.80
N ARG H 84 -46.59 3.39 12.92
CA ARG H 84 -45.87 2.30 12.26
C ARG H 84 -45.23 2.74 10.94
N GLU H 85 -45.40 3.99 10.54
CA GLU H 85 -44.82 4.49 9.30
C GLU H 85 -43.37 4.91 9.51
N GLY H 86 -42.89 5.86 8.71
CA GLY H 86 -41.54 6.33 8.80
C GLY H 86 -41.28 7.15 10.05
N PRO H 87 -40.01 7.47 10.31
CA PRO H 87 -39.68 8.27 11.51
C PRO H 87 -40.18 9.70 11.44
N ALA H 88 -40.49 10.21 10.25
CA ALA H 88 -41.02 11.57 10.16
C ALA H 88 -42.46 11.67 10.63
N ALA H 89 -43.15 10.54 10.76
CA ALA H 89 -44.53 10.54 11.21
C ALA H 89 -44.67 10.58 12.73
N LEU H 90 -43.61 10.28 13.46
CA LEU H 90 -43.66 10.31 14.91
C LEU H 90 -43.64 11.76 15.41
N PRO H 91 -44.52 12.12 16.35
CA PRO H 91 -44.58 13.52 16.82
C PRO H 91 -43.57 13.81 17.93
N TRP H 92 -42.29 13.87 17.55
CA TRP H 92 -41.26 14.18 18.53
C TRP H 92 -41.29 15.64 18.95
N GLY H 93 -41.52 16.55 17.99
CA GLY H 93 -41.60 17.95 18.32
C GLY H 93 -42.83 18.30 19.13
N ASP H 94 -43.96 17.65 18.83
CA ASP H 94 -45.18 17.92 19.58
C ASP H 94 -45.08 17.40 21.01
N LEU H 95 -44.46 16.24 21.18
CA LEU H 95 -44.25 15.69 22.52
C LEU H 95 -43.06 16.30 23.24
N GLY H 96 -42.30 17.16 22.57
CA GLY H 96 -41.17 17.82 23.20
C GLY H 96 -39.98 16.93 23.45
N VAL H 97 -39.69 16.01 22.54
CA VAL H 97 -38.55 15.10 22.67
C VAL H 97 -37.31 15.78 22.11
N ASP H 98 -36.23 15.77 22.89
CA ASP H 98 -34.97 16.37 22.47
C ASP H 98 -34.10 15.37 21.70
N VAL H 99 -33.78 14.25 22.34
CA VAL H 99 -32.95 13.20 21.73
C VAL H 99 -33.83 11.99 21.46
N VAL H 100 -33.64 11.36 20.30
CA VAL H 100 -34.40 10.19 19.90
C VAL H 100 -33.43 9.02 19.79
N VAL H 101 -33.75 7.92 20.46
CA VAL H 101 -32.95 6.71 20.44
C VAL H 101 -33.57 5.77 19.41
N GLU H 102 -32.98 5.69 18.23
CA GLU H 102 -33.43 4.79 17.18
C GLU H 102 -32.97 3.38 17.51
N SER H 103 -33.93 2.50 17.84
CA SER H 103 -33.59 1.13 18.21
C SER H 103 -34.49 0.10 17.54
N THR H 104 -35.07 0.43 16.39
CA THR H 104 -35.87 -0.54 15.65
C THR H 104 -34.99 -1.49 14.85
N GLY H 105 -33.79 -1.07 14.46
CA GLY H 105 -32.95 -1.82 13.56
C GLY H 105 -33.33 -1.69 12.10
N LEU H 106 -34.45 -1.02 11.79
CA LEU H 106 -34.89 -0.86 10.42
C LEU H 106 -34.45 0.47 9.82
N PHE H 107 -34.13 1.46 10.65
CA PHE H 107 -33.74 2.78 10.15
C PHE H 107 -32.30 3.10 10.53
N THR H 108 -31.36 2.22 10.16
CA THR H 108 -29.95 2.47 10.46
C THR H 108 -29.34 3.46 9.48
N ASN H 109 -29.85 3.54 8.26
CA ASN H 109 -29.32 4.50 7.29
C ASN H 109 -29.71 5.91 7.68
N ALA H 110 -28.74 6.83 7.59
CA ALA H 110 -28.96 8.20 8.03
C ALA H 110 -30.00 8.92 7.18
N ALA H 111 -30.07 8.59 5.89
CA ALA H 111 -31.06 9.23 5.03
C ALA H 111 -32.47 8.92 5.49
N LYS H 112 -32.71 7.67 5.92
CA LYS H 112 -34.02 7.33 6.46
C LYS H 112 -34.16 7.77 7.91
N ALA H 113 -33.06 7.70 8.68
CA ALA H 113 -33.10 8.10 10.08
C ALA H 113 -33.24 9.61 10.26
N LYS H 114 -33.10 10.39 9.18
CA LYS H 114 -33.24 11.84 9.29
C LYS H 114 -34.69 12.25 9.58
N GLY H 115 -35.65 11.34 9.42
CA GLY H 115 -37.04 11.68 9.68
C GLY H 115 -37.30 12.08 11.12
N HIS H 116 -36.51 11.55 12.06
CA HIS H 116 -36.62 11.98 13.44
C HIS H 116 -36.27 13.46 13.58
N LEU H 117 -35.17 13.87 12.96
CA LEU H 117 -34.75 15.27 13.02
C LEU H 117 -35.77 16.17 12.32
N ASP H 118 -36.37 15.70 11.23
CA ASP H 118 -37.37 16.49 10.54
C ASP H 118 -38.66 16.57 11.34
N ALA H 119 -38.94 15.57 12.17
CA ALA H 119 -40.17 15.55 12.96
C ALA H 119 -40.09 16.43 14.21
N GLY H 120 -38.93 17.00 14.51
CA GLY H 120 -38.77 17.87 15.66
C GLY H 120 -37.68 17.46 16.63
N ALA H 121 -36.98 16.35 16.40
CA ALA H 121 -35.93 15.93 17.32
C ALA H 121 -34.64 16.71 17.05
N LYS H 122 -33.92 17.03 18.13
CA LYS H 122 -32.67 17.77 17.98
C LYS H 122 -31.51 16.85 17.62
N LYS H 123 -31.42 15.69 18.26
CA LYS H 123 -30.34 14.74 18.02
C LYS H 123 -30.91 13.34 17.97
N VAL H 124 -30.25 12.47 17.20
CA VAL H 124 -30.65 11.08 17.05
C VAL H 124 -29.44 10.20 17.30
N ILE H 125 -29.61 9.17 18.12
CA ILE H 125 -28.56 8.19 18.41
C ILE H 125 -29.06 6.82 17.95
N ILE H 126 -28.36 6.24 16.98
CA ILE H 126 -28.71 4.94 16.45
C ILE H 126 -28.00 3.86 17.25
N SER H 127 -28.77 2.93 17.81
CA SER H 127 -28.22 1.85 18.63
C SER H 127 -27.63 0.71 17.80
N ALA H 128 -27.01 1.03 16.67
CA ALA H 128 -26.46 0.04 15.77
C ALA H 128 -25.52 0.75 14.79
N PRO H 129 -24.68 0.00 14.08
CA PRO H 129 -23.88 0.63 13.02
C PRO H 129 -24.77 1.28 11.98
N ALA H 130 -24.46 2.54 11.67
CA ALA H 130 -25.22 3.32 10.71
C ALA H 130 -24.44 3.49 9.42
N THR H 131 -25.13 3.95 8.39
CA THR H 131 -24.53 4.27 7.10
C THR H 131 -24.78 5.72 6.78
N ASP H 132 -23.75 6.41 6.27
CA ASP H 132 -23.79 7.84 5.97
C ASP H 132 -24.10 8.66 7.21
N GLU H 133 -23.72 8.15 8.38
CA GLU H 133 -24.00 8.83 9.63
C GLU H 133 -23.09 10.05 9.80
N ASP H 134 -23.46 10.91 10.75
CA ASP H 134 -22.64 12.07 11.04
C ASP H 134 -21.37 11.68 11.78
N ILE H 135 -21.47 10.73 12.72
CA ILE H 135 -20.32 10.27 13.48
C ILE H 135 -20.67 8.93 14.11
N THR H 136 -19.68 8.04 14.20
CA THR H 136 -19.79 6.79 14.94
C THR H 136 -18.91 6.89 16.16
N ILE H 137 -19.53 6.80 17.34
CA ILE H 137 -18.85 7.07 18.61
C ILE H 137 -18.83 5.80 19.44
N VAL H 138 -17.65 5.47 19.97
CA VAL H 138 -17.48 4.42 20.97
C VAL H 138 -16.93 5.11 22.22
N LEU H 139 -17.73 5.12 23.29
CA LEU H 139 -17.35 5.86 24.49
C LEU H 139 -16.05 5.32 25.07
N GLY H 140 -15.10 6.23 25.30
CA GLY H 140 -13.78 5.88 25.78
C GLY H 140 -12.74 5.73 24.68
N VAL H 141 -13.13 5.81 23.42
CA VAL H 141 -12.20 5.67 22.30
C VAL H 141 -12.15 6.97 21.52
N ASN H 142 -13.25 7.31 20.84
CA ASN H 142 -13.31 8.49 20.01
C ASN H 142 -14.48 9.39 20.39
N ASP H 143 -14.88 9.38 21.67
CA ASP H 143 -15.95 10.26 22.11
C ASP H 143 -15.51 11.71 22.17
N ASP H 144 -14.20 11.97 22.15
CA ASP H 144 -13.70 13.34 22.15
C ASP H 144 -13.93 14.05 20.83
N LYS H 145 -14.11 13.29 19.74
CA LYS H 145 -14.32 13.87 18.42
C LYS H 145 -15.75 14.35 18.20
N TYR H 146 -16.56 14.42 19.26
CA TYR H 146 -17.94 14.90 19.16
C TYR H 146 -17.98 16.36 19.56
N ASP H 147 -18.27 17.23 18.60
CA ASP H 147 -18.56 18.62 18.89
C ASP H 147 -20.09 18.83 18.82
N GLY H 148 -20.52 20.08 18.69
CA GLY H 148 -21.93 20.35 18.56
C GLY H 148 -22.50 20.17 17.17
N SER H 149 -21.67 19.83 16.19
CA SER H 149 -22.07 19.76 14.79
C SER H 149 -22.31 18.32 14.32
N GLN H 150 -23.07 17.55 15.09
CA GLN H 150 -23.43 16.19 14.71
C GLN H 150 -24.87 15.93 15.15
N ASN H 151 -25.63 15.26 14.29
CA ASN H 151 -27.03 14.98 14.57
C ASN H 151 -27.38 13.50 14.41
N ILE H 152 -26.91 12.86 13.35
CA ILE H 152 -27.16 11.43 13.13
C ILE H 152 -25.96 10.69 13.72
N ILE H 153 -26.06 10.36 15.00
CA ILE H 153 -24.99 9.72 15.76
C ILE H 153 -25.23 8.23 15.83
N SER H 154 -24.17 7.45 15.67
CA SER H 154 -24.24 5.99 15.75
C SER H 154 -23.34 5.50 16.89
N ASN H 155 -23.84 4.54 17.65
CA ASN H 155 -23.10 3.94 18.74
C ASN H 155 -22.43 2.62 18.35
N ALA H 156 -22.45 2.30 17.05
CA ALA H 156 -21.85 1.07 16.52
C ALA H 156 -22.44 -0.18 17.17
N SER H 157 -21.74 -1.30 17.06
CA SER H 157 -22.22 -2.56 17.61
C SER H 157 -21.84 -2.69 19.07
N CYS H 158 -22.54 -3.61 19.76
CA CYS H 158 -22.09 -4.04 21.08
C CYS H 158 -20.72 -4.68 21.00
N THR H 159 -20.48 -5.46 19.93
CA THR H 159 -19.16 -6.05 19.73
C THR H 159 -18.12 -4.97 19.42
N THR H 160 -18.53 -3.92 18.70
CA THR H 160 -17.60 -2.82 18.44
C THR H 160 -17.23 -2.11 19.74
N ASN H 161 -18.20 -1.87 20.61
CA ASN H 161 -17.92 -1.21 21.89
C ASN H 161 -17.07 -2.07 22.82
N CYS H 162 -16.89 -3.35 22.52
CA CYS H 162 -15.98 -4.21 23.27
C CYS H 162 -14.62 -4.37 22.59
N LEU H 163 -14.60 -4.47 21.26
CA LEU H 163 -13.34 -4.62 20.55
C LEU H 163 -12.54 -3.32 20.57
N ALA H 164 -13.23 -2.19 20.45
CA ALA H 164 -12.52 -0.90 20.38
C ALA H 164 -11.64 -0.65 21.59
N PRO H 165 -12.09 -0.84 22.84
CA PRO H 165 -11.15 -0.68 23.96
C PRO H 165 -10.00 -1.67 23.94
N LEU H 166 -10.26 -2.93 23.60
CA LEU H 166 -9.20 -3.92 23.54
C LEU H 166 -8.21 -3.59 22.44
N ALA H 167 -8.71 -3.15 21.27
CA ALA H 167 -7.81 -2.81 20.17
C ALA H 167 -7.06 -1.51 20.44
N LYS H 168 -7.69 -0.56 21.14
CA LYS H 168 -7.03 0.71 21.43
C LYS H 168 -5.87 0.52 22.40
N VAL H 169 -6.05 -0.31 23.42
CA VAL H 169 -4.97 -0.57 24.37
C VAL H 169 -3.84 -1.32 23.69
N LEU H 170 -4.17 -2.31 22.85
CA LEU H 170 -3.14 -3.10 22.18
C LEU H 170 -2.36 -2.27 21.17
N ASP H 171 -3.02 -1.29 20.54
CA ASP H 171 -2.34 -0.47 19.54
C ASP H 171 -1.54 0.66 20.18
N ASP H 172 -2.04 1.23 21.27
CA ASP H 172 -1.35 2.34 21.92
C ASP H 172 -0.18 1.89 22.77
N GLU H 173 -0.16 0.63 23.20
CA GLU H 173 0.90 0.11 24.06
C GLU H 173 1.93 -0.73 23.31
N PHE H 174 1.50 -1.54 22.34
CA PHE H 174 2.39 -2.42 21.62
C PHE H 174 2.33 -2.27 20.10
N GLY H 175 1.28 -1.67 19.55
CA GLY H 175 1.18 -1.53 18.11
C GLY H 175 0.53 -2.74 17.45
N ILE H 176 -0.53 -2.50 16.68
CA ILE H 176 -1.26 -3.56 16.00
C ILE H 176 -0.92 -3.50 14.52
N VAL H 177 -0.39 -4.61 14.00
CA VAL H 177 -0.15 -4.73 12.57
C VAL H 177 -1.37 -5.27 11.84
N LYS H 178 -1.99 -6.31 12.40
CA LYS H 178 -3.14 -6.98 11.80
C LYS H 178 -3.70 -8.03 12.76
N GLY H 179 -5.02 -8.26 12.71
CA GLY H 179 -5.62 -9.24 13.59
C GLY H 179 -6.95 -9.72 13.07
N LEU H 180 -7.37 -10.87 13.57
CA LEU H 180 -8.65 -11.46 13.20
C LEU H 180 -9.40 -11.83 14.47
N MET H 181 -10.68 -11.48 14.52
CA MET H 181 -11.49 -11.63 15.72
C MET H 181 -12.55 -12.71 15.54
N THR H 182 -12.91 -13.36 16.64
CA THR H 182 -14.07 -14.24 16.69
C THR H 182 -14.83 -13.92 17.98
N THR H 183 -15.97 -13.24 17.85
CA THR H 183 -16.80 -12.93 19.00
C THR H 183 -17.82 -14.04 19.20
N ILE H 184 -17.91 -14.54 20.43
CA ILE H 184 -18.83 -15.61 20.79
C ILE H 184 -20.04 -14.95 21.42
N HIS H 185 -21.11 -14.84 20.64
CA HIS H 185 -22.21 -13.95 20.95
C HIS H 185 -23.42 -14.73 21.46
N ALA H 186 -24.22 -14.05 22.28
CA ALA H 186 -25.51 -14.57 22.69
C ALA H 186 -26.52 -14.41 21.56
N TYR H 187 -27.54 -15.25 21.55
CA TYR H 187 -28.53 -15.16 20.49
C TYR H 187 -29.43 -13.95 20.68
N THR H 188 -29.88 -13.39 19.57
CA THR H 188 -30.70 -12.19 19.57
C THR H 188 -32.04 -12.47 18.91
N GLN H 189 -32.94 -11.48 18.99
CA GLN H 189 -34.30 -11.66 18.50
C GLN H 189 -34.33 -11.91 16.99
N ASP H 190 -33.33 -11.44 16.26
CA ASP H 190 -33.32 -11.60 14.81
C ASP H 190 -33.18 -13.05 14.38
N GLN H 191 -32.90 -13.96 15.29
CA GLN H 191 -32.78 -15.37 14.95
C GLN H 191 -34.12 -16.08 15.10
N ASN H 192 -34.19 -17.29 14.55
CA ASN H 192 -35.39 -18.12 14.62
C ASN H 192 -35.30 -19.10 15.77
N LEU H 193 -36.44 -19.39 16.38
CA LEU H 193 -36.48 -20.35 17.47
C LEU H 193 -36.37 -21.78 16.95
N GLN H 194 -37.06 -22.09 15.85
CA GLN H 194 -36.94 -23.36 15.15
C GLN H 194 -36.33 -23.12 13.77
N ASP H 195 -36.17 -24.21 13.02
CA ASP H 195 -35.65 -24.13 11.66
C ASP H 195 -36.71 -23.51 10.77
N GLY H 196 -36.52 -22.24 10.41
CA GLY H 196 -37.44 -21.53 9.57
C GLY H 196 -36.75 -20.63 8.57
N PRO H 197 -37.52 -19.97 7.71
CA PRO H 197 -36.92 -19.06 6.73
C PRO H 197 -36.23 -17.88 7.40
N HIS H 198 -35.22 -17.35 6.72
CA HIS H 198 -34.41 -16.24 7.23
C HIS H 198 -33.52 -15.75 6.10
N LYS H 199 -33.20 -14.46 6.13
CA LYS H 199 -32.24 -13.92 5.16
C LYS H 199 -30.88 -14.58 5.31
N ASP H 200 -30.51 -14.96 6.53
CA ASP H 200 -29.28 -15.68 6.81
C ASP H 200 -29.62 -17.15 7.04
N LEU H 201 -29.13 -18.03 6.16
CA LEU H 201 -29.37 -19.45 6.31
C LEU H 201 -28.70 -20.02 7.56
N ARG H 202 -27.66 -19.35 8.06
CA ARG H 202 -27.04 -19.77 9.31
C ARG H 202 -27.94 -19.46 10.50
N ARG H 203 -28.38 -18.21 10.62
CA ARG H 203 -29.30 -17.82 11.68
C ARG H 203 -30.72 -18.33 11.44
N ALA H 204 -30.95 -19.02 10.31
CA ALA H 204 -32.26 -19.63 10.08
C ALA H 204 -32.49 -20.84 10.98
N ARG H 205 -31.42 -21.41 11.53
CA ARG H 205 -31.52 -22.63 12.34
C ARG H 205 -31.97 -22.29 13.76
N ALA H 206 -32.24 -23.34 14.54
CA ALA H 206 -32.67 -23.17 15.91
C ALA H 206 -31.55 -22.55 16.74
N ALA H 207 -31.84 -21.36 17.30
CA ALA H 207 -30.80 -20.60 17.98
C ALA H 207 -30.36 -21.26 19.28
N ALA H 208 -31.31 -21.80 20.05
CA ALA H 208 -31.00 -22.40 21.34
C ALA H 208 -30.57 -23.85 21.23
N LEU H 209 -30.64 -24.46 20.04
CA LEU H 209 -30.30 -25.87 19.87
C LEU H 209 -28.92 -26.08 19.24
N ASN H 210 -28.28 -25.02 18.76
CA ASN H 210 -26.98 -25.14 18.10
C ASN H 210 -26.28 -23.79 18.16
N ILE H 211 -25.09 -23.72 17.56
CA ILE H 211 -24.33 -22.49 17.42
C ILE H 211 -24.34 -22.09 15.95
N VAL H 212 -24.79 -20.87 15.68
CA VAL H 212 -24.94 -20.36 14.31
C VAL H 212 -23.80 -19.37 14.06
N PRO H 213 -22.85 -19.68 13.17
CA PRO H 213 -21.81 -18.72 12.81
C PRO H 213 -22.37 -17.67 11.85
N THR H 214 -22.33 -16.41 12.26
CA THR H 214 -22.82 -15.31 11.45
C THR H 214 -21.71 -14.27 11.25
N SER H 215 -21.98 -13.33 10.34
CA SER H 215 -21.01 -12.29 10.01
C SER H 215 -21.27 -11.04 10.85
N THR H 216 -20.22 -10.23 10.99
CA THR H 216 -20.31 -8.98 11.73
C THR H 216 -19.33 -7.98 11.12
N GLY H 217 -19.72 -6.70 11.19
CA GLY H 217 -18.86 -5.64 10.69
C GLY H 217 -18.21 -4.84 11.79
N ALA H 218 -18.15 -5.43 12.99
CA ALA H 218 -17.55 -4.73 14.12
C ALA H 218 -16.05 -4.54 13.91
N ALA H 219 -15.35 -5.60 13.49
CA ALA H 219 -13.91 -5.51 13.30
C ALA H 219 -13.56 -4.89 11.95
N LYS H 220 -14.35 -5.18 10.92
CA LYS H 220 -14.04 -4.64 9.59
C LYS H 220 -14.22 -3.13 9.55
N ALA H 221 -15.14 -2.59 10.34
CA ALA H 221 -15.38 -1.15 10.40
C ALA H 221 -14.79 -0.51 11.64
N ILE H 222 -13.68 -1.07 12.15
CA ILE H 222 -13.00 -0.46 13.29
C ILE H 222 -12.40 0.88 12.93
N GLY H 223 -12.13 1.13 11.65
CA GLY H 223 -11.57 2.41 11.24
C GLY H 223 -12.52 3.57 11.39
N LEU H 224 -13.82 3.30 11.61
CA LEU H 224 -14.76 4.38 11.86
C LEU H 224 -14.47 5.11 13.16
N VAL H 225 -13.88 4.42 14.12
CA VAL H 225 -13.51 5.03 15.40
C VAL H 225 -12.01 5.10 15.61
N MET H 226 -11.22 4.28 14.91
CA MET H 226 -9.77 4.30 15.01
C MET H 226 -9.19 4.19 13.62
N PRO H 227 -8.90 5.33 12.98
CA PRO H 227 -8.43 5.27 11.58
C PRO H 227 -7.13 4.52 11.38
N GLN H 228 -6.28 4.45 12.40
CA GLN H 228 -5.01 3.75 12.28
C GLN H 228 -5.17 2.24 12.13
N LEU H 229 -6.35 1.71 12.44
CA LEU H 229 -6.63 0.29 12.31
C LEU H 229 -7.57 -0.01 11.15
N LYS H 230 -7.75 0.95 10.24
CA LYS H 230 -8.66 0.76 9.12
C LYS H 230 -8.13 -0.33 8.19
N GLY H 231 -8.96 -1.34 7.93
CA GLY H 231 -8.59 -2.44 7.06
C GLY H 231 -7.67 -3.47 7.68
N LYS H 232 -7.21 -3.27 8.90
CA LYS H 232 -6.29 -4.20 9.55
C LYS H 232 -6.99 -5.25 10.39
N LEU H 233 -8.30 -5.11 10.63
CA LEU H 233 -9.05 -6.04 11.45
C LEU H 233 -10.27 -6.55 10.70
N ASP H 234 -10.64 -7.79 10.98
CA ASP H 234 -11.84 -8.41 10.42
C ASP H 234 -12.18 -9.63 11.26
N GLY H 235 -13.43 -10.05 11.17
CA GLY H 235 -13.85 -11.22 11.92
C GLY H 235 -15.33 -11.50 11.74
N TYR H 236 -15.78 -12.55 12.41
CA TYR H 236 -17.17 -12.98 12.35
C TYR H 236 -17.72 -13.22 13.75
N ALA H 237 -18.92 -13.77 13.85
CA ALA H 237 -19.56 -14.01 15.13
C ALA H 237 -20.05 -15.45 15.22
N LEU H 238 -20.22 -15.92 16.45
CA LEU H 238 -20.72 -17.26 16.73
C LEU H 238 -21.81 -17.16 17.79
N ARG H 239 -23.07 -17.30 17.36
CA ARG H 239 -24.20 -17.20 18.27
C ARG H 239 -24.36 -18.49 19.05
N VAL H 240 -24.29 -18.41 20.37
CA VAL H 240 -24.36 -19.60 21.23
C VAL H 240 -25.68 -19.62 21.98
N PRO H 241 -26.18 -20.79 22.38
CA PRO H 241 -27.44 -20.84 23.16
C PRO H 241 -27.31 -20.17 24.52
N ILE H 242 -27.18 -18.85 24.53
CA ILE H 242 -27.13 -18.08 25.77
C ILE H 242 -28.01 -16.85 25.62
N PRO H 243 -28.85 -16.52 26.61
CA PRO H 243 -29.76 -15.37 26.48
C PRO H 243 -29.06 -14.05 26.20
N THR H 244 -28.17 -13.64 27.10
CA THR H 244 -27.44 -12.40 26.96
C THR H 244 -26.02 -12.59 27.47
N GLY H 245 -25.12 -11.73 27.00
CA GLY H 245 -23.72 -11.83 27.39
C GLY H 245 -22.88 -12.50 26.32
N SER H 246 -21.81 -11.83 25.89
CA SER H 246 -20.96 -12.32 24.83
C SER H 246 -19.50 -12.11 25.21
N VAL H 247 -18.60 -12.58 24.36
CA VAL H 247 -17.16 -12.47 24.61
C VAL H 247 -16.45 -12.39 23.27
N THR H 248 -15.40 -11.55 23.22
CA THR H 248 -14.60 -11.36 22.02
C THR H 248 -13.25 -12.03 22.19
N ASP H 249 -12.81 -12.73 21.15
CA ASP H 249 -11.52 -13.43 21.14
C ASP H 249 -10.71 -12.84 19.98
N LEU H 250 -9.82 -11.91 20.29
CA LEU H 250 -9.04 -11.21 19.28
C LEU H 250 -7.62 -11.78 19.22
N THR H 251 -7.29 -12.38 18.08
CA THR H 251 -5.94 -12.88 17.81
C THR H 251 -5.27 -11.88 16.87
N VAL H 252 -4.25 -11.18 17.37
CA VAL H 252 -3.66 -10.05 16.66
C VAL H 252 -2.14 -10.19 16.66
N ASP H 253 -1.52 -9.84 15.53
CA ASP H 253 -0.07 -9.76 15.43
C ASP H 253 0.39 -8.39 15.91
N LEU H 254 1.33 -8.38 16.86
CA LEU H 254 1.80 -7.15 17.46
C LEU H 254 3.05 -6.63 16.74
N SER H 255 3.24 -5.32 16.79
CA SER H 255 4.44 -4.73 16.21
C SER H 255 5.66 -5.02 17.09
N THR H 256 5.51 -4.90 18.41
CA THR H 256 6.56 -5.19 19.36
C THR H 256 6.24 -6.46 20.13
N ARG H 257 7.28 -7.22 20.46
CA ARG H 257 7.11 -8.46 21.20
C ARG H 257 6.73 -8.15 22.64
N ALA H 258 5.55 -8.61 23.04
CA ALA H 258 5.01 -8.34 24.37
C ALA H 258 4.73 -9.66 25.09
N SER H 259 4.96 -9.65 26.41
CA SER H 259 4.71 -10.82 27.23
C SER H 259 3.24 -10.84 27.69
N VAL H 260 2.84 -11.99 28.24
CA VAL H 260 1.49 -12.12 28.78
C VAL H 260 1.30 -11.19 29.96
N ASP H 261 2.32 -11.08 30.81
CA ASP H 261 2.24 -10.17 31.95
C ASP H 261 2.24 -8.71 31.51
N GLU H 262 2.93 -8.40 30.42
CA GLU H 262 2.92 -7.02 29.91
C GLU H 262 1.55 -6.62 29.39
N ILE H 263 0.88 -7.55 28.70
CA ILE H 263 -0.46 -7.26 28.19
C ILE H 263 -1.46 -7.11 29.34
N ASN H 264 -1.37 -8.00 30.33
CA ASN H 264 -2.28 -7.92 31.48
C ASN H 264 -2.05 -6.65 32.28
N ALA H 265 -0.78 -6.27 32.48
CA ALA H 265 -0.49 -5.05 33.24
C ALA H 265 -0.95 -3.81 32.49
N ALA H 266 -0.82 -3.81 31.16
CA ALA H 266 -1.27 -2.67 30.38
C ALA H 266 -2.79 -2.54 30.41
N PHE H 267 -3.50 -3.66 30.33
CA PHE H 267 -4.96 -3.61 30.38
C PHE H 267 -5.45 -3.20 31.76
N LYS H 268 -4.76 -3.66 32.81
CA LYS H 268 -5.15 -3.28 34.17
C LYS H 268 -4.91 -1.80 34.42
N ALA H 269 -3.77 -1.28 33.92
CA ALA H 269 -3.51 0.14 34.06
C ALA H 269 -4.51 0.98 33.27
N ALA H 270 -4.93 0.50 32.10
CA ALA H 270 -5.92 1.22 31.32
C ALA H 270 -7.28 1.16 31.97
N ALA H 271 -7.62 0.03 32.60
CA ALA H 271 -8.92 -0.10 33.27
C ALA H 271 -9.01 0.79 34.50
N GLU H 272 -7.88 1.05 35.16
CA GLU H 272 -7.85 1.89 36.34
C GLU H 272 -7.54 3.34 36.03
N GLY H 273 -7.40 3.70 34.76
CA GLY H 273 -7.04 5.07 34.41
C GLY H 273 -7.93 5.69 33.34
N ARG H 274 -7.47 5.68 32.09
CA ARG H 274 -8.17 6.35 31.02
C ARG H 274 -9.48 5.66 30.65
N LEU H 275 -9.64 4.39 30.98
CA LEU H 275 -10.84 3.63 30.63
C LEU H 275 -11.60 3.18 31.88
N LYS H 276 -11.53 3.96 32.95
CA LYS H 276 -12.26 3.64 34.17
C LYS H 276 -13.76 3.81 33.93
N GLY H 277 -14.51 2.73 34.07
CA GLY H 277 -15.93 2.72 33.79
C GLY H 277 -16.29 2.10 32.45
N ILE H 278 -15.33 1.99 31.53
CA ILE H 278 -15.56 1.38 30.24
C ILE H 278 -14.92 0.00 30.15
N LEU H 279 -13.69 -0.14 30.64
CA LEU H 279 -12.97 -1.41 30.64
C LEU H 279 -12.86 -1.94 32.06
N LYS H 280 -13.13 -3.23 32.23
CA LYS H 280 -13.03 -3.90 33.52
C LYS H 280 -11.92 -4.95 33.47
N TYR H 281 -11.17 -5.06 34.56
CA TYR H 281 -10.08 -6.01 34.66
C TYR H 281 -10.46 -7.12 35.64
N TYR H 282 -10.30 -8.37 35.22
CA TYR H 282 -10.62 -9.53 36.04
C TYR H 282 -9.42 -10.45 36.11
N ASP H 283 -9.03 -10.81 37.34
CA ASP H 283 -7.99 -11.80 37.58
C ASP H 283 -8.56 -13.10 38.15
N ALA H 284 -9.89 -13.21 38.21
CA ALA H 284 -10.63 -14.34 38.75
C ALA H 284 -11.20 -15.22 37.63
N PRO H 285 -11.33 -16.53 37.88
CA PRO H 285 -11.92 -17.40 36.86
C PRO H 285 -13.42 -17.19 36.71
N ILE H 286 -13.82 -16.22 35.91
CA ILE H 286 -15.22 -15.86 35.75
C ILE H 286 -15.79 -16.52 34.51
N VAL H 287 -17.11 -16.55 34.43
CA VAL H 287 -17.84 -17.05 33.28
C VAL H 287 -18.82 -15.98 32.83
N SER H 288 -19.64 -16.31 31.81
CA SER H 288 -20.56 -15.32 31.27
C SER H 288 -21.67 -14.97 32.25
N SER H 289 -22.03 -15.90 33.13
CA SER H 289 -23.03 -15.60 34.15
C SER H 289 -22.58 -14.45 35.06
N ASP H 290 -21.27 -14.33 35.27
CA ASP H 290 -20.71 -13.21 36.01
C ASP H 290 -20.68 -11.92 35.19
N ILE H 291 -20.93 -12.01 33.89
CA ILE H 291 -20.93 -10.85 33.00
C ILE H 291 -22.33 -10.29 32.78
N VAL H 292 -23.38 -11.07 33.03
CA VAL H 292 -24.73 -10.59 32.82
C VAL H 292 -25.01 -9.39 33.71
N THR H 293 -25.70 -8.39 33.15
CA THR H 293 -26.06 -7.16 33.85
C THR H 293 -24.83 -6.44 34.40
N ASP H 294 -23.78 -6.35 33.58
CA ASP H 294 -22.58 -5.59 33.91
C ASP H 294 -22.47 -4.40 32.98
N PRO H 295 -22.30 -3.18 33.50
CA PRO H 295 -22.36 -1.99 32.64
C PRO H 295 -21.10 -1.72 31.83
N HIS H 296 -20.02 -2.48 32.05
CA HIS H 296 -18.78 -2.20 31.32
C HIS H 296 -18.89 -2.59 29.86
N SER H 297 -18.19 -1.84 29.01
CA SER H 297 -18.22 -2.09 27.57
C SER H 297 -17.34 -3.28 27.19
N SER H 298 -16.21 -3.44 27.87
CA SER H 298 -15.28 -4.52 27.59
C SER H 298 -14.75 -5.05 28.92
N ILE H 299 -14.98 -6.32 29.19
CA ILE H 299 -14.58 -6.95 30.45
C ILE H 299 -13.39 -7.84 30.13
N PHE H 300 -12.19 -7.30 30.33
CA PHE H 300 -10.97 -8.01 29.99
C PHE H 300 -10.69 -9.13 30.98
N ASP H 301 -10.57 -10.36 30.47
CA ASP H 301 -10.27 -11.54 31.29
C ASP H 301 -8.79 -11.85 31.13
N SER H 302 -8.01 -11.48 32.15
CA SER H 302 -6.55 -11.64 32.08
C SER H 302 -6.11 -13.09 32.11
N GLY H 303 -6.96 -14.00 32.63
CA GLY H 303 -6.58 -15.40 32.70
C GLY H 303 -6.56 -16.12 31.36
N LEU H 304 -7.33 -15.61 30.39
CA LEU H 304 -7.46 -16.26 29.08
C LEU H 304 -6.53 -15.67 28.04
N THR H 305 -5.47 -14.98 28.47
CA THR H 305 -4.56 -14.33 27.55
C THR H 305 -3.39 -15.26 27.21
N LYS H 306 -3.10 -15.39 25.93
CA LYS H 306 -1.99 -16.22 25.46
C LYS H 306 -1.20 -15.46 24.42
N VAL H 307 0.09 -15.79 24.31
CA VAL H 307 0.97 -15.10 23.37
C VAL H 307 2.09 -16.03 22.93
N ILE H 308 2.23 -16.21 21.61
CA ILE H 308 3.32 -16.99 21.02
C ILE H 308 4.13 -16.06 20.13
N ASP H 309 5.42 -15.93 20.43
CA ASP H 309 6.32 -15.07 19.67
C ASP H 309 5.81 -13.63 19.69
N ASP H 310 5.15 -13.19 18.61
CA ASP H 310 4.57 -11.87 18.54
C ASP H 310 3.05 -11.90 18.32
N GLN H 311 2.46 -13.08 18.20
CA GLN H 311 1.03 -13.22 18.02
C GLN H 311 0.37 -13.44 19.38
N ALA H 312 -0.51 -12.52 19.78
CA ALA H 312 -1.16 -12.56 21.07
C ALA H 312 -2.67 -12.71 20.91
N LYS H 313 -3.28 -13.34 21.90
CA LYS H 313 -4.72 -13.53 21.94
C LYS H 313 -5.27 -12.84 23.18
N VAL H 314 -6.22 -11.93 22.98
CA VAL H 314 -6.84 -11.16 24.05
C VAL H 314 -8.32 -11.52 24.11
N VAL H 315 -8.81 -11.85 25.30
CA VAL H 315 -10.19 -12.24 25.51
C VAL H 315 -10.85 -11.21 26.42
N SER H 316 -12.04 -10.75 26.02
CA SER H 316 -12.76 -9.73 26.75
C SER H 316 -14.26 -10.00 26.67
N TRP H 317 -14.91 -10.02 27.84
CA TRP H 317 -16.35 -10.22 27.93
C TRP H 317 -17.09 -8.91 27.75
N TYR H 318 -18.39 -9.02 27.48
CA TYR H 318 -19.27 -7.86 27.38
C TYR H 318 -20.71 -8.34 27.32
N ASP H 319 -21.58 -7.64 28.06
CA ASP H 319 -23.01 -7.91 28.01
C ASP H 319 -23.61 -7.14 26.84
N ASN H 320 -24.04 -7.85 25.81
CA ASN H 320 -24.51 -7.21 24.59
C ASN H 320 -25.78 -6.38 24.79
N GLU H 321 -26.53 -6.63 25.87
CA GLU H 321 -27.76 -5.90 26.15
C GLU H 321 -27.54 -4.79 27.17
N TRP H 322 -27.09 -5.16 28.38
CA TRP H 322 -27.02 -4.19 29.48
C TRP H 322 -25.88 -3.22 29.28
N GLY H 323 -24.69 -3.72 28.99
CA GLY H 323 -23.53 -2.85 28.86
C GLY H 323 -23.65 -1.88 27.70
N TYR H 324 -24.20 -2.34 26.57
CA TYR H 324 -24.39 -1.46 25.43
C TYR H 324 -25.43 -0.40 25.70
N SER H 325 -26.48 -0.74 26.45
CA SER H 325 -27.51 0.25 26.76
C SER H 325 -27.01 1.28 27.75
N ASN H 326 -26.10 0.90 28.64
CA ASN H 326 -25.50 1.88 29.55
C ASN H 326 -24.63 2.89 28.81
N ARG H 327 -23.96 2.45 27.75
CA ARG H 327 -23.22 3.38 26.91
C ARG H 327 -24.15 4.31 26.14
N LEU H 328 -25.33 3.79 25.74
CA LEU H 328 -26.32 4.64 25.10
C LEU H 328 -26.86 5.69 26.08
N VAL H 329 -26.96 5.35 27.36
CA VAL H 329 -27.39 6.31 28.36
C VAL H 329 -26.31 7.37 28.59
N ASP H 330 -25.05 6.93 28.72
CA ASP H 330 -23.96 7.87 28.91
C ASP H 330 -23.79 8.77 27.69
N LEU H 331 -23.99 8.21 26.49
CA LEU H 331 -23.88 9.03 25.28
C LEU H 331 -25.03 10.03 25.18
N VAL H 332 -26.24 9.61 25.56
CA VAL H 332 -27.38 10.53 25.54
C VAL H 332 -27.16 11.68 26.51
N THR H 333 -26.50 11.43 27.64
CA THR H 333 -26.19 12.50 28.58
C THR H 333 -25.12 13.43 28.02
N LEU H 334 -24.14 12.87 27.32
CA LEU H 334 -23.11 13.71 26.70
C LEU H 334 -23.68 14.57 25.59
N VAL H 335 -24.57 14.00 24.77
CA VAL H 335 -25.18 14.76 23.70
C VAL H 335 -26.15 15.80 24.26
N GLY H 336 -26.86 15.44 25.33
CA GLY H 336 -27.75 16.40 25.97
C GLY H 336 -27.01 17.58 26.58
N LYS H 337 -25.77 17.36 27.01
CA LYS H 337 -24.96 18.44 27.57
C LYS H 337 -24.53 19.45 26.51
N SER H 338 -24.63 19.09 25.23
CA SER H 338 -24.28 19.98 24.14
C SER H 338 -25.42 20.89 23.71
N LEU H 339 -26.60 20.74 24.33
CA LEU H 339 -27.75 21.58 23.99
C LEU H 339 -27.90 22.73 24.98
N MET I 1 5.66 93.95 6.19
CA MET I 1 6.94 93.33 5.91
C MET I 1 6.80 91.84 5.64
N THR I 2 5.72 91.47 4.96
CA THR I 2 5.45 90.08 4.61
C THR I 2 6.07 89.76 3.25
N VAL I 3 6.83 88.68 3.19
CA VAL I 3 7.48 88.28 1.94
C VAL I 3 6.44 87.74 0.97
N ARG I 4 6.39 88.32 -0.22
CA ARG I 4 5.43 87.93 -1.23
C ARG I 4 6.04 86.85 -2.13
N VAL I 5 5.40 85.68 -2.17
CA VAL I 5 5.90 84.52 -2.90
C VAL I 5 4.92 84.19 -4.02
N GLY I 6 5.47 83.88 -5.19
CA GLY I 6 4.68 83.45 -6.32
C GLY I 6 5.10 82.08 -6.81
N ILE I 7 4.14 81.20 -7.02
CA ILE I 7 4.41 79.81 -7.40
C ILE I 7 4.24 79.67 -8.91
N ASN I 8 5.25 79.12 -9.56
CA ASN I 8 5.19 78.75 -10.98
C ASN I 8 5.15 77.22 -11.03
N GLY I 9 3.97 76.67 -11.26
CA GLY I 9 3.79 75.24 -11.25
C GLY I 9 3.08 74.76 -10.00
N PHE I 10 1.77 74.97 -9.95
CA PHE I 10 0.96 74.63 -8.78
C PHE I 10 0.60 73.14 -8.80
N GLY I 11 1.65 72.32 -8.83
CA GLY I 11 1.50 70.88 -8.85
C GLY I 11 1.52 70.27 -7.46
N ARG I 12 2.06 69.05 -7.38
CA ARG I 12 2.13 68.37 -6.09
C ARG I 12 3.06 69.11 -5.13
N ILE I 13 4.25 69.48 -5.61
CA ILE I 13 5.18 70.22 -4.76
C ILE I 13 4.65 71.63 -4.48
N GLY I 14 4.05 72.27 -5.49
CA GLY I 14 3.53 73.60 -5.30
C GLY I 14 2.44 73.66 -4.25
N ARG I 15 1.49 72.72 -4.31
CA ARG I 15 0.43 72.67 -3.30
C ARG I 15 0.95 72.17 -1.96
N ASN I 16 1.94 71.27 -1.99
CA ASN I 16 2.57 70.86 -0.74
C ASN I 16 3.35 72.01 -0.11
N PHE I 17 3.95 72.87 -0.94
CA PHE I 17 4.61 74.06 -0.43
C PHE I 17 3.61 75.03 0.17
N TYR I 18 2.42 75.15 -0.44
CA TYR I 18 1.41 76.05 0.08
C TYR I 18 0.82 75.54 1.39
N ARG I 19 0.54 74.23 1.46
CA ARG I 19 0.00 73.67 2.69
C ARG I 19 1.02 73.73 3.82
N ALA I 20 2.30 73.45 3.52
CA ALA I 20 3.33 73.55 4.55
C ALA I 20 3.53 74.99 5.00
N LEU I 21 3.33 75.96 4.11
CA LEU I 21 3.41 77.36 4.51
C LEU I 21 2.25 77.73 5.42
N LEU I 22 1.04 77.24 5.12
CA LEU I 22 -0.11 77.53 5.96
C LEU I 22 0.04 76.90 7.33
N ALA I 23 0.56 75.67 7.40
CA ALA I 23 0.77 75.03 8.70
C ALA I 23 1.88 75.73 9.48
N GLN I 24 2.92 76.18 8.79
CA GLN I 24 4.00 76.89 9.47
C GLN I 24 3.56 78.29 9.89
N GLN I 25 2.62 78.89 9.17
CA GLN I 25 2.06 80.17 9.61
C GLN I 25 1.19 79.99 10.86
N GLU I 26 0.46 78.87 10.92
CA GLU I 26 -0.33 78.58 12.13
C GLU I 26 0.57 78.33 13.33
N GLN I 27 1.75 77.75 13.11
CA GLN I 27 2.69 77.54 14.19
C GLN I 27 3.49 78.79 14.52
N GLY I 28 3.51 79.78 13.62
CA GLY I 28 4.20 81.03 13.85
C GLY I 28 5.59 81.11 13.27
N THR I 29 6.12 80.01 12.72
CA THR I 29 7.46 79.98 12.16
C THR I 29 7.50 80.33 10.68
N ALA I 30 6.57 81.15 10.20
CA ALA I 30 6.55 81.54 8.80
C ALA I 30 5.84 82.88 8.67
N ASP I 31 6.34 83.73 7.78
CA ASP I 31 5.75 85.03 7.51
C ASP I 31 5.39 85.26 6.04
N VAL I 32 5.99 84.52 5.11
CA VAL I 32 5.71 84.73 3.70
C VAL I 32 4.31 84.24 3.36
N GLU I 33 3.69 84.89 2.37
CA GLU I 33 2.38 84.52 1.89
C GLU I 33 2.41 84.41 0.38
N VAL I 34 1.64 83.46 -0.16
CA VAL I 34 1.57 83.23 -1.60
C VAL I 34 0.44 84.08 -2.16
N VAL I 35 0.77 84.92 -3.14
CA VAL I 35 -0.21 85.83 -3.74
C VAL I 35 -0.55 85.47 -5.18
N ALA I 36 0.23 84.62 -5.83
CA ALA I 36 -0.03 84.25 -7.22
C ALA I 36 0.44 82.83 -7.47
N ALA I 37 -0.22 82.17 -8.41
CA ALA I 37 0.12 80.81 -8.79
C ALA I 37 -0.16 80.63 -10.29
N ASN I 38 0.79 80.01 -10.99
CA ASN I 38 0.69 79.79 -12.42
C ASN I 38 0.68 78.30 -12.72
N ASP I 39 -0.26 77.87 -13.55
CA ASP I 39 -0.37 76.46 -13.93
C ASP I 39 -1.07 76.38 -15.27
N ILE I 40 -0.92 75.22 -15.93
CA ILE I 40 -1.49 75.02 -17.25
C ILE I 40 -2.96 74.61 -17.14
N THR I 41 -3.72 75.30 -16.30
CA THR I 41 -5.13 75.02 -16.13
C THR I 41 -5.80 76.22 -15.47
N ASP I 42 -7.13 76.20 -15.45
CA ASP I 42 -7.92 77.31 -14.92
C ASP I 42 -7.87 77.31 -13.39
N ASN I 43 -8.51 78.32 -12.79
CA ASN I 43 -8.53 78.43 -11.34
C ASN I 43 -9.46 77.43 -10.67
N SER I 44 -10.49 76.97 -11.39
CA SER I 44 -11.40 75.99 -10.82
C SER I 44 -10.70 74.67 -10.57
N THR I 45 -9.88 74.22 -11.53
CA THR I 45 -9.14 72.98 -11.35
C THR I 45 -8.08 73.14 -10.26
N LEU I 46 -7.43 74.30 -10.21
CA LEU I 46 -6.43 74.54 -9.17
C LEU I 46 -7.08 74.59 -7.79
N ALA I 47 -8.28 75.18 -7.69
CA ALA I 47 -8.96 75.26 -6.41
C ALA I 47 -9.46 73.89 -5.96
N HIS I 48 -9.87 73.04 -6.90
CA HIS I 48 -10.31 71.70 -6.52
C HIS I 48 -9.14 70.83 -6.07
N LEU I 49 -8.01 70.92 -6.77
CA LEU I 49 -6.85 70.12 -6.41
C LEU I 49 -6.23 70.58 -5.09
N LEU I 50 -6.41 71.87 -4.74
CA LEU I 50 -5.88 72.37 -3.48
C LEU I 50 -6.77 71.98 -2.31
N LYS I 51 -8.09 72.00 -2.51
CA LYS I 51 -9.00 71.64 -1.42
C LYS I 51 -8.94 70.15 -1.12
N PHE I 52 -8.98 69.32 -2.15
CA PHE I 52 -9.02 67.87 -2.01
C PHE I 52 -7.68 67.28 -2.42
N ASP I 53 -7.02 66.59 -1.51
CA ASP I 53 -5.74 65.95 -1.76
C ASP I 53 -5.81 64.49 -1.36
N SER I 54 -5.21 63.63 -2.20
CA SER I 54 -5.25 62.19 -1.92
C SER I 54 -4.32 61.83 -0.76
N ILE I 55 -3.22 62.57 -0.59
CA ILE I 55 -2.22 62.26 0.43
C ILE I 55 -2.42 63.10 1.67
N LEU I 56 -2.62 64.41 1.51
CA LEU I 56 -2.77 65.32 2.63
C LEU I 56 -4.21 65.51 3.06
N GLY I 57 -5.15 64.77 2.47
CA GLY I 57 -6.54 64.90 2.86
C GLY I 57 -7.14 66.22 2.42
N ARG I 58 -8.29 66.54 3.01
CA ARG I 58 -8.99 67.77 2.70
C ARG I 58 -8.36 68.95 3.45
N LEU I 59 -8.50 70.13 2.87
CA LEU I 59 -7.96 71.34 3.48
C LEU I 59 -8.90 71.83 4.59
N PRO I 60 -8.38 72.20 5.75
CA PRO I 60 -9.28 72.71 6.81
C PRO I 60 -9.93 74.03 6.45
N CYS I 61 -9.30 74.83 5.59
CA CYS I 61 -9.89 76.08 5.17
C CYS I 61 -10.89 75.84 4.02
N ASP I 62 -11.83 76.77 3.88
CA ASP I 62 -12.75 76.74 2.77
C ASP I 62 -12.08 77.30 1.53
N VAL I 63 -12.45 76.76 0.36
CA VAL I 63 -11.85 77.16 -0.90
C VAL I 63 -12.95 77.62 -1.84
N GLY I 64 -12.79 78.84 -2.37
CA GLY I 64 -13.74 79.41 -3.31
C GLY I 64 -13.05 79.89 -4.58
N LEU I 65 -13.87 80.37 -5.51
CA LEU I 65 -13.40 80.83 -6.81
C LEU I 65 -14.04 82.16 -7.15
N GLU I 66 -13.51 82.80 -8.20
CA GLU I 66 -14.06 84.05 -8.71
C GLU I 66 -14.06 84.03 -10.23
N GLY I 67 -13.13 84.77 -10.83
CA GLY I 67 -12.97 84.78 -12.28
C GLY I 67 -11.52 84.57 -12.68
N ASP I 68 -10.62 85.03 -11.82
CA ASP I 68 -9.19 84.82 -12.02
C ASP I 68 -8.42 84.60 -10.73
N ASP I 69 -9.08 84.66 -9.57
CA ASP I 69 -8.45 84.44 -8.29
C ASP I 69 -9.09 83.25 -7.60
N THR I 70 -8.28 82.53 -6.83
CA THR I 70 -8.76 81.47 -5.96
C THR I 70 -8.73 81.95 -4.52
N ILE I 71 -9.86 81.84 -3.84
CA ILE I 71 -9.99 82.28 -2.46
C ILE I 71 -9.85 81.07 -1.55
N VAL I 72 -8.85 81.09 -0.68
CA VAL I 72 -8.80 80.16 0.45
C VAL I 72 -9.85 80.66 1.44
N VAL I 73 -9.45 80.83 2.69
CA VAL I 73 -10.31 81.40 3.72
C VAL I 73 -9.87 82.84 3.91
N GLY I 74 -10.67 83.79 3.40
CA GLY I 74 -10.35 85.19 3.51
C GLY I 74 -9.25 85.65 2.56
N ARG I 75 -8.25 84.80 2.36
CA ARG I 75 -7.13 85.10 1.47
C ARG I 75 -7.45 84.73 0.04
N ALA I 76 -7.04 85.59 -0.89
CA ALA I 76 -7.22 85.37 -2.32
C ALA I 76 -5.86 85.30 -2.99
N LYS I 77 -5.70 84.34 -3.90
CA LYS I 77 -4.46 84.17 -4.65
C LYS I 77 -4.78 84.37 -6.13
N ILE I 78 -4.07 85.30 -6.77
CA ILE I 78 -4.29 85.59 -8.17
C ILE I 78 -3.81 84.40 -8.99
N LYS I 79 -4.76 83.66 -9.59
CA LYS I 79 -4.42 82.47 -10.38
C LYS I 79 -3.97 82.88 -11.79
N ALA I 80 -2.87 83.62 -11.83
CA ALA I 80 -2.26 84.03 -13.09
C ALA I 80 -1.74 82.80 -13.83
N LEU I 81 -2.65 82.01 -14.41
CA LEU I 81 -2.32 80.71 -14.95
C LEU I 81 -2.27 80.67 -16.47
N ALA I 82 -2.89 81.62 -17.17
CA ALA I 82 -2.94 81.59 -18.62
C ALA I 82 -1.56 81.71 -19.27
N VAL I 83 -0.53 82.09 -18.51
CA VAL I 83 0.82 82.21 -19.05
C VAL I 83 1.37 80.83 -19.35
N ARG I 84 1.04 80.29 -20.53
CA ARG I 84 1.50 78.96 -20.94
C ARG I 84 2.86 78.99 -21.61
N GLU I 85 3.42 80.17 -21.87
CA GLU I 85 4.72 80.28 -22.52
C GLU I 85 5.84 80.14 -21.50
N GLY I 86 6.96 80.83 -21.74
CA GLY I 86 8.07 80.81 -20.82
C GLY I 86 7.77 81.57 -19.54
N PRO I 87 8.63 81.44 -18.54
CA PRO I 87 8.41 82.15 -17.27
C PRO I 87 8.56 83.66 -17.38
N ALA I 88 9.14 84.18 -18.46
CA ALA I 88 9.25 85.62 -18.62
C ALA I 88 7.90 86.27 -18.92
N ALA I 89 6.89 85.49 -19.30
CA ALA I 89 5.58 86.03 -19.61
C ALA I 89 4.72 86.25 -18.36
N LEU I 90 5.13 85.72 -17.21
CA LEU I 90 4.36 85.90 -15.99
C LEU I 90 4.56 87.32 -15.45
N PRO I 91 3.50 87.95 -14.94
CA PRO I 91 3.61 89.34 -14.45
C PRO I 91 4.03 89.42 -12.98
N TRP I 92 5.29 89.05 -12.71
CA TRP I 92 5.79 89.09 -11.34
C TRP I 92 5.96 90.53 -10.87
N GLY I 93 6.43 91.42 -11.75
CA GLY I 93 6.58 92.82 -11.38
C GLY I 93 5.24 93.49 -11.13
N ASP I 94 4.23 93.16 -11.94
CA ASP I 94 2.91 93.75 -11.74
C ASP I 94 2.28 93.26 -10.44
N LEU I 95 2.42 91.96 -10.14
CA LEU I 95 1.86 91.41 -8.92
C LEU I 95 2.72 91.70 -7.69
N GLY I 96 3.93 92.22 -7.86
CA GLY I 96 4.79 92.54 -6.74
C GLY I 96 5.34 91.34 -6.02
N VAL I 97 5.61 90.25 -6.73
CA VAL I 97 6.12 89.03 -6.12
C VAL I 97 7.61 89.19 -5.87
N ASP I 98 8.06 88.82 -4.66
CA ASP I 98 9.46 88.91 -4.28
C ASP I 98 10.22 87.63 -4.68
N VAL I 99 9.83 86.50 -4.10
CA VAL I 99 10.48 85.21 -4.35
C VAL I 99 9.53 84.36 -5.18
N VAL I 100 10.07 83.71 -6.22
CA VAL I 100 9.30 82.84 -7.10
C VAL I 100 9.79 81.42 -6.91
N VAL I 101 8.87 80.52 -6.59
CA VAL I 101 9.17 79.10 -6.41
C VAL I 101 8.86 78.42 -7.73
N GLU I 102 9.92 78.09 -8.48
CA GLU I 102 9.77 77.40 -9.76
C GLU I 102 9.55 75.92 -9.51
N SER I 103 8.35 75.43 -9.86
CA SER I 103 8.02 74.04 -9.61
C SER I 103 7.31 73.38 -10.80
N THR I 104 7.43 73.95 -12.00
CA THR I 104 6.83 73.31 -13.17
C THR I 104 7.57 72.04 -13.55
N GLY I 105 8.89 72.03 -13.41
CA GLY I 105 9.71 70.91 -13.80
C GLY I 105 10.35 71.03 -15.16
N LEU I 106 9.92 72.00 -15.98
CA LEU I 106 10.49 72.24 -17.29
C LEU I 106 11.42 73.44 -17.33
N PHE I 107 11.53 74.19 -16.24
CA PHE I 107 12.35 75.39 -16.17
C PHE I 107 13.44 75.26 -15.10
N THR I 108 14.09 74.11 -15.04
CA THR I 108 15.22 73.94 -14.13
C THR I 108 16.49 74.56 -14.68
N ASN I 109 16.57 74.79 -15.98
CA ASN I 109 17.73 75.45 -16.57
C ASN I 109 17.68 76.94 -16.27
N ALA I 110 18.81 77.50 -15.84
CA ALA I 110 18.87 78.92 -15.53
C ALA I 110 18.64 79.78 -16.75
N ALA I 111 18.90 79.26 -17.95
CA ALA I 111 18.60 80.02 -19.17
C ALA I 111 17.11 80.30 -19.29
N LYS I 112 16.28 79.34 -18.89
CA LYS I 112 14.84 79.55 -18.84
C LYS I 112 14.41 80.21 -17.53
N ALA I 113 14.96 79.74 -16.40
CA ALA I 113 14.55 80.25 -15.10
C ALA I 113 14.84 81.74 -14.93
N LYS I 114 15.76 82.30 -15.71
CA LYS I 114 16.03 83.73 -15.64
C LYS I 114 14.85 84.57 -16.08
N GLY I 115 13.85 83.97 -16.74
CA GLY I 115 12.68 84.72 -17.14
C GLY I 115 11.90 85.29 -15.97
N HIS I 116 11.94 84.62 -14.81
CA HIS I 116 11.30 85.15 -13.62
C HIS I 116 11.94 86.48 -13.21
N LEU I 117 13.27 86.52 -13.15
CA LEU I 117 13.97 87.75 -12.78
C LEU I 117 13.72 88.85 -13.80
N ASP I 118 13.69 88.48 -15.09
CA ASP I 118 13.41 89.48 -16.13
C ASP I 118 11.98 89.98 -16.04
N ALA I 119 11.07 89.18 -15.50
CA ALA I 119 9.66 89.57 -15.39
C ALA I 119 9.37 90.39 -14.15
N GLY I 120 10.31 90.53 -13.22
CA GLY I 120 10.11 91.40 -12.08
C GLY I 120 10.32 90.73 -10.75
N ALA I 121 10.76 89.48 -10.77
CA ALA I 121 11.03 88.74 -9.54
C ALA I 121 12.40 89.07 -9.00
N LYS I 122 12.51 89.17 -7.67
CA LYS I 122 13.77 89.46 -7.01
C LYS I 122 14.63 88.22 -6.82
N LYS I 123 14.03 87.09 -6.47
CA LYS I 123 14.76 85.85 -6.26
C LYS I 123 13.95 84.68 -6.79
N VAL I 124 14.64 83.64 -7.26
CA VAL I 124 14.02 82.46 -7.81
C VAL I 124 14.55 81.23 -7.09
N ILE I 125 13.64 80.39 -6.60
CA ILE I 125 14.00 79.15 -5.93
C ILE I 125 13.49 78.00 -6.78
N ILE I 126 14.41 77.24 -7.38
CA ILE I 126 14.06 76.10 -8.22
C ILE I 126 13.89 74.87 -7.34
N SER I 127 12.77 74.15 -7.54
CA SER I 127 12.44 73.02 -6.68
C SER I 127 13.03 71.73 -7.23
N ALA I 128 14.20 71.83 -7.87
CA ALA I 128 14.84 70.68 -8.49
C ALA I 128 16.29 71.04 -8.77
N PRO I 129 17.15 70.05 -8.99
CA PRO I 129 18.53 70.34 -9.40
C PRO I 129 18.55 71.16 -10.68
N ALA I 130 19.32 72.24 -10.68
CA ALA I 130 19.32 73.22 -11.74
C ALA I 130 20.62 73.16 -12.53
N THR I 131 20.65 73.96 -13.60
CA THR I 131 21.82 74.07 -14.47
C THR I 131 22.29 75.52 -14.47
N ASP I 132 23.57 75.73 -14.13
CA ASP I 132 24.17 77.06 -14.10
C ASP I 132 23.43 77.99 -13.13
N GLU I 133 22.96 77.43 -12.02
CA GLU I 133 22.28 78.23 -11.01
C GLU I 133 23.29 79.01 -10.18
N ASP I 134 22.79 80.02 -9.47
CA ASP I 134 23.66 80.84 -8.64
C ASP I 134 24.23 80.05 -7.46
N ILE I 135 23.40 79.22 -6.84
CA ILE I 135 23.83 78.43 -5.68
C ILE I 135 22.83 77.31 -5.48
N THR I 136 23.33 76.16 -5.01
CA THR I 136 22.50 75.03 -4.64
C THR I 136 22.60 74.86 -3.12
N ILE I 137 21.47 74.98 -2.44
CA ILE I 137 21.42 75.05 -0.98
C ILE I 137 20.64 73.86 -0.44
N VAL I 138 21.23 73.17 0.54
CA VAL I 138 20.53 72.19 1.35
C VAL I 138 20.55 72.71 2.78
N LEU I 139 19.35 72.92 3.34
CA LEU I 139 19.26 73.53 4.67
C LEU I 139 19.86 72.61 5.73
N GLY I 140 20.65 73.21 6.63
CA GLY I 140 21.37 72.46 7.63
C GLY I 140 22.71 71.94 7.18
N VAL I 141 23.09 72.16 5.92
CA VAL I 141 24.35 71.68 5.38
C VAL I 141 25.20 72.86 4.93
N ASN I 142 24.80 73.49 3.82
CA ASN I 142 25.52 74.63 3.28
C ASN I 142 24.64 75.88 3.20
N ASP I 143 23.59 75.95 4.02
CA ASP I 143 22.73 77.14 4.01
C ASP I 143 23.46 78.38 4.48
N ASP I 144 24.56 78.23 5.23
CA ASP I 144 25.36 79.38 5.64
C ASP I 144 26.13 79.98 4.48
N LYS I 145 26.32 79.24 3.39
CA LYS I 145 27.04 79.73 2.22
C LYS I 145 26.19 80.68 1.37
N TYR I 146 25.02 81.07 1.85
CA TYR I 146 24.14 81.98 1.12
C TYR I 146 24.33 83.39 1.64
N ASP I 147 24.78 84.28 0.76
CA ASP I 147 24.81 85.70 1.05
C ASP I 147 23.69 86.39 0.28
N GLY I 148 23.76 87.72 0.17
CA GLY I 148 22.74 88.45 -0.55
C GLY I 148 22.91 88.51 -2.05
N SER I 149 23.96 87.88 -2.59
CA SER I 149 24.26 87.99 -4.01
C SER I 149 23.94 86.70 -4.77
N GLN I 150 22.72 86.20 -4.61
CA GLN I 150 22.26 85.04 -5.36
C GLN I 150 20.79 85.22 -5.72
N ASN I 151 20.46 84.90 -6.97
CA ASN I 151 19.10 85.02 -7.48
C ASN I 151 18.56 83.72 -8.06
N ILE I 152 19.40 82.94 -8.75
CA ILE I 152 19.03 81.62 -9.23
C ILE I 152 19.40 80.59 -8.17
N ILE I 153 18.61 80.55 -7.09
CA ILE I 153 18.84 79.63 -5.99
C ILE I 153 18.11 78.33 -6.27
N SER I 154 18.76 77.20 -5.99
CA SER I 154 18.21 75.88 -6.30
C SER I 154 18.23 75.02 -5.04
N ASN I 155 17.05 74.67 -4.54
CA ASN I 155 16.94 73.63 -3.52
C ASN I 155 17.11 72.28 -4.20
N ALA I 156 18.14 71.53 -3.81
CA ALA I 156 18.48 70.28 -4.47
C ALA I 156 17.36 69.26 -4.35
N SER I 157 17.55 68.10 -4.98
CA SER I 157 16.49 67.09 -5.04
C SER I 157 16.12 66.61 -3.63
N CYS I 158 14.92 66.03 -3.55
CA CYS I 158 14.45 65.48 -2.28
C CYS I 158 15.42 64.44 -1.75
N THR I 159 15.99 63.63 -2.64
CA THR I 159 16.98 62.65 -2.22
C THR I 159 18.25 63.33 -1.70
N THR I 160 18.63 64.46 -2.31
CA THR I 160 19.79 65.18 -1.83
C THR I 160 19.55 65.76 -0.44
N ASN I 161 18.34 66.28 -0.19
CA ASN I 161 18.01 66.82 1.11
C ASN I 161 18.01 65.75 2.20
N CYS I 162 17.93 64.48 1.83
CA CYS I 162 18.03 63.37 2.77
C CYS I 162 19.43 62.79 2.85
N LEU I 163 20.14 62.72 1.72
CA LEU I 163 21.49 62.15 1.72
C LEU I 163 22.51 63.12 2.30
N ALA I 164 22.31 64.43 2.14
CA ALA I 164 23.25 65.41 2.67
C ALA I 164 23.39 65.34 4.20
N PRO I 165 22.32 65.27 4.98
CA PRO I 165 22.50 65.13 6.43
C PRO I 165 23.20 63.83 6.82
N LEU I 166 22.97 62.74 6.09
CA LEU I 166 23.66 61.50 6.37
C LEU I 166 25.16 61.63 6.11
N ALA I 167 25.52 62.08 4.90
CA ALA I 167 26.93 62.19 4.55
C ALA I 167 27.65 63.23 5.39
N LYS I 168 26.95 64.28 5.83
CA LYS I 168 27.57 65.30 6.66
C LYS I 168 27.95 64.73 8.03
N VAL I 169 27.03 64.01 8.66
CA VAL I 169 27.31 63.44 9.98
C VAL I 169 28.38 62.36 9.88
N LEU I 170 28.29 61.50 8.86
CA LEU I 170 29.27 60.42 8.72
C LEU I 170 30.67 60.95 8.40
N ASP I 171 30.76 62.05 7.65
CA ASP I 171 32.06 62.60 7.29
C ASP I 171 32.65 63.42 8.44
N ASP I 172 31.82 64.20 9.13
CA ASP I 172 32.32 65.04 10.21
C ASP I 172 32.70 64.21 11.44
N GLU I 173 32.04 63.08 11.66
CA GLU I 173 32.28 62.25 12.82
C GLU I 173 33.31 61.15 12.56
N PHE I 174 33.23 60.51 11.39
CA PHE I 174 34.10 59.38 11.08
C PHE I 174 34.90 59.54 9.79
N GLY I 175 34.49 60.41 8.87
CA GLY I 175 35.17 60.54 7.61
C GLY I 175 34.65 59.58 6.56
N ILE I 176 34.50 60.05 5.32
CA ILE I 176 33.96 59.25 4.24
C ILE I 176 35.03 59.11 3.17
N VAL I 177 35.38 57.87 2.84
CA VAL I 177 36.28 57.60 1.72
C VAL I 177 35.50 57.52 0.40
N LYS I 178 34.45 56.71 0.37
CA LYS I 178 33.60 56.56 -0.80
C LYS I 178 32.32 55.86 -0.37
N GLY I 179 31.26 56.09 -1.11
CA GLY I 179 29.97 55.52 -0.77
C GLY I 179 29.09 55.36 -1.98
N LEU I 180 28.23 54.33 -1.93
CA LEU I 180 27.25 54.07 -2.97
C LEU I 180 25.88 53.95 -2.32
N MET I 181 24.93 54.77 -2.78
CA MET I 181 23.61 54.86 -2.17
C MET I 181 22.54 54.36 -3.12
N THR I 182 21.41 53.95 -2.53
CA THR I 182 20.25 53.49 -3.30
C THR I 182 19.00 54.04 -2.60
N THR I 183 18.41 55.06 -3.19
CA THR I 183 17.16 55.62 -2.65
C THR I 183 15.98 54.81 -3.18
N ILE I 184 15.17 54.28 -2.27
CA ILE I 184 13.98 53.53 -2.61
C ILE I 184 12.82 54.52 -2.52
N HIS I 185 12.39 55.01 -3.68
CA HIS I 185 11.56 56.21 -3.77
C HIS I 185 10.12 55.86 -4.11
N ALA I 186 9.24 56.79 -3.76
CA ALA I 186 7.84 56.74 -4.15
C ALA I 186 7.70 57.23 -5.59
N TYR I 187 6.65 56.76 -6.27
CA TYR I 187 6.45 57.19 -7.65
C TYR I 187 5.94 58.63 -7.69
N THR I 188 6.36 59.36 -8.73
CA THR I 188 6.06 60.76 -8.89
C THR I 188 5.24 60.98 -10.16
N GLN I 189 4.81 62.23 -10.35
CA GLN I 189 3.96 62.56 -11.49
C GLN I 189 4.68 62.34 -12.81
N ASP I 190 6.01 62.42 -12.82
CA ASP I 190 6.77 62.30 -14.05
C ASP I 190 6.77 60.88 -14.62
N GLN I 191 6.17 59.91 -13.93
CA GLN I 191 6.09 58.55 -14.42
C GLN I 191 4.74 58.32 -15.10
N ASN I 192 4.63 57.18 -15.78
CA ASN I 192 3.42 56.82 -16.50
C ASN I 192 2.57 55.88 -15.67
N LEU I 193 1.25 56.05 -15.76
CA LEU I 193 0.34 55.15 -15.05
C LEU I 193 0.30 53.78 -15.69
N GLN I 194 0.42 53.70 -17.01
CA GLN I 194 0.49 52.45 -17.74
C GLN I 194 1.73 52.45 -18.62
N ASP I 195 2.00 51.31 -19.26
CA ASP I 195 3.16 51.18 -20.13
C ASP I 195 2.96 52.06 -21.37
N GLY I 196 3.61 53.22 -21.37
CA GLY I 196 3.52 54.14 -22.48
C GLY I 196 4.87 54.76 -22.80
N PRO I 197 4.91 55.59 -23.84
CA PRO I 197 6.18 56.24 -24.22
C PRO I 197 6.67 57.17 -23.12
N HIS I 198 8.00 57.28 -23.02
CA HIS I 198 8.65 58.09 -22.01
C HIS I 198 10.12 58.24 -22.39
N LYS I 199 10.69 59.41 -22.06
CA LYS I 199 12.11 59.63 -22.32
C LYS I 199 12.96 58.64 -21.54
N ASP I 200 12.46 58.17 -20.39
CA ASP I 200 13.13 57.14 -19.61
C ASP I 200 12.39 55.82 -19.83
N LEU I 201 13.05 54.87 -20.49
CA LEU I 201 12.43 53.58 -20.75
C LEU I 201 12.15 52.80 -19.48
N ARG I 202 12.83 53.12 -18.37
CA ARG I 202 12.54 52.49 -17.10
C ARG I 202 11.25 53.05 -16.49
N ARG I 203 11.13 54.38 -16.43
CA ARG I 203 9.92 55.02 -15.94
C ARG I 203 8.79 54.98 -16.96
N ALA I 204 9.00 54.38 -18.12
CA ALA I 204 7.95 54.25 -19.11
C ALA I 204 6.88 53.25 -18.69
N ARG I 205 7.21 52.32 -17.80
CA ARG I 205 6.27 51.30 -17.38
C ARG I 205 5.32 51.84 -16.32
N ALA I 206 4.33 51.02 -15.97
CA ALA I 206 3.36 51.38 -14.96
C ALA I 206 4.04 51.57 -13.61
N ALA I 207 3.87 52.75 -13.02
CA ALA I 207 4.59 53.07 -11.79
C ALA I 207 4.04 52.30 -10.60
N ALA I 208 2.72 52.11 -10.53
CA ALA I 208 2.09 51.43 -9.41
C ALA I 208 2.05 49.92 -9.55
N LEU I 209 2.39 49.38 -10.72
CA LEU I 209 2.32 47.95 -10.95
C LEU I 209 3.66 47.24 -10.77
N ASN I 210 4.75 47.99 -10.64
CA ASN I 210 6.08 47.39 -10.52
C ASN I 210 7.02 48.43 -9.90
N ILE I 211 8.27 48.01 -9.69
CA ILE I 211 9.33 48.92 -9.26
C ILE I 211 10.19 49.27 -10.47
N VAL I 212 10.44 50.56 -10.66
CA VAL I 212 11.16 51.08 -11.81
C VAL I 212 12.50 51.62 -11.32
N PRO I 213 13.63 50.98 -11.66
CA PRO I 213 14.94 51.53 -11.29
C PRO I 213 15.31 52.67 -12.23
N THR I 214 15.43 53.87 -11.67
CA THR I 214 15.76 55.06 -12.45
C THR I 214 17.06 55.68 -11.91
N SER I 215 17.58 56.64 -12.66
CA SER I 215 18.81 57.33 -12.31
C SER I 215 18.51 58.57 -11.48
N THR I 216 19.53 59.05 -10.80
CA THR I 216 19.42 60.26 -9.99
C THR I 216 20.78 60.94 -9.91
N GLY I 217 20.75 62.27 -9.77
CA GLY I 217 21.96 63.04 -9.62
C GLY I 217 22.11 63.58 -8.22
N ALA I 218 21.43 62.95 -7.27
CA ALA I 218 21.50 63.41 -5.87
C ALA I 218 22.89 63.19 -5.29
N ALA I 219 23.46 62.00 -5.50
CA ALA I 219 24.77 61.72 -4.93
C ALA I 219 25.90 62.20 -5.85
N LYS I 220 25.67 62.23 -7.16
CA LYS I 220 26.69 62.70 -8.09
C LYS I 220 26.92 64.21 -7.94
N ALA I 221 25.88 64.96 -7.59
CA ALA I 221 25.98 66.40 -7.39
C ALA I 221 26.00 66.77 -5.91
N ILE I 222 26.50 65.87 -5.06
CA ILE I 222 26.61 66.17 -3.63
C ILE I 222 27.69 67.21 -3.37
N GLY I 223 28.62 67.39 -4.31
CA GLY I 223 29.66 68.40 -4.16
C GLY I 223 29.13 69.82 -4.25
N LEU I 224 27.95 70.02 -4.82
CA LEU I 224 27.36 71.35 -4.87
C LEU I 224 26.99 71.88 -3.50
N VAL I 225 26.78 71.00 -2.52
CA VAL I 225 26.52 71.42 -1.16
C VAL I 225 27.59 70.98 -0.17
N MET I 226 28.36 69.94 -0.47
CA MET I 226 29.51 69.52 0.33
C MET I 226 30.68 69.32 -0.61
N PRO I 227 31.48 70.36 -0.85
CA PRO I 227 32.61 70.22 -1.78
C PRO I 227 33.64 69.20 -1.33
N GLN I 228 33.73 68.90 -0.04
CA GLN I 228 34.67 67.91 0.45
C GLN I 228 34.28 66.49 0.08
N LEU I 229 33.05 66.27 -0.36
CA LEU I 229 32.58 64.95 -0.78
C LEU I 229 32.29 64.89 -2.28
N LYS I 230 32.81 65.85 -3.05
CA LYS I 230 32.56 65.89 -4.48
C LYS I 230 33.26 64.74 -5.19
N GLY I 231 32.49 63.96 -5.95
CA GLY I 231 33.04 62.84 -6.68
C GLY I 231 33.24 61.58 -5.87
N LYS I 232 32.91 61.60 -4.58
CA LYS I 232 33.09 60.43 -3.72
C LYS I 232 31.80 59.64 -3.52
N LEU I 233 30.67 60.12 -4.02
CA LEU I 233 29.38 59.47 -3.84
C LEU I 233 28.66 59.32 -5.17
N ASP I 234 27.90 58.24 -5.30
CA ASP I 234 27.12 57.97 -6.48
C ASP I 234 26.02 56.97 -6.12
N GLY I 235 24.98 56.93 -6.94
CA GLY I 235 23.89 56.01 -6.68
C GLY I 235 22.79 56.14 -7.69
N TYR I 236 21.70 55.42 -7.43
CA TYR I 236 20.55 55.37 -8.32
C TYR I 236 19.30 55.24 -7.46
N ALA I 237 18.15 54.98 -8.09
CA ALA I 237 16.87 55.05 -7.40
C ALA I 237 15.99 53.85 -7.75
N LEU I 238 15.07 53.54 -6.83
CA LEU I 238 14.00 52.57 -7.05
C LEU I 238 12.68 53.25 -6.79
N ARG I 239 11.82 53.32 -7.80
CA ARG I 239 10.48 53.86 -7.65
C ARG I 239 9.52 52.72 -7.34
N VAL I 240 8.94 52.73 -6.14
CA VAL I 240 8.11 51.63 -5.67
C VAL I 240 6.64 52.05 -5.60
N PRO I 241 5.69 51.10 -5.64
CA PRO I 241 4.26 51.46 -5.58
C PRO I 241 3.85 52.14 -4.27
N ILE I 242 4.32 53.36 -4.04
CA ILE I 242 3.89 54.16 -2.90
C ILE I 242 3.68 55.59 -3.38
N PRO I 243 2.60 56.27 -2.94
CA PRO I 243 2.36 57.65 -3.39
C PRO I 243 3.42 58.63 -2.90
N THR I 244 3.61 58.70 -1.59
CA THR I 244 4.59 59.61 -1.00
C THR I 244 5.34 58.87 0.12
N GLY I 245 6.61 59.22 0.27
CA GLY I 245 7.46 58.57 1.25
C GLY I 245 8.54 57.74 0.61
N SER I 246 9.80 58.02 0.96
CA SER I 246 10.94 57.34 0.37
C SER I 246 11.98 57.09 1.44
N VAL I 247 13.04 56.35 1.05
CA VAL I 247 14.10 55.99 1.98
C VAL I 247 15.40 55.87 1.21
N THR I 248 16.49 56.26 1.85
CA THR I 248 17.82 56.21 1.27
C THR I 248 18.66 55.13 1.97
N ASP I 249 19.36 54.32 1.20
CA ASP I 249 20.19 53.24 1.72
C ASP I 249 21.63 53.49 1.24
N LEU I 250 22.44 54.09 2.11
CA LEU I 250 23.80 54.46 1.78
C LEU I 250 24.78 53.46 2.39
N THR I 251 25.55 52.79 1.54
CA THR I 251 26.64 51.93 1.97
C THR I 251 27.95 52.66 1.68
N VAL I 252 28.70 52.97 2.73
CA VAL I 252 29.83 53.88 2.65
C VAL I 252 31.01 53.30 3.40
N ASP I 253 32.20 53.43 2.81
CA ASP I 253 33.45 53.08 3.48
C ASP I 253 33.92 54.27 4.32
N LEU I 254 34.13 54.04 5.62
CA LEU I 254 34.50 55.10 6.53
C LEU I 254 36.01 55.23 6.65
N SER I 255 36.46 56.46 6.88
CA SER I 255 37.88 56.70 7.08
C SER I 255 38.36 56.11 8.40
N THR I 256 37.57 56.29 9.46
CA THR I 256 37.87 55.73 10.77
C THR I 256 36.86 54.62 11.08
N ARG I 257 37.36 53.54 11.68
CA ARG I 257 36.51 52.40 12.01
C ARG I 257 35.51 52.80 13.09
N ALA I 258 34.22 52.62 12.81
CA ALA I 258 33.15 52.98 13.71
C ALA I 258 32.19 51.81 13.86
N SER I 259 31.68 51.63 15.08
CA SER I 259 30.72 50.58 15.37
C SER I 259 29.30 51.05 15.06
N VAL I 260 28.35 50.11 15.16
CA VAL I 260 26.94 50.45 14.96
C VAL I 260 26.47 51.41 16.04
N ASP I 261 26.87 51.16 17.28
CA ASP I 261 26.47 52.03 18.38
C ASP I 261 27.09 53.42 18.27
N GLU I 262 28.32 53.51 17.78
CA GLU I 262 28.96 54.82 17.62
C GLU I 262 28.26 55.65 16.55
N ILE I 263 27.85 55.02 15.45
CA ILE I 263 27.15 55.75 14.40
C ILE I 263 25.77 56.18 14.89
N ASN I 264 25.05 55.28 15.56
CA ASN I 264 23.72 55.62 16.07
C ASN I 264 23.80 56.72 17.12
N ALA I 265 24.85 56.71 17.94
CA ALA I 265 25.01 57.75 18.95
C ALA I 265 25.37 59.09 18.32
N ALA I 266 26.15 59.07 17.24
CA ALA I 266 26.50 60.32 16.57
C ALA I 266 25.29 60.93 15.86
N PHE I 267 24.45 60.09 15.26
CA PHE I 267 23.25 60.60 14.59
C PHE I 267 22.21 61.08 15.60
N LYS I 268 22.16 60.46 16.78
CA LYS I 268 21.24 60.92 17.81
C LYS I 268 21.64 62.28 18.35
N ALA I 269 22.95 62.49 18.59
CA ALA I 269 23.41 63.79 19.04
C ALA I 269 23.27 64.84 17.96
N ALA I 270 23.40 64.45 16.68
CA ALA I 270 23.22 65.40 15.59
C ALA I 270 21.76 65.80 15.45
N ALA I 271 20.84 64.85 15.62
CA ALA I 271 19.42 65.15 15.49
C ALA I 271 18.93 66.02 16.64
N GLU I 272 19.57 65.92 17.80
CA GLU I 272 19.20 66.72 18.97
C GLU I 272 20.03 67.99 19.10
N GLY I 273 20.88 68.29 18.11
CA GLY I 273 21.76 69.44 18.23
C GLY I 273 21.82 70.33 17.00
N ARG I 274 22.88 70.20 16.21
CA ARG I 274 23.10 71.09 15.08
C ARG I 274 22.16 70.81 13.92
N LEU I 275 21.46 69.67 13.91
CA LEU I 275 20.52 69.34 12.85
C LEU I 275 19.11 69.17 13.40
N LYS I 276 18.80 69.85 14.51
CA LYS I 276 17.46 69.81 15.08
C LYS I 276 16.48 70.44 14.11
N GLY I 277 15.50 69.66 13.65
CA GLY I 277 14.53 70.10 12.67
C GLY I 277 14.80 69.63 11.26
N ILE I 278 16.04 69.26 10.95
CA ILE I 278 16.38 68.73 9.64
C ILE I 278 16.55 67.22 9.67
N LEU I 279 17.24 66.71 10.69
CA LEU I 279 17.45 65.28 10.86
C LEU I 279 16.69 64.78 12.08
N LYS I 280 15.99 63.67 11.93
CA LYS I 280 15.24 63.04 13.01
C LYS I 280 15.84 61.69 13.34
N TYR I 281 15.94 61.40 14.64
CA TYR I 281 16.47 60.13 15.12
C TYR I 281 15.33 59.23 15.56
N TYR I 282 15.31 58.01 15.04
CA TYR I 282 14.25 57.04 15.32
C TYR I 282 14.86 55.79 15.94
N ASP I 283 14.31 55.37 17.08
CA ASP I 283 14.71 54.13 17.73
C ASP I 283 13.56 53.12 17.78
N ALA I 284 12.42 53.43 17.13
CA ALA I 284 11.20 52.65 17.07
C ALA I 284 11.09 51.92 15.74
N PRO I 285 10.42 50.75 15.71
CA PRO I 285 10.25 50.04 14.44
C PRO I 285 9.31 50.75 13.50
N ILE I 286 9.82 51.76 12.79
CA ILE I 286 9.00 52.61 11.95
C ILE I 286 8.97 52.07 10.53
N VAL I 287 7.93 52.46 9.80
CA VAL I 287 7.77 52.15 8.38
C VAL I 287 7.50 53.47 7.65
N SER I 288 7.45 53.37 6.31
CA SER I 288 7.29 54.59 5.51
C SER I 288 5.98 55.30 5.80
N SER I 289 4.91 54.54 6.11
CA SER I 289 3.64 55.18 6.43
C SER I 289 3.75 56.05 7.67
N ASP I 290 4.66 55.70 8.58
CA ASP I 290 4.95 56.57 9.72
C ASP I 290 5.85 57.74 9.34
N ILE I 291 6.38 57.75 8.12
CA ILE I 291 7.25 58.83 7.66
C ILE I 291 6.50 59.85 6.81
N VAL I 292 5.35 59.47 6.23
CA VAL I 292 4.60 60.40 5.39
C VAL I 292 4.20 61.62 6.20
N THR I 293 4.23 62.79 5.56
CA THR I 293 3.88 64.07 6.16
C THR I 293 4.73 64.35 7.40
N ASP I 294 6.03 64.04 7.31
CA ASP I 294 6.99 64.41 8.33
C ASP I 294 7.91 65.50 7.79
N PRO I 295 8.05 66.63 8.50
CA PRO I 295 8.79 67.76 7.91
C PRO I 295 10.30 67.59 7.89
N HIS I 296 10.85 66.54 8.52
CA HIS I 296 12.29 66.39 8.59
C HIS I 296 12.86 65.97 7.22
N SER I 297 14.08 66.43 6.95
CA SER I 297 14.72 66.14 5.68
C SER I 297 15.29 64.73 5.62
N SER I 298 15.79 64.23 6.75
CA SER I 298 16.35 62.88 6.82
C SER I 298 15.95 62.26 8.15
N ILE I 299 15.31 61.09 8.10
CA ILE I 299 14.86 60.41 9.30
C ILE I 299 15.69 59.14 9.49
N PHE I 300 16.75 59.25 10.28
CA PHE I 300 17.71 58.15 10.45
C PHE I 300 17.06 57.01 11.23
N ASP I 301 17.06 55.81 10.64
CA ASP I 301 16.54 54.61 11.27
C ASP I 301 17.72 53.86 11.89
N SER I 302 17.88 54.01 13.20
CA SER I 302 19.00 53.39 13.89
C SER I 302 18.93 51.88 13.90
N GLY I 303 17.74 51.30 13.72
CA GLY I 303 17.62 49.85 13.75
C GLY I 303 18.22 49.18 12.53
N LEU I 304 18.16 49.83 11.37
CA LEU I 304 18.66 49.26 10.13
C LEU I 304 20.13 49.57 9.88
N THR I 305 20.89 49.90 10.93
CA THR I 305 22.30 50.22 10.80
C THR I 305 23.14 48.94 10.91
N LYS I 306 24.06 48.76 9.97
CA LYS I 306 24.93 47.60 9.94
C LYS I 306 26.34 48.03 9.57
N VAL I 307 27.32 47.37 10.17
CA VAL I 307 28.74 47.69 9.98
C VAL I 307 29.53 46.41 9.84
N ILE I 308 30.42 46.35 8.85
CA ILE I 308 31.42 45.30 8.73
C ILE I 308 32.76 45.99 8.54
N ASP I 309 33.65 45.84 9.53
CA ASP I 309 34.94 46.52 9.55
C ASP I 309 34.76 48.03 9.42
N ASP I 310 35.09 48.58 8.25
CA ASP I 310 34.94 50.02 8.01
C ASP I 310 33.85 50.34 6.99
N GLN I 311 33.12 49.34 6.51
CA GLN I 311 32.01 49.56 5.58
C GLN I 311 30.70 49.53 6.36
N ALA I 312 29.94 50.59 6.27
CA ALA I 312 28.69 50.75 7.03
C ALA I 312 27.54 51.04 6.08
N LYS I 313 26.37 50.48 6.41
CA LYS I 313 25.14 50.74 5.67
C LYS I 313 24.22 51.56 6.57
N VAL I 314 23.85 52.75 6.10
CA VAL I 314 23.00 53.67 6.85
C VAL I 314 21.68 53.82 6.10
N VAL I 315 20.57 53.73 6.83
CA VAL I 315 19.24 53.83 6.27
C VAL I 315 18.55 55.03 6.89
N SER I 316 17.93 55.86 6.05
CA SER I 316 17.27 57.06 6.53
C SER I 316 16.04 57.35 5.67
N TRP I 317 14.90 57.57 6.32
CA TRP I 317 13.65 57.86 5.65
C TRP I 317 13.54 59.35 5.34
N TYR I 318 12.62 59.67 4.44
CA TYR I 318 12.33 61.06 4.08
C TYR I 318 11.07 61.11 3.22
N ASP I 319 10.21 62.07 3.50
CA ASP I 319 9.00 62.30 2.70
C ASP I 319 9.37 63.26 1.58
N ASN I 320 9.37 62.76 0.34
CA ASN I 320 9.79 63.56 -0.80
C ASN I 320 8.83 64.70 -1.13
N GLU I 321 7.63 64.70 -0.57
CA GLU I 321 6.64 65.75 -0.84
C GLU I 321 6.53 66.75 0.30
N TRP I 322 6.12 66.28 1.49
CA TRP I 322 5.88 67.19 2.60
C TRP I 322 7.19 67.72 3.19
N GLY I 323 8.12 66.82 3.47
CA GLY I 323 9.39 67.25 4.06
C GLY I 323 10.19 68.14 3.14
N TYR I 324 10.14 67.87 1.83
CA TYR I 324 10.86 68.71 0.88
C TYR I 324 10.22 70.09 0.76
N SER I 325 8.89 70.14 0.78
CA SER I 325 8.21 71.43 0.68
C SER I 325 8.39 72.27 1.93
N ASN I 326 8.52 71.62 3.09
CA ASN I 326 8.85 72.37 4.31
C ASN I 326 10.23 72.97 4.23
N ARG I 327 11.16 72.31 3.52
CA ARG I 327 12.48 72.91 3.29
C ARG I 327 12.40 74.04 2.28
N LEU I 328 11.46 73.96 1.33
CA LEU I 328 11.24 75.08 0.41
C LEU I 328 10.64 76.27 1.14
N VAL I 329 9.79 76.04 2.15
CA VAL I 329 9.25 77.13 2.94
C VAL I 329 10.35 77.80 3.75
N ASP I 330 11.18 77.00 4.43
CA ASP I 330 12.26 77.54 5.23
C ASP I 330 13.32 78.24 4.37
N LEU I 331 13.53 77.73 3.15
CA LEU I 331 14.48 78.39 2.25
C LEU I 331 13.93 79.71 1.74
N VAL I 332 12.62 79.77 1.47
CA VAL I 332 12.00 81.01 1.04
C VAL I 332 12.06 82.05 2.15
N THR I 333 11.95 81.61 3.41
CA THR I 333 12.06 82.54 4.52
C THR I 333 13.51 83.01 4.69
N LEU I 334 14.47 82.12 4.44
CA LEU I 334 15.87 82.51 4.55
C LEU I 334 16.27 83.48 3.45
N VAL I 335 15.72 83.30 2.23
CA VAL I 335 15.98 84.24 1.15
C VAL I 335 15.25 85.56 1.41
N GLY I 336 14.05 85.47 1.99
CA GLY I 336 13.32 86.68 2.34
C GLY I 336 13.99 87.52 3.41
N LYS I 337 14.80 86.87 4.25
CA LYS I 337 15.56 87.60 5.27
C LYS I 337 16.65 88.46 4.66
N SER I 338 17.05 88.19 3.42
CA SER I 338 18.04 89.00 2.72
C SER I 338 17.45 90.23 2.06
N LEU I 339 16.14 90.41 2.12
CA LEU I 339 15.49 91.57 1.53
C LEU I 339 15.16 92.62 2.58
N THR J 2 -18.65 60.20 33.49
CA THR J 2 -17.43 59.50 33.12
C THR J 2 -17.69 58.02 32.87
N VAL J 3 -18.32 57.71 31.74
CA VAL J 3 -18.63 56.32 31.41
C VAL J 3 -17.35 55.57 31.09
N ARG J 4 -17.12 54.46 31.78
CA ARG J 4 -15.92 53.65 31.60
C ARG J 4 -16.18 52.61 30.51
N VAL J 5 -15.27 52.55 29.54
CA VAL J 5 -15.42 51.68 28.38
C VAL J 5 -14.26 50.69 28.34
N GLY J 6 -14.57 49.45 27.98
CA GLY J 6 -13.55 48.43 27.81
C GLY J 6 -13.61 47.79 26.43
N ILE J 7 -12.48 47.74 25.75
CA ILE J 7 -12.41 47.25 24.37
C ILE J 7 -11.95 45.81 24.38
N ASN J 8 -12.74 44.94 23.75
CA ASN J 8 -12.37 43.54 23.53
C ASN J 8 -11.98 43.40 22.06
N GLY J 9 -10.69 43.27 21.80
CA GLY J 9 -10.20 43.24 20.43
C GLY J 9 -9.73 44.60 19.97
N PHE J 10 -8.48 44.93 20.27
CA PHE J 10 -7.92 46.24 19.95
C PHE J 10 -7.32 46.27 18.55
N GLY J 11 -8.08 45.79 17.57
CA GLY J 11 -7.62 45.75 16.19
C GLY J 11 -7.89 47.04 15.45
N ARG J 12 -8.28 46.93 14.18
CA ARG J 12 -8.54 48.13 13.38
C ARG J 12 -9.73 48.92 13.92
N ILE J 13 -10.86 48.25 14.12
CA ILE J 13 -12.05 48.93 14.64
C ILE J 13 -11.81 49.39 16.08
N GLY J 14 -11.08 48.60 16.86
CA GLY J 14 -10.81 48.99 18.24
C GLY J 14 -9.97 50.25 18.33
N ARG J 15 -8.87 50.30 17.57
CA ARG J 15 -8.01 51.48 17.59
C ARG J 15 -8.66 52.67 16.91
N ASN J 16 -9.44 52.43 15.85
CA ASN J 16 -10.20 53.52 15.24
C ASN J 16 -11.23 54.06 16.21
N PHE J 17 -11.82 53.20 17.04
CA PHE J 17 -12.76 53.64 18.05
C PHE J 17 -12.07 54.50 19.10
N TYR J 18 -10.85 54.12 19.49
CA TYR J 18 -10.13 54.88 20.51
C TYR J 18 -9.68 56.23 19.96
N ARG J 19 -9.23 56.27 18.71
CA ARG J 19 -8.83 57.54 18.12
C ARG J 19 -10.03 58.44 17.87
N ALA J 20 -11.15 57.86 17.42
CA ALA J 20 -12.37 58.65 17.25
C ALA J 20 -12.91 59.16 18.58
N LEU J 21 -12.72 58.39 19.65
CA LEU J 21 -13.14 58.85 20.97
C LEU J 21 -12.26 59.98 21.46
N LEU J 22 -10.95 59.88 21.23
CA LEU J 22 -10.03 60.94 21.65
C LEU J 22 -10.25 62.21 20.85
N ALA J 23 -10.47 62.09 19.54
CA ALA J 23 -10.69 63.27 18.71
C ALA J 23 -12.02 63.94 19.04
N GLN J 24 -13.05 63.15 19.38
CA GLN J 24 -14.33 63.73 19.74
C GLN J 24 -14.28 64.35 21.14
N GLN J 25 -13.43 63.84 22.02
CA GLN J 25 -13.21 64.50 23.30
C GLN J 25 -12.52 65.85 23.12
N GLU J 26 -11.53 65.91 22.22
CA GLU J 26 -10.90 67.19 21.90
C GLU J 26 -11.90 68.14 21.26
N GLN J 27 -12.90 67.61 20.55
CA GLN J 27 -13.96 68.43 20.00
C GLN J 27 -15.05 68.73 21.02
N GLY J 28 -15.15 67.93 22.09
CA GLY J 28 -16.13 68.15 23.13
C GLY J 28 -17.42 67.37 22.99
N THR J 29 -17.60 66.64 21.89
CA THR J 29 -18.82 65.88 21.65
C THR J 29 -18.74 64.44 22.15
N ALA J 30 -17.94 64.18 23.19
CA ALA J 30 -17.81 62.84 23.74
C ALA J 30 -17.44 62.95 25.22
N ASP J 31 -17.93 61.99 26.00
CA ASP J 31 -17.69 61.96 27.44
C ASP J 31 -17.18 60.64 27.96
N VAL J 32 -17.40 59.53 27.26
CA VAL J 32 -16.94 58.23 27.75
C VAL J 32 -15.42 58.16 27.64
N GLU J 33 -14.82 57.34 28.50
CA GLU J 33 -13.37 57.15 28.55
C GLU J 33 -13.06 55.66 28.64
N VAL J 34 -12.11 55.20 27.83
CA VAL J 34 -11.71 53.81 27.82
C VAL J 34 -10.63 53.59 28.87
N VAL J 35 -10.87 52.63 29.77
CA VAL J 35 -9.94 52.32 30.84
C VAL J 35 -9.25 50.98 30.68
N ALA J 36 -9.68 50.16 29.72
CA ALA J 36 -9.10 48.84 29.54
C ALA J 36 -9.26 48.40 28.10
N ALA J 37 -8.33 47.56 27.65
CA ALA J 37 -8.37 46.99 26.30
C ALA J 37 -7.83 45.58 26.35
N ASN J 38 -8.49 44.68 25.64
CA ASN J 38 -8.13 43.26 25.64
C ASN J 38 -7.84 42.81 24.21
N ASP J 39 -6.67 42.19 24.01
CA ASP J 39 -6.29 41.64 22.72
C ASP J 39 -5.50 40.35 22.98
N ILE J 40 -4.86 39.84 21.94
CA ILE J 40 -4.07 38.61 22.05
C ILE J 40 -2.59 38.94 21.87
N THR J 41 -2.14 40.02 22.50
CA THR J 41 -0.75 40.45 22.41
C THR J 41 -0.44 41.35 23.61
N ASP J 42 0.84 41.69 23.76
CA ASP J 42 1.29 42.45 24.91
C ASP J 42 0.90 43.92 24.78
N ASN J 43 1.22 44.71 25.81
CA ASN J 43 0.92 46.13 25.80
C ASN J 43 1.87 46.91 24.90
N SER J 44 3.07 46.39 24.66
CA SER J 44 4.01 47.08 23.79
C SER J 44 3.51 47.09 22.35
N THR J 45 3.00 45.95 21.87
CA THR J 45 2.46 45.89 20.52
C THR J 45 1.21 46.76 20.39
N LEU J 46 0.35 46.75 21.42
CA LEU J 46 -0.85 47.58 21.38
C LEU J 46 -0.51 49.07 21.37
N ALA J 47 0.51 49.46 22.13
CA ALA J 47 0.92 50.86 22.16
C ALA J 47 1.60 51.27 20.87
N HIS J 48 2.28 50.34 20.20
CA HIS J 48 2.93 50.65 18.93
C HIS J 48 1.90 50.76 17.81
N LEU J 49 0.93 49.85 17.78
CA LEU J 49 -0.12 49.91 16.77
C LEU J 49 -1.05 51.09 16.97
N LEU J 50 -1.16 51.61 18.20
CA LEU J 50 -1.98 52.78 18.46
C LEU J 50 -1.26 54.06 18.08
N LYS J 51 0.04 54.13 18.37
CA LYS J 51 0.80 55.35 18.08
C LYS J 51 1.05 55.49 16.58
N PHE J 52 1.41 54.40 15.91
CA PHE J 52 1.74 54.41 14.49
C PHE J 52 0.65 53.68 13.72
N ASP J 53 -0.04 54.40 12.84
CA ASP J 53 -1.10 53.84 12.02
C ASP J 53 -0.83 54.17 10.55
N SER J 54 -0.91 53.15 9.69
CA SER J 54 -0.66 53.35 8.27
C SER J 54 -1.76 54.17 7.60
N ILE J 55 -2.95 54.21 8.19
CA ILE J 55 -4.09 54.93 7.65
C ILE J 55 -4.32 56.25 8.38
N LEU J 56 -4.50 56.19 9.69
CA LEU J 56 -4.78 57.37 10.50
C LEU J 56 -3.53 58.17 10.84
N GLY J 57 -2.34 57.69 10.44
CA GLY J 57 -1.12 58.43 10.71
C GLY J 57 -0.64 58.24 12.14
N ARG J 58 0.11 59.23 12.61
CA ARG J 58 0.65 59.23 13.96
C ARG J 58 -0.30 59.90 14.92
N LEU J 59 -0.31 59.43 16.16
CA LEU J 59 -1.18 60.01 17.18
C LEU J 59 -0.53 61.28 17.74
N PRO J 60 -1.27 62.38 17.83
CA PRO J 60 -0.66 63.63 18.35
C PRO J 60 -0.21 63.51 19.79
N CYS J 61 -0.93 62.74 20.62
CA CYS J 61 -0.54 62.56 21.99
C CYS J 61 0.67 61.63 22.10
N ASP J 62 1.35 61.70 23.24
CA ASP J 62 2.45 60.80 23.52
C ASP J 62 1.90 59.47 24.03
N VAL J 63 2.56 58.38 23.65
CA VAL J 63 2.14 57.03 24.05
C VAL J 63 3.30 56.36 24.77
N GLY J 64 3.04 55.88 25.99
CA GLY J 64 4.04 55.20 26.78
C GLY J 64 3.52 53.86 27.28
N LEU J 65 4.42 53.10 27.89
CA LEU J 65 4.11 51.78 28.41
C LEU J 65 4.59 51.68 29.86
N GLU J 66 4.22 50.59 30.51
CA GLU J 66 4.62 50.32 31.88
C GLU J 66 5.01 48.86 32.05
N GLY J 67 4.12 48.07 32.65
CA GLY J 67 4.35 46.64 32.80
C GLY J 67 3.13 45.85 32.41
N ASP J 68 1.95 46.47 32.52
CA ASP J 68 0.69 45.83 32.17
C ASP J 68 -0.34 46.84 31.70
N ASP J 69 0.01 48.13 31.78
CA ASP J 69 -0.89 49.21 31.41
C ASP J 69 -0.18 50.16 30.46
N THR J 70 -0.94 50.67 29.49
CA THR J 70 -0.42 51.64 28.53
C THR J 70 -0.94 53.03 28.88
N ILE J 71 -0.04 53.99 28.91
CA ILE J 71 -0.36 55.38 29.26
C ILE J 71 -0.28 56.20 27.98
N VAL J 72 -1.41 56.74 27.53
CA VAL J 72 -1.41 57.66 26.40
C VAL J 72 -0.93 59.00 26.94
N VAL J 73 -1.80 60.00 26.96
CA VAL J 73 -1.46 61.34 27.43
C VAL J 73 -2.42 61.71 28.55
N GLY J 74 -1.95 61.60 29.79
CA GLY J 74 -2.76 61.96 30.94
C GLY J 74 -3.69 60.85 31.38
N ARG J 75 -3.99 59.94 30.46
CA ARG J 75 -4.88 58.82 30.71
C ARG J 75 -4.11 57.51 30.71
N ALA J 76 -4.65 56.54 31.44
CA ALA J 76 -4.07 55.21 31.54
C ALA J 76 -5.11 54.17 31.17
N LYS J 77 -4.71 53.19 30.35
CA LYS J 77 -5.58 52.11 29.92
C LYS J 77 -4.94 50.79 30.35
N ILE J 78 -5.62 50.06 31.23
CA ILE J 78 -5.12 48.78 31.70
C ILE J 78 -5.17 47.79 30.54
N LYS J 79 -4.01 47.38 30.06
CA LYS J 79 -3.92 46.44 28.93
C LYS J 79 -4.13 45.01 29.40
N ALA J 80 -5.34 44.76 29.93
CA ALA J 80 -5.76 43.43 30.36
C ALA J 80 -5.91 42.56 29.11
N LEU J 81 -4.78 42.08 28.61
CA LEU J 81 -4.72 41.38 27.33
C LEU J 81 -4.43 39.89 27.46
N ALA J 82 -4.05 39.41 28.64
CA ALA J 82 -3.76 37.99 28.79
C ALA J 82 -5.01 37.13 28.62
N VAL J 83 -6.20 37.72 28.73
CA VAL J 83 -7.45 36.98 28.61
C VAL J 83 -7.71 36.66 27.15
N ARG J 84 -7.06 35.61 26.63
CA ARG J 84 -7.24 35.17 25.27
C ARG J 84 -8.43 34.22 25.09
N GLU J 85 -9.09 33.85 26.18
CA GLU J 85 -10.22 32.93 26.11
C GLU J 85 -11.51 33.66 25.79
N GLY J 86 -12.62 33.20 26.34
CA GLY J 86 -13.90 33.82 26.13
C GLY J 86 -14.00 35.16 26.83
N PRO J 87 -15.05 35.93 26.50
CA PRO J 87 -15.20 37.25 27.14
C PRO J 87 -15.55 37.17 28.61
N ALA J 88 -16.00 36.02 29.12
CA ALA J 88 -16.34 35.89 30.53
C ALA J 88 -15.12 35.90 31.44
N ALA J 89 -13.91 35.72 30.89
CA ALA J 89 -12.70 35.71 31.68
C ALA J 89 -12.11 37.09 31.90
N LEU J 90 -12.59 38.11 31.19
CA LEU J 90 -12.06 39.45 31.35
C LEU J 90 -12.60 40.08 32.64
N PRO J 91 -11.76 40.76 33.41
CA PRO J 91 -12.22 41.38 34.67
C PRO J 91 -12.85 42.76 34.45
N TRP J 92 -14.07 42.76 33.91
CA TRP J 92 -14.78 44.02 33.69
C TRP J 92 -15.23 44.63 35.00
N GLY J 93 -15.67 43.80 35.94
CA GLY J 93 -16.14 44.33 37.22
C GLY J 93 -15.01 44.92 38.06
N ASP J 94 -13.83 44.30 38.02
CA ASP J 94 -12.70 44.81 38.78
C ASP J 94 -12.22 46.15 38.23
N LEU J 95 -12.29 46.33 36.91
CA LEU J 95 -11.88 47.58 36.28
C LEU J 95 -12.99 48.63 36.29
N GLY J 96 -14.17 48.30 36.81
CA GLY J 96 -15.27 49.24 36.81
C GLY J 96 -15.78 49.61 35.43
N VAL J 97 -15.74 48.67 34.49
CA VAL J 97 -16.14 48.93 33.12
C VAL J 97 -17.65 48.90 33.02
N ASP J 98 -18.23 49.95 32.42
CA ASP J 98 -19.67 50.03 32.22
C ASP J 98 -20.07 49.42 30.88
N VAL J 99 -19.59 50.00 29.78
CA VAL J 99 -19.89 49.54 28.43
C VAL J 99 -18.66 48.83 27.88
N VAL J 100 -18.89 47.70 27.22
CA VAL J 100 -17.82 46.91 26.60
C VAL J 100 -18.04 46.91 25.09
N VAL J 101 -17.01 47.29 24.35
CA VAL J 101 -17.03 47.31 22.89
C VAL J 101 -16.41 46.01 22.42
N GLU J 102 -17.26 45.08 21.99
CA GLU J 102 -16.80 43.80 21.44
C GLU J 102 -16.40 44.00 19.99
N SER J 103 -15.11 43.87 19.69
CA SER J 103 -14.59 44.13 18.37
C SER J 103 -13.59 43.07 17.92
N THR J 104 -13.68 41.86 18.47
CA THR J 104 -12.82 40.78 18.03
C THR J 104 -13.29 40.17 16.72
N GLY J 105 -14.59 40.23 16.45
CA GLY J 105 -15.15 39.59 15.28
C GLY J 105 -15.49 38.13 15.44
N LEU J 106 -15.04 37.49 16.53
CA LEU J 106 -15.31 36.08 16.78
C LEU J 106 -16.46 35.86 17.75
N PHE J 107 -16.95 36.92 18.40
CA PHE J 107 -18.01 36.78 19.39
C PHE J 107 -19.25 37.54 18.95
N THR J 108 -19.65 37.39 17.69
CA THR J 108 -20.85 38.06 17.20
C THR J 108 -22.12 37.41 17.75
N ASN J 109 -22.07 36.14 18.12
CA ASN J 109 -23.23 35.49 18.71
C ASN J 109 -23.48 36.03 20.11
N ALA J 110 -24.76 36.31 20.40
CA ALA J 110 -25.12 36.83 21.71
C ALA J 110 -24.89 35.83 22.83
N ALA J 111 -24.89 34.52 22.52
CA ALA J 111 -24.59 33.52 23.54
C ALA J 111 -23.17 33.67 24.05
N LYS J 112 -22.23 33.99 23.17
CA LYS J 112 -20.87 34.26 23.61
C LYS J 112 -20.71 35.69 24.11
N ALA J 113 -21.34 36.65 23.43
CA ALA J 113 -21.24 38.06 23.82
C ALA J 113 -21.77 38.32 25.22
N LYS J 114 -22.65 37.44 25.72
CA LYS J 114 -23.14 37.57 27.08
C LYS J 114 -22.06 37.35 28.13
N GLY J 115 -20.90 36.84 27.73
CA GLY J 115 -19.81 36.65 28.68
C GLY J 115 -19.33 37.96 29.30
N HIS J 116 -19.42 39.05 28.55
CA HIS J 116 -19.07 40.35 29.10
C HIS J 116 -19.98 40.72 30.26
N LEU J 117 -21.29 40.58 30.08
CA LEU J 117 -22.23 40.88 31.15
C LEU J 117 -22.03 39.95 32.34
N ASP J 118 -21.72 38.68 32.09
CA ASP J 118 -21.44 37.76 33.18
C ASP J 118 -20.16 38.10 33.90
N ALA J 119 -19.20 38.69 33.20
CA ALA J 119 -17.91 39.03 33.79
C ALA J 119 -17.92 40.34 34.56
N GLY J 120 -19.03 41.08 34.53
CA GLY J 120 -19.13 42.34 35.25
C GLY J 120 -19.48 43.54 34.41
N ALA J 121 -19.68 43.40 33.10
CA ALA J 121 -20.05 44.54 32.26
C ALA J 121 -21.53 44.85 32.39
N LYS J 122 -21.85 46.14 32.33
CA LYS J 122 -23.23 46.60 32.37
C LYS J 122 -23.91 46.54 31.00
N LYS J 123 -23.18 46.90 29.94
CA LYS J 123 -23.73 46.90 28.60
C LYS J 123 -22.67 46.40 27.62
N VAL J 124 -23.13 45.81 26.53
CA VAL J 124 -22.26 45.28 25.49
C VAL J 124 -22.68 45.89 24.15
N ILE J 125 -21.70 46.36 23.38
CA ILE J 125 -21.92 46.88 22.05
C ILE J 125 -21.09 46.06 21.08
N ILE J 126 -21.75 45.29 20.23
CA ILE J 126 -21.08 44.46 19.23
C ILE J 126 -20.83 45.30 17.99
N SER J 127 -19.58 45.32 17.52
CA SER J 127 -19.20 46.18 16.42
C SER J 127 -19.42 45.48 15.08
N ALA J 128 -20.49 44.69 14.98
CA ALA J 128 -20.81 43.93 13.79
C ALA J 128 -22.24 43.43 13.89
N PRO J 129 -22.87 43.07 12.78
CA PRO J 129 -24.17 42.41 12.85
C PRO J 129 -24.09 41.13 13.67
N ALA J 130 -25.00 41.03 14.64
CA ALA J 130 -24.95 39.97 15.64
C ALA J 130 -26.09 38.97 15.42
N THR J 131 -26.09 37.93 16.24
CA THR J 131 -27.12 36.89 16.22
C THR J 131 -27.77 36.83 17.60
N ASP J 132 -29.10 36.82 17.61
CA ASP J 132 -29.89 36.75 18.85
C ASP J 132 -29.59 37.93 19.77
N GLU J 133 -29.23 39.08 19.21
CA GLU J 133 -28.92 40.25 20.01
C GLU J 133 -30.19 40.88 20.56
N ASP J 134 -30.02 41.75 21.57
CA ASP J 134 -31.18 42.43 22.14
C ASP J 134 -31.75 43.46 21.18
N ILE J 135 -30.90 44.22 20.50
CA ILE J 135 -31.35 45.23 19.55
C ILE J 135 -30.21 45.55 18.61
N THR J 136 -30.55 45.83 17.35
CA THR J 136 -29.60 46.28 16.35
C THR J 136 -29.91 47.75 16.06
N ILE J 137 -28.96 48.63 16.39
CA ILE J 137 -29.16 50.07 16.37
C ILE J 137 -28.23 50.68 15.35
N VAL J 138 -28.77 51.56 14.50
CA VAL J 138 -27.99 52.41 13.61
C VAL J 138 -28.28 53.85 14.01
N LEU J 139 -27.26 54.56 14.47
CA LEU J 139 -27.43 55.92 14.97
C LEU J 139 -27.97 56.82 13.87
N GLY J 140 -29.11 57.46 14.15
CA GLY J 140 -29.77 58.33 13.21
C GLY J 140 -30.92 57.70 12.47
N VAL J 141 -31.14 56.39 12.62
CA VAL J 141 -32.22 55.70 11.93
C VAL J 141 -33.22 55.17 12.95
N ASN J 142 -32.79 54.21 13.77
CA ASN J 142 -33.64 53.62 14.79
C ASN J 142 -33.06 53.80 16.19
N ASP J 143 -32.34 54.90 16.41
CA ASP J 143 -31.77 55.16 17.72
C ASP J 143 -32.83 55.52 18.75
N ASP J 144 -34.01 55.97 18.30
CA ASP J 144 -35.09 56.29 19.24
C ASP J 144 -35.76 55.05 19.80
N LYS J 145 -35.59 53.90 19.15
CA LYS J 145 -36.17 52.65 19.61
C LYS J 145 -35.37 51.99 20.73
N TYR J 146 -34.37 52.68 21.29
CA TYR J 146 -33.56 52.16 22.36
C TYR J 146 -34.04 52.74 23.69
N ASP J 147 -34.52 51.87 24.58
CA ASP J 147 -34.86 52.25 25.94
C ASP J 147 -33.80 51.67 26.88
N GLY J 148 -34.13 51.62 28.17
CA GLY J 148 -33.20 51.10 29.15
C GLY J 148 -33.21 49.59 29.33
N SER J 149 -33.99 48.87 28.52
CA SER J 149 -34.16 47.43 28.67
C SER J 149 -33.40 46.65 27.61
N GLN J 150 -32.17 47.04 27.29
CA GLN J 150 -31.34 46.33 26.33
C GLN J 150 -29.91 46.27 26.86
N ASN J 151 -29.31 45.09 26.76
CA ASN J 151 -27.94 44.88 27.22
C ASN J 151 -27.01 44.35 26.13
N ILE J 152 -27.47 43.40 25.32
CA ILE J 152 -26.66 42.87 24.21
C ILE J 152 -27.02 43.69 22.98
N ILE J 153 -26.45 44.89 22.92
CA ILE J 153 -26.69 45.82 21.82
C ILE J 153 -25.70 45.54 20.71
N SER J 154 -26.17 45.59 19.47
CA SER J 154 -25.33 45.32 18.30
C SER J 154 -25.42 46.50 17.34
N ASN J 155 -24.27 47.07 17.02
CA ASN J 155 -24.18 48.05 15.95
C ASN J 155 -24.03 47.31 14.63
N ALA J 156 -24.82 47.71 13.63
CA ALA J 156 -24.85 47.01 12.36
C ALA J 156 -23.52 47.16 11.62
N SER J 157 -23.45 46.61 10.42
CA SER J 157 -22.22 46.68 9.64
C SER J 157 -21.97 48.10 9.17
N CYS J 158 -20.74 48.34 8.70
CA CYS J 158 -20.39 49.64 8.16
C CYS J 158 -21.19 49.95 6.90
N THR J 159 -21.46 48.93 6.09
CA THR J 159 -22.30 49.11 4.91
C THR J 159 -23.75 49.40 5.31
N THR J 160 -24.23 48.76 6.37
CA THR J 160 -25.58 49.03 6.85
C THR J 160 -25.70 50.44 7.39
N ASN J 161 -24.68 50.92 8.12
CA ASN J 161 -24.70 52.27 8.66
C ASN J 161 -24.68 53.33 7.56
N CYS J 162 -24.35 52.94 6.33
CA CYS J 162 -24.45 53.83 5.18
C CYS J 162 -25.70 53.59 4.36
N LEU J 163 -26.14 52.33 4.24
CA LEU J 163 -27.34 52.02 3.47
C LEU J 163 -28.60 52.45 4.21
N ALA J 164 -28.59 52.42 5.54
CA ALA J 164 -29.80 52.76 6.30
C ALA J 164 -30.20 54.22 6.13
N PRO J 165 -29.30 55.21 6.28
CA PRO J 165 -29.74 56.60 6.07
C PRO J 165 -30.16 56.90 4.65
N LEU J 166 -29.54 56.26 3.65
CA LEU J 166 -29.93 56.51 2.26
C LEU J 166 -31.30 55.90 1.96
N ALA J 167 -31.55 54.69 2.45
CA ALA J 167 -32.85 54.06 2.24
C ALA J 167 -33.94 54.70 3.08
N LYS J 168 -33.58 55.26 4.25
CA LYS J 168 -34.57 55.93 5.08
C LYS J 168 -35.07 57.20 4.42
N VAL J 169 -34.18 57.99 3.83
CA VAL J 169 -34.59 59.20 3.14
C VAL J 169 -35.38 58.88 1.88
N LEU J 170 -34.96 57.85 1.15
CA LEU J 170 -35.68 57.47 -0.07
C LEU J 170 -37.06 56.91 0.23
N ASP J 171 -37.23 56.24 1.38
CA ASP J 171 -38.53 55.67 1.72
C ASP J 171 -39.45 56.70 2.36
N ASP J 172 -38.91 57.57 3.21
CA ASP J 172 -39.74 58.55 3.88
C ASP J 172 -40.20 59.66 2.94
N GLU J 173 -39.44 59.91 1.88
CA GLU J 173 -39.75 61.00 0.94
C GLU J 173 -40.45 60.51 -0.33
N PHE J 174 -40.06 59.35 -0.85
CA PHE J 174 -40.65 58.84 -2.08
C PHE J 174 -41.19 57.42 -1.99
N GLY J 175 -40.79 56.64 -0.99
CA GLY J 175 -41.26 55.27 -0.87
C GLY J 175 -40.39 54.28 -1.60
N ILE J 176 -40.10 53.14 -0.97
CA ILE J 176 -39.22 52.12 -1.53
C ILE J 176 -40.04 50.85 -1.70
N VAL J 177 -40.05 50.31 -2.92
CA VAL J 177 -40.72 49.05 -3.22
C VAL J 177 -39.73 47.92 -3.06
N LYS J 178 -38.63 48.00 -3.80
CA LYS J 178 -37.58 46.98 -3.75
C LYS J 178 -36.30 47.59 -4.31
N GLY J 179 -35.17 46.96 -3.96
CA GLY J 179 -33.89 47.48 -4.38
C GLY J 179 -32.81 46.43 -4.33
N LEU J 180 -31.82 46.59 -5.20
CA LEU J 180 -30.63 45.74 -5.24
C LEU J 180 -29.40 46.62 -5.19
N MET J 181 -28.48 46.31 -4.28
CA MET J 181 -27.32 47.16 -4.03
C MET J 181 -26.03 46.44 -4.41
N THR J 182 -24.96 47.24 -4.50
CA THR J 182 -23.61 46.73 -4.71
C THR J 182 -22.65 47.70 -4.03
N THR J 183 -22.19 47.34 -2.85
CA THR J 183 -21.25 48.17 -2.10
C THR J 183 -19.83 47.87 -2.56
N ILE J 184 -19.12 48.91 -3.00
CA ILE J 184 -17.72 48.78 -3.40
C ILE J 184 -16.88 49.10 -2.17
N HIS J 185 -16.38 48.06 -1.52
CA HIS J 185 -15.80 48.16 -0.19
C HIS J 185 -14.28 48.06 -0.25
N ALA J 186 -13.63 48.63 0.75
CA ALA J 186 -12.20 48.45 0.93
C ALA J 186 -11.93 47.08 1.53
N TYR J 187 -10.72 46.57 1.29
CA TYR J 187 -10.38 45.26 1.82
C TYR J 187 -10.14 45.34 3.34
N THR J 188 -10.45 44.24 4.01
CA THR J 188 -10.34 44.16 5.47
C THR J 188 -9.43 43.01 5.85
N GLN J 189 -9.16 42.91 7.16
CA GLN J 189 -8.16 41.96 7.64
C GLN J 189 -8.56 40.51 7.42
N ASP J 190 -9.86 40.22 7.27
CA ASP J 190 -10.30 38.85 7.07
C ASP J 190 -9.93 38.31 5.70
N GLN J 191 -9.38 39.13 4.81
CA GLN J 191 -8.94 38.67 3.51
C GLN J 191 -7.47 38.28 3.55
N ASN J 192 -7.06 37.50 2.55
CA ASN J 192 -5.69 37.02 2.46
C ASN J 192 -4.86 37.96 1.60
N LEU J 193 -3.59 38.12 1.98
CA LEU J 193 -2.67 38.96 1.21
C LEU J 193 -2.22 38.26 -0.07
N GLN J 194 -2.04 36.94 -0.01
CA GLN J 194 -1.73 36.12 -1.16
C GLN J 194 -2.81 35.05 -1.32
N ASP J 195 -2.66 34.23 -2.36
CA ASP J 195 -3.64 33.18 -2.63
C ASP J 195 -3.47 32.06 -1.60
N GLY J 196 -4.38 32.01 -0.63
CA GLY J 196 -4.34 31.01 0.40
C GLY J 196 -5.72 30.46 0.73
N PRO J 197 -5.78 29.51 1.65
CA PRO J 197 -7.08 28.93 2.01
C PRO J 197 -7.96 29.94 2.75
N HIS J 198 -9.27 29.78 2.57
CA HIS J 198 -10.27 30.66 3.16
C HIS J 198 -11.63 30.02 3.02
N LYS J 199 -12.50 30.29 4.00
CA LYS J 199 -13.87 29.81 3.90
C LYS J 199 -14.59 30.39 2.68
N ASP J 200 -14.17 31.57 2.24
CA ASP J 200 -14.68 32.20 1.02
C ASP J 200 -13.62 32.08 -0.06
N LEU J 201 -13.93 31.35 -1.12
CA LEU J 201 -12.98 31.17 -2.21
C LEU J 201 -12.75 32.46 -3.00
N ARG J 202 -13.64 33.44 -2.86
CA ARG J 202 -13.42 34.74 -3.49
C ARG J 202 -12.41 35.56 -2.71
N ARG J 203 -12.62 35.68 -1.39
CA ARG J 203 -11.65 36.36 -0.54
C ARG J 203 -10.40 35.53 -0.30
N ALA J 204 -10.37 34.29 -0.79
CA ALA J 204 -9.16 33.49 -0.67
C ALA J 204 -8.05 34.03 -1.57
N ARG J 205 -8.42 34.73 -2.63
CA ARG J 205 -7.45 35.30 -3.55
C ARG J 205 -6.74 36.49 -2.90
N ALA J 206 -5.71 36.98 -3.60
CA ALA J 206 -4.95 38.12 -3.09
C ALA J 206 -5.83 39.35 -3.03
N ALA J 207 -5.77 40.06 -1.90
CA ALA J 207 -6.69 41.17 -1.67
C ALA J 207 -6.28 42.40 -2.48
N ALA J 208 -4.99 42.67 -2.58
CA ALA J 208 -4.50 43.88 -3.23
C ALA J 208 -4.29 43.72 -4.73
N LEU J 209 -4.47 42.51 -5.27
CA LEU J 209 -4.22 42.26 -6.68
C LEU J 209 -5.48 42.29 -7.54
N ASN J 210 -6.66 42.14 -6.95
CA ASN J 210 -7.89 42.00 -7.71
C ASN J 210 -9.06 42.50 -6.87
N ILE J 211 -10.25 42.39 -7.43
CA ILE J 211 -11.49 42.72 -6.73
C ILE J 211 -12.19 41.40 -6.39
N VAL J 212 -12.48 41.20 -5.11
CA VAL J 212 -13.05 39.95 -4.62
C VAL J 212 -14.52 40.20 -4.33
N PRO J 213 -15.45 39.63 -5.11
CA PRO J 213 -16.87 39.75 -4.79
C PRO J 213 -17.26 38.84 -3.63
N THR J 214 -17.68 39.44 -2.53
CA THR J 214 -18.10 38.71 -1.34
C THR J 214 -19.53 39.07 -0.98
N SER J 215 -20.08 38.33 -0.03
CA SER J 215 -21.45 38.53 0.41
C SER J 215 -21.52 39.51 1.57
N THR J 216 -22.71 40.06 1.78
CA THR J 216 -22.95 41.01 2.88
C THR J 216 -24.41 40.97 3.24
N GLY J 217 -24.70 41.27 4.51
CA GLY J 217 -26.07 41.25 4.99
C GLY J 217 -26.62 42.63 5.29
N ALA J 218 -26.03 43.65 4.68
CA ALA J 218 -26.48 45.02 4.92
C ALA J 218 -27.88 45.23 4.36
N ALA J 219 -28.12 44.81 3.12
CA ALA J 219 -29.41 44.99 2.49
C ALA J 219 -30.38 43.85 2.80
N LYS J 220 -29.88 42.62 2.95
CA LYS J 220 -30.75 41.49 3.25
C LYS J 220 -31.34 41.59 4.65
N ALA J 221 -30.57 42.13 5.61
CA ALA J 221 -31.02 42.28 6.99
C ALA J 221 -31.26 43.75 7.35
N ILE J 222 -31.67 44.56 6.38
CA ILE J 222 -31.92 45.97 6.65
C ILE J 222 -33.16 46.16 7.51
N GLY J 223 -34.06 45.17 7.53
CA GLY J 223 -35.29 45.27 8.32
C GLY J 223 -35.06 45.36 9.82
N LEU J 224 -33.83 45.09 10.28
CA LEU J 224 -33.55 45.19 11.71
C LEU J 224 -33.65 46.62 12.22
N VAL J 225 -33.41 47.60 11.35
CA VAL J 225 -33.52 49.00 11.72
C VAL J 225 -34.69 49.70 11.03
N MET J 226 -35.18 49.16 9.90
CA MET J 226 -36.35 49.70 9.21
C MET J 226 -37.27 48.53 8.89
N PRO J 227 -38.25 48.24 9.74
CA PRO J 227 -39.08 47.05 9.53
C PRO J 227 -39.89 47.08 8.25
N GLN J 228 -40.20 48.27 7.72
CA GLN J 228 -41.00 48.36 6.50
C GLN J 228 -40.21 47.92 5.27
N LEU J 229 -38.88 47.84 5.37
CA LEU J 229 -38.05 47.44 4.24
C LEU J 229 -37.48 46.03 4.42
N LYS J 230 -38.05 45.24 5.34
CA LYS J 230 -37.56 43.90 5.58
C LYS J 230 -37.86 43.01 4.38
N GLY J 231 -36.82 42.42 3.79
CA GLY J 231 -36.97 41.57 2.64
C GLY J 231 -37.09 42.29 1.31
N LYS J 232 -37.11 43.62 1.32
CA LYS J 232 -37.22 44.39 0.08
C LYS J 232 -35.87 44.77 -0.51
N LEU J 233 -34.78 44.50 0.19
CA LEU J 233 -33.45 44.86 -0.27
C LEU J 233 -32.53 43.65 -0.23
N ASP J 234 -31.59 43.62 -1.17
CA ASP J 234 -30.58 42.57 -1.24
C ASP J 234 -29.39 43.11 -2.02
N GLY J 235 -28.24 42.48 -1.81
CA GLY J 235 -27.04 42.92 -2.52
C GLY J 235 -25.83 42.14 -2.08
N TYR J 236 -24.69 42.54 -2.62
CA TYR J 236 -23.41 41.89 -2.36
C TYR J 236 -22.34 42.97 -2.26
N ALA J 237 -21.08 42.53 -2.10
CA ALA J 237 -19.97 43.44 -1.93
C ALA J 237 -18.85 43.07 -2.89
N LEU J 238 -18.02 44.07 -3.21
CA LEU J 238 -16.85 43.89 -4.07
C LEU J 238 -15.69 44.64 -3.45
N ARG J 239 -14.70 43.88 -2.96
CA ARG J 239 -13.57 44.44 -2.24
C ARG J 239 -12.49 44.87 -3.24
N VAL J 240 -12.17 46.16 -3.25
CA VAL J 240 -11.20 46.71 -4.19
C VAL J 240 -9.87 46.93 -3.48
N PRO J 241 -8.74 46.96 -4.20
CA PRO J 241 -7.45 47.22 -3.55
C PRO J 241 -7.37 48.61 -2.93
N ILE J 242 -8.06 48.81 -1.81
CA ILE J 242 -8.06 50.08 -1.09
C ILE J 242 -8.04 49.77 0.41
N PRO J 243 -7.25 50.48 1.21
CA PRO J 243 -7.19 50.16 2.65
C PRO J 243 -8.48 50.50 3.39
N THR J 244 -8.90 51.76 3.35
CA THR J 244 -10.13 52.17 4.02
C THR J 244 -10.93 53.06 3.09
N GLY J 245 -12.23 53.16 3.35
CA GLY J 245 -13.12 53.93 2.51
C GLY J 245 -13.90 53.04 1.56
N SER J 246 -15.21 53.25 1.51
CA SER J 246 -16.09 52.43 0.68
C SER J 246 -17.21 53.30 0.14
N VAL J 247 -18.04 52.70 -0.73
CA VAL J 247 -19.15 53.40 -1.35
C VAL J 247 -20.27 52.40 -1.60
N THR J 248 -21.51 52.85 -1.45
CA THR J 248 -22.69 52.02 -1.68
C THR J 248 -23.40 52.49 -2.93
N ASP J 249 -23.79 51.53 -3.77
CA ASP J 249 -24.51 51.79 -5.02
C ASP J 249 -25.85 51.07 -4.94
N LEU J 250 -26.89 51.81 -4.57
CA LEU J 250 -28.22 51.23 -4.37
C LEU J 250 -29.12 51.58 -5.55
N THR J 251 -29.60 50.56 -6.24
CA THR J 251 -30.57 50.71 -7.33
C THR J 251 -31.92 50.27 -6.79
N VAL J 252 -32.84 51.23 -6.64
CA VAL J 252 -34.10 51.00 -5.94
C VAL J 252 -35.26 51.44 -6.81
N ASP J 253 -36.31 50.62 -6.84
CA ASP J 253 -37.57 51.02 -7.46
C ASP J 253 -38.41 51.82 -6.46
N LEU J 254 -38.83 53.01 -6.87
CA LEU J 254 -39.54 53.92 -5.98
C LEU J 254 -41.05 53.73 -6.12
N SER J 255 -41.76 53.99 -5.01
CA SER J 255 -43.22 53.94 -5.05
C SER J 255 -43.79 55.11 -5.82
N THR J 256 -43.20 56.29 -5.65
CA THR J 256 -43.58 57.48 -6.41
C THR J 256 -42.41 57.90 -7.28
N ARG J 257 -42.72 58.30 -8.52
CA ARG J 257 -41.68 58.65 -9.48
C ARG J 257 -41.05 59.98 -9.10
N ALA J 258 -39.74 59.96 -8.88
CA ALA J 258 -38.98 61.15 -8.49
C ALA J 258 -37.87 61.41 -9.49
N SER J 259 -37.44 62.67 -9.55
CA SER J 259 -36.39 63.11 -10.45
C SER J 259 -35.05 63.16 -9.73
N VAL J 260 -33.98 63.29 -10.53
CA VAL J 260 -32.64 63.44 -9.95
C VAL J 260 -32.56 64.68 -9.08
N ASP J 261 -33.13 65.79 -9.57
CA ASP J 261 -33.10 67.04 -8.82
C ASP J 261 -33.91 66.93 -7.53
N GLU J 262 -35.00 66.18 -7.54
CA GLU J 262 -35.82 66.04 -6.33
C GLU J 262 -35.14 65.13 -5.32
N ILE J 263 -34.50 64.05 -5.78
CA ILE J 263 -33.78 63.16 -4.87
C ILE J 263 -32.58 63.89 -4.27
N ASN J 264 -31.83 64.63 -5.08
CA ASN J 264 -30.67 65.34 -4.57
C ASN J 264 -31.07 66.46 -3.62
N ALA J 265 -32.21 67.11 -3.88
CA ALA J 265 -32.67 68.16 -2.98
C ALA J 265 -33.22 67.58 -1.68
N ALA J 266 -33.84 66.40 -1.74
CA ALA J 266 -34.33 65.77 -0.53
C ALA J 266 -33.18 65.29 0.35
N PHE J 267 -32.13 64.77 -0.27
CA PHE J 267 -30.96 64.35 0.50
C PHE J 267 -30.23 65.55 1.09
N LYS J 268 -30.20 66.67 0.37
CA LYS J 268 -29.58 67.88 0.91
C LYS J 268 -30.36 68.44 2.08
N ALA J 269 -31.69 68.38 2.00
CA ALA J 269 -32.52 68.84 3.12
C ALA J 269 -32.39 67.92 4.32
N ALA J 270 -32.27 66.61 4.08
CA ALA J 270 -32.10 65.67 5.19
C ALA J 270 -30.72 65.82 5.82
N ALA J 271 -29.69 66.02 5.01
CA ALA J 271 -28.34 66.17 5.54
C ALA J 271 -28.20 67.45 6.36
N GLU J 272 -28.90 68.51 5.98
CA GLU J 272 -28.85 69.78 6.68
C GLU J 272 -29.92 69.91 7.76
N GLY J 273 -30.76 68.89 7.93
CA GLY J 273 -31.84 68.99 8.89
C GLY J 273 -31.91 67.82 9.86
N ARG J 274 -32.78 66.85 9.57
CA ARG J 274 -33.02 65.75 10.49
C ARG J 274 -31.82 64.83 10.64
N LEU J 275 -30.91 64.81 9.67
CA LEU J 275 -29.74 63.94 9.70
C LEU J 275 -28.45 64.75 9.74
N LYS J 276 -28.47 65.88 10.44
CA LYS J 276 -27.28 66.69 10.60
C LYS J 276 -26.28 65.99 11.52
N GLY J 277 -25.11 65.67 10.99
CA GLY J 277 -24.10 64.95 11.73
C GLY J 277 -24.00 63.47 11.40
N ILE J 278 -25.04 62.91 10.76
CA ILE J 278 -25.05 61.51 10.36
C ILE J 278 -24.90 61.37 8.84
N LEU J 279 -25.63 62.18 8.09
CA LEU J 279 -25.58 62.15 6.63
C LEU J 279 -24.90 63.41 6.12
N LYS J 280 -24.04 63.24 5.12
CA LYS J 280 -23.29 64.33 4.52
C LYS J 280 -23.69 64.48 3.06
N TYR J 281 -23.94 65.73 2.65
CA TYR J 281 -24.29 66.04 1.27
C TYR J 281 -23.08 66.63 0.56
N TYR J 282 -22.75 66.09 -0.60
CA TYR J 282 -21.63 66.56 -1.41
C TYR J 282 -22.12 66.91 -2.81
N ASP J 283 -21.83 68.14 -3.24
CA ASP J 283 -22.08 68.58 -4.60
C ASP J 283 -20.79 68.75 -5.40
N ALA J 284 -19.65 68.32 -4.83
CA ALA J 284 -18.32 68.42 -5.40
C ALA J 284 -17.85 67.06 -5.92
N PRO J 285 -17.02 67.05 -6.97
CA PRO J 285 -16.50 65.78 -7.49
C PRO J 285 -15.48 65.15 -6.56
N ILE J 286 -15.96 64.38 -5.58
CA ILE J 286 -15.10 63.79 -4.56
C ILE J 286 -14.75 62.36 -4.95
N VAL J 287 -13.71 61.84 -4.30
CA VAL J 287 -13.26 60.47 -4.45
C VAL J 287 -13.11 59.85 -3.06
N SER J 288 -12.65 58.61 -3.01
CA SER J 288 -12.50 57.94 -1.72
C SER J 288 -11.30 58.46 -0.94
N SER J 289 -10.33 59.09 -1.61
CA SER J 289 -9.27 59.77 -0.88
C SER J 289 -9.82 60.93 -0.05
N ASP J 290 -10.82 61.63 -0.60
CA ASP J 290 -11.47 62.71 0.13
C ASP J 290 -12.40 62.20 1.21
N ILE J 291 -12.66 60.90 1.27
CA ILE J 291 -13.66 60.34 2.18
C ILE J 291 -13.04 59.65 3.38
N VAL J 292 -11.74 59.36 3.35
CA VAL J 292 -11.08 58.73 4.49
C VAL J 292 -11.09 59.69 5.67
N THR J 293 -11.28 59.14 6.87
CA THR J 293 -11.36 59.91 8.11
C THR J 293 -12.45 60.98 8.02
N ASP J 294 -13.63 60.56 7.59
CA ASP J 294 -14.83 61.40 7.59
C ASP J 294 -15.85 60.76 8.52
N PRO J 295 -16.34 61.46 9.54
CA PRO J 295 -17.16 60.82 10.58
C PRO J 295 -18.60 60.54 10.19
N HIS J 296 -19.03 60.92 8.98
CA HIS J 296 -20.43 60.75 8.61
C HIS J 296 -20.72 59.29 8.26
N SER J 297 -21.94 58.86 8.58
CA SER J 297 -22.35 57.48 8.31
C SER J 297 -22.61 57.28 6.82
N SER J 298 -23.53 58.05 6.25
CA SER J 298 -23.84 58.01 4.83
C SER J 298 -23.46 59.35 4.21
N ILE J 299 -22.71 59.30 3.13
CA ILE J 299 -22.16 60.50 2.49
C ILE J 299 -22.66 60.50 1.05
N PHE J 300 -23.77 61.18 0.81
CA PHE J 300 -24.46 61.13 -0.47
C PHE J 300 -23.73 61.95 -1.52
N ASP J 301 -23.45 61.32 -2.66
CA ASP J 301 -22.80 61.98 -3.79
C ASP J 301 -23.89 62.36 -4.79
N SER J 302 -24.19 63.66 -4.86
CA SER J 302 -25.28 64.12 -5.72
C SER J 302 -24.95 64.04 -7.20
N GLY J 303 -23.66 64.03 -7.56
CA GLY J 303 -23.30 64.00 -8.97
C GLY J 303 -23.50 62.65 -9.62
N LEU J 304 -23.48 61.57 -8.82
CA LEU J 304 -23.58 60.21 -9.33
C LEU J 304 -25.00 59.66 -9.23
N THR J 305 -26.01 60.52 -9.29
CA THR J 305 -27.41 60.11 -9.21
C THR J 305 -27.98 59.98 -10.61
N LYS J 306 -28.76 58.92 -10.84
CA LYS J 306 -29.36 58.67 -12.13
C LYS J 306 -30.73 58.03 -11.94
N VAL J 307 -31.68 58.39 -12.80
CA VAL J 307 -33.04 57.87 -12.74
C VAL J 307 -33.57 57.73 -14.16
N ILE J 308 -34.47 56.75 -14.35
CA ILE J 308 -35.14 56.56 -15.64
C ILE J 308 -36.63 56.77 -15.45
N ASP J 309 -37.32 55.74 -14.96
CA ASP J 309 -38.74 55.86 -14.67
C ASP J 309 -38.96 55.97 -13.17
N ASP J 310 -39.13 54.83 -12.49
CA ASP J 310 -39.15 54.80 -11.03
C ASP J 310 -37.98 54.02 -10.46
N GLN J 311 -36.99 53.67 -11.28
CA GLN J 311 -35.79 52.98 -10.84
C GLN J 311 -34.66 54.01 -10.77
N ALA J 312 -34.19 54.28 -9.56
CA ALA J 312 -33.15 55.28 -9.33
C ALA J 312 -31.94 54.63 -8.68
N LYS J 313 -30.75 55.09 -9.07
CA LYS J 313 -29.49 54.62 -8.51
C LYS J 313 -28.89 55.73 -7.68
N VAL J 314 -28.70 55.47 -6.38
CA VAL J 314 -28.15 56.43 -5.44
C VAL J 314 -26.77 55.94 -5.02
N VAL J 315 -25.80 56.84 -5.03
CA VAL J 315 -24.41 56.53 -4.70
C VAL J 315 -24.03 57.31 -3.45
N SER J 316 -23.60 56.59 -2.41
CA SER J 316 -23.25 57.19 -1.13
C SER J 316 -21.94 56.62 -0.64
N TRP J 317 -20.99 57.50 -0.30
CA TRP J 317 -19.70 57.11 0.24
C TRP J 317 -19.79 56.91 1.75
N TYR J 318 -18.78 56.22 2.29
CA TYR J 318 -18.68 56.00 3.73
C TYR J 318 -17.32 55.41 4.09
N ASP J 319 -16.67 55.97 5.10
CA ASP J 319 -15.41 55.43 5.60
C ASP J 319 -15.73 54.27 6.55
N ASN J 320 -15.46 53.04 6.09
CA ASN J 320 -15.80 51.85 6.86
C ASN J 320 -15.04 51.76 8.18
N GLU J 321 -13.97 52.54 8.34
CA GLU J 321 -13.18 52.50 9.57
C GLU J 321 -13.49 53.69 10.49
N TRP J 322 -13.27 54.90 10.01
CA TRP J 322 -13.40 56.08 10.87
C TRP J 322 -14.85 56.46 11.10
N GLY J 323 -15.66 56.49 10.04
CA GLY J 323 -17.05 56.88 10.19
C GLY J 323 -17.85 55.91 11.03
N TYR J 324 -17.56 54.62 10.90
CA TYR J 324 -18.26 53.62 11.71
C TYR J 324 -17.82 53.69 13.18
N SER J 325 -16.55 53.98 13.42
CA SER J 325 -16.06 54.05 14.80
C SER J 325 -16.61 55.27 15.52
N ASN J 326 -16.83 56.37 14.80
CA ASN J 326 -17.47 57.54 15.41
C ASN J 326 -18.91 57.23 15.81
N ARG J 327 -19.58 56.36 15.06
CA ARG J 327 -20.93 55.95 15.44
C ARG J 327 -20.90 55.03 16.65
N LEU J 328 -19.86 54.19 16.78
CA LEU J 328 -19.71 53.39 17.98
C LEU J 328 -19.43 54.27 19.20
N VAL J 329 -18.75 55.41 19.01
CA VAL J 329 -18.57 56.35 20.11
C VAL J 329 -19.90 57.01 20.47
N ASP J 330 -20.69 57.39 19.46
CA ASP J 330 -21.98 58.00 19.74
C ASP J 330 -22.93 57.02 20.39
N LEU J 331 -22.93 55.76 19.94
CA LEU J 331 -23.79 54.75 20.55
C LEU J 331 -23.37 54.46 21.98
N VAL J 332 -22.05 54.42 22.23
CA VAL J 332 -21.57 54.21 23.59
C VAL J 332 -21.93 55.39 24.49
N THR J 333 -21.94 56.60 23.93
CA THR J 333 -22.37 57.77 24.70
C THR J 333 -23.87 57.75 24.96
N LEU J 334 -24.64 57.17 24.03
CA LEU J 334 -26.09 57.06 24.24
C LEU J 334 -26.41 56.01 25.30
N VAL J 335 -25.70 54.89 25.27
CA VAL J 335 -25.90 53.85 26.28
C VAL J 335 -25.44 54.34 27.64
N GLY J 336 -24.31 55.06 27.68
CA GLY J 336 -23.85 55.62 28.94
C GLY J 336 -24.78 56.68 29.50
N LYS J 337 -25.51 57.38 28.63
CA LYS J 337 -26.50 58.34 29.10
C LYS J 337 -27.71 57.66 29.72
N SER J 338 -27.91 56.36 29.46
CA SER J 338 -28.99 55.60 30.06
C SER J 338 -28.61 54.99 31.40
N LEU J 339 -27.34 55.07 31.80
CA LEU J 339 -26.90 54.52 33.07
C LEU J 339 -26.74 55.62 34.11
N MET K 1 -3.95 38.11 -50.89
CA MET K 1 -5.18 38.62 -50.30
C MET K 1 -4.98 38.93 -48.82
N THR K 2 -3.80 39.43 -48.47
CA THR K 2 -3.48 39.76 -47.09
C THR K 2 -3.90 41.19 -46.80
N VAL K 3 -4.77 41.36 -45.80
CA VAL K 3 -5.25 42.69 -45.45
C VAL K 3 -4.12 43.45 -44.75
N ARG K 4 -3.80 44.62 -45.27
CA ARG K 4 -2.70 45.43 -44.77
C ARG K 4 -3.25 46.45 -43.76
N VAL K 5 -2.78 46.38 -42.52
CA VAL K 5 -3.30 47.18 -41.43
C VAL K 5 -2.23 48.18 -40.97
N GLY K 6 -2.67 49.39 -40.65
CA GLY K 6 -1.80 50.38 -40.06
C GLY K 6 -2.39 50.95 -38.79
N ILE K 7 -1.60 51.03 -37.73
CA ILE K 7 -2.07 51.45 -36.42
C ILE K 7 -1.68 52.91 -36.20
N ASN K 8 -2.64 53.72 -35.77
CA ASN K 8 -2.41 55.11 -35.39
C ASN K 8 -2.59 55.22 -33.89
N GLY K 9 -1.48 55.34 -33.17
CA GLY K 9 -1.52 55.33 -31.71
C GLY K 9 -1.13 53.99 -31.14
N PHE K 10 0.18 53.77 -31.02
CA PHE K 10 0.72 52.48 -30.56
C PHE K 10 0.83 52.43 -29.03
N GLY K 11 -0.27 52.70 -28.35
CA GLY K 11 -0.29 52.71 -26.89
C GLY K 11 -0.72 51.39 -26.30
N ARG K 12 -1.57 51.45 -25.27
CA ARG K 12 -2.05 50.23 -24.63
C ARG K 12 -2.96 49.43 -25.55
N ILE K 13 -3.97 50.09 -26.12
CA ILE K 13 -4.89 49.39 -27.01
C ILE K 13 -4.20 49.01 -28.31
N GLY K 14 -3.28 49.85 -28.78
CA GLY K 14 -2.58 49.55 -30.02
C GLY K 14 -1.72 48.31 -29.91
N ARG K 15 -0.91 48.23 -28.86
CA ARG K 15 -0.06 47.05 -28.69
C ARG K 15 -0.86 45.81 -28.30
N ASN K 16 -1.93 45.99 -27.53
CA ASN K 16 -2.82 44.87 -27.22
C ASN K 16 -3.48 44.34 -28.49
N PHE K 17 -3.82 45.24 -29.42
CA PHE K 17 -4.37 44.81 -30.70
C PHE K 17 -3.34 44.03 -31.52
N TYR K 18 -2.07 44.47 -31.46
CA TYR K 18 -1.03 43.76 -32.21
C TYR K 18 -0.74 42.40 -31.59
N ARG K 19 -0.75 42.32 -30.25
CA ARG K 19 -0.50 41.04 -29.60
C ARG K 19 -1.67 40.08 -29.83
N ALA K 20 -2.90 40.58 -29.78
CA ALA K 20 -4.05 39.73 -30.04
C ALA K 20 -4.08 39.27 -31.49
N LEU K 21 -3.63 40.12 -32.42
CA LEU K 21 -3.54 39.70 -33.82
C LEU K 21 -2.47 38.63 -34.00
N LEU K 22 -1.35 38.76 -33.29
CA LEU K 22 -0.30 37.74 -33.37
C LEU K 22 -0.75 36.43 -32.77
N ALA K 23 -1.48 36.48 -31.64
CA ALA K 23 -1.95 35.26 -31.02
C ALA K 23 -3.03 34.58 -31.85
N GLN K 24 -3.87 35.37 -32.52
CA GLN K 24 -4.89 34.78 -33.38
C GLN K 24 -4.28 34.21 -34.66
N GLN K 25 -3.18 34.79 -35.13
CA GLN K 25 -2.49 34.21 -36.28
C GLN K 25 -1.82 32.89 -35.91
N GLU K 26 -1.31 32.78 -34.69
CA GLU K 26 -0.76 31.51 -34.22
C GLU K 26 -1.84 30.44 -34.14
N GLN K 27 -3.08 30.84 -33.82
CA GLN K 27 -4.19 29.91 -33.81
C GLN K 27 -4.78 29.68 -35.20
N GLY K 28 -4.44 30.53 -36.17
CA GLY K 28 -4.90 30.38 -37.53
C GLY K 28 -6.18 31.12 -37.88
N THR K 29 -6.78 31.82 -36.92
CA THR K 29 -8.05 32.52 -37.14
C THR K 29 -7.83 33.99 -37.47
N ALA K 30 -6.77 34.32 -38.20
CA ALA K 30 -6.49 35.71 -38.55
C ALA K 30 -5.72 35.76 -39.87
N ASP K 31 -6.04 36.77 -40.68
CA ASP K 31 -5.39 36.96 -41.97
C ASP K 31 -4.77 38.33 -42.15
N VAL K 32 -5.22 39.34 -41.40
CA VAL K 32 -4.68 40.68 -41.55
C VAL K 32 -3.25 40.73 -41.00
N GLU K 33 -2.46 41.67 -41.52
CA GLU K 33 -1.08 41.85 -41.10
C GLU K 33 -0.80 43.32 -40.94
N VAL K 34 -0.27 43.70 -39.78
CA VAL K 34 0.08 45.09 -39.51
C VAL K 34 1.44 45.39 -40.12
N VAL K 35 1.51 46.43 -40.95
CA VAL K 35 2.76 46.80 -41.60
C VAL K 35 3.27 48.17 -41.17
N ALA K 36 2.46 48.99 -40.51
CA ALA K 36 2.89 50.33 -40.12
C ALA K 36 2.24 50.70 -38.79
N ALA K 37 2.93 51.55 -38.04
CA ALA K 37 2.42 52.04 -36.76
C ALA K 37 2.92 53.46 -36.57
N ASN K 38 2.01 54.35 -36.16
CA ASN K 38 2.31 55.77 -36.01
C ASN K 38 2.07 56.17 -34.56
N ASP K 39 3.12 56.71 -33.92
CA ASP K 39 3.03 57.17 -32.55
C ASP K 39 3.98 58.34 -32.37
N ILE K 40 3.83 59.05 -31.26
CA ILE K 40 4.62 60.25 -31.00
C ILE K 40 5.91 59.89 -30.28
N THR K 41 6.64 58.92 -30.81
CA THR K 41 7.94 58.52 -30.26
C THR K 41 8.69 57.72 -31.31
N ASP K 42 9.98 57.51 -31.05
CA ASP K 42 10.84 56.81 -31.98
C ASP K 42 10.52 55.31 -31.99
N ASN K 43 11.20 54.59 -32.88
CA ASN K 43 10.97 53.15 -33.00
C ASN K 43 11.57 52.35 -31.84
N SER K 44 12.58 52.90 -31.16
CA SER K 44 13.17 52.19 -30.03
C SER K 44 12.20 52.11 -28.87
N THR K 45 11.52 53.20 -28.55
CA THR K 45 10.53 53.19 -27.48
C THR K 45 9.35 52.31 -27.84
N LEU K 46 8.94 52.33 -29.11
CA LEU K 46 7.84 51.47 -29.54
C LEU K 46 8.21 50.00 -29.46
N ALA K 47 9.47 49.67 -29.78
CA ALA K 47 9.90 48.28 -29.70
C ALA K 47 10.09 47.82 -28.26
N HIS K 48 10.52 48.73 -27.38
CA HIS K 48 10.67 48.38 -25.97
C HIS K 48 9.32 48.19 -25.29
N LEU K 49 8.35 49.05 -25.61
CA LEU K 49 7.01 48.91 -25.06
C LEU K 49 6.27 47.72 -25.64
N LEU K 50 6.65 47.26 -26.83
CA LEU K 50 6.02 46.08 -27.42
C LEU K 50 6.60 44.80 -26.85
N LYS K 51 7.92 44.74 -26.66
CA LYS K 51 8.56 43.54 -26.15
C LYS K 51 8.22 43.31 -24.68
N PHE K 52 8.25 44.37 -23.87
CA PHE K 52 8.06 44.28 -22.43
C PHE K 52 6.75 44.94 -22.05
N ASP K 53 5.85 44.17 -21.43
CA ASP K 53 4.56 44.67 -20.99
C ASP K 53 4.38 44.34 -19.51
N SER K 54 3.88 45.31 -18.75
CA SER K 54 3.65 45.07 -17.32
C SER K 54 2.46 44.15 -17.10
N ILE K 55 1.51 44.12 -18.01
CA ILE K 55 0.30 43.31 -17.88
C ILE K 55 0.42 42.03 -18.70
N LEU K 56 0.82 42.14 -19.97
CA LEU K 56 0.90 41.00 -20.87
C LEU K 56 2.24 40.28 -20.80
N GLY K 57 3.15 40.72 -19.93
CA GLY K 57 4.43 40.07 -19.82
C GLY K 57 5.33 40.38 -21.00
N ARG K 58 6.32 39.51 -21.20
CA ARG K 58 7.27 39.66 -22.29
C ARG K 58 6.75 38.99 -23.55
N LEU K 59 7.16 39.53 -24.69
CA LEU K 59 6.72 39.00 -25.98
C LEU K 59 7.55 37.76 -26.34
N PRO K 60 6.91 36.66 -26.75
CA PRO K 60 7.70 35.47 -27.12
C PRO K 60 8.54 35.68 -28.36
N CYS K 61 8.13 36.57 -29.26
CA CYS K 61 8.91 36.84 -30.45
C CYS K 61 10.07 37.79 -30.13
N ASP K 62 11.15 37.65 -30.89
CA ASP K 62 12.26 38.57 -30.78
C ASP K 62 11.89 39.89 -31.44
N VAL K 63 12.38 41.00 -30.89
CA VAL K 63 12.06 42.33 -31.39
C VAL K 63 13.35 43.09 -31.67
N GLY K 64 13.47 43.61 -32.89
CA GLY K 64 14.65 44.36 -33.29
C GLY K 64 14.26 45.69 -33.90
N LEU K 65 15.29 46.49 -34.19
CA LEU K 65 15.11 47.82 -34.75
C LEU K 65 16.11 48.04 -35.87
N GLU K 66 15.91 49.13 -36.61
CA GLU K 66 16.81 49.52 -37.70
C GLU K 66 17.09 51.02 -37.65
N GLY K 67 16.47 51.76 -38.56
CA GLY K 67 16.61 53.21 -38.57
C GLY K 67 15.26 53.89 -38.63
N ASP K 68 14.29 53.23 -39.26
CA ASP K 68 12.93 53.76 -39.32
C ASP K 68 11.87 52.67 -39.26
N ASP K 69 12.25 51.39 -39.21
CA ASP K 69 11.30 50.29 -39.11
C ASP K 69 11.75 49.35 -38.00
N THR K 70 10.76 48.77 -37.31
CA THR K 70 11.00 47.81 -36.25
C THR K 70 10.68 46.41 -36.76
N ILE K 71 11.61 45.49 -36.56
CA ILE K 71 11.45 44.10 -36.98
C ILE K 71 11.09 43.28 -35.76
N VAL K 72 9.91 42.65 -35.78
CA VAL K 72 9.57 41.68 -34.74
C VAL K 72 10.34 40.41 -35.09
N VAL K 73 9.63 39.32 -35.39
CA VAL K 73 10.27 38.05 -35.74
C VAL K 73 9.65 37.59 -37.04
N GLY K 74 10.48 37.44 -38.07
CA GLY K 74 10.00 37.10 -39.40
C GLY K 74 9.08 38.11 -40.03
N ARG K 75 9.01 39.33 -39.48
CA ARG K 75 8.16 40.37 -40.03
C ARG K 75 8.75 41.73 -39.69
N ALA K 76 8.42 42.73 -40.51
CA ALA K 76 8.92 44.09 -40.30
C ALA K 76 7.74 45.06 -40.34
N LYS K 77 7.73 45.99 -39.40
CA LYS K 77 6.69 47.02 -39.32
C LYS K 77 7.34 48.38 -39.47
N ILE K 78 6.93 49.11 -40.51
CA ILE K 78 7.46 50.46 -40.73
C ILE K 78 7.00 51.36 -39.60
N LYS K 79 7.96 51.91 -38.87
CA LYS K 79 7.65 52.78 -37.73
C LYS K 79 7.47 54.22 -38.18
N ALA K 80 6.53 54.41 -39.11
CA ALA K 80 6.17 55.73 -39.62
C ALA K 80 5.57 56.54 -38.48
N LEU K 81 6.45 57.05 -37.61
CA LEU K 81 6.04 57.73 -36.40
C LEU K 81 6.24 59.24 -36.43
N ALA K 82 6.98 59.76 -37.43
CA ALA K 82 7.22 61.20 -37.51
C ALA K 82 5.95 61.99 -37.80
N VAL K 83 4.89 61.32 -38.25
CA VAL K 83 3.62 62.00 -38.56
C VAL K 83 2.96 62.44 -37.26
N ARG K 84 3.35 63.61 -36.76
CA ARG K 84 2.78 64.15 -35.53
C ARG K 84 1.57 65.04 -35.78
N GLU K 85 1.24 65.33 -37.03
CA GLU K 85 0.10 66.18 -37.35
C GLU K 85 -1.19 65.39 -37.30
N GLY K 86 -2.17 65.80 -38.10
CA GLY K 86 -3.45 65.12 -38.17
C GLY K 86 -3.32 63.78 -38.87
N PRO K 87 -4.39 62.98 -38.83
CA PRO K 87 -4.33 61.65 -39.46
C PRO K 87 -4.19 61.70 -40.98
N ALA K 88 -4.49 62.84 -41.61
CA ALA K 88 -4.35 62.95 -43.05
C ALA K 88 -2.88 63.04 -43.47
N ALA K 89 -1.98 63.38 -42.56
CA ALA K 89 -0.56 63.49 -42.89
C ALA K 89 0.14 62.14 -42.94
N LEU K 90 -0.46 61.10 -42.37
CA LEU K 90 0.17 59.79 -42.39
C LEU K 90 0.11 59.19 -43.79
N PRO K 91 1.19 58.56 -44.26
CA PRO K 91 1.21 57.98 -45.62
C PRO K 91 0.65 56.56 -45.67
N TRP K 92 -0.68 56.44 -45.55
CA TRP K 92 -1.30 55.13 -45.61
C TRP K 92 -1.37 54.62 -47.05
N GLY K 93 -1.65 55.51 -48.00
CA GLY K 93 -1.71 55.07 -49.39
C GLY K 93 -0.35 54.69 -49.94
N ASP K 94 0.69 55.43 -49.57
CA ASP K 94 2.04 55.10 -50.05
C ASP K 94 2.51 53.78 -49.48
N LEU K 95 2.17 53.49 -48.22
CA LEU K 95 2.50 52.20 -47.60
C LEU K 95 1.51 51.11 -47.99
N GLY K 96 0.44 51.45 -48.71
CA GLY K 96 -0.53 50.46 -49.11
C GLY K 96 -1.41 49.95 -47.99
N VAL K 97 -1.66 50.77 -46.99
CA VAL K 97 -2.44 50.34 -45.83
C VAL K 97 -3.93 50.33 -46.20
N ASP K 98 -4.58 49.20 -45.97
CA ASP K 98 -6.00 49.03 -46.28
C ASP K 98 -6.89 49.52 -45.13
N VAL K 99 -6.72 48.94 -43.95
CA VAL K 99 -7.50 49.28 -42.77
C VAL K 99 -6.60 50.01 -41.79
N VAL K 100 -7.13 51.06 -41.17
CA VAL K 100 -6.41 51.84 -40.18
C VAL K 100 -7.12 51.71 -38.84
N VAL K 101 -6.38 51.34 -37.81
CA VAL K 101 -6.90 51.19 -36.45
C VAL K 101 -6.53 52.46 -35.70
N GLU K 102 -7.50 53.36 -35.56
CA GLU K 102 -7.27 54.63 -34.87
C GLU K 102 -7.32 54.39 -33.36
N SER K 103 -6.18 54.58 -32.68
CA SER K 103 -6.10 54.31 -31.25
C SER K 103 -5.35 55.40 -30.48
N THR K 104 -5.25 56.61 -31.04
CA THR K 104 -4.62 57.70 -30.30
C THR K 104 -5.53 58.26 -29.21
N GLY K 105 -6.84 58.28 -29.45
CA GLY K 105 -7.79 58.85 -28.53
C GLY K 105 -8.18 60.28 -28.84
N LEU K 106 -7.42 60.97 -29.69
CA LEU K 106 -7.71 62.34 -30.07
C LEU K 106 -8.44 62.46 -31.40
N PHE K 107 -8.65 61.35 -32.11
CA PHE K 107 -9.33 61.38 -33.40
C PHE K 107 -10.61 60.55 -33.36
N THR K 108 -11.40 60.70 -32.29
CA THR K 108 -12.64 59.95 -32.19
C THR K 108 -13.74 60.52 -33.10
N ASN K 109 -13.63 61.78 -33.49
CA ASN K 109 -14.61 62.37 -34.39
C ASN K 109 -14.37 61.86 -35.81
N ALA K 110 -15.47 61.48 -36.48
CA ALA K 110 -15.37 60.99 -37.86
C ALA K 110 -14.91 62.07 -38.82
N ALA K 111 -15.12 63.35 -38.49
CA ALA K 111 -14.61 64.42 -39.35
C ALA K 111 -13.09 64.40 -39.37
N LYS K 112 -12.46 64.16 -38.21
CA LYS K 112 -11.01 64.02 -38.18
C LYS K 112 -10.56 62.64 -38.67
N ALA K 113 -11.30 61.60 -38.29
CA ALA K 113 -10.94 60.24 -38.70
C ALA K 113 -10.97 60.06 -40.21
N LYS K 114 -11.68 60.93 -40.93
CA LYS K 114 -11.70 60.86 -42.39
C LYS K 114 -10.33 61.15 -43.00
N GLY K 115 -9.40 61.71 -42.23
CA GLY K 115 -8.06 61.96 -42.75
C GLY K 115 -7.34 60.68 -43.14
N HIS K 116 -7.62 59.58 -42.44
CA HIS K 116 -7.05 58.29 -42.83
C HIS K 116 -7.55 57.88 -44.20
N LEU K 117 -8.84 58.04 -44.46
CA LEU K 117 -9.40 57.70 -45.77
C LEU K 117 -8.82 58.57 -46.87
N ASP K 118 -8.61 59.86 -46.57
CA ASP K 118 -8.00 60.75 -47.55
C ASP K 118 -6.54 60.38 -47.80
N ALA K 119 -5.89 59.73 -46.84
CA ALA K 119 -4.49 59.35 -46.96
C ALA K 119 -4.29 58.05 -47.72
N GLY K 120 -5.36 57.38 -48.14
CA GLY K 120 -5.26 56.15 -48.91
C GLY K 120 -5.89 54.93 -48.26
N ALA K 121 -6.44 55.04 -47.05
CA ALA K 121 -7.03 53.88 -46.40
C ALA K 121 -8.46 53.66 -46.89
N LYS K 122 -8.85 52.39 -46.96
CA LYS K 122 -10.20 52.04 -47.39
C LYS K 122 -11.20 52.03 -46.25
N LYS K 123 -10.75 51.71 -45.03
CA LYS K 123 -11.64 51.66 -43.88
C LYS K 123 -10.88 52.09 -42.64
N VAL K 124 -11.61 52.72 -41.72
CA VAL K 124 -11.05 53.20 -40.46
C VAL K 124 -11.86 52.61 -39.33
N ILE K 125 -11.17 52.06 -38.33
CA ILE K 125 -11.81 51.47 -37.16
C ILE K 125 -11.31 52.24 -35.93
N ILE K 126 -12.22 52.95 -35.28
CA ILE K 126 -11.89 53.74 -34.09
C ILE K 126 -12.03 52.84 -32.87
N SER K 127 -10.97 52.73 -32.08
CA SER K 127 -10.97 51.92 -30.86
C SER K 127 -11.67 52.60 -29.69
N ALA K 128 -12.71 53.35 -29.95
CA ALA K 128 -13.44 54.09 -28.92
C ALA K 128 -14.77 54.55 -29.52
N PRO K 129 -15.75 54.87 -28.66
CA PRO K 129 -16.98 55.48 -29.17
C PRO K 129 -16.69 56.75 -29.95
N ALA K 130 -17.26 56.83 -31.15
CA ALA K 130 -16.94 57.88 -32.10
C ALA K 130 -18.06 58.92 -32.18
N THR K 131 -17.79 59.97 -32.95
CA THR K 131 -18.75 61.06 -33.19
C THR K 131 -19.02 61.17 -34.68
N ASP K 132 -20.29 61.20 -35.06
CA ASP K 132 -20.72 61.29 -36.45
C ASP K 132 -20.18 60.13 -37.29
N GLU K 133 -20.00 58.97 -36.67
CA GLU K 133 -19.47 57.81 -37.37
C GLU K 133 -20.52 57.21 -38.30
N ASP K 134 -20.05 56.38 -39.24
CA ASP K 134 -20.97 55.71 -40.15
C ASP K 134 -21.82 54.68 -39.44
N ILE K 135 -21.21 53.89 -38.55
CA ILE K 135 -21.93 52.86 -37.81
C ILE K 135 -21.12 52.50 -36.58
N THR K 136 -21.83 52.23 -35.48
CA THR K 136 -21.23 51.75 -34.24
C THR K 136 -21.54 50.26 -34.12
N ILE K 137 -20.50 49.42 -34.14
CA ILE K 137 -20.65 47.99 -34.24
C ILE K 137 -20.10 47.33 -32.98
N VAL K 138 -20.86 46.39 -32.44
CA VAL K 138 -20.41 45.52 -31.35
C VAL K 138 -20.50 44.10 -31.87
N LEU K 139 -19.35 43.43 -32.01
CA LEU K 139 -19.31 42.09 -32.57
C LEU K 139 -20.16 41.13 -31.72
N GLY K 140 -21.08 40.44 -32.39
CA GLY K 140 -22.02 39.56 -31.73
C GLY K 140 -23.37 40.18 -31.44
N VAL K 141 -23.54 41.47 -31.71
CA VAL K 141 -24.82 42.15 -31.48
C VAL K 141 -25.36 42.66 -32.81
N ASN K 142 -24.65 43.62 -33.41
CA ASN K 142 -25.03 44.20 -34.68
C ASN K 142 -23.88 44.14 -35.69
N ASP K 143 -23.03 43.12 -35.56
CA ASP K 143 -21.93 42.96 -36.51
C ASP K 143 -22.44 42.65 -37.92
N ASP K 144 -23.63 42.06 -38.02
CA ASP K 144 -24.23 41.76 -39.31
C ASP K 144 -24.79 43.00 -40.01
N LYS K 145 -24.98 44.09 -39.27
CA LYS K 145 -25.45 45.35 -39.86
C LYS K 145 -24.38 46.04 -40.70
N TYR K 146 -23.19 45.45 -40.83
CA TYR K 146 -22.13 46.03 -41.63
C TYR K 146 -22.16 45.43 -43.03
N ASP K 147 -22.43 46.27 -44.02
CA ASP K 147 -22.32 45.89 -45.43
C ASP K 147 -21.07 46.56 -46.00
N GLY K 148 -20.97 46.56 -47.33
CA GLY K 148 -19.83 47.17 -47.97
C GLY K 148 -19.88 48.67 -48.11
N SER K 149 -20.90 49.33 -47.56
CA SER K 149 -21.13 50.76 -47.74
C SER K 149 -20.82 51.54 -46.48
N GLN K 150 -19.72 51.23 -45.81
CA GLN K 150 -19.29 51.96 -44.63
C GLN K 150 -17.77 52.12 -44.66
N ASN K 151 -17.31 53.30 -44.29
CA ASN K 151 -15.89 53.62 -44.25
C ASN K 151 -15.40 54.08 -42.89
N ILE K 152 -16.16 54.93 -42.19
CA ILE K 152 -15.77 55.41 -40.87
C ILE K 152 -16.48 54.51 -39.86
N ILE K 153 -15.81 53.41 -39.51
CA ILE K 153 -16.37 52.38 -38.65
C ILE K 153 -15.87 52.60 -37.23
N SER K 154 -16.74 52.35 -36.24
CA SER K 154 -16.40 52.49 -34.83
C SER K 154 -16.82 51.23 -34.09
N ASN K 155 -16.08 50.90 -33.03
CA ASN K 155 -16.26 49.63 -32.33
C ASN K 155 -16.53 49.85 -30.83
N ALA K 156 -17.06 51.01 -30.46
CA ALA K 156 -17.57 51.28 -29.12
C ALA K 156 -16.50 51.14 -28.03
N SER K 157 -16.93 51.14 -26.78
CA SER K 157 -16.04 51.08 -25.62
C SER K 157 -15.94 49.67 -25.07
N CYS K 158 -14.95 49.47 -24.19
CA CYS K 158 -14.78 48.16 -23.54
C CYS K 158 -15.99 47.83 -22.68
N THR K 159 -16.60 48.84 -22.04
CA THR K 159 -17.80 48.61 -21.27
C THR K 159 -18.99 48.28 -22.18
N THR K 160 -19.06 48.93 -23.34
CA THR K 160 -20.15 48.67 -24.28
C THR K 160 -20.09 47.24 -24.81
N ASN K 161 -18.89 46.74 -25.10
CA ASN K 161 -18.75 45.36 -25.57
C ASN K 161 -19.06 44.35 -24.48
N CYS K 162 -19.13 44.76 -23.21
CA CYS K 162 -19.54 43.86 -22.15
C CYS K 162 -21.03 43.97 -21.84
N LEU K 163 -21.57 45.18 -21.84
CA LEU K 163 -22.97 45.38 -21.52
C LEU K 163 -23.89 44.95 -22.67
N ALA K 164 -23.39 44.99 -23.91
CA ALA K 164 -24.23 44.63 -25.05
C ALA K 164 -24.62 43.15 -25.04
N PRO K 165 -23.71 42.20 -24.83
CA PRO K 165 -24.15 40.80 -24.74
C PRO K 165 -25.05 40.52 -23.55
N LEU K 166 -24.80 41.19 -22.41
CA LEU K 166 -25.63 40.95 -21.24
C LEU K 166 -27.03 41.53 -21.43
N ALA K 167 -27.13 42.74 -21.98
CA ALA K 167 -28.43 43.35 -22.20
C ALA K 167 -29.19 42.66 -23.32
N LYS K 168 -28.48 42.09 -24.30
CA LYS K 168 -29.15 41.38 -25.39
C LYS K 168 -29.80 40.10 -24.88
N VAL K 169 -29.09 39.36 -24.03
CA VAL K 169 -29.64 38.11 -23.50
C VAL K 169 -30.81 38.40 -22.56
N LEU K 170 -30.70 39.45 -21.74
CA LEU K 170 -31.78 39.80 -20.83
C LEU K 170 -33.02 40.27 -21.57
N ASP K 171 -32.83 40.99 -22.68
CA ASP K 171 -33.97 41.53 -23.41
C ASP K 171 -34.61 40.48 -24.31
N ASP K 172 -33.80 39.66 -24.98
CA ASP K 172 -34.34 38.64 -25.87
C ASP K 172 -35.03 37.51 -25.11
N GLU K 173 -34.70 37.32 -23.84
CA GLU K 173 -35.27 36.23 -23.04
C GLU K 173 -36.39 36.69 -22.12
N PHE K 174 -36.25 37.86 -21.50
CA PHE K 174 -37.25 38.35 -20.55
C PHE K 174 -37.76 39.75 -20.85
N GLY K 175 -37.08 40.53 -21.68
CA GLY K 175 -37.50 41.89 -21.97
C GLY K 175 -36.98 42.89 -20.97
N ILE K 176 -36.35 43.96 -21.45
CA ILE K 176 -35.75 44.99 -20.60
C ILE K 176 -36.63 46.23 -20.66
N VAL K 177 -37.19 46.61 -19.51
CA VAL K 177 -37.96 47.84 -19.44
C VAL K 177 -37.05 49.03 -19.17
N LYS K 178 -36.12 48.87 -18.23
CA LYS K 178 -35.19 49.92 -17.84
C LYS K 178 -34.09 49.29 -17.01
N GLY K 179 -32.92 49.91 -17.04
CA GLY K 179 -31.77 49.38 -16.32
C GLY K 179 -30.76 50.46 -15.99
N LEU K 180 -30.11 50.30 -14.84
CA LEU K 180 -29.04 51.18 -14.41
C LEU K 180 -27.83 50.33 -14.06
N MET K 181 -26.69 50.64 -14.68
CA MET K 181 -25.50 49.82 -14.53
C MET K 181 -24.36 50.63 -13.91
N THR K 182 -23.41 49.91 -13.32
CA THR K 182 -22.22 50.52 -12.74
C THR K 182 -21.04 49.60 -13.06
N THR K 183 -20.19 50.02 -13.99
CA THR K 183 -19.02 49.23 -14.36
C THR K 183 -17.87 49.58 -13.42
N ILE K 184 -17.35 48.56 -12.74
CA ILE K 184 -16.20 48.72 -11.86
C ILE K 184 -14.96 48.47 -12.70
N HIS K 185 -14.31 49.56 -13.11
CA HIS K 185 -13.32 49.52 -14.18
C HIS K 185 -11.91 49.64 -13.63
N ALA K 186 -10.97 49.07 -14.38
CA ALA K 186 -9.55 49.26 -14.12
C ALA K 186 -9.10 50.62 -14.64
N TYR K 187 -8.11 51.20 -13.97
CA TYR K 187 -7.66 52.53 -14.38
C TYR K 187 -6.93 52.45 -15.72
N THR K 188 -7.05 53.53 -16.49
CA THR K 188 -6.48 53.61 -17.82
C THR K 188 -5.55 54.80 -17.92
N GLN K 189 -4.87 54.91 -19.06
CA GLN K 189 -3.82 55.91 -19.21
C GLN K 189 -4.35 57.34 -19.12
N ASP K 190 -5.62 57.56 -19.47
CA ASP K 190 -6.17 58.90 -19.45
C ASP K 190 -6.32 59.47 -18.03
N GLN K 191 -6.09 58.66 -17.01
CA GLN K 191 -6.11 59.16 -15.64
C GLN K 191 -4.72 59.62 -15.22
N ASN K 192 -4.67 60.36 -14.12
CA ASN K 192 -3.42 60.89 -13.61
C ASN K 192 -2.84 59.98 -12.54
N LEU K 193 -1.51 59.88 -12.52
CA LEU K 193 -0.85 59.08 -11.50
C LEU K 193 -0.87 59.78 -10.14
N GLN K 194 -0.61 61.08 -10.14
CA GLN K 194 -0.74 61.90 -8.94
C GLN K 194 -1.79 62.98 -9.21
N ASP K 195 -2.11 63.75 -8.17
CA ASP K 195 -3.11 64.81 -8.30
C ASP K 195 -2.60 65.89 -9.24
N GLY K 196 -3.20 66.00 -10.41
CA GLY K 196 -2.83 67.00 -11.38
C GLY K 196 -4.03 67.50 -12.16
N PRO K 197 -3.83 68.54 -12.96
CA PRO K 197 -4.95 69.09 -13.74
C PRO K 197 -5.51 68.08 -14.73
N HIS K 198 -6.82 68.16 -14.93
CA HIS K 198 -7.51 67.24 -15.83
C HIS K 198 -8.88 67.82 -16.14
N LYS K 199 -9.38 67.51 -17.34
CA LYS K 199 -10.72 67.93 -17.71
C LYS K 199 -11.78 67.32 -16.81
N ASP K 200 -11.49 66.13 -16.27
CA ASP K 200 -12.38 65.45 -15.33
C ASP K 200 -11.79 65.62 -13.93
N LEU K 201 -12.49 66.36 -13.08
CA LEU K 201 -12.00 66.59 -11.73
C LEU K 201 -12.00 65.31 -10.89
N ARG K 202 -12.79 64.31 -11.27
CA ARG K 202 -12.74 63.03 -10.58
C ARG K 202 -11.48 62.26 -10.97
N ARG K 203 -11.23 62.11 -12.27
CA ARG K 203 -10.03 61.43 -12.74
C ARG K 203 -8.77 62.26 -12.58
N ALA K 204 -8.90 63.50 -12.11
CA ALA K 204 -7.71 64.31 -11.80
C ALA K 204 -6.97 63.80 -10.58
N ARG K 205 -7.64 63.03 -9.71
CA ARG K 205 -7.02 62.50 -8.50
C ARG K 205 -6.13 61.33 -8.84
N ALA K 206 -5.37 60.87 -7.84
CA ALA K 206 -4.48 59.74 -8.02
C ALA K 206 -5.27 58.48 -8.36
N ALA K 207 -4.86 57.79 -9.43
CA ALA K 207 -5.65 56.67 -9.92
C ALA K 207 -5.46 55.42 -9.05
N ALA K 208 -4.23 55.13 -8.64
CA ALA K 208 -3.93 53.93 -7.88
C ALA K 208 -4.16 54.09 -6.38
N LEU K 209 -4.43 55.30 -5.91
CA LEU K 209 -4.58 55.55 -4.49
C LEU K 209 -6.02 55.60 -4.02
N ASN K 210 -6.98 55.64 -4.93
CA ASN K 210 -8.40 55.74 -4.57
C ASN K 210 -9.23 55.25 -5.74
N ILE K 211 -10.55 55.42 -5.63
CA ILE K 211 -11.50 55.06 -6.68
C ILE K 211 -12.13 56.33 -7.21
N VAL K 212 -12.08 56.52 -8.51
CA VAL K 212 -12.55 57.73 -9.17
C VAL K 212 -13.85 57.41 -9.90
N PRO K 213 -14.99 57.95 -9.47
CA PRO K 213 -16.25 57.75 -10.22
C PRO K 213 -16.31 58.69 -11.41
N THR K 214 -16.34 58.12 -12.61
CA THR K 214 -16.43 58.88 -13.84
C THR K 214 -17.68 58.47 -14.62
N SER K 215 -18.00 59.25 -15.64
CA SER K 215 -19.15 58.97 -16.48
C SER K 215 -18.76 58.09 -17.66
N THR K 216 -19.77 57.46 -18.26
CA THR K 216 -19.57 56.62 -19.42
C THR K 216 -20.84 56.60 -20.25
N GLY K 217 -20.66 56.45 -21.57
CA GLY K 217 -21.79 56.42 -22.47
C GLY K 217 -22.08 55.02 -22.98
N ALA K 218 -21.61 54.01 -22.26
CA ALA K 218 -21.81 52.63 -22.71
C ALA K 218 -23.28 52.23 -22.63
N ALA K 219 -23.96 52.63 -21.56
CA ALA K 219 -25.38 52.29 -21.40
C ALA K 219 -26.30 53.31 -22.03
N LYS K 220 -25.92 54.59 -22.04
CA LYS K 220 -26.77 55.61 -22.65
C LYS K 220 -26.82 55.47 -24.16
N ALA K 221 -25.72 55.04 -24.79
CA ALA K 221 -25.65 54.83 -26.23
C ALA K 221 -25.83 53.36 -26.61
N ILE K 222 -26.54 52.59 -25.79
CA ILE K 222 -26.80 51.20 -26.14
C ILE K 222 -27.73 51.09 -27.34
N GLY K 223 -28.46 52.16 -27.67
CA GLY K 223 -29.33 52.15 -28.84
C GLY K 223 -28.57 52.15 -30.15
N LEU K 224 -27.29 52.49 -30.13
CA LEU K 224 -26.49 52.44 -31.35
C LEU K 224 -26.34 51.02 -31.87
N VAL K 225 -26.43 50.03 -30.99
CA VAL K 225 -26.37 48.63 -31.39
C VAL K 225 -27.64 47.87 -31.10
N MET K 226 -28.48 48.33 -30.17
CA MET K 226 -29.77 47.71 -29.86
C MET K 226 -30.81 48.82 -29.82
N PRO K 227 -31.45 49.10 -30.96
CA PRO K 227 -32.40 50.23 -31.00
C PRO K 227 -33.58 50.08 -30.07
N GLN K 228 -34.00 48.84 -29.77
CA GLN K 228 -35.12 48.64 -28.86
C GLN K 228 -34.80 49.04 -27.43
N LEU K 229 -33.52 49.16 -27.09
CA LEU K 229 -33.09 49.58 -25.77
C LEU K 229 -32.58 51.01 -25.73
N LYS K 230 -32.85 51.79 -26.78
CA LYS K 230 -32.37 53.17 -26.84
C LYS K 230 -33.09 54.01 -25.79
N GLY K 231 -32.31 54.63 -24.90
CA GLY K 231 -32.86 55.45 -23.85
C GLY K 231 -33.36 54.70 -22.62
N LYS K 232 -33.35 53.37 -22.66
CA LYS K 232 -33.82 52.56 -21.53
C LYS K 232 -32.70 52.15 -20.59
N LEU K 233 -31.45 52.46 -20.91
CA LEU K 233 -30.31 52.09 -20.09
C LEU K 233 -29.44 53.31 -19.84
N ASP K 234 -28.85 53.36 -18.65
CA ASP K 234 -27.93 54.44 -18.28
C ASP K 234 -27.05 53.94 -17.14
N GLY K 235 -25.90 54.58 -16.99
CA GLY K 235 -24.99 54.18 -15.94
C GLY K 235 -23.73 55.04 -15.93
N TYR K 236 -22.84 54.71 -15.00
CA TYR K 236 -21.59 55.43 -14.82
C TYR K 236 -20.48 54.39 -14.58
N ALA K 237 -19.29 54.89 -14.25
CA ALA K 237 -18.13 54.04 -14.05
C ALA K 237 -17.44 54.40 -12.74
N LEU K 238 -16.71 53.43 -12.19
CA LEU K 238 -15.94 53.62 -10.96
C LEU K 238 -14.58 52.96 -11.16
N ARG K 239 -13.56 53.79 -11.45
CA ARG K 239 -12.22 53.28 -11.69
C ARG K 239 -11.58 52.84 -10.38
N VAL K 240 -11.05 51.62 -10.35
CA VAL K 240 -10.45 51.09 -9.13
C VAL K 240 -8.95 50.89 -9.33
N PRO K 241 -8.15 50.88 -8.26
CA PRO K 241 -6.70 50.63 -8.42
C PRO K 241 -6.40 49.22 -8.93
N ILE K 242 -6.70 48.95 -10.19
CA ILE K 242 -6.40 47.67 -10.83
C ILE K 242 -5.87 47.98 -12.22
N PRO K 243 -4.80 47.30 -12.68
CA PRO K 243 -4.27 47.58 -14.02
C PRO K 243 -5.25 47.22 -15.14
N THR K 244 -5.51 45.93 -15.32
CA THR K 244 -6.42 45.45 -16.34
C THR K 244 -7.49 44.56 -15.70
N GLY K 245 -8.68 44.60 -16.29
CA GLY K 245 -9.78 43.82 -15.77
C GLY K 245 -10.88 44.67 -15.17
N SER K 246 -12.12 44.49 -15.65
CA SER K 246 -13.25 45.26 -15.18
C SER K 246 -14.47 44.35 -15.09
N VAL K 247 -15.53 44.89 -14.50
CA VAL K 247 -16.77 44.13 -14.31
C VAL K 247 -17.93 45.11 -14.37
N THR K 248 -19.04 44.66 -14.97
CA THR K 248 -20.26 45.46 -15.07
C THR K 248 -21.33 44.90 -14.14
N ASP K 249 -22.04 45.80 -13.47
CA ASP K 249 -23.10 45.44 -12.53
C ASP K 249 -24.37 46.14 -12.98
N LEU K 250 -25.21 45.43 -13.74
CA LEU K 250 -26.43 46.01 -14.31
C LEU K 250 -27.63 45.56 -13.50
N THR K 251 -28.32 46.53 -12.89
CA THR K 251 -29.58 46.29 -12.21
C THR K 251 -30.71 46.73 -13.16
N VAL K 252 -31.50 45.77 -13.61
CA VAL K 252 -32.48 45.99 -14.68
C VAL K 252 -33.83 45.46 -14.23
N ASP K 253 -34.89 46.23 -14.51
CA ASP K 253 -36.25 45.75 -14.32
C ASP K 253 -36.69 44.96 -15.54
N LEU K 254 -37.22 43.77 -15.31
CA LEU K 254 -37.61 42.86 -16.38
C LEU K 254 -39.10 42.97 -16.66
N SER K 255 -39.47 42.69 -17.91
CA SER K 255 -40.89 42.72 -18.29
C SER K 255 -41.64 41.55 -17.68
N THR K 256 -41.02 40.38 -17.61
CA THR K 256 -41.61 39.20 -17.00
C THR K 256 -40.78 38.80 -15.78
N ARG K 257 -41.48 38.37 -14.72
CA ARG K 257 -40.81 37.95 -13.50
C ARG K 257 -39.98 36.70 -13.77
N ALA K 258 -38.66 36.81 -13.63
CA ALA K 258 -37.74 35.72 -13.88
C ALA K 258 -36.95 35.41 -12.61
N SER K 259 -36.55 34.14 -12.48
CA SER K 259 -35.78 33.69 -11.34
C SER K 259 -34.28 33.77 -11.63
N VAL K 260 -33.48 33.58 -10.58
CA VAL K 260 -32.03 33.56 -10.75
C VAL K 260 -31.60 32.40 -11.63
N ASP K 261 -32.22 31.23 -11.43
CA ASP K 261 -31.88 30.06 -12.23
C ASP K 261 -32.26 30.26 -13.69
N GLU K 262 -33.38 30.95 -13.94
CA GLU K 262 -33.79 31.21 -15.32
C GLU K 262 -32.82 32.14 -16.03
N ILE K 263 -32.35 33.17 -15.33
CA ILE K 263 -31.40 34.10 -15.93
C ILE K 263 -30.06 33.40 -16.18
N ASN K 264 -29.60 32.61 -15.22
CA ASN K 264 -28.33 31.90 -15.37
C ASN K 264 -28.41 30.83 -16.45
N ALA K 265 -29.57 30.17 -16.59
CA ALA K 265 -29.73 29.18 -17.64
C ALA K 265 -29.76 29.83 -19.02
N ALA K 266 -30.36 31.02 -19.12
CA ALA K 266 -30.39 31.73 -20.39
C ALA K 266 -29.00 32.22 -20.78
N PHE K 267 -28.22 32.69 -19.80
CA PHE K 267 -26.86 33.13 -20.09
C PHE K 267 -25.95 31.96 -20.43
N LYS K 268 -26.18 30.79 -19.82
CA LYS K 268 -25.38 29.62 -20.14
C LYS K 268 -25.71 29.10 -21.53
N ALA K 269 -26.99 29.14 -21.92
CA ALA K 269 -27.37 28.71 -23.25
C ALA K 269 -26.84 29.68 -24.31
N ALA K 270 -26.84 30.97 -24.01
CA ALA K 270 -26.29 31.94 -24.95
C ALA K 270 -24.78 31.81 -25.06
N ALA K 271 -24.10 31.59 -23.93
CA ALA K 271 -22.64 31.46 -23.97
C ALA K 271 -22.22 30.21 -24.74
N GLU K 272 -22.97 29.13 -24.59
CA GLU K 272 -22.68 27.89 -25.29
C GLU K 272 -23.36 27.79 -26.66
N GLY K 273 -24.05 28.84 -27.08
CA GLY K 273 -24.78 28.80 -28.33
C GLY K 273 -24.51 29.97 -29.25
N ARG K 274 -25.45 30.94 -29.27
CA ARG K 274 -25.35 32.07 -30.18
C ARG K 274 -24.19 33.00 -29.86
N LEU K 275 -23.74 33.04 -28.61
CA LEU K 275 -22.65 33.92 -28.19
C LEU K 275 -21.39 33.13 -27.83
N LYS K 276 -21.14 32.03 -28.52
CA LYS K 276 -19.93 31.26 -28.29
C LYS K 276 -18.73 32.03 -28.83
N GLY K 277 -17.80 32.38 -27.94
CA GLY K 277 -16.66 33.19 -28.29
C GLY K 277 -16.76 34.63 -27.87
N ILE K 278 -17.97 35.14 -27.64
CA ILE K 278 -18.18 36.51 -27.18
C ILE K 278 -18.58 36.54 -25.71
N LEU K 279 -19.48 35.65 -25.30
CA LEU K 279 -19.90 35.55 -23.90
C LEU K 279 -19.45 34.22 -23.32
N LYS K 280 -18.91 34.27 -22.11
CA LYS K 280 -18.49 33.09 -21.38
C LYS K 280 -19.29 32.96 -20.09
N TYR K 281 -19.63 31.73 -19.73
CA TYR K 281 -20.42 31.43 -18.54
C TYR K 281 -19.52 30.84 -17.47
N TYR K 282 -19.55 31.42 -16.28
CA TYR K 282 -18.71 30.99 -15.16
C TYR K 282 -19.59 30.60 -13.98
N ASP K 283 -19.41 29.38 -13.49
CA ASP K 283 -20.07 28.90 -12.29
C ASP K 283 -19.12 28.75 -11.11
N ALA K 284 -17.84 29.14 -11.28
CA ALA K 284 -16.78 29.08 -10.29
C ALA K 284 -16.55 30.44 -9.65
N PRO K 285 -16.17 30.48 -8.37
CA PRO K 285 -15.92 31.78 -7.72
C PRO K 285 -14.68 32.46 -8.25
N ILE K 286 -14.83 33.23 -9.32
CA ILE K 286 -13.71 33.85 -9.99
C ILE K 286 -13.53 35.27 -9.49
N VAL K 287 -12.37 35.86 -9.77
CA VAL K 287 -12.05 37.24 -9.44
C VAL K 287 -11.42 37.90 -10.67
N SER K 288 -11.07 39.18 -10.53
CA SER K 288 -10.47 39.89 -11.65
C SER K 288 -9.02 39.50 -11.89
N SER K 289 -8.38 38.79 -10.98
CA SER K 289 -7.08 38.21 -11.29
C SER K 289 -7.22 37.09 -12.31
N ASP K 290 -8.38 36.45 -12.39
CA ASP K 290 -8.67 35.43 -13.37
C ASP K 290 -9.25 36.00 -14.66
N ILE K 291 -9.53 37.31 -14.70
CA ILE K 291 -10.11 37.93 -15.88
C ILE K 291 -9.06 38.53 -16.80
N VAL K 292 -7.83 38.70 -16.32
CA VAL K 292 -6.78 39.34 -17.11
C VAL K 292 -6.43 38.45 -18.30
N THR K 293 -6.21 39.08 -19.46
CA THR K 293 -5.86 38.38 -20.70
C THR K 293 -6.89 37.31 -21.06
N ASP K 294 -8.16 37.70 -21.05
CA ASP K 294 -9.25 36.83 -21.46
C ASP K 294 -9.94 37.48 -22.66
N PRO K 295 -10.03 36.81 -23.81
CA PRO K 295 -10.51 37.47 -25.03
C PRO K 295 -12.02 37.68 -25.11
N HIS K 296 -12.78 37.20 -24.14
CA HIS K 296 -14.23 37.34 -24.21
C HIS K 296 -14.66 38.78 -23.96
N SER K 297 -15.73 39.19 -24.63
CA SER K 297 -16.26 40.54 -24.49
C SER K 297 -17.02 40.72 -23.19
N SER K 298 -17.72 39.68 -22.74
CA SER K 298 -18.51 39.75 -21.51
C SER K 298 -18.53 38.35 -20.90
N ILE K 299 -18.06 38.24 -19.66
CA ILE K 299 -18.01 36.96 -18.96
C ILE K 299 -18.98 37.06 -17.78
N PHE K 300 -20.12 36.40 -17.92
CA PHE K 300 -21.19 36.47 -16.95
C PHE K 300 -20.86 35.64 -15.71
N ASP K 301 -20.94 36.27 -14.54
CA ASP K 301 -20.70 35.61 -13.26
C ASP K 301 -22.06 35.18 -12.71
N SER K 302 -22.35 33.88 -12.80
CA SER K 302 -23.65 33.38 -12.38
C SER K 302 -23.82 33.34 -10.87
N GLY K 303 -22.72 33.36 -10.12
CA GLY K 303 -22.83 33.30 -8.67
C GLY K 303 -23.34 34.58 -8.05
N LEU K 304 -22.99 35.73 -8.63
CA LEU K 304 -23.37 37.04 -8.09
C LEU K 304 -24.71 37.52 -8.62
N THR K 305 -25.60 36.62 -9.03
CA THR K 305 -26.90 36.99 -9.57
C THR K 305 -27.95 36.93 -8.47
N LYS K 306 -28.79 37.98 -8.41
CA LYS K 306 -29.88 38.04 -7.46
C LYS K 306 -31.08 38.71 -8.14
N VAL K 307 -32.28 38.38 -7.67
CA VAL K 307 -33.50 38.89 -8.28
C VAL K 307 -34.55 39.06 -7.20
N ILE K 308 -35.37 40.11 -7.36
CA ILE K 308 -36.55 40.35 -6.53
C ILE K 308 -37.68 40.78 -7.46
N ASP K 309 -38.75 39.98 -7.52
CA ASP K 309 -39.85 40.21 -8.45
C ASP K 309 -39.33 40.36 -9.87
N ASP K 310 -39.45 41.55 -10.43
CA ASP K 310 -39.01 41.81 -11.80
C ASP K 310 -37.69 42.57 -11.87
N GLN K 311 -37.05 42.85 -10.73
CA GLN K 311 -35.78 43.56 -10.70
C GLN K 311 -34.65 42.55 -10.50
N ALA K 312 -33.70 42.53 -11.41
CA ALA K 312 -32.59 41.59 -11.38
C ALA K 312 -31.27 42.32 -11.48
N LYS K 313 -30.26 41.79 -10.79
CA LYS K 313 -28.90 42.31 -10.84
C LYS K 313 -28.00 41.28 -11.52
N VAL K 314 -27.38 41.69 -12.63
CA VAL K 314 -26.53 40.82 -13.42
C VAL K 314 -25.09 41.32 -13.34
N VAL K 315 -24.17 40.42 -13.08
CA VAL K 315 -22.75 40.72 -12.96
C VAL K 315 -22.00 40.02 -14.08
N SER K 316 -21.17 40.78 -14.79
CA SER K 316 -20.42 40.23 -15.92
C SER K 316 -19.02 40.85 -15.96
N TRP K 317 -18.01 40.00 -16.01
CA TRP K 317 -16.62 40.43 -16.09
C TRP K 317 -16.21 40.66 -17.54
N TYR K 318 -15.13 41.41 -17.71
CA TYR K 318 -14.55 41.65 -19.03
C TYR K 318 -13.18 42.30 -18.86
N ASP K 319 -12.21 41.85 -19.66
CA ASP K 319 -10.89 42.47 -19.69
C ASP K 319 -10.95 43.68 -20.62
N ASN K 320 -10.85 44.88 -20.04
CA ASN K 320 -11.01 46.11 -20.80
C ASN K 320 -9.92 46.32 -21.83
N GLU K 321 -8.81 45.60 -21.74
CA GLU K 321 -7.69 45.75 -22.67
C GLU K 321 -7.61 44.61 -23.67
N TRP K 322 -7.47 43.38 -23.17
CA TRP K 322 -7.21 42.24 -24.05
C TRP K 322 -8.48 41.80 -24.78
N GLY K 323 -9.61 41.74 -24.07
CA GLY K 323 -10.84 41.30 -24.71
C GLY K 323 -11.32 42.26 -25.78
N TYR K 324 -11.23 43.56 -25.52
CA TYR K 324 -11.62 44.55 -26.51
C TYR K 324 -10.69 44.54 -27.71
N SER K 325 -9.40 44.26 -27.49
CA SER K 325 -8.44 44.25 -28.60
C SER K 325 -8.65 43.04 -29.50
N ASN K 326 -9.05 41.91 -28.93
CA ASN K 326 -9.38 40.75 -29.76
C ASN K 326 -10.61 41.01 -30.61
N ARG K 327 -11.57 41.78 -30.09
CA ARG K 327 -12.73 42.16 -30.90
C ARG K 327 -12.34 43.11 -32.02
N LEU K 328 -11.33 43.96 -31.78
CA LEU K 328 -10.83 44.81 -32.84
C LEU K 328 -10.12 44.01 -33.93
N VAL K 329 -9.47 42.90 -33.54
CA VAL K 329 -8.86 42.02 -34.54
C VAL K 329 -9.93 41.33 -35.37
N ASP K 330 -11.00 40.86 -34.71
CA ASP K 330 -12.09 40.23 -35.44
C ASP K 330 -12.81 41.21 -36.34
N LEU K 331 -12.96 42.45 -35.89
CA LEU K 331 -13.64 43.46 -36.71
C LEU K 331 -12.76 43.86 -37.89
N VAL K 332 -11.44 43.98 -37.68
CA VAL K 332 -10.55 44.33 -38.79
C VAL K 332 -10.48 43.18 -39.80
N THR K 333 -10.59 41.94 -39.33
CA THR K 333 -10.61 40.81 -40.25
C THR K 333 -11.92 40.74 -41.01
N LEU K 334 -13.03 41.09 -40.34
CA LEU K 334 -14.33 41.10 -41.01
C LEU K 334 -14.40 42.20 -42.06
N VAL K 335 -13.91 43.40 -41.73
CA VAL K 335 -13.94 44.50 -42.69
C VAL K 335 -12.95 44.25 -43.81
N GLY K 336 -11.78 43.68 -43.49
CA GLY K 336 -10.81 43.37 -44.52
C GLY K 336 -11.29 42.32 -45.50
N LYS K 337 -12.20 41.45 -45.07
CA LYS K 337 -12.77 40.45 -45.97
C LYS K 337 -13.71 41.06 -46.98
N SER K 338 -14.22 42.27 -46.73
CA SER K 338 -15.13 42.92 -47.65
C SER K 338 -14.40 43.70 -48.75
N LEU K 339 -13.08 43.79 -48.68
CA LEU K 339 -12.31 44.52 -49.69
C LEU K 339 -11.64 43.55 -50.67
N THR L 2 9.95 6.69 -12.36
CA THR L 2 9.39 8.00 -12.05
C THR L 2 9.39 8.26 -10.55
N VAL L 3 10.09 9.32 -10.14
CA VAL L 3 10.19 9.66 -8.72
C VAL L 3 8.88 10.31 -8.29
N ARG L 4 8.26 9.74 -7.25
CA ARG L 4 7.03 10.28 -6.71
C ARG L 4 7.35 11.39 -5.70
N VAL L 5 6.66 12.51 -5.83
CA VAL L 5 6.90 13.68 -4.99
C VAL L 5 5.64 13.98 -4.20
N GLY L 6 5.82 14.29 -2.91
CA GLY L 6 4.71 14.66 -2.06
C GLY L 6 4.93 16.01 -1.39
N ILE L 7 4.00 16.93 -1.58
CA ILE L 7 4.12 18.29 -1.08
C ILE L 7 3.46 18.39 0.28
N ASN L 8 4.17 18.99 1.24
CA ASN L 8 3.62 19.31 2.56
C ASN L 8 3.52 20.82 2.63
N GLY L 9 2.30 21.35 2.47
CA GLY L 9 2.09 22.77 2.41
C GLY L 9 1.87 23.27 1.00
N PHE L 10 0.66 23.07 0.49
CA PHE L 10 0.30 23.46 -0.87
C PHE L 10 -0.04 24.94 -0.99
N GLY L 11 0.74 25.81 -0.35
CA GLY L 11 0.49 27.24 -0.40
C GLY L 11 1.07 27.91 -1.62
N ARG L 12 1.63 29.11 -1.46
CA ARG L 12 2.19 29.83 -2.60
C ARG L 12 3.38 29.08 -3.19
N ILE L 13 4.30 28.64 -2.34
CA ILE L 13 5.48 27.91 -2.83
C ILE L 13 5.08 26.52 -3.31
N GLY L 14 4.18 25.86 -2.59
CA GLY L 14 3.76 24.52 -2.98
C GLY L 14 3.09 24.48 -4.35
N ARG L 15 2.20 25.43 -4.61
CA ARG L 15 1.57 25.50 -5.92
C ARG L 15 2.54 25.98 -6.99
N ASN L 16 3.40 26.95 -6.64
CA ASN L 16 4.42 27.39 -7.59
C ASN L 16 5.38 26.27 -7.94
N PHE L 17 5.67 25.37 -6.99
CA PHE L 17 6.48 24.20 -7.30
C PHE L 17 5.75 23.26 -8.25
N TYR L 18 4.44 23.09 -8.06
CA TYR L 18 3.68 22.21 -8.93
C TYR L 18 3.53 22.80 -10.33
N ARG L 19 3.27 24.10 -10.43
CA ARG L 19 3.14 24.72 -11.74
C ARG L 19 4.48 24.77 -12.47
N ALA L 20 5.57 25.02 -11.75
CA ALA L 20 6.89 25.00 -12.37
C ALA L 20 7.26 23.61 -12.84
N LEU L 21 6.92 22.58 -12.05
CA LEU L 21 7.18 21.21 -12.46
C LEU L 21 6.36 20.83 -13.68
N LEU L 22 5.11 21.29 -13.74
CA LEU L 22 4.27 20.99 -14.91
C LEU L 22 4.78 21.69 -16.16
N ALA L 23 5.18 22.97 -16.03
CA ALA L 23 5.76 23.67 -17.16
C ALA L 23 7.11 23.09 -17.56
N GLN L 24 7.88 22.61 -16.58
CA GLN L 24 9.17 22.00 -16.89
C GLN L 24 9.00 20.64 -17.53
N GLN L 25 7.91 19.93 -17.21
CA GLN L 25 7.62 18.67 -17.90
C GLN L 25 7.24 18.92 -19.36
N GLU L 26 6.44 19.97 -19.62
CA GLU L 26 6.09 20.29 -20.99
C GLU L 26 7.30 20.71 -21.81
N GLN L 27 8.30 21.32 -21.16
CA GLN L 27 9.53 21.67 -21.85
C GLN L 27 10.44 20.47 -22.08
N GLY L 28 10.23 19.38 -21.35
CA GLY L 28 10.99 18.16 -21.51
C GLY L 28 12.11 17.97 -20.52
N THR L 29 12.52 19.02 -19.82
CA THR L 29 13.63 18.95 -18.86
C THR L 29 13.16 18.68 -17.44
N ALA L 30 12.17 17.81 -17.27
CA ALA L 30 11.71 17.39 -15.95
C ALA L 30 11.12 16.00 -16.06
N ASP L 31 11.26 15.22 -14.99
CA ASP L 31 10.81 13.83 -14.98
C ASP L 31 10.00 13.44 -13.74
N VAL L 32 10.16 14.13 -12.62
CA VAL L 32 9.41 13.78 -11.41
C VAL L 32 7.95 14.13 -11.59
N GLU L 33 7.09 13.46 -10.82
CA GLU L 33 5.66 13.70 -10.84
C GLU L 33 5.13 13.74 -9.42
N VAL L 34 4.31 14.74 -9.13
CA VAL L 34 3.72 14.91 -7.80
C VAL L 34 2.44 14.10 -7.72
N VAL L 35 2.34 13.28 -6.67
CA VAL L 35 1.19 12.40 -6.50
C VAL L 35 0.38 12.71 -5.25
N ALA L 36 0.88 13.53 -4.34
CA ALA L 36 0.16 13.82 -3.10
C ALA L 36 0.52 15.21 -2.61
N ALA L 37 -0.42 15.82 -1.87
CA ALA L 37 -0.23 17.15 -1.30
C ALA L 37 -1.02 17.26 -0.01
N ASN L 38 -0.47 18.02 0.95
CA ASN L 38 -1.03 18.18 2.28
C ASN L 38 -1.05 19.66 2.64
N ASP L 39 -2.17 20.14 3.19
CA ASP L 39 -2.30 21.58 3.39
C ASP L 39 -3.35 22.03 4.41
N ILE L 40 -3.95 21.09 5.15
CA ILE L 40 -4.89 21.44 6.22
C ILE L 40 -6.05 22.26 5.67
N THR L 41 -6.57 21.86 4.52
CA THR L 41 -7.79 22.43 3.94
C THR L 41 -8.30 21.43 2.91
N ASP L 42 -9.61 21.44 2.68
CA ASP L 42 -10.22 20.39 1.86
C ASP L 42 -9.69 20.44 0.42
N ASN L 43 -9.97 19.37 -0.32
CA ASN L 43 -9.51 19.29 -1.70
C ASN L 43 -10.22 20.27 -2.62
N SER L 44 -11.38 20.79 -2.22
CA SER L 44 -12.06 21.77 -3.03
C SER L 44 -11.33 23.11 -3.02
N THR L 45 -10.86 23.55 -1.85
CA THR L 45 -10.14 24.81 -1.76
C THR L 45 -8.76 24.70 -2.39
N LEU L 46 -8.10 23.54 -2.25
CA LEU L 46 -6.81 23.35 -2.89
C LEU L 46 -6.94 23.33 -4.41
N ALA L 47 -7.97 22.68 -4.93
CA ALA L 47 -8.16 22.63 -6.38
C ALA L 47 -8.48 24.01 -6.94
N HIS L 48 -9.27 24.80 -6.21
CA HIS L 48 -9.60 26.14 -6.68
C HIS L 48 -8.39 27.07 -6.65
N LEU L 49 -7.59 27.00 -5.58
CA LEU L 49 -6.38 27.80 -5.50
C LEU L 49 -5.33 27.36 -6.50
N LEU L 50 -5.36 26.10 -6.93
CA LEU L 50 -4.41 25.63 -7.93
C LEU L 50 -4.81 26.06 -9.34
N LYS L 51 -6.12 26.02 -9.64
CA LYS L 51 -6.57 26.38 -10.97
C LYS L 51 -6.50 27.88 -11.21
N PHE L 52 -6.90 28.68 -10.22
CA PHE L 52 -6.92 30.13 -10.33
C PHE L 52 -5.84 30.72 -9.44
N ASP L 53 -4.93 31.48 -10.06
CA ASP L 53 -3.83 32.10 -9.33
C ASP L 53 -3.81 33.59 -9.66
N SER L 54 -3.64 34.42 -8.63
CA SER L 54 -3.64 35.87 -8.83
C SER L 54 -2.37 36.34 -9.53
N ILE L 55 -1.28 35.60 -9.38
CA ILE L 55 0.01 35.97 -9.97
C ILE L 55 0.28 35.18 -11.25
N LEU L 56 0.18 33.86 -11.18
CA LEU L 56 0.48 32.99 -12.32
C LEU L 56 -0.70 32.84 -13.28
N GLY L 57 -1.82 33.50 -13.02
CA GLY L 57 -2.95 33.40 -13.92
C GLY L 57 -3.67 32.06 -13.81
N ARG L 58 -4.39 31.73 -14.87
CA ARG L 58 -5.17 30.50 -14.91
C ARG L 58 -4.29 29.32 -15.32
N LEU L 59 -4.67 28.15 -14.83
CA LEU L 59 -3.95 26.93 -15.20
C LEU L 59 -4.45 26.43 -16.55
N PRO L 60 -3.55 26.11 -17.49
CA PRO L 60 -4.02 25.61 -18.79
C PRO L 60 -4.74 24.27 -18.70
N CYS L 61 -4.37 23.42 -17.74
CA CYS L 61 -5.00 22.13 -17.58
C CYS L 61 -6.32 22.26 -16.83
N ASP L 62 -7.24 21.35 -17.13
CA ASP L 62 -8.51 21.30 -16.42
C ASP L 62 -8.34 20.60 -15.07
N VAL L 63 -9.10 21.05 -14.08
CA VAL L 63 -8.99 20.54 -12.72
C VAL L 63 -10.33 19.93 -12.32
N GLY L 64 -10.29 18.68 -11.85
CA GLY L 64 -11.47 17.99 -11.39
C GLY L 64 -11.27 17.41 -10.00
N LEU L 65 -12.34 16.81 -9.49
CA LEU L 65 -12.35 16.23 -8.15
C LEU L 65 -12.94 14.84 -8.18
N GLU L 66 -12.76 14.12 -7.08
CA GLU L 66 -13.32 12.80 -6.85
C GLU L 66 -13.96 12.66 -5.47
N GLY L 67 -13.35 13.23 -4.44
CA GLY L 67 -13.85 13.12 -3.09
C GLY L 67 -12.74 13.14 -2.07
N ASP L 68 -11.55 12.69 -2.49
CA ASP L 68 -10.37 12.72 -1.63
C ASP L 68 -9.13 12.96 -2.46
N ASP L 69 -9.28 12.97 -3.78
CA ASP L 69 -8.18 13.21 -4.70
C ASP L 69 -8.59 14.24 -5.73
N THR L 70 -7.64 15.11 -6.08
CA THR L 70 -7.85 16.13 -7.11
C THR L 70 -7.19 15.68 -8.40
N ILE L 71 -7.93 15.78 -9.50
CA ILE L 71 -7.45 15.37 -10.81
C ILE L 71 -7.11 16.61 -11.62
N VAL L 72 -5.85 16.75 -12.00
CA VAL L 72 -5.45 17.77 -12.96
C VAL L 72 -5.92 17.33 -14.34
N VAL L 73 -5.02 17.30 -15.31
CA VAL L 73 -5.34 16.85 -16.65
C VAL L 73 -4.92 15.40 -16.75
N GLY L 74 -5.88 14.48 -16.69
CA GLY L 74 -5.61 13.06 -16.79
C GLY L 74 -4.93 12.46 -15.57
N ARG L 75 -4.05 13.24 -14.93
CA ARG L 75 -3.33 12.80 -13.74
C ARG L 75 -4.15 13.09 -12.49
N ALA L 76 -3.98 12.24 -11.49
CA ALA L 76 -4.67 12.36 -10.21
C ALA L 76 -3.65 12.52 -9.09
N LYS L 77 -3.90 13.48 -8.21
CA LYS L 77 -3.04 13.75 -7.07
C LYS L 77 -3.83 13.52 -5.79
N ILE L 78 -3.33 12.64 -4.93
CA ILE L 78 -4.01 12.31 -3.68
C ILE L 78 -3.98 13.55 -2.78
N LYS L 79 -5.14 14.14 -2.55
CA LYS L 79 -5.24 15.34 -1.71
C LYS L 79 -5.25 14.95 -0.23
N ALA L 80 -4.14 14.32 0.19
CA ALA L 80 -3.98 13.92 1.57
C ALA L 80 -3.81 15.15 2.46
N LEU L 81 -4.90 15.89 2.68
CA LEU L 81 -4.86 17.15 3.39
C LEU L 81 -5.40 17.07 4.81
N ALA L 82 -6.15 16.03 5.15
CA ALA L 82 -6.70 15.89 6.50
C ALA L 82 -5.62 15.70 7.55
N VAL L 83 -4.39 15.39 7.15
CA VAL L 83 -3.28 15.20 8.09
C VAL L 83 -2.89 16.55 8.69
N ARG L 84 -3.59 16.97 9.74
CA ARG L 84 -3.30 18.22 10.42
C ARG L 84 -2.29 18.06 11.55
N GLU L 85 -1.84 16.84 11.81
CA GLU L 85 -0.87 16.59 12.87
C GLU L 85 0.55 16.88 12.40
N GLY L 86 1.54 16.24 13.02
CA GLY L 86 2.92 16.45 12.66
C GLY L 86 3.25 15.82 11.33
N PRO L 87 4.46 16.09 10.83
CA PRO L 87 4.87 15.53 9.53
C PRO L 87 5.05 14.01 9.56
N ALA L 88 5.22 13.41 10.74
CA ALA L 88 5.35 11.96 10.81
C ALA L 88 4.02 11.24 10.63
N ALA L 89 2.90 11.96 10.70
CA ALA L 89 1.58 11.35 10.55
C ALA L 89 1.18 11.17 9.09
N LEU L 90 1.87 11.81 8.15
CA LEU L 90 1.52 11.67 6.75
C LEU L 90 1.95 10.29 6.24
N PRO L 91 1.13 9.65 5.41
CA PRO L 91 1.48 8.31 4.89
C PRO L 91 2.29 8.37 3.60
N TRP L 92 3.57 8.75 3.73
CA TRP L 92 4.44 8.80 2.55
C TRP L 92 4.80 7.40 2.07
N GLY L 93 5.09 6.49 3.00
CA GLY L 93 5.39 5.12 2.60
C GLY L 93 4.19 4.42 2.00
N ASP L 94 3.00 4.69 2.54
CA ASP L 94 1.78 4.11 1.98
C ASP L 94 1.48 4.68 0.60
N LEU L 95 1.70 5.98 0.42
CA LEU L 95 1.50 6.62 -0.88
C LEU L 95 2.69 6.43 -1.81
N GLY L 96 3.78 5.84 -1.34
CA GLY L 96 4.94 5.62 -2.17
C GLY L 96 5.66 6.88 -2.61
N VAL L 97 5.73 7.88 -1.75
CA VAL L 97 6.39 9.14 -2.07
C VAL L 97 7.89 8.99 -1.86
N ASP L 98 8.68 9.40 -2.85
CA ASP L 98 10.13 9.32 -2.77
C ASP L 98 10.71 10.57 -2.09
N VAL L 99 10.50 11.73 -2.69
CA VAL L 99 10.98 13.01 -2.16
C VAL L 99 9.79 13.80 -1.66
N VAL L 100 9.95 14.43 -0.49
CA VAL L 100 8.92 15.25 0.13
C VAL L 100 9.40 16.69 0.16
N VAL L 101 8.60 17.59 -0.39
CA VAL L 101 8.91 19.01 -0.42
C VAL L 101 8.20 19.65 0.77
N GLU L 102 8.96 19.97 1.81
CA GLU L 102 8.41 20.63 2.99
C GLU L 102 8.27 22.12 2.69
N SER L 103 7.02 22.59 2.65
CA SER L 103 6.78 23.99 2.29
C SER L 103 5.73 24.65 3.18
N THR L 104 5.49 24.13 4.38
CA THR L 104 4.56 24.77 5.29
C THR L 104 5.17 26.00 5.96
N GLY L 105 6.49 26.00 6.18
CA GLY L 105 7.16 27.06 6.88
C GLY L 105 7.30 26.85 8.37
N LEU L 106 6.58 25.88 8.94
CA LEU L 106 6.67 25.59 10.36
C LEU L 106 7.59 24.41 10.68
N PHE L 107 8.01 23.66 9.67
CA PHE L 107 8.88 22.51 9.90
C PHE L 107 10.26 22.73 9.28
N THR L 108 10.85 23.89 9.53
CA THR L 108 12.18 24.18 9.00
C THR L 108 13.28 23.47 9.78
N ASN L 109 13.02 23.05 11.02
CA ASN L 109 14.00 22.33 11.80
C ASN L 109 14.08 20.88 11.33
N ALA L 110 15.30 20.37 11.13
CA ALA L 110 15.48 19.00 10.69
C ALA L 110 15.01 17.99 11.75
N ALA L 111 14.98 18.38 13.02
CA ALA L 111 14.48 17.49 14.05
C ALA L 111 12.99 17.21 13.85
N LYS L 112 12.23 18.23 13.45
CA LYS L 112 10.81 18.03 13.15
C LYS L 112 10.62 17.53 11.73
N ALA L 113 11.45 17.99 10.79
CA ALA L 113 11.32 17.58 9.40
C ALA L 113 11.70 16.12 9.18
N LYS L 114 12.38 15.50 10.15
CA LYS L 114 12.72 14.08 10.05
C LYS L 114 11.49 13.19 10.12
N GLY L 115 10.34 13.71 10.55
CA GLY L 115 9.13 12.91 10.59
C GLY L 115 8.72 12.41 9.22
N HIS L 116 9.05 13.15 8.16
CA HIS L 116 8.78 12.68 6.81
C HIS L 116 9.56 11.41 6.52
N LEU L 117 10.85 11.39 6.86
CA LEU L 117 11.68 10.21 6.64
C LEU L 117 11.18 9.04 7.49
N ASP L 118 10.77 9.30 8.73
CA ASP L 118 10.22 8.25 9.57
C ASP L 118 8.89 7.74 9.04
N ALA L 119 8.14 8.59 8.32
CA ALA L 119 6.84 8.20 7.80
C ALA L 119 6.93 7.39 6.52
N GLY L 120 8.10 7.34 5.88
CA GLY L 120 8.25 6.53 4.69
C GLY L 120 8.90 7.26 3.53
N ALA L 121 9.29 8.51 3.74
CA ALA L 121 9.93 9.29 2.69
C ALA L 121 11.41 8.97 2.59
N LYS L 122 11.94 9.02 1.37
CA LYS L 122 13.35 8.73 1.15
C LYS L 122 14.21 9.97 1.37
N LYS L 123 13.78 11.10 0.82
CA LYS L 123 14.51 12.36 0.95
C LYS L 123 13.54 13.50 1.21
N VAL L 124 14.02 14.52 1.90
CA VAL L 124 13.22 15.69 2.25
C VAL L 124 13.94 16.94 1.79
N ILE L 125 13.22 17.83 1.12
CA ILE L 125 13.74 19.10 0.66
C ILE L 125 12.93 20.21 1.30
N ILE L 126 13.59 21.04 2.11
CA ILE L 126 12.93 22.14 2.80
C ILE L 126 13.02 23.39 1.94
N SER L 127 11.87 24.01 1.68
CA SER L 127 11.80 25.20 0.82
C SER L 127 12.10 26.49 1.59
N ALA L 128 13.06 26.46 2.51
CA ALA L 128 13.39 27.61 3.34
C ALA L 128 14.72 27.34 4.02
N PRO L 129 15.37 28.37 4.55
CA PRO L 129 16.56 28.14 5.39
C PRO L 129 16.21 27.26 6.59
N ALA L 130 16.94 26.15 6.72
CA ALA L 130 16.69 25.14 7.73
C ALA L 130 17.74 25.21 8.82
N THR L 131 17.48 24.45 9.89
CA THR L 131 18.40 24.30 11.00
C THR L 131 18.69 22.82 11.21
N ASP L 132 19.95 22.49 11.51
CA ASP L 132 20.42 21.12 11.69
C ASP L 132 20.19 20.26 10.45
N GLU L 133 20.10 20.88 9.28
CA GLU L 133 19.88 20.13 8.06
C GLU L 133 21.15 19.38 7.65
N ASP L 134 20.98 18.41 6.76
CA ASP L 134 22.12 17.64 6.29
C ASP L 134 23.01 18.46 5.36
N ILE L 135 22.39 19.26 4.48
CA ILE L 135 23.14 20.09 3.54
C ILE L 135 22.22 21.20 3.07
N THR L 136 22.80 22.38 2.86
CA THR L 136 22.10 23.52 2.27
C THR L 136 22.67 23.73 0.87
N ILE L 137 21.83 23.56 -0.14
CA ILE L 137 22.25 23.54 -1.54
C ILE L 137 21.68 24.75 -2.26
N VAL L 138 22.55 25.50 -2.93
CA VAL L 138 22.15 26.54 -3.87
C VAL L 138 22.64 26.10 -5.24
N LEU L 139 21.70 25.80 -6.14
CA LEU L 139 22.05 25.26 -7.44
C LEU L 139 22.90 26.26 -8.22
N GLY L 140 24.03 25.78 -8.74
CA GLY L 140 24.99 26.62 -9.42
C GLY L 140 26.13 27.11 -8.55
N VAL L 141 26.07 26.84 -7.24
CA VAL L 141 27.11 27.29 -6.32
C VAL L 141 27.76 26.08 -5.65
N ASN L 142 26.99 25.36 -4.84
CA ASN L 142 27.48 24.20 -4.11
C ASN L 142 26.63 22.97 -4.38
N ASP L 143 25.99 22.92 -5.55
CA ASP L 143 25.18 21.76 -5.90
C ASP L 143 26.02 20.50 -6.07
N ASP L 144 27.31 20.66 -6.41
CA ASP L 144 28.18 19.51 -6.58
C ASP L 144 28.55 18.85 -5.26
N LYS L 145 28.41 19.55 -4.15
CA LYS L 145 28.77 19.02 -2.83
C LYS L 145 27.74 18.04 -2.29
N TYR L 146 26.76 17.62 -3.10
CA TYR L 146 25.74 16.68 -2.67
C TYR L 146 26.05 15.30 -3.23
N ASP L 147 26.32 14.36 -2.34
CA ASP L 147 26.44 12.96 -2.70
C ASP L 147 25.18 12.22 -2.25
N GLY L 148 25.25 10.90 -2.18
CA GLY L 148 24.11 10.14 -1.72
C GLY L 148 23.91 10.07 -0.23
N SER L 149 24.77 10.74 0.55
CA SER L 149 24.76 10.66 2.00
C SER L 149 24.10 11.86 2.66
N GLN L 150 22.99 12.34 2.10
CA GLN L 150 22.24 13.45 2.69
C GLN L 150 20.76 13.20 2.51
N ASN L 151 19.98 13.41 3.57
CA ASN L 151 18.54 13.21 3.54
C ASN L 151 17.76 14.48 3.87
N ILE L 152 18.20 15.26 4.85
CA ILE L 152 17.51 16.50 5.22
C ILE L 152 18.19 17.61 4.43
N ILE L 153 17.67 17.88 3.23
CA ILE L 153 18.26 18.84 2.31
C ILE L 153 17.48 20.15 2.38
N SER L 154 18.22 21.26 2.37
CA SER L 154 17.63 22.59 2.41
C SER L 154 18.04 23.37 1.18
N ASN L 155 17.10 24.13 0.61
CA ASN L 155 17.36 24.95 -0.56
C ASN L 155 17.60 26.41 -0.20
N ALA L 156 17.69 26.73 1.10
CA ALA L 156 17.90 28.09 1.59
C ALA L 156 16.78 29.02 1.14
N SER L 157 16.98 30.32 1.32
CA SER L 157 15.94 31.29 0.99
C SER L 157 16.00 31.68 -0.49
N CYS L 158 14.92 32.29 -0.96
CA CYS L 158 14.89 32.79 -2.33
C CYS L 158 15.94 33.87 -2.54
N THR L 159 16.13 34.74 -1.56
CA THR L 159 17.17 35.77 -1.65
C THR L 159 18.55 35.15 -1.69
N THR L 160 18.76 34.04 -0.95
CA THR L 160 20.05 33.37 -0.98
C THR L 160 20.36 32.81 -2.36
N ASN L 161 19.34 32.24 -3.02
CA ASN L 161 19.54 31.70 -4.37
C ASN L 161 19.83 32.79 -5.39
N CYS L 162 19.59 34.05 -5.05
CA CYS L 162 19.94 35.17 -5.92
C CYS L 162 21.27 35.81 -5.55
N LEU L 163 21.57 35.93 -4.25
CA LEU L 163 22.82 36.55 -3.83
C LEU L 163 24.01 35.63 -4.09
N ALA L 164 23.83 34.33 -3.91
CA ALA L 164 24.95 33.40 -4.05
C ALA L 164 25.58 33.42 -5.44
N PRO L 165 24.82 33.40 -6.55
CA PRO L 165 25.48 33.50 -7.85
C PRO L 165 26.17 34.84 -8.07
N LEU L 166 25.57 35.94 -7.59
CA LEU L 166 26.18 37.25 -7.74
C LEU L 166 27.45 37.36 -6.91
N ALA L 167 27.41 36.87 -5.67
CA ALA L 167 28.60 36.94 -4.82
C ALA L 167 29.67 35.96 -5.28
N LYS L 168 29.28 34.85 -5.91
CA LYS L 168 30.26 33.88 -6.39
C LYS L 168 31.05 34.42 -7.56
N VAL L 169 30.37 35.06 -8.51
CA VAL L 169 31.06 35.62 -9.68
C VAL L 169 31.97 36.77 -9.26
N LEU L 170 31.51 37.61 -8.32
CA LEU L 170 32.32 38.73 -7.86
C LEU L 170 33.54 38.27 -7.07
N ASP L 171 33.41 37.18 -6.33
CA ASP L 171 34.54 36.67 -5.55
C ASP L 171 35.52 35.89 -6.42
N ASP L 172 35.01 35.06 -7.34
CA ASP L 172 35.88 34.25 -8.18
C ASP L 172 36.62 35.06 -9.23
N GLU L 173 36.09 36.22 -9.61
CA GLU L 173 36.69 37.03 -10.66
C GLU L 173 37.51 38.19 -10.12
N PHE L 174 37.05 38.84 -9.05
CA PHE L 174 37.72 40.01 -8.51
C PHE L 174 38.11 39.88 -7.04
N GLY L 175 37.50 38.96 -6.29
CA GLY L 175 37.78 38.83 -4.88
C GLY L 175 36.90 39.73 -4.04
N ILE L 176 36.27 39.18 -3.01
CA ILE L 176 35.36 39.91 -2.15
C ILE L 176 36.00 40.04 -0.78
N VAL L 177 36.23 41.28 -0.35
CA VAL L 177 36.69 41.53 1.01
C VAL L 177 35.50 41.51 1.97
N LYS L 178 34.49 42.31 1.68
CA LYS L 178 33.29 42.42 2.50
C LYS L 178 32.23 43.17 1.71
N GLY L 179 30.97 42.92 2.05
CA GLY L 179 29.87 43.56 1.35
C GLY L 179 28.60 43.57 2.18
N LEU L 180 27.74 44.53 1.87
CA LEU L 180 26.48 44.70 2.57
C LEU L 180 25.32 44.69 1.57
N MET L 181 24.23 44.01 1.94
CA MET L 181 23.13 43.74 1.04
C MET L 181 21.89 44.53 1.45
N THR L 182 21.05 44.84 0.47
CA THR L 182 19.67 45.27 0.71
C THR L 182 18.81 44.64 -0.38
N THR L 183 18.01 43.64 0.00
CA THR L 183 17.13 42.96 -0.94
C THR L 183 15.74 43.59 -0.88
N ILE L 184 15.33 44.21 -1.98
CA ILE L 184 14.03 44.85 -2.09
C ILE L 184 13.02 43.76 -2.46
N HIS L 185 12.27 43.29 -1.47
CA HIS L 185 11.47 42.08 -1.60
C HIS L 185 10.00 42.39 -1.81
N ALA L 186 9.31 41.47 -2.46
CA ALA L 186 7.86 41.52 -2.57
C ALA L 186 7.23 41.04 -1.28
N TYR L 187 6.00 41.50 -1.03
CA TYR L 187 5.34 41.12 0.21
C TYR L 187 4.94 39.65 0.17
N THR L 188 4.91 39.02 1.35
CA THR L 188 4.59 37.61 1.48
C THR L 188 3.46 37.43 2.48
N GLN L 189 2.98 36.19 2.59
CA GLN L 189 1.79 35.92 3.38
C GLN L 189 2.01 36.18 4.87
N ASP L 190 3.25 36.06 5.36
CA ASP L 190 3.51 36.26 6.77
C ASP L 190 3.31 37.71 7.21
N GLN L 191 3.06 38.62 6.28
CA GLN L 191 2.76 40.01 6.62
C GLN L 191 1.26 40.20 6.81
N ASN L 192 0.90 41.29 7.47
CA ASN L 192 -0.50 41.61 7.74
C ASN L 192 -1.08 42.48 6.64
N LEU L 193 -2.31 42.18 6.26
CA LEU L 193 -2.99 42.98 5.24
C LEU L 193 -3.34 44.37 5.76
N GLN L 194 -3.79 44.45 7.02
CA GLN L 194 -4.04 45.70 7.71
C GLN L 194 -3.16 45.77 8.95
N ASP L 195 -3.21 46.91 9.64
CA ASP L 195 -2.40 47.10 10.84
C ASP L 195 -2.90 46.18 11.94
N GLY L 196 -2.13 45.12 12.23
CA GLY L 196 -2.49 44.17 13.26
C GLY L 196 -1.28 43.66 14.00
N PRO L 197 -1.52 42.92 15.09
CA PRO L 197 -0.41 42.38 15.87
C PRO L 197 0.42 41.40 15.06
N HIS L 198 1.72 41.34 15.37
CA HIS L 198 2.67 40.52 14.64
C HIS L 198 3.95 40.42 15.46
N LYS L 199 4.66 39.30 15.30
CA LYS L 199 5.96 39.15 15.95
C LYS L 199 6.94 40.21 15.49
N ASP L 200 6.80 40.70 14.27
CA ASP L 200 7.63 41.76 13.72
C ASP L 200 6.78 43.03 13.66
N LEU L 201 7.10 44.00 14.51
CA LEU L 201 6.35 45.25 14.52
C LEU L 201 6.47 46.01 13.21
N ARG L 202 7.55 45.78 12.45
CA ARG L 202 7.65 46.36 11.12
C ARG L 202 6.66 45.72 10.16
N ARG L 203 6.65 44.39 10.10
CA ARG L 203 5.68 43.66 9.29
C ARG L 203 4.29 43.64 9.90
N ALA L 204 4.13 44.19 11.11
CA ALA L 204 2.80 44.32 11.70
C ALA L 204 1.95 45.35 10.98
N ARG L 205 2.57 46.28 10.27
CA ARG L 205 1.87 47.33 9.57
C ARG L 205 1.24 46.78 8.29
N ALA L 206 0.47 47.63 7.60
CA ALA L 206 -0.16 47.21 6.35
C ALA L 206 0.91 46.89 5.30
N ALA L 207 0.82 45.69 4.73
CA ALA L 207 1.85 45.24 3.79
C ALA L 207 1.78 46.01 2.47
N ALA L 208 0.58 46.19 1.93
CA ALA L 208 0.40 46.81 0.62
C ALA L 208 0.33 48.32 0.67
N LEU L 209 0.27 48.92 1.86
CA LEU L 209 0.12 50.36 1.99
C LEU L 209 1.44 51.09 2.22
N ASN L 210 2.52 50.36 2.51
CA ASN L 210 3.81 50.99 2.78
C ASN L 210 4.90 49.92 2.63
N ILE L 211 6.15 50.34 2.82
CA ILE L 211 7.30 49.44 2.77
C ILE L 211 7.72 49.12 4.20
N VAL L 212 7.93 47.83 4.47
CA VAL L 212 8.27 47.33 5.79
C VAL L 212 9.70 46.82 5.76
N PRO L 213 10.63 47.44 6.50
CA PRO L 213 11.99 46.88 6.59
C PRO L 213 12.04 45.71 7.55
N THR L 214 12.46 44.56 7.03
CA THR L 214 12.58 43.33 7.82
C THR L 214 13.97 42.76 7.67
N SER L 215 14.29 41.79 8.52
CA SER L 215 15.60 41.17 8.52
C SER L 215 15.65 39.96 7.59
N THR L 216 16.87 39.58 7.22
CA THR L 216 17.07 38.43 6.35
C THR L 216 18.42 37.80 6.68
N GLY L 217 18.49 36.47 6.50
CA GLY L 217 19.72 35.76 6.74
C GLY L 217 20.36 35.25 5.48
N ALA L 218 20.03 35.88 4.35
CA ALA L 218 20.58 35.44 3.07
C ALA L 218 22.06 35.76 2.97
N ALA L 219 22.46 36.97 3.36
CA ALA L 219 23.86 37.36 3.30
C ALA L 219 24.66 36.87 4.51
N LYS L 220 24.01 36.78 5.68
CA LYS L 220 24.70 36.30 6.87
C LYS L 220 24.97 34.80 6.81
N ALA L 221 24.21 34.04 6.02
CA ALA L 221 24.39 32.61 5.87
C ALA L 221 24.96 32.26 4.49
N ILE L 222 25.67 33.21 3.86
CA ILE L 222 26.32 32.92 2.59
C ILE L 222 27.46 31.92 2.77
N GLY L 223 27.99 31.80 3.99
CA GLY L 223 29.04 30.83 4.26
C GLY L 223 28.57 29.39 4.21
N LEU L 224 27.25 29.16 4.32
CA LEU L 224 26.74 27.79 4.27
C LEU L 224 26.97 27.17 2.90
N VAL L 225 27.05 27.99 1.85
CA VAL L 225 27.34 27.50 0.51
C VAL L 225 28.69 27.96 0.00
N MET L 226 29.23 29.06 0.53
CA MET L 226 30.56 29.56 0.15
C MET L 226 31.32 29.86 1.44
N PRO L 227 32.04 28.89 1.98
CA PRO L 227 32.70 29.08 3.29
C PRO L 227 33.72 30.21 3.29
N GLN L 228 34.32 30.53 2.14
CA GLN L 228 35.30 31.60 2.10
C GLN L 228 34.68 32.98 2.31
N LEU L 229 33.37 33.10 2.15
CA LEU L 229 32.65 34.35 2.37
C LEU L 229 31.87 34.36 3.67
N LYS L 230 32.14 33.41 4.57
CA LYS L 230 31.42 33.36 5.83
C LYS L 230 31.73 34.58 6.68
N GLY L 231 30.68 35.25 7.13
CA GLY L 231 30.82 36.44 7.95
C GLY L 231 31.22 37.69 7.20
N LYS L 232 31.41 37.60 5.88
CA LYS L 232 31.81 38.76 5.08
C LYS L 232 30.64 39.50 4.48
N LEU L 233 29.42 38.96 4.59
CA LEU L 233 28.24 39.58 4.01
C LEU L 233 27.15 39.70 5.07
N ASP L 234 26.34 40.75 4.93
CA ASP L 234 25.21 40.99 5.82
C ASP L 234 24.27 41.95 5.12
N GLY L 235 23.05 42.06 5.65
CA GLY L 235 22.09 42.97 5.08
C GLY L 235 20.71 42.75 5.67
N TYR L 236 19.75 43.46 5.09
CA TYR L 236 18.35 43.40 5.52
C TYR L 236 17.47 43.38 4.28
N ALA L 237 16.16 43.44 4.49
CA ALA L 237 15.20 43.41 3.41
C ALA L 237 14.20 44.56 3.56
N LEU L 238 13.55 44.91 2.45
CA LEU L 238 12.54 45.95 2.44
C LEU L 238 11.37 45.46 1.58
N ARG L 239 10.27 45.11 2.23
CA ARG L 239 9.10 44.58 1.54
C ARG L 239 8.32 45.73 0.89
N VAL L 240 8.12 45.64 -0.42
CA VAL L 240 7.43 46.70 -1.17
C VAL L 240 6.07 46.18 -1.61
N PRO L 241 5.10 47.07 -1.89
CA PRO L 241 3.79 46.60 -2.36
C PRO L 241 3.84 45.96 -3.74
N ILE L 242 4.39 44.75 -3.82
CA ILE L 242 4.42 43.97 -5.05
C ILE L 242 4.10 42.51 -4.72
N PRO L 243 3.28 41.83 -5.52
CA PRO L 243 2.93 40.43 -5.20
C PRO L 243 4.12 39.50 -5.24
N THR L 244 4.79 39.42 -6.39
CA THR L 244 5.98 38.62 -6.56
C THR L 244 7.00 39.39 -7.38
N GLY L 245 8.27 39.11 -7.15
CA GLY L 245 9.33 39.83 -7.81
C GLY L 245 10.15 40.66 -6.84
N SER L 246 11.45 40.37 -6.76
CA SER L 246 12.34 41.03 -5.83
C SER L 246 13.67 41.30 -6.51
N VAL L 247 14.50 42.10 -5.85
CA VAL L 247 15.81 42.49 -6.40
C VAL L 247 16.77 42.68 -5.24
N THR L 248 18.03 42.31 -5.47
CA THR L 248 19.09 42.46 -4.48
C THR L 248 20.05 43.55 -4.90
N ASP L 249 20.41 44.41 -3.95
CA ASP L 249 21.34 45.51 -4.17
C ASP L 249 22.57 45.24 -3.30
N LEU L 250 23.60 44.63 -3.88
CA LEU L 250 24.79 44.23 -3.15
C LEU L 250 25.89 45.26 -3.38
N THR L 251 26.28 45.95 -2.31
CA THR L 251 27.43 46.85 -2.32
C THR L 251 28.59 46.11 -1.65
N VAL L 252 29.64 45.83 -2.42
CA VAL L 252 30.72 44.95 -1.99
C VAL L 252 32.05 45.62 -2.26
N ASP L 253 32.96 45.53 -1.28
CA ASP L 253 34.34 45.97 -1.47
C ASP L 253 35.14 44.85 -2.13
N LEU L 254 35.89 45.21 -3.18
CA LEU L 254 36.64 44.24 -3.97
C LEU L 254 38.11 44.27 -3.58
N SER L 255 38.79 43.15 -3.85
CA SER L 255 40.23 43.07 -3.58
C SER L 255 41.04 43.78 -4.66
N THR L 256 40.59 43.74 -5.90
CA THR L 256 41.25 44.40 -7.01
C THR L 256 40.33 45.47 -7.59
N ARG L 257 40.91 46.58 -8.01
CA ARG L 257 40.14 47.66 -8.62
C ARG L 257 39.56 47.17 -9.95
N ALA L 258 38.24 47.09 -10.01
CA ALA L 258 37.54 46.60 -11.19
C ALA L 258 36.66 47.70 -11.77
N SER L 259 36.52 47.69 -13.09
CA SER L 259 35.69 48.65 -13.80
C SER L 259 34.25 48.13 -13.93
N VAL L 260 33.36 49.04 -14.35
CA VAL L 260 31.97 48.64 -14.56
C VAL L 260 31.86 47.67 -15.72
N ASP L 261 32.64 47.89 -16.78
CA ASP L 261 32.61 46.99 -17.93
C ASP L 261 33.21 45.63 -17.60
N GLU L 262 34.22 45.59 -16.72
CA GLU L 262 34.81 44.31 -16.33
C GLU L 262 33.82 43.47 -15.53
N ILE L 263 33.01 44.11 -14.68
CA ILE L 263 32.03 43.38 -13.89
C ILE L 263 30.90 42.87 -14.80
N ASN L 264 30.44 43.70 -15.73
CA ASN L 264 29.37 43.29 -16.64
C ASN L 264 29.85 42.19 -17.58
N ALA L 265 31.11 42.26 -18.01
CA ALA L 265 31.63 41.23 -18.91
C ALA L 265 31.82 39.90 -18.19
N ALA L 266 32.18 39.94 -16.90
CA ALA L 266 32.34 38.70 -16.15
C ALA L 266 30.98 38.04 -15.89
N PHE L 267 29.97 38.85 -15.56
CA PHE L 267 28.64 38.30 -15.34
C PHE L 267 28.04 37.77 -16.63
N LYS L 268 28.27 38.46 -17.75
CA LYS L 268 27.76 37.98 -19.04
C LYS L 268 28.42 36.66 -19.43
N ALA L 269 29.72 36.52 -19.17
CA ALA L 269 30.40 35.27 -19.48
C ALA L 269 29.92 34.14 -18.58
N ALA L 270 29.63 34.45 -17.31
CA ALA L 270 29.14 33.43 -16.40
C ALA L 270 27.72 33.00 -16.74
N ALA L 271 26.86 33.96 -17.10
CA ALA L 271 25.47 33.63 -17.42
C ALA L 271 25.39 32.82 -18.72
N GLU L 272 26.30 33.04 -19.65
CA GLU L 272 26.34 32.29 -20.90
C GLU L 272 27.21 31.04 -20.82
N GLY L 273 27.83 30.78 -19.67
CA GLY L 273 28.72 29.64 -19.53
C GLY L 273 28.40 28.75 -18.35
N ARG L 274 29.20 28.87 -17.28
CA ARG L 274 29.08 27.97 -16.14
C ARG L 274 27.76 28.13 -15.39
N LEU L 275 27.09 29.27 -15.51
CA LEU L 275 25.83 29.52 -14.82
C LEU L 275 24.65 29.62 -15.78
N LYS L 276 24.72 28.92 -16.90
CA LYS L 276 23.62 28.89 -17.86
C LYS L 276 22.42 28.21 -17.21
N GLY L 277 21.28 28.90 -17.16
CA GLY L 277 20.09 28.42 -16.52
C GLY L 277 19.90 28.90 -15.10
N ILE L 278 20.95 29.43 -14.47
CA ILE L 278 20.87 29.99 -13.13
C ILE L 278 20.97 31.51 -13.15
N LEU L 279 21.91 32.05 -13.93
CA LEU L 279 22.12 33.49 -14.02
C LEU L 279 21.60 34.01 -15.36
N LYS L 280 20.94 35.15 -15.32
CA LYS L 280 20.43 35.82 -16.51
C LYS L 280 21.10 37.17 -16.65
N TYR L 281 21.56 37.48 -17.86
CA TYR L 281 22.20 38.75 -18.15
C TYR L 281 21.24 39.63 -18.92
N TYR L 282 21.07 40.87 -18.45
CA TYR L 282 20.15 41.82 -19.07
C TYR L 282 20.87 43.13 -19.33
N ASP L 283 20.85 43.59 -20.58
CA ASP L 283 21.40 44.87 -20.96
C ASP L 283 20.30 45.87 -21.34
N ALA L 284 19.03 45.50 -21.18
CA ALA L 284 17.85 46.29 -21.51
C ALA L 284 17.26 46.93 -20.27
N PRO L 285 16.65 48.11 -20.40
CA PRO L 285 16.02 48.75 -19.25
C PRO L 285 14.77 48.04 -18.78
N ILE L 286 14.94 46.99 -17.98
CA ILE L 286 13.83 46.16 -17.54
C ILE L 286 13.41 46.58 -16.14
N VAL L 287 12.16 46.25 -15.80
CA VAL L 287 11.64 46.49 -14.46
C VAL L 287 11.21 45.15 -13.87
N SER L 288 10.62 45.17 -12.67
CA SER L 288 10.22 43.93 -12.03
C SER L 288 9.08 43.23 -12.77
N SER L 289 8.29 43.98 -13.54
CA SER L 289 7.25 43.35 -14.37
C SER L 289 7.87 42.37 -15.36
N ASP L 290 9.06 42.66 -15.85
CA ASP L 290 9.79 41.75 -16.73
C ASP L 290 10.43 40.59 -15.97
N ILE L 291 10.46 40.66 -14.64
CA ILE L 291 11.05 39.61 -13.82
C ILE L 291 9.99 38.63 -13.29
N VAL L 292 8.73 39.04 -13.23
CA VAL L 292 7.68 38.16 -12.74
C VAL L 292 7.58 36.93 -13.63
N THR L 293 7.46 35.76 -12.98
CA THR L 293 7.38 34.47 -13.67
C THR L 293 8.59 34.24 -14.56
N ASP L 294 9.79 34.48 -14.01
CA ASP L 294 11.04 34.18 -14.68
C ASP L 294 11.78 33.09 -13.91
N PRO L 295 12.18 32.01 -14.57
CA PRO L 295 12.72 30.85 -13.84
C PRO L 295 14.15 31.02 -13.33
N HIS L 296 14.83 32.11 -13.67
CA HIS L 296 16.22 32.27 -13.26
C HIS L 296 16.31 32.56 -11.77
N SER L 297 17.43 32.13 -11.16
CA SER L 297 17.66 32.37 -9.75
C SER L 297 18.15 33.79 -9.48
N SER L 298 18.91 34.36 -10.42
CA SER L 298 19.44 35.71 -10.26
C SER L 298 19.49 36.37 -11.62
N ILE L 299 18.75 37.47 -11.79
CA ILE L 299 18.73 38.18 -13.06
C ILE L 299 19.59 39.42 -12.97
N PHE L 300 20.85 39.30 -13.39
CA PHE L 300 21.80 40.40 -13.28
C PHE L 300 21.42 41.53 -14.24
N ASP L 301 21.21 42.72 -13.69
CA ASP L 301 20.87 43.90 -14.48
C ASP L 301 22.14 44.73 -14.64
N SER L 302 22.76 44.65 -15.81
CA SER L 302 24.05 45.30 -16.04
C SER L 302 23.96 46.81 -16.07
N GLY L 303 22.77 47.37 -16.34
CA GLY L 303 22.64 48.81 -16.42
C GLY L 303 22.70 49.53 -15.08
N LEU L 304 22.42 48.83 -13.99
CA LEU L 304 22.37 49.43 -12.66
C LEU L 304 23.66 49.23 -11.87
N THR L 305 24.74 48.86 -12.54
CA THR L 305 26.01 48.61 -11.86
C THR L 305 26.83 49.88 -11.77
N LYS L 306 27.46 50.08 -10.62
CA LYS L 306 28.30 51.24 -10.37
C LYS L 306 29.53 50.83 -9.57
N VAL L 307 30.63 51.52 -9.80
CA VAL L 307 31.89 51.26 -9.10
C VAL L 307 32.65 52.57 -9.01
N ILE L 308 33.51 52.67 -7.99
CA ILE L 308 34.31 53.87 -7.79
C ILE L 308 35.78 53.47 -7.72
N ASP L 309 36.18 52.88 -6.60
CA ASP L 309 37.56 52.40 -6.45
C ASP L 309 37.57 50.89 -6.34
N ASP L 310 37.46 50.37 -5.12
CA ASP L 310 37.25 48.95 -4.91
C ASP L 310 35.85 48.63 -4.42
N GLN L 311 34.99 49.63 -4.27
CA GLN L 311 33.61 49.43 -3.84
C GLN L 311 32.71 49.47 -5.07
N ALA L 312 32.00 48.38 -5.32
CA ALA L 312 31.12 48.26 -6.47
C ALA L 312 29.73 47.82 -6.02
N LYS L 313 28.72 48.29 -6.75
CA LYS L 313 27.33 47.96 -6.49
C LYS L 313 26.78 47.14 -7.64
N VAL L 314 26.36 45.91 -7.34
CA VAL L 314 25.80 44.98 -8.32
C VAL L 314 24.33 44.76 -7.98
N VAL L 315 23.47 44.88 -8.99
CA VAL L 315 22.03 44.77 -8.82
C VAL L 315 21.54 43.59 -9.63
N SER L 316 20.79 42.70 -8.98
CA SER L 316 20.31 41.48 -9.62
C SER L 316 18.87 41.22 -9.22
N TRP L 317 18.02 40.97 -10.22
CA TRP L 317 16.61 40.68 -10.00
C TRP L 317 16.40 39.19 -9.75
N TYR L 318 15.24 38.87 -9.17
CA TYR L 318 14.85 37.48 -8.95
C TYR L 318 13.39 37.39 -8.53
N ASP L 319 12.64 36.46 -9.13
CA ASP L 319 11.26 36.23 -8.75
C ASP L 319 11.26 35.28 -7.55
N ASN L 320 10.93 35.84 -6.37
CA ASN L 320 11.00 35.07 -5.13
C ASN L 320 10.05 33.88 -5.12
N GLU L 321 9.04 33.86 -6.00
CA GLU L 321 8.07 32.77 -6.05
C GLU L 321 8.36 31.79 -7.18
N TRP L 322 8.44 32.29 -8.41
CA TRP L 322 8.55 31.40 -9.57
C TRP L 322 9.97 30.89 -9.76
N GLY L 323 10.96 31.77 -9.66
CA GLY L 323 12.34 31.36 -9.86
C GLY L 323 12.82 30.41 -8.78
N TYR L 324 12.43 30.66 -7.53
CA TYR L 324 12.84 29.78 -6.44
C TYR L 324 12.19 28.41 -6.56
N SER L 325 10.93 28.36 -6.99
CA SER L 325 10.24 27.09 -7.13
C SER L 325 10.79 26.27 -8.29
N ASN L 326 11.28 26.93 -9.35
CA ASN L 326 11.93 26.21 -10.43
C ASN L 326 13.23 25.56 -9.97
N ARG L 327 13.93 26.19 -9.02
CA ARG L 327 15.12 25.57 -8.45
C ARG L 327 14.73 24.40 -7.55
N LEU L 328 13.58 24.49 -6.87
CA LEU L 328 13.10 23.36 -6.09
C LEU L 328 12.75 22.17 -6.97
N VAL L 329 12.25 22.43 -8.18
CA VAL L 329 12.01 21.35 -9.13
C VAL L 329 13.33 20.75 -9.60
N ASP L 330 14.31 21.61 -9.93
CA ASP L 330 15.60 21.11 -10.37
C ASP L 330 16.34 20.37 -9.25
N LEU L 331 16.18 20.80 -8.00
CA LEU L 331 16.78 20.06 -6.89
C LEU L 331 16.06 18.73 -6.67
N VAL L 332 14.75 18.71 -6.85
CA VAL L 332 14.00 17.45 -6.72
C VAL L 332 14.39 16.49 -7.83
N THR L 333 14.77 17.01 -9.01
CA THR L 333 15.23 16.14 -10.09
C THR L 333 16.66 15.66 -9.83
N LEU L 334 17.50 16.51 -9.24
CA LEU L 334 18.84 16.08 -8.88
C LEU L 334 18.83 15.01 -7.79
N VAL L 335 17.97 15.18 -6.79
CA VAL L 335 17.84 14.19 -5.73
C VAL L 335 17.23 12.90 -6.27
N GLY L 336 16.28 13.03 -7.22
CA GLY L 336 15.69 11.86 -7.83
C GLY L 336 16.70 11.02 -8.60
N LYS L 337 17.74 11.65 -9.14
CA LYS L 337 18.79 10.92 -9.83
C LYS L 337 19.61 10.06 -8.88
N SER L 338 19.58 10.36 -7.58
CA SER L 338 20.28 9.56 -6.58
C SER L 338 19.41 8.43 -6.03
N LEU L 339 18.14 8.36 -6.41
CA LEU L 339 17.25 7.30 -5.96
C LEU L 339 17.13 6.19 -6.99
N MET M 1 59.29 -55.75 -0.52
CA MET M 1 60.54 -55.02 -0.70
C MET M 1 60.43 -53.59 -0.19
N THR M 2 59.42 -53.34 0.64
CA THR M 2 59.21 -52.02 1.21
C THR M 2 60.15 -51.80 2.39
N VAL M 3 60.92 -50.72 2.35
CA VAL M 3 61.87 -50.42 3.42
C VAL M 3 61.09 -49.99 4.67
N ARG M 4 61.31 -50.70 5.77
CA ARG M 4 60.60 -50.43 7.02
C ARG M 4 61.34 -49.37 7.81
N VAL M 5 60.61 -48.33 8.21
CA VAL M 5 61.19 -47.17 8.89
C VAL M 5 60.55 -47.03 10.26
N GLY M 6 61.35 -46.66 11.25
CA GLY M 6 60.85 -46.39 12.59
C GLY M 6 61.24 -45.00 13.06
N ILE M 7 60.25 -44.24 13.53
CA ILE M 7 60.45 -42.84 13.90
C ILE M 7 60.69 -42.75 15.40
N ASN M 8 61.80 -42.10 15.77
CA ASN M 8 62.07 -41.74 17.16
C ASN M 8 61.87 -40.23 17.26
N GLY M 9 60.74 -39.83 17.82
CA GLY M 9 60.40 -38.42 17.89
C GLY M 9 59.30 -38.06 16.91
N PHE M 10 58.06 -38.40 17.25
CA PHE M 10 56.92 -38.15 16.37
C PHE M 10 56.37 -36.74 16.55
N GLY M 11 57.25 -35.75 16.48
CA GLY M 11 56.87 -34.37 16.61
C GLY M 11 56.52 -33.72 15.29
N ARG M 12 56.92 -32.46 15.11
CA ARG M 12 56.62 -31.75 13.87
C ARG M 12 57.34 -32.38 12.68
N ILE M 13 58.65 -32.57 12.80
CA ILE M 13 59.41 -33.20 11.71
C ILE M 13 58.99 -34.66 11.55
N GLY M 14 58.73 -35.34 12.67
CA GLY M 14 58.32 -36.74 12.58
C GLY M 14 57.02 -36.92 11.84
N ARG M 15 56.02 -36.08 12.13
CA ARG M 15 54.73 -36.18 11.44
C ARG M 15 54.80 -35.61 10.04
N ASN M 16 55.56 -34.53 9.84
CA ASN M 16 55.77 -34.01 8.49
C ASN M 16 56.46 -35.05 7.61
N PHE M 17 57.39 -35.82 8.20
CA PHE M 17 58.03 -36.90 7.46
C PHE M 17 57.01 -37.98 7.08
N TYR M 18 56.09 -38.29 8.00
CA TYR M 18 55.08 -39.31 7.71
C TYR M 18 54.10 -38.84 6.63
N ARG M 19 53.68 -37.57 6.71
CA ARG M 19 52.76 -37.06 5.71
C ARG M 19 53.44 -36.91 4.35
N ALA M 20 54.71 -36.52 4.35
CA ALA M 20 55.45 -36.44 3.09
C ALA M 20 55.66 -37.82 2.48
N LEU M 21 55.83 -38.84 3.32
CA LEU M 21 55.92 -40.21 2.81
C LEU M 21 54.59 -40.66 2.23
N LEU M 22 53.47 -40.31 2.89
CA LEU M 22 52.16 -40.67 2.36
C LEU M 22 51.90 -40.00 1.02
N ALA M 23 52.27 -38.73 0.88
CA ALA M 23 52.07 -38.03 -0.38
C ALA M 23 52.97 -38.58 -1.47
N GLN M 24 54.21 -38.93 -1.12
CA GLN M 24 55.13 -39.48 -2.10
C GLN M 24 54.76 -40.91 -2.49
N GLN M 25 54.14 -41.65 -1.57
CA GLN M 25 53.65 -42.99 -1.91
C GLN M 25 52.43 -42.90 -2.81
N GLU M 26 51.55 -41.93 -2.56
CA GLU M 26 50.40 -41.72 -3.43
C GLU M 26 50.85 -41.28 -4.83
N GLN M 27 51.96 -40.55 -4.91
CA GLN M 27 52.51 -40.16 -6.20
C GLN M 27 53.33 -41.27 -6.85
N GLY M 28 53.75 -42.27 -6.07
CA GLY M 28 54.48 -43.40 -6.60
C GLY M 28 56.00 -43.30 -6.51
N THR M 29 56.53 -42.19 -6.00
CA THR M 29 57.97 -41.98 -5.92
C THR M 29 58.54 -42.35 -4.55
N ALA M 30 57.93 -43.30 -3.86
CA ALA M 30 58.40 -43.69 -2.54
C ALA M 30 58.08 -45.17 -2.31
N ASP M 31 58.96 -45.84 -1.58
CA ASP M 31 58.78 -47.23 -1.21
C ASP M 31 58.93 -47.49 0.28
N VAL M 32 59.51 -46.58 1.05
CA VAL M 32 59.66 -46.77 2.49
C VAL M 32 58.30 -46.71 3.16
N GLU M 33 58.18 -47.38 4.30
CA GLU M 33 56.95 -47.41 5.08
C GLU M 33 57.28 -47.30 6.55
N VAL M 34 56.59 -46.39 7.24
CA VAL M 34 56.77 -46.22 8.68
C VAL M 34 55.94 -47.27 9.41
N VAL M 35 56.60 -48.02 10.30
CA VAL M 35 55.93 -49.09 11.04
C VAL M 35 55.88 -48.81 12.53
N ALA M 36 56.70 -47.90 13.06
CA ALA M 36 56.71 -47.63 14.49
C ALA M 36 57.05 -46.16 14.72
N ALA M 37 56.51 -45.61 15.81
CA ALA M 37 56.76 -44.24 16.20
C ALA M 37 56.88 -44.17 17.72
N ASN M 38 57.86 -43.42 18.21
CA ASN M 38 58.13 -43.30 19.63
C ASN M 38 58.09 -41.84 20.04
N ASP M 39 57.43 -41.55 21.16
CA ASP M 39 57.32 -40.20 21.67
C ASP M 39 57.03 -40.29 23.16
N ILE M 40 57.17 -39.16 23.85
CA ILE M 40 56.92 -39.12 25.29
C ILE M 40 55.45 -38.82 25.54
N THR M 41 54.56 -39.62 24.95
CA THR M 41 53.13 -39.46 25.14
C THR M 41 52.43 -40.74 24.68
N ASP M 42 51.16 -40.86 25.03
CA ASP M 42 50.40 -42.07 24.71
C ASP M 42 50.06 -42.11 23.23
N ASN M 43 49.47 -43.24 22.81
CA ASN M 43 49.10 -43.41 21.41
C ASN M 43 47.87 -42.60 21.03
N SER M 44 47.02 -42.24 21.99
CA SER M 44 45.84 -41.43 21.69
C SER M 44 46.24 -40.03 21.27
N THR M 45 47.20 -39.42 21.98
CA THR M 45 47.65 -38.08 21.62
C THR M 45 48.40 -38.08 20.30
N LEU M 46 49.18 -39.14 20.04
CA LEU M 46 49.90 -39.23 18.78
C LEU M 46 48.94 -39.35 17.59
N ALA M 47 47.88 -40.14 17.75
CA ALA M 47 46.91 -40.27 16.67
C ALA M 47 46.13 -38.99 16.43
N HIS M 48 45.83 -38.25 17.50
CA HIS M 48 45.12 -36.98 17.35
C HIS M 48 46.01 -35.91 16.75
N LEU M 49 47.29 -35.87 17.15
CA LEU M 49 48.23 -34.93 16.57
C LEU M 49 48.58 -35.27 15.12
N LEU M 50 48.44 -36.54 14.73
CA LEU M 50 48.72 -36.91 13.35
C LEU M 50 47.52 -36.63 12.44
N LYS M 51 46.30 -36.86 12.95
CA LYS M 51 45.11 -36.61 12.14
C LYS M 51 44.87 -35.12 11.93
N PHE M 52 45.00 -34.33 12.99
CA PHE M 52 44.72 -32.90 12.95
C PHE M 52 46.04 -32.12 13.04
N ASP M 53 46.30 -31.30 12.02
CA ASP M 53 47.49 -30.47 11.96
C ASP M 53 47.09 -29.04 11.71
N SER M 54 47.73 -28.12 12.44
CA SER M 54 47.42 -26.69 12.25
C SER M 54 48.02 -26.17 10.94
N ILE M 55 49.13 -26.73 10.50
CA ILE M 55 49.78 -26.27 9.28
C ILE M 55 49.32 -27.09 8.08
N LEU M 56 49.44 -28.42 8.16
CA LEU M 56 49.12 -29.30 7.05
C LEU M 56 47.64 -29.66 6.98
N GLY M 57 46.81 -29.09 7.84
CA GLY M 57 45.39 -29.37 7.79
C GLY M 57 45.06 -30.78 8.25
N ARG M 58 43.85 -31.22 7.90
CA ARG M 58 43.40 -32.56 8.26
C ARG M 58 44.01 -33.59 7.31
N LEU M 59 44.08 -34.81 7.80
CA LEU M 59 44.56 -35.92 6.96
C LEU M 59 43.39 -36.50 6.17
N PRO M 60 43.55 -36.73 4.87
CA PRO M 60 42.44 -37.33 4.11
C PRO M 60 42.05 -38.72 4.57
N CYS M 61 42.99 -39.45 5.18
CA CYS M 61 42.73 -40.77 5.71
C CYS M 61 42.14 -40.68 7.11
N ASP M 62 41.37 -41.71 7.48
CA ASP M 62 40.84 -41.81 8.83
C ASP M 62 41.94 -42.32 9.76
N VAL M 63 41.92 -41.82 11.00
CA VAL M 63 42.92 -42.20 12.01
C VAL M 63 42.20 -42.73 13.23
N GLY M 64 42.63 -43.90 13.71
CA GLY M 64 42.06 -44.51 14.89
C GLY M 64 43.14 -44.99 15.84
N LEU M 65 42.70 -45.63 16.92
CA LEU M 65 43.60 -46.14 17.94
C LEU M 65 43.07 -47.46 18.48
N GLU M 66 43.93 -48.16 19.21
CA GLU M 66 43.54 -49.43 19.82
C GLU M 66 44.03 -49.49 21.26
N GLY M 67 45.26 -49.96 21.47
CA GLY M 67 45.83 -50.04 22.80
C GLY M 67 47.29 -49.64 22.83
N ASP M 68 48.04 -50.02 21.80
CA ASP M 68 49.44 -49.67 21.71
C ASP M 68 49.86 -49.27 20.30
N ASP M 69 48.92 -49.13 19.37
CA ASP M 69 49.23 -48.80 17.98
C ASP M 69 48.18 -47.84 17.45
N THR M 70 48.61 -46.95 16.56
CA THR M 70 47.70 -46.04 15.89
C THR M 70 47.39 -46.57 14.49
N ILE M 71 46.11 -46.61 14.16
CA ILE M 71 45.63 -47.08 12.86
C ILE M 71 45.35 -45.86 11.99
N VAL M 72 46.11 -45.72 10.91
CA VAL M 72 45.77 -44.76 9.86
C VAL M 72 44.58 -45.33 9.09
N VAL M 73 44.67 -45.33 7.77
CA VAL M 73 43.62 -45.88 6.92
C VAL M 73 44.00 -47.32 6.62
N GLY M 74 43.42 -48.25 7.38
CA GLY M 74 43.71 -49.67 7.20
C GLY M 74 45.09 -50.07 7.68
N ARG M 75 46.05 -49.15 7.56
CA ARG M 75 47.41 -49.40 8.02
C ARG M 75 47.51 -49.21 9.52
N ALA M 76 48.39 -49.99 10.15
CA ALA M 76 48.62 -49.94 11.59
C ALA M 76 50.09 -49.65 11.84
N LYS M 77 50.36 -48.70 12.74
CA LYS M 77 51.72 -48.34 13.12
C LYS M 77 51.85 -48.53 14.63
N ILE M 78 52.76 -49.42 15.03
CA ILE M 78 52.97 -49.73 16.44
C ILE M 78 53.48 -48.48 17.15
N LYS M 79 52.66 -47.94 18.05
CA LYS M 79 53.01 -46.72 18.78
C LYS M 79 53.86 -47.06 20.02
N ALA M 80 55.02 -47.64 19.76
CA ALA M 80 55.98 -47.97 20.81
C ALA M 80 56.53 -46.67 21.40
N LEU M 81 55.70 -46.02 22.23
CA LEU M 81 56.03 -44.73 22.79
C LEU M 81 56.42 -44.79 24.27
N ALA M 82 56.17 -45.90 24.95
CA ALA M 82 56.50 -46.00 26.36
C ALA M 82 58.00 -46.03 26.62
N VAL M 83 58.83 -46.22 25.59
CA VAL M 83 60.28 -46.24 25.75
C VAL M 83 60.77 -44.83 26.04
N ARG M 84 60.70 -44.42 27.30
CA ARG M 84 61.13 -43.09 27.71
C ARG M 84 62.62 -43.02 28.05
N GLU M 85 63.34 -44.14 27.93
CA GLU M 85 64.77 -44.15 28.24
C GLU M 85 65.59 -43.71 27.03
N GLY M 86 66.80 -44.24 26.91
CA GLY M 86 67.66 -43.92 25.80
C GLY M 86 67.17 -44.53 24.51
N PRO M 87 67.78 -44.14 23.38
CA PRO M 87 67.37 -44.71 22.09
C PRO M 87 67.69 -46.18 21.94
N ALA M 88 68.60 -46.72 22.75
CA ALA M 88 68.91 -48.15 22.70
C ALA M 88 67.81 -49.01 23.34
N ALA M 89 66.88 -48.39 24.07
CA ALA M 89 65.84 -49.16 24.74
C ALA M 89 64.66 -49.49 23.83
N LEU M 90 64.56 -48.84 22.67
CA LEU M 90 63.46 -49.11 21.76
C LEU M 90 63.68 -50.44 21.05
N PRO M 91 62.64 -51.25 20.87
CA PRO M 91 62.80 -52.58 20.23
C PRO M 91 62.75 -52.50 18.71
N TRP M 92 63.80 -51.92 18.11
CA TRP M 92 63.84 -51.80 16.65
C TRP M 92 64.04 -53.15 15.99
N GLY M 93 64.94 -53.98 16.52
CA GLY M 93 65.13 -55.30 15.97
C GLY M 93 63.93 -56.21 16.15
N ASP M 94 63.19 -56.04 17.25
CA ASP M 94 62.00 -56.86 17.48
C ASP M 94 60.86 -56.42 16.57
N LEU M 95 60.71 -55.13 16.35
CA LEU M 95 59.66 -54.62 15.48
C LEU M 95 60.01 -54.72 14.00
N GLY M 96 61.23 -55.14 13.67
CA GLY M 96 61.62 -55.28 12.29
C GLY M 96 61.88 -53.97 11.57
N VAL M 97 62.39 -52.97 12.28
CA VAL M 97 62.66 -51.66 11.67
C VAL M 97 64.02 -51.70 11.01
N ASP M 98 64.08 -51.29 9.74
CA ASP M 98 65.34 -51.24 9.00
C ASP M 98 66.09 -49.94 9.25
N VAL M 99 65.49 -48.81 8.88
CA VAL M 99 66.08 -47.50 9.05
C VAL M 99 65.33 -46.75 10.13
N VAL M 100 66.06 -46.12 11.05
CA VAL M 100 65.49 -45.35 12.14
C VAL M 100 65.72 -43.87 11.88
N VAL M 101 64.65 -43.08 11.93
CA VAL M 101 64.71 -41.64 11.77
C VAL M 101 64.70 -41.04 13.17
N GLU M 102 65.87 -40.58 13.63
CA GLU M 102 65.99 -39.93 14.93
C GLU M 102 65.60 -38.48 14.78
N SER M 103 64.49 -38.08 15.40
CA SER M 103 63.98 -36.72 15.27
C SER M 103 63.53 -36.16 16.63
N THR M 104 64.12 -36.64 17.72
CA THR M 104 63.76 -36.11 19.03
C THR M 104 64.46 -34.79 19.32
N GLY M 105 65.65 -34.58 18.77
CA GLY M 105 66.45 -33.41 19.06
C GLY M 105 67.42 -33.58 20.22
N LEU M 106 67.21 -34.57 21.07
CA LEU M 106 68.10 -34.82 22.21
C LEU M 106 69.18 -35.83 21.91
N PHE M 107 69.10 -36.56 20.80
CA PHE M 107 70.08 -37.57 20.47
C PHE M 107 70.84 -37.20 19.20
N THR M 108 71.28 -35.94 19.12
CA THR M 108 72.03 -35.49 17.94
C THR M 108 73.42 -36.10 17.91
N ASN M 109 73.99 -36.44 19.06
CA ASN M 109 75.32 -37.03 19.10
C ASN M 109 75.25 -38.48 18.62
N ALA M 110 76.15 -38.85 17.70
CA ALA M 110 76.17 -40.20 17.18
C ALA M 110 76.58 -41.23 18.23
N ALA M 111 77.22 -40.78 19.32
CA ALA M 111 77.51 -41.70 20.42
C ALA M 111 76.22 -42.21 21.06
N LYS M 112 75.24 -41.32 21.23
CA LYS M 112 73.94 -41.74 21.74
C LYS M 112 73.06 -42.28 20.62
N ALA M 113 73.17 -41.71 19.42
CA ALA M 113 72.38 -42.17 18.28
C ALA M 113 72.75 -43.59 17.85
N LYS M 114 73.91 -44.09 18.29
CA LYS M 114 74.28 -45.47 17.99
C LYS M 114 73.43 -46.48 18.73
N GLY M 115 72.66 -46.05 19.73
CA GLY M 115 71.78 -46.97 20.43
C GLY M 115 70.73 -47.59 19.53
N HIS M 116 70.30 -46.86 18.49
CA HIS M 116 69.38 -47.43 17.52
C HIS M 116 70.02 -48.62 16.80
N LEU M 117 71.29 -48.47 16.40
CA LEU M 117 71.97 -49.57 15.73
C LEU M 117 72.16 -50.75 16.67
N ASP M 118 72.43 -50.48 17.95
CA ASP M 118 72.55 -51.56 18.93
C ASP M 118 71.21 -52.25 19.16
N ALA M 119 70.11 -51.51 19.01
CA ALA M 119 68.78 -52.06 19.23
C ALA M 119 68.26 -52.88 18.05
N GLY M 120 69.01 -52.96 16.96
CA GLY M 120 68.61 -53.76 15.81
C GLY M 120 68.44 -52.99 14.51
N ALA M 121 68.69 -51.69 14.48
CA ALA M 121 68.53 -50.92 13.25
C ALA M 121 69.78 -51.04 12.38
N LYS M 122 69.57 -50.99 11.07
CA LYS M 122 70.67 -51.06 10.11
C LYS M 122 71.31 -49.70 9.85
N LYS M 123 70.50 -48.65 9.79
CA LYS M 123 71.01 -47.31 9.54
C LYS M 123 70.17 -46.29 10.31
N VAL M 124 70.80 -45.18 10.68
CA VAL M 124 70.16 -44.11 11.43
C VAL M 124 70.28 -42.83 10.64
N ILE M 125 69.19 -42.06 10.59
CA ILE M 125 69.15 -40.77 9.92
C ILE M 125 68.74 -39.73 10.95
N ILE M 126 69.69 -38.86 11.31
CA ILE M 126 69.45 -37.79 12.27
C ILE M 126 68.89 -36.59 11.52
N SER M 127 67.72 -36.10 11.95
CA SER M 127 67.05 -34.96 11.32
C SER M 127 67.61 -33.62 11.78
N ALA M 128 68.92 -33.54 12.07
CA ALA M 128 69.53 -32.31 12.53
C ALA M 128 71.04 -32.43 12.36
N PRO M 129 71.77 -31.30 12.40
CA PRO M 129 73.23 -31.39 12.43
C PRO M 129 73.70 -32.23 13.61
N ALA M 130 74.48 -33.26 13.32
CA ALA M 130 74.86 -34.25 14.30
C ALA M 130 76.31 -34.04 14.75
N THR M 131 76.72 -34.84 15.73
CA THR M 131 78.09 -34.86 16.23
C THR M 131 78.63 -36.28 16.11
N ASP M 132 79.88 -36.39 15.64
CA ASP M 132 80.54 -37.68 15.42
C ASP M 132 79.78 -38.54 14.41
N GLU M 133 79.04 -37.90 13.51
CA GLU M 133 78.28 -38.64 12.51
C GLU M 133 79.21 -39.26 11.47
N ASP M 134 78.68 -40.27 10.78
CA ASP M 134 79.46 -40.91 9.72
C ASP M 134 79.60 -40.00 8.51
N ILE M 135 78.52 -39.33 8.12
CA ILE M 135 78.54 -38.43 6.97
C ILE M 135 77.34 -37.50 7.07
N THR M 136 77.53 -36.25 6.63
CA THR M 136 76.46 -35.27 6.53
C THR M 136 76.11 -35.10 5.06
N ILE M 137 74.88 -35.48 4.69
CA ILE M 137 74.47 -35.57 3.30
C ILE M 137 73.41 -34.52 3.01
N VAL M 138 73.62 -33.76 1.94
CA VAL M 138 72.60 -32.87 1.38
C VAL M 138 72.32 -33.37 -0.02
N LEU M 139 71.10 -33.86 -0.25
CA LEU M 139 70.76 -34.46 -1.54
C LEU M 139 70.86 -33.44 -2.66
N GLY M 140 71.53 -33.83 -3.74
CA GLY M 140 71.81 -32.92 -4.83
C GLY M 140 73.13 -32.18 -4.71
N VAL M 141 73.80 -32.25 -3.57
CA VAL M 141 75.08 -31.59 -3.37
C VAL M 141 76.16 -32.64 -3.17
N ASN M 142 76.11 -33.35 -2.06
CA ASN M 142 77.08 -34.40 -1.74
C ASN M 142 76.42 -35.75 -1.58
N ASP M 143 75.29 -35.98 -2.26
CA ASP M 143 74.62 -37.27 -2.18
C ASP M 143 75.43 -38.37 -2.83
N ASP M 144 76.35 -38.04 -3.74
CA ASP M 144 77.19 -39.04 -4.39
C ASP M 144 78.29 -39.56 -3.47
N LYS M 145 78.61 -38.85 -2.40
CA LYS M 145 79.64 -39.28 -1.47
C LYS M 145 79.17 -40.36 -0.51
N TYR M 146 77.95 -40.86 -0.68
CA TYR M 146 77.40 -41.91 0.18
C TYR M 146 77.60 -43.27 -0.49
N ASP M 147 78.38 -44.12 0.15
CA ASP M 147 78.51 -45.51 -0.28
C ASP M 147 77.73 -46.40 0.70
N GLY M 148 77.98 -47.70 0.64
CA GLY M 148 77.33 -48.61 1.57
C GLY M 148 77.97 -48.70 2.93
N SER M 149 79.02 -47.93 3.19
CA SER M 149 79.78 -48.02 4.44
C SER M 149 79.45 -46.88 5.39
N GLN M 150 78.16 -46.63 5.61
CA GLN M 150 77.72 -45.61 6.56
C GLN M 150 76.47 -46.10 7.26
N ASN M 151 76.41 -45.89 8.57
CA ASN M 151 75.27 -46.29 9.39
C ASN M 151 74.69 -45.12 10.18
N ILE M 152 75.52 -44.30 10.81
CA ILE M 152 75.07 -43.09 11.49
C ILE M 152 75.06 -41.92 10.51
N ILE M 153 74.02 -41.83 9.68
CA ILE M 153 73.91 -40.80 8.66
C ILE M 153 73.21 -39.58 9.24
N SER M 154 73.70 -38.40 8.90
CA SER M 154 73.15 -37.15 9.41
C SER M 154 72.66 -36.29 8.25
N ASN M 155 71.38 -35.95 8.26
CA ASN M 155 70.85 -34.95 7.35
C ASN M 155 71.00 -33.58 8.00
N ALA M 156 71.61 -32.64 7.27
CA ALA M 156 71.93 -31.34 7.83
C ALA M 156 70.67 -30.57 8.17
N SER M 157 70.85 -29.33 8.63
CA SER M 157 69.71 -28.52 9.01
C SER M 157 68.93 -28.06 7.78
N CYS M 158 67.70 -27.60 8.02
CA CYS M 158 66.87 -27.10 6.94
C CYS M 158 67.49 -25.89 6.26
N THR M 159 68.13 -25.02 7.05
CA THR M 159 68.82 -23.88 6.47
C THR M 159 70.03 -24.32 5.64
N THR M 160 70.70 -25.39 6.08
CA THR M 160 71.81 -25.92 5.29
C THR M 160 71.32 -26.54 3.99
N ASN M 161 70.17 -27.23 4.04
CA ASN M 161 69.61 -27.83 2.83
C ASN M 161 69.17 -26.78 1.81
N CYS M 162 69.02 -25.53 2.22
CA CYS M 162 68.71 -24.43 1.33
C CYS M 162 69.93 -23.62 0.93
N LEU M 163 70.87 -23.43 1.85
CA LEU M 163 72.06 -22.65 1.54
C LEU M 163 73.04 -23.42 0.66
N ALA M 164 73.08 -24.76 0.81
CA ALA M 164 74.01 -25.56 0.01
C ALA M 164 73.73 -25.46 -1.48
N PRO M 165 72.48 -25.59 -1.97
CA PRO M 165 72.27 -25.41 -3.42
C PRO M 165 72.62 -24.01 -3.91
N LEU M 166 72.40 -22.98 -3.09
CA LEU M 166 72.80 -21.63 -3.48
C LEU M 166 74.31 -21.53 -3.62
N ALA M 167 75.04 -21.95 -2.59
CA ALA M 167 76.50 -21.89 -2.64
C ALA M 167 77.08 -22.81 -3.69
N LYS M 168 76.40 -23.93 -3.98
CA LYS M 168 76.88 -24.85 -5.01
C LYS M 168 76.80 -24.21 -6.39
N VAL M 169 75.68 -23.54 -6.70
CA VAL M 169 75.54 -22.91 -8.00
C VAL M 169 76.47 -21.71 -8.12
N LEU M 170 76.60 -20.92 -7.05
CA LEU M 170 77.44 -19.73 -7.10
C LEU M 170 78.92 -20.10 -7.19
N ASP M 171 79.34 -21.19 -6.54
CA ASP M 171 80.75 -21.56 -6.58
C ASP M 171 81.11 -22.30 -7.86
N ASP M 172 80.22 -23.16 -8.36
CA ASP M 172 80.51 -23.90 -9.58
C ASP M 172 80.41 -23.04 -10.83
N GLU M 173 79.68 -21.94 -10.79
CA GLU M 173 79.51 -21.07 -11.94
C GLU M 173 80.39 -19.83 -11.90
N PHE M 174 80.57 -19.24 -10.72
CA PHE M 174 81.36 -18.00 -10.60
C PHE M 174 82.46 -18.07 -9.56
N GLY M 175 82.40 -18.99 -8.60
CA GLY M 175 83.41 -19.05 -7.56
C GLY M 175 83.08 -18.15 -6.38
N ILE M 176 83.18 -18.69 -5.17
CA ILE M 176 82.83 -17.96 -3.95
C ILE M 176 84.12 -17.67 -3.18
N VAL M 177 84.37 -16.40 -2.92
CA VAL M 177 85.51 -15.99 -2.10
C VAL M 177 85.12 -15.91 -0.63
N LYS M 178 84.04 -15.20 -0.33
CA LYS M 178 83.55 -15.05 1.03
C LYS M 178 82.09 -14.60 0.96
N GLY M 179 81.35 -14.91 2.02
CA GLY M 179 79.94 -14.58 2.05
C GLY M 179 79.41 -14.53 3.46
N LEU M 180 78.38 -13.71 3.66
CA LEU M 180 77.69 -13.58 4.93
C LEU M 180 76.19 -13.71 4.68
N MET M 181 75.54 -14.63 5.38
CA MET M 181 74.16 -14.97 5.14
C MET M 181 73.28 -14.60 6.33
N THR M 182 71.98 -14.45 6.06
CA THR M 182 71.00 -14.18 7.10
C THR M 182 69.71 -14.89 6.69
N THR M 183 69.34 -15.93 7.44
CA THR M 183 68.13 -16.70 7.15
C THR M 183 66.98 -16.18 8.00
N ILE M 184 65.91 -15.75 7.34
CA ILE M 184 64.70 -15.30 8.02
C ILE M 184 63.85 -16.56 8.24
N HIS M 185 63.91 -17.10 9.45
CA HIS M 185 63.33 -18.39 9.75
C HIS M 185 61.98 -18.25 10.45
N ALA M 186 61.16 -19.29 10.32
CA ALA M 186 59.92 -19.38 11.07
C ALA M 186 60.21 -19.95 12.46
N TYR M 187 59.30 -19.66 13.40
CA TYR M 187 59.52 -20.15 14.75
C TYR M 187 59.31 -21.65 14.82
N THR M 188 60.09 -22.30 15.69
CA THR M 188 60.03 -23.73 15.91
C THR M 188 59.62 -24.01 17.34
N GLN M 189 59.43 -25.29 17.66
CA GLN M 189 59.01 -25.65 19.01
C GLN M 189 60.12 -25.47 20.05
N ASP M 190 61.36 -25.26 19.61
CA ASP M 190 62.45 -24.95 20.54
C ASP M 190 62.27 -23.60 21.23
N GLN M 191 61.24 -22.84 20.90
CA GLN M 191 60.99 -21.52 21.46
C GLN M 191 59.84 -21.56 22.44
N ASN M 192 59.68 -20.47 23.20
CA ASN M 192 58.63 -20.35 24.19
C ASN M 192 57.47 -19.54 23.64
N LEU M 193 56.25 -19.88 24.08
CA LEU M 193 55.08 -19.13 23.66
C LEU M 193 55.05 -17.76 24.33
N GLN M 194 55.38 -17.70 25.61
CA GLN M 194 55.48 -16.44 26.36
C GLN M 194 56.89 -16.31 26.92
N ASP M 195 57.15 -15.18 27.56
CA ASP M 195 58.47 -14.91 28.13
C ASP M 195 58.73 -15.88 29.28
N GLY M 196 59.60 -16.86 29.04
CA GLY M 196 59.95 -17.83 30.05
C GLY M 196 61.42 -18.17 30.05
N PRO M 197 61.85 -18.96 31.03
CA PRO M 197 63.26 -19.35 31.09
C PRO M 197 63.65 -20.19 29.89
N HIS M 198 64.90 -20.01 29.43
CA HIS M 198 65.41 -20.71 28.27
C HIS M 198 66.92 -20.55 28.24
N LYS M 199 67.60 -21.58 27.74
CA LYS M 199 69.05 -21.51 27.58
C LYS M 199 69.44 -20.40 26.61
N ASP M 200 68.56 -20.06 25.68
CA ASP M 200 68.75 -18.95 24.76
C ASP M 200 67.88 -17.79 25.23
N LEU M 201 68.50 -16.73 25.73
CA LEU M 201 67.75 -15.57 26.18
C LEU M 201 67.01 -14.88 25.04
N ARG M 202 67.48 -15.05 23.80
CA ARG M 202 66.75 -14.50 22.66
C ARG M 202 65.48 -15.29 22.40
N ARG M 203 65.60 -16.62 22.26
CA ARG M 203 64.45 -17.49 22.07
C ARG M 203 63.61 -17.65 23.32
N ALA M 204 64.00 -17.03 24.43
CA ALA M 204 63.21 -17.10 25.65
C ALA M 204 61.95 -16.25 25.58
N ARG M 205 61.90 -15.29 24.67
CA ARG M 205 60.75 -14.40 24.56
C ARG M 205 59.63 -15.06 23.75
N ALA M 206 58.50 -14.37 23.69
CA ALA M 206 57.36 -14.86 22.93
C ALA M 206 57.70 -14.94 21.44
N ALA M 207 57.55 -16.14 20.87
CA ALA M 207 57.97 -16.36 19.49
C ALA M 207 57.08 -15.60 18.51
N ALA M 208 55.77 -15.59 18.74
CA ALA M 208 54.83 -14.96 17.82
C ALA M 208 54.65 -13.47 18.07
N LEU M 209 55.12 -12.95 19.19
CA LEU M 209 54.93 -11.53 19.51
C LEU M 209 56.10 -10.67 19.06
N ASN M 210 57.22 -11.26 18.67
CA ASN M 210 58.39 -10.49 18.24
C ASN M 210 59.26 -11.39 17.37
N ILE M 211 60.34 -10.82 16.85
CA ILE M 211 61.35 -11.56 16.10
C ILE M 211 62.54 -11.80 17.01
N VAL M 212 62.95 -13.06 17.13
CA VAL M 212 64.01 -13.48 18.03
C VAL M 212 65.24 -13.81 17.18
N PRO M 213 66.31 -13.01 17.27
CA PRO M 213 67.55 -13.35 16.55
C PRO M 213 68.31 -14.45 17.28
N THR M 214 68.51 -15.56 16.58
CA THR M 214 69.22 -16.71 17.14
C THR M 214 70.42 -17.06 16.25
N SER M 215 71.24 -17.97 16.76
CA SER M 215 72.45 -18.41 16.07
C SER M 215 72.17 -19.68 15.26
N THR M 216 73.01 -19.91 14.27
CA THR M 216 72.89 -21.09 13.41
C THR M 216 74.27 -21.49 12.91
N GLY M 217 74.45 -22.78 12.71
CA GLY M 217 75.70 -23.30 12.19
C GLY M 217 75.58 -23.80 10.77
N ALA M 218 74.54 -23.32 10.06
CA ALA M 218 74.32 -23.75 8.68
C ALA M 218 75.42 -23.24 7.76
N ALA M 219 75.84 -21.99 7.93
CA ALA M 219 76.84 -21.40 7.05
C ALA M 219 78.25 -21.76 7.50
N LYS M 220 78.50 -21.82 8.82
CA LYS M 220 79.83 -22.14 9.31
C LYS M 220 80.20 -23.58 8.96
N ALA M 221 79.24 -24.50 9.02
CA ALA M 221 79.48 -25.91 8.72
C ALA M 221 79.08 -26.27 7.28
N ILE M 222 79.16 -25.31 6.37
CA ILE M 222 78.88 -25.60 4.97
C ILE M 222 79.95 -26.49 4.37
N GLY M 223 81.15 -26.53 4.96
CA GLY M 223 82.20 -27.41 4.50
C GLY M 223 81.92 -28.88 4.71
N LEU M 224 80.93 -29.23 5.53
CA LEU M 224 80.57 -30.62 5.74
C LEU M 224 80.01 -31.26 4.48
N VAL M 225 79.45 -30.47 3.56
CA VAL M 225 78.98 -30.98 2.29
C VAL M 225 79.74 -30.41 1.09
N MET M 226 80.37 -29.26 1.23
CA MET M 226 81.20 -28.66 0.18
C MET M 226 82.50 -28.21 0.83
N PRO M 227 83.50 -29.10 0.89
CA PRO M 227 84.74 -28.76 1.62
C PRO M 227 85.48 -27.57 1.04
N GLN M 228 85.24 -27.20 -0.22
CA GLN M 228 85.93 -26.06 -0.81
C GLN M 228 85.45 -24.73 -0.23
N LEU M 229 84.31 -24.73 0.47
CA LEU M 229 83.76 -23.51 1.06
C LEU M 229 83.82 -23.53 2.58
N LYS M 230 84.63 -24.41 3.15
CA LYS M 230 84.72 -24.53 4.61
C LYS M 230 85.36 -23.28 5.20
N GLY M 231 84.67 -22.65 6.15
CA GLY M 231 85.18 -21.46 6.81
C GLY M 231 85.00 -20.17 6.05
N LYS M 232 84.39 -20.20 4.86
CA LYS M 232 84.19 -19.00 4.07
C LYS M 232 82.83 -18.36 4.27
N LEU M 233 81.91 -19.03 4.98
CA LEU M 233 80.57 -18.53 5.19
C LEU M 233 80.27 -18.45 6.69
N ASP M 234 79.38 -17.52 7.05
CA ASP M 234 78.95 -17.35 8.42
C ASP M 234 77.66 -16.53 8.41
N GLY M 235 76.85 -16.71 9.45
CA GLY M 235 75.61 -15.96 9.53
C GLY M 235 74.82 -16.35 10.76
N TYR M 236 73.62 -15.79 10.84
CA TYR M 236 72.71 -16.00 11.96
C TYR M 236 71.31 -16.20 11.41
N ALA M 237 70.32 -16.24 12.31
CA ALA M 237 68.94 -16.44 11.93
C ALA M 237 68.05 -15.41 12.63
N LEU M 238 66.83 -15.26 12.11
CA LEU M 238 65.85 -14.35 12.68
C LEU M 238 64.48 -15.01 12.63
N ARG M 239 63.99 -15.44 13.78
CA ARG M 239 62.72 -16.16 13.87
C ARG M 239 61.56 -15.18 13.82
N VAL M 240 60.72 -15.30 12.80
CA VAL M 240 59.59 -14.38 12.61
C VAL M 240 58.29 -15.08 12.97
N PRO M 241 57.24 -14.35 13.36
CA PRO M 241 55.97 -14.99 13.71
C PRO M 241 55.31 -15.71 12.54
N ILE M 242 55.84 -16.88 12.18
CA ILE M 242 55.25 -17.73 11.15
C ILE M 242 55.41 -19.19 11.56
N PRO M 243 54.41 -20.05 11.33
CA PRO M 243 54.55 -21.47 11.69
C PRO M 243 55.60 -22.20 10.86
N THR M 244 55.40 -22.24 9.54
CA THR M 244 56.31 -22.94 8.64
C THR M 244 56.65 -22.06 7.44
N GLY M 245 57.88 -22.18 6.97
CA GLY M 245 58.34 -21.40 5.84
C GLY M 245 59.43 -20.41 6.20
N SER M 246 60.58 -20.52 5.56
CA SER M 246 61.72 -19.65 5.83
C SER M 246 62.36 -19.23 4.53
N VAL M 247 63.28 -18.27 4.61
CA VAL M 247 63.98 -17.75 3.45
C VAL M 247 65.42 -17.45 3.83
N THR M 248 66.33 -17.65 2.88
CA THR M 248 67.75 -17.42 3.06
C THR M 248 68.18 -16.20 2.24
N ASP M 249 68.94 -15.31 2.88
CA ASP M 249 69.49 -14.12 2.22
C ASP M 249 71.01 -14.21 2.33
N LEU M 250 71.67 -14.52 1.23
CA LEU M 250 73.11 -14.73 1.19
C LEU M 250 73.77 -13.62 0.39
N THR M 251 74.58 -12.80 1.08
CA THR M 251 75.40 -11.79 0.43
C THR M 251 76.82 -12.33 0.34
N VAL M 252 77.31 -12.54 -0.88
CA VAL M 252 78.54 -13.26 -1.14
C VAL M 252 79.40 -12.49 -2.13
N ASP M 253 80.70 -12.47 -1.89
CA ASP M 253 81.67 -11.93 -2.84
C ASP M 253 82.08 -13.02 -3.81
N LEU M 254 81.92 -12.74 -5.11
CA LEU M 254 82.19 -13.72 -6.15
C LEU M 254 83.62 -13.58 -6.67
N SER M 255 84.15 -14.69 -7.16
CA SER M 255 85.49 -14.67 -7.75
C SER M 255 85.49 -13.95 -9.09
N THR M 256 84.51 -14.25 -9.94
CA THR M 256 84.33 -13.57 -11.21
C THR M 256 83.09 -12.68 -11.13
N ARG M 257 83.23 -11.46 -11.64
CA ARG M 257 82.13 -10.51 -11.61
C ARG M 257 81.02 -10.94 -12.57
N ALA M 258 79.81 -11.10 -12.04
CA ALA M 258 78.66 -11.52 -12.83
C ALA M 258 77.53 -10.53 -12.64
N SER M 259 76.63 -10.51 -13.62
CA SER M 259 75.48 -9.63 -13.60
C SER M 259 74.28 -10.32 -12.94
N VAL M 260 73.24 -9.52 -12.67
CA VAL M 260 72.02 -10.08 -12.10
C VAL M 260 71.38 -11.08 -13.06
N ASP M 261 71.35 -10.74 -14.36
CA ASP M 261 70.80 -11.66 -15.34
C ASP M 261 71.65 -12.91 -15.48
N GLU M 262 72.97 -12.79 -15.32
CA GLU M 262 73.84 -13.96 -15.40
C GLU M 262 73.64 -14.88 -14.21
N ILE M 263 73.44 -14.31 -13.02
CA ILE M 263 73.19 -15.13 -11.84
C ILE M 263 71.84 -15.82 -11.96
N ASN M 264 70.82 -15.09 -12.43
CA ASN M 264 69.49 -15.68 -12.56
C ASN M 264 69.47 -16.78 -13.63
N ALA M 265 70.19 -16.57 -14.73
CA ALA M 265 70.25 -17.59 -15.77
C ALA M 265 71.00 -18.82 -15.29
N ALA M 266 72.04 -18.63 -14.48
CA ALA M 266 72.78 -19.77 -13.95
C ALA M 266 71.92 -20.57 -12.97
N PHE M 267 71.14 -19.89 -12.14
CA PHE M 267 70.23 -20.59 -11.23
C PHE M 267 69.09 -21.25 -11.99
N LYS M 268 68.61 -20.61 -13.06
CA LYS M 268 67.54 -21.21 -13.86
C LYS M 268 68.01 -22.48 -14.55
N ALA M 269 69.23 -22.47 -15.10
CA ALA M 269 69.76 -23.67 -15.74
C ALA M 269 70.02 -24.78 -14.73
N ALA M 270 70.39 -24.42 -13.50
CA ALA M 270 70.60 -25.44 -12.47
C ALA M 270 69.29 -26.03 -11.99
N ALA M 271 68.28 -25.19 -11.78
CA ALA M 271 66.98 -25.69 -11.34
C ALA M 271 66.33 -26.56 -12.41
N GLU M 272 66.59 -26.28 -13.69
CA GLU M 272 66.06 -27.07 -14.79
C GLU M 272 66.99 -28.19 -15.24
N GLY M 273 68.15 -28.33 -14.60
CA GLY M 273 69.11 -29.33 -15.03
C GLY M 273 69.70 -30.15 -13.90
N ARG M 274 70.91 -29.78 -13.45
CA ARG M 274 71.63 -30.60 -12.48
C ARG M 274 70.92 -30.65 -11.13
N LEU M 275 70.11 -29.64 -10.81
CA LEU M 275 69.40 -29.59 -9.55
C LEU M 275 67.89 -29.66 -9.75
N LYS M 276 67.44 -30.39 -10.77
CA LYS M 276 66.02 -30.55 -11.02
C LYS M 276 65.40 -31.43 -9.95
N GLY M 277 64.43 -30.89 -9.22
CA GLY M 277 63.78 -31.58 -8.13
C GLY M 277 64.18 -31.10 -6.76
N ILE M 278 65.34 -30.47 -6.63
CA ILE M 278 65.82 -29.94 -5.37
C ILE M 278 65.76 -28.41 -5.36
N LEU M 279 66.18 -27.76 -6.44
CA LEU M 279 66.15 -26.32 -6.55
C LEU M 279 65.06 -25.89 -7.54
N LYS M 280 64.30 -24.88 -7.16
CA LYS M 280 63.23 -24.35 -7.99
C LYS M 280 63.54 -22.90 -8.37
N TYR M 281 63.23 -22.55 -9.61
CA TYR M 281 63.42 -21.20 -10.11
C TYR M 281 62.08 -20.48 -10.18
N TYR M 282 62.01 -19.31 -9.57
CA TYR M 282 60.77 -18.53 -9.49
C TYR M 282 60.98 -17.18 -10.14
N ASP M 283 60.18 -16.87 -11.15
CA ASP M 283 60.16 -15.56 -11.78
C ASP M 283 58.90 -14.78 -11.44
N ALA M 284 58.05 -15.32 -10.52
CA ALA M 284 56.78 -14.78 -10.07
C ALA M 284 56.93 -14.11 -8.71
N PRO M 285 56.12 -13.08 -8.43
CA PRO M 285 56.20 -12.42 -7.12
C PRO M 285 55.60 -13.27 -6.01
N ILE M 286 56.37 -14.22 -5.51
CA ILE M 286 55.90 -15.14 -4.49
C ILE M 286 56.25 -14.61 -3.10
N VAL M 287 55.49 -15.05 -2.11
CA VAL M 287 55.75 -14.72 -0.72
C VAL M 287 55.93 -16.00 0.07
N SER M 288 56.18 -15.90 1.38
CA SER M 288 56.46 -17.09 2.18
C SER M 288 55.26 -18.01 2.29
N SER M 289 54.03 -17.50 2.13
CA SER M 289 52.86 -18.37 2.13
C SER M 289 52.80 -19.24 0.89
N ASP M 290 53.40 -18.80 -0.21
CA ASP M 290 53.48 -19.62 -1.41
C ASP M 290 54.56 -20.68 -1.34
N ILE M 291 55.35 -20.70 -0.26
CA ILE M 291 56.42 -21.66 -0.09
C ILE M 291 56.04 -22.79 0.85
N VAL M 292 55.02 -22.60 1.69
CA VAL M 292 54.61 -23.64 2.62
C VAL M 292 54.18 -24.88 1.84
N THR M 293 54.57 -26.04 2.36
CA THR M 293 54.27 -27.34 1.74
C THR M 293 54.81 -27.41 0.32
N ASP M 294 56.08 -27.06 0.15
CA ASP M 294 56.78 -27.20 -1.12
C ASP M 294 57.97 -28.13 -0.92
N PRO M 295 58.09 -29.21 -1.70
CA PRO M 295 59.15 -30.20 -1.41
C PRO M 295 60.54 -29.76 -1.84
N HIS M 296 60.69 -28.61 -2.50
CA HIS M 296 62.00 -28.17 -2.93
C HIS M 296 62.84 -27.72 -1.75
N SER M 297 64.15 -28.02 -1.81
CA SER M 297 65.05 -27.63 -0.74
C SER M 297 65.41 -26.16 -0.79
N SER M 298 65.50 -25.58 -1.98
CA SER M 298 65.83 -24.17 -2.14
C SER M 298 65.02 -23.62 -3.31
N ILE M 299 64.20 -22.62 -3.04
CA ILE M 299 63.34 -22.00 -4.05
C ILE M 299 63.96 -20.64 -4.37
N PHE M 300 64.75 -20.59 -5.44
CA PHE M 300 65.48 -19.37 -5.79
C PHE M 300 64.52 -18.29 -6.25
N ASP M 301 64.62 -17.12 -5.62
CA ASP M 301 63.77 -15.96 -5.95
C ASP M 301 64.58 -15.03 -6.85
N SER M 302 64.34 -15.11 -8.15
CA SER M 302 65.12 -14.34 -9.11
C SER M 302 64.82 -12.84 -9.05
N GLY M 303 63.69 -12.44 -8.47
CA GLY M 303 63.35 -11.03 -8.42
C GLY M 303 64.10 -10.25 -7.37
N LEU M 304 64.55 -10.91 -6.31
CA LEU M 304 65.22 -10.26 -5.19
C LEU M 304 66.74 -10.33 -5.30
N THR M 305 67.28 -10.47 -6.51
CA THR M 305 68.70 -10.59 -6.72
C THR M 305 69.29 -9.22 -7.07
N LYS M 306 70.41 -8.88 -6.43
CA LYS M 306 71.11 -7.64 -6.70
C LYS M 306 72.61 -7.89 -6.63
N VAL M 307 73.36 -7.15 -7.43
CA VAL M 307 74.82 -7.28 -7.48
C VAL M 307 75.43 -5.90 -7.58
N ILE M 308 76.57 -5.71 -6.92
CA ILE M 308 77.37 -4.49 -7.02
C ILE M 308 78.80 -4.97 -7.27
N ASP M 309 79.17 -5.05 -8.54
CA ASP M 309 80.45 -5.63 -8.96
C ASP M 309 80.62 -7.05 -8.42
N ASP M 310 81.56 -7.23 -7.49
CA ASP M 310 81.88 -8.57 -7.03
C ASP M 310 80.95 -9.07 -5.93
N GLN M 311 80.07 -8.22 -5.41
CA GLN M 311 79.23 -8.56 -4.27
C GLN M 311 77.79 -8.72 -4.74
N ALA M 312 77.23 -9.90 -4.51
CA ALA M 312 75.88 -10.24 -4.96
C ALA M 312 75.03 -10.73 -3.79
N LYS M 313 73.75 -10.37 -3.81
CA LYS M 313 72.79 -10.81 -2.81
C LYS M 313 71.79 -11.76 -3.48
N VAL M 314 71.70 -12.98 -2.97
CA VAL M 314 70.83 -14.01 -3.52
C VAL M 314 69.81 -14.39 -2.46
N VAL M 315 68.54 -14.45 -2.85
CA VAL M 315 67.44 -14.77 -1.93
C VAL M 315 66.78 -16.04 -2.42
N SER M 316 66.55 -16.99 -1.50
CA SER M 316 65.95 -18.26 -1.82
C SER M 316 65.07 -18.73 -0.68
N TRP M 317 63.86 -19.17 -1.00
CA TRP M 317 62.90 -19.63 0.00
C TRP M 317 63.09 -21.12 0.26
N TYR M 318 62.54 -21.58 1.39
CA TYR M 318 62.53 -22.99 1.72
C TYR M 318 61.58 -23.25 2.89
N ASP M 319 60.76 -24.30 2.78
CA ASP M 319 59.87 -24.70 3.87
C ASP M 319 60.67 -25.54 4.85
N ASN M 320 60.91 -25.00 6.05
CA ASN M 320 61.71 -25.68 7.05
C ASN M 320 61.05 -26.95 7.58
N GLU M 321 59.77 -27.17 7.30
CA GLU M 321 59.05 -28.35 7.76
C GLU M 321 58.83 -29.36 6.65
N TRP M 322 58.09 -28.98 5.61
CA TRP M 322 57.67 -29.94 4.58
C TRP M 322 58.82 -30.27 3.63
N GLY M 323 59.46 -29.25 3.07
CA GLY M 323 60.55 -29.49 2.14
C GLY M 323 61.71 -30.23 2.77
N TYR M 324 61.96 -29.99 4.06
CA TYR M 324 63.01 -30.72 4.76
C TYR M 324 62.62 -32.18 4.96
N SER M 325 61.36 -32.43 5.30
CA SER M 325 60.91 -33.81 5.53
C SER M 325 60.92 -34.62 4.25
N ASN M 326 60.60 -33.99 3.11
CA ASN M 326 60.67 -34.69 1.84
C ASN M 326 62.10 -35.08 1.49
N ARG M 327 63.08 -34.29 1.94
CA ARG M 327 64.47 -34.68 1.78
C ARG M 327 64.82 -35.85 2.69
N LEU M 328 64.22 -35.91 3.88
CA LEU M 328 64.40 -37.07 4.75
C LEU M 328 63.75 -38.31 4.17
N VAL M 329 62.64 -38.14 3.44
CA VAL M 329 62.02 -39.29 2.77
C VAL M 329 62.91 -39.78 1.63
N ASP M 330 63.41 -38.85 0.81
CA ASP M 330 64.29 -39.22 -0.29
C ASP M 330 65.60 -39.81 0.22
N LEU M 331 66.11 -39.32 1.36
CA LEU M 331 67.32 -39.89 1.93
C LEU M 331 67.05 -41.29 2.47
N VAL M 332 65.89 -41.50 3.10
CA VAL M 332 65.55 -42.82 3.60
C VAL M 332 65.33 -43.80 2.44
N THR M 333 64.85 -43.30 1.30
CA THR M 333 64.72 -44.17 0.12
C THR M 333 66.08 -44.50 -0.48
N LEU M 334 67.04 -43.58 -0.39
CA LEU M 334 68.38 -43.86 -0.88
C LEU M 334 69.11 -44.83 0.04
N VAL M 335 68.93 -44.70 1.35
CA VAL M 335 69.54 -45.62 2.29
C VAL M 335 68.92 -47.01 2.15
N GLY M 336 67.61 -47.07 1.97
CA GLY M 336 66.97 -48.36 1.76
C GLY M 336 67.43 -49.05 0.49
N LYS M 337 67.80 -48.26 -0.53
CA LYS M 337 68.34 -48.84 -1.75
C LYS M 337 69.73 -49.44 -1.54
N SER M 338 70.43 -49.02 -0.50
CA SER M 338 71.73 -49.57 -0.15
C SER M 338 71.62 -50.79 0.76
N LEU M 339 70.43 -51.18 1.16
CA LEU M 339 70.23 -52.34 2.02
C LEU M 339 69.73 -53.54 1.22
N THR N 2 25.02 -26.81 -18.76
CA THR N 2 26.01 -26.13 -17.93
C THR N 2 25.62 -24.68 -17.68
N VAL N 3 25.40 -24.33 -16.42
CA VAL N 3 25.02 -22.97 -16.06
C VAL N 3 26.23 -22.06 -16.19
N ARG N 4 26.10 -20.99 -16.97
CA ARG N 4 27.18 -20.04 -17.19
C ARG N 4 27.11 -18.95 -16.13
N VAL N 5 28.18 -18.80 -15.36
CA VAL N 5 28.21 -17.93 -14.18
C VAL N 5 29.19 -16.79 -14.42
N GLY N 6 28.81 -15.60 -13.97
CA GLY N 6 29.70 -14.44 -14.00
C GLY N 6 29.89 -13.86 -12.62
N ILE N 7 31.13 -13.59 -12.25
CA ILE N 7 31.45 -13.10 -10.90
C ILE N 7 31.69 -11.60 -10.97
N ASN N 8 31.06 -10.87 -10.05
CA ASN N 8 31.28 -9.44 -9.88
C ASN N 8 31.97 -9.25 -8.54
N GLY N 9 33.25 -8.90 -8.57
CA GLY N 9 34.04 -8.80 -7.35
C GLY N 9 34.82 -10.06 -7.08
N PHE N 10 35.94 -10.23 -7.78
CA PHE N 10 36.75 -11.44 -7.66
C PHE N 10 37.71 -11.34 -6.49
N GLY N 11 37.19 -10.98 -5.31
CA GLY N 11 38.02 -10.86 -4.13
C GLY N 11 38.19 -12.16 -3.38
N ARG N 12 38.18 -12.10 -2.04
CA ARG N 12 38.36 -13.31 -1.24
C ARG N 12 37.21 -14.28 -1.45
N ILE N 13 35.97 -13.79 -1.34
CA ILE N 13 34.81 -14.64 -1.56
C ILE N 13 34.72 -15.04 -3.02
N GLY N 14 35.04 -14.12 -3.93
CA GLY N 14 34.98 -14.44 -5.35
C GLY N 14 35.96 -15.53 -5.75
N ARG N 15 37.19 -15.47 -5.25
CA ARG N 15 38.17 -16.51 -5.56
C ARG N 15 37.90 -17.78 -4.77
N ASN N 16 37.37 -17.66 -3.55
CA ASN N 16 36.95 -18.86 -2.80
C ASN N 16 35.78 -19.55 -3.50
N PHE N 17 34.89 -18.78 -4.11
CA PHE N 17 33.79 -19.37 -4.87
C PHE N 17 34.30 -20.12 -6.10
N TYR N 18 35.31 -19.57 -6.78
CA TYR N 18 35.84 -20.22 -7.96
C TYR N 18 36.62 -21.48 -7.59
N ARG N 19 37.39 -21.43 -6.49
CA ARG N 19 38.13 -22.61 -6.07
C ARG N 19 37.19 -23.68 -5.53
N ALA N 20 36.12 -23.28 -4.84
CA ALA N 20 35.13 -24.25 -4.37
C ALA N 20 34.39 -24.88 -5.54
N LEU N 21 34.14 -24.10 -6.60
CA LEU N 21 33.51 -24.65 -7.79
C LEU N 21 34.42 -25.65 -8.48
N LEU N 22 35.72 -25.34 -8.56
CA LEU N 22 36.65 -26.25 -9.21
C LEU N 22 36.83 -27.53 -8.39
N ALA N 23 36.85 -27.41 -7.06
CA ALA N 23 36.94 -28.60 -6.22
C ALA N 23 35.69 -29.45 -6.31
N GLN N 24 34.52 -28.81 -6.39
CA GLN N 24 33.27 -29.56 -6.52
C GLN N 24 33.14 -30.18 -7.91
N GLN N 25 33.75 -29.55 -8.93
CA GLN N 25 33.76 -30.16 -10.25
C GLN N 25 34.66 -31.39 -10.29
N GLU N 26 35.79 -31.33 -9.59
CA GLU N 26 36.65 -32.51 -9.49
C GLU N 26 35.96 -33.63 -8.71
N GLN N 27 35.12 -33.28 -7.74
CA GLN N 27 34.33 -34.28 -7.03
C GLN N 27 33.11 -34.74 -7.82
N GLY N 28 32.72 -33.98 -8.84
CA GLY N 28 31.61 -34.36 -9.71
C GLY N 28 30.26 -33.79 -9.33
N THR N 29 30.17 -33.04 -8.23
CA THR N 29 28.91 -32.50 -7.76
C THR N 29 28.71 -31.05 -8.17
N ALA N 30 29.18 -30.68 -9.36
CA ALA N 30 29.03 -29.31 -9.85
C ALA N 30 28.96 -29.32 -11.37
N ASP N 31 28.09 -28.47 -11.91
CA ASP N 31 27.93 -28.34 -13.35
C ASP N 31 28.12 -26.92 -13.86
N VAL N 32 27.93 -25.91 -13.01
CA VAL N 32 28.08 -24.53 -13.46
C VAL N 32 29.55 -24.23 -13.75
N GLU N 33 29.77 -23.30 -14.68
CA GLU N 33 31.11 -22.86 -15.04
C GLU N 33 31.14 -21.34 -15.10
N VAL N 34 32.25 -20.77 -14.65
CA VAL N 34 32.43 -19.32 -14.64
C VAL N 34 33.11 -18.89 -15.93
N VAL N 35 32.50 -17.95 -16.64
CA VAL N 35 33.02 -17.47 -17.91
C VAL N 35 33.44 -16.01 -17.86
N ALA N 36 33.11 -15.28 -16.80
CA ALA N 36 33.46 -13.88 -16.71
C ALA N 36 33.67 -13.50 -15.25
N ALA N 37 34.62 -12.59 -15.02
CA ALA N 37 34.92 -12.09 -13.69
C ALA N 37 35.20 -10.60 -13.78
N ASN N 38 34.57 -9.82 -12.90
CA ASN N 38 34.68 -8.37 -12.92
C ASN N 38 35.22 -7.90 -11.57
N ASP N 39 36.33 -7.15 -11.61
CA ASP N 39 36.94 -6.60 -10.42
C ASP N 39 37.33 -5.16 -10.71
N ILE N 40 38.28 -4.63 -9.94
CA ILE N 40 38.79 -3.27 -10.15
C ILE N 40 40.27 -3.36 -10.49
N THR N 41 40.68 -4.45 -11.14
CA THR N 41 42.08 -4.66 -11.47
C THR N 41 42.17 -5.44 -12.77
N ASP N 42 43.36 -5.45 -13.36
CA ASP N 42 43.61 -6.11 -14.62
C ASP N 42 43.57 -7.63 -14.45
N ASN N 43 43.71 -8.34 -15.56
CA ASN N 43 43.71 -9.81 -15.51
C ASN N 43 45.00 -10.37 -14.92
N SER N 44 46.09 -9.62 -14.95
CA SER N 44 47.35 -10.11 -14.40
C SER N 44 47.24 -10.28 -12.89
N THR N 45 46.67 -9.28 -12.20
CA THR N 45 46.51 -9.38 -10.75
C THR N 45 45.46 -10.43 -10.39
N LEU N 46 44.39 -10.51 -11.18
CA LEU N 46 43.37 -11.54 -10.93
C LEU N 46 43.96 -12.94 -11.11
N ALA N 47 44.77 -13.13 -12.15
CA ALA N 47 45.39 -14.44 -12.36
C ALA N 47 46.42 -14.76 -11.30
N HIS N 48 47.13 -13.74 -10.80
CA HIS N 48 48.13 -13.97 -9.76
C HIS N 48 47.47 -14.31 -8.43
N LEU N 49 46.41 -13.57 -8.06
CA LEU N 49 45.70 -13.87 -6.83
C LEU N 49 44.92 -15.17 -6.90
N LEU N 50 44.66 -15.68 -8.11
CA LEU N 50 43.97 -16.97 -8.24
C LEU N 50 44.94 -18.13 -8.10
N LYS N 51 46.16 -17.99 -8.62
CA LYS N 51 47.13 -19.07 -8.54
C LYS N 51 47.71 -19.21 -7.14
N PHE N 52 48.12 -18.09 -6.55
CA PHE N 52 48.75 -18.09 -5.23
C PHE N 52 47.78 -17.51 -4.20
N ASP N 53 47.44 -18.31 -3.19
CA ASP N 53 46.57 -17.88 -2.12
C ASP N 53 47.27 -18.13 -0.79
N SER N 54 47.27 -17.11 0.08
CA SER N 54 47.94 -17.24 1.36
C SER N 54 47.24 -18.20 2.30
N ILE N 55 45.97 -18.51 2.05
CA ILE N 55 45.16 -19.35 2.91
C ILE N 55 44.88 -20.71 2.27
N LEU N 56 44.37 -20.70 1.04
CA LEU N 56 44.04 -21.94 0.34
C LEU N 56 45.24 -22.56 -0.37
N GLY N 57 46.42 -21.97 -0.25
CA GLY N 57 47.59 -22.52 -0.89
C GLY N 57 47.65 -22.22 -2.38
N ARG N 58 48.41 -23.05 -3.08
CA ARG N 58 48.63 -22.86 -4.51
C ARG N 58 47.62 -23.65 -5.32
N LEU N 59 47.18 -23.07 -6.43
CA LEU N 59 46.22 -23.72 -7.29
C LEU N 59 46.90 -24.86 -8.05
N PRO N 60 46.36 -26.07 -8.02
CA PRO N 60 47.00 -27.18 -8.74
C PRO N 60 47.00 -26.99 -10.24
N CYS N 61 46.04 -26.25 -10.79
CA CYS N 61 45.97 -26.01 -12.21
C CYS N 61 46.94 -24.91 -12.63
N ASP N 62 47.35 -24.96 -13.89
CA ASP N 62 48.18 -23.90 -14.45
C ASP N 62 47.32 -22.68 -14.77
N VAL N 63 47.90 -21.50 -14.64
CA VAL N 63 47.20 -20.24 -14.86
C VAL N 63 47.97 -19.42 -15.89
N GLY N 64 47.29 -18.99 -16.94
CA GLY N 64 47.89 -18.16 -17.97
C GLY N 64 47.05 -16.94 -18.24
N LEU N 65 47.56 -16.09 -19.13
CA LEU N 65 46.92 -14.84 -19.48
C LEU N 65 46.92 -14.66 -21.00
N GLU N 66 46.19 -13.64 -21.45
CA GLU N 66 46.09 -13.32 -22.87
C GLU N 66 46.21 -11.82 -23.08
N GLY N 67 45.08 -11.15 -23.25
CA GLY N 67 45.05 -9.70 -23.36
C GLY N 67 43.90 -9.13 -22.56
N ASP N 68 42.83 -9.89 -22.44
CA ASP N 68 41.72 -9.50 -21.60
C ASP N 68 41.07 -10.70 -20.91
N ASP N 69 41.50 -11.93 -21.18
CA ASP N 69 40.96 -13.12 -20.55
C ASP N 69 42.10 -13.94 -19.96
N THR N 70 41.81 -14.61 -18.85
CA THR N 70 42.77 -15.49 -18.19
C THR N 70 42.37 -16.93 -18.45
N ILE N 71 43.35 -17.73 -18.88
CA ILE N 71 43.15 -19.14 -19.16
C ILE N 71 43.70 -19.93 -17.97
N VAL N 72 42.82 -20.60 -17.23
CA VAL N 72 43.25 -21.47 -16.15
C VAL N 72 43.77 -22.75 -16.78
N VAL N 73 43.10 -23.88 -16.56
CA VAL N 73 43.52 -25.15 -17.11
C VAL N 73 42.50 -25.54 -18.17
N GLY N 74 42.90 -25.45 -19.43
CA GLY N 74 42.02 -25.79 -20.55
C GLY N 74 40.83 -24.88 -20.72
N ARG N 75 40.41 -24.23 -19.64
CA ARG N 75 39.28 -23.32 -19.63
C ARG N 75 39.76 -21.87 -19.62
N ALA N 76 38.99 -21.00 -20.25
CA ALA N 76 39.29 -19.59 -20.33
C ALA N 76 38.15 -18.78 -19.71
N LYS N 77 38.51 -17.79 -18.90
CA LYS N 77 37.55 -16.90 -18.25
C LYS N 77 37.81 -15.48 -18.71
N ILE N 78 36.82 -14.86 -19.34
CA ILE N 78 36.95 -13.50 -19.82
C ILE N 78 36.99 -12.57 -18.61
N LYS N 79 38.16 -11.99 -18.34
CA LYS N 79 38.34 -11.10 -17.19
C LYS N 79 37.78 -9.70 -17.51
N ALA N 80 36.48 -9.66 -17.76
CA ALA N 80 35.77 -8.41 -18.04
C ALA N 80 35.77 -7.56 -16.76
N LEU N 81 36.92 -6.94 -16.50
CA LEU N 81 37.14 -6.21 -15.25
C LEU N 81 37.21 -4.70 -15.42
N ALA N 82 37.33 -4.21 -16.66
CA ALA N 82 37.40 -2.77 -16.87
C ALA N 82 36.13 -2.04 -16.46
N VAL N 83 35.02 -2.77 -16.33
CA VAL N 83 33.75 -2.17 -15.93
C VAL N 83 33.82 -1.78 -14.46
N ARG N 84 34.43 -0.63 -14.17
CA ARG N 84 34.55 -0.15 -12.80
C ARG N 84 33.31 0.60 -12.33
N GLU N 85 32.34 0.84 -13.21
CA GLU N 85 31.14 1.58 -12.85
C GLU N 85 30.13 0.67 -12.15
N GLY N 86 28.84 0.92 -12.38
CA GLY N 86 27.80 0.11 -11.79
C GLY N 86 27.73 -1.28 -12.42
N PRO N 87 27.00 -2.19 -11.78
CA PRO N 87 26.86 -3.54 -12.34
C PRO N 87 26.07 -3.58 -13.64
N ALA N 88 25.27 -2.55 -13.93
CA ALA N 88 24.50 -2.52 -15.17
C ALA N 88 25.37 -2.28 -16.40
N ALA N 89 26.63 -1.89 -16.21
CA ALA N 89 27.52 -1.64 -17.35
C ALA N 89 28.22 -2.90 -17.83
N LEU N 90 28.17 -3.99 -17.06
CA LEU N 90 28.84 -5.21 -17.48
C LEU N 90 28.04 -5.89 -18.59
N PRO N 91 28.72 -6.49 -19.58
CA PRO N 91 28.02 -7.16 -20.69
C PRO N 91 27.70 -8.61 -20.38
N TRP N 92 26.71 -8.83 -19.50
CA TRP N 92 26.31 -10.19 -19.17
C TRP N 92 25.52 -10.83 -20.31
N GLY N 93 24.71 -10.03 -21.02
CA GLY N 93 23.96 -10.57 -22.13
C GLY N 93 24.84 -10.96 -23.31
N ASP N 94 25.92 -10.21 -23.53
CA ASP N 94 26.84 -10.55 -24.61
C ASP N 94 27.67 -11.77 -24.26
N LEU N 95 28.04 -11.92 -22.98
CA LEU N 95 28.82 -13.06 -22.55
C LEU N 95 27.96 -14.32 -22.33
N GLY N 96 26.64 -14.18 -22.34
CA GLY N 96 25.77 -15.33 -22.14
C GLY N 96 25.78 -15.86 -20.72
N VAL N 97 25.87 -14.98 -19.73
CA VAL N 97 25.93 -15.40 -18.33
C VAL N 97 24.53 -15.63 -17.82
N ASP N 98 24.31 -16.80 -17.19
CA ASP N 98 23.01 -17.14 -16.60
C ASP N 98 22.86 -16.56 -15.21
N VAL N 99 23.71 -16.98 -14.28
CA VAL N 99 23.65 -16.54 -12.88
C VAL N 99 24.85 -15.66 -12.61
N VAL N 100 24.63 -14.54 -11.94
CA VAL N 100 25.69 -13.60 -11.57
C VAL N 100 25.86 -13.64 -10.05
N VAL N 101 27.10 -13.89 -9.61
CA VAL N 101 27.44 -13.95 -8.20
C VAL N 101 27.99 -12.58 -7.82
N GLU N 102 27.16 -11.77 -7.17
CA GLU N 102 27.57 -10.45 -6.71
C GLU N 102 28.40 -10.60 -5.45
N SER N 103 29.68 -10.22 -5.52
CA SER N 103 30.58 -10.40 -4.38
C SER N 103 31.50 -9.20 -4.18
N THR N 104 31.06 -8.02 -4.60
CA THR N 104 31.85 -6.81 -4.32
C THR N 104 31.60 -6.29 -2.92
N GLY N 105 30.39 -6.50 -2.39
CA GLY N 105 30.01 -5.93 -1.11
C GLY N 105 29.41 -4.54 -1.19
N LEU N 106 29.51 -3.88 -2.34
CA LEU N 106 28.96 -2.55 -2.52
C LEU N 106 27.59 -2.54 -3.19
N PHE N 107 27.14 -3.68 -3.70
CA PHE N 107 25.87 -3.79 -4.42
C PHE N 107 24.91 -4.71 -3.69
N THR N 108 24.87 -4.61 -2.36
CA THR N 108 23.96 -5.45 -1.59
C THR N 108 22.50 -5.02 -1.75
N ASN N 109 22.28 -3.74 -2.07
CA ASN N 109 20.91 -3.27 -2.29
C ASN N 109 20.35 -3.83 -3.58
N ALA N 110 19.06 -4.18 -3.56
CA ALA N 110 18.43 -4.75 -4.74
C ALA N 110 18.35 -3.74 -5.88
N ALA N 111 18.31 -2.45 -5.55
CA ALA N 111 18.31 -1.42 -6.59
C ALA N 111 19.59 -1.50 -7.43
N LYS N 112 20.73 -1.71 -6.79
CA LYS N 112 21.98 -1.87 -7.52
C LYS N 112 22.13 -3.29 -8.06
N ALA N 113 21.75 -4.30 -7.27
CA ALA N 113 21.88 -5.68 -7.71
C ALA N 113 21.03 -5.99 -8.93
N LYS N 114 19.97 -5.22 -9.17
CA LYS N 114 19.16 -5.40 -10.37
C LYS N 114 19.89 -4.97 -11.63
N GLY N 115 21.02 -4.27 -11.52
CA GLY N 115 21.77 -3.89 -12.69
C GLY N 115 22.31 -5.07 -13.48
N HIS N 116 22.63 -6.16 -12.79
CA HIS N 116 23.04 -7.38 -13.49
C HIS N 116 21.91 -7.92 -14.34
N LEU N 117 20.69 -7.96 -13.79
CA LEU N 117 19.54 -8.44 -14.56
C LEU N 117 19.27 -7.53 -15.75
N ASP N 118 19.35 -6.21 -15.55
CA ASP N 118 19.13 -5.28 -16.65
C ASP N 118 20.22 -5.40 -17.71
N ALA N 119 21.40 -5.86 -17.33
CA ALA N 119 22.51 -6.02 -18.26
C ALA N 119 22.46 -7.33 -19.04
N GLY N 120 21.56 -8.24 -18.68
CA GLY N 120 21.41 -9.47 -19.45
C GLY N 120 21.47 -10.74 -18.63
N ALA N 121 21.64 -10.61 -17.32
CA ALA N 121 21.68 -11.78 -16.44
C ALA N 121 20.28 -12.29 -16.13
N LYS N 122 20.16 -13.61 -16.01
CA LYS N 122 18.90 -14.24 -15.65
C LYS N 122 18.62 -14.24 -14.16
N LYS N 123 19.66 -14.39 -13.33
CA LYS N 123 19.48 -14.39 -11.88
C LYS N 123 20.74 -13.84 -11.23
N VAL N 124 20.57 -13.28 -10.03
CA VAL N 124 21.66 -12.69 -9.27
C VAL N 124 21.69 -13.32 -7.88
N ILE N 125 22.89 -13.67 -7.42
CA ILE N 125 23.11 -14.20 -6.08
C ILE N 125 23.99 -13.23 -5.32
N ILE N 126 23.44 -12.63 -4.27
CA ILE N 126 24.18 -11.68 -3.44
C ILE N 126 24.87 -12.45 -2.32
N SER N 127 26.19 -12.27 -2.20
CA SER N 127 26.99 -12.97 -1.20
C SER N 127 27.01 -12.26 0.14
N ALA N 128 25.91 -11.63 0.53
CA ALA N 128 25.81 -10.89 1.78
C ALA N 128 24.34 -10.60 2.06
N PRO N 129 24.00 -10.27 3.31
CA PRO N 129 22.64 -9.83 3.60
C PRO N 129 22.27 -8.62 2.75
N ALA N 130 21.12 -8.71 2.08
CA ALA N 130 20.70 -7.75 1.08
C ALA N 130 19.54 -6.91 1.59
N THR N 131 19.18 -5.90 0.79
CA THR N 131 18.06 -5.03 1.05
C THR N 131 17.06 -5.15 -0.09
N ASP N 132 15.78 -5.31 0.25
CA ASP N 132 14.70 -5.42 -0.73
C ASP N 132 14.90 -6.59 -1.68
N GLU N 133 15.53 -7.66 -1.21
CA GLU N 133 15.77 -8.82 -2.05
C GLU N 133 14.49 -9.63 -2.23
N ASP N 134 14.49 -10.47 -3.26
CA ASP N 134 13.34 -11.32 -3.52
C ASP N 134 13.21 -12.39 -2.45
N ILE N 135 14.31 -13.05 -2.10
CA ILE N 135 14.29 -14.11 -1.10
C ILE N 135 15.71 -14.26 -0.55
N THR N 136 15.79 -14.53 0.75
CA THR N 136 17.05 -14.87 1.41
C THR N 136 17.05 -16.36 1.69
N ILE N 137 18.01 -17.07 1.11
CA ILE N 137 18.02 -18.53 1.10
C ILE N 137 19.25 -19.02 1.85
N VAL N 138 19.03 -19.98 2.75
CA VAL N 138 20.10 -20.74 3.39
C VAL N 138 19.91 -22.20 3.00
N LEU N 139 20.86 -22.75 2.26
CA LEU N 139 20.73 -24.11 1.75
C LEU N 139 20.58 -25.10 2.89
N GLY N 140 19.47 -25.84 2.88
CA GLY N 140 19.16 -26.79 3.92
C GLY N 140 18.24 -26.29 5.01
N VAL N 141 17.78 -25.04 4.91
CA VAL N 141 16.90 -24.46 5.93
C VAL N 141 15.60 -24.00 5.30
N ASN N 142 15.67 -22.96 4.47
CA ASN N 142 14.48 -22.40 3.83
C ASN N 142 14.60 -22.42 2.31
N ASP N 143 15.35 -23.37 1.75
CA ASP N 143 15.45 -23.48 0.31
C ASP N 143 14.15 -23.96 -0.33
N ASP N 144 13.21 -24.49 0.47
CA ASP N 144 11.93 -24.92 -0.08
C ASP N 144 11.03 -23.74 -0.43
N LYS N 145 11.26 -22.57 0.16
CA LYS N 145 10.50 -21.38 -0.15
C LYS N 145 10.92 -20.73 -1.47
N TYR N 146 11.81 -21.38 -2.22
CA TYR N 146 12.33 -20.84 -3.48
C TYR N 146 11.69 -21.58 -4.64
N ASP N 147 10.90 -20.86 -5.43
CA ASP N 147 10.38 -21.40 -6.68
C ASP N 147 11.23 -20.84 -7.84
N GLY N 148 10.68 -20.87 -9.05
CA GLY N 148 11.39 -20.34 -10.20
C GLY N 148 11.16 -18.87 -10.45
N SER N 149 10.44 -18.17 -9.57
CA SER N 149 10.10 -16.78 -9.80
C SER N 149 10.86 -15.85 -8.86
N GLN N 150 12.17 -16.03 -8.75
CA GLN N 150 13.02 -15.15 -7.97
C GLN N 150 14.29 -14.85 -8.75
N ASN N 151 14.72 -13.59 -8.71
CA ASN N 151 15.90 -13.13 -9.43
C ASN N 151 16.94 -12.51 -8.50
N ILE N 152 16.52 -11.61 -7.62
CA ILE N 152 17.44 -10.97 -6.67
C ILE N 152 17.46 -11.86 -5.43
N ILE N 153 18.42 -12.79 -5.41
CA ILE N 153 18.54 -13.79 -4.35
C ILE N 153 19.75 -13.47 -3.51
N SER N 154 19.60 -13.59 -2.19
CA SER N 154 20.67 -13.33 -1.23
C SER N 154 20.95 -14.60 -0.45
N ASN N 155 22.23 -14.95 -0.32
CA ASN N 155 22.66 -16.11 0.43
C ASN N 155 22.97 -15.78 1.89
N ALA N 156 22.54 -14.61 2.36
CA ALA N 156 22.76 -14.15 3.74
C ALA N 156 24.25 -14.10 4.08
N SER N 157 24.58 -14.00 5.36
CA SER N 157 25.96 -13.90 5.79
C SER N 157 26.56 -15.28 6.02
N CYS N 158 27.89 -15.31 6.17
CA CYS N 158 28.57 -16.57 6.47
C CYS N 158 28.20 -17.08 7.86
N THR N 159 27.94 -16.16 8.80
CA THR N 159 27.48 -16.58 10.12
C THR N 159 26.07 -17.14 10.07
N THR N 160 25.24 -16.64 9.14
CA THR N 160 23.87 -17.14 9.03
C THR N 160 23.85 -18.59 8.58
N ASN N 161 24.69 -18.95 7.62
CA ASN N 161 24.73 -20.32 7.12
C ASN N 161 25.19 -21.32 8.19
N CYS N 162 25.75 -20.86 9.30
CA CYS N 162 26.11 -21.71 10.42
C CYS N 162 25.08 -21.67 11.54
N LEU N 163 24.50 -20.50 11.80
CA LEU N 163 23.51 -20.39 12.87
C LEU N 163 22.19 -21.04 12.47
N ALA N 164 21.80 -20.92 11.20
CA ALA N 164 20.51 -21.43 10.76
C ALA N 164 20.37 -22.94 10.95
N PRO N 165 21.34 -23.78 10.59
CA PRO N 165 21.17 -25.22 10.85
C PRO N 165 21.13 -25.54 12.34
N LEU N 166 21.92 -24.84 13.15
CA LEU N 166 21.90 -25.08 14.59
C LEU N 166 20.57 -24.68 15.21
N ALA N 167 20.04 -23.52 14.82
CA ALA N 167 18.76 -23.07 15.37
C ALA N 167 17.60 -23.88 14.82
N LYS N 168 17.73 -24.42 13.60
CA LYS N 168 16.66 -25.23 13.04
C LYS N 168 16.54 -26.56 13.76
N VAL N 169 17.67 -27.19 14.09
CA VAL N 169 17.64 -28.46 14.81
C VAL N 169 17.11 -28.25 16.23
N LEU N 170 17.54 -27.17 16.88
CA LEU N 170 17.11 -26.92 18.25
C LEU N 170 15.62 -26.58 18.32
N ASP N 171 15.09 -25.90 17.30
CA ASP N 171 13.68 -25.52 17.33
C ASP N 171 12.78 -26.68 16.92
N ASP N 172 13.19 -27.45 15.92
CA ASP N 172 12.38 -28.58 15.47
C ASP N 172 12.40 -29.75 16.45
N GLU N 173 13.41 -29.83 17.31
CA GLU N 173 13.54 -30.92 18.27
C GLU N 173 13.15 -30.51 19.69
N PHE N 174 13.45 -29.27 20.08
CA PHE N 174 13.18 -28.81 21.43
C PHE N 174 12.42 -27.50 21.51
N GLY N 175 12.41 -26.68 20.46
CA GLY N 175 11.74 -25.40 20.51
C GLY N 175 12.64 -24.30 21.03
N ILE N 176 12.59 -23.12 20.40
CA ILE N 176 13.44 -22.00 20.76
C ILE N 176 12.55 -20.85 21.25
N VAL N 177 12.74 -20.47 22.51
CA VAL N 177 12.03 -19.31 23.05
C VAL N 177 12.76 -18.03 22.68
N LYS N 178 14.03 -17.93 23.10
CA LYS N 178 14.85 -16.76 22.81
C LYS N 178 16.31 -17.14 23.01
N GLY N 179 17.20 -16.42 22.34
CA GLY N 179 18.61 -16.72 22.41
C GLY N 179 19.46 -15.51 22.08
N LEU N 180 20.67 -15.50 22.65
CA LEU N 180 21.64 -14.45 22.40
C LEU N 180 22.93 -15.08 21.90
N MET N 181 23.50 -14.51 20.84
CA MET N 181 24.61 -15.10 20.12
C MET N 181 25.89 -14.29 20.32
N THR N 182 27.02 -14.99 20.22
CA THR N 182 28.33 -14.34 20.10
C THR N 182 29.18 -15.22 19.17
N THR N 183 29.27 -14.82 17.92
CA THR N 183 30.12 -15.52 16.96
C THR N 183 31.54 -14.99 17.05
N ILE N 184 32.50 -15.91 17.13
CA ILE N 184 33.92 -15.57 17.21
C ILE N 184 34.47 -15.73 15.80
N HIS N 185 34.71 -14.61 15.13
CA HIS N 185 34.97 -14.59 13.70
C HIS N 185 36.42 -14.27 13.41
N ALA N 186 36.87 -14.69 12.24
CA ALA N 186 38.16 -14.32 11.70
C ALA N 186 38.09 -12.90 11.12
N TYR N 187 39.24 -12.24 11.07
CA TYR N 187 39.25 -10.89 10.53
C TYR N 187 39.12 -10.92 9.02
N THR N 188 38.44 -9.91 8.48
CA THR N 188 38.12 -9.83 7.07
C THR N 188 38.70 -8.54 6.48
N GLN N 189 38.56 -8.39 5.16
CA GLN N 189 39.22 -7.32 4.44
C GLN N 189 38.68 -5.95 4.83
N ASP N 190 37.41 -5.87 5.28
CA ASP N 190 36.82 -4.59 5.64
C ASP N 190 37.43 -3.99 6.89
N GLN N 191 38.33 -4.70 7.57
CA GLN N 191 39.03 -4.16 8.73
C GLN N 191 40.36 -3.53 8.29
N ASN N 192 40.94 -2.77 9.21
CA ASN N 192 42.19 -2.06 8.96
C ASN N 192 43.37 -2.87 9.49
N LEU N 193 44.45 -2.92 8.70
CA LEU N 193 45.66 -3.61 9.13
C LEU N 193 46.31 -2.87 10.29
N GLN N 194 46.33 -1.55 10.24
CA GLN N 194 46.87 -0.71 11.31
C GLN N 194 45.78 0.21 11.82
N ASP N 195 46.10 0.99 12.85
CA ASP N 195 45.14 1.92 13.43
C ASP N 195 44.86 3.05 12.46
N GLY N 196 43.69 3.02 11.82
CA GLY N 196 43.32 4.04 10.86
C GLY N 196 41.85 4.38 10.94
N PRO N 197 41.43 5.41 10.21
CA PRO N 197 40.02 5.81 10.22
C PRO N 197 39.12 4.73 9.63
N HIS N 198 37.89 4.69 10.14
CA HIS N 198 36.90 3.69 9.74
C HIS N 198 35.55 4.11 10.31
N LYS N 199 34.49 3.75 9.59
CA LYS N 199 33.14 4.02 10.09
C LYS N 199 32.88 3.29 11.39
N ASP N 200 33.46 2.10 11.56
CA ASP N 200 33.37 1.33 12.80
C ASP N 200 34.65 1.59 13.60
N LEU N 201 34.52 2.28 14.72
CA LEU N 201 35.68 2.54 15.57
C LEU N 201 36.24 1.26 16.18
N ARG N 202 35.43 0.21 16.27
CA ARG N 202 35.94 -1.08 16.75
C ARG N 202 36.84 -1.72 15.69
N ARG N 203 36.35 -1.81 14.46
CA ARG N 203 37.14 -2.35 13.35
C ARG N 203 38.17 -1.36 12.83
N ALA N 204 38.20 -0.14 13.35
CA ALA N 204 39.23 0.82 12.99
C ALA N 204 40.60 0.43 13.56
N ARG N 205 40.61 -0.34 14.64
CA ARG N 205 41.85 -0.74 15.28
C ARG N 205 42.54 -1.83 14.46
N ALA N 206 43.76 -2.17 14.86
CA ALA N 206 44.52 -3.20 14.16
C ALA N 206 43.81 -4.54 14.27
N ALA N 207 43.65 -5.21 13.12
CA ALA N 207 42.86 -6.43 13.09
C ALA N 207 43.61 -7.61 13.68
N ALA N 208 44.92 -7.68 13.48
CA ALA N 208 45.72 -8.81 13.95
C ALA N 208 46.29 -8.61 15.35
N LEU N 209 46.11 -7.43 15.94
CA LEU N 209 46.68 -7.14 17.26
C LEU N 209 45.72 -7.36 18.41
N ASN N 210 44.42 -7.45 18.15
CA ASN N 210 43.43 -7.50 19.20
C ASN N 210 42.18 -8.15 18.65
N ILE N 211 41.15 -8.22 19.50
CA ILE N 211 39.83 -8.69 19.10
C ILE N 211 38.91 -7.48 19.02
N VAL N 212 38.17 -7.38 17.92
CA VAL N 212 37.33 -6.23 17.64
C VAL N 212 35.87 -6.68 17.73
N PRO N 213 35.10 -6.21 18.71
CA PRO N 213 33.68 -6.53 18.77
C PRO N 213 32.88 -5.70 17.78
N THR N 214 32.34 -6.37 16.76
CA THR N 214 31.55 -5.71 15.72
C THR N 214 30.15 -6.32 15.69
N SER N 215 29.25 -5.64 14.97
CA SER N 215 27.86 -6.07 14.88
C SER N 215 27.69 -7.10 13.77
N THR N 216 26.57 -7.82 13.84
CA THR N 216 26.23 -8.80 12.82
C THR N 216 24.71 -8.91 12.74
N GLY N 217 24.22 -9.25 11.54
CA GLY N 217 22.81 -9.39 11.33
C GLY N 217 22.38 -10.82 11.09
N ALA N 218 23.23 -11.77 11.51
CA ALA N 218 22.91 -13.18 11.31
C ALA N 218 21.80 -13.64 12.25
N ALA N 219 21.89 -13.29 13.53
CA ALA N 219 20.87 -13.64 14.51
C ALA N 219 19.71 -12.67 14.53
N LYS N 220 19.97 -11.38 14.30
CA LYS N 220 18.89 -10.39 14.33
C LYS N 220 17.92 -10.60 13.18
N ALA N 221 18.43 -11.01 12.02
CA ALA N 221 17.62 -11.27 10.84
C ALA N 221 17.43 -12.77 10.59
N ILE N 222 17.40 -13.57 11.67
CA ILE N 222 17.15 -15.00 11.51
C ILE N 222 15.74 -15.29 11.03
N GLY N 223 14.82 -14.34 11.20
CA GLY N 223 13.47 -14.50 10.70
C GLY N 223 13.37 -14.44 9.18
N LEU N 224 14.40 -13.92 8.51
CA LEU N 224 14.40 -13.90 7.06
C LEU N 224 14.49 -15.30 6.47
N VAL N 225 15.07 -16.25 7.23
CA VAL N 225 15.14 -17.63 6.80
C VAL N 225 14.34 -18.56 7.70
N MET N 226 14.00 -18.14 8.92
CA MET N 226 13.16 -18.92 9.82
C MET N 226 12.16 -17.96 10.46
N PRO N 227 11.00 -17.78 9.81
CA PRO N 227 10.05 -16.75 10.29
C PRO N 227 9.55 -16.99 11.70
N GLN N 228 9.48 -18.25 12.15
CA GLN N 228 9.04 -18.53 13.50
C GLN N 228 10.02 -18.03 14.56
N LEU N 229 11.27 -17.77 14.19
CA LEU N 229 12.28 -17.29 15.10
C LEU N 229 12.57 -15.81 14.92
N LYS N 230 11.70 -15.08 14.22
CA LYS N 230 11.92 -13.67 13.95
C LYS N 230 11.88 -12.87 15.25
N GLY N 231 12.96 -12.11 15.50
CA GLY N 231 13.06 -11.30 16.71
C GLY N 231 13.37 -12.06 17.97
N LYS N 232 13.42 -13.39 17.93
CA LYS N 232 13.75 -14.19 19.09
C LYS N 232 15.25 -14.37 19.29
N LEU N 233 16.07 -14.05 18.29
CA LEU N 233 17.51 -14.20 18.37
C LEU N 233 18.19 -12.86 18.17
N ASP N 234 19.36 -12.72 18.76
CA ASP N 234 20.18 -11.51 18.63
C ASP N 234 21.61 -11.86 19.01
N GLY N 235 22.53 -10.98 18.64
CA GLY N 235 23.92 -11.22 18.98
C GLY N 235 24.83 -10.23 18.27
N TYR N 236 26.12 -10.46 18.46
CA TYR N 236 27.16 -9.63 17.87
C TYR N 236 28.30 -10.53 17.43
N ALA N 237 29.40 -9.92 16.99
CA ALA N 237 30.57 -10.65 16.51
C ALA N 237 31.82 -10.14 17.22
N LEU N 238 32.85 -10.99 17.23
CA LEU N 238 34.15 -10.64 17.80
C LEU N 238 35.23 -11.17 16.86
N ARG N 239 35.89 -10.26 16.15
CA ARG N 239 36.90 -10.63 15.18
C ARG N 239 38.22 -10.93 15.90
N VAL N 240 38.71 -12.16 15.76
CA VAL N 240 39.93 -12.58 16.44
C VAL N 240 41.08 -12.70 15.44
N PRO N 241 42.34 -12.49 15.86
CA PRO N 241 43.46 -12.61 14.91
C PRO N 241 43.62 -13.99 14.31
N ILE N 242 42.73 -14.32 13.36
CA ILE N 242 42.80 -15.57 12.61
C ILE N 242 42.43 -15.27 11.17
N PRO N 243 43.09 -15.89 10.17
CA PRO N 243 42.75 -15.61 8.77
C PRO N 243 41.39 -16.16 8.36
N THR N 244 41.19 -17.46 8.46
CA THR N 244 39.92 -18.09 8.15
C THR N 244 39.51 -19.03 9.27
N GLY N 245 38.20 -19.21 9.42
CA GLY N 245 37.69 -20.06 10.47
C GLY N 245 37.01 -19.27 11.57
N SER N 246 35.73 -19.55 11.80
CA SER N 246 34.96 -18.85 12.81
C SER N 246 34.10 -19.87 13.56
N VAL N 247 33.54 -19.43 14.68
CA VAL N 247 32.73 -20.30 15.53
C VAL N 247 31.60 -19.48 16.13
N THR N 248 30.43 -20.11 16.25
CA THR N 248 29.23 -19.46 16.77
C THR N 248 28.87 -20.06 18.12
N ASP N 249 28.62 -19.19 19.10
CA ASP N 249 28.27 -19.59 20.46
C ASP N 249 26.86 -19.08 20.73
N LEU N 250 25.87 -19.96 20.62
CA LEU N 250 24.47 -19.59 20.76
C LEU N 250 23.96 -20.08 22.12
N THR N 251 23.59 -19.14 22.99
CA THR N 251 22.98 -19.44 24.27
C THR N 251 21.48 -19.16 24.14
N VAL N 252 20.68 -20.22 24.19
CA VAL N 252 19.27 -20.16 23.84
C VAL N 252 18.44 -20.82 24.93
N ASP N 253 17.30 -20.21 25.26
CA ASP N 253 16.32 -20.83 26.13
C ASP N 253 15.41 -21.76 25.33
N LEU N 254 15.21 -22.97 25.84
CA LEU N 254 14.43 -23.98 25.15
C LEU N 254 13.01 -24.04 25.70
N SER N 255 12.05 -24.34 24.80
CA SER N 255 10.67 -24.48 25.23
C SER N 255 10.49 -25.70 26.13
N THR N 256 11.18 -26.79 25.82
CA THR N 256 11.16 -28.00 26.63
C THR N 256 12.56 -28.27 27.17
N ARG N 257 12.63 -28.71 28.42
CA ARG N 257 13.90 -28.98 29.07
C ARG N 257 14.58 -30.16 28.41
N ALA N 258 15.79 -29.95 27.89
CA ALA N 258 16.57 -30.98 27.23
C ALA N 258 17.94 -31.10 27.88
N SER N 259 18.48 -32.31 27.85
CA SER N 259 19.80 -32.58 28.42
C SER N 259 20.89 -32.42 27.36
N VAL N 260 22.14 -32.45 27.81
CA VAL N 260 23.27 -32.33 26.89
C VAL N 260 23.31 -33.52 25.94
N ASP N 261 23.05 -34.72 26.47
CA ASP N 261 23.05 -35.91 25.62
C ASP N 261 21.90 -35.91 24.63
N GLU N 262 20.78 -35.27 24.97
CA GLU N 262 19.67 -35.16 24.03
C GLU N 262 20.00 -34.21 22.89
N ILE N 263 20.66 -33.09 23.20
CA ILE N 263 21.02 -32.13 22.16
C ILE N 263 22.09 -32.71 21.25
N ASN N 264 23.08 -33.39 21.82
CA ASN N 264 24.14 -33.98 21.01
C ASN N 264 23.61 -35.06 20.09
N ALA N 265 22.70 -35.90 20.61
CA ALA N 265 22.12 -36.96 19.78
C ALA N 265 21.20 -36.38 18.71
N ALA N 266 20.50 -35.28 19.01
CA ALA N 266 19.65 -34.66 18.00
C ALA N 266 20.47 -34.06 16.87
N PHE N 267 21.60 -33.44 17.20
CA PHE N 267 22.45 -32.87 16.17
C PHE N 267 23.16 -33.96 15.37
N LYS N 268 23.52 -35.07 16.02
CA LYS N 268 24.17 -36.16 15.30
C LYS N 268 23.20 -36.83 14.33
N ALA N 269 21.95 -37.02 14.74
CA ALA N 269 20.97 -37.61 13.85
C ALA N 269 20.60 -36.65 12.72
N ALA N 270 20.63 -35.34 12.97
CA ALA N 270 20.34 -34.38 11.92
C ALA N 270 21.50 -34.26 10.94
N ALA N 271 22.74 -34.31 11.44
CA ALA N 271 23.90 -34.22 10.56
C ALA N 271 24.02 -35.44 9.66
N GLU N 272 23.66 -36.61 10.19
CA GLU N 272 23.74 -37.86 9.42
C GLU N 272 22.48 -38.15 8.63
N GLY N 273 21.48 -37.26 8.68
CA GLY N 273 20.23 -37.51 8.00
C GLY N 273 19.76 -36.37 7.11
N ARG N 274 18.89 -35.51 7.65
CA ARG N 274 18.30 -34.45 6.85
C ARG N 274 19.28 -33.37 6.46
N LEU N 275 20.37 -33.20 7.23
CA LEU N 275 21.37 -32.17 6.97
C LEU N 275 22.71 -32.78 6.59
N LYS N 276 22.68 -33.87 5.83
CA LYS N 276 23.90 -34.51 5.36
C LYS N 276 24.55 -33.65 4.29
N GLY N 277 25.73 -33.12 4.58
CA GLY N 277 26.44 -32.23 3.69
C GLY N 277 26.41 -30.78 4.11
N ILE N 278 25.48 -30.41 4.99
CA ILE N 278 25.39 -29.05 5.50
C ILE N 278 25.90 -28.95 6.93
N LEU N 279 25.52 -29.90 7.79
CA LEU N 279 25.93 -29.92 9.18
C LEU N 279 26.84 -31.11 9.44
N LYS N 280 27.92 -30.88 10.18
CA LYS N 280 28.88 -31.92 10.53
C LYS N 280 28.90 -32.11 12.04
N TYR N 281 28.95 -33.37 12.47
CA TYR N 281 29.00 -33.70 13.88
C TYR N 281 30.44 -34.03 14.28
N TYR N 282 30.92 -33.36 15.32
CA TYR N 282 32.29 -33.53 15.82
C TYR N 282 32.25 -34.01 17.25
N ASP N 283 32.87 -35.16 17.51
CA ASP N 283 33.06 -35.66 18.87
C ASP N 283 34.52 -35.60 19.30
N ALA N 284 35.41 -35.08 18.45
CA ALA N 284 36.85 -34.97 18.62
C ALA N 284 37.24 -33.58 19.10
N PRO N 285 38.32 -33.47 19.87
CA PRO N 285 38.77 -32.15 20.31
C PRO N 285 39.43 -31.35 19.19
N ILE N 286 38.62 -30.68 18.39
CA ILE N 286 39.10 -29.98 17.22
C ILE N 286 39.27 -28.50 17.55
N VAL N 287 39.99 -27.80 16.68
CA VAL N 287 40.23 -26.37 16.77
C VAL N 287 39.92 -25.73 15.42
N SER N 288 40.08 -24.41 15.34
CA SER N 288 39.73 -23.71 14.11
C SER N 288 40.65 -24.09 12.95
N SER N 289 41.92 -24.43 13.25
CA SER N 289 42.81 -24.88 12.20
C SER N 289 42.35 -26.20 11.59
N ASP N 290 41.55 -26.98 12.31
CA ASP N 290 40.90 -28.17 11.77
C ASP N 290 39.62 -27.84 11.01
N ILE N 291 39.25 -26.57 10.92
CA ILE N 291 37.98 -26.16 10.31
C ILE N 291 38.25 -25.48 8.98
N VAL N 292 39.46 -24.91 8.83
CA VAL N 292 39.81 -24.23 7.60
C VAL N 292 39.69 -25.19 6.42
N THR N 293 39.15 -24.69 5.31
CA THR N 293 38.92 -25.47 4.08
C THR N 293 38.03 -26.68 4.35
N ASP N 294 36.94 -26.44 5.08
CA ASP N 294 35.90 -27.45 5.29
C ASP N 294 34.61 -26.98 4.64
N PRO N 295 34.00 -27.79 3.78
CA PRO N 295 32.83 -27.33 3.02
C PRO N 295 31.53 -27.29 3.81
N HIS N 296 31.52 -27.74 5.05
CA HIS N 296 30.29 -27.81 5.83
C HIS N 296 29.88 -26.42 6.31
N SER N 297 28.56 -26.21 6.37
CA SER N 297 28.03 -24.91 6.77
C SER N 297 28.12 -24.71 8.28
N SER N 298 27.82 -25.75 9.05
CA SER N 298 27.85 -25.67 10.51
C SER N 298 28.46 -26.96 11.06
N ILE N 299 29.54 -26.82 11.81
CA ILE N 299 30.26 -27.96 12.38
C ILE N 299 29.99 -27.95 13.88
N PHE N 300 29.00 -28.74 14.31
CA PHE N 300 28.58 -28.76 15.71
C PHE N 300 29.61 -29.49 16.55
N ASP N 301 30.10 -28.83 17.60
CA ASP N 301 31.05 -29.41 18.54
C ASP N 301 30.25 -29.91 19.75
N SER N 302 30.08 -31.23 19.83
CA SER N 302 29.27 -31.81 20.90
C SER N 302 29.94 -31.74 22.26
N GLY N 303 31.27 -31.58 22.29
CA GLY N 303 31.95 -31.54 23.57
C GLY N 303 31.75 -30.24 24.32
N LEU N 304 31.47 -29.15 23.60
CA LEU N 304 31.29 -27.84 24.22
C LEU N 304 29.85 -27.55 24.60
N THR N 305 28.98 -28.56 24.60
CA THR N 305 27.58 -28.36 24.95
C THR N 305 27.41 -28.33 26.46
N LYS N 306 26.61 -27.37 26.93
CA LYS N 306 26.33 -27.22 28.35
C LYS N 306 24.88 -26.82 28.54
N VAL N 307 24.29 -27.29 29.64
CA VAL N 307 22.89 -26.99 29.96
C VAL N 307 22.76 -26.91 31.47
N ILE N 308 21.76 -26.16 31.92
CA ILE N 308 21.44 -26.04 33.34
C ILE N 308 20.00 -26.46 33.56
N ASP N 309 19.05 -25.58 33.20
CA ASP N 309 17.64 -25.90 33.30
C ASP N 309 17.10 -25.99 31.88
N ASP N 310 16.66 -24.89 31.27
CA ASP N 310 16.26 -24.88 29.87
C ASP N 310 17.15 -23.98 29.02
N GLN N 311 18.20 -23.39 29.58
CA GLN N 311 19.14 -22.55 28.86
C GLN N 311 20.34 -23.40 28.46
N ALA N 312 20.57 -23.53 27.17
CA ALA N 312 21.66 -24.35 26.64
C ALA N 312 22.58 -23.50 25.78
N LYS N 313 23.87 -23.85 25.81
CA LYS N 313 24.89 -23.17 25.01
C LYS N 313 25.40 -24.14 23.95
N VAL N 314 25.18 -23.80 22.69
CA VAL N 314 25.56 -24.64 21.55
C VAL N 314 26.72 -23.96 20.83
N VAL N 315 27.77 -24.73 20.54
CA VAL N 315 28.96 -24.24 19.89
C VAL N 315 29.11 -24.95 18.55
N SER N 316 29.28 -24.17 17.47
CA SER N 316 29.39 -24.72 16.13
C SER N 316 30.41 -23.94 15.33
N TRP N 317 31.35 -24.64 14.72
CA TRP N 317 32.39 -24.04 13.89
C TRP N 317 31.90 -23.89 12.45
N TYR N 318 32.59 -23.03 11.71
CA TYR N 318 32.30 -22.83 10.29
C TYR N 318 33.43 -22.03 9.66
N ASP N 319 33.81 -22.43 8.45
CA ASP N 319 34.81 -21.69 7.68
C ASP N 319 34.08 -20.59 6.89
N ASN N 320 34.30 -19.33 7.30
CA ASN N 320 33.54 -18.22 6.73
C ASN N 320 33.85 -17.99 5.26
N GLU N 321 34.96 -18.53 4.75
CA GLU N 321 35.34 -18.35 3.36
C GLU N 321 35.02 -19.58 2.51
N TRP N 322 35.60 -20.73 2.87
CA TRP N 322 35.45 -21.93 2.04
C TRP N 322 34.06 -22.53 2.20
N GLY N 323 33.55 -22.61 3.43
CA GLY N 323 32.24 -23.18 3.64
C GLY N 323 31.13 -22.35 3.02
N TYR N 324 31.21 -21.02 3.18
CA TYR N 324 30.21 -20.14 2.59
C TYR N 324 30.26 -20.17 1.06
N SER N 325 31.45 -20.31 0.49
CA SER N 325 31.58 -20.33 -0.96
C SER N 325 31.05 -21.64 -1.56
N ASN N 326 31.17 -22.75 -0.82
CA ASN N 326 30.55 -23.98 -1.28
C ASN N 326 29.03 -23.89 -1.28
N ARG N 327 28.46 -23.12 -0.35
CA ARG N 327 27.02 -22.90 -0.35
C ARG N 327 26.61 -21.99 -1.51
N LEU N 328 27.48 -21.05 -1.90
CA LEU N 328 27.19 -20.23 -3.07
C LEU N 328 27.21 -21.06 -4.34
N VAL N 329 28.07 -22.08 -4.40
CA VAL N 329 28.07 -22.99 -5.54
C VAL N 329 26.81 -23.84 -5.54
N ASP N 330 26.41 -24.33 -4.37
CA ASP N 330 25.19 -25.14 -4.28
C ASP N 330 23.96 -24.32 -4.61
N LEU N 331 23.94 -23.05 -4.20
CA LEU N 331 22.81 -22.18 -4.54
C LEU N 331 22.79 -21.86 -6.03
N VAL N 332 23.97 -21.68 -6.63
CA VAL N 332 24.03 -21.43 -8.08
C VAL N 332 23.51 -22.63 -8.84
N THR N 333 23.76 -23.84 -8.34
CA THR N 333 23.22 -25.03 -8.97
C THR N 333 21.72 -25.16 -8.73
N LEU N 334 21.24 -24.70 -7.57
CA LEU N 334 19.81 -24.73 -7.31
C LEU N 334 19.06 -23.73 -8.18
N VAL N 335 19.63 -22.54 -8.35
CA VAL N 335 19.00 -21.53 -9.21
C VAL N 335 19.09 -21.97 -10.67
N GLY N 336 20.18 -22.63 -11.05
CA GLY N 336 20.30 -23.15 -12.40
C GLY N 336 19.28 -24.23 -12.70
N LYS N 337 18.81 -24.93 -11.66
CA LYS N 337 17.74 -25.91 -11.85
C LYS N 337 16.41 -25.25 -12.20
N SER N 338 16.26 -23.95 -11.90
CA SER N 338 15.07 -23.20 -12.27
C SER N 338 15.15 -22.64 -13.69
N LEU N 339 16.28 -22.79 -14.37
CA LEU N 339 16.42 -22.31 -15.73
C LEU N 339 16.30 -23.46 -16.73
N MET O 1 57.17 -2.25 59.47
CA MET O 1 55.93 -3.01 59.31
C MET O 1 55.71 -3.37 57.85
N THR O 2 56.73 -3.94 57.22
CA THR O 2 56.67 -4.35 55.82
C THR O 2 56.41 -5.85 55.75
N VAL O 3 55.33 -6.22 55.05
CA VAL O 3 55.00 -7.64 54.90
C VAL O 3 56.01 -8.30 53.97
N ARG O 4 56.57 -9.43 54.41
CA ARG O 4 57.60 -10.14 53.66
C ARG O 4 56.94 -11.22 52.81
N VAL O 5 57.17 -11.16 51.50
CA VAL O 5 56.53 -12.05 50.54
C VAL O 5 57.59 -12.85 49.80
N GLY O 6 57.31 -14.13 49.58
CA GLY O 6 58.17 -14.98 48.77
C GLY O 6 57.40 -15.62 47.64
N ILE O 7 57.95 -15.57 46.43
CA ILE O 7 57.27 -16.05 45.23
C ILE O 7 57.78 -17.45 44.89
N ASN O 8 56.87 -18.36 44.61
CA ASN O 8 57.20 -19.69 44.10
C ASN O 8 56.61 -19.80 42.70
N GLY O 9 57.48 -19.75 41.69
CA GLY O 9 57.04 -19.75 40.31
C GLY O 9 57.09 -18.38 39.70
N PHE O 10 58.27 -17.98 39.22
CA PHE O 10 58.48 -16.64 38.68
C PHE O 10 58.07 -16.56 37.22
N GLY O 11 56.87 -17.01 36.90
CA GLY O 11 56.39 -17.01 35.53
C GLY O 11 55.74 -15.70 35.12
N ARG O 12 54.70 -15.79 34.29
CA ARG O 12 54.03 -14.58 33.83
C ARG O 12 53.29 -13.90 34.97
N ILE O 13 52.52 -14.66 35.75
CA ILE O 13 51.85 -14.09 36.91
C ILE O 13 52.87 -13.68 37.97
N GLY O 14 53.93 -14.47 38.12
CA GLY O 14 54.94 -14.13 39.11
C GLY O 14 55.63 -12.81 38.82
N ARG O 15 56.03 -12.60 37.57
CA ARG O 15 56.67 -11.34 37.20
C ARG O 15 55.67 -10.20 37.09
N ASN O 16 54.43 -10.49 36.68
CA ASN O 16 53.39 -9.46 36.70
C ASN O 16 53.05 -9.05 38.12
N PHE O 17 53.08 -9.99 39.06
CA PHE O 17 52.86 -9.65 40.47
C PHE O 17 53.96 -8.73 40.98
N TYR O 18 55.20 -8.98 40.57
CA TYR O 18 56.31 -8.13 41.01
C TYR O 18 56.23 -6.74 40.40
N ARG O 19 55.91 -6.66 39.12
CA ARG O 19 55.81 -5.35 38.47
C ARG O 19 54.61 -4.57 38.97
N ALA O 20 53.48 -5.24 39.19
CA ALA O 20 52.32 -4.57 39.75
C ALA O 20 52.58 -4.12 41.18
N LEU O 21 53.35 -4.89 41.95
CA LEU O 21 53.69 -4.49 43.30
C LEU O 21 54.61 -3.27 43.29
N LEU O 22 55.55 -3.21 42.36
CA LEU O 22 56.45 -2.06 42.28
C LEU O 22 55.71 -0.81 41.81
N ALA O 23 54.75 -0.97 40.89
CA ALA O 23 53.97 0.17 40.43
C ALA O 23 52.97 0.62 41.49
N GLN O 24 52.43 -0.32 42.27
CA GLN O 24 51.50 0.04 43.33
C GLN O 24 52.20 0.63 44.55
N GLN O 25 53.47 0.25 44.77
CA GLN O 25 54.25 0.92 45.82
C GLN O 25 54.54 2.36 45.44
N GLU O 26 54.83 2.61 44.16
CA GLU O 26 54.98 3.99 43.70
C GLU O 26 53.66 4.74 43.76
N GLN O 27 52.54 4.06 43.49
CA GLN O 27 51.23 4.66 43.68
C GLN O 27 50.86 4.78 45.15
N GLY O 28 51.26 3.82 45.98
CA GLY O 28 51.07 3.90 47.41
C GLY O 28 50.11 2.89 47.99
N THR O 29 49.33 2.20 47.17
CA THR O 29 48.35 1.21 47.65
C THR O 29 48.98 -0.15 47.92
N ALA O 30 50.24 -0.18 48.37
CA ALA O 30 50.91 -1.43 48.65
C ALA O 30 51.97 -1.20 49.73
N ASP O 31 52.12 -2.19 50.61
CA ASP O 31 53.11 -2.12 51.68
C ASP O 31 54.03 -3.34 51.75
N VAL O 32 53.65 -4.46 51.15
CA VAL O 32 54.47 -5.67 51.22
C VAL O 32 55.72 -5.50 50.37
N GLU O 33 56.73 -6.31 50.67
CA GLU O 33 58.00 -6.30 49.95
C GLU O 33 58.42 -7.73 49.66
N VAL O 34 58.64 -8.05 48.40
CA VAL O 34 59.05 -9.39 48.00
C VAL O 34 60.53 -9.56 48.29
N VAL O 35 60.87 -10.65 48.97
CA VAL O 35 62.25 -10.92 49.36
C VAL O 35 62.83 -12.18 48.72
N ALA O 36 62.00 -13.04 48.15
CA ALA O 36 62.50 -14.28 47.56
C ALA O 36 61.63 -14.69 46.39
N ALA O 37 62.25 -15.34 45.40
CA ALA O 37 61.57 -15.87 44.25
C ALA O 37 62.24 -17.17 43.84
N ASN O 38 61.44 -18.19 43.52
CA ASN O 38 61.95 -19.52 43.25
C ASN O 38 61.49 -19.99 41.88
N ASP O 39 62.44 -20.45 41.07
CA ASP O 39 62.14 -20.94 39.73
C ASP O 39 63.28 -21.86 39.30
N ILE O 40 63.01 -22.68 38.28
CA ILE O 40 63.99 -23.65 37.82
C ILE O 40 64.95 -23.02 36.81
N THR O 41 65.61 -21.94 37.20
CA THR O 41 66.59 -21.27 36.36
C THR O 41 67.44 -20.36 37.23
N ASP O 42 68.62 -20.00 36.70
CA ASP O 42 69.57 -19.21 37.46
C ASP O 42 69.07 -17.78 37.65
N ASN O 43 69.83 -17.00 38.41
CA ASN O 43 69.45 -15.61 38.68
C ASN O 43 69.68 -14.71 37.49
N SER O 44 70.57 -15.08 36.56
CA SER O 44 70.81 -14.25 35.39
C SER O 44 69.60 -14.26 34.46
N THR O 45 69.01 -15.44 34.23
CA THR O 45 67.83 -15.53 33.38
C THR O 45 66.62 -14.88 34.04
N LEU O 46 66.50 -15.01 35.37
CA LEU O 46 65.42 -14.36 36.08
C LEU O 46 65.52 -12.84 35.99
N ALA O 47 66.74 -12.32 36.10
CA ALA O 47 66.92 -10.87 35.97
C ALA O 47 66.64 -10.40 34.55
N HIS O 48 67.00 -11.21 33.55
CA HIS O 48 66.74 -10.84 32.17
C HIS O 48 65.25 -10.89 31.85
N LEU O 49 64.55 -11.93 32.33
CA LEU O 49 63.12 -12.04 32.10
C LEU O 49 62.33 -10.97 32.85
N LEU O 50 62.92 -10.36 33.88
CA LEU O 50 62.28 -9.28 34.61
C LEU O 50 62.59 -7.91 34.00
N LYS O 51 63.80 -7.72 33.50
CA LYS O 51 64.16 -6.44 32.89
C LYS O 51 63.48 -6.26 31.54
N PHE O 52 63.48 -7.30 30.71
CA PHE O 52 62.92 -7.24 29.36
C PHE O 52 61.68 -8.11 29.31
N ASP O 53 60.54 -7.49 28.99
CA ASP O 53 59.27 -8.18 28.87
C ASP O 53 58.66 -7.87 27.51
N SER O 54 58.19 -8.90 26.81
CA SER O 54 57.60 -8.71 25.50
C SER O 54 56.24 -8.03 25.56
N ILE O 55 55.56 -8.11 26.70
CA ILE O 55 54.24 -7.50 26.86
C ILE O 55 54.31 -6.23 27.68
N LEU O 56 54.94 -6.29 28.85
CA LEU O 56 55.02 -5.14 29.75
C LEU O 56 56.17 -4.20 29.40
N GLY O 57 56.98 -4.53 28.40
CA GLY O 57 58.06 -3.65 27.99
C GLY O 57 59.27 -3.76 28.90
N ARG O 58 60.07 -2.70 28.89
CA ARG O 58 61.28 -2.62 29.70
C ARG O 58 60.96 -2.06 31.08
N LEU O 59 61.77 -2.46 32.05
CA LEU O 59 61.56 -1.99 33.42
C LEU O 59 62.22 -0.63 33.60
N PRO O 60 61.53 0.35 34.20
CA PRO O 60 62.17 1.65 34.42
C PRO O 60 63.32 1.60 35.41
N CYS O 61 63.31 0.65 36.34
CA CYS O 61 64.39 0.52 37.30
C CYS O 61 65.55 -0.26 36.69
N ASP O 62 66.74 -0.03 37.24
CA ASP O 62 67.93 -0.75 36.82
C ASP O 62 67.97 -2.13 37.46
N VAL O 63 68.44 -3.12 36.70
CA VAL O 63 68.46 -4.51 37.15
C VAL O 63 69.90 -5.00 37.14
N GLY O 64 70.36 -5.50 38.28
CA GLY O 64 71.67 -6.10 38.41
C GLY O 64 71.59 -7.51 38.95
N LEU O 65 72.74 -8.15 39.03
CA LEU O 65 72.84 -9.54 39.47
C LEU O 65 73.99 -9.68 40.46
N GLU O 66 74.01 -10.84 41.13
CA GLU O 66 75.06 -11.15 42.09
C GLU O 66 75.65 -12.53 41.79
N GLY O 67 75.33 -13.51 42.63
CA GLY O 67 75.68 -14.89 42.41
C GLY O 67 74.52 -15.79 42.79
N ASP O 68 73.63 -15.27 43.62
CA ASP O 68 72.43 -15.99 44.00
C ASP O 68 71.23 -15.08 44.25
N ASP O 69 71.38 -13.77 44.11
CA ASP O 69 70.28 -12.83 44.31
C ASP O 69 70.33 -11.77 43.23
N THR O 70 69.17 -11.23 42.88
CA THR O 70 69.05 -10.20 41.86
C THR O 70 68.75 -8.86 42.52
N ILE O 71 69.46 -7.81 42.08
CA ILE O 71 69.31 -6.47 42.63
C ILE O 71 68.56 -5.61 41.62
N VAL O 72 67.36 -5.17 42.01
CA VAL O 72 66.53 -4.28 41.20
C VAL O 72 66.27 -3.02 42.00
N VAL O 73 66.39 -1.87 41.33
CA VAL O 73 66.29 -0.55 41.98
C VAL O 73 67.34 -0.45 43.07
N GLY O 74 66.94 0.02 44.24
CA GLY O 74 67.80 0.01 45.41
C GLY O 74 67.48 -1.15 46.32
N ARG O 75 66.86 -2.18 45.77
CA ARG O 75 66.40 -3.34 46.52
C ARG O 75 67.08 -4.60 45.99
N ALA O 76 67.12 -5.62 46.84
CA ALA O 76 67.72 -6.91 46.51
C ALA O 76 66.72 -8.01 46.81
N LYS O 77 66.52 -8.90 45.85
CA LYS O 77 65.60 -10.03 46.00
C LYS O 77 66.42 -11.31 45.92
N ILE O 78 66.34 -12.12 46.97
CA ILE O 78 67.09 -13.37 47.03
C ILE O 78 66.52 -14.31 45.97
N LYS O 79 67.31 -14.61 44.94
CA LYS O 79 66.88 -15.50 43.88
C LYS O 79 67.09 -16.96 44.31
N ALA O 80 66.37 -17.34 45.38
CA ALA O 80 66.38 -18.71 45.85
C ALA O 80 65.78 -19.64 44.80
N LEU O 81 66.57 -20.03 43.80
CA LEU O 81 66.07 -20.79 42.66
C LEU O 81 66.48 -22.25 42.65
N ALA O 82 67.56 -22.63 43.32
CA ALA O 82 68.03 -24.01 43.29
C ALA O 82 67.04 -24.99 43.91
N VAL O 83 66.09 -24.51 44.71
CA VAL O 83 65.08 -25.36 45.33
C VAL O 83 64.13 -25.87 44.27
N ARG O 84 64.54 -26.92 43.55
CA ARG O 84 63.72 -27.51 42.50
C ARG O 84 62.82 -28.63 43.01
N GLU O 85 62.90 -28.97 44.30
CA GLU O 85 62.07 -30.03 44.87
C GLU O 85 60.68 -29.51 45.20
N GLY O 86 60.03 -30.12 46.19
CA GLY O 86 58.72 -29.71 46.60
C GLY O 86 58.71 -28.37 47.29
N PRO O 87 57.51 -27.84 47.56
CA PRO O 87 57.42 -26.54 48.25
C PRO O 87 57.95 -26.58 49.67
N ALA O 88 58.00 -27.75 50.31
CA ALA O 88 58.55 -27.86 51.65
C ALA O 88 60.06 -27.71 51.67
N ALA O 89 60.72 -27.90 50.52
CA ALA O 89 62.17 -27.75 50.47
C ALA O 89 62.61 -26.30 50.39
N LEU O 90 61.70 -25.39 50.07
CA LEU O 90 62.06 -23.97 50.00
C LEU O 90 62.22 -23.40 51.41
N PRO O 91 63.25 -22.60 51.65
CA PRO O 91 63.49 -22.03 52.99
C PRO O 91 62.68 -20.77 53.26
N TRP O 92 61.37 -20.95 53.47
CA TRP O 92 60.52 -19.81 53.77
C TRP O 92 60.74 -19.32 55.19
N GLY O 93 60.84 -20.24 56.15
CA GLY O 93 61.09 -19.83 57.52
C GLY O 93 62.48 -19.28 57.73
N ASP O 94 63.47 -19.88 57.08
CA ASP O 94 64.84 -19.40 57.23
C ASP O 94 65.03 -18.02 56.62
N LEU O 95 64.39 -17.77 55.48
CA LEU O 95 64.45 -16.45 54.85
C LEU O 95 63.48 -15.46 55.49
N GLY O 96 62.67 -15.89 56.46
CA GLY O 96 61.73 -14.99 57.09
C GLY O 96 60.56 -14.60 56.23
N VAL O 97 60.11 -15.47 55.35
CA VAL O 97 59.01 -15.17 54.45
C VAL O 97 57.69 -15.34 55.20
N ASP O 98 56.85 -14.29 55.16
CA ASP O 98 55.55 -14.33 55.82
C ASP O 98 54.48 -14.94 54.92
N VAL O 99 54.23 -14.35 53.76
CA VAL O 99 53.23 -14.82 52.81
C VAL O 99 53.95 -15.38 51.59
N VAL O 100 53.47 -16.52 51.10
CA VAL O 100 54.04 -17.19 49.93
C VAL O 100 53.01 -17.14 48.80
N VAL O 101 53.45 -16.66 47.64
CA VAL O 101 52.61 -16.59 46.45
C VAL O 101 52.98 -17.79 45.58
N GLU O 102 52.14 -18.82 45.62
CA GLU O 102 52.36 -20.03 44.82
C GLU O 102 51.89 -19.75 43.40
N SER O 103 52.83 -19.68 42.45
CA SER O 103 52.51 -19.38 41.07
C SER O 103 53.23 -20.31 40.09
N THR O 104 53.55 -21.53 40.53
CA THR O 104 54.15 -22.50 39.63
C THR O 104 53.10 -23.17 38.74
N GLY O 105 51.89 -23.38 39.26
CA GLY O 105 50.86 -24.08 38.54
C GLY O 105 50.78 -25.56 38.83
N LEU O 106 51.81 -26.15 39.44
CA LEU O 106 51.83 -27.56 39.75
C LEU O 106 51.51 -27.86 41.21
N PHE O 107 51.40 -26.83 42.06
CA PHE O 107 51.11 -27.00 43.48
C PHE O 107 49.76 -26.39 43.83
N THR O 108 48.76 -26.60 42.99
CA THR O 108 47.44 -26.04 43.24
C THR O 108 46.68 -26.85 44.30
N ASN O 109 47.02 -28.12 44.47
CA ASN O 109 46.36 -28.93 45.48
C ASN O 109 46.84 -28.52 46.87
N ALA O 110 45.91 -28.40 47.81
CA ALA O 110 46.27 -27.99 49.16
C ALA O 110 47.12 -29.04 49.86
N ALA O 111 47.00 -30.30 49.46
CA ALA O 111 47.84 -31.34 50.06
C ALA O 111 49.32 -31.09 49.75
N LYS O 112 49.63 -30.65 48.54
CA LYS O 112 50.99 -30.27 48.17
C LYS O 112 51.31 -28.83 48.56
N ALA O 113 50.34 -27.92 48.42
CA ALA O 113 50.57 -26.53 48.78
C ALA O 113 50.86 -26.35 50.26
N LYS O 114 50.51 -27.33 51.09
CA LYS O 114 50.81 -27.26 52.51
C LYS O 114 52.30 -27.31 52.80
N GLY O 115 53.13 -27.67 51.82
CA GLY O 115 54.57 -27.67 52.03
C GLY O 115 55.13 -26.29 52.32
N HIS O 116 54.49 -25.25 51.80
CA HIS O 116 54.91 -23.89 52.11
C HIS O 116 54.73 -23.60 53.60
N LEU O 117 53.55 -23.91 54.14
CA LEU O 117 53.29 -23.67 55.55
C LEU O 117 54.20 -24.50 56.44
N ASP O 118 54.51 -25.74 56.02
CA ASP O 118 55.42 -26.57 56.79
C ASP O 118 56.84 -26.04 56.72
N ALA O 119 57.20 -25.33 55.66
CA ALA O 119 58.54 -24.79 55.49
C ALA O 119 58.76 -23.49 56.25
N GLY O 120 57.70 -22.89 56.81
CA GLY O 120 57.86 -21.69 57.61
C GLY O 120 57.01 -20.52 57.14
N ALA O 121 56.10 -20.77 56.20
CA ALA O 121 55.20 -19.74 55.70
C ALA O 121 53.97 -19.63 56.58
N LYS O 122 53.52 -18.40 56.80
CA LYS O 122 52.32 -18.13 57.59
C LYS O 122 51.05 -18.26 56.76
N LYS O 123 51.05 -17.75 55.54
CA LYS O 123 49.89 -17.82 54.66
C LYS O 123 50.34 -18.13 53.24
N VAL O 124 49.50 -18.87 52.51
CA VAL O 124 49.79 -19.26 51.14
C VAL O 124 48.66 -18.76 50.25
N ILE O 125 49.03 -18.11 49.15
CA ILE O 125 48.08 -17.61 48.16
C ILE O 125 48.35 -18.34 46.85
N ILE O 126 47.46 -19.25 46.48
CA ILE O 126 47.60 -20.00 45.24
C ILE O 126 47.08 -19.14 44.09
N SER O 127 47.90 -19.01 43.04
CA SER O 127 47.57 -18.20 41.89
C SER O 127 46.62 -18.88 40.91
N ALA O 128 45.89 -19.91 41.36
CA ALA O 128 45.00 -20.66 40.48
C ALA O 128 43.90 -21.26 41.32
N PRO O 129 42.78 -21.68 40.69
CA PRO O 129 41.76 -22.42 41.44
C PRO O 129 42.34 -23.66 42.10
N ALA O 130 42.16 -23.76 43.41
CA ALA O 130 42.80 -24.79 44.22
C ALA O 130 41.82 -25.90 44.58
N THR O 131 42.36 -26.92 45.24
CA THR O 131 41.59 -28.06 45.73
C THR O 131 41.76 -28.16 47.24
N ASP O 132 40.65 -28.30 47.96
CA ASP O 132 40.63 -28.43 49.42
C ASP O 132 41.29 -27.24 50.10
N GLU O 133 41.16 -26.06 49.52
CA GLU O 133 41.73 -24.85 50.10
C GLU O 133 40.87 -24.36 51.26
N ASP O 134 41.46 -23.47 52.06
CA ASP O 134 40.74 -22.93 53.21
C ASP O 134 39.60 -22.01 52.76
N ILE O 135 39.89 -21.11 51.81
CA ILE O 135 38.89 -20.18 51.32
C ILE O 135 39.31 -19.69 49.94
N THR O 136 38.34 -19.45 49.07
CA THR O 136 38.57 -18.86 47.76
C THR O 136 38.06 -17.42 47.81
N ILE O 137 38.95 -16.47 47.59
CA ILE O 137 38.66 -15.05 47.76
C ILE O 137 38.78 -14.34 46.43
N VAL O 138 37.77 -13.56 46.08
CA VAL O 138 37.81 -12.64 44.95
C VAL O 138 37.71 -11.24 45.52
N LEU O 139 38.77 -10.46 45.37
CA LEU O 139 38.83 -9.12 45.96
C LEU O 139 37.68 -8.26 45.44
N GLY O 140 36.86 -7.76 46.36
CA GLY O 140 35.70 -6.97 46.03
C GLY O 140 34.39 -7.72 46.03
N VAL O 141 34.42 -9.05 46.22
CA VAL O 141 33.21 -9.86 46.22
C VAL O 141 33.01 -10.47 47.59
N ASN O 142 33.88 -11.42 47.96
CA ASN O 142 33.78 -12.11 49.24
C ASN O 142 35.05 -11.90 50.08
N ASP O 143 35.69 -10.73 49.94
CA ASP O 143 36.85 -10.43 50.77
C ASP O 143 36.47 -10.13 52.21
N ASP O 144 35.21 -9.81 52.48
CA ASP O 144 34.74 -9.60 53.84
C ASP O 144 34.60 -10.90 54.61
N LYS O 145 34.40 -12.01 53.92
CA LYS O 145 34.30 -13.32 54.57
C LYS O 145 35.65 -13.90 54.96
N TYR O 146 36.71 -13.09 54.93
CA TYR O 146 38.04 -13.53 55.30
C TYR O 146 38.38 -13.01 56.68
N ASP O 147 38.59 -13.92 57.62
CA ASP O 147 39.11 -13.58 58.94
C ASP O 147 40.59 -13.95 58.99
N GLY O 148 41.16 -13.97 60.19
CA GLY O 148 42.54 -14.33 60.37
C GLY O 148 42.82 -15.80 60.47
N SER O 149 41.82 -16.66 60.31
CA SER O 149 41.99 -18.09 60.50
C SER O 149 41.99 -18.85 59.18
N GLN O 150 42.80 -18.40 58.22
CA GLN O 150 42.95 -19.10 56.95
C GLN O 150 44.41 -19.03 56.52
N ASN O 151 44.91 -20.14 55.99
CA ASN O 151 46.29 -20.24 55.52
C ASN O 151 46.39 -20.63 54.05
N ILE O 152 45.64 -21.64 53.63
CA ILE O 152 45.64 -22.08 52.23
C ILE O 152 44.53 -21.30 51.53
N ILE O 153 44.87 -20.09 51.08
CA ILE O 153 43.93 -19.19 50.43
C ILE O 153 44.11 -19.29 48.92
N SER O 154 43.01 -19.37 48.20
CA SER O 154 43.02 -19.45 46.74
C SER O 154 42.42 -18.18 46.14
N ASN O 155 43.06 -17.66 45.10
CA ASN O 155 42.59 -16.48 44.39
C ASN O 155 41.78 -16.84 43.15
N ALA O 156 41.53 -18.13 42.92
CA ALA O 156 40.79 -18.61 41.75
C ALA O 156 41.46 -18.17 40.45
N SER O 157 40.72 -18.24 39.34
CA SER O 157 41.27 -17.90 38.04
C SER O 157 41.03 -16.42 37.72
N CYS O 158 41.73 -15.96 36.68
CA CYS O 158 41.53 -14.58 36.23
C CYS O 158 40.12 -14.38 35.68
N THR O 159 39.55 -15.41 35.04
CA THR O 159 38.17 -15.32 34.58
C THR O 159 37.22 -15.20 35.76
N THR O 160 37.54 -15.83 36.89
CA THR O 160 36.69 -15.72 38.08
C THR O 160 36.69 -14.29 38.61
N ASN O 161 37.85 -13.64 38.62
CA ASN O 161 37.92 -12.27 39.13
C ASN O 161 37.20 -11.27 38.23
N CYS O 162 36.89 -11.65 36.98
CA CYS O 162 36.11 -10.82 36.08
C CYS O 162 34.64 -11.18 36.07
N LEU O 163 34.30 -12.47 36.13
CA LEU O 163 32.91 -12.89 36.10
C LEU O 163 32.21 -12.58 37.42
N ALA O 164 32.93 -12.65 38.54
CA ALA O 164 32.30 -12.45 39.84
C ALA O 164 31.71 -11.05 40.01
N PRO O 165 32.38 -9.95 39.65
CA PRO O 165 31.72 -8.64 39.77
C PRO O 165 30.52 -8.50 38.86
N LEU O 166 30.59 -9.04 37.64
CA LEU O 166 29.46 -8.93 36.73
C LEU O 166 28.26 -9.71 37.23
N ALA O 167 28.47 -10.93 37.73
CA ALA O 167 27.37 -11.73 38.24
C ALA O 167 26.84 -11.20 39.56
N LYS O 168 27.70 -10.56 40.36
CA LYS O 168 27.25 -10.01 41.64
C LYS O 168 26.33 -8.81 41.43
N VAL O 169 26.66 -7.95 40.47
CA VAL O 169 25.82 -6.79 40.20
C VAL O 169 24.48 -7.23 39.61
N LEU O 170 24.50 -8.20 38.70
CA LEU O 170 23.26 -8.67 38.08
C LEU O 170 22.37 -9.38 39.09
N ASP O 171 22.95 -10.06 40.08
CA ASP O 171 22.15 -10.78 41.05
C ASP O 171 21.60 -9.86 42.13
N ASP O 172 22.40 -8.88 42.57
CA ASP O 172 21.97 -7.97 43.61
C ASP O 172 20.93 -6.97 43.11
N GLU O 173 20.90 -6.69 41.80
CA GLU O 173 19.98 -5.72 41.23
C GLU O 173 18.79 -6.36 40.55
N PHE O 174 18.97 -7.49 39.90
CA PHE O 174 17.90 -8.14 39.15
C PHE O 174 17.68 -9.61 39.49
N GLY O 175 18.65 -10.27 40.12
CA GLY O 175 18.51 -11.69 40.41
C GLY O 175 18.94 -12.56 39.25
N ILE O 176 19.64 -13.65 39.54
CA ILE O 176 20.14 -14.56 38.52
C ILE O 176 19.47 -15.91 38.70
N VAL O 177 18.75 -16.35 37.66
CA VAL O 177 18.17 -17.70 37.67
C VAL O 177 19.20 -18.71 37.20
N LYS O 178 19.78 -18.49 36.02
CA LYS O 178 20.82 -19.34 35.49
C LYS O 178 21.55 -18.58 34.38
N GLY O 179 22.79 -18.98 34.14
CA GLY O 179 23.61 -18.30 33.15
C GLY O 179 24.66 -19.21 32.57
N LEU O 180 24.97 -18.99 31.29
CA LEU O 180 26.02 -19.72 30.60
C LEU O 180 26.96 -18.70 29.96
N MET O 181 28.25 -18.86 30.20
CA MET O 181 29.26 -17.88 29.79
C MET O 181 30.23 -18.49 28.79
N THR O 182 31.04 -17.63 28.20
CA THR O 182 32.13 -18.03 27.31
C THR O 182 33.18 -16.94 27.36
N THR O 183 34.32 -17.22 27.96
CA THR O 183 35.41 -16.26 28.06
C THR O 183 36.34 -16.42 26.86
N ILE O 184 36.52 -15.34 26.11
CA ILE O 184 37.48 -15.30 25.01
C ILE O 184 38.81 -14.86 25.60
N HIS O 185 39.74 -15.79 25.71
CA HIS O 185 40.94 -15.62 26.53
C HIS O 185 42.17 -15.55 25.65
N ALA O 186 43.18 -14.82 26.15
CA ALA O 186 44.49 -14.82 25.53
C ALA O 186 45.22 -16.11 25.86
N TYR O 187 46.11 -16.53 24.96
CA TYR O 187 46.83 -17.77 25.19
C TYR O 187 47.82 -17.61 26.34
N THR O 188 48.04 -18.71 27.06
CA THR O 188 48.92 -18.73 28.22
C THR O 188 50.04 -19.72 27.99
N GLN O 189 50.98 -19.75 28.94
CA GLN O 189 52.17 -20.58 28.79
C GLN O 189 51.85 -22.07 28.83
N ASP O 190 50.71 -22.47 29.40
CA ASP O 190 50.35 -23.88 29.44
C ASP O 190 50.07 -24.46 28.06
N GLN O 191 49.88 -23.62 27.05
CA GLN O 191 49.65 -24.08 25.69
C GLN O 191 50.97 -24.31 24.96
N ASN O 192 50.89 -24.99 23.83
CA ASN O 192 52.05 -25.32 23.03
C ASN O 192 52.20 -24.32 21.89
N LEU O 193 53.45 -23.95 21.61
CA LEU O 193 53.72 -23.04 20.48
C LEU O 193 53.36 -23.72 19.16
N GLN O 194 53.86 -24.92 18.95
CA GLN O 194 53.54 -25.73 17.78
C GLN O 194 52.70 -26.93 18.22
N ASP O 195 52.32 -27.76 17.26
CA ASP O 195 51.51 -28.93 17.58
C ASP O 195 52.37 -29.96 18.31
N GLY O 196 52.12 -30.14 19.60
CA GLY O 196 52.85 -31.09 20.41
C GLY O 196 51.98 -31.76 21.45
N PRO O 197 52.54 -32.73 22.18
CA PRO O 197 51.76 -33.44 23.19
C PRO O 197 51.33 -32.50 24.32
N HIS O 198 50.20 -32.84 24.93
CA HIS O 198 49.60 -32.05 25.99
C HIS O 198 48.47 -32.85 26.61
N LYS O 199 48.26 -32.65 27.92
CA LYS O 199 47.16 -33.32 28.60
C LYS O 199 45.82 -32.91 28.01
N ASP O 200 45.72 -31.70 27.47
CA ASP O 200 44.54 -31.21 26.79
C ASP O 200 44.80 -31.23 25.29
N LEU O 201 44.05 -32.06 24.56
CA LEU O 201 44.22 -32.15 23.12
C LEU O 201 43.78 -30.87 22.40
N ARG O 202 42.93 -30.06 23.05
CA ARG O 202 42.58 -28.77 22.47
C ARG O 202 43.75 -27.79 22.58
N ARG O 203 44.34 -27.69 23.78
CA ARG O 203 45.50 -26.84 23.99
C ARG O 203 46.80 -27.48 23.50
N ALA O 204 46.73 -28.68 22.93
CA ALA O 204 47.90 -29.30 22.33
C ALA O 204 48.25 -28.68 20.99
N ARG O 205 47.28 -28.04 20.34
CA ARG O 205 47.49 -27.43 19.03
C ARG O 205 48.29 -26.14 19.17
N ALA O 206 48.69 -25.59 18.02
CA ALA O 206 49.44 -24.34 18.01
C ALA O 206 48.58 -23.21 18.57
N ALA O 207 49.11 -22.53 19.58
CA ALA O 207 48.31 -21.52 20.28
C ALA O 207 48.10 -20.27 19.43
N ALA O 208 49.14 -19.82 18.73
CA ALA O 208 49.06 -18.60 17.95
C ALA O 208 48.47 -18.79 16.56
N LEU O 209 48.30 -20.04 16.11
CA LEU O 209 47.83 -20.31 14.76
C LEU O 209 46.32 -20.56 14.69
N ASN O 210 45.66 -20.75 15.83
CA ASN O 210 44.24 -21.05 15.84
C ASN O 210 43.68 -20.71 17.22
N ILE O 211 42.40 -21.02 17.41
CA ILE O 211 41.73 -20.83 18.70
C ILE O 211 41.43 -22.21 19.29
N VAL O 212 41.79 -22.39 20.55
CA VAL O 212 41.66 -23.66 21.25
C VAL O 212 40.55 -23.51 22.29
N PRO O 213 39.43 -24.24 22.17
CA PRO O 213 38.40 -24.21 23.22
C PRO O 213 38.79 -25.10 24.38
N THR O 214 38.97 -24.51 25.55
CA THR O 214 39.33 -25.23 26.76
C THR O 214 38.27 -25.00 27.84
N SER O 215 38.33 -25.83 28.87
CA SER O 215 37.40 -25.74 29.98
C SER O 215 37.89 -24.77 31.04
N THR O 216 36.97 -24.28 31.86
CA THR O 216 37.30 -23.39 32.96
C THR O 216 36.29 -23.57 34.08
N GLY O 217 36.75 -23.39 35.31
CA GLY O 217 35.89 -23.54 36.47
C GLY O 217 35.52 -22.21 37.09
N ALA O 218 35.61 -21.13 36.31
CA ALA O 218 35.27 -19.81 36.83
C ALA O 218 33.78 -19.70 37.14
N ALA O 219 32.94 -20.16 36.22
CA ALA O 219 31.49 -20.11 36.40
C ALA O 219 30.96 -21.31 37.17
N LYS O 220 31.55 -22.49 36.95
CA LYS O 220 31.09 -23.68 37.67
C LYS O 220 31.37 -23.57 39.17
N ALA O 221 32.49 -22.94 39.54
CA ALA O 221 32.83 -22.73 40.94
C ALA O 221 32.51 -21.30 41.40
N ILE O 222 31.49 -20.68 40.82
CA ILE O 222 31.06 -19.36 41.27
C ILE O 222 30.48 -19.41 42.67
N GLY O 223 29.99 -20.58 43.10
CA GLY O 223 29.49 -20.73 44.45
C GLY O 223 30.56 -20.71 45.52
N LEU O 224 31.83 -20.87 45.12
CA LEU O 224 32.93 -20.82 46.08
C LEU O 224 33.10 -19.40 46.64
N VAL O 225 32.71 -18.39 45.88
CA VAL O 225 32.77 -17.01 46.34
C VAL O 225 31.39 -16.39 46.53
N MET O 226 30.36 -16.90 45.84
CA MET O 226 28.99 -16.42 45.98
C MET O 226 28.09 -17.65 46.10
N PRO O 227 27.83 -18.12 47.31
CA PRO O 227 27.05 -19.37 47.47
C PRO O 227 25.65 -19.30 46.91
N GLN O 228 25.05 -18.10 46.80
CA GLN O 228 23.72 -17.99 46.24
C GLN O 228 23.69 -18.28 44.74
N LEU O 229 24.83 -18.25 44.07
CA LEU O 229 24.92 -18.53 42.65
C LEU O 229 25.52 -19.90 42.36
N LYS O 230 25.61 -20.76 43.37
CA LYS O 230 26.19 -22.09 43.18
C LYS O 230 25.29 -22.93 42.28
N GLY O 231 25.84 -23.41 41.18
CA GLY O 231 25.09 -24.21 40.23
C GLY O 231 24.28 -23.42 39.23
N LYS O 232 24.22 -22.10 39.35
CA LYS O 232 23.48 -21.27 38.41
C LYS O 232 24.32 -20.79 37.24
N LEU O 233 25.63 -20.94 37.29
CA LEU O 233 26.52 -20.48 36.24
C LEU O 233 27.40 -21.62 35.76
N ASP O 234 27.73 -21.58 34.46
CA ASP O 234 28.60 -22.57 33.85
C ASP O 234 29.12 -21.98 32.55
N GLY O 235 30.25 -22.50 32.08
CA GLY O 235 30.82 -22.00 30.84
C GLY O 235 32.15 -22.65 30.54
N TYR O 236 32.77 -22.17 29.46
CA TYR O 236 34.05 -22.69 28.99
C TYR O 236 34.90 -21.52 28.53
N ALA O 237 36.04 -21.83 27.92
CA ALA O 237 36.99 -20.82 27.48
C ALA O 237 37.40 -21.09 26.04
N LEU O 238 37.83 -20.02 25.36
CA LEU O 238 38.34 -20.11 23.99
C LEU O 238 39.58 -19.24 23.89
N ARG O 239 40.75 -19.88 23.82
CA ARG O 239 42.02 -19.16 23.77
C ARG O 239 42.28 -18.67 22.35
N VAL O 240 42.52 -17.37 22.20
CA VAL O 240 42.71 -16.77 20.88
C VAL O 240 44.17 -16.35 20.71
N PRO O 241 44.65 -16.23 19.46
CA PRO O 241 46.03 -15.74 19.25
C PRO O 241 46.22 -14.31 19.74
N ILE O 242 46.31 -14.14 21.05
CA ILE O 242 46.57 -12.84 21.67
C ILE O 242 47.51 -13.05 22.86
N PRO O 243 48.53 -12.21 23.03
CA PRO O 243 49.45 -12.39 24.18
C PRO O 243 48.76 -12.19 25.52
N THR O 244 48.22 -11.00 25.76
CA THR O 244 47.55 -10.68 27.01
C THR O 244 46.26 -9.94 26.73
N GLY O 245 45.27 -10.14 27.60
CA GLY O 245 43.97 -9.52 27.44
C GLY O 245 42.88 -10.51 27.09
N SER O 246 41.80 -10.50 27.87
CA SER O 246 40.71 -11.44 27.68
C SER O 246 39.38 -10.73 27.94
N VAL O 247 38.28 -11.45 27.71
CA VAL O 247 36.95 -10.89 27.84
C VAL O 247 35.99 -12.03 28.18
N THR O 248 34.96 -11.71 28.98
CA THR O 248 33.94 -12.66 29.38
C THR O 248 32.59 -12.27 28.78
N ASP O 249 31.87 -13.26 28.25
CA ASP O 249 30.58 -13.07 27.62
C ASP O 249 29.57 -13.95 28.36
N LEU O 250 28.81 -13.35 29.28
CA LEU O 250 27.87 -14.07 30.12
C LEU O 250 26.45 -13.83 29.63
N THR O 251 25.79 -14.89 29.18
CA THR O 251 24.38 -14.85 28.82
C THR O 251 23.59 -15.48 29.96
N VAL O 252 22.83 -14.66 30.68
CA VAL O 252 22.21 -15.06 31.93
C VAL O 252 20.73 -14.71 31.89
N ASP O 253 19.90 -15.61 32.42
CA ASP O 253 18.49 -15.33 32.63
C ASP O 253 18.29 -14.59 33.94
N LEU O 254 17.57 -13.47 33.88
CA LEU O 254 17.37 -12.63 35.05
C LEU O 254 16.04 -12.95 35.72
N SER O 255 16.00 -12.74 37.05
CA SER O 255 14.77 -12.97 37.79
C SER O 255 13.73 -11.91 37.46
N THR O 256 14.17 -10.66 37.29
CA THR O 256 13.29 -9.55 36.94
C THR O 256 13.66 -9.03 35.55
N ARG O 257 12.64 -8.76 34.74
CA ARG O 257 12.87 -8.29 33.38
C ARG O 257 13.46 -6.89 33.42
N ALA O 258 14.68 -6.76 32.90
CA ALA O 258 15.39 -5.48 32.86
C ALA O 258 15.81 -5.16 31.44
N SER O 259 15.94 -3.87 31.15
CA SER O 259 16.35 -3.41 29.83
C SER O 259 17.86 -3.25 29.77
N VAL O 260 18.36 -3.04 28.54
CA VAL O 260 19.79 -2.77 28.35
C VAL O 260 20.17 -1.48 29.07
N ASP O 261 19.30 -0.47 29.00
CA ASP O 261 19.59 0.80 29.67
C ASP O 261 19.68 0.62 31.18
N GLU O 262 18.83 -0.24 31.75
CA GLU O 262 18.84 -0.45 33.20
C GLU O 262 20.08 -1.21 33.64
N ILE O 263 20.49 -2.23 32.88
CA ILE O 263 21.65 -3.01 33.26
C ILE O 263 22.92 -2.18 33.16
N ASN O 264 23.04 -1.38 32.10
CA ASN O 264 24.21 -0.51 31.96
C ASN O 264 24.25 0.56 33.06
N ALA O 265 23.09 1.05 33.48
CA ALA O 265 23.06 2.03 34.57
C ALA O 265 23.42 1.40 35.90
N ALA O 266 23.03 0.14 36.12
CA ALA O 266 23.37 -0.54 37.36
C ALA O 266 24.86 -0.85 37.44
N PHE O 267 25.46 -1.22 36.31
CA PHE O 267 26.89 -1.49 36.29
C PHE O 267 27.70 -0.21 36.49
N LYS O 268 27.22 0.91 35.94
CA LYS O 268 27.91 2.18 36.13
C LYS O 268 27.84 2.63 37.59
N ALA O 269 26.69 2.41 38.25
CA ALA O 269 26.57 2.76 39.65
C ALA O 269 27.47 1.91 40.52
N ALA O 270 27.60 0.62 40.18
CA ALA O 270 28.48 -0.27 40.94
C ALA O 270 29.95 0.06 40.70
N ALA O 271 30.31 0.36 39.46
CA ALA O 271 31.70 0.69 39.16
C ALA O 271 32.11 2.02 39.78
N GLU O 272 31.17 2.94 39.95
CA GLU O 272 31.44 4.24 40.56
C GLU O 272 31.19 4.24 42.07
N GLY O 273 30.74 3.13 42.64
CA GLY O 273 30.42 3.10 44.05
C GLY O 273 31.08 1.96 44.81
N ARG O 274 30.35 0.86 45.00
CA ARG O 274 30.85 -0.22 45.85
C ARG O 274 32.01 -0.96 45.22
N LEU O 275 32.12 -0.96 43.89
CA LEU O 275 33.18 -1.68 43.18
C LEU O 275 34.20 -0.74 42.57
N LYS O 276 34.47 0.39 43.21
CA LYS O 276 35.47 1.35 42.72
C LYS O 276 36.86 0.73 42.88
N GLY O 277 37.52 0.46 41.75
CA GLY O 277 38.82 -0.17 41.72
C GLY O 277 38.79 -1.61 41.24
N ILE O 278 37.61 -2.23 41.20
CA ILE O 278 37.46 -3.59 40.71
C ILE O 278 36.66 -3.63 39.40
N LEU O 279 35.59 -2.86 39.32
CA LEU O 279 34.76 -2.78 38.12
C LEU O 279 35.03 -1.47 37.39
N LYS O 280 35.13 -1.56 36.07
CA LYS O 280 35.37 -0.40 35.21
C LYS O 280 34.25 -0.29 34.18
N TYR O 281 33.66 0.89 34.08
CA TYR O 281 32.59 1.16 33.14
C TYR O 281 33.13 1.91 31.94
N TYR O 282 32.83 1.41 30.74
CA TYR O 282 33.31 1.99 29.50
C TYR O 282 32.13 2.25 28.57
N ASP O 283 32.03 3.50 28.10
CA ASP O 283 31.02 3.88 27.11
C ASP O 283 31.63 4.15 25.74
N ALA O 284 32.93 3.86 25.56
CA ALA O 284 33.69 4.05 24.34
C ALA O 284 33.92 2.73 23.61
N PRO O 285 33.91 2.75 22.28
CA PRO O 285 34.13 1.50 21.53
C PRO O 285 35.57 1.01 21.62
N ILE O 286 35.90 0.38 22.75
CA ILE O 286 37.28 -0.05 23.01
C ILE O 286 37.50 -1.45 22.46
N VAL O 287 38.76 -1.88 22.45
CA VAL O 287 39.15 -3.22 22.02
C VAL O 287 40.11 -3.78 23.07
N SER O 288 40.53 -5.04 22.86
CA SER O 288 41.41 -5.69 23.82
C SER O 288 42.80 -5.07 23.85
N SER O 289 43.20 -4.35 22.80
CA SER O 289 44.45 -3.61 22.87
C SER O 289 44.38 -2.50 23.90
N ASP O 290 43.19 -1.93 24.12
CA ASP O 290 42.99 -0.92 25.14
C ASP O 290 42.86 -1.50 26.53
N ILE O 291 42.80 -2.83 26.66
CA ILE O 291 42.65 -3.48 27.95
C ILE O 291 44.00 -3.96 28.51
N VAL O 292 45.02 -4.12 27.66
CA VAL O 292 46.31 -4.59 28.14
C VAL O 292 46.87 -3.64 29.19
N THR O 293 47.42 -4.21 30.26
CA THR O 293 47.98 -3.47 31.38
C THR O 293 46.95 -2.52 32.00
N ASP O 294 45.78 -3.06 32.30
CA ASP O 294 44.74 -2.36 33.03
C ASP O 294 44.48 -3.10 34.34
N PRO O 295 44.56 -2.42 35.50
CA PRO O 295 44.50 -3.14 36.77
C PRO O 295 43.11 -3.58 37.21
N HIS O 296 42.06 -3.20 36.48
CA HIS O 296 40.71 -3.55 36.91
C HIS O 296 40.43 -5.03 36.70
N SER O 297 39.62 -5.60 37.61
CA SER O 297 39.30 -7.01 37.52
C SER O 297 38.29 -7.28 36.41
N SER O 298 37.37 -6.35 36.18
CA SER O 298 36.31 -6.53 35.20
C SER O 298 36.02 -5.18 34.56
N ILE O 299 36.15 -5.13 33.23
CA ILE O 299 35.90 -3.90 32.48
C ILE O 299 34.62 -4.04 31.69
N PHE O 300 33.51 -3.58 32.26
CA PHE O 300 32.20 -3.77 31.66
C PHE O 300 32.06 -2.92 30.39
N ASP O 301 31.73 -3.57 29.29
CA ASP O 301 31.51 -2.92 28.00
C ASP O 301 30.00 -2.71 27.84
N SER O 302 29.55 -1.47 28.06
CA SER O 302 28.14 -1.16 27.99
C SER O 302 27.59 -1.21 26.57
N GLY O 303 28.45 -1.09 25.56
CA GLY O 303 27.97 -1.09 24.19
C GLY O 303 27.53 -2.45 23.69
N LEU O 304 28.14 -3.52 24.19
CA LEU O 304 27.86 -4.87 23.74
C LEU O 304 26.76 -5.54 24.55
N THR O 305 25.91 -4.78 25.22
CA THR O 305 24.84 -5.33 26.03
C THR O 305 23.58 -5.50 25.20
N LYS O 306 22.96 -6.68 25.30
CA LYS O 306 21.71 -6.96 24.61
C LYS O 306 20.83 -7.80 25.53
N VAL O 307 19.53 -7.54 25.49
CA VAL O 307 18.57 -8.26 26.33
C VAL O 307 17.37 -8.65 25.49
N ILE O 308 16.87 -9.85 25.72
CA ILE O 308 15.63 -10.35 25.12
C ILE O 308 14.79 -10.90 26.26
N ASP O 309 13.69 -10.22 26.58
CA ASP O 309 12.86 -10.53 27.74
C ASP O 309 13.71 -10.49 29.02
N ASP O 310 13.91 -11.63 29.67
CA ASP O 310 14.72 -11.69 30.89
C ASP O 310 16.16 -12.14 30.63
N GLN O 311 16.48 -12.56 29.41
CA GLN O 311 17.80 -13.08 29.08
C GLN O 311 18.68 -11.94 28.58
N ALA O 312 19.80 -11.70 29.25
CA ALA O 312 20.70 -10.61 28.92
C ALA O 312 22.12 -11.15 28.73
N LYS O 313 22.85 -10.53 27.80
CA LYS O 313 24.23 -10.85 27.53
C LYS O 313 25.12 -9.72 28.02
N VAL O 314 26.04 -10.02 28.93
CA VAL O 314 26.93 -9.03 29.53
C VAL O 314 28.36 -9.34 29.08
N VAL O 315 29.05 -8.33 28.58
CA VAL O 315 30.41 -8.44 28.07
C VAL O 315 31.32 -7.58 28.93
N SER O 316 32.39 -8.18 29.46
CA SER O 316 33.31 -7.47 30.34
C SER O 316 34.74 -7.90 30.04
N TRP O 317 35.61 -6.92 29.85
CA TRP O 317 37.02 -7.17 29.56
C TRP O 317 37.83 -7.32 30.84
N TYR O 318 38.99 -7.96 30.70
CA TYR O 318 39.91 -8.14 31.81
C TYR O 318 41.26 -8.60 31.28
N ASP O 319 42.33 -8.05 31.83
CA ASP O 319 43.68 -8.46 31.47
C ASP O 319 44.05 -9.68 32.30
N ASN O 320 44.22 -10.83 31.63
CA ASN O 320 44.45 -12.08 32.33
C ASN O 320 45.78 -12.09 33.08
N GLU O 321 46.72 -11.21 32.71
CA GLU O 321 48.02 -11.15 33.37
C GLU O 321 48.10 -10.01 34.38
N TRP O 322 47.90 -8.77 33.92
CA TRP O 322 48.12 -7.61 34.77
C TRP O 322 46.98 -7.44 35.77
N GLY O 323 45.73 -7.64 35.34
CA GLY O 323 44.61 -7.46 36.23
C GLY O 323 44.58 -8.49 37.36
N TYR O 324 44.85 -9.75 37.03
CA TYR O 324 44.85 -10.80 38.05
C TYR O 324 46.00 -10.64 39.03
N SER O 325 47.14 -10.11 38.57
CA SER O 325 48.28 -9.93 39.45
C SER O 325 48.07 -8.75 40.41
N ASN O 326 47.35 -7.72 39.96
CA ASN O 326 47.00 -6.63 40.88
C ASN O 326 46.07 -7.10 41.97
N ARG O 327 45.17 -8.04 41.66
CA ARG O 327 44.34 -8.64 42.69
C ARG O 327 45.16 -9.51 43.63
N LEU O 328 46.24 -10.12 43.12
CA LEU O 328 47.14 -10.86 43.99
C LEU O 328 47.93 -9.92 44.90
N VAL O 329 48.28 -8.73 44.41
CA VAL O 329 48.94 -7.75 45.26
C VAL O 329 47.98 -7.25 46.34
N ASP O 330 46.73 -6.99 45.97
CA ASP O 330 45.76 -6.49 46.94
C ASP O 330 45.40 -7.56 47.97
N LEU O 331 45.33 -8.82 47.55
CA LEU O 331 45.03 -9.89 48.49
C LEU O 331 46.19 -10.13 49.45
N VAL O 332 47.42 -10.05 48.95
CA VAL O 332 48.59 -10.20 49.82
C VAL O 332 48.69 -9.03 50.78
N THR O 333 48.26 -7.84 50.36
CA THR O 333 48.27 -6.69 51.26
C THR O 333 47.18 -6.82 52.33
N LEU O 334 46.06 -7.47 51.99
CA LEU O 334 45.00 -7.68 52.98
C LEU O 334 45.40 -8.73 54.00
N VAL O 335 45.99 -9.83 53.53
CA VAL O 335 46.46 -10.88 54.46
C VAL O 335 47.57 -10.34 55.33
N GLY O 336 48.48 -9.55 54.76
CA GLY O 336 49.53 -8.94 55.54
C GLY O 336 49.01 -7.96 56.57
N LYS O 337 47.90 -7.29 56.27
CA LYS O 337 47.28 -6.40 57.24
C LYS O 337 46.65 -7.16 58.39
N SER O 338 46.29 -8.43 58.18
CA SER O 338 45.73 -9.25 59.24
C SER O 338 46.79 -9.85 60.15
N LEU O 339 48.06 -9.76 59.79
CA LEU O 339 49.14 -10.31 60.61
C LEU O 339 49.86 -9.21 61.39
N THR P 2 58.35 29.72 19.62
CA THR P 2 57.62 28.46 19.54
C THR P 2 57.00 28.27 18.15
N VAL P 3 57.45 27.23 17.45
CA VAL P 3 56.98 26.96 16.09
C VAL P 3 55.62 26.30 16.16
N ARG P 4 54.63 26.88 15.49
CA ARG P 4 53.31 26.30 15.40
C ARG P 4 53.27 25.28 14.26
N VAL P 5 52.83 24.06 14.55
CA VAL P 5 52.88 22.96 13.62
C VAL P 5 51.48 22.52 13.25
N GLY P 6 51.28 22.22 11.96
CA GLY P 6 50.03 21.65 11.48
C GLY P 6 50.29 20.38 10.71
N ILE P 7 49.60 19.29 11.08
CA ILE P 7 49.84 17.98 10.50
C ILE P 7 48.85 17.73 9.37
N ASN P 8 49.36 17.34 8.21
CA ASN P 8 48.56 16.88 7.08
C ASN P 8 48.70 15.38 6.98
N GLY P 9 47.66 14.64 7.36
CA GLY P 9 47.72 13.20 7.39
C GLY P 9 47.94 12.67 8.80
N PHE P 10 46.85 12.55 9.55
CA PHE P 10 46.92 12.17 10.96
C PHE P 10 46.81 10.65 11.10
N GLY P 11 47.72 9.95 10.43
CA GLY P 11 47.73 8.50 10.44
C GLY P 11 48.64 7.91 11.50
N ARG P 12 49.27 6.78 11.19
CA ARG P 12 50.17 6.15 12.15
C ARG P 12 51.35 7.05 12.48
N ILE P 13 52.07 7.52 11.45
CA ILE P 13 53.22 8.37 11.67
C ILE P 13 52.79 9.74 12.21
N GLY P 14 51.64 10.24 11.76
CA GLY P 14 51.16 11.52 12.24
C GLY P 14 50.84 11.50 13.71
N ARG P 15 50.14 10.46 14.17
CA ARG P 15 49.84 10.34 15.59
C ARG P 15 51.08 9.96 16.39
N ASN P 16 51.97 9.15 15.83
CA ASN P 16 53.24 8.87 16.49
C ASN P 16 54.09 10.12 16.62
N PHE P 17 53.99 11.04 15.64
CA PHE P 17 54.68 12.32 15.75
C PHE P 17 54.12 13.16 16.89
N TYR P 18 52.80 13.18 17.04
CA TYR P 18 52.18 13.97 18.09
C TYR P 18 52.49 13.40 19.47
N ARG P 19 52.45 12.08 19.62
CA ARG P 19 52.75 11.46 20.90
C ARG P 19 54.22 11.65 21.27
N ALA P 20 55.12 11.54 20.29
CA ALA P 20 56.52 11.81 20.55
C ALA P 20 56.76 13.26 20.90
N LEU P 21 56.00 14.17 20.29
CA LEU P 21 56.12 15.59 20.63
C LEU P 21 55.63 15.84 22.06
N LEU P 22 54.58 15.14 22.48
CA LEU P 22 54.07 15.31 23.84
C LEU P 22 55.06 14.78 24.86
N ALA P 23 55.66 13.61 24.60
CA ALA P 23 56.63 13.05 25.53
C ALA P 23 57.92 13.86 25.54
N GLN P 24 58.31 14.40 24.38
CA GLN P 24 59.52 15.22 24.33
C GLN P 24 59.32 16.57 24.99
N GLN P 25 58.10 17.11 24.95
CA GLN P 25 57.82 18.34 25.69
C GLN P 25 57.78 18.09 27.19
N GLU P 26 57.26 16.93 27.61
CA GLU P 26 57.30 16.58 29.02
C GLU P 26 58.73 16.40 29.50
N GLN P 27 59.63 15.97 28.62
CA GLN P 27 61.05 15.88 28.96
C GLN P 27 61.74 17.23 28.86
N GLY P 28 61.12 18.21 28.21
CA GLY P 28 61.68 19.54 28.10
C GLY P 28 62.51 19.79 26.86
N THR P 29 62.73 18.77 26.02
CA THR P 29 63.55 18.89 24.82
C THR P 29 62.71 19.08 23.56
N ALA P 30 61.59 19.80 23.66
CA ALA P 30 60.74 20.06 22.51
C ALA P 30 59.99 21.37 22.73
N ASP P 31 59.83 22.14 21.66
CA ASP P 31 59.18 23.44 21.71
C ASP P 31 57.99 23.56 20.77
N VAL P 32 57.91 22.74 19.72
CA VAL P 32 56.84 22.86 18.76
C VAL P 32 55.52 22.39 19.38
N GLU P 33 54.42 23.00 18.93
CA GLU P 33 53.08 22.62 19.35
C GLU P 33 52.20 22.43 18.13
N VAL P 34 51.36 21.39 18.16
CA VAL P 34 50.48 21.08 17.05
C VAL P 34 49.16 21.82 17.25
N VAL P 35 48.76 22.60 16.24
CA VAL P 35 47.54 23.39 16.30
C VAL P 35 46.49 22.94 15.31
N ALA P 36 46.84 22.11 14.32
CA ALA P 36 45.88 21.67 13.33
C ALA P 36 46.25 20.29 12.84
N ALA P 37 45.25 19.54 12.40
CA ALA P 37 45.44 18.20 11.87
C ALA P 37 44.39 17.94 10.80
N ASN P 38 44.82 17.38 9.67
CA ASN P 38 43.93 17.13 8.53
C ASN P 38 43.94 15.64 8.21
N ASP P 39 42.74 15.08 8.03
CA ASP P 39 42.59 13.68 7.66
C ASP P 39 41.20 13.48 7.05
N ILE P 40 41.08 12.49 6.18
CA ILE P 40 39.82 12.23 5.50
C ILE P 40 38.84 11.56 6.45
N THR P 41 38.53 12.23 7.55
CA THR P 41 37.61 11.71 8.57
C THR P 41 37.26 12.84 9.53
N ASP P 42 36.26 12.60 10.37
CA ASP P 42 35.82 13.62 11.32
C ASP P 42 36.74 13.69 12.52
N ASN P 43 36.49 14.68 13.38
CA ASN P 43 37.30 14.86 14.58
C ASN P 43 37.04 13.79 15.63
N SER P 44 35.86 13.16 15.60
CA SER P 44 35.57 12.10 16.57
C SER P 44 36.45 10.89 16.33
N THR P 45 36.62 10.50 15.07
CA THR P 45 37.50 9.36 14.76
C THR P 45 38.96 9.70 15.06
N LEU P 46 39.37 10.94 14.75
CA LEU P 46 40.76 11.34 15.03
C LEU P 46 41.04 11.36 16.52
N ALA P 47 40.10 11.87 17.32
CA ALA P 47 40.29 11.89 18.77
C ALA P 47 40.25 10.48 19.35
N HIS P 48 39.43 9.59 18.78
CA HIS P 48 39.36 8.23 19.28
C HIS P 48 40.62 7.44 18.92
N LEU P 49 41.13 7.63 17.69
CA LEU P 49 42.36 6.96 17.30
C LEU P 49 43.59 7.55 17.99
N LEU P 50 43.50 8.78 18.48
CA LEU P 50 44.61 9.37 19.23
C LEU P 50 44.62 8.88 20.68
N LYS P 51 43.44 8.78 21.30
CA LYS P 51 43.38 8.34 22.69
C LYS P 51 43.72 6.87 22.83
N PHE P 52 43.22 6.03 21.92
CA PHE P 52 43.42 4.60 21.98
C PHE P 52 44.34 4.17 20.85
N ASP P 53 45.41 3.46 21.19
CA ASP P 53 46.39 2.97 20.23
C ASP P 53 46.66 1.50 20.54
N SER P 54 46.68 0.67 19.49
CA SER P 54 46.97 -0.75 19.68
C SER P 54 48.45 -0.99 19.97
N ILE P 55 49.33 -0.09 19.57
CA ILE P 55 50.76 -0.22 19.80
C ILE P 55 51.22 0.64 20.97
N LEU P 56 50.93 1.94 20.93
CA LEU P 56 51.37 2.86 21.96
C LEU P 56 50.46 2.87 23.18
N GLY P 57 49.43 2.05 23.20
CA GLY P 57 48.55 2.02 24.37
C GLY P 57 47.65 3.24 24.45
N ARG P 58 47.17 3.48 25.66
CA ARG P 58 46.28 4.61 25.93
C ARG P 58 47.08 5.86 26.25
N LEU P 59 46.54 7.00 25.86
CA LEU P 59 47.20 8.27 26.13
C LEU P 59 46.99 8.66 27.59
N PRO P 60 48.05 9.08 28.30
CA PRO P 60 47.86 9.51 29.68
C PRO P 60 47.00 10.75 29.83
N CYS P 61 46.98 11.61 28.81
CA CYS P 61 46.16 12.81 28.85
C CYS P 61 44.74 12.51 28.40
N ASP P 62 43.79 13.27 28.95
CA ASP P 62 42.40 13.14 28.56
C ASP P 62 42.18 13.84 27.22
N VAL P 63 41.30 13.29 26.40
CA VAL P 63 41.04 13.81 25.06
C VAL P 63 39.55 14.08 24.93
N GLY P 64 39.20 15.33 24.58
CA GLY P 64 37.83 15.70 24.33
C GLY P 64 37.67 16.34 22.96
N LEU P 65 36.42 16.52 22.57
CA LEU P 65 36.09 17.09 21.26
C LEU P 65 35.02 18.16 21.42
N GLU P 66 34.71 18.82 20.30
CA GLU P 66 33.69 19.87 20.28
C GLU P 66 32.83 19.73 19.03
N GLY P 67 33.16 20.49 17.99
CA GLY P 67 32.47 20.40 16.72
C GLY P 67 33.44 20.40 15.55
N ASP P 68 34.57 21.08 15.74
CA ASP P 68 35.63 21.10 14.73
C ASP P 68 37.02 21.07 15.32
N ASP P 69 37.15 21.12 16.65
CA ASP P 69 38.45 21.11 17.31
C ASP P 69 38.48 20.00 18.35
N THR P 70 39.64 19.37 18.50
CA THR P 70 39.86 18.35 19.50
C THR P 70 40.72 18.93 20.62
N ILE P 71 40.31 18.69 21.86
CA ILE P 71 41.03 19.19 23.03
C ILE P 71 41.77 18.03 23.65
N VAL P 72 43.09 18.17 23.77
CA VAL P 72 43.88 17.25 24.58
C VAL P 72 43.57 17.53 26.04
N VAL P 73 44.61 17.75 26.85
CA VAL P 73 44.41 18.12 28.24
C VAL P 73 44.85 19.57 28.42
N GLY P 74 43.92 20.51 28.21
CA GLY P 74 44.20 21.92 28.34
C GLY P 74 44.49 22.61 27.01
N ARG P 75 45.03 21.89 26.04
CA ARG P 75 45.32 22.44 24.73
C ARG P 75 44.26 22.02 23.72
N ALA P 76 44.06 22.86 22.71
CA ALA P 76 43.06 22.62 21.68
C ALA P 76 43.73 22.64 20.32
N LYS P 77 43.44 21.64 19.49
CA LYS P 77 43.95 21.55 18.13
C LYS P 77 42.78 21.57 17.16
N ILE P 78 42.77 22.55 16.28
CA ILE P 78 41.69 22.69 15.29
C ILE P 78 41.76 21.50 14.34
N LYS P 79 40.76 20.63 14.38
CA LYS P 79 40.72 19.45 13.54
C LYS P 79 40.23 19.80 12.12
N ALA P 80 41.01 20.65 11.45
CA ALA P 80 40.72 21.02 10.08
C ALA P 80 40.94 19.82 9.16
N LEU P 81 40.01 18.87 9.19
CA LEU P 81 40.18 17.60 8.50
C LEU P 81 39.36 17.48 7.22
N ALA P 82 38.27 18.25 7.08
CA ALA P 82 37.39 18.14 5.92
C ALA P 82 38.08 18.50 4.61
N VAL P 83 39.23 19.18 4.65
CA VAL P 83 39.93 19.58 3.43
C VAL P 83 40.46 18.35 2.71
N ARG P 84 39.61 17.71 1.90
CA ARG P 84 39.98 16.53 1.14
C ARG P 84 40.60 16.87 -0.21
N GLU P 85 40.66 18.15 -0.58
CA GLU P 85 41.23 18.55 -1.85
C GLU P 85 42.76 18.59 -1.76
N GLY P 86 43.38 19.44 -2.57
CA GLY P 86 44.82 19.58 -2.56
C GLY P 86 45.32 20.22 -1.29
N PRO P 87 46.63 20.10 -1.03
CA PRO P 87 47.20 20.73 0.17
C PRO P 87 47.15 22.25 0.14
N ALA P 88 47.02 22.86 -1.03
CA ALA P 88 46.91 24.31 -1.11
C ALA P 88 45.57 24.81 -0.62
N ALA P 89 44.57 23.94 -0.49
CA ALA P 89 43.26 24.33 0.00
C ALA P 89 43.18 24.38 1.52
N LEU P 90 44.19 23.87 2.22
CA LEU P 90 44.18 23.92 3.68
C LEU P 90 44.49 25.33 4.15
N PRO P 91 43.81 25.82 5.18
CA PRO P 91 44.04 27.20 5.67
C PRO P 91 45.20 27.28 6.67
N TRP P 92 46.42 27.08 6.16
CA TRP P 92 47.59 27.20 7.03
C TRP P 92 47.86 28.65 7.39
N GLY P 93 47.69 29.57 6.43
CA GLY P 93 47.88 30.98 6.74
C GLY P 93 46.84 31.53 7.69
N ASP P 94 45.59 31.05 7.55
CA ASP P 94 44.53 31.50 8.45
C ASP P 94 44.75 30.97 9.86
N LEU P 95 45.18 29.71 9.99
CA LEU P 95 45.43 29.11 11.29
C LEU P 95 46.74 29.55 11.91
N GLY P 96 47.63 30.15 11.14
CA GLY P 96 48.91 30.59 11.66
C GLY P 96 49.92 29.48 11.87
N VAL P 97 49.84 28.43 11.06
CA VAL P 97 50.79 27.31 11.17
C VAL P 97 52.11 27.72 10.56
N ASP P 98 53.20 27.48 11.29
CA ASP P 98 54.55 27.79 10.81
C ASP P 98 55.12 26.64 9.99
N VAL P 99 55.22 25.46 10.60
CA VAL P 99 55.75 24.27 9.95
C VAL P 99 54.60 23.29 9.72
N VAL P 100 54.59 22.66 8.55
CA VAL P 100 53.58 21.67 8.20
C VAL P 100 54.26 20.32 8.02
N VAL P 101 53.78 19.31 8.72
CA VAL P 101 54.31 17.96 8.64
C VAL P 101 53.44 17.19 7.63
N GLU P 102 53.95 17.02 6.42
CA GLU P 102 53.24 16.28 5.38
C GLU P 102 53.41 14.79 5.64
N SER P 103 52.32 14.12 6.00
CA SER P 103 52.39 12.70 6.34
C SER P 103 51.23 11.90 5.75
N THR P 104 50.58 12.40 4.70
CA THR P 104 49.52 11.62 4.06
C THR P 104 50.09 10.47 3.23
N GLY P 105 51.29 10.66 2.69
CA GLY P 105 51.88 9.68 1.79
C GLY P 105 51.55 9.89 0.33
N LEU P 106 50.65 10.83 0.01
CA LEU P 106 50.27 11.10 -1.37
C LEU P 106 50.91 12.36 -1.92
N PHE P 107 51.58 13.15 -1.10
CA PHE P 107 52.20 14.40 -1.52
C PHE P 107 53.71 14.35 -1.30
N THR P 108 54.33 13.21 -1.61
CA THR P 108 55.78 13.08 -1.47
C THR P 108 56.53 13.92 -2.50
N ASN P 109 55.91 14.23 -3.63
CA ASN P 109 56.55 15.10 -4.61
C ASN P 109 56.53 16.54 -4.11
N ALA P 110 57.67 17.22 -4.27
CA ALA P 110 57.79 18.59 -3.78
C ALA P 110 56.89 19.55 -4.55
N ALA P 111 56.56 19.22 -5.79
CA ALA P 111 55.66 20.08 -6.57
C ALA P 111 54.27 20.11 -5.95
N LYS P 112 53.78 18.96 -5.49
CA LYS P 112 52.50 18.93 -4.81
C LYS P 112 52.62 19.41 -3.37
N ALA P 113 53.72 19.06 -2.70
CA ALA P 113 53.93 19.47 -1.31
C ALA P 113 54.10 20.97 -1.18
N LYS P 114 54.47 21.67 -2.26
CA LYS P 114 54.59 23.12 -2.22
C LYS P 114 53.26 23.82 -2.00
N GLY P 115 52.14 23.11 -2.16
CA GLY P 115 50.85 23.71 -1.89
C GLY P 115 50.69 24.17 -0.45
N HIS P 116 51.38 23.49 0.48
CA HIS P 116 51.38 23.95 1.87
C HIS P 116 52.01 25.33 1.98
N LEU P 117 53.15 25.54 1.31
CA LEU P 117 53.79 26.84 1.33
C LEU P 117 52.92 27.91 0.69
N ASP P 118 52.23 27.56 -0.40
CA ASP P 118 51.33 28.52 -1.04
C ASP P 118 50.12 28.83 -0.15
N ALA P 119 49.71 27.88 0.67
CA ALA P 119 48.54 28.06 1.53
C ALA P 119 48.86 28.85 2.79
N GLY P 120 50.11 29.23 3.00
CA GLY P 120 50.49 30.03 4.16
C GLY P 120 51.53 29.40 5.06
N ALA P 121 52.04 28.21 4.77
CA ALA P 121 53.04 27.59 5.61
C ALA P 121 54.43 28.12 5.28
N LYS P 122 55.29 28.18 6.30
CA LYS P 122 56.66 28.64 6.12
C LYS P 122 57.60 27.50 5.76
N LYS P 123 57.43 26.34 6.38
CA LYS P 123 58.29 25.19 6.14
C LYS P 123 57.45 23.93 6.08
N VAL P 124 57.87 22.99 5.22
CA VAL P 124 57.20 21.72 5.04
C VAL P 124 58.21 20.61 5.29
N ILE P 125 57.81 19.59 6.06
CA ILE P 125 58.64 18.44 6.36
C ILE P 125 57.92 17.19 5.87
N ILE P 126 58.50 16.50 4.91
CA ILE P 126 57.91 15.30 4.35
C ILE P 126 58.42 14.09 5.13
N SER P 127 57.50 13.30 5.68
CA SER P 127 57.84 12.14 6.49
C SER P 127 58.08 10.89 5.65
N ALA P 128 58.67 11.05 4.47
CA ALA P 128 58.93 9.93 3.57
C ALA P 128 59.96 10.37 2.55
N PRO P 129 60.58 9.43 1.83
CA PRO P 129 61.45 9.82 0.71
C PRO P 129 60.69 10.65 -0.31
N ALA P 130 61.24 11.82 -0.64
CA ALA P 130 60.58 12.79 -1.49
C ALA P 130 61.26 12.87 -2.85
N THR P 131 60.64 13.64 -3.74
CA THR P 131 61.16 13.90 -5.08
C THR P 131 61.22 15.39 -5.30
N ASP P 132 62.33 15.85 -5.89
CA ASP P 132 62.56 17.28 -6.17
C ASP P 132 62.55 18.11 -4.90
N GLU P 133 62.91 17.52 -3.77
CA GLU P 133 62.93 18.23 -2.50
C GLU P 133 64.14 19.15 -2.43
N ASP P 134 64.06 20.12 -1.51
CA ASP P 134 65.17 21.06 -1.33
C ASP P 134 66.38 20.38 -0.69
N ILE P 135 66.14 19.52 0.29
CA ILE P 135 67.22 18.83 0.99
C ILE P 135 66.65 17.59 1.65
N THR P 136 67.44 16.52 1.66
CA THR P 136 67.12 15.28 2.36
C THR P 136 68.04 15.18 3.58
N ILE P 137 67.44 15.19 4.77
CA ILE P 137 68.18 15.29 6.01
C ILE P 137 67.94 14.05 6.85
N VAL P 138 69.02 13.43 7.30
CA VAL P 138 68.98 12.38 8.31
C VAL P 138 69.74 12.91 9.53
N LEU P 139 69.02 13.13 10.63
CA LEU P 139 69.63 13.73 11.81
C LEU P 139 70.76 12.86 12.34
N GLY P 140 71.91 13.48 12.59
CA GLY P 140 73.10 12.76 12.97
C GLY P 140 74.01 12.41 11.83
N VAL P 141 73.64 12.72 10.59
CA VAL P 141 74.45 12.41 9.42
C VAL P 141 74.77 13.69 8.67
N ASN P 142 73.76 14.29 8.03
CA ASN P 142 73.93 15.49 7.22
C ASN P 142 73.04 16.63 7.71
N ASP P 143 72.72 16.64 9.01
CA ASP P 143 71.89 17.72 9.55
C ASP P 143 72.60 19.06 9.53
N ASP P 144 73.94 19.07 9.48
CA ASP P 144 74.67 20.32 9.41
C ASP P 144 74.58 20.98 8.04
N LYS P 145 74.21 20.23 7.01
CA LYS P 145 74.07 20.77 5.66
C LYS P 145 72.79 21.58 5.47
N TYR P 146 72.05 21.82 6.55
CA TYR P 146 70.80 22.58 6.48
C TYR P 146 71.05 24.00 6.95
N ASP P 147 70.84 24.97 6.06
CA ASP P 147 70.85 26.38 6.43
C ASP P 147 69.40 26.88 6.49
N GLY P 148 69.24 28.18 6.57
CA GLY P 148 67.90 28.76 6.65
C GLY P 148 67.19 28.94 5.33
N SER P 149 67.74 28.41 4.23
CA SER P 149 67.21 28.63 2.90
C SER P 149 66.66 27.35 2.27
N GLN P 150 65.92 26.57 3.03
CA GLN P 150 65.26 25.38 2.51
C GLN P 150 63.84 25.33 3.04
N ASN P 151 62.87 25.20 2.14
CA ASN P 151 61.45 25.19 2.50
C ASN P 151 60.81 23.83 2.32
N ILE P 152 61.02 23.17 1.18
CA ILE P 152 60.47 21.84 0.93
C ILE P 152 61.52 20.85 1.45
N ILE P 153 61.43 20.54 2.73
CA ILE P 153 62.41 19.70 3.43
C ILE P 153 61.85 18.30 3.57
N SER P 154 62.70 17.30 3.41
CA SER P 154 62.33 15.90 3.53
C SER P 154 63.10 15.25 4.68
N ASN P 155 62.64 14.06 5.09
CA ASN P 155 63.20 13.39 6.24
C ASN P 155 63.48 11.90 5.98
N ALA P 156 63.39 11.46 4.72
CA ALA P 156 63.74 10.10 4.32
C ALA P 156 62.84 9.04 4.98
N SER P 157 63.14 7.77 4.74
CA SER P 157 62.32 6.67 5.21
C SER P 157 62.74 6.21 6.61
N CYS P 158 61.90 5.38 7.21
CA CYS P 158 62.23 4.80 8.50
C CYS P 158 63.48 3.92 8.42
N THR P 159 63.69 3.25 7.29
CA THR P 159 64.87 2.44 7.13
C THR P 159 66.11 3.29 6.92
N THR P 160 65.95 4.43 6.22
CA THR P 160 67.11 5.29 5.93
C THR P 160 67.71 5.85 7.21
N ASN P 161 66.86 6.28 8.15
CA ASN P 161 67.34 6.83 9.40
C ASN P 161 68.10 5.81 10.26
N CYS P 162 67.98 4.52 9.94
CA CYS P 162 68.75 3.47 10.60
C CYS P 162 69.99 3.07 9.84
N LEU P 163 69.92 3.05 8.50
CA LEU P 163 71.07 2.66 7.70
C LEU P 163 72.12 3.77 7.64
N ALA P 164 71.67 5.03 7.56
CA ALA P 164 72.61 6.14 7.41
C ALA P 164 73.62 6.22 8.55
N PRO P 165 73.23 6.14 9.83
CA PRO P 165 74.25 6.16 10.89
C PRO P 165 75.20 4.97 10.84
N LEU P 166 74.69 3.78 10.48
CA LEU P 166 75.54 2.61 10.41
C LEU P 166 76.55 2.73 9.28
N ALA P 167 76.12 3.22 8.11
CA ALA P 167 77.04 3.37 6.99
C ALA P 167 77.99 4.54 7.19
N LYS P 168 77.57 5.56 7.95
CA LYS P 168 78.45 6.69 8.21
C LYS P 168 79.58 6.31 9.15
N VAL P 169 79.27 5.53 10.20
CA VAL P 169 80.30 5.11 11.14
C VAL P 169 81.29 4.15 10.48
N LEU P 170 80.77 3.23 9.65
CA LEU P 170 81.65 2.28 8.98
C LEU P 170 82.53 2.96 7.94
N ASP P 171 82.00 3.96 7.25
CA ASP P 171 82.77 4.64 6.22
C ASP P 171 83.79 5.61 6.81
N ASP P 172 83.41 6.31 7.88
CA ASP P 172 84.32 7.28 8.49
C ASP P 172 85.43 6.61 9.31
N GLU P 173 85.22 5.36 9.73
CA GLU P 173 86.21 4.65 10.53
C GLU P 173 87.04 3.66 9.73
N PHE P 174 86.43 2.97 8.76
CA PHE P 174 87.12 1.96 7.98
C PHE P 174 86.97 2.13 6.47
N GLY P 175 86.02 2.92 5.99
CA GLY P 175 85.81 3.08 4.57
C GLY P 175 84.87 2.03 4.00
N ILE P 176 83.96 2.45 3.12
CA ILE P 176 82.98 1.57 2.52
C ILE P 176 83.20 1.56 1.02
N VAL P 177 83.51 0.40 0.46
CA VAL P 177 83.61 0.26 -0.99
C VAL P 177 82.24 0.04 -1.60
N LYS P 178 81.50 -0.94 -1.08
CA LYS P 178 80.15 -1.24 -1.54
C LYS P 178 79.50 -2.18 -0.53
N GLY P 179 78.18 -2.19 -0.51
CA GLY P 179 77.44 -3.01 0.42
C GLY P 179 76.04 -3.29 -0.07
N LEU P 180 75.50 -4.42 0.38
CA LEU P 180 74.12 -4.81 0.09
C LEU P 180 73.42 -5.10 1.40
N MET P 181 72.27 -4.48 1.61
CA MET P 181 71.55 -4.57 2.87
C MET P 181 70.21 -5.28 2.67
N THR P 182 69.60 -5.65 3.80
CA THR P 182 68.28 -6.25 3.81
C THR P 182 67.60 -5.85 5.11
N THR P 183 66.60 -4.97 5.02
CA THR P 183 65.84 -4.57 6.19
C THR P 183 64.64 -5.48 6.36
N ILE P 184 64.44 -5.98 7.57
CA ILE P 184 63.35 -6.89 7.90
C ILE P 184 62.33 -6.06 8.68
N HIS P 185 61.30 -5.60 7.97
CA HIS P 185 60.45 -4.51 8.43
C HIS P 185 59.12 -5.01 8.96
N ALA P 186 58.54 -4.22 9.87
CA ALA P 186 57.18 -4.43 10.32
C ALA P 186 56.20 -4.01 9.24
N TYR P 187 55.04 -4.67 9.20
CA TYR P 187 54.06 -4.33 8.18
C TYR P 187 53.48 -2.94 8.45
N THR P 188 53.03 -2.29 7.38
CA THR P 188 52.55 -0.93 7.45
C THR P 188 51.16 -0.85 6.83
N GLN P 189 50.56 0.35 6.88
CA GLN P 189 49.17 0.51 6.46
C GLN P 189 48.98 0.28 4.97
N ASP P 190 50.02 0.49 4.17
CA ASP P 190 49.88 0.35 2.73
C ASP P 190 49.69 -1.10 2.29
N GLN P 191 49.86 -2.07 3.19
CA GLN P 191 49.69 -3.47 2.84
C GLN P 191 48.25 -3.92 3.07
N ASN P 192 47.90 -5.05 2.48
CA ASN P 192 46.55 -5.59 2.56
C ASN P 192 46.45 -6.60 3.70
N LEU P 193 45.29 -6.61 4.36
CA LEU P 193 45.05 -7.58 5.42
C LEU P 193 44.83 -8.98 4.84
N GLN P 194 44.10 -9.06 3.73
CA GLN P 194 43.85 -10.30 3.02
C GLN P 194 44.37 -10.17 1.59
N ASP P 195 44.26 -11.26 0.83
CA ASP P 195 44.73 -11.28 -0.55
C ASP P 195 43.82 -10.40 -1.40
N GLY P 196 44.31 -9.22 -1.75
CA GLY P 196 43.53 -8.28 -2.54
C GLY P 196 44.38 -7.57 -3.58
N PRO P 197 43.73 -6.78 -4.43
CA PRO P 197 44.47 -6.05 -5.46
C PRO P 197 45.43 -5.03 -4.85
N HIS P 198 46.52 -4.76 -5.56
CA HIS P 198 47.56 -3.88 -5.09
C HIS P 198 48.50 -3.59 -6.25
N LYS P 199 49.07 -2.38 -6.27
CA LYS P 199 50.08 -2.04 -7.27
C LYS P 199 51.31 -2.93 -7.12
N ASP P 200 51.57 -3.43 -5.91
CA ASP P 200 52.66 -4.36 -5.64
C ASP P 200 52.05 -5.74 -5.46
N LEU P 201 52.38 -6.65 -6.38
CA LEU P 201 51.88 -8.02 -6.28
C LEU P 201 52.46 -8.75 -5.07
N ARG P 202 53.61 -8.30 -4.56
CA ARG P 202 54.14 -8.88 -3.32
C ARG P 202 53.35 -8.39 -2.12
N ARG P 203 53.15 -7.07 -2.02
CA ARG P 203 52.36 -6.49 -0.94
C ARG P 203 50.86 -6.68 -1.13
N ALA P 204 50.44 -7.37 -2.19
CA ALA P 204 49.04 -7.71 -2.38
C ALA P 204 48.59 -8.86 -1.48
N ARG P 205 49.52 -9.69 -1.03
CA ARG P 205 49.21 -10.85 -0.20
C ARG P 205 48.92 -10.41 1.23
N ALA P 206 48.44 -11.36 2.04
CA ALA P 206 48.11 -11.06 3.43
C ALA P 206 49.36 -10.67 4.21
N ALA P 207 49.31 -9.50 4.84
CA ALA P 207 50.51 -8.96 5.48
C ALA P 207 50.85 -9.72 6.75
N ALA P 208 49.85 -9.99 7.59
CA ALA P 208 50.09 -10.66 8.86
C ALA P 208 50.17 -12.18 8.75
N LEU P 209 50.04 -12.74 7.54
CA LEU P 209 50.03 -14.18 7.37
C LEU P 209 51.28 -14.73 6.69
N ASN P 210 52.19 -13.87 6.25
CA ASN P 210 53.39 -14.32 5.54
C ASN P 210 54.40 -13.17 5.51
N ILE P 211 55.53 -13.42 4.86
CA ILE P 211 56.56 -12.41 4.64
C ILE P 211 56.45 -11.90 3.22
N VAL P 212 56.33 -10.58 3.06
CA VAL P 212 56.18 -9.94 1.76
C VAL P 212 57.51 -9.24 1.43
N PRO P 213 58.27 -9.74 0.46
CA PRO P 213 59.49 -9.04 0.04
C PRO P 213 59.14 -7.86 -0.85
N THR P 214 59.48 -6.65 -0.39
CA THR P 214 59.21 -5.43 -1.13
C THR P 214 60.51 -4.65 -1.31
N SER P 215 60.42 -3.58 -2.09
CA SER P 215 61.57 -2.76 -2.41
C SER P 215 61.67 -1.57 -1.46
N THR P 216 62.87 -1.01 -1.37
CA THR P 216 63.12 0.17 -0.54
C THR P 216 64.22 0.99 -1.18
N GLY P 217 64.15 2.31 -0.95
CA GLY P 217 65.15 3.21 -1.48
C GLY P 217 66.07 3.77 -0.41
N ALA P 218 66.14 3.09 0.73
CA ALA P 218 66.98 3.55 1.82
C ALA P 218 68.46 3.49 1.44
N ALA P 219 68.88 2.38 0.83
CA ALA P 219 70.27 2.21 0.42
C ALA P 219 70.52 2.75 -0.99
N LYS P 220 69.52 2.68 -1.87
CA LYS P 220 69.71 3.17 -3.23
C LYS P 220 69.85 4.69 -3.27
N ALA P 221 69.22 5.39 -2.32
CA ALA P 221 69.28 6.85 -2.25
C ALA P 221 70.12 7.33 -1.07
N ILE P 222 71.11 6.53 -0.66
CA ILE P 222 72.00 6.94 0.43
C ILE P 222 72.86 8.14 0.03
N GLY P 223 73.02 8.38 -1.28
CA GLY P 223 73.74 9.54 -1.76
C GLY P 223 73.06 10.87 -1.46
N LEU P 224 71.78 10.83 -1.08
CA LEU P 224 71.09 12.07 -0.73
C LEU P 224 71.61 12.64 0.59
N VAL P 225 72.18 11.79 1.44
CA VAL P 225 72.67 12.25 2.74
C VAL P 225 74.17 12.00 2.85
N MET P 226 74.68 11.00 2.11
CA MET P 226 76.12 10.72 2.04
C MET P 226 76.54 10.63 0.58
N PRO P 227 76.94 11.75 -0.01
CA PRO P 227 77.29 11.75 -1.45
C PRO P 227 78.47 10.85 -1.79
N GLN P 228 79.37 10.59 -0.83
CA GLN P 228 80.52 9.73 -1.11
C GLN P 228 80.12 8.27 -1.24
N LEU P 229 78.94 7.88 -0.76
CA LEU P 229 78.45 6.51 -0.85
C LEU P 229 77.33 6.36 -1.87
N LYS P 230 77.17 7.32 -2.77
CA LYS P 230 76.11 7.27 -3.77
C LYS P 230 76.42 6.16 -4.78
N GLY P 231 75.47 5.23 -4.93
CA GLY P 231 75.64 4.12 -5.84
C GLY P 231 76.39 2.93 -5.30
N LYS P 232 76.88 3.00 -4.07
CA LYS P 232 77.61 1.90 -3.46
C LYS P 232 76.73 1.00 -2.59
N LEU P 233 75.49 1.39 -2.33
CA LEU P 233 74.60 0.63 -1.47
C LEU P 233 73.28 0.37 -2.19
N ASP P 234 72.70 -0.80 -1.90
CA ASP P 234 71.39 -1.16 -2.44
C ASP P 234 70.83 -2.29 -1.57
N GLY P 235 69.51 -2.43 -1.61
CA GLY P 235 68.86 -3.47 -0.82
C GLY P 235 67.36 -3.46 -1.04
N TYR P 236 66.71 -4.35 -0.32
CA TYR P 236 65.26 -4.51 -0.39
C TYR P 236 64.73 -4.63 1.04
N ALA P 237 63.45 -4.94 1.17
CA ALA P 237 62.79 -5.06 2.47
C ALA P 237 62.02 -6.36 2.54
N LEU P 238 61.78 -6.82 3.77
CA LEU P 238 61.02 -8.04 4.03
C LEU P 238 60.02 -7.74 5.13
N ARG P 239 58.74 -7.66 4.78
CA ARG P 239 57.70 -7.32 5.74
C ARG P 239 57.26 -8.57 6.49
N VAL P 240 57.43 -8.57 7.80
CA VAL P 240 57.14 -9.74 8.63
C VAL P 240 55.93 -9.47 9.52
N PRO P 241 55.22 -10.50 9.99
CA PRO P 241 54.02 -10.27 10.80
C PRO P 241 54.30 -9.61 12.16
N ILE P 242 54.74 -8.36 12.14
CA ILE P 242 54.94 -7.59 13.36
C ILE P 242 54.41 -6.18 13.17
N PRO P 243 53.73 -5.61 14.16
CA PRO P 243 53.46 -4.17 14.14
C PRO P 243 54.54 -3.38 14.86
N THR P 244 55.07 -2.34 14.21
CA THR P 244 56.02 -1.41 14.82
C THR P 244 57.30 -2.11 15.27
N GLY P 245 58.43 -1.72 14.68
CA GLY P 245 59.69 -2.33 15.03
C GLY P 245 60.29 -3.10 13.88
N SER P 246 61.48 -2.70 13.45
CA SER P 246 62.13 -3.31 12.31
C SER P 246 63.63 -3.42 12.61
N VAL P 247 64.36 -3.99 11.65
CA VAL P 247 65.80 -4.21 11.81
C VAL P 247 66.45 -4.16 10.43
N THR P 248 67.65 -3.59 10.39
CA THR P 248 68.45 -3.52 9.16
C THR P 248 69.63 -4.46 9.26
N ASP P 249 69.88 -5.20 8.18
CA ASP P 249 71.00 -6.13 8.09
C ASP P 249 71.87 -5.68 6.92
N LEU P 250 72.96 -4.97 7.21
CA LEU P 250 73.83 -4.41 6.19
C LEU P 250 75.07 -5.26 6.07
N THR P 251 75.26 -5.87 4.90
CA THR P 251 76.48 -6.60 4.56
C THR P 251 77.29 -5.72 3.63
N VAL P 252 78.46 -5.26 4.09
CA VAL P 252 79.23 -4.24 3.42
C VAL P 252 80.68 -4.67 3.31
N ASP P 253 81.28 -4.46 2.14
CA ASP P 253 82.71 -4.64 1.95
C ASP P 253 83.43 -3.36 2.37
N LEU P 254 84.42 -3.51 3.25
CA LEU P 254 85.15 -2.38 3.80
C LEU P 254 86.44 -2.14 3.04
N SER P 255 86.86 -0.87 2.98
CA SER P 255 88.13 -0.54 2.34
C SER P 255 89.30 -1.07 3.15
N THR P 256 89.25 -0.92 4.47
CA THR P 256 90.27 -1.44 5.37
C THR P 256 89.71 -2.60 6.18
N ARG P 257 90.48 -3.67 6.29
CA ARG P 257 90.04 -4.85 7.02
C ARG P 257 89.97 -4.55 8.51
N ALA P 258 88.79 -4.72 9.10
CA ALA P 258 88.58 -4.47 10.52
C ALA P 258 88.03 -5.72 11.19
N SER P 259 88.38 -5.89 12.46
CA SER P 259 87.92 -7.02 13.24
C SER P 259 86.55 -6.75 13.84
N VAL P 260 85.95 -7.79 14.41
CA VAL P 260 84.63 -7.66 15.02
C VAL P 260 84.70 -6.72 16.23
N ASP P 261 85.75 -6.87 17.04
CA ASP P 261 85.89 -6.02 18.22
C ASP P 261 86.15 -4.56 17.85
N GLU P 262 86.89 -4.33 16.75
CA GLU P 262 87.14 -2.95 16.32
C GLU P 262 85.86 -2.29 15.84
N ILE P 263 85.04 -3.01 15.08
CA ILE P 263 83.79 -2.45 14.59
C ILE P 263 82.83 -2.17 15.74
N ASN P 264 82.75 -3.12 16.69
CA ASN P 264 81.87 -2.92 17.84
C ASN P 264 82.34 -1.76 18.71
N ALA P 265 83.66 -1.61 18.87
CA ALA P 265 84.18 -0.51 19.67
C ALA P 265 83.97 0.83 18.98
N ALA P 266 84.06 0.86 17.64
CA ALA P 266 83.80 2.11 16.91
C ALA P 266 82.33 2.50 17.01
N PHE P 267 81.43 1.52 16.97
CA PHE P 267 80.01 1.81 17.10
C PHE P 267 79.65 2.19 18.54
N LYS P 268 80.32 1.59 19.52
CA LYS P 268 80.08 1.97 20.90
C LYS P 268 80.56 3.38 21.19
N ALA P 269 81.70 3.77 20.60
CA ALA P 269 82.18 5.13 20.77
C ALA P 269 81.30 6.14 20.05
N ALA P 270 80.73 5.76 18.91
CA ALA P 270 79.82 6.65 18.20
C ALA P 270 78.51 6.81 18.96
N ALA P 271 77.98 5.71 19.51
CA ALA P 271 76.72 5.78 20.24
C ALA P 271 76.87 6.59 21.53
N GLU P 272 78.01 6.46 22.20
CA GLU P 272 78.26 7.18 23.43
C GLU P 272 78.94 8.53 23.20
N GLY P 273 79.17 8.92 21.95
CA GLY P 273 79.87 10.15 21.67
C GLY P 273 79.19 11.06 20.67
N ARG P 274 79.60 10.99 19.40
CA ARG P 274 79.09 11.93 18.39
C ARG P 274 77.63 11.67 18.06
N LEU P 275 77.15 10.45 18.24
CA LEU P 275 75.77 10.08 17.93
C LEU P 275 74.97 9.78 19.19
N LYS P 276 75.24 10.50 20.28
CA LYS P 276 74.51 10.32 21.52
C LYS P 276 73.09 10.85 21.34
N GLY P 277 72.11 9.95 21.41
CA GLY P 277 70.72 10.29 21.19
C GLY P 277 70.15 9.79 19.89
N ILE P 278 71.00 9.48 18.91
CA ILE P 278 70.58 8.96 17.62
C ILE P 278 70.87 7.48 17.49
N LEU P 279 72.08 7.07 17.89
CA LEU P 279 72.51 5.67 17.81
C LEU P 279 72.66 5.10 19.21
N LYS P 280 72.18 3.88 19.40
CA LYS P 280 72.25 3.19 20.68
C LYS P 280 73.08 1.92 20.54
N TYR P 281 73.96 1.69 21.51
CA TYR P 281 74.80 0.50 21.55
C TYR P 281 74.18 -0.50 22.53
N TYR P 282 74.03 -1.74 22.08
CA TYR P 282 73.41 -2.80 22.87
C TYR P 282 74.33 -4.01 22.91
N ASP P 283 74.64 -4.47 24.12
CA ASP P 283 75.42 -5.68 24.34
C ASP P 283 74.60 -6.78 25.00
N ALA P 284 73.28 -6.65 25.05
CA ALA P 284 72.38 -7.60 25.67
C ALA P 284 71.57 -8.35 24.62
N PRO P 285 71.14 -9.58 24.93
CA PRO P 285 70.31 -10.32 23.96
C PRO P 285 68.90 -9.76 23.88
N ILE P 286 68.73 -8.71 23.06
CA ILE P 286 67.45 -8.02 22.94
C ILE P 286 66.72 -8.53 21.71
N VAL P 287 65.39 -8.41 21.75
CA VAL P 287 64.55 -8.74 20.61
C VAL P 287 63.77 -7.49 20.21
N SER P 288 62.90 -7.62 19.20
CA SER P 288 62.20 -6.44 18.69
C SER P 288 61.23 -5.87 19.71
N SER P 289 60.74 -6.70 20.64
CA SER P 289 59.86 -6.17 21.68
C SER P 289 60.59 -5.21 22.60
N ASP P 290 61.90 -5.36 22.73
CA ASP P 290 62.73 -4.39 23.44
C ASP P 290 63.00 -3.14 22.60
N ILE P 291 62.63 -3.15 21.32
CA ILE P 291 62.83 -2.01 20.45
C ILE P 291 61.55 -1.19 20.26
N VAL P 292 60.38 -1.76 20.56
CA VAL P 292 59.13 -1.02 20.40
C VAL P 292 59.14 0.19 21.32
N THR P 293 58.66 1.32 20.78
CA THR P 293 58.61 2.60 21.50
C THR P 293 60.01 3.02 21.98
N ASP P 294 61.00 2.87 21.10
CA ASP P 294 62.35 3.35 21.37
C ASP P 294 62.68 4.50 20.42
N PRO P 295 63.07 5.66 20.95
CA PRO P 295 63.23 6.84 20.09
C PRO P 295 64.47 6.85 19.23
N HIS P 296 65.41 5.91 19.44
CA HIS P 296 66.65 5.93 18.68
C HIS P 296 66.41 5.59 17.21
N SER P 297 67.24 6.18 16.34
CA SER P 297 67.12 5.94 14.91
C SER P 297 67.78 4.62 14.51
N SER P 298 68.85 4.24 15.20
CA SER P 298 69.57 3.00 14.90
C SER P 298 70.06 2.42 16.21
N ILE P 299 69.69 1.16 16.47
CA ILE P 299 70.07 0.46 17.70
C ILE P 299 71.04 -0.64 17.29
N PHE P 300 72.34 -0.35 17.38
CA PHE P 300 73.36 -1.29 16.96
C PHE P 300 73.39 -2.49 17.89
N ASP P 301 73.16 -3.68 17.34
CA ASP P 301 73.21 -4.92 18.09
C ASP P 301 74.58 -5.55 17.87
N SER P 302 75.44 -5.44 18.88
CA SER P 302 76.82 -5.91 18.74
C SER P 302 76.93 -7.43 18.72
N GLY P 303 75.92 -8.15 19.21
CA GLY P 303 76.01 -9.59 19.27
C GLY P 303 75.84 -10.26 17.92
N LEU P 304 75.12 -9.62 17.01
CA LEU P 304 74.82 -10.20 15.70
C LEU P 304 75.81 -9.78 14.63
N THR P 305 76.97 -9.27 15.02
CA THR P 305 77.97 -8.82 14.06
C THR P 305 78.91 -9.96 13.69
N LYS P 306 79.22 -10.05 12.40
CA LYS P 306 80.14 -11.07 11.89
C LYS P 306 81.04 -10.44 10.83
N VAL P 307 82.26 -10.96 10.73
CA VAL P 307 83.23 -10.45 9.77
C VAL P 307 84.18 -11.58 9.39
N ILE P 308 84.53 -11.64 8.11
CA ILE P 308 85.47 -12.65 7.61
C ILE P 308 86.80 -11.99 7.32
N ASP P 309 86.92 -11.38 6.14
CA ASP P 309 88.13 -10.67 5.77
C ASP P 309 87.90 -9.16 5.87
N ASP P 310 87.36 -8.56 4.81
CA ASP P 310 86.93 -7.17 4.83
C ASP P 310 85.42 -7.03 4.69
N GLN P 311 84.69 -8.14 4.62
CA GLN P 311 83.24 -8.14 4.51
C GLN P 311 82.64 -8.30 5.90
N ALA P 312 81.89 -7.31 6.34
CA ALA P 312 81.29 -7.30 7.66
C ALA P 312 79.77 -7.16 7.56
N LYS P 313 79.07 -7.77 8.50
CA LYS P 313 77.62 -7.68 8.60
C LYS P 313 77.26 -6.99 9.91
N VAL P 314 76.55 -5.87 9.81
CA VAL P 314 76.12 -5.09 10.96
C VAL P 314 74.61 -5.17 11.06
N VAL P 315 74.10 -5.44 12.26
CA VAL P 315 72.67 -5.57 12.51
C VAL P 315 72.25 -4.47 13.47
N SER P 316 71.28 -3.66 13.05
CA SER P 316 70.81 -2.54 13.85
C SER P 316 69.30 -2.50 13.84
N TRP P 317 68.71 -2.37 15.03
CA TRP P 317 67.27 -2.28 15.20
C TRP P 317 66.81 -0.83 15.11
N TYR P 318 65.51 -0.66 14.86
CA TYR P 318 64.92 0.67 14.79
C TYR P 318 63.40 0.53 14.80
N ASP P 319 62.74 1.41 15.54
CA ASP P 319 61.29 1.48 15.57
C ASP P 319 60.83 2.38 14.43
N ASN P 320 60.23 1.77 13.40
CA ASN P 320 59.79 2.52 12.23
C ASN P 320 58.70 3.54 12.54
N GLU P 321 58.07 3.45 13.71
CA GLU P 321 57.04 4.39 14.12
C GLU P 321 57.55 5.42 15.12
N TRP P 322 57.95 4.95 16.31
CA TRP P 322 58.30 5.86 17.39
C TRP P 322 59.65 6.52 17.18
N GLY P 323 60.65 5.74 16.75
CA GLY P 323 61.97 6.31 16.52
C GLY P 323 61.98 7.32 15.38
N TYR P 324 61.29 7.01 14.29
CA TYR P 324 61.23 7.93 13.16
C TYR P 324 60.46 9.19 13.50
N SER P 325 59.41 9.07 14.33
CA SER P 325 58.62 10.24 14.69
C SER P 325 59.39 11.17 15.61
N ASN P 326 60.23 10.62 16.49
CA ASN P 326 61.06 11.47 17.34
C ASN P 326 62.08 12.24 16.53
N ARG P 327 62.51 11.68 15.38
CA ARG P 327 63.38 12.43 14.49
C ARG P 327 62.61 13.52 13.75
N LEU P 328 61.34 13.27 13.43
CA LEU P 328 60.52 14.32 12.83
C LEU P 328 60.27 15.45 13.82
N VAL P 329 60.18 15.13 15.12
CA VAL P 329 60.05 16.17 16.13
C VAL P 329 61.34 16.98 16.24
N ASP P 330 62.48 16.29 16.28
CA ASP P 330 63.76 16.99 16.38
C ASP P 330 64.04 17.81 15.13
N LEU P 331 63.63 17.31 13.95
CA LEU P 331 63.80 18.08 12.72
C LEU P 331 62.89 19.30 12.71
N VAL P 332 61.67 19.16 13.23
CA VAL P 332 60.75 20.30 13.27
C VAL P 332 61.28 21.38 14.21
N THR P 333 61.94 20.97 15.30
CA THR P 333 62.52 21.95 16.22
C THR P 333 63.73 22.63 15.60
N LEU P 334 64.55 21.88 14.86
CA LEU P 334 65.71 22.47 14.22
C LEU P 334 65.30 23.43 13.10
N VAL P 335 64.31 23.03 12.29
CA VAL P 335 63.82 23.89 11.23
C VAL P 335 63.10 25.10 11.83
N GLY P 336 62.35 24.89 12.90
CA GLY P 336 61.66 26.00 13.55
C GLY P 336 62.61 27.01 14.16
N LYS P 337 63.81 26.57 14.56
CA LYS P 337 64.80 27.49 15.08
C LYS P 337 65.32 28.44 14.01
N SER P 338 65.21 28.07 12.73
CA SER P 338 65.65 28.92 11.63
C SER P 338 64.65 30.01 11.28
N LEU P 339 63.49 30.04 11.93
CA LEU P 339 62.47 31.03 11.64
C LEU P 339 62.54 32.20 12.63
PA NAD Q . -25.19 -9.98 -17.26
O1A NAD Q . -25.49 -11.41 -17.60
O2A NAD Q . -23.76 -9.57 -17.08
O5B NAD Q . -26.04 -9.54 -15.96
C5B NAD Q . -25.91 -10.29 -14.73
C4B NAD Q . -24.88 -9.65 -13.83
O4B NAD Q . -25.26 -9.88 -12.46
C3B NAD Q . -23.44 -10.19 -13.95
O3B NAD Q . -22.53 -9.10 -14.01
C2B NAD Q . -23.23 -10.93 -12.63
O2B NAD Q . -21.89 -11.05 -12.22
C1B NAD Q . -24.09 -10.07 -11.71
N9A NAD Q . -24.45 -10.67 -10.42
C8A NAD Q . -24.72 -9.96 -9.28
N7A NAD Q . -25.02 -10.72 -8.25
C5A NAD Q . -24.95 -12.01 -8.75
C6A NAD Q . -25.17 -13.26 -8.14
N6A NAD Q . -25.51 -13.41 -6.86
N1A NAD Q . -25.02 -14.37 -8.92
C2A NAD Q . -24.68 -14.20 -10.20
N3A NAD Q . -24.46 -13.08 -10.87
C4A NAD Q . -24.61 -12.00 -10.09
O3 NAD Q . -25.85 -9.04 -18.38
PN NAD Q . -27.26 -9.02 -19.14
O1N NAD Q . -27.39 -7.75 -19.92
O2N NAD Q . -27.41 -10.30 -19.88
O5D NAD Q . -28.31 -9.00 -17.93
C5D NAD Q . -28.91 -10.26 -17.58
C4D NAD Q . -30.36 -10.04 -17.17
O4D NAD Q . -30.88 -8.93 -17.95
C3D NAD Q . -31.31 -11.20 -17.46
O3D NAD Q . -32.45 -11.12 -16.62
C2D NAD Q . -31.72 -10.88 -18.91
O2D NAD Q . -32.87 -11.56 -19.36
C1D NAD Q . -31.98 -9.38 -18.73
N1N NAD Q . -32.01 -8.61 -19.98
C2N NAD Q . -30.88 -8.51 -20.77
C3N NAD Q . -30.92 -7.78 -21.94
C7N NAD Q . -29.70 -7.67 -22.80
O7N NAD Q . -29.74 -7.01 -23.85
N7N NAD Q . -28.61 -8.30 -22.40
C4N NAD Q . -32.10 -7.14 -22.33
C5N NAD Q . -33.22 -7.25 -21.54
C6N NAD Q . -33.17 -7.99 -20.36
C1 EDO R . -11.16 2.73 -12.55
O1 EDO R . -11.39 3.49 -13.75
C2 EDO R . -10.25 1.55 -12.87
O2 EDO R . -9.93 0.85 -11.66
PA NAD S . -12.36 4.63 -48.78
O1A NAD S . -12.28 3.62 -49.89
O2A NAD S . -13.24 4.34 -47.62
O5B NAD S . -12.74 6.04 -49.42
C5B NAD S . -12.01 6.51 -50.57
C4B NAD S . -12.94 7.39 -51.38
O4B NAD S . -12.37 7.68 -52.69
C3B NAD S . -14.34 6.81 -51.66
O3B NAD S . -15.33 7.74 -51.24
C2B NAD S . -14.35 6.66 -53.17
O2B NAD S . -15.64 6.70 -53.76
C1B NAD S . -13.48 7.85 -53.54
N9A NAD S . -13.09 7.95 -54.93
C8A NAD S . -12.81 6.92 -55.80
N7A NAD S . -12.52 7.34 -57.02
C5A NAD S . -12.65 8.72 -56.95
C6A NAD S . -12.48 9.74 -57.90
N6A NAD S . -12.13 9.53 -59.16
N1A NAD S . -12.68 11.02 -57.49
C2A NAD S . -13.03 11.23 -56.22
N3A NAD S . -13.21 10.36 -55.24
C4A NAD S . -13.00 9.10 -55.67
O3 NAD S . -10.88 4.94 -48.25
PN NAD S . -10.39 5.32 -46.77
O1N NAD S . -10.34 4.07 -45.95
O2N NAD S . -11.22 6.46 -46.28
O5D NAD S . -8.90 5.84 -47.05
C5D NAD S . -8.70 7.01 -47.87
C4D NAD S . -7.23 7.27 -48.08
O4D NAD S . -6.59 7.48 -46.80
C3D NAD S . -6.43 6.12 -48.74
O3D NAD S . -5.31 6.64 -49.42
C2D NAD S . -5.98 5.32 -47.51
O2D NAD S . -4.89 4.45 -47.74
C1D NAD S . -5.62 6.46 -46.57
N1N NAD S . -5.67 6.11 -45.13
C2N NAD S . -6.71 5.34 -44.66
C3N NAD S . -6.76 5.00 -43.31
C7N NAD S . -7.90 4.16 -42.81
O7N NAD S . -8.77 3.77 -43.60
N7N NAD S . -7.92 3.86 -41.52
C4N NAD S . -5.78 5.45 -42.45
C5N NAD S . -4.75 6.24 -42.93
C6N NAD S . -4.70 6.55 -44.27
PA NAD T . -13.48 -25.53 -22.62
O1A NAD T . -13.74 -24.65 -21.44
O2A NAD T . -14.06 -25.14 -23.94
O5B NAD T . -13.95 -27.02 -22.26
C5B NAD T . -13.58 -27.58 -20.98
C4B NAD T . -14.54 -28.71 -20.66
O4B NAD T . -14.34 -29.14 -19.28
C3B NAD T . -16.03 -28.36 -20.77
O3B NAD T . -16.71 -29.41 -21.48
C2B NAD T . -16.49 -28.35 -19.31
O2B NAD T . -17.88 -28.57 -19.14
C1B NAD T . -15.61 -29.45 -18.76
N9A NAD T . -15.54 -29.48 -17.29
C8A NAD T . -15.72 -28.41 -16.45
N7A NAD T . -15.60 -28.73 -15.18
C5A NAD T . -15.34 -30.09 -15.19
C6A NAD T . -15.11 -31.02 -14.16
N6A NAD T . -15.11 -30.70 -12.87
N1A NAD T . -14.88 -32.30 -14.51
C2A NAD T . -14.87 -32.61 -15.82
N3A NAD T . -15.06 -31.83 -16.87
C4A NAD T . -15.29 -30.57 -16.49
O3 NAD T . -11.90 -25.71 -22.79
PN NAD T . -10.99 -26.15 -24.05
O1N NAD T . -11.08 -25.08 -25.09
O2N NAD T . -11.35 -27.55 -24.44
O5D NAD T . -9.54 -26.14 -23.39
C5D NAD T . -9.27 -27.05 -22.29
C4D NAD T . -7.89 -26.79 -21.74
O4D NAD T . -6.91 -26.85 -22.81
C3D NAD T . -7.67 -25.42 -21.07
O3D NAD T . -6.66 -25.54 -20.07
C2D NAD T . -7.13 -24.59 -22.24
O2D NAD T . -6.44 -23.41 -21.86
C1D NAD T . -6.19 -25.63 -22.85
N1N NAD T . -5.84 -25.36 -24.27
C2N NAD T . -6.81 -24.89 -25.13
C3N NAD T . -6.47 -24.64 -26.46
C7N NAD T . -7.52 -24.14 -27.40
O7N NAD T . -7.23 -23.90 -28.58
N7N NAD T . -8.75 -23.97 -26.93
C4N NAD T . -5.17 -24.85 -26.90
C5N NAD T . -4.22 -25.31 -26.02
C6N NAD T . -4.56 -25.56 -24.71
PA NAD U . -19.00 -12.19 -56.99
O1A NAD U . -19.00 -10.73 -57.30
O2A NAD U . -18.45 -12.63 -55.67
O5B NAD U . -18.24 -12.98 -58.16
C5B NAD U . -18.54 -12.64 -59.53
C4B NAD U . -17.29 -12.90 -60.36
O4B NAD U . -17.51 -12.47 -61.74
C3B NAD U . -16.01 -12.18 -59.91
O3B NAD U . -14.99 -13.13 -59.64
C2B NAD U . -15.65 -11.30 -61.11
O2B NAD U . -14.27 -11.05 -61.25
C1B NAD U . -16.25 -12.12 -62.24
N9A NAD U . -16.38 -11.45 -63.54
C8A NAD U . -16.28 -12.07 -64.75
N7A NAD U . -16.44 -11.25 -65.77
C5A NAD U . -16.65 -10.01 -65.17
C6A NAD U . -16.90 -8.73 -65.72
N6A NAD U . -16.95 -8.49 -67.03
N1A NAD U . -17.08 -7.71 -64.85
C2A NAD U . -17.02 -7.96 -63.55
N3A NAD U . -16.81 -9.11 -62.92
C4A NAD U . -16.63 -10.11 -63.80
O3 NAD U . -20.50 -12.76 -57.13
PN NAD U . -21.17 -14.11 -56.60
O1N NAD U . -20.41 -15.28 -57.13
O2N NAD U . -21.37 -14.00 -55.12
O5D NAD U . -22.60 -14.06 -57.32
C5D NAD U . -22.66 -14.08 -58.78
C4D NAD U . -24.09 -14.06 -59.24
O4D NAD U . -24.81 -15.15 -58.61
C3D NAD U . -24.91 -12.80 -58.90
O3D NAD U . -25.94 -12.63 -59.86
C2D NAD U . -25.53 -13.19 -57.56
O2D NAD U . -26.67 -12.42 -57.18
C1D NAD U . -25.90 -14.64 -57.86
N1N NAD U . -26.06 -15.47 -56.65
C2N NAD U . -25.23 -15.29 -55.57
C3N NAD U . -25.38 -16.07 -54.44
C7N NAD U . -24.47 -15.88 -53.27
O7N NAD U . -24.61 -16.56 -52.25
N7N NAD U . -23.50 -14.96 -53.39
C4N NAD U . -26.37 -17.05 -54.40
C5N NAD U . -27.21 -17.22 -55.48
C6N NAD U . -27.05 -16.44 -56.61
C1 EDO V . -1.02 -20.28 -57.37
O1 EDO V . -1.93 -21.00 -56.53
C2 EDO V . -0.98 -18.82 -56.93
O2 EDO V . 0.27 -18.24 -57.32
PA NAD W . -18.05 -40.30 31.27
O1A NAD W . -17.81 -39.82 32.66
O2A NAD W . -19.46 -40.40 30.79
O5B NAD W . -17.30 -41.68 31.03
C5B NAD W . -16.65 -42.36 32.13
C4B NAD W . -17.41 -43.63 32.45
O4B NAD W . -16.47 -44.62 32.97
C3B NAD W . -18.52 -43.51 33.51
O3B NAD W . -19.67 -44.21 33.06
C2B NAD W . -17.91 -44.26 34.70
O2B NAD W . -18.86 -44.75 35.63
C1B NAD W . -17.13 -45.34 33.97
N9A NAD W . -16.15 -46.08 34.75
C8A NAD W . -15.70 -47.34 34.42
N7A NAD W . -14.81 -47.81 35.27
C5A NAD W . -14.68 -46.80 36.21
C6A NAD W . -13.88 -46.71 37.37
N6A NAD W . -13.05 -47.66 37.77
N1A NAD W . -13.98 -45.57 38.10
C2A NAD W . -14.82 -44.62 37.69
N3A NAD W . -15.61 -44.59 36.62
C4A NAD W . -15.50 -45.73 35.91
O3 NAD W . -17.23 -39.36 30.26
PN NAD W . -16.67 -39.69 28.79
O1N NAD W . -17.32 -40.94 28.30
O2N NAD W . -16.79 -38.46 27.95
O5D NAD W . -15.12 -39.97 29.10
C5D NAD W . -14.36 -40.49 27.97
C4D NAD W . -12.89 -40.23 28.15
O4D NAD W . -12.35 -39.78 26.88
C3D NAD W . -12.50 -39.10 29.11
O3D NAD W . -11.11 -39.16 29.40
C2D NAD W . -12.80 -37.88 28.23
O2D NAD W . -12.17 -36.67 28.63
C1D NAD W . -12.24 -38.36 26.88
N1N NAD W . -12.99 -37.81 25.74
C2N NAD W . -14.26 -37.31 25.93
C3N NAD W . -14.97 -36.78 24.86
C7N NAD W . -16.35 -36.25 25.09
O7N NAD W . -16.97 -35.73 24.16
N7N NAD W . -16.87 -36.39 26.30
C4N NAD W . -14.40 -36.76 23.59
C5N NAD W . -13.12 -37.25 23.42
C6N NAD W . -12.43 -37.77 24.49
PA NAD X . -43.66 -22.74 11.33
O1A NAD X . -43.76 -21.25 11.44
O2A NAD X . -42.32 -23.34 11.57
O5B NAD X . -44.18 -23.20 9.89
C5B NAD X . -45.11 -22.37 9.16
C4B NAD X . -44.62 -22.27 7.73
O4B NAD X . -45.55 -21.46 6.96
C3B NAD X . -43.25 -21.61 7.54
O3B NAD X . -42.52 -22.29 6.53
C2B NAD X . -43.62 -20.21 7.04
O2B NAD X . -42.58 -19.54 6.35
C1B NAD X . -44.81 -20.57 6.16
N9A NAD X . -45.65 -19.43 5.82
C8A NAD X . -45.83 -18.30 6.58
N7A NAD X . -46.65 -17.45 6.03
C5A NAD X . -47.05 -18.05 4.84
C6A NAD X . -47.91 -17.65 3.81
N6A NAD X . -48.57 -16.48 3.81
N1A NAD X . -48.09 -18.49 2.77
C2A NAD X . -47.43 -19.65 2.77
N3A NAD X . -46.59 -20.14 3.68
C4A NAD X . -46.43 -19.28 4.70
O3 NAD X . -44.72 -23.43 12.32
PN NAD X . -45.28 -24.92 12.34
O1N NAD X . -45.12 -25.47 13.73
O2N NAD X . -44.68 -25.70 11.21
O5D NAD X . -46.84 -24.67 12.05
C5D NAD X . -47.60 -25.81 11.60
C4D NAD X . -49.07 -25.61 11.87
O4D NAD X . -49.59 -26.82 12.46
C3D NAD X . -49.42 -24.52 12.88
O3D NAD X . -50.80 -24.20 12.78
C2D NAD X . -49.16 -25.26 14.19
O2D NAD X . -49.77 -24.69 15.34
C1D NAD X . -49.78 -26.61 13.86
N1N NAD X . -49.15 -27.72 14.60
C2N NAD X . -47.85 -27.61 15.04
C3N NAD X . -47.26 -28.66 15.74
C7N NAD X . -45.85 -28.52 16.20
O7N NAD X . -45.21 -27.49 15.93
N7N NAD X . -45.32 -29.52 16.91
C4N NAD X . -48.00 -29.81 16.01
C5N NAD X . -49.30 -29.91 15.57
C6N NAD X . -49.87 -28.86 14.87
PA NAD Y . -25.73 -29.56 46.13
O1A NAD Y . -25.31 -30.88 45.59
O2A NAD Y . -25.84 -28.41 45.20
O5B NAD Y . -24.74 -29.17 47.33
C5B NAD Y . -24.47 -30.16 48.36
C4B NAD Y . -23.16 -29.83 49.05
O4B NAD Y . -22.79 -30.91 49.93
C3B NAD Y . -21.95 -29.61 48.12
O3B NAD Y . -21.47 -28.27 48.27
C2B NAD Y . -20.92 -30.65 48.60
O2B NAD Y . -19.58 -30.23 48.53
C1B NAD Y . -21.39 -30.94 50.02
N9A NAD Y . -21.02 -32.27 50.49
C8A NAD Y . -21.11 -33.43 49.75
N7A NAD Y . -20.70 -34.49 50.40
C5A NAD Y . -20.30 -34.00 51.63
C6A NAD Y . -19.77 -34.64 52.78
N6A NAD Y . -19.54 -35.94 52.85
N1A NAD Y . -19.47 -33.86 53.84
C2A NAD Y . -19.71 -32.54 53.76
N3A NAD Y . -20.20 -31.83 52.75
C4A NAD Y . -20.49 -32.63 51.70
O3 NAD Y . -27.13 -29.71 46.91
PN NAD Y . -28.33 -28.68 47.12
O1N NAD Y . -28.98 -28.42 45.80
O2N NAD Y . -27.83 -27.51 47.90
O5D NAD Y . -29.34 -29.53 48.04
C5D NAD Y . -28.90 -29.95 49.36
C4D NAD Y . -30.05 -30.61 50.09
O4D NAD Y . -31.19 -29.74 50.09
C3D NAD Y . -30.55 -31.94 49.50
O3D NAD Y . -31.12 -32.74 50.53
C2D NAD Y . -31.64 -31.45 48.54
O2D NAD Y . -32.58 -32.45 48.17
C1D NAD Y . -32.28 -30.38 49.42
N1N NAD Y . -33.01 -29.34 48.65
C2N NAD Y . -32.54 -28.97 47.40
C3N NAD Y . -33.23 -28.01 46.68
C7N NAD Y . -32.72 -27.62 45.33
O7N NAD Y . -33.35 -26.78 44.66
N7N NAD Y . -31.58 -28.15 44.91
C4N NAD Y . -34.37 -27.43 47.20
C5N NAD Y . -34.82 -27.81 48.45
C6N NAD Y . -34.13 -28.76 49.17
PA NAD Z . -35.72 -6.36 18.76
O1A NAD Z . -36.19 -6.77 17.40
O2A NAD Z . -35.73 -7.38 19.83
O5B NAD Z . -36.58 -5.07 19.22
C5B NAD Z . -36.84 -4.01 18.28
C4B NAD Z . -38.19 -3.41 18.59
O4B NAD Z . -38.52 -2.38 17.64
C3B NAD Z . -39.38 -4.39 18.60
O3B NAD Z . -40.01 -4.35 19.87
C2B NAD Z . -40.30 -3.81 17.51
O2B NAD Z . -41.68 -4.08 17.71
C1B NAD Z . -39.93 -2.34 17.59
N9A NAD Z . -40.37 -1.52 16.46
C8A NAD Z . -40.78 -0.21 16.56
N7A NAD Z . -41.13 0.32 15.41
C5A NAD Z . -40.94 -0.71 14.49
C6A NAD Z . -41.14 -0.78 13.10
N6A NAD Z . -41.58 0.24 12.38
N1A NAD Z . -40.86 -1.95 12.49
C2A NAD Z . -40.42 -2.96 13.23
N3A NAD Z . -40.20 -3.02 14.54
C4A NAD Z . -40.48 -1.85 15.13
O3 NAD Z . -34.24 -5.74 18.64
PN NAD Z . -33.09 -5.52 19.73
O1N NAD Z . -33.64 -4.68 20.85
O2N NAD Z . -32.49 -6.84 20.07
O5D NAD Z . -32.04 -4.64 18.90
C5D NAD Z . -32.44 -3.34 18.40
C4D NAD Z . -31.32 -2.72 17.62
O4D NAD Z . -30.14 -2.63 18.47
C3D NAD Z . -30.86 -3.47 16.36
O3D NAD Z . -30.33 -2.54 15.42
C2D NAD Z . -29.71 -4.33 16.91
O2D NAD Z . -28.82 -4.81 15.92
C1D NAD Z . -29.06 -3.30 17.83
N1N NAD Z . -28.22 -3.89 18.89
C2N NAD Z . -28.65 -5.00 19.58
C3N NAD Z . -27.85 -5.55 20.58
C7N NAD Z . -28.33 -6.75 21.33
O7N NAD Z . -27.60 -7.25 22.21
N7N NAD Z . -29.53 -7.22 21.05
C4N NAD Z . -26.61 -4.99 20.86
C5N NAD Z . -26.18 -3.88 20.15
C6N NAD Z . -26.98 -3.34 19.17
PA NAD AA . 3.91 68.08 -11.05
O1A NAD AA . 4.71 67.35 -12.09
O2A NAD AA . 2.42 68.05 -11.16
O5B NAD AA . 4.42 69.60 -10.94
C5B NAD AA . 4.42 70.45 -12.11
C4B NAD AA . 3.18 71.32 -12.14
O4B NAD AA . 3.48 72.52 -12.90
C3B NAD AA . 1.92 70.72 -12.78
O3B NAD AA . 0.80 70.98 -11.94
C2B NAD AA . 1.77 71.52 -14.07
O2B NAD AA . 0.46 71.58 -14.58
C1B NAD AA . 2.32 72.87 -13.61
N9A NAD AA . 2.69 73.80 -14.67
C8A NAD AA . 2.69 75.17 -14.55
N7A NAD AA . 3.05 75.80 -15.63
C5A NAD AA . 3.35 74.78 -16.54
C6A NAD AA . 3.79 74.81 -17.87
N6A NAD AA . 4.04 75.93 -18.54
N1A NAD AA . 3.98 73.62 -18.49
C2A NAD AA . 3.72 72.50 -17.80
N3A NAD AA . 3.30 72.35 -16.55
C4A NAD AA . 3.12 73.55 -15.96
O3 NAD AA . 4.32 67.51 -9.61
PN NAD AA . 5.70 67.04 -8.94
O1N NAD AA . 5.50 66.86 -7.48
O2N NAD AA . 6.24 65.89 -9.71
O5D NAD AA . 6.66 68.31 -9.17
C5D NAD AA . 7.64 68.21 -10.23
C4D NAD AA . 8.74 69.22 -10.00
O4D NAD AA . 9.17 69.11 -8.62
C3D NAD AA . 10.02 68.97 -10.81
O3D NAD AA . 10.81 70.16 -10.85
C2D NAD AA . 10.71 67.92 -9.93
O2D NAD AA . 12.09 67.73 -10.21
C1D NAD AA . 10.50 68.61 -8.57
N1N NAD AA . 10.61 67.69 -7.42
C2N NAD AA . 9.54 66.92 -7.04
C3N NAD AA . 9.64 66.07 -5.95
C7N NAD AA . 8.48 65.23 -5.54
O7N NAD AA . 8.58 64.47 -4.56
N7N NAD AA . 7.36 65.34 -6.24
C4N NAD AA . 10.84 66.00 -5.24
C5N NAD AA . 11.91 66.77 -5.63
C6N NAD AA . 11.79 67.62 -6.72
PA NAD BA . -9.23 42.91 13.05
O1A NAD BA . -9.12 41.44 12.81
O2A NAD BA . -8.42 43.83 12.20
O5B NAD BA . -8.92 43.21 14.59
C5B NAD BA . -9.51 42.35 15.60
C4B NAD BA . -8.58 42.29 16.78
O4B NAD BA . -9.06 41.29 17.73
C3B NAD BA . -7.13 41.90 16.47
O3B NAD BA . -6.24 42.76 17.19
C2B NAD BA . -7.03 40.48 17.05
O2B NAD BA . -5.72 40.07 17.35
C1B NAD BA . -7.93 40.64 18.26
N9A NAD BA . -8.33 39.38 18.87
C8A NAD BA . -8.39 38.15 18.28
N7A NAD BA . -8.78 37.19 19.08
C5A NAD BA . -8.98 37.83 20.29
C6A NAD BA . -9.40 37.36 21.56
N6A NAD BA . -9.70 36.09 21.81
N1A NAD BA . -9.50 38.27 22.55
C2A NAD BA . -9.20 39.55 22.30
N3A NAD BA . -8.80 40.10 21.16
C4A NAD BA . -8.70 39.18 20.18
O3 NAD BA . -10.78 43.34 12.93
PN NAD BA . -11.48 44.76 12.70
O1N NAD BA . -11.15 45.23 11.32
O2N NAD BA . -11.16 45.65 13.85
O5D NAD BA . -13.03 44.35 12.76
C5D NAD BA . -13.54 43.78 13.99
C4D NAD BA . -15.01 43.47 13.84
O4D NAD BA . -15.71 44.65 13.39
C3D NAD BA . -15.37 42.37 12.83
O3D NAD BA . -16.58 41.72 13.24
C2D NAD BA . -15.64 43.19 11.57
O2D NAD BA . -16.43 42.51 10.59
C1D NAD BA . -16.42 44.34 12.19
N1N NAD BA . -16.43 45.56 11.36
C2N NAD BA . -15.32 45.89 10.60
C3N NAD BA . -15.33 47.04 9.82
C7N NAD BA . -14.12 47.39 9.01
O7N NAD BA . -13.12 46.65 9.06
N7N NAD BA . -14.16 48.48 8.27
C4N NAD BA . -16.45 47.85 9.79
C5N NAD BA . -17.57 47.51 10.54
C6N NAD BA . -17.55 46.36 11.31
PA NAD CA . -2.97 55.52 -24.63
O1A NAD CA . -2.98 56.98 -24.30
O2A NAD CA . -2.39 54.58 -23.62
O5B NAD CA . -2.24 55.31 -26.05
C5B NAD CA . -2.49 56.25 -27.11
C4B NAD CA . -1.25 56.32 -27.98
O4B NAD CA . -1.40 57.40 -28.96
C3B NAD CA . 0.07 56.61 -27.25
O3B NAD CA . 1.07 55.72 -27.71
C2B NAD CA . 0.40 58.05 -27.69
O2B NAD CA . 1.76 58.38 -27.60
C1B NAD CA . -0.14 57.99 -29.11
N9A NAD CA . -0.30 59.31 -29.73
C8A NAD CA . -0.51 60.50 -29.08
N7A NAD CA . -0.61 61.52 -29.91
C5A NAD CA . -0.47 60.97 -31.16
C6A NAD CA . -0.48 61.54 -32.46
N6A NAD CA . -0.66 62.83 -32.70
N1A NAD CA . -0.31 60.70 -33.51
C2A NAD CA . -0.13 59.39 -33.26
N3A NAD CA . -0.10 58.75 -32.10
C4A NAD CA . -0.27 59.60 -31.07
O3 NAD CA . -4.47 55.04 -24.96
PN NAD CA . -5.16 53.59 -24.94
O1N NAD CA . -5.27 53.13 -23.53
O2N NAD CA . -4.46 52.72 -25.92
O5D NAD CA . -6.62 53.95 -25.50
C5D NAD CA . -6.73 54.52 -26.83
C4D NAD CA . -8.18 54.82 -27.15
O4D NAD CA . -8.96 53.63 -26.93
C3D NAD CA . -8.86 55.91 -26.29
O3D NAD CA . -9.91 56.50 -27.04
C2D NAD CA . -9.45 55.08 -25.15
O2D NAD CA . -10.48 55.72 -24.43
C1D NAD CA . -9.96 53.88 -25.95
N1N NAD CA . -10.14 52.66 -25.14
C2N NAD CA . -9.23 52.36 -24.16
C3N NAD CA . -9.39 51.20 -23.40
C7N NAD CA . -8.40 50.89 -22.32
O7N NAD CA . -8.54 49.87 -21.62
N7N NAD CA . -7.37 51.71 -22.16
C4N NAD CA . -10.47 50.36 -23.63
C5N NAD CA . -11.37 50.67 -24.63
C6N NAD CA . -11.20 51.82 -25.37
PA NAD DA . 2.15 30.31 3.03
O1A NAD DA . 1.94 30.59 4.47
O2A NAD DA . 1.58 31.29 2.04
O5B NAD DA . 1.58 28.84 2.69
C5B NAD DA . 1.91 27.74 3.58
C4B NAD DA . 0.85 26.67 3.42
O4B NAD DA . 1.09 25.58 4.33
C3B NAD DA . -0.61 27.11 3.69
O3B NAD DA . -1.39 26.91 2.52
C2B NAD DA . -1.06 26.17 4.83
O2B NAD DA . -2.44 25.88 4.81
C1B NAD DA . -0.15 24.98 4.57
N9A NAD DA . -0.06 24.00 5.65
C8A NAD DA . 0.17 22.65 5.47
N7A NAD DA . 0.21 21.98 6.59
C5A NAD DA . -0.01 22.93 7.57
C6A NAD DA . -0.09 22.83 8.98
N6A NAD DA . 0.06 21.69 9.64
N1A NAD DA . -0.32 23.97 9.67
C2A NAD DA . -0.46 25.11 8.99
N3A NAD DA . -0.41 25.33 7.68
C4A NAD DA . -0.17 24.18 7.01
O3 NAD DA . 3.71 30.15 2.74
PN NAD DA . 4.58 30.20 1.38
O1N NAD DA . 4.12 29.09 0.49
O2N NAD DA . 4.55 31.59 0.85
O5D NAD DA . 6.04 29.88 1.93
C5D NAD DA . 6.29 28.60 2.57
C4D NAD DA . 7.72 28.52 3.03
O4D NAD DA . 8.60 28.83 1.93
C3D NAD DA . 8.12 29.48 4.16
O3D NAD DA . 9.18 28.90 4.92
C2D NAD DA . 8.67 30.67 3.37
O2D NAD DA . 9.50 31.55 4.11
C1D NAD DA . 9.45 29.91 2.29
N1N NAD DA . 9.73 30.70 1.09
C2N NAD DA . 8.81 31.61 0.62
C3N NAD DA . 9.09 32.36 -0.52
C7N NAD DA . 8.09 33.34 -1.03
O7N NAD DA . 8.34 34.02 -2.03
N7N NAD DA . 6.94 33.45 -0.36
C4N NAD DA . 10.30 32.18 -1.19
C5N NAD DA . 11.22 31.27 -0.71
C6N NAD DA . 10.93 30.54 0.42
PA NAD EA . 59.44 -31.37 17.99
O1A NAD EA . 60.11 -30.44 18.94
O2A NAD EA . 57.99 -31.72 18.20
O5B NAD EA . 60.30 -32.71 17.83
C5B NAD EA . 60.94 -33.34 18.97
C4B NAD EA . 60.04 -34.42 19.53
O4B NAD EA . 60.84 -35.45 20.17
C3B NAD EA . 59.01 -34.00 20.58
O3B NAD EA . 57.71 -34.31 20.10
C2B NAD EA . 59.35 -34.89 21.79
O2B NAD EA . 58.24 -35.22 22.60
C1B NAD EA . 59.95 -36.08 21.06
N9A NAD EA . 60.62 -37.10 21.86
C8A NAD EA . 60.81 -38.40 21.45
N7A NAD EA . 61.40 -39.15 22.34
C5A NAD EA . 61.60 -38.30 23.42
C6A NAD EA . 62.18 -38.52 24.68
N6A NAD EA . 62.69 -39.69 25.07
N1A NAD EA . 62.23 -37.47 25.54
C2A NAD EA . 61.72 -36.30 25.14
N3A NAD EA . 61.14 -35.98 23.98
C4A NAD EA . 61.11 -37.04 23.15
O3 NAD EA . 59.60 -30.76 16.51
PN NAD EA . 60.87 -30.33 15.62
O1N NAD EA . 60.40 -29.92 14.27
O2N NAD EA . 61.69 -29.36 16.41
O5D NAD EA . 61.66 -31.73 15.51
C5D NAD EA . 62.81 -31.92 16.37
C4D NAD EA . 64.06 -32.02 15.53
O4D NAD EA . 63.78 -31.49 14.21
C3D NAD EA . 65.29 -31.24 16.03
O3D NAD EA . 66.41 -32.11 16.10
C2D NAD EA . 65.50 -30.17 14.96
O2D NAD EA . 66.85 -29.74 14.78
C1D NAD EA . 64.96 -30.90 13.73
N1N NAD EA . 64.59 -30.01 12.61
C2N NAD EA . 63.47 -29.23 12.72
C3N NAD EA . 63.12 -28.39 11.66
C7N NAD EA . 61.88 -27.55 11.78
O7N NAD EA . 61.60 -26.76 10.87
N7N NAD EA . 61.12 -27.70 12.85
C4N NAD EA . 63.90 -28.35 10.52
C5N NAD EA . 65.03 -29.13 10.43
C6N NAD EA . 65.37 -29.96 11.49
PA NAD FA . 37.10 -8.26 -0.46
O1A NAD FA . 37.13 -6.81 -0.12
O2A NAD FA . 38.17 -9.15 0.07
O5B NAD FA . 37.05 -8.41 -2.07
C5B NAD FA . 36.07 -7.64 -2.80
C4B NAD FA . 36.56 -7.50 -4.23
O4B NAD FA . 35.66 -6.62 -4.96
C3B NAD FA . 37.96 -6.91 -4.41
O3B NAD FA . 38.69 -7.67 -5.36
C2B NAD FA . 37.66 -5.52 -4.98
O2B NAD FA . 38.73 -4.95 -5.70
C1B NAD FA . 36.45 -5.85 -5.84
N9A NAD FA . 35.69 -4.68 -6.27
C8A NAD FA . 35.62 -3.46 -5.67
N7A NAD FA . 34.86 -2.61 -6.30
C5A NAD FA . 34.40 -3.30 -7.41
C6A NAD FA . 33.55 -2.95 -8.47
N6A NAD FA . 32.99 -1.74 -8.60
N1A NAD FA . 33.30 -3.88 -9.41
C2A NAD FA . 33.86 -5.09 -9.28
N3A NAD FA . 34.67 -5.54 -8.32
C4A NAD FA . 34.90 -4.59 -7.40
O3 NAD FA . 35.67 -8.87 -0.05
PN NAD FA . 35.17 -10.38 0.14
O1N NAD FA . 35.91 -10.99 1.29
O2N NAD FA . 35.24 -11.07 -1.19
O5D NAD FA . 33.64 -10.16 0.54
C5D NAD FA . 32.74 -9.58 -0.44
C4D NAD FA . 31.33 -9.56 0.11
O4D NAD FA . 31.00 -10.86 0.65
C3D NAD FA . 31.05 -8.56 1.24
O3D NAD FA . 29.68 -8.18 1.21
C2D NAD FA . 31.31 -9.43 2.48
O2D NAD FA . 30.73 -8.92 3.68
C1D NAD FA . 30.61 -10.71 2.02
N1N NAD FA . 31.06 -11.91 2.75
C2N NAD FA . 32.36 -11.99 3.20
C3N NAD FA . 32.77 -13.13 3.90
C7N NAD FA . 34.19 -13.21 4.38
O7N NAD FA . 34.98 -12.28 4.13
N7N NAD FA . 34.55 -14.30 5.06
C4N NAD FA . 31.88 -14.16 4.13
C5N NAD FA . 30.58 -14.07 3.67
C6N NAD FA . 30.18 -12.94 2.99
PA NAD GA . 54.52 -19.90 33.51
O1A NAD GA . 54.79 -21.30 33.03
O2A NAD GA . 54.96 -18.76 32.65
O5B NAD GA . 55.16 -19.73 34.97
C5B NAD GA . 55.07 -20.82 35.92
C4B NAD GA . 56.45 -20.99 36.51
O4B NAD GA . 56.53 -22.23 37.27
C3B NAD GA . 57.61 -21.06 35.50
O3B NAD GA . 58.56 -20.05 35.82
C2B NAD GA . 58.19 -22.45 35.72
O2B NAD GA . 59.56 -22.57 35.41
C1B NAD GA . 57.88 -22.63 37.20
N9A NAD GA . 58.05 -23.98 37.71
C8A NAD GA . 57.67 -25.16 37.12
N7A NAD GA . 57.99 -26.21 37.83
C5A NAD GA . 58.63 -25.70 38.95
C6A NAD GA . 59.22 -26.31 40.07
N6A NAD GA . 59.24 -27.63 40.28
N1A NAD GA . 59.78 -25.51 41.01
C2A NAD GA . 59.76 -24.18 40.81
N3A NAD GA . 59.24 -23.49 39.79
C4A NAD GA . 58.69 -24.32 38.88
O3 NAD GA . 52.97 -19.71 33.87
PN NAD GA . 52.19 -18.36 34.22
O1N NAD GA . 51.53 -17.84 32.98
O2N NAD GA . 53.14 -17.46 34.93
O5D NAD GA . 51.08 -18.86 35.26
C5D NAD GA . 51.49 -19.05 36.64
C4D NAD GA . 50.27 -19.39 37.48
O4D NAD GA . 49.30 -18.32 37.35
C3D NAD GA . 49.53 -20.68 37.12
O3D NAD GA . 49.01 -21.28 38.30
C2D NAD GA . 48.38 -20.15 36.25
O2D NAD GA . 47.26 -21.03 36.16
C1D NAD GA . 48.03 -18.88 37.03
N1N NAD GA . 47.28 -17.89 36.24
C2N NAD GA . 47.68 -17.59 34.97
C3N NAD GA . 46.97 -16.66 34.22
C7N NAD GA . 47.43 -16.32 32.83
O7N NAD GA . 46.77 -15.55 32.14
N7N NAD GA . 48.58 -16.85 32.43
C4N NAD GA . 45.85 -16.04 34.77
C5N NAD GA . 45.45 -16.37 36.05
C6N NAD GA . 46.17 -17.30 36.77
PA NAD HA . 48.77 6.04 7.07
O1A NAD HA . 48.12 5.82 5.75
O2A NAD HA . 48.29 5.26 8.24
O5B NAD HA . 48.74 7.61 7.42
C5B NAD HA . 48.33 8.57 6.41
C4B NAD HA . 47.05 9.22 6.85
O4B NAD HA . 46.78 10.38 6.01
C3B NAD HA . 45.77 8.37 6.80
O3B NAD HA . 45.20 8.29 8.09
C2B NAD HA . 44.85 9.16 5.85
O2B NAD HA . 43.48 9.01 6.12
C1B NAD HA . 45.40 10.57 6.04
N9A NAD HA . 45.02 11.54 5.03
C8A NAD HA . 44.84 12.89 5.24
N7A NAD HA . 44.52 13.56 4.17
C5A NAD HA . 44.48 12.60 3.17
C6A NAD HA . 44.20 12.68 1.79
N6A NAD HA . 43.88 13.82 1.18
N1A NAD HA . 44.24 11.54 1.07
C2A NAD HA . 44.56 10.40 1.70
N3A NAD HA . 44.85 10.20 2.99
C4A NAD HA . 44.79 11.35 3.68
O3 NAD HA . 50.35 5.83 6.91
PN NAD HA . 51.54 5.98 7.98
O1N NAD HA . 51.12 6.96 9.02
O2N NAD HA . 51.97 4.61 8.41
O5D NAD HA . 52.67 6.63 7.07
C5D NAD HA . 52.39 7.95 6.51
C4D NAD HA . 53.57 8.43 5.70
O4D NAD HA . 54.78 8.23 6.45
C3D NAD HA . 53.80 7.73 4.35
O3D NAD HA . 54.51 8.60 3.48
C2D NAD HA . 54.73 6.58 4.77
O2D NAD HA . 55.45 5.98 3.71
C1D NAD HA . 55.64 7.35 5.73
N1N NAD HA . 56.34 6.49 6.70
C2N NAD HA . 55.68 5.41 7.27
C3N NAD HA . 56.34 4.61 8.18
C7N NAD HA . 55.62 3.46 8.81
O7N NAD HA . 56.21 2.71 9.61
N7N NAD HA . 54.35 3.27 8.49
C4N NAD HA . 57.66 4.87 8.53
C5N NAD HA . 58.31 5.94 7.95
C6N NAD HA . 57.64 6.74 7.04
#